data_8XAX
#
_entry.id   8XAX
#
_cell.length_a   1.00
_cell.length_b   1.00
_cell.length_c   1.00
_cell.angle_alpha   90.00
_cell.angle_beta   90.00
_cell.angle_gamma   90.00
#
_symmetry.space_group_name_H-M   'P 1'
#
loop_
_entity.id
_entity.type
_entity.pdbx_description
1 polymer 'ATP-binding protein'
2 polymer DUF4297
3 polymer S20DNA1
4 polymer S20DNA2
5 non-polymer 'PHOSPHOAMINOPHOSPHONIC ACID-ADENYLATE ESTER'
6 non-polymer 'MAGNESIUM ION'
7 non-polymer "ADENOSINE-5'-DIPHOSPHATE"
#
loop_
_entity_poly.entity_id
_entity_poly.type
_entity_poly.pdbx_seq_one_letter_code
_entity_poly.pdbx_strand_id
1 'polypeptide(L)'
;MSRNNDINAEVVSVSPNKLKISVDDLEEFKIAEEKLGVGSYLRVSDNQDVALLAIIDNFSIEVKESQKQKYMIEASPIGL
VKNGKFYRGGDSLALPPKKVEPAKLDEIISIYSDSIDINDRFTFSSLSLNTKVSVPVNGNRFFNKHIAIVGSTGSGKSHT
VAKILQKAVDEKQEGYKGLNNSHIIIFDIHSEYENAFPNSNVLNVDTLTLPYWLLNGDELEELFLDTEANDHNQRNVFRQ
AITLNKKIHFQGDPATKEIISFHSPYYFDINEVINYINNRNNERKNKDNEHIWSDEEGNFKFDNENAHRLFKENVTPDGS
SAGALNGKLLNFVDRLQSKIFDKRLDFILGEGSKSVTFKETLETLISYGKDKSNITILDVSGVPFEVLSICVSLISRLIF
EFGYHSKKIKRKSNENQDIPILIVYEEAHKYAPKSDLSKYRTSKEAIERIAKEGRKYGVTLLLASQRPSEISETIFSQCN
TFISMRLTNPDDQNYVKRLLPDTVGDITNLLPSLKEGEALIMGDSISIPSIVKIEKCTIPPSSIDIKYLDEWRKEWVDSE
FDKIIEQWSKS
;
A,B,C,D,E,F
2 'polypeptide(L)'
;MDRSAVDTIRGYCYQVDKTIIEIFSLPQMDDSIDIECIEDVDVYNDGHLTAIQCKYYESTDYNHSVISKPIRLMLSHFKD
NKEKGANYYLYGHYKSGQEKLTLPLKVDFFKSNFLTYTEKKIKHEYHIENGLTEEDLQAFLDRLVININAKSFDDQKKET
IQIIKNHFQCEDYEAEHYLYSNAFRKTYDISCNKKDRRIKKSDFVESINKSKVLFNIWFYQYEGRKEYLRKLKESFIRRS
VNTSPYARFFILEFQDKTDIKTVKDCIYKIQSNWSNLSKRTDRPYSPFLLFHGTSDANLYELKNQLFNEDLIFTDGYPFK
GSVFTPKMLIEGFSNKEIHFQFINDIDDFNETLNSINIRKEVYQFYTENCLDIPSQLPQVNIQVKDFADIKEIV
;
G,H,I,J,K,L,M,N,O,P,Q,R
3 'polydeoxyribonucleotide'
;(DG)(DA)(DT)(DC)(DC)(DA)(DT)(DG)(DC)(DG)(DC)(DG)(DT)(DT)(DG)(DA)(DC)(DA)(DG)(DT)
(DC)(DA)(DC)(DC)(DT)(DC)(DT)(DT)(DA)(DC)(DA)(DT)(DT)(DC)(DC)(DT)(DC)(DA)(DA)(DC)
(DT)(DG)(DG)(DA)(DC)(DT)(DG)(DA)(DC)(DG)(DG)(DA)(DT)(DC)(DC)(DG)(DC)(DC)(DG)
;
S
4 'polydeoxyribonucleotide'
;(DC)(DG)(DG)(DC)(DG)(DG)(DA)(DT)(DC)(DC)(DG)(DT)(DC)(DA)(DG)(DT)(DC)(DC)(DA)(DG)
(DT)(DT)(DG)(DA)(DG)(DG)(DA)(DA)(DT)(DG)(DT)(DA)(DA)(DG)(DA)(DG)(DG)(DT)(DG)(DA)
(DC)(DT)(DG)(DT)(DC)(DA)(DA)(DC)(DG)(DC)(DG)(DC)(DA)(DT)(DG)(DG)(DA)(DT)(DC)
;
T
#
loop_
_chem_comp.id
_chem_comp.type
_chem_comp.name
_chem_comp.formula
ADP non-polymer ADENOSINE-5'-DIPHOSPHATE 'C10 H15 N5 O10 P2'
ANP non-polymer 'PHOSPHOAMINOPHOSPHONIC ACID-ADENYLATE ESTER' 'C10 H17 N6 O12 P3'
DA DNA linking 2'-DEOXYADENOSINE-5'-MONOPHOSPHATE 'C10 H14 N5 O6 P'
DC DNA linking 2'-DEOXYCYTIDINE-5'-MONOPHOSPHATE 'C9 H14 N3 O7 P'
DG DNA linking 2'-DEOXYGUANOSINE-5'-MONOPHOSPHATE 'C10 H14 N5 O7 P'
DT DNA linking THYMIDINE-5'-MONOPHOSPHATE 'C10 H15 N2 O8 P'
MG non-polymer 'MAGNESIUM ION' 'Mg 2'
#
# COMPACT_ATOMS: atom_id res chain seq x y z
N ASN A 5 -29.94 -28.41 6.03
CA ASN A 5 -29.30 -28.59 4.75
C ASN A 5 -27.81 -28.86 4.92
N ASP A 6 -27.18 -29.43 3.90
CA ASP A 6 -25.76 -29.77 3.99
C ASP A 6 -24.86 -28.54 3.93
N ILE A 7 -25.26 -27.51 3.20
CA ILE A 7 -24.53 -26.25 3.17
C ILE A 7 -25.54 -25.12 3.01
N ASN A 8 -25.39 -24.06 3.80
CA ASN A 8 -26.22 -22.87 3.71
C ASN A 8 -25.29 -21.68 3.46
N ALA A 9 -24.99 -21.42 2.20
CA ALA A 9 -24.16 -20.30 1.79
C ALA A 9 -25.03 -19.20 1.21
N GLU A 10 -24.51 -17.98 1.25
CA GLU A 10 -25.31 -16.81 0.91
C GLU A 10 -24.42 -15.64 0.53
N VAL A 11 -24.71 -15.03 -0.61
CA VAL A 11 -23.99 -13.81 -1.01
C VAL A 11 -24.47 -12.65 -0.15
N VAL A 12 -23.52 -11.94 0.46
CA VAL A 12 -23.86 -10.82 1.32
C VAL A 12 -23.44 -9.47 0.72
N SER A 13 -22.40 -9.43 -0.11
CA SER A 13 -21.93 -8.20 -0.73
C SER A 13 -21.62 -8.46 -2.20
N VAL A 14 -21.95 -7.49 -3.04
CA VAL A 14 -21.74 -7.61 -4.48
C VAL A 14 -20.95 -6.40 -4.96
N SER A 15 -19.79 -6.66 -5.53
CA SER A 15 -18.97 -5.68 -6.24
C SER A 15 -19.17 -5.85 -7.74
N PRO A 16 -18.65 -4.94 -8.57
CA PRO A 16 -18.70 -5.16 -10.02
C PRO A 16 -18.05 -6.45 -10.48
N ASN A 17 -16.92 -6.84 -9.89
CA ASN A 17 -16.20 -8.05 -10.29
C ASN A 17 -15.94 -8.96 -9.11
N LYS A 18 -16.74 -8.89 -8.06
CA LYS A 18 -16.40 -9.60 -6.83
C LYS A 18 -17.67 -9.83 -6.01
N LEU A 19 -17.74 -10.99 -5.36
CA LEU A 19 -18.84 -11.32 -4.46
C LEU A 19 -18.28 -11.74 -3.10
N LYS A 20 -19.00 -11.41 -2.04
CA LYS A 20 -18.73 -11.91 -0.70
C LYS A 20 -19.83 -12.88 -0.31
N ILE A 21 -19.45 -14.10 0.05
CA ILE A 21 -20.40 -15.18 0.33
C ILE A 21 -20.21 -15.62 1.78
N SER A 22 -21.31 -15.72 2.51
CA SER A 22 -21.31 -16.12 3.92
C SER A 22 -21.89 -17.51 4.06
N VAL A 23 -21.11 -18.44 4.60
CA VAL A 23 -21.59 -19.79 4.90
C VAL A 23 -22.19 -19.79 6.30
N ASP A 24 -23.42 -20.28 6.41
CA ASP A 24 -24.17 -20.15 7.66
C ASP A 24 -24.26 -21.43 8.47
N ASP A 25 -24.38 -22.61 7.83
CA ASP A 25 -24.58 -23.85 8.56
C ASP A 25 -23.40 -24.80 8.46
N LEU A 26 -23.04 -25.23 7.24
CA LEU A 26 -21.95 -26.16 6.97
C LEU A 26 -22.08 -27.44 7.81
N GLU A 27 -23.12 -28.20 7.50
CA GLU A 27 -23.44 -29.41 8.26
C GLU A 27 -22.69 -30.65 7.79
N GLU A 28 -22.27 -30.70 6.52
CA GLU A 28 -21.68 -31.92 5.98
C GLU A 28 -20.24 -32.10 6.44
N PHE A 29 -19.47 -31.01 6.56
CA PHE A 29 -18.04 -30.93 6.88
C PHE A 29 -17.14 -31.48 5.78
N LYS A 30 -17.69 -31.94 4.65
CA LYS A 30 -16.89 -32.40 3.54
C LYS A 30 -16.94 -31.48 2.33
N ILE A 31 -17.94 -30.60 2.25
CA ILE A 31 -17.96 -29.57 1.21
C ILE A 31 -16.81 -28.60 1.42
N ALA A 32 -16.56 -28.19 2.67
CA ALA A 32 -15.52 -27.21 2.96
C ALA A 32 -14.13 -27.74 2.65
N GLU A 33 -13.94 -29.06 2.73
CA GLU A 33 -12.60 -29.62 2.52
C GLU A 33 -12.21 -29.60 1.05
N GLU A 34 -13.14 -29.91 0.14
CA GLU A 34 -12.81 -30.07 -1.26
C GLU A 34 -13.57 -29.17 -2.22
N LYS A 35 -14.75 -28.67 -1.84
CA LYS A 35 -15.56 -27.84 -2.74
C LYS A 35 -15.58 -26.37 -2.35
N LEU A 36 -14.95 -25.98 -1.25
CA LEU A 36 -14.93 -24.58 -0.82
C LEU A 36 -13.51 -24.03 -0.75
N GLY A 37 -12.54 -24.70 -1.38
CA GLY A 37 -11.19 -24.20 -1.41
C GLY A 37 -11.01 -23.09 -2.41
N VAL A 38 -9.80 -22.53 -2.42
CA VAL A 38 -9.47 -21.46 -3.35
C VAL A 38 -9.34 -22.04 -4.76
N GLY A 39 -10.08 -21.46 -5.70
CA GLY A 39 -10.14 -21.97 -7.05
C GLY A 39 -11.34 -22.85 -7.34
N SER A 40 -12.10 -23.23 -6.31
CA SER A 40 -13.30 -24.02 -6.52
C SER A 40 -14.41 -23.15 -7.14
N TYR A 41 -15.36 -23.82 -7.77
CA TYR A 41 -16.40 -23.16 -8.55
C TYR A 41 -17.72 -23.25 -7.81
N LEU A 42 -18.43 -22.13 -7.71
CA LEU A 42 -19.66 -22.04 -6.95
C LEU A 42 -20.84 -21.71 -7.85
N ARG A 43 -22.04 -22.03 -7.36
CA ARG A 43 -23.29 -21.82 -8.08
C ARG A 43 -24.11 -20.78 -7.35
N VAL A 44 -24.19 -19.58 -7.91
CA VAL A 44 -24.91 -18.46 -7.29
C VAL A 44 -26.22 -18.30 -8.04
N SER A 45 -27.33 -18.66 -7.40
CA SER A 45 -28.64 -18.62 -8.05
C SER A 45 -29.73 -18.64 -7.00
N ASP A 46 -30.97 -18.59 -7.48
CA ASP A 46 -32.14 -18.86 -6.65
C ASP A 46 -33.19 -19.66 -7.40
N ASN A 47 -32.87 -20.20 -8.58
CA ASN A 47 -33.87 -20.82 -9.44
C ASN A 47 -33.45 -22.15 -10.06
N GLN A 48 -32.23 -22.63 -9.80
CA GLN A 48 -31.68 -23.89 -10.29
C GLN A 48 -31.63 -23.98 -11.83
N ASP A 49 -31.89 -22.89 -12.54
CA ASP A 49 -31.83 -22.86 -13.99
C ASP A 49 -30.79 -21.87 -14.50
N VAL A 50 -30.85 -20.62 -14.03
CA VAL A 50 -29.95 -19.56 -14.44
C VAL A 50 -29.10 -19.19 -13.24
N ALA A 51 -27.80 -19.45 -13.31
CA ALA A 51 -26.91 -19.32 -12.17
C ALA A 51 -25.66 -18.54 -12.54
N LEU A 52 -25.14 -17.80 -11.57
CA LEU A 52 -23.85 -17.17 -11.69
C LEU A 52 -22.78 -18.14 -11.22
N LEU A 53 -21.82 -18.43 -12.09
CA LEU A 53 -20.72 -19.33 -11.75
C LEU A 53 -19.52 -18.48 -11.34
N ALA A 54 -19.06 -18.67 -10.10
CA ALA A 54 -17.99 -17.85 -9.54
C ALA A 54 -16.88 -18.73 -9.01
N ILE A 55 -15.64 -18.32 -9.26
CA ILE A 55 -14.48 -18.99 -8.71
C ILE A 55 -14.17 -18.36 -7.36
N ILE A 56 -13.49 -19.13 -6.50
CA ILE A 56 -13.17 -18.71 -5.15
C ILE A 56 -11.76 -18.13 -5.12
N ASP A 57 -11.62 -16.91 -4.61
CA ASP A 57 -10.33 -16.25 -4.49
C ASP A 57 -9.75 -16.32 -3.09
N ASN A 58 -10.58 -16.13 -2.07
CA ASN A 58 -10.12 -16.15 -0.69
C ASN A 58 -11.26 -16.58 0.21
N PHE A 59 -10.91 -17.09 1.40
CA PHE A 59 -11.90 -17.46 2.39
C PHE A 59 -11.31 -17.24 3.78
N SER A 60 -12.19 -17.15 4.77
CA SER A 60 -11.77 -16.92 6.15
C SER A 60 -12.85 -17.46 7.09
N ILE A 61 -12.49 -18.40 7.94
CA ILE A 61 -13.39 -18.95 8.95
C ILE A 61 -12.88 -18.50 10.31
N GLU A 62 -13.74 -17.81 11.06
CA GLU A 62 -13.38 -17.29 12.38
C GLU A 62 -14.40 -17.78 13.41
N VAL A 63 -13.90 -18.19 14.57
CA VAL A 63 -14.72 -18.64 15.68
C VAL A 63 -14.35 -17.85 16.93
N LYS A 64 -15.35 -17.53 17.75
CA LYS A 64 -15.15 -16.77 18.98
C LYS A 64 -15.94 -17.39 20.14
N GLU A 65 -16.06 -16.64 21.24
CA GLU A 65 -16.64 -17.12 22.49
C GLU A 65 -18.09 -17.57 22.36
N SER A 66 -18.99 -16.65 22.05
CA SER A 66 -20.41 -16.95 22.01
C SER A 66 -21.08 -16.70 20.67
N GLN A 67 -20.48 -15.91 19.79
CA GLN A 67 -21.07 -15.62 18.49
C GLN A 67 -20.91 -16.82 17.56
N LYS A 68 -21.63 -16.77 16.44
CA LYS A 68 -21.60 -17.87 15.49
C LYS A 68 -20.28 -17.84 14.69
N GLN A 69 -20.03 -18.95 14.01
CA GLN A 69 -18.82 -19.05 13.18
C GLN A 69 -18.95 -18.16 11.96
N LYS A 70 -17.91 -17.39 11.69
CA LYS A 70 -17.91 -16.40 10.60
C LYS A 70 -17.10 -16.97 9.44
N TYR A 71 -17.77 -17.70 8.56
CA TYR A 71 -17.16 -18.17 7.31
C TYR A 71 -17.53 -17.16 6.23
N MET A 72 -16.52 -16.47 5.70
CA MET A 72 -16.68 -15.54 4.60
C MET A 72 -15.93 -16.08 3.40
N ILE A 73 -16.62 -16.19 2.27
CA ILE A 73 -16.02 -16.65 1.02
C ILE A 73 -15.99 -15.49 0.04
N GLU A 74 -14.79 -15.16 -0.43
CA GLU A 74 -14.59 -14.10 -1.41
C GLU A 74 -14.54 -14.72 -2.79
N ALA A 75 -15.50 -14.36 -3.65
CA ALA A 75 -15.66 -15.00 -4.94
C ALA A 75 -15.78 -13.95 -6.04
N SER A 76 -15.38 -14.33 -7.25
CA SER A 76 -15.46 -13.45 -8.41
C SER A 76 -16.27 -14.13 -9.50
N PRO A 77 -17.33 -13.50 -10.02
CA PRO A 77 -18.14 -14.13 -11.08
C PRO A 77 -17.37 -14.24 -12.38
N ILE A 78 -17.28 -15.45 -12.91
CA ILE A 78 -16.54 -15.69 -14.16
C ILE A 78 -17.46 -15.88 -15.35
N GLY A 79 -18.76 -16.10 -15.15
CA GLY A 79 -19.64 -16.39 -16.26
C GLY A 79 -21.05 -16.62 -15.77
N LEU A 80 -21.86 -17.17 -16.67
CA LEU A 80 -23.30 -17.30 -16.45
C LEU A 80 -23.79 -18.54 -17.19
N VAL A 81 -24.51 -19.41 -16.49
CA VAL A 81 -25.08 -20.60 -17.11
C VAL A 81 -26.57 -20.39 -17.32
N LYS A 82 -27.11 -21.06 -18.33
CA LYS A 82 -28.53 -20.99 -18.66
C LYS A 82 -28.97 -22.36 -19.15
N ASN A 83 -29.74 -23.06 -18.32
CA ASN A 83 -30.20 -24.45 -18.48
C ASN A 83 -29.13 -25.35 -19.11
N GLY A 84 -27.98 -25.40 -18.45
CA GLY A 84 -26.92 -26.34 -18.81
C GLY A 84 -25.87 -25.81 -19.76
N LYS A 85 -26.04 -24.61 -20.31
CA LYS A 85 -25.08 -24.04 -21.25
C LYS A 85 -24.47 -22.79 -20.65
N PHE A 86 -23.14 -22.70 -20.71
CA PHE A 86 -22.37 -21.69 -20.00
C PHE A 86 -22.03 -20.53 -20.93
N TYR A 87 -22.25 -19.30 -20.44
CA TYR A 87 -21.87 -18.09 -21.14
C TYR A 87 -20.82 -17.36 -20.32
N ARG A 88 -19.75 -16.92 -20.99
CA ARG A 88 -18.72 -16.15 -20.30
C ARG A 88 -19.18 -14.71 -20.07
N GLY A 89 -18.50 -14.04 -19.14
CA GLY A 89 -18.76 -12.62 -18.89
C GLY A 89 -19.28 -12.38 -17.49
N GLY A 90 -18.70 -11.39 -16.83
CA GLY A 90 -19.11 -10.96 -15.52
C GLY A 90 -19.98 -9.72 -15.49
N ASP A 91 -20.55 -9.33 -16.64
CA ASP A 91 -21.36 -8.11 -16.69
C ASP A 91 -22.71 -8.31 -16.03
N SER A 92 -23.22 -9.54 -16.01
CA SER A 92 -24.53 -9.80 -15.41
C SER A 92 -24.45 -9.67 -13.89
N LEU A 93 -25.49 -9.10 -13.30
CA LEU A 93 -25.52 -8.71 -11.90
C LEU A 93 -26.41 -9.67 -11.12
N ALA A 94 -25.90 -10.14 -9.98
CA ALA A 94 -26.69 -10.93 -9.03
C ALA A 94 -27.06 -10.05 -7.85
N LEU A 95 -28.36 -9.86 -7.64
CA LEU A 95 -28.83 -9.04 -6.54
C LEU A 95 -28.82 -9.85 -5.24
N PRO A 96 -28.08 -9.43 -4.23
CA PRO A 96 -27.98 -10.21 -3.00
C PRO A 96 -29.23 -10.08 -2.16
N PRO A 97 -29.50 -11.05 -1.27
CA PRO A 97 -28.77 -12.29 -1.03
C PRO A 97 -29.14 -13.41 -2.01
N LYS A 98 -28.19 -14.30 -2.29
CA LYS A 98 -28.42 -15.39 -3.23
C LYS A 98 -27.88 -16.68 -2.63
N LYS A 99 -28.66 -17.76 -2.75
CA LYS A 99 -28.34 -19.02 -2.10
C LYS A 99 -27.35 -19.82 -2.96
N VAL A 100 -26.23 -20.20 -2.36
CA VAL A 100 -25.02 -20.60 -3.08
C VAL A 100 -24.71 -22.06 -2.78
N GLU A 101 -24.45 -22.82 -3.84
CA GLU A 101 -23.98 -24.20 -3.79
C GLU A 101 -22.65 -24.30 -4.51
N PRO A 102 -21.85 -25.34 -4.24
CA PRO A 102 -20.74 -25.67 -5.13
C PRO A 102 -21.26 -26.07 -6.50
N ALA A 103 -20.50 -25.73 -7.53
CA ALA A 103 -20.87 -26.11 -8.89
C ALA A 103 -20.73 -27.61 -9.09
N LYS A 104 -21.69 -28.21 -9.78
CA LYS A 104 -21.65 -29.62 -10.05
C LYS A 104 -20.62 -29.94 -11.12
N LEU A 105 -20.42 -31.23 -11.36
CA LEU A 105 -19.44 -31.67 -12.35
C LEU A 105 -19.81 -31.26 -13.76
N ASP A 106 -21.11 -31.21 -14.06
CA ASP A 106 -21.55 -30.84 -15.40
C ASP A 106 -21.32 -29.35 -15.69
N GLU A 107 -21.44 -28.50 -14.67
CA GLU A 107 -21.26 -27.06 -14.89
C GLU A 107 -19.80 -26.71 -15.09
N ILE A 108 -18.90 -27.28 -14.27
CA ILE A 108 -17.48 -27.00 -14.43
C ILE A 108 -16.94 -27.57 -15.73
N ILE A 109 -17.46 -28.72 -16.17
CA ILE A 109 -17.13 -29.24 -17.49
C ILE A 109 -17.61 -28.27 -18.56
N SER A 110 -18.83 -27.75 -18.43
CA SER A 110 -19.40 -26.82 -19.40
C SER A 110 -18.69 -25.47 -19.42
N ILE A 111 -17.87 -25.16 -18.42
CA ILE A 111 -17.04 -23.96 -18.49
C ILE A 111 -16.06 -24.05 -19.65
N TYR A 112 -15.46 -25.22 -19.82
CA TYR A 112 -14.40 -25.40 -20.81
C TYR A 112 -14.86 -26.19 -22.03
N SER A 113 -16.14 -26.57 -22.13
CA SER A 113 -16.60 -27.45 -23.19
C SER A 113 -17.44 -26.73 -24.25
N ASP A 114 -18.52 -26.05 -23.86
CA ASP A 114 -19.48 -25.57 -24.84
C ASP A 114 -18.99 -24.38 -25.66
N SER A 115 -17.84 -23.78 -25.29
CA SER A 115 -17.22 -22.79 -26.15
C SER A 115 -16.63 -23.41 -27.42
N ILE A 116 -16.46 -24.73 -27.44
CA ILE A 116 -15.94 -25.47 -28.58
C ILE A 116 -17.02 -26.45 -29.01
N ASP A 117 -17.20 -26.60 -30.33
CA ASP A 117 -18.22 -27.50 -30.85
C ASP A 117 -17.90 -28.95 -30.50
N ILE A 118 -18.95 -29.77 -30.44
CA ILE A 118 -18.81 -31.16 -30.00
C ILE A 118 -17.99 -31.97 -31.02
N ASN A 119 -18.06 -31.59 -32.30
CA ASN A 119 -17.22 -32.21 -33.32
C ASN A 119 -15.91 -31.46 -33.51
N ASP A 120 -15.61 -30.49 -32.63
CA ASP A 120 -14.39 -29.70 -32.72
C ASP A 120 -13.49 -29.87 -31.51
N ARG A 121 -13.88 -30.68 -30.54
CA ARG A 121 -13.15 -30.80 -29.28
C ARG A 121 -11.98 -31.78 -29.43
N PHE A 122 -10.84 -31.39 -28.89
CA PHE A 122 -9.64 -32.22 -28.90
C PHE A 122 -9.05 -32.23 -27.50
N THR A 123 -9.19 -33.37 -26.81
CA THR A 123 -8.77 -33.50 -25.42
C THR A 123 -7.38 -34.12 -25.33
N PHE A 124 -6.48 -33.45 -24.61
CA PHE A 124 -5.21 -34.03 -24.25
C PHE A 124 -4.79 -33.70 -22.83
N SER A 125 -5.62 -33.02 -22.06
CA SER A 125 -5.26 -32.59 -20.72
C SER A 125 -6.52 -32.40 -19.89
N SER A 126 -6.34 -32.38 -18.57
CA SER A 126 -7.42 -32.15 -17.62
C SER A 126 -7.02 -31.01 -16.69
N LEU A 127 -8.03 -30.41 -16.05
CA LEU A 127 -7.80 -29.28 -15.17
C LEU A 127 -6.98 -29.68 -13.95
N SER A 128 -6.09 -28.79 -13.52
CA SER A 128 -5.20 -29.10 -12.43
C SER A 128 -5.93 -29.14 -11.09
N LEU A 129 -6.82 -28.19 -10.84
CA LEU A 129 -7.56 -28.15 -9.60
C LEU A 129 -8.72 -29.12 -9.57
N ASN A 130 -9.10 -29.69 -10.72
CA ASN A 130 -10.16 -30.70 -10.77
C ASN A 130 -9.77 -31.70 -11.86
N THR A 131 -9.28 -32.86 -11.43
CA THR A 131 -8.82 -33.88 -12.37
C THR A 131 -9.96 -34.39 -13.24
N LYS A 132 -11.14 -34.58 -12.64
CA LYS A 132 -12.30 -35.09 -13.35
C LYS A 132 -12.86 -34.13 -14.39
N VAL A 133 -12.40 -32.88 -14.42
CA VAL A 133 -12.90 -31.89 -15.36
C VAL A 133 -11.99 -31.89 -16.59
N SER A 134 -12.59 -32.10 -17.76
CA SER A 134 -11.85 -32.07 -19.01
C SER A 134 -11.69 -30.64 -19.52
N VAL A 135 -10.52 -30.35 -20.10
CA VAL A 135 -10.26 -29.04 -20.70
C VAL A 135 -9.94 -29.26 -22.17
N PRO A 136 -10.93 -29.27 -23.05
CA PRO A 136 -10.66 -29.43 -24.48
C PRO A 136 -10.16 -28.15 -25.12
N VAL A 137 -9.56 -28.31 -26.30
CA VAL A 137 -9.18 -27.20 -27.16
C VAL A 137 -9.89 -27.38 -28.49
N ASN A 138 -10.02 -26.27 -29.23
CA ASN A 138 -10.58 -26.33 -30.58
C ASN A 138 -9.59 -27.07 -31.48
N GLY A 139 -9.96 -28.27 -31.92
CA GLY A 139 -9.00 -29.17 -32.53
C GLY A 139 -8.44 -28.67 -33.86
N ASN A 140 -9.28 -28.07 -34.68
CA ASN A 140 -8.79 -27.51 -35.93
C ASN A 140 -7.90 -26.29 -35.68
N ARG A 141 -8.38 -25.35 -34.86
CA ARG A 141 -7.61 -24.14 -34.57
C ARG A 141 -6.35 -24.43 -33.78
N PHE A 142 -6.29 -25.54 -33.05
CA PHE A 142 -5.07 -25.93 -32.37
C PHE A 142 -3.98 -26.31 -33.37
N PHE A 143 -4.35 -27.01 -34.43
CA PHE A 143 -3.37 -27.62 -35.33
C PHE A 143 -3.19 -26.90 -36.66
N ASN A 144 -4.13 -26.04 -37.08
CA ASN A 144 -3.87 -25.28 -38.29
C ASN A 144 -2.98 -24.08 -38.04
N LYS A 145 -2.92 -23.59 -36.80
CA LYS A 145 -2.03 -22.52 -36.41
C LYS A 145 -0.85 -23.10 -35.63
N HIS A 146 0.28 -22.38 -35.66
CA HIS A 146 1.51 -22.88 -35.08
C HIS A 146 1.41 -22.96 -33.57
N ILE A 147 1.94 -24.04 -33.00
CA ILE A 147 1.90 -24.30 -31.57
C ILE A 147 3.30 -24.10 -31.01
N ALA A 148 3.37 -23.57 -29.78
CA ALA A 148 4.63 -23.35 -29.09
C ALA A 148 4.56 -23.98 -27.72
N ILE A 149 5.35 -25.04 -27.52
CA ILE A 149 5.37 -25.77 -26.26
C ILE A 149 6.72 -25.49 -25.60
N VAL A 150 6.72 -24.55 -24.65
CA VAL A 150 7.95 -24.17 -23.97
C VAL A 150 7.90 -24.67 -22.53
N GLY A 151 9.08 -24.79 -21.93
CA GLY A 151 9.19 -25.29 -20.58
C GLY A 151 10.56 -25.87 -20.29
N SER A 152 11.06 -25.67 -19.07
CA SER A 152 12.40 -26.11 -18.71
C SER A 152 12.45 -27.63 -18.56
N THR A 153 13.65 -28.14 -18.30
CA THR A 153 13.85 -29.57 -18.18
C THR A 153 13.17 -30.12 -16.93
N GLY A 154 12.77 -31.38 -17.00
CA GLY A 154 12.10 -32.04 -15.89
C GLY A 154 10.65 -31.67 -15.71
N SER A 155 10.14 -30.71 -16.48
CA SER A 155 8.73 -30.34 -16.39
C SER A 155 7.82 -31.36 -17.06
N GLY A 156 8.35 -32.14 -17.99
CA GLY A 156 7.57 -33.07 -18.76
C GLY A 156 7.31 -32.64 -20.18
N LYS A 157 8.18 -31.81 -20.76
CA LYS A 157 7.89 -31.18 -22.05
C LYS A 157 7.83 -32.20 -23.19
N SER A 158 8.69 -33.22 -23.17
CA SER A 158 8.57 -34.29 -24.16
C SER A 158 7.34 -35.17 -23.91
N HIS A 159 6.90 -35.29 -22.66
CA HIS A 159 5.66 -36.01 -22.38
C HIS A 159 4.45 -35.29 -22.95
N THR A 160 4.45 -33.96 -22.87
CA THR A 160 3.38 -33.19 -23.47
C THR A 160 3.40 -33.30 -24.98
N VAL A 161 4.57 -33.13 -25.60
CA VAL A 161 4.65 -33.13 -27.07
C VAL A 161 4.26 -34.50 -27.62
N ALA A 162 4.69 -35.57 -26.95
CA ALA A 162 4.35 -36.92 -27.40
C ALA A 162 2.85 -37.20 -27.25
N LYS A 163 2.21 -36.67 -26.20
CA LYS A 163 0.85 -37.08 -25.90
C LYS A 163 -0.15 -36.44 -26.86
N ILE A 164 0.07 -35.17 -27.23
CA ILE A 164 -0.78 -34.54 -28.26
C ILE A 164 -0.63 -35.27 -29.58
N LEU A 165 0.58 -35.70 -29.92
CA LEU A 165 0.76 -36.46 -31.16
C LEU A 165 0.24 -37.88 -31.04
N GLN A 166 0.25 -38.47 -29.84
CA GLN A 166 -0.41 -39.77 -29.65
C GLN A 166 -1.93 -39.66 -29.78
N LYS A 167 -2.51 -38.60 -29.23
CA LYS A 167 -3.95 -38.39 -29.39
C LYS A 167 -4.31 -37.76 -30.72
N ALA A 168 -3.33 -37.28 -31.50
CA ALA A 168 -3.64 -36.85 -32.87
C ALA A 168 -3.77 -38.04 -33.81
N VAL A 169 -2.91 -39.05 -33.64
CA VAL A 169 -2.95 -40.21 -34.52
C VAL A 169 -3.99 -41.23 -34.07
N ASP A 170 -4.48 -41.14 -32.84
CA ASP A 170 -5.54 -42.01 -32.37
C ASP A 170 -6.92 -41.39 -32.53
N GLU A 171 -7.01 -40.20 -33.09
CA GLU A 171 -8.27 -39.47 -33.21
C GLU A 171 -8.81 -39.80 -34.60
N LYS A 172 -9.91 -40.56 -34.63
CA LYS A 172 -10.45 -41.11 -35.88
C LYS A 172 -11.95 -40.91 -35.91
N GLN A 173 -12.51 -40.98 -37.12
CA GLN A 173 -13.95 -41.03 -37.30
C GLN A 173 -14.42 -42.48 -37.40
N GLU A 174 -15.72 -42.68 -37.15
CA GLU A 174 -16.29 -44.02 -37.01
C GLU A 174 -16.64 -44.59 -38.38
N GLY A 175 -15.61 -44.88 -39.16
CA GLY A 175 -15.82 -45.48 -40.46
C GLY A 175 -14.81 -46.51 -40.90
N TYR A 176 -13.79 -46.78 -40.08
CA TYR A 176 -12.66 -47.60 -40.50
C TYR A 176 -11.86 -48.03 -39.28
N LYS A 177 -10.83 -48.84 -39.54
CA LYS A 177 -9.80 -49.16 -38.58
C LYS A 177 -8.44 -49.08 -39.28
N GLY A 178 -7.40 -48.81 -38.49
CA GLY A 178 -6.05 -48.68 -39.02
C GLY A 178 -5.50 -47.28 -38.80
N LEU A 179 -4.78 -46.78 -39.80
CA LEU A 179 -4.13 -45.47 -39.70
C LEU A 179 -5.05 -44.38 -40.21
N ASN A 180 -4.99 -43.22 -39.55
CA ASN A 180 -5.75 -42.05 -39.95
C ASN A 180 -4.91 -41.19 -40.90
N ASN A 181 -5.37 -39.97 -41.17
CA ASN A 181 -4.70 -39.07 -42.10
C ASN A 181 -3.86 -38.02 -41.40
N SER A 182 -3.38 -38.31 -40.19
CA SER A 182 -2.47 -37.41 -39.51
C SER A 182 -1.06 -37.59 -40.06
N HIS A 183 -0.35 -36.46 -40.20
CA HIS A 183 1.01 -36.46 -40.74
C HIS A 183 1.87 -35.56 -39.86
N ILE A 184 2.70 -36.17 -39.03
CA ILE A 184 3.56 -35.47 -38.09
C ILE A 184 5.00 -35.86 -38.36
N ILE A 185 5.86 -34.86 -38.55
CA ILE A 185 7.29 -35.08 -38.76
C ILE A 185 8.03 -34.35 -37.65
N ILE A 186 8.86 -35.09 -36.90
CA ILE A 186 9.50 -34.60 -35.69
C ILE A 186 10.99 -34.47 -35.94
N PHE A 187 11.53 -33.27 -35.68
CA PHE A 187 12.96 -33.02 -35.78
C PHE A 187 13.59 -33.27 -34.40
N ASP A 188 13.84 -34.54 -34.12
CA ASP A 188 14.32 -34.97 -32.81
C ASP A 188 15.84 -34.99 -32.80
N ILE A 189 16.44 -34.19 -31.92
CA ILE A 189 17.90 -34.09 -31.84
C ILE A 189 18.43 -34.79 -30.59
N HIS A 190 17.61 -34.87 -29.54
CA HIS A 190 18.05 -35.50 -28.30
C HIS A 190 17.64 -36.97 -28.22
N SER A 191 17.05 -37.51 -29.28
CA SER A 191 16.73 -38.94 -29.42
C SER A 191 15.79 -39.42 -28.32
N GLU A 192 14.57 -38.87 -28.34
CA GLU A 192 13.59 -39.08 -27.29
C GLU A 192 12.31 -39.79 -27.71
N TYR A 193 11.99 -39.83 -29.01
CA TYR A 193 10.66 -40.25 -29.44
C TYR A 193 10.65 -41.59 -30.17
N GLU A 194 11.74 -42.35 -30.14
CA GLU A 194 11.69 -43.72 -30.66
C GLU A 194 10.84 -44.60 -29.76
N ASN A 195 11.01 -44.48 -28.44
CA ASN A 195 10.19 -45.26 -27.52
C ASN A 195 8.81 -44.64 -27.33
N ALA A 196 8.69 -43.33 -27.57
CA ALA A 196 7.40 -42.66 -27.43
C ALA A 196 6.39 -43.14 -28.48
N PHE A 197 6.86 -43.37 -29.71
CA PHE A 197 6.02 -43.84 -30.81
C PHE A 197 6.67 -45.09 -31.42
N PRO A 198 6.28 -46.28 -30.98
CA PRO A 198 6.86 -47.51 -31.55
C PRO A 198 6.26 -47.93 -32.89
N ASN A 199 5.39 -47.12 -33.50
CA ASN A 199 4.72 -47.52 -34.73
C ASN A 199 5.04 -46.35 -35.67
N SER A 200 6.33 -46.05 -35.82
CA SER A 200 6.76 -44.90 -36.61
C SER A 200 8.07 -45.21 -37.31
N ASN A 201 8.42 -44.35 -38.27
CA ASN A 201 9.60 -44.53 -39.11
C ASN A 201 10.68 -43.60 -38.58
N VAL A 202 11.54 -44.13 -37.71
CA VAL A 202 12.66 -43.38 -37.16
C VAL A 202 13.77 -43.38 -38.20
N LEU A 203 14.17 -42.18 -38.64
CA LEU A 203 15.16 -42.02 -39.70
C LEU A 203 16.48 -41.56 -39.06
N ASN A 204 17.44 -42.47 -39.00
CA ASN A 204 18.74 -42.19 -38.40
C ASN A 204 19.68 -41.63 -39.46
N VAL A 205 20.96 -41.54 -39.12
CA VAL A 205 21.97 -41.07 -40.08
C VAL A 205 22.16 -42.09 -41.19
N ASP A 206 22.30 -43.36 -40.83
CA ASP A 206 22.48 -44.41 -41.83
C ASP A 206 21.19 -44.70 -42.58
N THR A 207 20.04 -44.50 -41.92
CA THR A 207 18.76 -44.76 -42.57
C THR A 207 18.43 -43.69 -43.61
N LEU A 208 18.70 -42.42 -43.28
CA LEU A 208 18.40 -41.32 -44.19
C LEU A 208 19.31 -41.35 -45.42
N THR A 209 18.71 -41.14 -46.59
CA THR A 209 19.43 -40.98 -47.85
C THR A 209 18.93 -39.67 -48.44
N LEU A 210 19.55 -38.57 -48.03
CA LEU A 210 19.10 -37.24 -48.44
C LEU A 210 19.90 -36.80 -49.65
N PRO A 211 19.27 -36.51 -50.80
CA PRO A 211 20.03 -36.13 -51.98
C PRO A 211 20.64 -34.74 -51.83
N TYR A 212 21.89 -34.61 -52.29
CA TYR A 212 22.59 -33.34 -52.25
C TYR A 212 22.13 -32.37 -53.33
N TRP A 213 21.50 -32.88 -54.39
CA TRP A 213 21.15 -32.03 -55.53
C TRP A 213 19.84 -31.27 -55.33
N LEU A 214 19.09 -31.56 -54.27
CA LEU A 214 17.89 -30.79 -53.97
C LEU A 214 18.18 -29.53 -53.16
N LEU A 215 19.43 -29.31 -52.77
CA LEU A 215 19.80 -28.06 -52.12
C LEU A 215 19.82 -26.92 -53.14
N ASN A 216 19.65 -25.71 -52.64
CA ASN A 216 19.82 -24.52 -53.46
C ASN A 216 21.31 -24.14 -53.45
N GLY A 217 21.63 -22.98 -54.01
CA GLY A 217 23.02 -22.56 -54.07
C GLY A 217 23.60 -22.13 -52.75
N ASP A 218 22.75 -21.79 -51.78
CA ASP A 218 23.25 -21.38 -50.47
C ASP A 218 23.77 -22.57 -49.68
N GLU A 219 23.05 -23.70 -49.72
CA GLU A 219 23.50 -24.88 -48.99
C GLU A 219 24.64 -25.61 -49.71
N LEU A 220 24.72 -25.49 -51.03
CA LEU A 220 25.82 -26.11 -51.77
C LEU A 220 27.14 -25.40 -51.45
N GLU A 221 27.11 -24.08 -51.26
CA GLU A 221 28.28 -23.34 -50.83
C GLU A 221 28.56 -23.48 -49.35
N GLU A 222 27.66 -24.11 -48.59
CA GLU A 222 27.90 -24.42 -47.19
C GLU A 222 28.27 -25.88 -46.96
N LEU A 223 28.00 -26.75 -47.93
CA LEU A 223 28.32 -28.17 -47.82
C LEU A 223 29.73 -28.48 -48.36
N PHE A 224 30.10 -27.88 -49.48
CA PHE A 224 31.41 -28.10 -50.09
C PHE A 224 32.37 -26.95 -49.90
N LEU A 225 31.87 -25.71 -49.91
CA LEU A 225 32.72 -24.54 -49.93
C LEU A 225 32.94 -24.00 -48.52
N ASP A 226 33.65 -22.88 -48.44
CA ASP A 226 34.04 -22.28 -47.18
C ASP A 226 34.11 -20.77 -47.37
N THR A 227 34.73 -20.07 -46.42
CA THR A 227 34.84 -18.63 -46.50
C THR A 227 35.78 -18.21 -47.63
N GLU A 228 35.49 -17.04 -48.19
CA GLU A 228 36.21 -16.58 -49.38
C GLU A 228 37.59 -16.04 -49.00
N ALA A 229 38.61 -16.43 -49.77
CA ALA A 229 39.98 -15.98 -49.59
C ALA A 229 40.53 -15.43 -50.90
N ASN A 230 39.70 -14.64 -51.57
CA ASN A 230 39.92 -14.18 -52.95
C ASN A 230 40.17 -15.45 -53.77
N ASP A 231 39.18 -16.35 -53.71
CA ASP A 231 39.19 -17.64 -54.39
C ASP A 231 38.02 -17.77 -55.37
N HIS A 232 37.66 -16.63 -55.98
CA HIS A 232 36.56 -16.57 -56.93
C HIS A 232 36.83 -17.39 -58.18
N ASN A 233 38.10 -17.58 -58.55
CA ASN A 233 38.41 -18.51 -59.64
C ASN A 233 38.05 -19.94 -59.28
N GLN A 234 38.35 -20.35 -58.03
CA GLN A 234 37.96 -21.68 -57.59
C GLN A 234 36.46 -21.80 -57.38
N ARG A 235 35.81 -20.72 -56.93
CA ARG A 235 34.36 -20.77 -56.74
C ARG A 235 33.61 -20.82 -58.07
N ASN A 236 34.13 -20.14 -59.09
CA ASN A 236 33.40 -20.07 -60.36
C ASN A 236 33.41 -21.40 -61.10
N VAL A 237 34.54 -22.11 -61.07
CA VAL A 237 34.60 -23.42 -61.72
C VAL A 237 33.74 -24.44 -60.98
N PHE A 238 33.50 -24.22 -59.69
CA PHE A 238 32.59 -25.10 -58.95
C PHE A 238 31.15 -24.86 -59.36
N ARG A 239 30.75 -23.59 -59.46
CA ARG A 239 29.37 -23.26 -59.85
C ARG A 239 29.13 -23.58 -61.31
N GLN A 240 30.09 -23.30 -62.18
CA GLN A 240 29.92 -23.56 -63.61
C GLN A 240 29.93 -25.06 -63.92
N ALA A 241 30.50 -25.89 -63.05
CA ALA A 241 30.40 -27.33 -63.23
C ALA A 241 29.02 -27.86 -62.85
N ILE A 242 28.48 -27.38 -61.73
CA ILE A 242 27.21 -27.89 -61.23
C ILE A 242 26.05 -27.38 -62.07
N THR A 243 26.07 -26.08 -62.43
CA THR A 243 25.01 -25.50 -63.24
C THR A 243 25.02 -26.02 -64.68
N LEU A 244 26.11 -26.66 -65.11
CA LEU A 244 26.15 -27.32 -66.41
C LEU A 244 25.78 -28.79 -66.30
N ASN A 245 26.23 -29.46 -65.23
CA ASN A 245 25.88 -30.86 -65.02
C ASN A 245 24.39 -31.02 -64.73
N LYS A 246 23.76 -30.02 -64.14
CA LYS A 246 22.32 -30.04 -63.95
C LYS A 246 21.59 -29.97 -65.29
N LYS A 247 22.18 -29.29 -66.27
CA LYS A 247 21.55 -29.19 -67.59
C LYS A 247 21.65 -30.50 -68.35
N ILE A 248 22.81 -31.17 -68.29
CA ILE A 248 23.03 -32.39 -69.06
C ILE A 248 22.13 -33.52 -68.55
N HIS A 249 22.00 -33.65 -67.23
CA HIS A 249 21.18 -34.71 -66.66
C HIS A 249 19.69 -34.39 -66.70
N PHE A 250 19.31 -33.18 -67.10
CA PHE A 250 17.91 -32.84 -67.26
C PHE A 250 17.36 -33.47 -68.53
N GLN A 251 16.23 -34.16 -68.40
CA GLN A 251 15.63 -34.90 -69.50
C GLN A 251 14.25 -34.35 -69.85
N GLY A 252 14.08 -33.03 -69.76
CA GLY A 252 12.81 -32.41 -70.07
C GLY A 252 12.83 -31.62 -71.35
N ASP A 253 11.95 -30.63 -71.46
CA ASP A 253 11.89 -29.80 -72.65
C ASP A 253 13.06 -28.82 -72.68
N PRO A 254 13.52 -28.44 -73.88
CA PRO A 254 14.58 -27.42 -73.96
C PRO A 254 14.20 -26.05 -73.41
N ALA A 255 12.90 -25.72 -73.33
CA ALA A 255 12.51 -24.43 -72.79
C ALA A 255 12.83 -24.31 -71.29
N THR A 256 12.61 -25.40 -70.54
CA THR A 256 12.97 -25.43 -69.13
C THR A 256 14.48 -25.58 -68.94
N LYS A 257 15.18 -26.07 -69.98
CA LYS A 257 16.62 -26.32 -69.88
C LYS A 257 17.41 -25.04 -69.68
N GLU A 258 17.01 -23.95 -70.34
CA GLU A 258 17.75 -22.70 -70.24
C GLU A 258 17.58 -22.01 -68.89
N ILE A 259 16.45 -22.25 -68.21
CA ILE A 259 16.22 -21.61 -66.91
C ILE A 259 16.94 -22.31 -65.77
N ILE A 260 17.66 -23.40 -66.05
CA ILE A 260 18.36 -24.16 -65.02
C ILE A 260 19.53 -23.33 -64.51
N SER A 261 19.62 -23.24 -63.18
CA SER A 261 20.65 -22.45 -62.52
C SER A 261 21.32 -23.28 -61.43
N PHE A 262 22.29 -22.66 -60.76
CA PHE A 262 22.99 -23.32 -59.65
C PHE A 262 22.05 -23.59 -58.48
N HIS A 263 21.16 -22.64 -58.19
CA HIS A 263 20.20 -22.78 -57.10
C HIS A 263 19.00 -23.63 -57.47
N SER A 264 18.84 -23.98 -58.74
CA SER A 264 17.75 -24.83 -59.17
C SER A 264 17.99 -26.28 -58.71
N PRO A 265 16.97 -26.94 -58.17
CA PRO A 265 17.08 -28.28 -57.56
C PRO A 265 16.78 -29.45 -58.49
N TYR A 266 17.68 -29.71 -59.42
CA TYR A 266 17.67 -30.95 -60.19
C TYR A 266 18.98 -31.71 -60.01
N TYR A 267 18.98 -32.94 -60.51
CA TYR A 267 20.10 -33.86 -60.27
C TYR A 267 21.36 -33.45 -61.03
N PHE A 268 22.49 -33.56 -60.36
CA PHE A 268 23.80 -33.44 -60.98
C PHE A 268 24.74 -34.46 -60.34
N ASP A 269 25.66 -34.98 -61.13
CA ASP A 269 26.62 -35.96 -60.63
C ASP A 269 27.78 -35.22 -59.96
N ILE A 270 27.95 -35.44 -58.66
CA ILE A 270 29.00 -34.74 -57.92
C ILE A 270 30.37 -35.27 -58.32
N ASN A 271 30.47 -36.57 -58.66
CA ASN A 271 31.75 -37.12 -59.10
C ASN A 271 32.16 -36.58 -60.47
N GLU A 272 31.18 -36.30 -61.33
CA GLU A 272 31.48 -35.68 -62.61
C GLU A 272 31.90 -34.23 -62.43
N VAL A 273 31.40 -33.55 -61.38
CA VAL A 273 31.81 -32.19 -61.07
C VAL A 273 33.29 -32.16 -60.67
N ILE A 274 33.73 -33.18 -59.91
CA ILE A 274 35.14 -33.32 -59.57
C ILE A 274 35.98 -33.50 -60.82
N ASN A 275 35.50 -34.32 -61.76
CA ASN A 275 36.27 -34.57 -62.98
C ASN A 275 36.34 -33.32 -63.87
N TYR A 276 35.29 -32.49 -63.86
CA TYR A 276 35.35 -31.21 -64.55
C TYR A 276 36.41 -30.31 -63.95
N ILE A 277 36.47 -30.24 -62.61
CA ILE A 277 37.50 -29.44 -61.94
C ILE A 277 38.86 -30.08 -62.09
N ASN A 278 38.92 -31.43 -62.08
CA ASN A 278 40.19 -32.12 -62.27
C ASN A 278 40.75 -31.87 -63.67
N ASN A 279 39.90 -31.90 -64.69
CA ASN A 279 40.35 -31.55 -66.04
C ASN A 279 40.76 -30.09 -66.11
N ARG A 280 39.96 -29.19 -65.52
CA ARG A 280 40.30 -27.77 -65.51
C ARG A 280 41.53 -27.47 -64.66
N ASN A 281 41.92 -28.41 -63.78
CA ASN A 281 43.16 -28.24 -63.03
C ASN A 281 44.39 -28.43 -63.90
N ASN A 282 44.28 -29.19 -64.98
CA ASN A 282 45.35 -29.34 -65.97
C ASN A 282 44.77 -29.12 -67.35
N GLU A 283 44.71 -27.86 -67.78
CA GLU A 283 44.28 -27.48 -69.12
C GLU A 283 45.43 -26.81 -69.82
N ARG A 284 45.53 -27.03 -71.13
CA ARG A 284 46.62 -26.47 -71.97
C ARG A 284 45.98 -25.72 -73.14
N LYS A 285 46.60 -24.63 -73.58
CA LYS A 285 46.03 -23.81 -74.69
C LYS A 285 47.08 -23.56 -75.77
N ASN A 286 46.63 -23.23 -76.97
CA ASN A 286 47.50 -22.93 -78.14
C ASN A 286 47.86 -21.44 -78.15
N LYS A 287 48.56 -20.96 -79.18
CA LYS A 287 48.92 -19.52 -79.21
C LYS A 287 47.63 -18.69 -79.20
N ASP A 288 46.63 -19.08 -80.00
CA ASP A 288 45.32 -18.39 -80.07
C ASP A 288 44.69 -18.39 -78.68
N ASN A 289 45.40 -18.93 -77.68
CA ASN A 289 44.92 -18.99 -76.28
C ASN A 289 43.51 -19.58 -76.17
N GLU A 290 43.27 -20.68 -76.89
CA GLU A 290 41.96 -21.39 -76.82
C GLU A 290 42.21 -22.76 -76.19
N HIS A 291 41.46 -23.11 -75.14
CA HIS A 291 41.66 -24.42 -74.46
C HIS A 291 41.23 -25.55 -75.39
N ILE A 292 42.21 -26.19 -76.03
CA ILE A 292 41.98 -27.30 -76.95
C ILE A 292 42.12 -28.61 -76.17
N TRP A 293 41.22 -29.55 -76.42
CA TRP A 293 41.19 -30.82 -75.71
C TRP A 293 41.18 -31.97 -76.69
N SER A 294 41.44 -33.17 -76.18
CA SER A 294 41.41 -34.39 -76.98
C SER A 294 40.52 -35.42 -76.30
N ASP A 295 39.64 -36.07 -77.08
CA ASP A 295 38.74 -37.09 -76.58
C ASP A 295 38.74 -38.26 -77.55
N GLU A 296 37.92 -39.26 -77.26
CA GLU A 296 37.84 -40.44 -78.12
C GLU A 296 37.16 -40.10 -79.46
N GLU A 297 36.23 -39.15 -79.46
CA GLU A 297 35.59 -38.76 -80.71
C GLU A 297 36.53 -37.91 -81.56
N GLY A 298 37.26 -36.99 -80.94
CA GLY A 298 38.18 -36.15 -81.67
C GLY A 298 38.62 -34.98 -80.81
N ASN A 299 39.40 -34.09 -81.44
CA ASN A 299 39.90 -32.90 -80.77
C ASN A 299 38.82 -31.83 -80.79
N PHE A 300 38.58 -31.20 -79.63
CA PHE A 300 37.47 -30.26 -79.51
C PHE A 300 37.87 -29.01 -78.73
N LYS A 301 37.33 -27.88 -79.17
CA LYS A 301 37.40 -26.63 -78.43
C LYS A 301 36.73 -26.77 -77.07
N PHE A 302 37.32 -26.15 -76.04
CA PHE A 302 36.62 -25.97 -74.77
C PHE A 302 35.72 -24.74 -74.90
N ASP A 303 34.43 -24.98 -75.04
CA ASP A 303 33.44 -23.91 -75.02
C ASP A 303 32.20 -24.45 -74.35
N ASN A 304 31.18 -23.61 -74.22
CA ASN A 304 29.97 -23.98 -73.50
C ASN A 304 29.21 -25.12 -74.16
N GLU A 305 29.36 -25.30 -75.47
CA GLU A 305 28.73 -26.43 -76.14
C GLU A 305 29.48 -27.73 -75.85
N ASN A 306 30.81 -27.67 -75.73
CA ASN A 306 31.62 -28.86 -75.58
C ASN A 306 32.20 -29.03 -74.17
N ALA A 307 31.81 -28.18 -73.22
CA ALA A 307 32.31 -28.33 -71.85
C ALA A 307 31.70 -29.49 -71.11
N HIS A 308 30.60 -30.05 -71.62
CA HIS A 308 30.00 -31.23 -70.99
C HIS A 308 30.82 -32.49 -71.23
N ARG A 309 31.76 -32.46 -72.17
CA ARG A 309 32.62 -33.61 -72.42
C ARG A 309 33.83 -33.64 -71.50
N LEU A 310 34.00 -32.63 -70.64
CA LEU A 310 35.04 -32.65 -69.63
C LEU A 310 34.62 -33.41 -68.37
N PHE A 311 33.35 -33.79 -68.25
CA PHE A 311 32.90 -34.55 -67.10
C PHE A 311 33.46 -35.97 -67.10
N LYS A 312 33.90 -36.47 -68.24
CA LYS A 312 34.55 -37.77 -68.30
C LYS A 312 35.98 -37.67 -67.80
N GLU A 313 36.44 -38.73 -67.13
CA GLU A 313 37.77 -38.72 -66.53
C GLU A 313 38.87 -38.92 -67.55
N ASN A 314 38.62 -39.70 -68.61
CA ASN A 314 39.66 -40.06 -69.58
C ASN A 314 39.72 -39.04 -70.71
N VAL A 315 40.09 -37.81 -70.35
CA VAL A 315 40.27 -36.72 -71.29
C VAL A 315 41.68 -36.17 -71.14
N THR A 316 42.40 -36.04 -72.26
CA THR A 316 43.77 -35.55 -72.25
C THR A 316 43.85 -34.18 -72.90
N PRO A 317 44.31 -33.15 -72.18
CA PRO A 317 44.45 -31.83 -72.81
C PRO A 317 45.60 -31.79 -73.82
N ASP A 318 45.44 -30.97 -74.86
CA ASP A 318 46.44 -30.82 -75.91
C ASP A 318 46.62 -29.31 -76.11
N GLY A 319 47.82 -28.81 -75.81
CA GLY A 319 48.09 -27.40 -76.00
C GLY A 319 49.55 -27.07 -75.87
N SER A 320 49.93 -25.94 -76.47
CA SER A 320 51.33 -25.50 -76.44
C SER A 320 51.73 -25.01 -75.05
N SER A 321 50.88 -24.21 -74.41
CA SER A 321 51.19 -23.62 -73.12
C SER A 321 50.07 -23.92 -72.13
N ALA A 322 50.40 -23.84 -70.84
CA ALA A 322 49.46 -24.18 -69.79
C ALA A 322 48.30 -23.19 -69.73
N GLY A 323 47.13 -23.70 -69.39
CA GLY A 323 45.93 -22.90 -69.38
C GLY A 323 45.86 -21.93 -68.22
N ALA A 324 44.78 -21.13 -68.23
CA ALA A 324 44.57 -20.12 -67.20
C ALA A 324 44.39 -20.73 -65.82
N LEU A 325 43.58 -21.79 -65.72
CA LEU A 325 43.31 -22.44 -64.44
C LEU A 325 44.23 -23.64 -64.20
N ASN A 326 45.25 -23.84 -65.03
CA ASN A 326 46.16 -24.96 -64.87
C ASN A 326 46.96 -24.80 -63.58
N GLY A 327 46.83 -25.78 -62.69
CA GLY A 327 47.52 -25.74 -61.42
C GLY A 327 46.97 -24.77 -60.40
N LYS A 328 45.80 -24.19 -60.65
CA LYS A 328 45.18 -23.24 -59.74
C LYS A 328 44.04 -23.85 -58.95
N LEU A 329 43.78 -25.15 -59.10
CA LEU A 329 42.68 -25.82 -58.42
C LEU A 329 43.14 -27.05 -57.65
N LEU A 330 44.45 -27.23 -57.46
CA LEU A 330 44.96 -28.40 -56.73
C LEU A 330 44.49 -28.38 -55.28
N ASN A 331 44.54 -27.22 -54.64
CA ASN A 331 44.02 -27.07 -53.29
C ASN A 331 42.50 -26.99 -53.26
N PHE A 332 41.85 -26.83 -54.41
CA PHE A 332 40.39 -26.89 -54.45
C PHE A 332 39.88 -28.33 -54.49
N VAL A 333 40.61 -29.22 -55.17
CA VAL A 333 40.13 -30.57 -55.40
C VAL A 333 40.19 -31.40 -54.12
N ASP A 334 41.27 -31.29 -53.36
CA ASP A 334 41.47 -32.15 -52.20
C ASP A 334 40.50 -31.84 -51.05
N ARG A 335 40.05 -30.58 -50.94
CA ARG A 335 38.98 -30.26 -50.00
C ARG A 335 37.70 -30.98 -50.37
N LEU A 336 37.41 -31.07 -51.67
CA LEU A 336 36.22 -31.74 -52.15
C LEU A 336 36.31 -33.23 -51.92
N GLN A 337 37.50 -33.83 -52.14
CA GLN A 337 37.69 -35.23 -51.80
C GLN A 337 37.65 -35.50 -50.30
N SER A 338 37.68 -34.46 -49.48
CA SER A 338 37.43 -34.58 -48.06
C SER A 338 35.95 -34.47 -47.70
N LYS A 339 35.07 -34.39 -48.70
CA LYS A 339 33.64 -34.21 -48.46
C LYS A 339 32.79 -35.39 -48.91
N ILE A 340 32.82 -35.77 -50.18
CA ILE A 340 31.98 -36.89 -50.63
C ILE A 340 32.51 -38.21 -50.09
N PHE A 341 33.84 -38.16 -49.90
CA PHE A 341 34.69 -39.24 -49.35
C PHE A 341 34.72 -39.15 -47.82
N ASP A 342 34.22 -38.06 -47.27
CA ASP A 342 34.07 -37.97 -45.79
C ASP A 342 32.94 -38.93 -45.45
N LYS A 343 33.05 -39.70 -44.37
CA LYS A 343 32.00 -40.69 -44.04
C LYS A 343 30.97 -40.11 -43.07
N ARG A 344 31.16 -38.88 -42.62
CA ARG A 344 30.20 -38.27 -41.68
C ARG A 344 29.10 -37.53 -42.45
N LEU A 345 29.20 -37.52 -43.78
CA LEU A 345 28.23 -36.88 -44.68
C LEU A 345 27.71 -37.96 -45.62
N ASP A 346 27.67 -39.21 -45.17
CA ASP A 346 27.22 -40.31 -46.06
C ASP A 346 25.78 -40.13 -46.48
N PHE A 347 24.92 -39.65 -45.59
CA PHE A 347 23.49 -39.50 -45.94
C PHE A 347 23.30 -38.47 -47.08
N ILE A 348 23.99 -37.34 -47.03
CA ILE A 348 23.78 -36.27 -48.03
C ILE A 348 24.75 -36.37 -49.19
N LEU A 349 25.80 -37.19 -49.12
CA LEU A 349 26.74 -37.30 -50.27
C LEU A 349 27.02 -38.75 -50.69
N GLY A 350 26.31 -39.78 -50.19
CA GLY A 350 26.63 -41.19 -50.53
C GLY A 350 26.19 -41.67 -51.90
N GLU A 351 26.43 -42.95 -52.26
CA GLU A 351 26.03 -43.43 -53.57
C GLU A 351 24.52 -43.65 -53.65
N GLY A 352 23.88 -43.95 -52.51
CA GLY A 352 22.44 -44.01 -52.48
C GLY A 352 21.78 -42.67 -52.69
N SER A 353 22.43 -41.59 -52.25
CA SER A 353 21.92 -40.24 -52.49
C SER A 353 22.01 -39.85 -53.96
N LYS A 354 22.86 -40.51 -54.74
CA LYS A 354 22.90 -40.27 -56.18
C LYS A 354 21.72 -40.91 -56.88
N SER A 355 21.36 -42.14 -56.50
CA SER A 355 20.35 -42.91 -57.21
C SER A 355 18.95 -42.74 -56.64
N VAL A 356 18.76 -41.91 -55.62
CA VAL A 356 17.45 -41.74 -55.01
C VAL A 356 16.59 -40.83 -55.89
N THR A 357 15.35 -41.23 -56.10
CA THR A 357 14.42 -40.43 -56.89
C THR A 357 13.89 -39.28 -56.04
N PHE A 358 13.53 -38.18 -56.71
CA PHE A 358 12.91 -37.06 -56.02
C PHE A 358 11.60 -37.45 -55.35
N LYS A 359 10.83 -38.33 -55.99
CA LYS A 359 9.62 -38.85 -55.38
C LYS A 359 9.93 -39.74 -54.19
N GLU A 360 11.04 -40.49 -54.25
CA GLU A 360 11.40 -41.39 -53.16
C GLU A 360 11.83 -40.61 -51.92
N THR A 361 12.40 -39.42 -52.09
CA THR A 361 12.81 -38.61 -50.95
C THR A 361 11.60 -38.08 -50.19
N LEU A 362 10.58 -37.61 -50.90
CA LEU A 362 9.42 -37.02 -50.25
C LEU A 362 8.57 -38.08 -49.56
N GLU A 363 8.41 -39.26 -50.17
CA GLU A 363 7.65 -40.32 -49.53
C GLU A 363 8.39 -40.93 -48.35
N THR A 364 9.70 -40.74 -48.27
CA THR A 364 10.44 -41.14 -47.08
C THR A 364 10.20 -40.17 -45.93
N LEU A 365 10.15 -38.87 -46.23
CA LEU A 365 10.03 -37.86 -45.18
C LEU A 365 8.65 -37.86 -44.54
N ILE A 366 7.61 -37.98 -45.35
CA ILE A 366 6.23 -37.92 -44.85
C ILE A 366 5.71 -39.34 -44.64
N SER A 367 6.61 -40.32 -44.77
CA SER A 367 6.31 -41.75 -44.58
C SER A 367 5.19 -42.22 -45.51
N TYR A 368 5.37 -41.96 -46.80
CA TYR A 368 4.43 -42.38 -47.83
C TYR A 368 4.98 -43.52 -48.69
N GLY A 369 6.02 -44.19 -48.23
CA GLY A 369 6.63 -45.26 -48.99
C GLY A 369 5.96 -46.61 -48.79
N LYS A 370 6.76 -47.68 -48.74
CA LYS A 370 6.21 -49.01 -48.52
C LYS A 370 5.63 -49.14 -47.11
N ASP A 371 6.35 -48.63 -46.11
CA ASP A 371 5.87 -48.62 -44.73
C ASP A 371 5.30 -47.24 -44.43
N LYS A 372 3.98 -47.16 -44.30
CA LYS A 372 3.29 -45.90 -44.09
C LYS A 372 3.05 -45.69 -42.60
N SER A 373 3.44 -44.52 -42.10
CA SER A 373 3.25 -44.18 -40.71
C SER A 373 2.77 -42.74 -40.60
N ASN A 374 1.93 -42.49 -39.58
CA ASN A 374 1.44 -41.14 -39.35
C ASN A 374 2.55 -40.23 -38.83
N ILE A 375 3.49 -40.77 -38.07
CA ILE A 375 4.53 -39.99 -37.41
C ILE A 375 5.89 -40.42 -37.95
N THR A 376 6.72 -39.45 -38.33
CA THR A 376 8.06 -39.70 -38.83
C THR A 376 9.07 -38.98 -37.95
N ILE A 377 9.84 -39.74 -37.17
CA ILE A 377 10.90 -39.16 -36.35
C ILE A 377 12.13 -38.98 -37.22
N LEU A 378 12.65 -37.75 -37.26
CA LEU A 378 13.86 -37.42 -37.99
C LEU A 378 14.99 -37.31 -36.97
N ASP A 379 15.63 -38.45 -36.68
CA ASP A 379 16.70 -38.53 -35.70
C ASP A 379 17.94 -37.83 -36.25
N VAL A 380 18.18 -36.60 -35.81
CA VAL A 380 19.32 -35.83 -36.28
C VAL A 380 20.35 -35.71 -35.17
N SER A 381 20.38 -36.70 -34.28
CA SER A 381 21.35 -36.69 -33.18
C SER A 381 22.76 -36.88 -33.72
N GLY A 382 22.96 -37.83 -34.62
CA GLY A 382 24.26 -38.10 -35.20
C GLY A 382 24.64 -37.24 -36.39
N VAL A 383 23.74 -36.38 -36.86
CA VAL A 383 24.08 -35.46 -37.95
C VAL A 383 25.11 -34.45 -37.45
N PRO A 384 26.19 -34.21 -38.19
CA PRO A 384 27.23 -33.28 -37.73
C PRO A 384 26.71 -31.85 -37.65
N PHE A 385 27.36 -31.06 -36.79
CA PHE A 385 26.84 -29.75 -36.43
C PHE A 385 26.93 -28.76 -37.58
N GLU A 386 28.06 -28.73 -38.30
CA GLU A 386 28.24 -27.79 -39.40
C GLU A 386 27.37 -28.12 -40.61
N VAL A 387 26.77 -29.31 -40.64
CA VAL A 387 25.91 -29.72 -41.74
C VAL A 387 24.44 -29.76 -41.33
N LEU A 388 24.16 -29.83 -40.01
CA LEU A 388 22.80 -29.93 -39.49
C LEU A 388 21.90 -28.78 -39.95
N SER A 389 22.45 -27.57 -40.10
CA SER A 389 21.64 -26.45 -40.58
C SER A 389 21.22 -26.64 -42.03
N ILE A 390 22.05 -27.31 -42.84
CA ILE A 390 21.71 -27.56 -44.23
C ILE A 390 20.53 -28.52 -44.34
N CYS A 391 20.57 -29.61 -43.56
CA CYS A 391 19.58 -30.67 -43.68
C CYS A 391 18.23 -30.28 -43.08
N VAL A 392 18.23 -29.52 -41.99
CA VAL A 392 16.98 -29.02 -41.42
C VAL A 392 16.30 -28.08 -42.42
N SER A 393 17.09 -27.20 -43.05
CA SER A 393 16.56 -26.28 -44.04
C SER A 393 16.05 -26.99 -45.28
N LEU A 394 16.76 -28.04 -45.72
CA LEU A 394 16.37 -28.74 -46.94
C LEU A 394 15.08 -29.52 -46.75
N ILE A 395 14.94 -30.23 -45.62
CA ILE A 395 13.72 -30.98 -45.37
C ILE A 395 12.55 -30.04 -45.14
N SER A 396 12.77 -28.93 -44.42
CA SER A 396 11.70 -27.97 -44.17
C SER A 396 11.23 -27.30 -45.46
N ARG A 397 12.15 -27.03 -46.38
CA ARG A 397 11.76 -26.53 -47.69
C ARG A 397 10.97 -27.57 -48.47
N LEU A 398 11.42 -28.84 -48.42
CA LEU A 398 10.77 -29.90 -49.17
C LEU A 398 9.36 -30.16 -48.67
N ILE A 399 9.15 -30.08 -47.35
CA ILE A 399 7.82 -30.27 -46.79
C ILE A 399 6.91 -29.09 -47.15
N PHE A 400 7.46 -27.88 -47.11
CA PHE A 400 6.66 -26.67 -47.37
C PHE A 400 6.20 -26.63 -48.83
N GLU A 401 7.12 -26.87 -49.77
CA GLU A 401 6.74 -26.89 -51.17
C GLU A 401 5.89 -28.10 -51.54
N PHE A 402 5.94 -29.16 -50.73
CA PHE A 402 4.93 -30.21 -50.84
C PHE A 402 3.55 -29.65 -50.52
N GLY A 403 3.45 -28.84 -49.46
CA GLY A 403 2.20 -28.18 -49.13
C GLY A 403 1.86 -27.03 -50.05
N TYR A 404 2.88 -26.35 -50.60
CA TYR A 404 2.63 -25.30 -51.58
C TYR A 404 2.04 -25.87 -52.86
N HIS A 405 2.61 -26.96 -53.35
CA HIS A 405 2.08 -27.62 -54.54
C HIS A 405 0.84 -28.46 -54.23
N SER A 406 0.52 -28.66 -52.96
CA SER A 406 -0.78 -29.22 -52.60
C SER A 406 -1.91 -28.29 -53.01
N LYS A 407 -1.78 -26.99 -52.68
CA LYS A 407 -2.84 -26.03 -52.95
C LYS A 407 -2.89 -25.63 -54.41
N LYS A 408 -1.80 -25.76 -55.15
CA LYS A 408 -1.82 -25.42 -56.57
C LYS A 408 -2.64 -26.42 -57.38
N ILE A 409 -2.62 -27.70 -56.98
CA ILE A 409 -3.51 -28.67 -57.60
C ILE A 409 -4.89 -28.69 -56.95
N LYS A 410 -5.03 -28.10 -55.76
CA LYS A 410 -6.34 -28.08 -55.10
C LYS A 410 -7.30 -27.12 -55.78
N ARG A 411 -6.78 -26.01 -56.31
CA ARG A 411 -7.62 -25.09 -57.07
C ARG A 411 -8.14 -25.73 -58.35
N LYS A 412 -7.29 -26.51 -59.03
CA LYS A 412 -7.70 -27.16 -60.26
C LYS A 412 -8.63 -28.35 -59.97
N SER A 413 -8.31 -29.15 -58.97
CA SER A 413 -9.10 -30.34 -58.68
C SER A 413 -10.42 -30.00 -57.98
N ASN A 414 -10.48 -28.86 -57.28
CA ASN A 414 -11.59 -28.35 -56.47
C ASN A 414 -12.30 -29.44 -55.66
N GLU A 415 -11.53 -30.33 -55.03
CA GLU A 415 -12.08 -31.41 -54.23
C GLU A 415 -11.39 -31.44 -52.87
N ASN A 416 -12.14 -31.88 -51.86
CA ASN A 416 -11.65 -31.91 -50.48
C ASN A 416 -10.80 -33.17 -50.27
N GLN A 417 -9.54 -33.07 -50.68
CA GLN A 417 -8.56 -34.15 -50.50
C GLN A 417 -7.25 -33.46 -50.10
N ASP A 418 -7.01 -33.34 -48.80
CA ASP A 418 -5.90 -32.58 -48.26
C ASP A 418 -4.94 -33.48 -47.51
N ILE A 419 -3.68 -33.05 -47.45
CA ILE A 419 -2.64 -33.72 -46.68
C ILE A 419 -2.08 -32.72 -45.69
N PRO A 420 -2.69 -32.55 -44.52
CA PRO A 420 -2.16 -31.60 -43.54
C PRO A 420 -0.94 -32.17 -42.84
N ILE A 421 0.12 -31.36 -42.75
CA ILE A 421 1.40 -31.78 -42.19
C ILE A 421 1.74 -30.86 -41.02
N LEU A 422 2.08 -31.45 -39.89
CA LEU A 422 2.55 -30.72 -38.72
C LEU A 422 4.00 -31.10 -38.46
N ILE A 423 4.87 -30.09 -38.39
CA ILE A 423 6.29 -30.32 -38.13
C ILE A 423 6.59 -29.94 -36.69
N VAL A 424 7.25 -30.82 -35.97
CA VAL A 424 7.65 -30.59 -34.59
C VAL A 424 9.15 -30.34 -34.58
N TYR A 425 9.55 -29.13 -34.18
CA TYR A 425 10.95 -28.75 -34.08
C TYR A 425 11.32 -28.77 -32.61
N GLU A 426 12.02 -29.80 -32.16
CA GLU A 426 12.52 -29.81 -30.80
C GLU A 426 13.91 -29.20 -30.71
N GLU A 427 14.13 -28.47 -29.62
CA GLU A 427 15.21 -27.51 -29.46
C GLU A 427 15.20 -26.52 -30.64
N ALA A 428 14.03 -25.90 -30.82
CA ALA A 428 13.77 -25.06 -31.98
C ALA A 428 14.58 -23.78 -31.98
N HIS A 429 15.10 -23.35 -30.82
CA HIS A 429 16.01 -22.22 -30.78
C HIS A 429 17.34 -22.52 -31.48
N LYS A 430 17.72 -23.79 -31.60
CA LYS A 430 18.98 -24.13 -32.24
C LYS A 430 18.91 -23.93 -33.75
N TYR A 431 17.86 -24.47 -34.39
CA TYR A 431 17.69 -24.25 -35.82
C TYR A 431 17.17 -22.86 -36.15
N ALA A 432 16.54 -22.18 -35.20
CA ALA A 432 16.01 -20.82 -35.40
C ALA A 432 16.51 -19.92 -34.27
N PRO A 433 17.77 -19.49 -34.34
CA PRO A 433 18.28 -18.58 -33.31
C PRO A 433 17.99 -17.12 -33.62
N LYS A 434 17.93 -16.32 -32.56
CA LYS A 434 17.76 -14.88 -32.74
C LYS A 434 19.06 -14.19 -33.14
N SER A 435 20.19 -14.86 -33.00
CA SER A 435 21.46 -14.30 -33.46
C SER A 435 21.53 -14.33 -34.99
N ASP A 436 22.18 -13.31 -35.55
CA ASP A 436 22.30 -13.17 -37.00
C ASP A 436 23.57 -13.82 -37.55
N LEU A 437 24.09 -14.84 -36.86
CA LEU A 437 25.28 -15.54 -37.34
C LEU A 437 24.94 -16.37 -38.57
N SER A 438 25.91 -16.46 -39.50
CA SER A 438 25.69 -17.10 -40.79
C SER A 438 25.61 -18.62 -40.71
N LYS A 439 25.91 -19.22 -39.55
CA LYS A 439 25.86 -20.66 -39.40
C LYS A 439 24.43 -21.17 -39.54
N TYR A 440 23.49 -20.57 -38.81
CA TYR A 440 22.13 -21.07 -38.71
C TYR A 440 21.13 -20.20 -39.48
N ARG A 441 21.57 -19.57 -40.57
CA ARG A 441 20.69 -18.73 -41.36
C ARG A 441 19.84 -19.53 -42.33
N THR A 442 20.35 -20.68 -42.80
CA THR A 442 19.58 -21.52 -43.71
C THR A 442 18.38 -22.14 -43.00
N SER A 443 18.60 -22.71 -41.82
CA SER A 443 17.52 -23.35 -41.08
C SER A 443 16.54 -22.33 -40.50
N LYS A 444 17.02 -21.12 -40.18
CA LYS A 444 16.13 -20.06 -39.73
C LYS A 444 15.19 -19.61 -40.83
N GLU A 445 15.70 -19.48 -42.06
CA GLU A 445 14.87 -19.00 -43.17
C GLU A 445 13.82 -20.03 -43.57
N ALA A 446 14.14 -21.32 -43.48
CA ALA A 446 13.17 -22.35 -43.84
C ALA A 446 12.06 -22.45 -42.81
N ILE A 447 12.40 -22.32 -41.53
CA ILE A 447 11.39 -22.37 -40.48
C ILE A 447 10.52 -21.11 -40.52
N GLU A 448 11.14 -19.95 -40.76
CA GLU A 448 10.38 -18.71 -40.89
C GLU A 448 9.48 -18.72 -42.11
N ARG A 449 9.90 -19.43 -43.17
CA ARG A 449 9.06 -19.56 -44.38
C ARG A 449 7.76 -20.28 -44.06
N ILE A 450 7.83 -21.36 -43.29
CA ILE A 450 6.61 -22.07 -42.90
C ILE A 450 5.87 -21.34 -41.78
N ALA A 451 6.58 -20.56 -40.96
CA ALA A 451 5.93 -19.82 -39.89
C ALA A 451 5.05 -18.71 -40.43
N LYS A 452 5.49 -18.04 -41.51
CA LYS A 452 4.74 -16.94 -42.07
C LYS A 452 3.70 -17.38 -43.09
N GLU A 453 4.05 -18.32 -43.97
CA GLU A 453 3.18 -18.68 -45.09
C GLU A 453 2.64 -20.10 -45.05
N GLY A 454 3.11 -20.93 -44.13
CA GLY A 454 2.69 -22.33 -44.13
C GLY A 454 1.27 -22.56 -43.66
N ARG A 455 0.64 -21.56 -43.06
CA ARG A 455 -0.75 -21.70 -42.63
C ARG A 455 -1.68 -21.88 -43.82
N LYS A 456 -1.42 -21.17 -44.92
CA LYS A 456 -2.25 -21.28 -46.11
C LYS A 456 -2.09 -22.63 -46.79
N TYR A 457 -0.88 -23.21 -46.75
CA TYR A 457 -0.56 -24.38 -47.55
C TYR A 457 -0.61 -25.68 -46.76
N GLY A 458 -1.06 -25.63 -45.50
CA GLY A 458 -1.23 -26.85 -44.74
C GLY A 458 0.01 -27.41 -44.09
N VAL A 459 1.03 -26.59 -43.86
CA VAL A 459 2.23 -27.01 -43.15
C VAL A 459 2.36 -26.16 -41.89
N THR A 460 2.33 -26.82 -40.73
CA THR A 460 2.22 -26.14 -39.46
C THR A 460 3.39 -26.49 -38.55
N LEU A 461 3.95 -25.47 -37.89
CA LEU A 461 5.03 -25.63 -36.94
C LEU A 461 4.54 -26.13 -35.59
N LEU A 462 5.44 -26.78 -34.86
CA LEU A 462 5.27 -27.07 -33.43
C LEU A 462 6.63 -26.79 -32.79
N LEU A 463 6.84 -25.54 -32.37
CA LEU A 463 8.11 -25.14 -31.77
C LEU A 463 8.15 -25.60 -30.32
N ALA A 464 8.96 -26.62 -30.04
CA ALA A 464 9.20 -27.09 -28.69
C ALA A 464 10.65 -26.80 -28.36
N SER A 465 10.88 -25.96 -27.36
CA SER A 465 12.24 -25.64 -26.97
C SER A 465 12.29 -25.45 -25.46
N GLN A 466 13.29 -26.08 -24.84
CA GLN A 466 13.49 -25.96 -23.40
C GLN A 466 14.06 -24.61 -23.00
N ARG A 467 14.64 -23.87 -23.93
CA ARG A 467 15.20 -22.55 -23.67
C ARG A 467 14.62 -21.65 -24.75
N PRO A 468 13.42 -21.08 -24.54
CA PRO A 468 12.78 -20.27 -25.58
C PRO A 468 13.41 -18.90 -25.81
N SER A 469 14.47 -18.55 -25.08
CA SER A 469 15.03 -17.20 -25.18
C SER A 469 15.67 -16.96 -26.55
N GLU A 470 16.39 -17.95 -27.09
CA GLU A 470 17.02 -17.73 -28.38
C GLU A 470 16.12 -18.01 -29.57
N ILE A 471 14.87 -18.42 -29.38
CA ILE A 471 13.95 -18.47 -30.51
C ILE A 471 13.71 -17.06 -31.01
N SER A 472 13.78 -16.88 -32.32
CA SER A 472 13.70 -15.56 -32.92
C SER A 472 12.31 -14.96 -32.71
N GLU A 473 12.27 -13.62 -32.65
CA GLU A 473 11.05 -12.91 -32.32
C GLU A 473 9.99 -13.08 -33.40
N THR A 474 10.41 -13.12 -34.66
CA THR A 474 9.45 -13.23 -35.75
C THR A 474 8.81 -14.61 -35.82
N ILE A 475 9.61 -15.66 -35.67
CA ILE A 475 9.10 -17.03 -35.79
C ILE A 475 8.20 -17.38 -34.61
N PHE A 476 8.61 -17.02 -33.40
CA PHE A 476 7.82 -17.34 -32.21
C PHE A 476 6.52 -16.54 -32.14
N SER A 477 6.45 -15.39 -32.80
CA SER A 477 5.24 -14.60 -32.80
C SER A 477 4.16 -15.18 -33.71
N GLN A 478 4.55 -15.96 -34.73
CA GLN A 478 3.56 -16.58 -35.60
C GLN A 478 2.78 -17.69 -34.90
N CYS A 479 3.28 -18.21 -33.79
CA CYS A 479 2.54 -19.19 -33.02
C CYS A 479 1.31 -18.55 -32.39
N ASN A 480 0.19 -19.27 -32.43
CA ASN A 480 -1.07 -18.78 -31.89
C ASN A 480 -1.55 -19.56 -30.68
N THR A 481 -1.07 -20.78 -30.47
CA THR A 481 -1.35 -21.54 -29.27
C THR A 481 -0.04 -21.78 -28.52
N PHE A 482 -0.06 -21.55 -27.21
CA PHE A 482 1.13 -21.62 -26.39
C PHE A 482 0.89 -22.56 -25.23
N ILE A 483 1.77 -23.56 -25.09
CA ILE A 483 1.69 -24.51 -23.98
C ILE A 483 2.92 -24.31 -23.10
N SER A 484 2.79 -23.48 -22.06
CA SER A 484 3.90 -23.09 -21.22
C SER A 484 3.97 -23.99 -20.00
N MET A 485 5.04 -24.78 -19.90
CA MET A 485 5.34 -25.54 -18.69
C MET A 485 6.18 -24.72 -17.74
N ARG A 486 6.76 -25.39 -16.74
CA ARG A 486 7.64 -24.75 -15.77
C ARG A 486 8.87 -24.19 -16.45
N LEU A 487 9.15 -22.91 -16.18
CA LEU A 487 10.32 -22.23 -16.72
C LEU A 487 11.10 -21.62 -15.57
N THR A 488 12.31 -22.12 -15.34
CA THR A 488 13.12 -21.66 -14.22
C THR A 488 13.97 -20.45 -14.56
N ASN A 489 14.39 -20.32 -15.81
CA ASN A 489 15.23 -19.19 -16.21
C ASN A 489 14.38 -17.93 -16.32
N PRO A 490 14.74 -16.85 -15.62
CA PRO A 490 13.97 -15.60 -15.73
C PRO A 490 14.00 -14.98 -17.11
N ASP A 491 15.09 -15.16 -17.87
CA ASP A 491 15.14 -14.66 -19.24
C ASP A 491 14.10 -15.36 -20.12
N ASP A 492 13.81 -16.62 -19.83
CA ASP A 492 12.75 -17.35 -20.52
C ASP A 492 11.38 -16.79 -20.16
N GLN A 493 11.20 -16.39 -18.90
CA GLN A 493 9.90 -15.93 -18.44
C GLN A 493 9.57 -14.54 -18.99
N ASN A 494 10.56 -13.64 -19.03
CA ASN A 494 10.34 -12.34 -19.64
C ASN A 494 10.13 -12.45 -21.15
N TYR A 495 10.80 -13.42 -21.80
CA TYR A 495 10.53 -13.68 -23.21
C TYR A 495 9.12 -14.22 -23.42
N VAL A 496 8.70 -15.17 -22.58
CA VAL A 496 7.40 -15.81 -22.76
C VAL A 496 6.27 -14.84 -22.45
N LYS A 497 6.37 -14.13 -21.32
CA LYS A 497 5.28 -13.26 -20.87
C LYS A 497 5.03 -12.09 -21.81
N ARG A 498 6.08 -11.62 -22.50
CA ARG A 498 5.92 -10.49 -23.39
C ARG A 498 5.18 -10.87 -24.66
N LEU A 499 5.48 -12.04 -25.22
CA LEU A 499 4.83 -12.51 -26.44
C LEU A 499 3.65 -13.44 -26.15
N LEU A 500 3.29 -13.62 -24.89
CA LEU A 500 2.12 -14.43 -24.55
C LEU A 500 0.86 -13.65 -24.91
N PRO A 501 -0.06 -14.23 -25.69
CA PRO A 501 -1.21 -13.45 -26.17
C PRO A 501 -2.20 -13.07 -25.07
N ASP A 502 -2.27 -13.85 -24.00
CA ASP A 502 -3.13 -13.55 -22.87
C ASP A 502 -2.30 -13.66 -21.59
N THR A 503 -2.95 -13.43 -20.45
CA THR A 503 -2.29 -13.55 -19.16
C THR A 503 -3.30 -14.05 -18.14
N VAL A 504 -2.78 -14.57 -17.04
CA VAL A 504 -3.59 -15.04 -15.93
C VAL A 504 -3.13 -14.31 -14.67
N GLY A 505 -3.97 -14.39 -13.63
CA GLY A 505 -3.67 -13.77 -12.36
C GLY A 505 -2.47 -14.37 -11.67
N ASP A 506 -1.53 -13.51 -11.25
CA ASP A 506 -0.30 -13.89 -10.55
C ASP A 506 0.53 -14.87 -11.38
N ILE A 507 0.95 -14.39 -12.55
CA ILE A 507 1.67 -15.23 -13.52
C ILE A 507 3.19 -15.12 -13.39
N THR A 508 3.70 -14.08 -12.72
CA THR A 508 5.15 -13.90 -12.61
C THR A 508 5.78 -15.01 -11.78
N ASN A 509 5.18 -15.37 -10.66
CA ASN A 509 5.67 -16.46 -9.83
C ASN A 509 5.02 -17.80 -10.16
N LEU A 510 4.08 -17.83 -11.11
CA LEU A 510 3.41 -19.07 -11.45
C LEU A 510 4.31 -19.98 -12.30
N LEU A 511 5.07 -19.38 -13.21
CA LEU A 511 5.95 -20.15 -14.08
C LEU A 511 7.01 -20.99 -13.35
N PRO A 512 7.71 -20.51 -12.31
CA PRO A 512 8.59 -21.43 -11.57
C PRO A 512 7.83 -22.47 -10.77
N SER A 513 6.62 -22.17 -10.33
CA SER A 513 5.90 -23.04 -9.40
C SER A 513 5.00 -24.04 -10.10
N LEU A 514 5.06 -24.13 -11.42
CA LEU A 514 4.31 -25.16 -12.14
C LEU A 514 4.91 -26.54 -11.82
N LYS A 515 4.02 -27.50 -11.59
CA LYS A 515 4.44 -28.83 -11.17
C LYS A 515 4.85 -29.67 -12.38
N GLU A 516 5.17 -30.93 -12.08
CA GLU A 516 5.67 -31.85 -13.08
C GLU A 516 4.51 -32.37 -13.93
N GLY A 517 4.50 -31.99 -15.21
CA GLY A 517 3.38 -32.29 -16.08
C GLY A 517 2.26 -31.27 -16.08
N GLU A 518 2.42 -30.15 -15.37
CA GLU A 518 1.42 -29.10 -15.31
C GLU A 518 1.71 -28.04 -16.35
N ALA A 519 0.70 -27.65 -17.12
CA ALA A 519 0.87 -26.71 -18.22
C ALA A 519 -0.14 -25.58 -18.13
N LEU A 520 0.22 -24.43 -18.71
CA LEU A 520 -0.66 -23.29 -18.86
C LEU A 520 -0.88 -23.08 -20.36
N ILE A 521 -2.11 -23.32 -20.82
CA ILE A 521 -2.44 -23.22 -22.24
C ILE A 521 -3.29 -21.98 -22.46
N MET A 522 -2.90 -21.16 -23.43
CA MET A 522 -3.71 -20.05 -23.89
C MET A 522 -3.58 -19.92 -25.39
N GLY A 523 -4.55 -19.25 -25.99
CA GLY A 523 -4.54 -19.04 -27.43
C GLY A 523 -5.94 -18.75 -27.93
N ASP A 524 -6.12 -18.90 -29.24
CA ASP A 524 -7.43 -18.75 -29.85
C ASP A 524 -8.11 -20.10 -30.10
N SER A 525 -7.46 -21.20 -29.77
CA SER A 525 -8.10 -22.51 -29.80
C SER A 525 -8.70 -22.89 -28.45
N ILE A 526 -8.40 -22.13 -27.39
CA ILE A 526 -9.02 -22.31 -26.08
C ILE A 526 -9.45 -20.95 -25.58
N SER A 527 -10.72 -20.84 -25.16
CA SER A 527 -11.28 -19.54 -24.82
C SER A 527 -10.77 -19.02 -23.49
N ILE A 528 -10.69 -19.89 -22.48
CA ILE A 528 -10.26 -19.51 -21.13
C ILE A 528 -8.81 -19.95 -20.96
N PRO A 529 -7.87 -19.04 -20.70
CA PRO A 529 -6.51 -19.46 -20.34
C PRO A 529 -6.50 -20.23 -19.04
N SER A 530 -6.23 -21.53 -19.12
CA SER A 530 -6.43 -22.43 -18.00
C SER A 530 -5.12 -23.13 -17.64
N ILE A 531 -4.99 -23.51 -16.38
CA ILE A 531 -3.87 -24.30 -15.90
C ILE A 531 -4.33 -25.76 -15.90
N VAL A 532 -3.60 -26.59 -16.65
CA VAL A 532 -4.02 -27.98 -16.87
C VAL A 532 -2.90 -28.91 -16.45
N LYS A 533 -3.29 -30.14 -16.13
CA LYS A 533 -2.37 -31.24 -15.86
C LYS A 533 -2.44 -32.16 -17.08
N ILE A 534 -1.32 -32.31 -17.77
CA ILE A 534 -1.30 -33.14 -18.98
C ILE A 534 -1.41 -34.61 -18.57
N GLU A 535 -2.33 -35.33 -19.21
CA GLU A 535 -2.63 -36.71 -18.85
C GLU A 535 -1.41 -37.59 -19.11
N LYS A 536 -1.07 -38.43 -18.10
CA LYS A 536 0.19 -39.17 -18.09
C LYS A 536 0.31 -40.08 -19.30
N CYS A 537 1.50 -40.08 -19.88
CA CYS A 537 1.75 -40.84 -21.10
C CYS A 537 1.93 -42.31 -20.77
N THR A 538 1.04 -43.15 -21.29
CA THR A 538 1.08 -44.59 -21.04
C THR A 538 2.12 -45.28 -21.92
N ILE A 539 2.49 -44.69 -23.04
CA ILE A 539 3.57 -45.18 -23.88
C ILE A 539 4.59 -44.05 -23.84
N PRO A 540 5.44 -43.99 -22.81
CA PRO A 540 6.23 -42.79 -22.60
C PRO A 540 7.41 -42.73 -23.54
N PRO A 541 7.91 -41.53 -23.85
CA PRO A 541 9.35 -41.38 -24.09
C PRO A 541 10.04 -41.84 -22.83
N SER A 542 10.78 -42.96 -22.92
CA SER A 542 11.30 -43.69 -21.77
C SER A 542 11.99 -42.75 -20.78
N SER A 543 11.57 -42.85 -19.52
CA SER A 543 12.14 -41.99 -18.49
C SER A 543 13.61 -42.25 -18.36
N ILE A 544 14.43 -41.31 -18.83
CA ILE A 544 15.87 -41.44 -18.77
C ILE A 544 16.31 -40.71 -17.50
N ASP A 545 16.16 -41.37 -16.36
CA ASP A 545 16.62 -40.84 -15.08
C ASP A 545 17.12 -42.04 -14.27
N ILE A 546 18.45 -42.18 -14.26
CA ILE A 546 19.08 -43.36 -13.68
C ILE A 546 18.94 -43.30 -12.17
N LYS A 547 18.36 -44.36 -11.59
CA LYS A 547 18.32 -44.48 -10.14
C LYS A 547 19.75 -44.58 -9.61
N TYR A 548 20.06 -43.76 -8.61
CA TYR A 548 21.43 -43.37 -8.40
C TYR A 548 22.01 -43.89 -7.08
N LEU A 549 21.32 -43.67 -5.96
CA LEU A 549 21.83 -44.08 -4.67
C LEU A 549 21.83 -45.59 -4.50
N ASP A 550 20.71 -46.24 -4.84
CA ASP A 550 20.63 -47.69 -4.71
C ASP A 550 21.56 -48.41 -5.69
N GLU A 551 21.80 -47.79 -6.86
CA GLU A 551 22.76 -48.34 -7.80
C GLU A 551 24.19 -48.07 -7.34
N TRP A 552 24.41 -46.97 -6.60
CA TRP A 552 25.65 -46.82 -5.86
C TRP A 552 25.72 -47.75 -4.66
N ARG A 553 24.57 -48.10 -4.08
CA ARG A 553 24.56 -48.87 -2.83
C ARG A 553 25.04 -50.31 -3.04
N LYS A 554 24.90 -50.84 -4.25
CA LYS A 554 25.27 -52.22 -4.52
C LYS A 554 26.80 -52.35 -4.64
N GLU A 555 27.26 -53.54 -4.99
CA GLU A 555 28.67 -53.83 -5.08
C GLU A 555 29.33 -53.08 -6.24
N TRP A 556 30.65 -52.96 -6.15
CA TRP A 556 31.45 -52.35 -7.21
C TRP A 556 31.45 -53.31 -8.40
N VAL A 557 30.61 -53.02 -9.37
CA VAL A 557 30.44 -53.89 -10.53
C VAL A 557 31.61 -53.68 -11.49
N ASP A 558 31.92 -54.73 -12.26
CA ASP A 558 33.00 -54.66 -13.23
C ASP A 558 32.40 -54.19 -14.56
N SER A 559 32.61 -52.91 -14.87
CA SER A 559 32.12 -52.36 -16.13
C SER A 559 32.94 -52.92 -17.28
N GLU A 560 32.24 -53.44 -18.29
CA GLU A 560 32.92 -54.06 -19.44
C GLU A 560 33.41 -52.94 -20.34
N PHE A 561 34.67 -52.55 -20.12
CA PHE A 561 35.25 -51.39 -20.81
C PHE A 561 35.54 -51.68 -22.28
N ASP A 562 35.68 -52.95 -22.66
CA ASP A 562 36.11 -53.27 -24.02
C ASP A 562 35.02 -52.97 -25.04
N LYS A 563 33.78 -53.40 -24.77
CA LYS A 563 32.70 -53.10 -25.71
C LYS A 563 32.25 -51.66 -25.64
N ILE A 564 32.48 -50.98 -24.51
CA ILE A 564 32.20 -49.55 -24.43
C ILE A 564 33.17 -48.77 -25.32
N ILE A 565 34.46 -49.15 -25.27
CA ILE A 565 35.47 -48.46 -26.08
C ILE A 565 35.30 -48.77 -27.56
N GLU A 566 34.96 -50.02 -27.89
CA GLU A 566 34.87 -50.40 -29.30
C GLU A 566 33.64 -49.78 -29.98
N GLN A 567 32.58 -49.49 -29.21
CA GLN A 567 31.46 -48.74 -29.78
C GLN A 567 31.79 -47.25 -29.88
N TRP A 568 32.53 -46.74 -28.90
CA TRP A 568 33.10 -45.40 -28.97
C TRP A 568 34.01 -45.25 -30.18
N SER A 569 34.73 -46.32 -30.53
CA SER A 569 35.69 -46.26 -31.62
C SER A 569 35.00 -46.08 -32.98
N LYS A 570 33.93 -46.83 -33.23
CA LYS A 570 33.20 -46.66 -34.48
C LYS A 570 32.26 -45.46 -34.46
N SER A 571 31.93 -44.95 -33.27
CA SER A 571 31.04 -43.80 -33.07
C SER A 571 29.68 -43.97 -33.73
N ASN B 5 -4.45 -28.91 31.13
CA ASN B 5 -3.18 -29.60 31.02
C ASN B 5 -2.07 -28.56 30.75
N ASP B 6 -0.86 -29.04 30.47
CA ASP B 6 0.33 -28.18 30.38
C ASP B 6 0.19 -27.11 29.31
N ILE B 7 -0.46 -27.43 28.20
CA ILE B 7 -0.70 -26.48 27.12
C ILE B 7 -2.18 -26.50 26.77
N ASN B 8 -2.75 -25.31 26.53
CA ASN B 8 -4.14 -25.19 26.07
C ASN B 8 -4.15 -24.12 24.99
N ALA B 9 -3.96 -24.55 23.75
CA ALA B 9 -3.98 -23.67 22.59
C ALA B 9 -4.87 -24.28 21.52
N GLU B 10 -5.53 -23.42 20.74
CA GLU B 10 -6.47 -23.90 19.74
C GLU B 10 -6.66 -22.84 18.66
N VAL B 11 -7.01 -23.31 17.47
CA VAL B 11 -7.14 -22.42 16.31
C VAL B 11 -8.43 -21.61 16.44
N VAL B 12 -8.31 -20.30 16.26
CA VAL B 12 -9.48 -19.42 16.29
C VAL B 12 -9.82 -18.86 14.91
N SER B 13 -8.88 -18.83 13.97
CA SER B 13 -9.14 -18.34 12.62
C SER B 13 -8.24 -19.07 11.64
N VAL B 14 -8.80 -19.42 10.48
CA VAL B 14 -8.03 -20.06 9.41
C VAL B 14 -8.11 -19.18 8.16
N SER B 15 -7.26 -19.51 7.20
CA SER B 15 -7.09 -18.77 5.95
C SER B 15 -6.71 -19.79 4.88
N PRO B 16 -6.54 -19.40 3.60
CA PRO B 16 -6.04 -20.38 2.61
C PRO B 16 -4.69 -21.00 2.98
N ASN B 17 -3.76 -20.22 3.54
CA ASN B 17 -2.45 -20.75 3.91
C ASN B 17 -1.99 -20.22 5.26
N LYS B 18 -2.92 -19.99 6.19
CA LYS B 18 -2.59 -19.33 7.44
C LYS B 18 -3.59 -19.75 8.51
N LEU B 19 -3.08 -19.98 9.73
CA LEU B 19 -3.90 -20.32 10.89
C LEU B 19 -3.60 -19.34 12.02
N LYS B 20 -4.63 -19.00 12.79
CA LYS B 20 -4.49 -18.15 13.97
C LYS B 20 -4.76 -19.00 15.20
N ILE B 21 -3.72 -19.18 16.03
CA ILE B 21 -3.79 -20.02 17.21
C ILE B 21 -3.72 -19.13 18.45
N SER B 22 -4.68 -19.28 19.35
CA SER B 22 -4.73 -18.53 20.59
C SER B 22 -4.36 -19.45 21.75
N VAL B 23 -3.26 -19.14 22.41
CA VAL B 23 -2.84 -19.90 23.59
C VAL B 23 -3.59 -19.35 24.80
N ASP B 24 -4.27 -20.24 25.52
CA ASP B 24 -5.20 -19.84 26.57
C ASP B 24 -4.61 -19.94 27.97
N ASP B 25 -4.15 -21.12 28.36
CA ASP B 25 -3.76 -21.38 29.75
C ASP B 25 -2.26 -21.26 29.97
N LEU B 26 -1.47 -22.08 29.27
CA LEU B 26 0.00 -22.13 29.37
C LEU B 26 0.45 -22.37 30.82
N GLU B 27 0.12 -23.57 31.31
CA GLU B 27 0.53 -23.95 32.66
C GLU B 27 2.04 -24.10 32.76
N GLU B 28 2.65 -24.83 31.83
CA GLU B 28 4.09 -25.06 31.84
C GLU B 28 4.78 -24.01 30.97
N PHE B 29 5.63 -23.20 31.60
CA PHE B 29 6.29 -22.11 30.88
C PHE B 29 7.41 -22.60 29.98
N LYS B 30 8.00 -23.77 30.26
CA LYS B 30 9.08 -24.27 29.42
C LYS B 30 8.59 -24.80 28.08
N ILE B 31 7.28 -25.01 27.92
CA ILE B 31 6.72 -25.35 26.62
C ILE B 31 6.86 -24.18 25.66
N ALA B 32 6.59 -22.97 26.14
CA ALA B 32 6.63 -21.79 25.27
C ALA B 32 8.05 -21.41 24.88
N GLU B 33 9.04 -21.72 25.73
CA GLU B 33 10.41 -21.28 25.50
C GLU B 33 11.02 -21.95 24.27
N GLU B 34 10.76 -23.24 24.07
CA GLU B 34 11.38 -23.99 22.99
C GLU B 34 10.40 -24.50 21.94
N LYS B 35 9.19 -24.88 22.36
CA LYS B 35 8.23 -25.50 21.46
C LYS B 35 7.21 -24.53 20.89
N LEU B 36 7.32 -23.24 21.19
CA LEU B 36 6.37 -22.25 20.67
C LEU B 36 7.07 -21.07 19.99
N GLY B 37 8.36 -21.22 19.66
CA GLY B 37 9.08 -20.18 18.98
C GLY B 37 8.76 -20.12 17.50
N VAL B 38 9.34 -19.13 16.84
CA VAL B 38 9.13 -18.96 15.41
C VAL B 38 9.89 -20.05 14.66
N GLY B 39 9.19 -20.77 13.79
CA GLY B 39 9.75 -21.91 13.10
C GLY B 39 9.50 -23.25 13.76
N SER B 40 8.92 -23.27 14.95
CA SER B 40 8.61 -24.50 15.65
C SER B 40 7.40 -25.18 15.00
N TYR B 41 7.15 -26.41 15.42
CA TYR B 41 6.15 -27.27 14.80
C TYR B 41 4.99 -27.49 15.76
N LEU B 42 3.76 -27.32 15.26
CA LEU B 42 2.55 -27.54 16.03
C LEU B 42 1.71 -28.60 15.35
N ARG B 43 0.98 -29.37 16.16
CA ARG B 43 0.03 -30.36 15.66
C ARG B 43 -1.38 -29.83 15.86
N VAL B 44 -2.15 -29.78 14.78
CA VAL B 44 -3.49 -29.20 14.79
C VAL B 44 -4.48 -30.31 14.50
N SER B 45 -5.28 -30.69 15.50
CA SER B 45 -6.24 -31.77 15.36
C SER B 45 -7.25 -31.70 16.49
N ASP B 46 -8.31 -32.50 16.34
CA ASP B 46 -9.24 -32.78 17.43
C ASP B 46 -9.11 -34.21 17.94
N ASN B 47 -8.19 -35.00 17.37
CA ASN B 47 -7.95 -36.37 17.78
C ASN B 47 -6.45 -36.61 17.75
N GLN B 48 -6.04 -37.84 18.08
CA GLN B 48 -4.65 -38.25 18.03
C GLN B 48 -4.37 -39.23 16.89
N ASP B 49 -5.15 -39.14 15.82
CA ASP B 49 -4.97 -39.99 14.65
C ASP B 49 -4.66 -39.20 13.39
N VAL B 50 -5.45 -38.18 13.07
CA VAL B 50 -5.30 -37.40 11.85
C VAL B 50 -5.13 -35.93 12.23
N ALA B 51 -4.09 -35.30 11.68
CA ALA B 51 -3.72 -33.93 12.05
C ALA B 51 -3.08 -33.22 10.87
N LEU B 52 -3.07 -31.88 10.95
CA LEU B 52 -2.16 -31.06 10.17
C LEU B 52 -1.01 -30.59 11.04
N LEU B 53 0.14 -30.39 10.42
CA LEU B 53 1.31 -29.83 11.07
C LEU B 53 1.58 -28.45 10.49
N ALA B 54 2.11 -27.55 11.32
CA ALA B 54 2.20 -26.15 10.92
C ALA B 54 3.52 -25.54 11.38
N ILE B 55 3.91 -24.47 10.70
CA ILE B 55 5.11 -23.69 11.00
C ILE B 55 4.68 -22.40 11.67
N ILE B 56 5.22 -22.12 12.85
CA ILE B 56 4.95 -20.86 13.52
C ILE B 56 5.69 -19.75 12.79
N ASP B 57 4.95 -18.82 12.21
CA ASP B 57 5.55 -17.68 11.52
C ASP B 57 5.64 -16.43 12.38
N ASN B 58 4.65 -16.19 13.24
CA ASN B 58 4.62 -15.00 14.06
C ASN B 58 3.84 -15.29 15.34
N PHE B 59 4.09 -14.47 16.36
CA PHE B 59 3.33 -14.57 17.61
C PHE B 59 3.29 -13.20 18.29
N SER B 60 2.36 -13.07 19.22
CA SER B 60 2.21 -11.84 19.98
C SER B 60 1.55 -12.16 21.31
N ILE B 61 2.23 -11.87 22.41
CA ILE B 61 1.74 -12.16 23.76
C ILE B 61 1.50 -10.82 24.44
N GLU B 62 0.26 -10.33 24.40
CA GLU B 62 -0.08 -9.05 24.99
C GLU B 62 -0.72 -9.26 26.35
N VAL B 63 -0.23 -8.54 27.36
CA VAL B 63 -0.79 -8.62 28.70
C VAL B 63 -1.32 -7.24 29.09
N LYS B 64 -2.35 -7.24 29.93
CA LYS B 64 -2.96 -6.01 30.42
C LYS B 64 -3.21 -6.14 31.91
N GLU B 65 -3.67 -5.04 32.52
CA GLU B 65 -3.83 -4.99 33.96
C GLU B 65 -4.99 -5.85 34.43
N SER B 66 -6.15 -5.75 33.78
CA SER B 66 -7.35 -6.42 34.23
C SER B 66 -7.68 -7.69 33.45
N GLN B 67 -7.60 -7.65 32.13
CA GLN B 67 -7.96 -8.81 31.33
C GLN B 67 -6.83 -9.83 31.34
N LYS B 68 -7.09 -10.99 30.75
CA LYS B 68 -6.15 -12.10 30.77
C LYS B 68 -5.08 -11.91 29.69
N GLN B 69 -4.12 -12.82 29.67
CA GLN B 69 -3.02 -12.75 28.71
C GLN B 69 -3.52 -13.09 27.31
N LYS B 70 -3.10 -12.29 26.34
CA LYS B 70 -3.54 -12.43 24.95
C LYS B 70 -2.36 -13.00 24.15
N TYR B 71 -2.23 -14.32 24.15
CA TYR B 71 -1.19 -15.02 23.41
C TYR B 71 -1.79 -15.50 22.10
N MET B 72 -1.33 -14.93 20.99
CA MET B 72 -1.73 -15.33 19.65
C MET B 72 -0.54 -15.93 18.92
N ILE B 73 -0.81 -16.94 18.11
CA ILE B 73 0.22 -17.61 17.31
C ILE B 73 -0.29 -17.70 15.88
N GLU B 74 0.50 -17.21 14.93
CA GLU B 74 0.17 -17.24 13.52
C GLU B 74 0.97 -18.36 12.87
N ALA B 75 0.27 -19.30 12.25
CA ALA B 75 0.92 -20.50 11.70
C ALA B 75 0.42 -20.77 10.29
N SER B 76 1.29 -21.39 9.49
CA SER B 76 0.98 -21.80 8.14
C SER B 76 1.07 -23.32 8.04
N PRO B 77 0.03 -24.00 7.56
CA PRO B 77 0.09 -25.47 7.49
C PRO B 77 1.01 -25.94 6.38
N ILE B 78 1.78 -26.98 6.67
CA ILE B 78 2.69 -27.55 5.69
C ILE B 78 2.20 -28.88 5.13
N GLY B 79 1.48 -29.67 5.91
CA GLY B 79 1.01 -30.95 5.42
C GLY B 79 -0.08 -31.60 6.25
N LEU B 80 -0.09 -32.92 6.31
CA LEU B 80 -1.15 -33.67 6.97
C LEU B 80 -0.56 -34.98 7.47
N VAL B 81 -0.90 -35.34 8.71
CA VAL B 81 -0.41 -36.56 9.34
C VAL B 81 -1.57 -37.54 9.43
N LYS B 82 -1.36 -38.76 8.94
CA LYS B 82 -2.37 -39.82 9.00
C LYS B 82 -1.71 -41.07 9.59
N ASN B 83 -2.01 -41.33 10.87
CA ASN B 83 -1.52 -42.52 11.60
C ASN B 83 0.00 -42.61 11.58
N GLY B 84 0.67 -41.49 11.78
CA GLY B 84 2.11 -41.44 11.79
C GLY B 84 2.76 -41.22 10.44
N LYS B 85 1.98 -41.17 9.36
CA LYS B 85 2.50 -40.93 8.03
C LYS B 85 2.17 -39.51 7.61
N PHE B 86 3.18 -38.77 7.18
CA PHE B 86 3.04 -37.36 6.83
C PHE B 86 2.84 -37.21 5.33
N TYR B 87 1.79 -36.49 4.95
CA TYR B 87 1.49 -36.20 3.56
C TYR B 87 1.58 -34.69 3.35
N ARG B 88 2.37 -34.28 2.35
CA ARG B 88 2.58 -32.87 2.11
C ARG B 88 1.36 -32.22 1.49
N GLY B 89 1.32 -30.89 1.57
CA GLY B 89 0.22 -30.13 1.02
C GLY B 89 -0.54 -29.35 2.07
N GLY B 90 -0.52 -28.03 1.98
CA GLY B 90 -1.25 -27.16 2.88
C GLY B 90 -2.68 -26.88 2.47
N ASP B 91 -3.18 -27.54 1.42
CA ASP B 91 -4.53 -27.31 0.94
C ASP B 91 -5.60 -27.96 1.82
N SER B 92 -5.21 -28.83 2.74
CA SER B 92 -6.18 -29.45 3.64
C SER B 92 -6.73 -28.42 4.61
N LEU B 93 -8.06 -28.35 4.71
CA LEU B 93 -8.71 -27.34 5.54
C LEU B 93 -9.03 -27.91 6.91
N ALA B 94 -8.63 -27.18 7.95
CA ALA B 94 -8.97 -27.52 9.33
C ALA B 94 -10.10 -26.60 9.77
N LEU B 95 -11.27 -27.17 10.03
CA LEU B 95 -12.42 -26.38 10.44
C LEU B 95 -12.22 -25.92 11.88
N PRO B 96 -12.29 -24.62 12.17
CA PRO B 96 -12.04 -24.15 13.53
C PRO B 96 -13.22 -24.44 14.43
N PRO B 97 -12.98 -24.63 15.74
CA PRO B 97 -11.67 -24.64 16.40
C PRO B 97 -11.07 -26.04 16.56
N LYS B 98 -9.77 -26.18 16.32
CA LYS B 98 -9.04 -27.41 16.54
C LYS B 98 -7.96 -27.15 17.59
N LYS B 99 -7.90 -28.02 18.59
CA LYS B 99 -6.94 -27.84 19.67
C LYS B 99 -5.52 -28.10 19.18
N VAL B 100 -4.57 -27.34 19.72
CA VAL B 100 -3.20 -27.31 19.22
C VAL B 100 -2.25 -27.72 20.33
N GLU B 101 -1.40 -28.70 20.03
CA GLU B 101 -0.29 -29.10 20.88
C GLU B 101 1.01 -28.89 20.13
N PRO B 102 2.13 -28.71 20.83
CA PRO B 102 3.44 -28.79 20.16
C PRO B 102 3.64 -30.18 19.58
N ALA B 103 4.29 -30.23 18.42
CA ALA B 103 4.50 -31.48 17.72
C ALA B 103 5.47 -32.36 18.49
N LYS B 104 5.22 -33.67 18.48
CA LYS B 104 6.09 -34.62 19.15
C LYS B 104 7.39 -34.78 18.37
N LEU B 105 8.31 -35.58 18.93
CA LEU B 105 9.59 -35.80 18.28
C LEU B 105 9.41 -36.60 16.99
N ASP B 106 8.67 -37.70 17.05
CA ASP B 106 8.51 -38.57 15.88
C ASP B 106 7.72 -37.90 14.76
N GLU B 107 6.82 -36.97 15.10
CA GLU B 107 6.13 -36.19 14.07
C GLU B 107 7.12 -35.28 13.33
N ILE B 108 8.08 -34.72 14.07
CA ILE B 108 9.09 -33.87 13.46
C ILE B 108 10.02 -34.69 12.56
N ILE B 109 10.32 -35.93 12.98
CA ILE B 109 10.97 -36.90 12.09
C ILE B 109 10.11 -37.13 10.85
N SER B 110 8.80 -37.30 11.06
CA SER B 110 7.89 -37.74 10.00
C SER B 110 7.78 -36.72 8.87
N ILE B 111 8.03 -35.44 9.16
CA ILE B 111 7.90 -34.39 8.15
C ILE B 111 8.93 -34.58 7.05
N TYR B 112 10.18 -34.85 7.43
CA TYR B 112 11.28 -34.90 6.48
C TYR B 112 11.63 -36.31 6.06
N SER B 113 10.83 -37.30 6.44
CA SER B 113 11.16 -38.70 6.18
C SER B 113 10.16 -39.43 5.31
N ASP B 114 8.85 -39.27 5.54
CA ASP B 114 7.88 -40.07 4.82
C ASP B 114 7.62 -39.58 3.40
N SER B 115 8.08 -38.39 3.03
CA SER B 115 8.03 -37.98 1.63
C SER B 115 9.02 -38.76 0.77
N ILE B 116 9.99 -39.41 1.40
CA ILE B 116 10.97 -40.27 0.74
C ILE B 116 10.67 -41.71 1.13
N ASP B 117 10.83 -42.63 0.19
CA ASP B 117 10.68 -44.04 0.51
C ASP B 117 11.82 -44.50 1.40
N ILE B 118 11.64 -45.68 2.01
CA ILE B 118 12.53 -46.14 3.08
C ILE B 118 13.93 -46.41 2.55
N ASN B 119 14.05 -46.95 1.34
CA ASN B 119 15.35 -47.29 0.78
C ASN B 119 16.04 -46.13 0.06
N ASP B 120 15.36 -45.00 -0.10
CA ASP B 120 15.95 -43.86 -0.80
C ASP B 120 16.39 -42.75 0.15
N ARG B 121 16.39 -42.99 1.45
CA ARG B 121 16.84 -41.98 2.41
C ARG B 121 18.35 -41.87 2.38
N PHE B 122 18.85 -40.63 2.30
CA PHE B 122 20.28 -40.34 2.32
C PHE B 122 20.46 -39.16 3.27
N THR B 123 20.67 -39.46 4.55
CA THR B 123 20.76 -38.42 5.56
C THR B 123 22.21 -37.98 5.74
N PHE B 124 22.44 -36.67 5.70
CA PHE B 124 23.75 -36.11 5.96
C PHE B 124 23.67 -34.81 6.75
N SER B 125 22.50 -34.47 7.30
CA SER B 125 22.33 -33.20 7.99
C SER B 125 21.21 -33.32 9.02
N SER B 126 21.19 -32.36 9.93
CA SER B 126 20.14 -32.23 10.93
C SER B 126 19.54 -30.84 10.84
N LEU B 127 18.34 -30.68 11.38
CA LEU B 127 17.72 -29.36 11.39
C LEU B 127 18.44 -28.44 12.37
N SER B 128 18.43 -27.14 12.06
CA SER B 128 19.07 -26.17 12.93
C SER B 128 18.26 -25.94 14.20
N LEU B 129 16.93 -25.92 14.07
CA LEU B 129 16.08 -25.63 15.23
C LEU B 129 16.05 -26.81 16.19
N ASN B 130 16.08 -28.03 15.68
CA ASN B 130 16.06 -29.23 16.50
C ASN B 130 17.22 -30.13 16.08
N THR B 131 18.13 -30.39 17.02
CA THR B 131 19.32 -31.18 16.70
C THR B 131 19.00 -32.66 16.59
N LYS B 132 18.08 -33.15 17.40
CA LYS B 132 17.82 -34.59 17.49
C LYS B 132 17.00 -35.12 16.32
N VAL B 133 16.47 -34.26 15.46
CA VAL B 133 15.88 -34.70 14.20
C VAL B 133 16.94 -34.70 13.11
N SER B 134 16.91 -35.73 12.27
CA SER B 134 17.73 -35.79 11.07
C SER B 134 16.88 -35.38 9.87
N VAL B 135 17.54 -34.78 8.88
CA VAL B 135 16.84 -34.41 7.66
C VAL B 135 17.39 -35.29 6.55
N PRO B 136 16.66 -36.32 6.12
CA PRO B 136 17.09 -37.10 4.97
C PRO B 136 16.50 -36.57 3.68
N VAL B 137 17.30 -36.65 2.61
CA VAL B 137 16.86 -36.27 1.28
C VAL B 137 16.67 -37.54 0.47
N ASN B 138 15.94 -37.41 -0.63
CA ASN B 138 15.73 -38.53 -1.56
C ASN B 138 17.04 -38.76 -2.30
N GLY B 139 17.84 -39.70 -1.80
CA GLY B 139 19.18 -39.92 -2.35
C GLY B 139 19.18 -40.41 -3.79
N ASN B 140 18.11 -41.09 -4.20
CA ASN B 140 17.93 -41.38 -5.62
C ASN B 140 17.74 -40.10 -6.42
N ARG B 141 16.96 -39.16 -5.88
CA ARG B 141 16.66 -37.90 -6.54
C ARG B 141 17.70 -36.82 -6.21
N PHE B 142 18.46 -36.99 -5.12
CA PHE B 142 19.47 -36.02 -4.72
C PHE B 142 20.58 -35.91 -5.76
N PHE B 143 21.00 -37.04 -6.33
CA PHE B 143 22.22 -37.08 -7.14
C PHE B 143 21.97 -37.07 -8.64
N ASN B 144 20.91 -37.72 -9.13
CA ASN B 144 20.68 -37.75 -10.57
C ASN B 144 20.32 -36.35 -11.10
N LYS B 145 19.48 -35.62 -10.36
CA LYS B 145 19.32 -34.20 -10.62
C LYS B 145 20.51 -33.47 -10.02
N HIS B 146 21.00 -32.46 -10.75
CA HIS B 146 22.28 -31.85 -10.43
C HIS B 146 22.20 -31.04 -9.13
N ILE B 147 23.34 -30.92 -8.46
CA ILE B 147 23.45 -30.27 -7.16
C ILE B 147 24.27 -29.01 -7.33
N ALA B 148 23.78 -27.89 -6.78
CA ALA B 148 24.49 -26.63 -6.77
C ALA B 148 24.64 -26.18 -5.32
N ILE B 149 25.88 -26.02 -4.88
CA ILE B 149 26.18 -25.59 -3.52
C ILE B 149 26.87 -24.24 -3.60
N VAL B 150 26.26 -23.23 -2.96
CA VAL B 150 26.75 -21.86 -3.04
C VAL B 150 26.77 -21.24 -1.65
N GLY B 151 27.57 -20.20 -1.51
CA GLY B 151 27.68 -19.47 -0.26
C GLY B 151 28.95 -18.66 -0.23
N SER B 152 29.03 -17.77 0.77
CA SER B 152 30.17 -16.88 0.90
C SER B 152 31.44 -17.65 1.27
N THR B 153 32.57 -16.95 1.23
CA THR B 153 33.84 -17.58 1.52
C THR B 153 33.93 -17.97 2.99
N GLY B 154 34.43 -19.17 3.25
CA GLY B 154 34.53 -19.68 4.61
C GLY B 154 33.24 -20.11 5.25
N SER B 155 32.16 -20.26 4.47
CA SER B 155 30.87 -20.62 5.05
C SER B 155 30.73 -22.11 5.31
N GLY B 156 31.49 -22.95 4.60
CA GLY B 156 31.41 -24.38 4.83
C GLY B 156 30.97 -25.20 3.64
N LYS B 157 31.27 -24.72 2.42
CA LYS B 157 30.91 -25.47 1.22
C LYS B 157 31.75 -26.72 1.07
N SER B 158 33.07 -26.60 1.26
CA SER B 158 33.98 -27.72 1.01
C SER B 158 33.78 -28.84 2.01
N HIS B 159 33.47 -28.52 3.26
CA HIS B 159 33.17 -29.55 4.25
C HIS B 159 31.86 -30.25 3.93
N THR B 160 30.87 -29.50 3.44
CA THR B 160 29.59 -30.09 3.09
C THR B 160 29.70 -30.95 1.83
N VAL B 161 30.50 -30.51 0.85
CA VAL B 161 30.75 -31.32 -0.34
C VAL B 161 31.42 -32.63 0.05
N ALA B 162 32.41 -32.57 0.93
CA ALA B 162 33.08 -33.78 1.39
C ALA B 162 32.15 -34.67 2.21
N LYS B 163 31.30 -34.06 3.06
CA LYS B 163 30.41 -34.85 3.91
C LYS B 163 29.35 -35.57 3.11
N ILE B 164 28.93 -35.01 1.96
CA ILE B 164 28.01 -35.71 1.08
C ILE B 164 28.67 -36.96 0.50
N LEU B 165 29.93 -36.86 0.10
CA LEU B 165 30.61 -37.98 -0.54
C LEU B 165 31.03 -39.06 0.45
N GLN B 166 31.39 -38.68 1.68
CA GLN B 166 31.73 -39.69 2.68
C GLN B 166 30.52 -40.56 3.04
N LYS B 167 29.34 -39.95 3.14
CA LYS B 167 28.12 -40.73 3.34
C LYS B 167 27.72 -41.47 2.07
N ALA B 168 28.15 -41.01 0.90
CA ALA B 168 27.84 -41.72 -0.33
C ALA B 168 28.69 -42.98 -0.47
N VAL B 169 29.96 -42.92 -0.07
CA VAL B 169 30.82 -44.09 -0.14
C VAL B 169 30.41 -45.13 0.89
N ASP B 170 30.07 -44.68 2.11
CA ASP B 170 29.68 -45.60 3.17
C ASP B 170 28.28 -46.17 2.99
N GLU B 171 27.57 -45.63 2.02
CA GLU B 171 26.17 -45.98 1.71
C GLU B 171 26.11 -47.36 1.05
N LYS B 172 26.57 -48.40 1.74
CA LYS B 172 26.59 -49.75 1.12
C LYS B 172 25.36 -50.58 1.49
N GLN B 173 25.04 -51.56 0.64
CA GLN B 173 23.95 -52.53 0.88
C GLN B 173 24.45 -53.62 1.81
N GLU B 174 23.58 -54.39 2.44
CA GLU B 174 24.16 -55.45 3.30
C GLU B 174 24.52 -56.66 2.44
N GLY B 175 25.36 -57.54 2.97
CA GLY B 175 25.81 -58.73 2.23
C GLY B 175 27.23 -58.59 1.68
N TYR B 176 27.85 -57.42 1.78
CA TYR B 176 29.25 -57.40 1.29
C TYR B 176 30.15 -56.41 2.02
N LYS B 177 31.42 -56.80 2.13
CA LYS B 177 32.49 -55.96 2.71
C LYS B 177 33.40 -55.64 1.53
N GLY B 178 33.65 -54.37 1.32
CA GLY B 178 34.44 -53.87 0.19
C GLY B 178 33.89 -52.52 -0.22
N LEU B 179 34.50 -51.87 -1.19
CA LEU B 179 33.92 -50.54 -1.51
C LEU B 179 32.65 -50.72 -2.34
N ASN B 180 31.76 -49.74 -2.29
CA ASN B 180 30.53 -49.86 -3.07
C ASN B 180 30.74 -49.27 -4.47
N ASN B 181 29.65 -49.05 -5.19
CA ASN B 181 29.65 -48.70 -6.61
C ASN B 181 29.65 -47.16 -6.81
N SER B 182 30.03 -46.40 -5.78
CA SER B 182 30.11 -44.95 -5.92
C SER B 182 31.23 -44.55 -6.87
N HIS B 183 30.96 -43.54 -7.70
CA HIS B 183 31.93 -43.07 -8.69
C HIS B 183 31.85 -41.54 -8.68
N ILE B 184 32.78 -40.89 -7.98
CA ILE B 184 32.79 -39.44 -7.84
C ILE B 184 34.13 -38.92 -8.33
N ILE B 185 34.07 -37.91 -9.19
CA ILE B 185 35.25 -37.24 -9.73
C ILE B 185 35.26 -35.80 -9.23
N ILE B 186 36.37 -35.38 -8.64
CA ILE B 186 36.47 -34.06 -8.03
C ILE B 186 37.52 -33.25 -8.79
N PHE B 187 37.14 -32.07 -9.25
CA PHE B 187 38.08 -31.10 -9.80
C PHE B 187 38.50 -30.19 -8.66
N ASP B 188 39.60 -30.56 -8.01
CA ASP B 188 40.07 -29.92 -6.79
C ASP B 188 41.20 -28.95 -7.14
N ILE B 189 41.05 -27.69 -6.76
CA ILE B 189 41.97 -26.64 -7.16
C ILE B 189 42.67 -25.99 -5.98
N HIS B 190 42.61 -26.59 -4.79
CA HIS B 190 43.33 -26.05 -3.65
C HIS B 190 43.95 -27.12 -2.76
N SER B 191 44.01 -28.38 -3.22
CA SER B 191 44.60 -29.50 -2.47
C SER B 191 43.94 -29.68 -1.11
N GLU B 192 42.62 -29.80 -1.12
CA GLU B 192 41.84 -29.94 0.11
C GLU B 192 41.33 -31.36 0.32
N TYR B 193 40.88 -32.04 -0.73
CA TYR B 193 40.19 -33.31 -0.59
C TYR B 193 41.14 -34.50 -0.45
N GLU B 194 42.45 -34.28 -0.48
CA GLU B 194 43.39 -35.34 -0.17
C GLU B 194 43.22 -35.81 1.27
N ASN B 195 43.07 -34.86 2.20
CA ASN B 195 42.90 -35.21 3.61
C ASN B 195 41.51 -35.79 3.87
N ALA B 196 40.49 -35.31 3.16
CA ALA B 196 39.12 -35.76 3.42
C ALA B 196 38.94 -37.22 3.00
N PHE B 197 39.56 -37.63 1.90
CA PHE B 197 39.50 -39.01 1.42
C PHE B 197 40.90 -39.60 1.40
N PRO B 198 41.31 -40.32 2.45
CA PRO B 198 42.68 -40.86 2.45
C PRO B 198 42.85 -42.07 1.53
N ASN B 199 41.83 -42.92 1.44
CA ASN B 199 41.89 -44.09 0.55
C ASN B 199 41.28 -43.74 -0.82
N SER B 200 41.93 -42.78 -1.48
CA SER B 200 41.47 -42.26 -2.76
C SER B 200 42.63 -42.18 -3.73
N ASN B 201 42.30 -42.07 -5.01
CA ASN B 201 43.29 -41.94 -6.07
C ASN B 201 43.41 -40.47 -6.46
N VAL B 202 44.64 -39.95 -6.41
CA VAL B 202 44.92 -38.54 -6.63
C VAL B 202 45.77 -38.42 -7.88
N LEU B 203 45.33 -37.57 -8.82
CA LEU B 203 45.96 -37.45 -10.14
C LEU B 203 46.30 -35.98 -10.41
N ASN B 204 47.50 -35.56 -10.04
CA ASN B 204 47.96 -34.25 -10.44
C ASN B 204 48.41 -34.28 -11.90
N VAL B 205 48.73 -33.10 -12.44
CA VAL B 205 49.01 -32.95 -13.86
C VAL B 205 50.30 -33.68 -14.25
N ASP B 206 51.29 -33.69 -13.36
CA ASP B 206 52.60 -34.24 -13.68
C ASP B 206 52.57 -35.76 -13.90
N THR B 207 51.62 -36.46 -13.27
CA THR B 207 51.47 -37.89 -13.49
C THR B 207 50.22 -38.28 -14.26
N LEU B 208 49.31 -37.35 -14.53
CA LEU B 208 48.14 -37.64 -15.33
C LEU B 208 48.53 -37.69 -16.81
N THR B 209 48.09 -38.73 -17.51
CA THR B 209 48.33 -38.88 -18.94
C THR B 209 47.00 -38.92 -19.66
N LEU B 210 46.69 -37.87 -20.40
CA LEU B 210 45.47 -37.77 -21.19
C LEU B 210 45.86 -37.73 -22.66
N PRO B 211 45.68 -38.82 -23.41
CA PRO B 211 46.19 -38.88 -24.79
C PRO B 211 45.52 -37.86 -25.69
N TYR B 212 46.32 -37.29 -26.61
CA TYR B 212 45.83 -36.29 -27.53
C TYR B 212 44.95 -36.87 -28.63
N TRP B 213 45.00 -38.19 -28.83
CA TRP B 213 44.22 -38.83 -29.88
C TRP B 213 42.83 -39.22 -29.41
N LEU B 214 42.48 -38.91 -28.17
CA LEU B 214 41.13 -39.14 -27.65
C LEU B 214 40.18 -38.02 -28.02
N LEU B 215 40.65 -36.97 -28.68
CA LEU B 215 39.83 -35.79 -28.94
C LEU B 215 38.93 -36.06 -30.13
N ASN B 216 37.74 -35.45 -30.10
CA ASN B 216 36.69 -35.72 -31.07
C ASN B 216 36.66 -34.69 -32.20
N GLY B 217 37.83 -34.16 -32.60
CA GLY B 217 37.89 -33.24 -33.72
C GLY B 217 37.57 -31.80 -33.37
N ASP B 218 36.54 -31.60 -32.54
CA ASP B 218 36.17 -30.24 -32.14
C ASP B 218 37.25 -29.60 -31.28
N GLU B 219 37.81 -30.34 -30.33
CA GLU B 219 38.94 -29.85 -29.54
C GLU B 219 40.29 -30.25 -30.13
N LEU B 220 40.31 -31.13 -31.13
CA LEU B 220 41.51 -31.30 -31.94
C LEU B 220 41.79 -30.05 -32.76
N GLU B 221 40.74 -29.29 -33.08
CA GLU B 221 40.88 -28.04 -33.83
C GLU B 221 41.34 -26.90 -32.92
N GLU B 222 40.64 -26.68 -31.80
CA GLU B 222 40.91 -25.51 -30.98
C GLU B 222 42.25 -25.61 -30.26
N LEU B 223 42.75 -26.82 -30.01
CA LEU B 223 44.05 -26.95 -29.36
C LEU B 223 45.17 -26.57 -30.32
N PHE B 224 45.32 -27.34 -31.40
CA PHE B 224 46.48 -27.20 -32.28
C PHE B 224 46.43 -25.95 -33.15
N LEU B 225 45.26 -25.64 -33.70
CA LEU B 225 45.13 -24.49 -34.59
C LEU B 225 45.03 -23.22 -33.76
N ASP B 226 45.99 -22.31 -33.94
CA ASP B 226 45.94 -21.00 -33.33
C ASP B 226 45.28 -19.97 -34.23
N THR B 227 45.08 -20.28 -35.50
CA THR B 227 44.40 -19.42 -36.45
C THR B 227 42.94 -19.87 -36.54
N GLU B 228 42.02 -18.91 -36.58
CA GLU B 228 40.61 -19.23 -36.41
C GLU B 228 39.74 -19.10 -37.64
N ALA B 229 40.11 -18.26 -38.62
CA ALA B 229 39.17 -17.88 -39.66
C ALA B 229 39.55 -18.38 -41.06
N ASN B 230 40.63 -17.88 -41.63
CA ASN B 230 40.95 -18.13 -43.04
C ASN B 230 42.11 -19.10 -43.16
N ASP B 231 41.90 -20.35 -42.78
CA ASP B 231 42.98 -21.34 -42.78
C ASP B 231 42.50 -22.65 -43.40
N HIS B 232 41.76 -22.57 -44.52
CA HIS B 232 41.06 -23.75 -45.01
C HIS B 232 42.02 -24.81 -45.57
N ASN B 233 43.11 -24.39 -46.23
CA ASN B 233 44.12 -25.36 -46.66
C ASN B 233 44.89 -25.92 -45.47
N GLN B 234 45.25 -25.07 -44.50
CA GLN B 234 45.91 -25.54 -43.30
C GLN B 234 45.00 -26.42 -42.47
N ARG B 235 43.70 -26.10 -42.43
CA ARG B 235 42.75 -26.97 -41.73
C ARG B 235 42.64 -28.32 -42.42
N ASN B 236 42.59 -28.33 -43.75
CA ASN B 236 42.36 -29.56 -44.51
C ASN B 236 43.53 -30.53 -44.37
N VAL B 237 44.76 -30.01 -44.42
CA VAL B 237 45.92 -30.89 -44.31
C VAL B 237 46.08 -31.42 -42.89
N PHE B 238 45.47 -30.75 -41.91
CA PHE B 238 45.52 -31.21 -40.53
C PHE B 238 44.67 -32.45 -40.31
N ARG B 239 43.43 -32.46 -40.83
CA ARG B 239 42.57 -33.61 -40.64
C ARG B 239 42.96 -34.77 -41.54
N GLN B 240 43.46 -34.49 -42.75
CA GLN B 240 43.83 -35.55 -43.68
C GLN B 240 45.02 -36.35 -43.15
N ALA B 241 45.99 -35.68 -42.53
CA ALA B 241 47.11 -36.37 -41.93
C ALA B 241 46.67 -37.23 -40.75
N ILE B 242 45.79 -36.70 -39.90
CA ILE B 242 45.37 -37.41 -38.70
C ILE B 242 44.48 -38.61 -39.06
N THR B 243 43.53 -38.41 -39.98
CA THR B 243 42.64 -39.51 -40.36
C THR B 243 43.40 -40.64 -41.05
N LEU B 244 44.40 -40.30 -41.85
CA LEU B 244 45.22 -41.32 -42.50
C LEU B 244 46.13 -42.01 -41.49
N ASN B 245 46.66 -41.26 -40.53
CA ASN B 245 47.54 -41.86 -39.52
C ASN B 245 46.76 -42.71 -38.52
N LYS B 246 45.50 -42.38 -38.27
CA LYS B 246 44.67 -43.23 -37.41
C LYS B 246 44.39 -44.57 -38.06
N LYS B 247 44.30 -44.60 -39.40
CA LYS B 247 44.04 -45.86 -40.09
C LYS B 247 45.26 -46.76 -40.08
N ILE B 248 46.46 -46.19 -40.06
CA ILE B 248 47.69 -46.99 -40.16
C ILE B 248 47.88 -47.82 -38.90
N HIS B 249 47.72 -47.21 -37.74
CA HIS B 249 48.00 -47.85 -36.46
C HIS B 249 46.87 -48.76 -36.00
N PHE B 250 45.99 -49.13 -36.93
CA PHE B 250 44.89 -50.05 -36.65
C PHE B 250 45.39 -51.48 -36.81
N GLN B 251 45.21 -52.30 -35.77
CA GLN B 251 45.75 -53.65 -35.75
C GLN B 251 44.66 -54.73 -35.80
N GLY B 252 43.48 -54.39 -36.31
CA GLY B 252 42.39 -55.34 -36.33
C GLY B 252 41.77 -55.60 -37.68
N ASP B 253 40.48 -55.92 -37.68
CA ASP B 253 39.75 -56.25 -38.89
C ASP B 253 39.54 -55.01 -39.76
N PRO B 254 39.58 -55.15 -41.08
CA PRO B 254 39.45 -53.96 -41.95
C PRO B 254 38.02 -53.44 -42.09
N ALA B 255 37.02 -54.12 -41.51
CA ALA B 255 35.65 -53.64 -41.60
C ALA B 255 35.47 -52.31 -40.87
N THR B 256 36.01 -52.20 -39.66
CA THR B 256 35.98 -50.96 -38.89
C THR B 256 37.22 -50.10 -39.12
N LYS B 257 38.12 -50.51 -40.01
CA LYS B 257 39.17 -49.61 -40.49
C LYS B 257 38.59 -48.48 -41.32
N GLU B 258 37.56 -48.77 -42.13
CA GLU B 258 37.02 -47.79 -43.08
C GLU B 258 36.36 -46.62 -42.38
N ILE B 259 35.60 -46.88 -41.32
CA ILE B 259 34.73 -45.86 -40.73
C ILE B 259 35.51 -44.97 -39.75
N ILE B 260 36.84 -45.11 -39.74
CA ILE B 260 37.68 -44.18 -39.00
C ILE B 260 37.56 -42.79 -39.61
N SER B 261 37.29 -41.79 -38.78
CA SER B 261 37.18 -40.42 -39.25
C SER B 261 38.10 -39.52 -38.45
N PHE B 262 37.98 -38.20 -38.65
CA PHE B 262 38.79 -37.26 -37.90
C PHE B 262 38.40 -37.22 -36.43
N HIS B 263 37.11 -37.41 -36.13
CA HIS B 263 36.63 -37.38 -34.76
C HIS B 263 36.69 -38.74 -34.08
N SER B 264 37.01 -39.80 -34.81
CA SER B 264 37.04 -41.13 -34.22
C SER B 264 38.27 -41.27 -33.32
N PRO B 265 38.12 -41.78 -32.10
CA PRO B 265 39.24 -41.79 -31.13
C PRO B 265 40.16 -42.99 -31.29
N TYR B 266 41.01 -42.93 -32.30
CA TYR B 266 42.06 -43.93 -32.54
C TYR B 266 43.44 -43.30 -32.39
N TYR B 267 44.42 -44.16 -32.08
CA TYR B 267 45.77 -43.68 -31.83
C TYR B 267 46.45 -43.25 -33.12
N PHE B 268 47.05 -42.05 -33.09
CA PHE B 268 47.93 -41.59 -34.13
C PHE B 268 49.13 -40.93 -33.49
N ASP B 269 50.25 -40.93 -34.20
CA ASP B 269 51.51 -40.43 -33.67
C ASP B 269 51.65 -38.98 -34.13
N ILE B 270 51.86 -38.07 -33.17
CA ILE B 270 51.87 -36.64 -33.50
C ILE B 270 53.13 -36.24 -34.25
N ASN B 271 54.24 -36.97 -34.07
CA ASN B 271 55.47 -36.60 -34.75
C ASN B 271 55.42 -36.97 -36.23
N GLU B 272 54.71 -38.05 -36.56
CA GLU B 272 54.50 -38.40 -37.96
C GLU B 272 53.60 -37.38 -38.65
N VAL B 273 52.62 -36.83 -37.91
CA VAL B 273 51.71 -35.84 -38.47
C VAL B 273 52.46 -34.56 -38.83
N ILE B 274 53.39 -34.14 -37.98
CA ILE B 274 54.27 -33.01 -38.32
C ILE B 274 55.16 -33.37 -39.51
N ASN B 275 55.60 -34.62 -39.58
CA ASN B 275 56.44 -35.05 -40.70
C ASN B 275 55.66 -35.01 -42.00
N TYR B 276 54.37 -35.35 -41.97
CA TYR B 276 53.53 -35.27 -43.17
C TYR B 276 53.35 -33.82 -43.61
N ILE B 277 53.04 -32.94 -42.67
CA ILE B 277 52.78 -31.53 -43.00
C ILE B 277 54.07 -30.85 -43.43
N ASN B 278 55.19 -31.17 -42.78
CA ASN B 278 56.48 -30.64 -43.23
C ASN B 278 56.87 -31.19 -44.59
N ASN B 279 56.47 -32.43 -44.90
CA ASN B 279 56.67 -32.93 -46.25
C ASN B 279 55.77 -32.21 -47.25
N ARG B 280 54.50 -32.01 -46.90
CA ARG B 280 53.58 -31.31 -47.79
C ARG B 280 53.97 -29.85 -48.00
N ASN B 281 54.77 -29.28 -47.11
CA ASN B 281 55.38 -27.99 -47.33
C ASN B 281 56.50 -28.05 -48.37
N ASN B 282 57.00 -29.24 -48.69
CA ASN B 282 58.04 -29.43 -49.68
C ASN B 282 57.55 -30.22 -50.89
N GLU B 283 56.28 -30.04 -51.27
CA GLU B 283 55.71 -30.76 -52.39
C GLU B 283 56.31 -30.31 -53.71
N ARG B 284 56.38 -31.24 -54.66
CA ARG B 284 56.81 -30.94 -56.03
C ARG B 284 56.00 -31.78 -57.00
N LYS B 285 55.54 -31.17 -58.08
CA LYS B 285 54.69 -31.82 -59.07
C LYS B 285 55.31 -31.74 -60.46
N ASN B 286 54.86 -32.62 -61.34
CA ASN B 286 55.29 -32.65 -62.73
C ASN B 286 54.34 -31.82 -63.60
N LYS B 287 54.43 -32.02 -64.92
CA LYS B 287 53.54 -31.34 -65.86
C LYS B 287 52.09 -31.78 -65.69
N ASP B 288 51.87 -33.02 -65.25
CA ASP B 288 50.54 -33.58 -65.07
C ASP B 288 49.82 -33.05 -63.83
N ASN B 289 50.49 -32.22 -63.02
CA ASN B 289 50.01 -31.60 -61.77
C ASN B 289 49.85 -32.62 -60.66
N GLU B 290 50.42 -33.81 -60.81
CA GLU B 290 50.41 -34.84 -59.77
C GLU B 290 51.76 -34.86 -59.06
N HIS B 291 51.74 -34.84 -57.73
CA HIS B 291 52.95 -34.81 -56.93
C HIS B 291 53.59 -36.19 -56.91
N ILE B 292 54.89 -36.25 -57.21
CA ILE B 292 55.67 -37.48 -57.14
C ILE B 292 56.74 -37.30 -56.06
N TRP B 293 56.93 -38.33 -55.26
CA TRP B 293 57.94 -38.35 -54.22
C TRP B 293 58.97 -39.43 -54.52
N SER B 294 59.92 -39.58 -53.60
CA SER B 294 60.97 -40.59 -53.74
C SER B 294 61.44 -40.98 -52.35
N ASP B 295 61.26 -42.26 -52.01
CA ASP B 295 61.68 -42.82 -50.74
C ASP B 295 62.74 -43.89 -51.00
N GLU B 296 63.15 -44.60 -49.94
CA GLU B 296 64.25 -45.54 -50.03
C GLU B 296 63.91 -46.79 -50.85
N GLU B 297 62.64 -47.03 -51.17
CA GLU B 297 62.27 -48.13 -52.04
C GLU B 297 62.08 -47.71 -53.50
N GLY B 298 61.74 -46.46 -53.75
CA GLY B 298 61.61 -45.96 -55.10
C GLY B 298 60.66 -44.78 -55.17
N ASN B 299 60.57 -44.22 -56.37
CA ASN B 299 59.66 -43.10 -56.60
C ASN B 299 58.22 -43.57 -56.62
N PHE B 300 57.33 -42.75 -56.07
CA PHE B 300 55.91 -43.10 -56.00
C PHE B 300 55.04 -41.87 -56.21
N LYS B 301 53.88 -42.10 -56.81
CA LYS B 301 52.88 -41.05 -56.98
C LYS B 301 52.13 -40.82 -55.68
N PHE B 302 51.85 -39.56 -55.38
CA PHE B 302 51.11 -39.20 -54.17
C PHE B 302 49.62 -39.35 -54.45
N ASP B 303 49.04 -40.44 -53.94
CA ASP B 303 47.60 -40.67 -54.02
C ASP B 303 47.14 -41.21 -52.68
N ASN B 304 45.91 -41.74 -52.63
CA ASN B 304 45.30 -42.14 -51.37
C ASN B 304 46.05 -43.31 -50.73
N GLU B 305 46.48 -44.29 -51.51
CA GLU B 305 47.16 -45.44 -50.96
C GLU B 305 48.61 -45.14 -50.59
N ASN B 306 49.26 -44.23 -51.30
CA ASN B 306 50.67 -43.91 -51.06
C ASN B 306 50.86 -42.63 -50.26
N ALA B 307 49.79 -42.04 -49.72
CA ALA B 307 49.94 -40.88 -48.86
C ALA B 307 50.49 -41.24 -47.49
N HIS B 308 50.50 -42.52 -47.12
CA HIS B 308 51.02 -42.97 -45.85
C HIS B 308 52.54 -42.92 -45.77
N ARG B 309 53.21 -42.75 -46.90
CA ARG B 309 54.66 -42.77 -46.99
C ARG B 309 55.29 -41.39 -46.80
N LEU B 310 54.49 -40.36 -46.53
CA LEU B 310 55.00 -39.05 -46.19
C LEU B 310 55.17 -38.87 -44.67
N PHE B 311 54.83 -39.89 -43.88
CA PHE B 311 54.97 -39.82 -42.44
C PHE B 311 56.40 -40.02 -41.96
N LYS B 312 57.30 -40.48 -42.82
CA LYS B 312 58.71 -40.59 -42.47
C LYS B 312 59.50 -39.42 -43.05
N GLU B 313 60.57 -39.05 -42.33
CA GLU B 313 61.36 -37.88 -42.72
C GLU B 313 62.20 -38.15 -43.96
N ASN B 314 62.63 -39.40 -44.16
CA ASN B 314 63.60 -39.73 -45.20
C ASN B 314 62.96 -39.92 -46.57
N VAL B 315 62.20 -38.92 -46.99
CA VAL B 315 61.62 -38.86 -48.34
C VAL B 315 62.11 -37.59 -49.01
N THR B 316 62.28 -37.65 -50.34
CA THR B 316 62.70 -36.51 -51.13
C THR B 316 61.71 -36.26 -52.27
N PRO B 317 61.37 -35.00 -52.54
CA PRO B 317 60.46 -34.72 -53.66
C PRO B 317 61.18 -34.73 -55.00
N ASP B 318 60.53 -35.30 -56.00
CA ASP B 318 61.04 -35.35 -57.37
C ASP B 318 59.99 -34.71 -58.28
N GLY B 319 60.20 -33.44 -58.61
CA GLY B 319 59.26 -32.72 -59.46
C GLY B 319 59.91 -31.50 -60.06
N SER B 320 59.28 -31.00 -61.13
CA SER B 320 59.82 -29.86 -61.85
C SER B 320 59.35 -28.52 -61.29
N SER B 321 58.13 -28.47 -60.75
CA SER B 321 57.56 -27.24 -60.24
C SER B 321 57.20 -27.39 -58.76
N ALA B 322 57.04 -26.25 -58.10
CA ALA B 322 56.66 -26.25 -56.69
C ALA B 322 55.25 -26.77 -56.52
N GLY B 323 55.02 -27.49 -55.42
CA GLY B 323 53.75 -28.13 -55.18
C GLY B 323 52.66 -27.15 -54.80
N ALA B 324 51.47 -27.72 -54.55
CA ALA B 324 50.31 -26.91 -54.21
C ALA B 324 50.44 -26.27 -52.85
N LEU B 325 51.18 -26.90 -51.94
CA LEU B 325 51.36 -26.40 -50.58
C LEU B 325 52.83 -26.12 -50.29
N ASN B 326 53.61 -25.85 -51.33
CA ASN B 326 55.05 -25.64 -51.17
C ASN B 326 55.31 -24.24 -50.59
N GLY B 327 55.86 -24.21 -49.38
CA GLY B 327 56.13 -22.95 -48.72
C GLY B 327 54.94 -22.30 -48.06
N LYS B 328 53.78 -22.96 -48.02
CA LYS B 328 52.59 -22.42 -47.39
C LYS B 328 52.34 -22.97 -46.00
N LEU B 329 53.06 -24.00 -45.59
CA LEU B 329 52.85 -24.61 -44.29
C LEU B 329 54.02 -24.36 -43.34
N LEU B 330 54.91 -23.42 -43.67
CA LEU B 330 56.09 -23.18 -42.85
C LEU B 330 55.70 -22.66 -41.47
N ASN B 331 54.85 -21.63 -41.43
CA ASN B 331 54.39 -21.09 -40.16
C ASN B 331 53.46 -22.07 -39.45
N PHE B 332 52.77 -22.92 -40.22
CA PHE B 332 51.89 -23.93 -39.63
C PHE B 332 52.67 -24.96 -38.82
N VAL B 333 53.80 -25.42 -39.35
CA VAL B 333 54.65 -26.35 -38.62
C VAL B 333 55.24 -25.68 -37.38
N ASP B 334 55.61 -24.40 -37.51
CA ASP B 334 56.18 -23.65 -36.40
C ASP B 334 55.20 -23.54 -35.23
N ARG B 335 53.94 -23.21 -35.52
CA ARG B 335 52.93 -23.17 -34.47
C ARG B 335 52.58 -24.56 -33.96
N LEU B 336 52.64 -25.57 -34.84
CA LEU B 336 52.32 -26.93 -34.41
C LEU B 336 53.41 -27.50 -33.50
N GLN B 337 54.68 -27.25 -33.84
CA GLN B 337 55.80 -27.81 -33.07
C GLN B 337 55.94 -27.13 -31.72
N SER B 338 55.81 -25.80 -31.67
CA SER B 338 55.95 -25.02 -30.45
C SER B 338 54.93 -25.39 -29.37
N LYS B 339 53.84 -26.04 -29.77
CA LYS B 339 52.81 -26.45 -28.82
C LYS B 339 52.94 -27.90 -28.38
N ILE B 340 53.52 -28.76 -29.22
CA ILE B 340 53.83 -30.12 -28.80
C ILE B 340 54.94 -30.11 -27.76
N PHE B 341 55.98 -29.30 -27.99
CA PHE B 341 57.10 -29.18 -27.06
C PHE B 341 56.80 -28.26 -25.89
N ASP B 342 55.61 -27.68 -25.84
CA ASP B 342 55.19 -26.86 -24.71
C ASP B 342 54.92 -27.84 -23.56
N LYS B 343 55.69 -27.73 -22.49
CA LYS B 343 55.64 -28.69 -21.40
C LYS B 343 54.60 -28.36 -20.34
N ARG B 344 53.85 -27.27 -20.50
CA ARG B 344 52.59 -27.15 -19.78
C ARG B 344 51.61 -28.23 -20.26
N LEU B 345 51.63 -28.51 -21.56
CA LEU B 345 50.83 -29.57 -22.16
C LEU B 345 51.57 -30.90 -22.20
N ASP B 346 52.54 -31.10 -21.31
CA ASP B 346 53.25 -32.37 -21.22
C ASP B 346 52.34 -33.50 -20.75
N PHE B 347 51.27 -33.19 -20.03
CA PHE B 347 50.35 -34.22 -19.60
C PHE B 347 49.48 -34.73 -20.75
N ILE B 348 49.35 -33.97 -21.84
CA ILE B 348 48.51 -34.34 -22.96
C ILE B 348 49.33 -34.58 -24.23
N LEU B 349 50.36 -33.77 -24.48
CA LEU B 349 51.17 -33.87 -25.68
C LEU B 349 52.56 -34.43 -25.40
N GLY B 350 52.75 -35.08 -24.26
CA GLY B 350 54.03 -35.64 -23.92
C GLY B 350 54.27 -37.00 -24.53
N GLU B 351 55.41 -37.59 -24.19
CA GLU B 351 55.77 -38.92 -24.66
C GLU B 351 55.03 -40.03 -23.90
N GLY B 352 54.39 -39.71 -22.78
CA GLY B 352 53.60 -40.70 -22.06
C GLY B 352 52.29 -41.03 -22.74
N SER B 353 51.82 -40.17 -23.64
CA SER B 353 50.59 -40.45 -24.38
C SER B 353 50.79 -41.54 -25.44
N LYS B 354 52.04 -41.85 -25.79
CA LYS B 354 52.28 -42.92 -26.75
C LYS B 354 52.01 -44.29 -26.16
N SER B 355 52.44 -44.51 -24.91
CA SER B 355 52.34 -45.82 -24.27
C SER B 355 51.10 -45.98 -23.41
N VAL B 356 50.22 -44.99 -23.36
CA VAL B 356 48.97 -45.06 -22.61
C VAL B 356 47.84 -45.22 -23.61
N THR B 357 47.00 -46.24 -23.40
CA THR B 357 45.96 -46.60 -24.34
C THR B 357 44.62 -45.99 -23.94
N PHE B 358 43.59 -46.33 -24.73
CA PHE B 358 42.23 -45.89 -24.44
C PHE B 358 41.72 -46.51 -23.15
N LYS B 359 42.04 -47.79 -22.92
CA LYS B 359 41.57 -48.48 -21.72
C LYS B 359 42.20 -47.92 -20.45
N GLU B 360 43.50 -47.59 -20.51
CA GLU B 360 44.19 -47.11 -19.32
C GLU B 360 43.75 -45.70 -18.92
N THR B 361 43.35 -44.88 -19.90
CA THR B 361 42.91 -43.53 -19.59
C THR B 361 41.56 -43.54 -18.86
N LEU B 362 40.64 -44.40 -19.29
CA LEU B 362 39.34 -44.48 -18.64
C LEU B 362 39.43 -45.14 -17.28
N GLU B 363 40.37 -46.07 -17.10
CA GLU B 363 40.63 -46.59 -15.76
C GLU B 363 41.31 -45.57 -14.86
N THR B 364 41.92 -44.52 -15.45
CA THR B 364 42.58 -43.50 -14.65
C THR B 364 41.57 -42.48 -14.11
N LEU B 365 40.71 -41.95 -14.98
CA LEU B 365 39.81 -40.87 -14.59
C LEU B 365 38.65 -41.36 -13.72
N ILE B 366 38.24 -42.63 -13.88
CA ILE B 366 37.13 -43.18 -13.12
C ILE B 366 37.62 -44.03 -11.95
N SER B 367 38.92 -44.34 -11.91
CA SER B 367 39.57 -45.21 -10.93
C SER B 367 39.03 -46.64 -11.00
N TYR B 368 39.12 -47.21 -12.20
CA TYR B 368 38.90 -48.62 -12.45
C TYR B 368 40.20 -49.38 -12.69
N GLY B 369 41.34 -48.78 -12.41
CA GLY B 369 42.62 -49.42 -12.66
C GLY B 369 43.01 -50.43 -11.59
N LYS B 370 44.31 -50.50 -11.29
CA LYS B 370 44.78 -51.41 -10.24
C LYS B 370 44.29 -50.95 -8.87
N ASP B 371 44.29 -49.64 -8.63
CA ASP B 371 43.77 -49.07 -7.39
C ASP B 371 42.34 -48.60 -7.65
N LYS B 372 41.37 -49.45 -7.32
CA LYS B 372 39.97 -49.11 -7.51
C LYS B 372 39.50 -48.27 -6.33
N SER B 373 38.97 -47.07 -6.61
CA SER B 373 38.52 -46.16 -5.58
C SER B 373 37.25 -45.47 -6.03
N ASN B 374 36.39 -45.14 -5.06
CA ASN B 374 35.18 -44.40 -5.34
C ASN B 374 35.46 -42.92 -5.58
N ILE B 375 36.52 -42.38 -4.99
CA ILE B 375 36.82 -40.96 -5.02
C ILE B 375 38.00 -40.76 -5.97
N THR B 376 37.81 -39.90 -6.98
CA THR B 376 38.89 -39.52 -7.89
C THR B 376 39.13 -38.02 -7.76
N ILE B 377 40.37 -37.65 -7.47
CA ILE B 377 40.74 -36.26 -7.25
C ILE B 377 41.80 -35.88 -8.27
N LEU B 378 41.59 -34.77 -8.97
CA LEU B 378 42.56 -34.22 -9.89
C LEU B 378 43.09 -32.90 -9.35
N ASP B 379 44.41 -32.80 -9.25
CA ASP B 379 45.06 -31.59 -8.72
C ASP B 379 45.39 -30.67 -9.89
N VAL B 380 44.59 -29.62 -10.06
CA VAL B 380 44.82 -28.58 -11.03
C VAL B 380 44.94 -27.27 -10.27
N SER B 381 45.56 -27.35 -9.09
CA SER B 381 45.60 -26.27 -8.10
C SER B 381 46.28 -25.00 -8.62
N GLY B 382 47.57 -25.08 -8.93
CA GLY B 382 48.31 -23.88 -9.30
C GLY B 382 48.86 -23.89 -10.69
N VAL B 383 48.28 -24.72 -11.57
CA VAL B 383 48.62 -24.69 -12.99
C VAL B 383 48.01 -23.41 -13.57
N PRO B 384 48.53 -22.88 -14.67
CA PRO B 384 47.90 -21.72 -15.30
C PRO B 384 46.51 -22.05 -15.84
N PHE B 385 45.81 -21.00 -16.28
CA PHE B 385 44.43 -21.16 -16.73
C PHE B 385 44.32 -22.03 -17.98
N GLU B 386 45.20 -21.82 -18.97
CA GLU B 386 44.99 -22.46 -20.26
C GLU B 386 45.13 -23.97 -20.17
N VAL B 387 46.13 -24.46 -19.42
CA VAL B 387 46.24 -25.89 -19.18
C VAL B 387 45.08 -26.39 -18.32
N LEU B 388 44.61 -25.56 -17.39
CA LEU B 388 43.44 -25.91 -16.59
C LEU B 388 42.18 -25.95 -17.45
N SER B 389 42.08 -25.05 -18.43
CA SER B 389 40.89 -24.98 -19.27
C SER B 389 40.78 -26.21 -20.17
N ILE B 390 41.88 -26.65 -20.77
CA ILE B 390 41.86 -27.88 -21.56
C ILE B 390 41.62 -29.09 -20.68
N CYS B 391 42.16 -29.09 -19.46
CA CYS B 391 41.98 -30.21 -18.55
C CYS B 391 40.52 -30.39 -18.15
N VAL B 392 39.82 -29.28 -17.86
CA VAL B 392 38.41 -29.38 -17.51
C VAL B 392 37.56 -29.75 -18.72
N SER B 393 37.85 -29.13 -19.88
CA SER B 393 37.04 -29.36 -21.07
C SER B 393 37.23 -30.77 -21.62
N LEU B 394 38.44 -31.34 -21.54
CA LEU B 394 38.67 -32.70 -22.01
C LEU B 394 37.94 -33.72 -21.15
N ILE B 395 38.11 -33.65 -19.83
CA ILE B 395 37.60 -34.69 -18.96
C ILE B 395 36.07 -34.68 -18.91
N SER B 396 35.48 -33.48 -18.89
CA SER B 396 34.02 -33.36 -18.80
C SER B 396 33.33 -33.94 -20.02
N ARG B 397 33.88 -33.72 -21.21
CA ARG B 397 33.31 -34.33 -22.40
C ARG B 397 33.61 -35.82 -22.47
N LEU B 398 34.85 -36.20 -22.15
CA LEU B 398 35.27 -37.60 -22.25
C LEU B 398 34.56 -38.48 -21.21
N ILE B 399 34.17 -37.90 -20.07
CA ILE B 399 33.34 -38.65 -19.12
C ILE B 399 31.91 -38.69 -19.61
N PHE B 400 31.42 -37.61 -20.21
CA PHE B 400 30.10 -37.62 -20.83
C PHE B 400 30.07 -38.58 -22.00
N GLU B 401 31.05 -38.48 -22.90
CA GLU B 401 31.08 -39.35 -24.06
C GLU B 401 31.39 -40.79 -23.71
N PHE B 402 31.93 -41.03 -22.51
CA PHE B 402 31.88 -42.38 -21.94
C PHE B 402 30.43 -42.80 -21.72
N GLY B 403 29.65 -41.96 -21.04
CA GLY B 403 28.25 -42.28 -20.81
C GLY B 403 27.37 -42.11 -22.03
N TYR B 404 27.75 -41.19 -22.94
CA TYR B 404 27.01 -41.01 -24.18
C TYR B 404 27.08 -42.27 -25.04
N HIS B 405 28.16 -43.03 -24.93
CA HIS B 405 28.26 -44.34 -25.56
C HIS B 405 28.09 -45.49 -24.58
N SER B 406 27.83 -45.21 -23.30
CA SER B 406 27.44 -46.25 -22.35
C SER B 406 25.94 -46.49 -22.35
N LYS B 407 25.15 -45.62 -22.98
CA LYS B 407 23.72 -45.84 -23.09
C LYS B 407 23.35 -46.73 -24.27
N LYS B 408 23.96 -46.46 -25.44
CA LYS B 408 23.58 -47.20 -26.66
C LYS B 408 24.07 -48.65 -26.64
N ILE B 409 25.05 -48.99 -25.82
CA ILE B 409 25.31 -50.41 -25.57
C ILE B 409 24.19 -51.00 -24.72
N LYS B 410 23.75 -50.26 -23.70
CA LYS B 410 22.61 -50.72 -22.89
C LYS B 410 21.30 -50.60 -23.66
N ARG B 411 21.20 -49.63 -24.57
CA ARG B 411 19.99 -49.47 -25.38
C ARG B 411 19.81 -50.64 -26.35
N LYS B 412 20.91 -51.22 -26.82
CA LYS B 412 20.88 -52.34 -27.75
C LYS B 412 20.94 -53.70 -27.06
N SER B 413 21.13 -53.74 -25.74
CA SER B 413 21.25 -54.99 -25.02
C SER B 413 20.23 -55.17 -23.91
N ASN B 414 19.73 -54.08 -23.32
CA ASN B 414 18.66 -54.08 -22.31
C ASN B 414 19.03 -54.91 -21.07
N GLU B 415 20.07 -54.46 -20.38
CA GLU B 415 20.42 -54.98 -19.07
C GLU B 415 20.57 -53.83 -18.09
N ASN B 416 20.79 -54.16 -16.83
CA ASN B 416 20.95 -53.17 -15.76
C ASN B 416 22.28 -53.43 -15.07
N GLN B 417 23.36 -52.90 -15.67
CA GLN B 417 24.68 -52.94 -15.09
C GLN B 417 25.43 -51.63 -15.31
N ASP B 418 24.70 -50.53 -15.36
CA ASP B 418 25.29 -49.22 -15.57
C ASP B 418 26.08 -48.77 -14.35
N ILE B 419 26.90 -47.75 -14.53
CA ILE B 419 27.64 -47.12 -13.45
C ILE B 419 27.34 -45.62 -13.48
N PRO B 420 26.91 -45.04 -12.36
CA PRO B 420 26.65 -43.59 -12.34
C PRO B 420 27.87 -42.79 -11.91
N ILE B 421 28.16 -41.70 -12.61
CA ILE B 421 29.33 -40.88 -12.36
C ILE B 421 28.88 -39.50 -11.94
N LEU B 422 29.43 -39.01 -10.82
CA LEU B 422 29.15 -37.66 -10.34
C LEU B 422 30.44 -36.86 -10.39
N ILE B 423 30.37 -35.65 -10.97
CA ILE B 423 31.55 -34.80 -11.14
C ILE B 423 31.40 -33.60 -10.23
N VAL B 424 32.36 -33.42 -9.32
CA VAL B 424 32.35 -32.30 -8.40
C VAL B 424 33.14 -31.15 -9.01
N TYR B 425 32.46 -30.02 -9.22
CA TYR B 425 33.08 -28.82 -9.80
C TYR B 425 33.23 -27.80 -8.67
N GLU B 426 34.35 -27.86 -7.97
CA GLU B 426 34.64 -26.88 -6.93
C GLU B 426 35.08 -25.57 -7.56
N GLU B 427 34.40 -24.48 -7.17
CA GLU B 427 34.65 -23.12 -7.66
C GLU B 427 34.57 -23.06 -9.18
N ALA B 428 33.36 -23.31 -9.67
CA ALA B 428 33.09 -23.36 -11.11
C ALA B 428 33.19 -22.01 -11.79
N HIS B 429 33.34 -20.93 -11.03
CA HIS B 429 33.55 -19.61 -11.64
C HIS B 429 34.86 -19.55 -12.40
N LYS B 430 35.85 -20.37 -12.02
CA LYS B 430 37.15 -20.30 -12.68
C LYS B 430 37.12 -20.86 -14.09
N TYR B 431 36.19 -21.77 -14.39
CA TYR B 431 36.14 -22.35 -15.73
C TYR B 431 34.76 -22.35 -16.38
N ALA B 432 33.68 -22.17 -15.64
CA ALA B 432 32.34 -22.04 -16.21
C ALA B 432 31.63 -20.82 -15.64
N PRO B 433 32.07 -19.61 -16.01
CA PRO B 433 31.43 -18.41 -15.46
C PRO B 433 30.28 -17.90 -16.31
N LYS B 434 29.70 -16.78 -15.90
CA LYS B 434 28.67 -16.11 -16.69
C LYS B 434 29.24 -15.28 -17.83
N SER B 435 30.54 -15.00 -17.80
CA SER B 435 31.17 -14.19 -18.84
C SER B 435 31.23 -14.94 -20.16
N ASP B 436 31.08 -14.20 -21.26
CA ASP B 436 31.03 -14.78 -22.60
C ASP B 436 32.34 -14.64 -23.35
N LEU B 437 33.47 -14.66 -22.64
CA LEU B 437 34.77 -14.61 -23.30
C LEU B 437 35.07 -15.91 -24.03
N SER B 438 35.88 -15.81 -25.09
CA SER B 438 36.21 -16.98 -25.90
C SER B 438 37.17 -17.93 -25.20
N LYS B 439 37.91 -17.45 -24.20
CA LYS B 439 38.77 -18.32 -23.41
C LYS B 439 38.00 -19.12 -22.37
N TYR B 440 36.74 -18.77 -22.13
CA TYR B 440 35.83 -19.54 -21.28
C TYR B 440 34.84 -20.37 -22.10
N ARG B 441 35.05 -20.46 -23.42
CA ARG B 441 34.05 -21.06 -24.30
C ARG B 441 34.07 -22.59 -24.23
N THR B 442 35.24 -23.20 -24.42
CA THR B 442 35.31 -24.65 -24.56
C THR B 442 35.09 -25.39 -23.25
N SER B 443 35.21 -24.71 -22.11
CA SER B 443 34.91 -25.34 -20.83
C SER B 443 33.48 -25.15 -20.39
N LYS B 444 32.80 -24.12 -20.90
CA LYS B 444 31.40 -23.93 -20.57
C LYS B 444 30.51 -24.98 -21.22
N GLU B 445 30.76 -25.28 -22.50
CA GLU B 445 29.92 -26.24 -23.21
C GLU B 445 30.08 -27.65 -22.68
N ALA B 446 31.28 -28.00 -22.20
CA ALA B 446 31.50 -29.33 -21.63
C ALA B 446 30.72 -29.53 -20.34
N ILE B 447 30.54 -28.46 -19.56
CA ILE B 447 29.70 -28.54 -18.37
C ILE B 447 28.24 -28.20 -18.68
N GLU B 448 27.99 -27.44 -19.75
CA GLU B 448 26.63 -27.27 -20.25
C GLU B 448 26.04 -28.60 -20.72
N ARG B 449 26.85 -29.39 -21.42
CA ARG B 449 26.35 -30.63 -22.00
C ARG B 449 26.06 -31.68 -20.93
N ILE B 450 26.76 -31.60 -19.80
CA ILE B 450 26.43 -32.43 -18.64
C ILE B 450 25.22 -31.87 -17.90
N ALA B 451 24.99 -30.55 -17.99
CA ALA B 451 23.89 -29.92 -17.25
C ALA B 451 22.53 -30.36 -17.79
N LYS B 452 22.37 -30.43 -19.10
CA LYS B 452 21.08 -30.82 -19.69
C LYS B 452 21.05 -32.29 -20.09
N GLU B 453 21.99 -32.72 -20.93
CA GLU B 453 22.00 -34.07 -21.46
C GLU B 453 22.74 -35.06 -20.56
N GLY B 454 23.45 -34.58 -19.53
CA GLY B 454 24.16 -35.48 -18.63
C GLY B 454 23.26 -36.26 -17.70
N ARG B 455 22.04 -35.77 -17.44
CA ARG B 455 21.07 -36.54 -16.68
C ARG B 455 20.63 -37.81 -17.39
N LYS B 456 20.86 -37.89 -18.70
CA LYS B 456 20.43 -39.03 -19.50
C LYS B 456 21.43 -40.18 -19.49
N TYR B 457 22.70 -39.91 -19.20
CA TYR B 457 23.76 -40.91 -19.37
C TYR B 457 24.53 -41.19 -18.09
N GLY B 458 23.95 -40.88 -16.93
CA GLY B 458 24.56 -41.21 -15.66
C GLY B 458 25.73 -40.32 -15.28
N VAL B 459 25.93 -39.21 -15.97
CA VAL B 459 27.03 -38.29 -15.69
C VAL B 459 26.40 -37.04 -15.10
N THR B 460 26.47 -36.89 -13.78
CA THR B 460 25.90 -35.76 -13.10
C THR B 460 27.01 -34.85 -12.56
N LEU B 461 26.61 -33.61 -12.26
CA LEU B 461 27.57 -32.60 -11.84
C LEU B 461 27.17 -32.01 -10.49
N LEU B 462 28.18 -31.67 -9.70
CA LEU B 462 28.00 -31.01 -8.40
C LEU B 462 28.73 -29.67 -8.48
N LEU B 463 27.98 -28.59 -8.53
CA LEU B 463 28.55 -27.26 -8.68
C LEU B 463 28.77 -26.62 -7.31
N ALA B 464 30.03 -26.33 -7.00
CA ALA B 464 30.38 -25.50 -5.86
C ALA B 464 30.85 -24.16 -6.38
N SER B 465 30.37 -23.07 -5.77
CA SER B 465 30.78 -21.74 -6.17
C SER B 465 30.53 -20.77 -5.03
N GLN B 466 31.22 -19.62 -5.10
CA GLN B 466 31.04 -18.60 -4.06
C GLN B 466 29.84 -17.72 -4.35
N ARG B 467 29.60 -17.37 -5.61
CA ARG B 467 28.44 -16.56 -5.96
C ARG B 467 27.54 -17.31 -6.93
N PRO B 468 26.25 -17.46 -6.63
CA PRO B 468 25.33 -18.04 -7.62
C PRO B 468 25.23 -17.23 -8.90
N SER B 469 25.42 -15.91 -8.83
CA SER B 469 25.24 -15.04 -9.98
C SER B 469 26.47 -14.96 -10.88
N GLU B 470 27.56 -15.66 -10.55
CA GLU B 470 28.72 -15.71 -11.43
C GLU B 470 28.76 -16.91 -12.34
N ILE B 471 28.00 -17.95 -12.05
CA ILE B 471 27.93 -19.13 -12.91
C ILE B 471 26.89 -18.88 -13.99
N SER B 472 27.13 -19.41 -15.18
CA SER B 472 26.22 -19.21 -16.30
C SER B 472 24.86 -19.87 -16.03
N GLU B 473 23.80 -19.16 -16.41
CA GLU B 473 22.44 -19.64 -16.17
C GLU B 473 22.10 -20.88 -16.99
N THR B 474 22.82 -21.13 -18.08
CA THR B 474 22.59 -22.33 -18.86
C THR B 474 23.03 -23.59 -18.13
N ILE B 475 24.02 -23.47 -17.24
CA ILE B 475 24.50 -24.60 -16.45
C ILE B 475 23.86 -24.62 -15.07
N PHE B 476 23.81 -23.46 -14.41
CA PHE B 476 23.56 -23.40 -12.98
C PHE B 476 22.07 -23.51 -12.68
N SER B 477 21.20 -23.11 -13.60
CA SER B 477 19.77 -23.28 -13.39
C SER B 477 19.29 -24.69 -13.67
N GLN B 478 20.16 -25.56 -14.21
CA GLN B 478 19.82 -26.96 -14.45
C GLN B 478 19.93 -27.81 -13.20
N CYS B 479 20.47 -27.27 -12.10
CA CYS B 479 20.57 -28.02 -10.86
C CYS B 479 19.24 -27.97 -10.13
N ASN B 480 18.66 -29.13 -9.87
CA ASN B 480 17.38 -29.23 -9.18
C ASN B 480 17.54 -29.50 -7.70
N THR B 481 18.75 -29.39 -7.17
CA THR B 481 19.00 -29.48 -5.74
C THR B 481 19.95 -28.37 -5.34
N PHE B 482 19.57 -27.60 -4.32
CA PHE B 482 20.28 -26.40 -3.92
C PHE B 482 20.68 -26.52 -2.45
N ILE B 483 21.97 -26.33 -2.17
CA ILE B 483 22.46 -26.22 -0.79
C ILE B 483 23.12 -24.85 -0.66
N SER B 484 22.40 -23.90 -0.08
CA SER B 484 22.83 -22.51 -0.04
C SER B 484 23.37 -22.16 1.35
N MET B 485 24.59 -21.65 1.39
CA MET B 485 25.24 -21.22 2.62
C MET B 485 24.96 -19.73 2.83
N ARG B 486 25.73 -19.09 3.71
CA ARG B 486 25.62 -17.65 3.93
C ARG B 486 25.88 -16.88 2.64
N LEU B 487 24.98 -15.95 2.33
CA LEU B 487 25.14 -15.04 1.21
C LEU B 487 24.81 -13.64 1.70
N THR B 488 25.75 -12.71 1.51
CA THR B 488 25.55 -11.33 1.92
C THR B 488 25.39 -10.37 0.74
N ASN B 489 25.64 -10.83 -0.48
CA ASN B 489 25.54 -9.96 -1.64
C ASN B 489 24.06 -9.80 -2.02
N PRO B 490 23.59 -8.56 -2.25
CA PRO B 490 22.19 -8.38 -2.67
C PRO B 490 21.82 -9.10 -3.95
N ASP B 491 22.71 -9.12 -4.95
CA ASP B 491 22.42 -9.80 -6.20
C ASP B 491 22.41 -11.31 -6.00
N ASP B 492 23.32 -11.82 -5.15
CA ASP B 492 23.31 -13.24 -4.83
C ASP B 492 22.06 -13.63 -4.05
N GLN B 493 21.61 -12.76 -3.15
CA GLN B 493 20.34 -12.99 -2.46
C GLN B 493 19.16 -12.95 -3.42
N ASN B 494 19.19 -11.99 -4.36
CA ASN B 494 18.15 -11.91 -5.38
C ASN B 494 18.15 -13.11 -6.32
N TYR B 495 19.30 -13.78 -6.47
CA TYR B 495 19.33 -14.90 -7.41
C TYR B 495 18.64 -16.13 -6.80
N VAL B 496 18.83 -16.36 -5.51
CA VAL B 496 18.09 -17.41 -4.82
C VAL B 496 16.60 -17.06 -4.78
N LYS B 497 16.29 -15.76 -4.71
CA LYS B 497 14.91 -15.33 -4.44
C LYS B 497 13.97 -15.63 -5.60
N ARG B 498 14.34 -15.26 -6.84
CA ARG B 498 13.33 -15.33 -7.88
C ARG B 498 13.17 -16.75 -8.41
N LEU B 499 14.16 -17.61 -8.16
CA LEU B 499 14.04 -19.02 -8.50
C LEU B 499 13.00 -19.72 -7.63
N LEU B 500 12.89 -19.31 -6.35
CA LEU B 500 11.94 -19.79 -5.37
C LEU B 500 10.60 -19.08 -5.53
N PRO B 501 9.49 -19.75 -5.20
CA PRO B 501 8.19 -19.07 -5.18
C PRO B 501 8.03 -18.16 -3.97
N ASP B 502 6.88 -17.52 -3.84
CA ASP B 502 6.64 -16.59 -2.75
C ASP B 502 6.00 -17.24 -1.52
N THR B 503 5.57 -18.50 -1.62
CA THR B 503 4.95 -19.16 -0.48
C THR B 503 5.98 -19.49 0.59
N VAL B 504 7.12 -20.04 0.19
CA VAL B 504 8.19 -20.38 1.11
C VAL B 504 9.44 -19.53 0.85
N GLY B 505 9.26 -18.36 0.25
CA GLY B 505 10.36 -17.47 -0.04
C GLY B 505 10.85 -16.64 1.12
N ASP B 506 10.18 -16.73 2.27
CA ASP B 506 10.62 -16.02 3.47
C ASP B 506 11.78 -16.71 4.16
N ILE B 507 12.15 -17.92 3.74
CA ILE B 507 13.30 -18.61 4.33
C ILE B 507 14.63 -18.06 3.82
N THR B 508 14.59 -17.22 2.78
CA THR B 508 15.80 -16.59 2.26
C THR B 508 16.30 -15.48 3.19
N ASN B 509 15.43 -14.92 4.03
CA ASN B 509 15.82 -13.82 4.91
C ASN B 509 16.82 -14.24 5.99
N LEU B 510 16.95 -15.54 6.26
CA LEU B 510 17.94 -16.03 7.22
C LEU B 510 19.27 -16.39 6.58
N LEU B 511 19.42 -16.15 5.26
CA LEU B 511 20.70 -16.44 4.59
C LEU B 511 21.90 -15.67 5.14
N PRO B 512 21.89 -14.34 5.31
CA PRO B 512 23.12 -13.68 5.80
C PRO B 512 23.39 -13.92 7.28
N SER B 513 22.42 -14.44 8.04
CA SER B 513 22.62 -14.78 9.43
C SER B 513 23.17 -16.19 9.62
N LEU B 514 23.44 -16.90 8.53
CA LEU B 514 23.95 -18.27 8.62
C LEU B 514 25.43 -18.24 8.94
N LYS B 515 25.81 -18.88 10.05
CA LYS B 515 27.21 -18.98 10.42
C LYS B 515 27.83 -20.23 9.79
N GLU B 516 28.99 -20.63 10.27
CA GLU B 516 29.69 -21.79 9.73
C GLU B 516 28.92 -23.07 10.02
N GLY B 517 28.61 -23.81 8.96
CA GLY B 517 28.06 -25.15 9.13
C GLY B 517 26.67 -25.38 8.57
N GLU B 518 25.73 -24.46 8.82
CA GLU B 518 24.35 -24.69 8.46
C GLU B 518 24.01 -24.09 7.10
N ALA B 519 22.99 -24.66 6.47
CA ALA B 519 22.65 -24.33 5.09
C ALA B 519 21.18 -24.64 4.83
N LEU B 520 20.72 -24.26 3.64
CA LEU B 520 19.34 -24.48 3.20
C LEU B 520 19.35 -25.48 2.05
N ILE B 521 18.63 -26.59 2.22
CA ILE B 521 18.45 -27.56 1.14
C ILE B 521 17.05 -27.43 0.56
N MET B 522 16.97 -27.23 -0.75
CA MET B 522 15.71 -27.12 -1.45
C MET B 522 15.81 -27.85 -2.78
N GLY B 523 14.65 -28.24 -3.30
CA GLY B 523 14.57 -28.93 -4.57
C GLY B 523 13.61 -30.09 -4.47
N ASP B 524 13.62 -30.94 -5.50
CA ASP B 524 12.75 -32.10 -5.55
C ASP B 524 13.21 -33.24 -4.65
N SER B 525 14.46 -33.21 -4.18
CA SER B 525 14.99 -34.28 -3.35
C SER B 525 14.54 -34.18 -1.89
N ILE B 526 14.01 -33.04 -1.48
CA ILE B 526 13.60 -32.81 -0.10
C ILE B 526 12.11 -32.46 -0.09
N SER B 527 11.48 -32.67 1.06
CA SER B 527 10.05 -32.40 1.19
C SER B 527 9.79 -30.90 1.22
N ILE B 528 10.33 -30.20 2.22
CA ILE B 528 10.20 -28.76 2.33
C ILE B 528 11.59 -28.14 2.34
N PRO B 529 11.80 -27.01 1.66
CA PRO B 529 13.03 -26.24 1.88
C PRO B 529 13.14 -25.78 3.33
N SER B 530 14.28 -26.07 3.95
CA SER B 530 14.48 -25.77 5.36
C SER B 530 15.94 -25.42 5.59
N ILE B 531 16.19 -24.59 6.59
CA ILE B 531 17.55 -24.34 7.05
C ILE B 531 17.94 -25.55 7.88
N VAL B 532 19.04 -26.20 7.51
CA VAL B 532 19.50 -27.41 8.18
C VAL B 532 20.96 -27.24 8.57
N LYS B 533 21.38 -28.04 9.54
CA LYS B 533 22.74 -28.00 10.06
C LYS B 533 23.48 -29.19 9.47
N ILE B 534 24.45 -28.92 8.61
CA ILE B 534 25.21 -29.99 7.96
C ILE B 534 26.07 -30.70 8.99
N GLU B 535 26.10 -32.04 8.92
CA GLU B 535 26.87 -32.83 9.85
C GLU B 535 28.36 -32.53 9.73
N LYS B 536 29.02 -32.45 10.88
CA LYS B 536 30.44 -32.13 10.92
C LYS B 536 31.28 -33.25 10.33
N CYS B 537 32.28 -32.87 9.55
CA CYS B 537 33.20 -33.84 8.94
C CYS B 537 34.16 -34.33 10.01
N THR B 538 34.05 -35.62 10.38
CA THR B 538 35.02 -36.22 11.27
C THR B 538 36.41 -36.30 10.63
N ILE B 539 36.44 -36.48 9.31
CA ILE B 539 37.67 -36.40 8.53
C ILE B 539 37.53 -35.22 7.57
N PRO B 540 38.06 -34.06 7.92
CA PRO B 540 37.77 -32.85 7.16
C PRO B 540 38.77 -32.62 6.05
N PRO B 541 38.41 -31.82 5.04
CA PRO B 541 39.40 -31.40 4.04
C PRO B 541 40.42 -30.45 4.64
N SER B 542 41.58 -30.38 4.00
CA SER B 542 42.68 -29.53 4.45
C SER B 542 42.45 -28.09 3.98
N SER B 543 41.44 -27.47 4.60
CA SER B 543 41.07 -26.08 4.35
C SER B 543 40.79 -25.37 5.66
N ILE B 544 41.70 -25.54 6.62
CA ILE B 544 41.53 -24.96 7.94
C ILE B 544 41.68 -23.44 7.85
N ASP B 545 40.82 -22.72 8.58
CA ASP B 545 40.89 -21.27 8.61
C ASP B 545 42.15 -20.81 9.34
N ILE B 546 42.81 -19.80 8.77
CA ILE B 546 44.06 -19.30 9.33
C ILE B 546 43.74 -18.40 10.51
N LYS B 547 44.30 -18.71 11.67
CA LYS B 547 44.19 -17.83 12.83
C LYS B 547 45.08 -16.63 12.59
N TYR B 548 44.50 -15.56 12.06
CA TYR B 548 45.31 -14.45 11.54
C TYR B 548 45.96 -13.68 12.67
N LEU B 549 45.20 -13.41 13.74
CA LEU B 549 45.74 -12.65 14.87
C LEU B 549 46.72 -13.49 15.68
N ASP B 550 46.38 -14.76 15.95
CA ASP B 550 47.25 -15.62 16.74
C ASP B 550 48.56 -15.90 16.03
N GLU B 551 48.56 -15.89 14.70
CA GLU B 551 49.80 -16.02 13.94
C GLU B 551 50.54 -14.70 13.83
N TRP B 552 49.90 -13.57 14.15
CA TRP B 552 50.56 -12.27 14.12
C TRP B 552 51.16 -11.88 15.46
N ARG B 553 50.73 -12.49 16.57
CA ARG B 553 51.29 -12.17 17.88
C ARG B 553 52.66 -12.80 18.10
N LYS B 554 53.10 -13.69 17.21
CA LYS B 554 54.34 -14.43 17.40
C LYS B 554 55.54 -13.57 17.04
N GLU B 555 56.71 -14.21 17.01
CA GLU B 555 57.93 -13.60 16.50
C GLU B 555 57.80 -13.23 15.03
N TRP B 556 58.65 -12.31 14.59
CA TRP B 556 58.89 -12.16 13.16
C TRP B 556 59.62 -13.41 12.69
N VAL B 557 58.87 -14.35 12.11
CA VAL B 557 59.47 -15.62 11.71
C VAL B 557 60.29 -15.40 10.44
N ASP B 558 61.35 -16.19 10.29
CA ASP B 558 62.25 -16.09 9.15
C ASP B 558 61.76 -17.08 8.10
N SER B 559 60.98 -16.59 7.14
CA SER B 559 60.48 -17.43 6.08
C SER B 559 61.62 -17.84 5.15
N GLU B 560 61.76 -19.15 4.94
CA GLU B 560 62.80 -19.68 4.06
C GLU B 560 62.42 -19.35 2.63
N PHE B 561 62.96 -18.25 2.11
CA PHE B 561 62.53 -17.72 0.82
C PHE B 561 63.07 -18.53 -0.34
N ASP B 562 64.15 -19.31 -0.13
CA ASP B 562 64.70 -20.11 -1.21
C ASP B 562 63.82 -21.31 -1.52
N LYS B 563 63.21 -21.91 -0.50
CA LYS B 563 62.32 -23.05 -0.72
C LYS B 563 61.07 -22.65 -1.49
N ILE B 564 60.51 -21.48 -1.18
CA ILE B 564 59.30 -21.03 -1.86
C ILE B 564 59.60 -20.66 -3.30
N ILE B 565 60.72 -19.97 -3.54
CA ILE B 565 61.02 -19.43 -4.87
C ILE B 565 61.36 -20.56 -5.84
N GLU B 566 62.19 -21.51 -5.42
CA GLU B 566 62.61 -22.58 -6.32
C GLU B 566 61.50 -23.58 -6.62
N GLN B 567 60.41 -23.57 -5.85
CA GLN B 567 59.21 -24.32 -6.21
C GLN B 567 58.26 -23.47 -7.04
N TRP B 568 58.23 -22.16 -6.78
CA TRP B 568 57.51 -21.22 -7.63
C TRP B 568 58.03 -21.26 -9.07
N SER B 569 59.36 -21.27 -9.23
CA SER B 569 59.94 -21.27 -10.56
C SER B 569 59.71 -22.59 -11.28
N LYS B 570 59.71 -23.71 -10.55
CA LYS B 570 59.43 -25.00 -11.16
C LYS B 570 57.95 -25.17 -11.50
N SER B 571 57.07 -24.44 -10.82
CA SER B 571 55.64 -24.54 -11.08
C SER B 571 55.25 -23.82 -12.36
N ASN C 5 11.35 2.23 44.73
CA ASN C 5 11.91 1.86 43.44
C ASN C 5 12.01 3.07 42.53
N ASP C 6 13.21 3.28 41.95
CA ASP C 6 13.44 4.46 41.14
C ASP C 6 12.77 4.36 39.77
N ILE C 7 12.74 3.17 39.18
CA ILE C 7 12.12 2.95 37.89
C ILE C 7 11.27 1.68 37.97
N ASN C 8 10.03 1.77 37.50
CA ASN C 8 9.13 0.63 37.41
C ASN C 8 8.71 0.49 35.94
N ALA C 9 9.54 -0.21 35.17
CA ALA C 9 9.26 -0.49 33.77
C ALA C 9 8.93 -1.97 33.62
N GLU C 10 8.12 -2.29 32.61
CA GLU C 10 7.60 -3.64 32.49
C GLU C 10 7.24 -3.93 31.05
N VAL C 11 7.51 -5.15 30.61
CA VAL C 11 7.15 -5.58 29.26
C VAL C 11 5.65 -5.86 29.22
N VAL C 12 4.97 -5.26 28.25
CA VAL C 12 3.52 -5.44 28.12
C VAL C 12 3.12 -6.27 26.91
N SER C 13 3.98 -6.40 25.89
CA SER C 13 3.72 -7.32 24.79
C SER C 13 5.05 -7.79 24.22
N VAL C 14 5.02 -8.97 23.59
CA VAL C 14 6.24 -9.61 23.09
C VAL C 14 6.01 -10.01 21.64
N SER C 15 6.87 -9.53 20.77
CA SER C 15 6.95 -9.92 19.36
C SER C 15 8.11 -10.90 19.18
N PRO C 16 8.24 -11.51 18.01
CA PRO C 16 9.43 -12.37 17.77
C PRO C 16 10.76 -11.66 17.90
N ASN C 17 10.85 -10.38 17.56
CA ASN C 17 12.11 -9.65 17.66
C ASN C 17 11.91 -8.23 18.18
N LYS C 18 10.91 -8.02 19.03
CA LYS C 18 10.50 -6.66 19.37
C LYS C 18 9.73 -6.69 20.68
N LEU C 19 9.91 -5.65 21.49
CA LEU C 19 9.35 -5.60 22.84
C LEU C 19 8.69 -4.26 23.09
N LYS C 20 7.44 -4.29 23.56
CA LYS C 20 6.83 -3.11 24.15
C LYS C 20 7.10 -3.10 25.65
N ILE C 21 7.60 -1.97 26.15
CA ILE C 21 7.93 -1.80 27.56
C ILE C 21 7.23 -0.55 28.06
N SER C 22 6.44 -0.71 29.13
CA SER C 22 5.70 0.38 29.74
C SER C 22 6.38 0.77 31.05
N VAL C 23 6.75 2.04 31.16
CA VAL C 23 7.32 2.57 32.40
C VAL C 23 6.15 3.03 33.26
N ASP C 24 5.77 2.20 34.23
CA ASP C 24 4.60 2.51 35.05
C ASP C 24 4.90 3.62 36.05
N ASP C 25 6.11 3.64 36.60
CA ASP C 25 6.48 4.64 37.59
C ASP C 25 7.92 5.07 37.34
N LEU C 26 8.13 6.38 37.23
CA LEU C 26 9.46 6.97 37.07
C LEU C 26 9.64 8.02 38.15
N GLU C 27 10.64 7.83 39.00
CA GLU C 27 10.86 8.69 40.15
C GLU C 27 12.20 9.42 40.14
N GLU C 28 13.25 8.81 39.58
CA GLU C 28 14.58 9.43 39.64
C GLU C 28 14.68 10.63 38.72
N PHE C 29 14.05 10.55 37.54
CA PHE C 29 14.02 11.53 36.45
C PHE C 29 15.38 11.72 35.78
N LYS C 30 16.44 11.06 36.25
CA LYS C 30 17.72 11.04 35.57
C LYS C 30 17.93 9.76 34.77
N ILE C 31 17.21 8.70 35.12
CA ILE C 31 17.28 7.45 34.38
C ILE C 31 16.75 7.64 32.96
N ALA C 32 15.66 8.41 32.82
CA ALA C 32 15.07 8.64 31.51
C ALA C 32 15.97 9.47 30.62
N GLU C 33 16.82 10.31 31.20
CA GLU C 33 17.67 11.18 30.38
C GLU C 33 18.81 10.41 29.72
N GLU C 34 19.45 9.51 30.45
CA GLU C 34 20.61 8.79 29.94
C GLU C 34 20.38 7.29 29.75
N LYS C 35 19.73 6.63 30.70
CA LYS C 35 19.58 5.18 30.65
C LYS C 35 18.36 4.72 29.87
N LEU C 36 17.50 5.64 29.45
CA LEU C 36 16.33 5.32 28.64
C LEU C 36 16.37 6.08 27.33
N GLY C 37 17.54 6.14 26.71
CA GLY C 37 17.73 6.90 25.50
C GLY C 37 17.17 6.20 24.28
N VAL C 38 17.54 6.74 23.11
CA VAL C 38 17.08 6.18 21.84
C VAL C 38 17.67 4.80 21.61
N GLY C 39 18.97 4.65 21.85
CA GLY C 39 19.63 3.37 21.65
C GLY C 39 20.27 2.81 22.90
N SER C 40 19.62 2.98 24.05
CA SER C 40 20.16 2.52 25.32
C SER C 40 19.95 1.01 25.48
N TYR C 41 20.55 0.46 26.53
CA TYR C 41 20.49 -0.96 26.81
C TYR C 41 19.62 -1.21 28.04
N LEU C 42 18.81 -2.26 27.99
CA LEU C 42 17.91 -2.62 29.08
C LEU C 42 18.09 -4.08 29.44
N ARG C 43 17.83 -4.39 30.70
CA ARG C 43 17.85 -5.75 31.22
C ARG C 43 16.42 -6.17 31.53
N VAL C 44 15.98 -7.26 30.92
CA VAL C 44 14.60 -7.72 31.01
C VAL C 44 14.62 -9.10 31.66
N SER C 45 14.08 -9.18 32.88
CA SER C 45 14.10 -10.43 33.64
C SER C 45 13.11 -10.36 34.78
N ASP C 46 12.94 -11.51 35.44
CA ASP C 46 12.25 -11.60 36.72
C ASP C 46 13.20 -11.97 37.85
N ASN C 47 14.51 -12.00 37.58
CA ASN C 47 15.52 -12.35 38.57
C ASN C 47 16.85 -11.74 38.14
N GLN C 48 17.80 -11.71 39.07
CA GLN C 48 19.11 -11.13 38.80
C GLN C 48 20.14 -12.18 38.39
N ASP C 49 19.71 -13.36 37.94
CA ASP C 49 20.62 -14.39 37.45
C ASP C 49 20.57 -14.53 35.94
N VAL C 50 19.39 -14.76 35.38
CA VAL C 50 19.21 -14.94 33.95
C VAL C 50 18.31 -13.82 33.43
N ALA C 51 18.76 -13.14 32.38
CA ALA C 51 18.07 -11.95 31.89
C ALA C 51 18.09 -11.90 30.37
N LEU C 52 17.15 -11.14 29.83
CA LEU C 52 17.13 -10.79 28.42
C LEU C 52 17.64 -9.36 28.25
N LEU C 53 18.66 -9.19 27.42
CA LEU C 53 19.24 -7.88 27.17
C LEU C 53 18.68 -7.33 25.87
N ALA C 54 18.21 -6.09 25.91
CA ALA C 54 17.51 -5.48 24.79
C ALA C 54 18.06 -4.09 24.50
N ILE C 55 18.03 -3.73 23.21
CA ILE C 55 18.41 -2.41 22.74
C ILE C 55 17.14 -1.64 22.44
N ILE C 56 17.03 -0.43 23.01
CA ILE C 56 15.87 0.41 22.77
C ILE C 56 15.85 0.84 21.31
N ASP C 57 14.66 0.88 20.72
CA ASP C 57 14.46 1.34 19.36
C ASP C 57 13.61 2.61 19.27
N ASN C 58 12.63 2.78 20.15
CA ASN C 58 11.71 3.91 20.08
C ASN C 58 11.09 4.10 21.46
N PHE C 59 10.59 5.31 21.70
CA PHE C 59 9.86 5.58 22.93
C PHE C 59 8.82 6.67 22.66
N SER C 60 7.87 6.77 23.58
CA SER C 60 6.78 7.74 23.45
C SER C 60 6.21 8.01 24.83
N ILE C 61 6.20 9.29 25.24
CA ILE C 61 5.68 9.70 26.54
C ILE C 61 4.55 10.68 26.29
N GLU C 62 3.31 10.23 26.40
CA GLU C 62 2.15 11.08 26.22
C GLU C 62 1.46 11.31 27.57
N VAL C 63 1.11 12.56 27.85
CA VAL C 63 0.42 12.94 29.08
C VAL C 63 -0.91 13.58 28.70
N LYS C 64 -1.97 13.22 29.44
CA LYS C 64 -3.29 13.82 29.23
C LYS C 64 -3.88 14.20 30.59
N GLU C 65 -5.18 14.49 30.59
CA GLU C 65 -5.82 15.12 31.73
C GLU C 65 -5.99 14.17 32.91
N SER C 66 -6.83 13.14 32.74
CA SER C 66 -7.31 12.38 33.89
C SER C 66 -6.37 11.24 34.26
N GLN C 67 -6.02 10.40 33.30
CA GLN C 67 -5.23 9.21 33.58
C GLN C 67 -3.76 9.57 33.74
N LYS C 68 -2.98 8.57 34.15
CA LYS C 68 -1.55 8.74 34.36
C LYS C 68 -0.81 8.79 33.03
N GLN C 69 0.49 9.06 33.11
CA GLN C 69 1.30 9.19 31.91
C GLN C 69 1.54 7.83 31.28
N LYS C 70 1.79 7.85 29.96
CA LYS C 70 2.02 6.64 29.18
C LYS C 70 3.44 6.71 28.61
N TYR C 71 4.41 6.19 29.37
CA TYR C 71 5.79 6.07 28.93
C TYR C 71 5.93 4.66 28.36
N MET C 72 5.97 4.57 27.04
CA MET C 72 5.99 3.27 26.35
C MET C 72 7.28 3.18 25.55
N ILE C 73 8.03 2.10 25.75
CA ILE C 73 9.37 1.95 25.20
C ILE C 73 9.41 0.76 24.25
N GLU C 74 9.88 0.99 23.04
CA GLU C 74 10.15 -0.07 22.08
C GLU C 74 11.57 -0.58 22.25
N ALA C 75 11.73 -1.90 22.33
CA ALA C 75 13.05 -2.50 22.43
C ALA C 75 13.07 -3.79 21.62
N SER C 76 14.28 -4.20 21.23
CA SER C 76 14.49 -5.45 20.53
C SER C 76 15.48 -6.31 21.30
N PRO C 77 15.14 -7.56 21.63
CA PRO C 77 16.08 -8.41 22.35
C PRO C 77 17.28 -8.75 21.49
N ILE C 78 18.47 -8.58 22.06
CA ILE C 78 19.72 -8.79 21.33
C ILE C 78 20.51 -9.99 21.84
N GLY C 79 20.16 -10.53 22.99
CA GLY C 79 20.90 -11.65 23.53
C GLY C 79 20.34 -12.17 24.85
N LEU C 80 21.22 -12.75 25.67
CA LEU C 80 20.81 -13.45 26.87
C LEU C 80 21.99 -13.64 27.81
N VAL C 81 21.85 -13.26 29.06
CA VAL C 81 22.91 -13.43 30.05
C VAL C 81 22.52 -14.55 31.02
N LYS C 82 23.53 -15.29 31.47
CA LYS C 82 23.37 -16.33 32.48
C LYS C 82 24.52 -16.18 33.47
N ASN C 83 24.23 -15.59 34.64
CA ASN C 83 25.19 -15.38 35.72
C ASN C 83 26.42 -14.60 35.24
N GLY C 84 26.18 -13.55 34.45
CA GLY C 84 27.24 -12.69 33.95
C GLY C 84 27.88 -13.14 32.66
N LYS C 85 27.39 -14.22 32.03
CA LYS C 85 27.92 -14.71 30.76
C LYS C 85 26.88 -14.45 29.68
N PHE C 86 27.22 -13.57 28.73
CA PHE C 86 26.29 -13.16 27.70
C PHE C 86 26.27 -14.18 26.57
N TYR C 87 25.07 -14.54 26.12
CA TYR C 87 24.87 -15.44 24.99
C TYR C 87 24.07 -14.70 23.94
N ARG C 88 24.67 -14.47 22.78
CA ARG C 88 23.99 -13.73 21.71
C ARG C 88 22.94 -14.62 21.06
N GLY C 89 21.72 -14.09 20.95
CA GLY C 89 20.63 -14.84 20.35
C GLY C 89 19.57 -13.95 19.76
N GLY C 90 19.19 -14.22 18.51
CA GLY C 90 18.18 -13.40 17.85
C GLY C 90 16.80 -13.56 18.43
N ASP C 91 16.41 -14.80 18.78
CA ASP C 91 15.08 -15.10 19.26
C ASP C 91 15.17 -15.88 20.56
N SER C 92 14.85 -15.23 21.67
CA SER C 92 14.73 -15.89 22.97
C SER C 92 13.50 -15.34 23.65
N LEU C 93 12.55 -16.22 23.98
CA LEU C 93 11.24 -15.79 24.45
C LEU C 93 11.27 -15.46 25.93
N ALA C 94 10.74 -14.28 26.28
CA ALA C 94 10.47 -13.91 27.65
C ALA C 94 8.97 -13.66 27.77
N LEU C 95 8.31 -14.42 28.65
CA LEU C 95 6.86 -14.32 28.78
C LEU C 95 6.49 -13.07 29.56
N PRO C 96 5.65 -12.20 29.01
CA PRO C 96 5.29 -10.96 29.70
C PRO C 96 4.34 -11.22 30.85
N PRO C 97 4.33 -10.34 31.87
CA PRO C 97 5.17 -9.16 32.06
C PRO C 97 6.51 -9.46 32.71
N LYS C 98 7.54 -8.68 32.39
CA LYS C 98 8.86 -8.83 32.99
C LYS C 98 9.35 -7.47 33.45
N LYS C 99 9.89 -7.42 34.66
CA LYS C 99 10.35 -6.16 35.22
C LYS C 99 11.65 -5.75 34.54
N VAL C 100 11.70 -4.50 34.08
CA VAL C 100 12.78 -4.00 33.23
C VAL C 100 13.58 -2.96 33.99
N GLU C 101 14.89 -3.14 34.01
CA GLU C 101 15.84 -2.19 34.56
C GLU C 101 16.85 -1.81 33.48
N PRO C 102 17.47 -0.64 33.59
CA PRO C 102 18.60 -0.34 32.70
C PRO C 102 19.75 -1.31 32.92
N ALA C 103 20.42 -1.66 31.83
CA ALA C 103 21.53 -2.60 31.90
C ALA C 103 22.72 -1.97 32.60
N LYS C 104 23.39 -2.75 33.43
CA LYS C 104 24.57 -2.26 34.14
C LYS C 104 25.75 -2.13 33.19
N LEU C 105 26.81 -1.47 33.67
CA LEU C 105 27.98 -1.23 32.84
C LEU C 105 28.73 -2.53 32.54
N ASP C 106 28.70 -3.50 33.46
CA ASP C 106 29.34 -4.77 33.20
C ASP C 106 28.56 -5.62 32.22
N GLU C 107 27.25 -5.41 32.12
CA GLU C 107 26.44 -6.20 31.20
C GLU C 107 26.65 -5.75 29.75
N ILE C 108 26.76 -4.44 29.53
CA ILE C 108 27.01 -3.92 28.18
C ILE C 108 28.41 -4.30 27.72
N ILE C 109 29.38 -4.32 28.64
CA ILE C 109 30.72 -4.78 28.32
C ILE C 109 30.70 -6.26 27.94
N SER C 110 29.90 -7.05 28.68
CA SER C 110 29.82 -8.49 28.43
C SER C 110 29.18 -8.84 27.08
N ILE C 111 28.47 -7.89 26.46
CA ILE C 111 27.88 -8.14 25.15
C ILE C 111 28.97 -8.39 24.11
N TYR C 112 30.02 -7.58 24.12
CA TYR C 112 31.08 -7.65 23.13
C TYR C 112 32.29 -8.42 23.62
N SER C 113 32.22 -9.01 24.81
CA SER C 113 33.38 -9.64 25.44
C SER C 113 33.32 -11.16 25.40
N ASP C 114 32.25 -11.77 25.92
CA ASP C 114 32.23 -13.22 26.08
C ASP C 114 31.98 -13.98 24.78
N SER C 115 31.64 -13.29 23.69
CA SER C 115 31.55 -13.98 22.40
C SER C 115 32.92 -14.32 21.84
N ILE C 116 33.97 -13.68 22.33
CA ILE C 116 35.34 -13.91 21.88
C ILE C 116 36.15 -14.38 23.08
N ASP C 117 37.18 -15.17 22.82
CA ASP C 117 38.08 -15.58 23.88
C ASP C 117 39.03 -14.44 24.24
N ILE C 118 39.83 -14.67 25.28
CA ILE C 118 40.73 -13.63 25.78
C ILE C 118 41.84 -13.35 24.78
N ASN C 119 42.43 -14.41 24.21
CA ASN C 119 43.57 -14.23 23.33
C ASN C 119 43.18 -13.70 21.95
N ASP C 120 41.96 -13.96 21.50
CA ASP C 120 41.53 -13.60 20.16
C ASP C 120 40.88 -12.22 20.09
N ARG C 121 40.87 -11.47 21.19
CA ARG C 121 40.24 -10.16 21.20
C ARG C 121 41.12 -9.13 20.52
N PHE C 122 40.51 -8.29 19.69
CA PHE C 122 41.19 -7.22 18.98
C PHE C 122 40.39 -5.94 19.20
N THR C 123 40.96 -5.01 19.94
CA THR C 123 40.25 -3.79 20.34
C THR C 123 40.87 -2.58 19.64
N PHE C 124 40.03 -1.84 18.90
CA PHE C 124 40.45 -0.57 18.33
C PHE C 124 39.36 0.48 18.41
N SER C 125 38.25 0.21 19.09
CA SER C 125 37.13 1.14 19.12
C SER C 125 36.32 0.90 20.39
N SER C 126 35.48 1.88 20.70
CA SER C 126 34.52 1.81 21.81
C SER C 126 33.16 2.23 21.30
N LEU C 127 32.13 1.93 22.08
CA LEU C 127 30.76 2.26 21.69
C LEU C 127 30.56 3.78 21.64
N SER C 128 29.76 4.22 20.67
CA SER C 128 29.52 5.65 20.51
C SER C 128 28.64 6.19 21.63
N LEU C 129 27.57 5.48 21.97
CA LEU C 129 26.67 5.92 23.03
C LEU C 129 27.27 5.73 24.42
N ASN C 130 28.22 4.81 24.57
CA ASN C 130 28.86 4.55 25.86
C ASN C 130 30.35 4.39 25.62
N THR C 131 31.11 5.47 25.85
CA THR C 131 32.55 5.43 25.61
C THR C 131 33.30 4.54 26.61
N LYS C 132 32.67 4.19 27.73
CA LYS C 132 33.28 3.31 28.71
C LYS C 132 33.25 1.84 28.31
N VAL C 133 32.44 1.48 27.32
CA VAL C 133 32.30 0.10 26.87
C VAL C 133 33.24 -0.10 25.68
N SER C 134 34.29 -0.89 25.88
CA SER C 134 35.19 -1.26 24.80
C SER C 134 34.53 -2.29 23.91
N VAL C 135 34.78 -2.19 22.60
CA VAL C 135 34.21 -3.08 21.61
C VAL C 135 35.35 -3.86 20.97
N PRO C 136 35.62 -5.07 21.43
CA PRO C 136 36.59 -5.93 20.76
C PRO C 136 35.94 -6.79 19.68
N VAL C 137 36.74 -7.12 18.67
CA VAL C 137 36.32 -8.01 17.60
C VAL C 137 37.24 -9.21 17.60
N ASN C 138 36.74 -10.33 17.08
CA ASN C 138 37.55 -11.53 16.93
C ASN C 138 38.64 -11.27 15.90
N GLY C 139 39.88 -11.16 16.36
CA GLY C 139 40.96 -10.73 15.49
C GLY C 139 41.26 -11.69 14.35
N ASN C 140 41.03 -12.98 14.56
CA ASN C 140 41.16 -13.95 13.47
C ASN C 140 40.10 -13.73 12.42
N ARG C 141 38.83 -13.66 12.84
CA ARG C 141 37.75 -13.48 11.88
C ARG C 141 37.66 -12.05 11.36
N PHE C 142 38.29 -11.09 12.04
CA PHE C 142 38.36 -9.73 11.52
C PHE C 142 39.23 -9.67 10.27
N PHE C 143 40.32 -10.42 10.26
CA PHE C 143 41.35 -10.30 9.24
C PHE C 143 41.38 -11.44 8.22
N ASN C 144 41.07 -12.68 8.64
CA ASN C 144 41.05 -13.79 7.70
C ASN C 144 39.94 -13.62 6.67
N LYS C 145 38.78 -13.12 7.10
CA LYS C 145 37.78 -12.63 6.17
C LYS C 145 38.02 -11.15 5.91
N HIS C 146 37.92 -10.77 4.64
CA HIS C 146 38.41 -9.46 4.20
C HIS C 146 37.56 -8.33 4.76
N ILE C 147 38.19 -7.16 4.88
CA ILE C 147 37.58 -5.98 5.49
C ILE C 147 37.24 -4.99 4.38
N ALA C 148 36.04 -4.44 4.43
CA ALA C 148 35.61 -3.38 3.52
C ALA C 148 35.16 -2.20 4.37
N ILE C 149 35.94 -1.12 4.36
CA ILE C 149 35.60 0.09 5.08
C ILE C 149 35.16 1.14 4.07
N VAL C 150 33.93 1.63 4.25
CA VAL C 150 33.33 2.60 3.34
C VAL C 150 32.82 3.78 4.15
N GLY C 151 32.77 4.93 3.50
CA GLY C 151 32.30 6.14 4.14
C GLY C 151 32.53 7.32 3.22
N SER C 152 31.90 8.43 3.57
CA SER C 152 31.97 9.62 2.73
C SER C 152 33.31 10.34 2.92
N THR C 153 33.40 11.52 2.33
CA THR C 153 34.65 12.27 2.31
C THR C 153 34.88 12.91 3.68
N GLY C 154 36.03 12.64 4.27
CA GLY C 154 36.37 13.23 5.55
C GLY C 154 35.67 12.64 6.75
N SER C 155 35.27 11.37 6.67
CA SER C 155 34.55 10.71 7.75
C SER C 155 35.47 9.95 8.69
N GLY C 156 36.78 10.06 8.52
CA GLY C 156 37.71 9.30 9.33
C GLY C 156 38.04 7.93 8.79
N LYS C 157 37.90 7.72 7.48
CA LYS C 157 38.11 6.41 6.90
C LYS C 157 39.58 6.01 6.90
N SER C 158 40.46 6.92 6.46
CA SER C 158 41.88 6.60 6.41
C SER C 158 42.51 6.58 7.80
N HIS C 159 41.98 7.36 8.73
CA HIS C 159 42.45 7.32 10.11
C HIS C 159 42.08 5.99 10.76
N THR C 160 40.90 5.46 10.45
CA THR C 160 40.49 4.17 10.97
C THR C 160 41.37 3.04 10.44
N VAL C 161 41.74 3.12 9.15
CA VAL C 161 42.61 2.10 8.55
C VAL C 161 43.97 2.11 9.23
N ALA C 162 44.52 3.30 9.48
CA ALA C 162 45.81 3.40 10.17
C ALA C 162 45.71 2.92 11.61
N LYS C 163 44.59 3.19 12.28
CA LYS C 163 44.39 2.75 13.65
C LYS C 163 44.32 1.23 13.75
N ILE C 164 43.63 0.59 12.79
CA ILE C 164 43.55 -0.86 12.77
C ILE C 164 44.94 -1.47 12.54
N LEU C 165 45.71 -0.87 11.63
CA LEU C 165 47.05 -1.39 11.35
C LEU C 165 48.02 -1.11 12.49
N GLN C 166 47.84 0.01 13.20
CA GLN C 166 48.70 0.31 14.34
C GLN C 166 48.47 -0.66 15.49
N LYS C 167 47.20 -1.03 15.72
CA LYS C 167 46.92 -2.05 16.73
C LYS C 167 47.39 -3.43 16.29
N ALA C 168 47.43 -3.67 14.98
CA ALA C 168 47.89 -4.97 14.48
C ALA C 168 49.39 -5.15 14.70
N VAL C 169 50.17 -4.09 14.50
CA VAL C 169 51.62 -4.16 14.72
C VAL C 169 51.92 -4.27 16.22
N ASP C 170 51.19 -3.51 17.04
CA ASP C 170 51.40 -3.55 18.48
C ASP C 170 50.83 -4.82 19.13
N GLU C 171 50.09 -5.63 18.40
CA GLU C 171 49.52 -6.87 18.93
C GLU C 171 50.63 -7.90 19.04
N LYS C 172 51.31 -7.89 20.19
CA LYS C 172 52.40 -8.82 20.46
C LYS C 172 52.02 -9.69 21.64
N GLN C 173 52.22 -10.99 21.52
CA GLN C 173 52.06 -11.88 22.65
C GLN C 173 53.19 -11.65 23.66
N GLU C 174 52.91 -11.96 24.92
CA GLU C 174 53.88 -11.73 25.98
C GLU C 174 55.07 -12.68 25.86
N GLY C 175 56.27 -12.12 25.90
CA GLY C 175 57.47 -12.92 25.86
C GLY C 175 58.62 -12.31 25.08
N TYR C 176 58.40 -11.17 24.43
CA TYR C 176 59.44 -10.54 23.63
C TYR C 176 59.21 -9.03 23.56
N LYS C 177 60.07 -8.37 22.79
CA LYS C 177 60.04 -6.93 22.63
C LYS C 177 60.12 -6.47 21.18
N GLY C 178 60.71 -7.25 20.28
CA GLY C 178 60.90 -6.84 18.90
C GLY C 178 59.65 -6.90 18.03
N LEU C 179 59.86 -6.92 16.71
CA LEU C 179 58.74 -6.87 15.78
C LEU C 179 57.94 -8.16 15.80
N ASN C 180 56.63 -8.03 15.65
CA ASN C 180 55.73 -9.18 15.56
C ASN C 180 55.63 -9.64 14.11
N ASN C 181 54.77 -10.62 13.85
CA ASN C 181 54.66 -11.26 12.55
C ASN C 181 53.66 -10.58 11.62
N SER C 182 53.30 -9.33 11.91
CA SER C 182 52.39 -8.61 11.03
C SER C 182 53.08 -8.29 9.70
N HIS C 183 52.32 -8.45 8.62
CA HIS C 183 52.83 -8.19 7.27
C HIS C 183 51.70 -7.50 6.50
N ILE C 184 51.81 -6.19 6.33
CA ILE C 184 50.76 -5.39 5.72
C ILE C 184 51.35 -4.60 4.55
N ILE C 185 50.67 -4.66 3.41
CA ILE C 185 51.04 -3.90 2.22
C ILE C 185 49.93 -2.90 1.94
N ILE C 186 50.29 -1.63 1.78
CA ILE C 186 49.34 -0.55 1.60
C ILE C 186 49.51 0.04 0.19
N PHE C 187 48.41 0.13 -0.54
CA PHE C 187 48.38 0.82 -1.83
C PHE C 187 47.94 2.27 -1.61
N ASP C 188 48.80 3.00 -0.92
CA ASP C 188 48.51 4.38 -0.53
C ASP C 188 48.70 5.25 -1.78
N ILE C 189 47.64 5.94 -2.20
CA ILE C 189 47.71 6.75 -3.41
C ILE C 189 47.55 8.23 -3.08
N HIS C 190 47.93 8.62 -1.86
CA HIS C 190 47.91 10.03 -1.51
C HIS C 190 49.11 10.45 -0.65
N SER C 191 50.09 9.56 -0.47
CA SER C 191 51.29 9.82 0.33
C SER C 191 50.94 10.24 1.76
N GLU C 192 49.92 9.60 2.32
CA GLU C 192 49.42 9.96 3.65
C GLU C 192 49.85 9.01 4.74
N TYR C 193 50.10 7.74 4.44
CA TYR C 193 50.36 6.73 5.45
C TYR C 193 51.82 6.69 5.91
N GLU C 194 52.68 7.56 5.39
CA GLU C 194 54.07 7.59 5.85
C GLU C 194 54.18 8.08 7.29
N ASN C 195 53.44 9.14 7.63
CA ASN C 195 53.53 9.67 8.99
C ASN C 195 52.84 8.77 10.00
N ALA C 196 51.85 8.00 9.58
CA ALA C 196 51.18 7.08 10.50
C ALA C 196 52.09 5.92 10.91
N PHE C 197 53.01 5.53 10.04
CA PHE C 197 53.94 4.43 10.30
C PHE C 197 55.35 4.91 9.99
N PRO C 198 56.00 5.59 10.94
CA PRO C 198 57.35 6.12 10.68
C PRO C 198 58.43 5.06 10.58
N ASN C 199 58.20 3.87 11.14
CA ASN C 199 59.18 2.78 11.09
C ASN C 199 58.87 1.78 9.99
N SER C 200 58.29 2.25 8.89
CA SER C 200 57.91 1.40 7.77
C SER C 200 58.91 1.56 6.62
N ASN C 201 58.67 0.82 5.54
CA ASN C 201 59.52 0.87 4.36
C ASN C 201 58.79 1.59 3.23
N VAL C 202 59.57 2.31 2.41
CA VAL C 202 59.04 3.16 1.35
C VAL C 202 59.47 2.59 0.01
N LEU C 203 58.53 2.41 -0.90
CA LEU C 203 58.82 2.03 -2.28
C LEU C 203 58.05 2.95 -3.22
N ASN C 204 58.77 3.91 -3.80
CA ASN C 204 58.22 4.73 -4.88
C ASN C 204 58.44 4.02 -6.20
N VAL C 205 57.84 4.56 -7.26
CA VAL C 205 58.07 4.03 -8.60
C VAL C 205 59.53 4.24 -9.01
N ASP C 206 60.10 5.38 -8.65
CA ASP C 206 61.50 5.67 -8.94
C ASP C 206 62.46 4.78 -8.16
N THR C 207 62.02 4.19 -7.04
CA THR C 207 62.86 3.35 -6.21
C THR C 207 62.57 1.86 -6.34
N LEU C 208 61.30 1.47 -6.32
CA LEU C 208 60.95 0.04 -6.42
C LEU C 208 61.20 -0.46 -7.84
N THR C 209 61.91 -1.58 -7.95
CA THR C 209 62.17 -2.23 -9.22
C THR C 209 61.41 -3.54 -9.26
N LEU C 210 60.44 -3.64 -10.16
CA LEU C 210 59.70 -4.88 -10.38
C LEU C 210 60.18 -5.50 -11.69
N PRO C 211 60.75 -6.69 -11.68
CA PRO C 211 61.30 -7.26 -12.91
C PRO C 211 60.20 -7.66 -13.89
N TYR C 212 60.45 -7.39 -15.17
CA TYR C 212 59.53 -7.78 -16.22
C TYR C 212 59.53 -9.28 -16.49
N TRP C 213 60.51 -10.00 -15.96
CA TRP C 213 60.59 -11.46 -16.13
C TRP C 213 59.93 -12.22 -15.00
N LEU C 214 59.31 -11.52 -14.04
CA LEU C 214 58.46 -12.18 -13.05
C LEU C 214 57.06 -12.42 -13.56
N LEU C 215 56.72 -11.88 -14.73
CA LEU C 215 55.39 -12.06 -15.30
C LEU C 215 55.17 -13.51 -15.73
N ASN C 216 53.93 -13.97 -15.57
CA ASN C 216 53.55 -15.28 -16.09
C ASN C 216 53.16 -15.13 -17.56
N GLY C 217 52.56 -16.16 -18.13
CA GLY C 217 52.19 -16.12 -19.54
C GLY C 217 51.06 -15.16 -19.85
N ASP C 218 50.29 -14.75 -18.84
CA ASP C 218 49.18 -13.84 -19.05
C ASP C 218 49.66 -12.39 -19.12
N GLU C 219 50.29 -11.90 -18.03
CA GLU C 219 50.70 -10.50 -17.97
C GLU C 219 51.83 -10.18 -18.94
N LEU C 220 52.61 -11.18 -19.35
CA LEU C 220 53.66 -10.95 -20.34
C LEU C 220 53.06 -10.59 -21.68
N GLU C 221 51.93 -11.21 -22.03
CA GLU C 221 51.23 -10.88 -23.26
C GLU C 221 50.43 -9.58 -23.14
N GLU C 222 49.89 -9.29 -21.96
CA GLU C 222 49.14 -8.04 -21.78
C GLU C 222 50.06 -6.83 -21.78
N LEU C 223 51.27 -6.98 -21.23
CA LEU C 223 52.22 -5.87 -21.21
C LEU C 223 52.72 -5.53 -22.61
N PHE C 224 53.13 -6.54 -23.36
CA PHE C 224 53.80 -6.33 -24.64
C PHE C 224 52.85 -6.44 -25.84
N LEU C 225 52.06 -7.51 -25.91
CA LEU C 225 51.20 -7.74 -27.07
C LEU C 225 49.87 -7.04 -26.85
N ASP C 226 49.89 -5.72 -27.03
CA ASP C 226 48.66 -4.94 -27.03
C ASP C 226 47.77 -5.28 -28.21
N THR C 227 48.36 -5.77 -29.30
CA THR C 227 47.59 -6.07 -30.51
C THR C 227 46.64 -7.24 -30.27
N GLU C 228 45.40 -7.07 -30.69
CA GLU C 228 44.39 -8.12 -30.66
C GLU C 228 43.83 -8.33 -32.06
N ALA C 229 44.72 -8.22 -33.06
CA ALA C 229 44.39 -8.41 -34.45
C ALA C 229 44.50 -9.90 -34.79
N ASN C 230 44.53 -10.27 -36.06
CA ASN C 230 44.60 -11.68 -36.45
C ASN C 230 46.05 -12.16 -36.32
N ASP C 231 46.58 -12.14 -35.10
CA ASP C 231 47.95 -12.58 -34.82
C ASP C 231 47.97 -13.98 -34.19
N HIS C 232 48.74 -14.88 -34.80
CA HIS C 232 49.06 -16.18 -34.24
C HIS C 232 50.52 -16.55 -34.42
N ASN C 233 51.19 -15.99 -35.43
CA ASN C 233 52.63 -16.13 -35.56
C ASN C 233 53.39 -15.18 -34.64
N GLN C 234 52.86 -13.98 -34.40
CA GLN C 234 53.45 -13.07 -33.42
C GLN C 234 53.18 -13.52 -31.99
N ARG C 235 52.20 -14.39 -31.78
CA ARG C 235 52.08 -15.14 -30.53
C ARG C 235 52.89 -16.41 -30.55
N ASN C 236 53.80 -16.57 -31.52
CA ASN C 236 54.75 -17.67 -31.55
C ASN C 236 56.19 -17.18 -31.51
N VAL C 237 56.54 -16.18 -32.33
CA VAL C 237 57.90 -15.63 -32.33
C VAL C 237 58.19 -14.87 -31.04
N PHE C 238 57.17 -14.47 -30.30
CA PHE C 238 57.37 -13.82 -29.00
C PHE C 238 57.73 -14.84 -27.93
N ARG C 239 56.99 -15.95 -27.87
CA ARG C 239 57.19 -16.91 -26.80
C ARG C 239 58.46 -17.74 -27.00
N GLN C 240 58.76 -18.12 -28.24
CA GLN C 240 59.95 -18.93 -28.47
C GLN C 240 61.23 -18.12 -28.35
N ALA C 241 61.15 -16.79 -28.48
CA ALA C 241 62.29 -15.95 -28.14
C ALA C 241 62.46 -15.85 -26.63
N ILE C 242 61.36 -15.71 -25.90
CA ILE C 242 61.41 -15.55 -24.46
C ILE C 242 61.82 -16.85 -23.78
N THR C 243 61.24 -17.97 -24.21
CA THR C 243 61.55 -19.27 -23.62
C THR C 243 63.01 -19.66 -23.87
N LEU C 244 63.53 -19.36 -25.07
CA LEU C 244 64.92 -19.64 -25.36
C LEU C 244 65.85 -18.73 -24.56
N ASN C 245 65.50 -17.45 -24.43
CA ASN C 245 66.34 -16.52 -23.68
C ASN C 245 66.29 -16.81 -22.19
N LYS C 246 65.18 -17.36 -21.69
CA LYS C 246 65.12 -17.80 -20.31
C LYS C 246 66.02 -19.01 -20.07
N LYS C 247 66.18 -19.87 -21.08
CA LYS C 247 67.03 -21.04 -20.95
C LYS C 247 68.51 -20.68 -21.01
N ILE C 248 68.88 -19.66 -21.80
CA ILE C 248 70.28 -19.30 -21.98
C ILE C 248 70.90 -18.81 -20.68
N HIS C 249 70.18 -17.96 -19.94
CA HIS C 249 70.72 -17.39 -18.71
C HIS C 249 70.56 -18.29 -17.50
N PHE C 250 69.96 -19.47 -17.65
CA PHE C 250 69.83 -20.40 -16.53
C PHE C 250 71.18 -21.00 -16.18
N GLN C 251 71.44 -21.13 -14.87
CA GLN C 251 72.72 -21.62 -14.38
C GLN C 251 72.60 -22.83 -13.47
N GLY C 252 71.39 -23.37 -13.28
CA GLY C 252 71.20 -24.53 -12.44
C GLY C 252 71.49 -25.82 -13.16
N ASP C 253 71.06 -26.92 -12.54
CA ASP C 253 71.21 -28.23 -13.14
C ASP C 253 70.30 -28.38 -14.36
N PRO C 254 70.68 -29.23 -15.32
CA PRO C 254 69.87 -29.37 -16.54
C PRO C 254 68.50 -30.01 -16.34
N ALA C 255 68.18 -30.49 -15.13
CA ALA C 255 66.89 -31.14 -14.92
C ALA C 255 65.74 -30.15 -15.03
N THR C 256 65.83 -29.01 -14.35
CA THR C 256 64.83 -27.97 -14.46
C THR C 256 65.13 -26.96 -15.56
N LYS C 257 66.24 -27.13 -16.27
CA LYS C 257 66.50 -26.32 -17.46
C LYS C 257 65.46 -26.58 -18.54
N GLU C 258 65.11 -27.84 -18.75
CA GLU C 258 64.07 -28.18 -19.72
C GLU C 258 62.68 -27.83 -19.20
N ILE C 259 62.51 -27.72 -17.88
CA ILE C 259 61.24 -27.36 -17.29
C ILE C 259 60.85 -25.92 -17.65
N ILE C 260 61.84 -25.08 -17.94
CA ILE C 260 61.65 -23.64 -18.15
C ILE C 260 60.72 -23.41 -19.34
N SER C 261 59.61 -22.72 -19.08
CA SER C 261 58.58 -22.47 -20.07
C SER C 261 58.28 -20.97 -20.14
N PHE C 262 57.17 -20.62 -20.82
CA PHE C 262 56.86 -19.23 -21.07
C PHE C 262 56.53 -18.46 -19.79
N HIS C 263 55.81 -19.10 -18.86
CA HIS C 263 55.38 -18.41 -17.65
C HIS C 263 56.39 -18.53 -16.51
N SER C 264 57.50 -19.22 -16.73
CA SER C 264 58.45 -19.48 -15.65
C SER C 264 59.15 -18.20 -15.24
N PRO C 265 59.15 -17.84 -13.95
CA PRO C 265 59.80 -16.59 -13.53
C PRO C 265 61.32 -16.68 -13.57
N TYR C 266 61.88 -16.65 -14.78
CA TYR C 266 63.31 -16.69 -14.98
C TYR C 266 63.73 -15.51 -15.84
N TYR C 267 64.97 -15.07 -15.66
CA TYR C 267 65.45 -13.86 -16.32
C TYR C 267 65.63 -14.09 -17.81
N PHE C 268 65.10 -13.16 -18.60
CA PHE C 268 65.35 -13.11 -20.04
C PHE C 268 65.59 -11.67 -20.44
N ASP C 269 66.42 -11.49 -21.47
CA ASP C 269 66.77 -10.16 -21.95
C ASP C 269 65.80 -9.79 -23.07
N ILE C 270 64.98 -8.76 -22.84
CA ILE C 270 63.96 -8.37 -23.81
C ILE C 270 64.58 -7.70 -25.03
N ASN C 271 65.77 -7.12 -24.90
CA ASN C 271 66.43 -6.53 -26.07
C ASN C 271 66.92 -7.60 -27.04
N GLU C 272 67.30 -8.77 -26.52
CA GLU C 272 67.59 -9.91 -27.38
C GLU C 272 66.32 -10.53 -27.95
N VAL C 273 65.22 -10.44 -27.21
CA VAL C 273 63.92 -10.83 -27.75
C VAL C 273 63.53 -9.89 -28.89
N ILE C 274 63.86 -8.61 -28.74
CA ILE C 274 63.71 -7.65 -29.84
C ILE C 274 64.56 -8.06 -31.03
N ASN C 275 65.81 -8.44 -30.77
CA ASN C 275 66.71 -8.85 -31.84
C ASN C 275 66.26 -10.16 -32.49
N TYR C 276 65.61 -11.05 -31.73
CA TYR C 276 65.11 -12.29 -32.29
C TYR C 276 63.99 -12.04 -33.29
N ILE C 277 63.02 -11.20 -32.91
CA ILE C 277 61.88 -10.91 -33.79
C ILE C 277 62.32 -10.09 -34.98
N ASN C 278 63.26 -9.15 -34.77
CA ASN C 278 63.81 -8.37 -35.88
C ASN C 278 64.60 -9.24 -36.85
N ASN C 279 65.29 -10.27 -36.34
CA ASN C 279 65.95 -11.22 -37.24
C ASN C 279 64.93 -12.05 -37.99
N ARG C 280 63.96 -12.62 -37.26
CA ARG C 280 62.90 -13.40 -37.89
C ARG C 280 61.96 -12.54 -38.72
N ASN C 281 62.04 -11.21 -38.60
CA ASN C 281 61.40 -10.33 -39.56
C ASN C 281 62.06 -10.43 -40.94
N ASN C 282 63.35 -10.81 -40.99
CA ASN C 282 64.12 -10.78 -42.23
C ASN C 282 64.67 -12.15 -42.60
N GLU C 283 63.96 -13.23 -42.29
CA GLU C 283 64.46 -14.55 -42.65
C GLU C 283 64.29 -14.80 -44.15
N ARG C 284 65.25 -15.51 -44.74
CA ARG C 284 65.24 -15.84 -46.16
C ARG C 284 65.39 -17.35 -46.30
N LYS C 285 64.35 -18.00 -46.82
CA LYS C 285 64.40 -19.44 -47.02
C LYS C 285 65.03 -19.76 -48.38
N ASN C 286 65.65 -20.94 -48.44
CA ASN C 286 66.24 -21.42 -49.68
C ASN C 286 65.25 -22.30 -50.45
N LYS C 287 65.76 -23.06 -51.43
CA LYS C 287 64.91 -23.91 -52.25
C LYS C 287 64.35 -25.08 -51.48
N ASP C 288 65.04 -25.54 -50.44
CA ASP C 288 64.59 -26.66 -49.61
C ASP C 288 63.69 -26.22 -48.47
N ASN C 289 63.20 -24.98 -48.50
CA ASN C 289 62.23 -24.44 -47.55
C ASN C 289 62.77 -24.38 -46.13
N GLU C 290 64.07 -24.20 -45.98
CA GLU C 290 64.70 -23.99 -44.67
C GLU C 290 65.39 -22.64 -44.64
N HIS C 291 65.46 -22.04 -43.46
CA HIS C 291 66.06 -20.73 -43.28
C HIS C 291 67.54 -20.88 -42.95
N ILE C 292 68.40 -20.31 -43.80
CA ILE C 292 69.84 -20.36 -43.63
C ILE C 292 70.32 -18.97 -43.22
N TRP C 293 71.13 -18.90 -42.16
CA TRP C 293 71.70 -17.66 -41.70
C TRP C 293 73.22 -17.71 -41.80
N SER C 294 73.84 -16.55 -41.62
CA SER C 294 75.30 -16.44 -41.61
C SER C 294 75.71 -15.49 -40.50
N ASP C 295 76.80 -15.83 -39.83
CA ASP C 295 77.30 -15.02 -38.72
C ASP C 295 78.83 -15.15 -38.66
N GLU C 296 79.42 -14.75 -37.53
CA GLU C 296 80.86 -14.82 -37.37
C GLU C 296 81.35 -16.26 -37.31
N GLU C 297 80.54 -17.17 -36.76
CA GLU C 297 80.92 -18.57 -36.72
C GLU C 297 80.86 -19.22 -38.10
N GLY C 298 79.80 -18.95 -38.84
CA GLY C 298 79.64 -19.51 -40.17
C GLY C 298 78.17 -19.67 -40.50
N ASN C 299 77.93 -20.31 -41.64
CA ASN C 299 76.56 -20.57 -42.07
C ASN C 299 75.92 -21.63 -41.19
N PHE C 300 74.64 -21.42 -40.86
CA PHE C 300 73.89 -22.38 -40.05
C PHE C 300 72.42 -22.31 -40.43
N LYS C 301 71.71 -23.39 -40.09
CA LYS C 301 70.31 -23.55 -40.43
C LYS C 301 69.45 -23.27 -39.19
N PHE C 302 68.37 -22.50 -39.39
CA PHE C 302 67.45 -22.19 -38.30
C PHE C 302 66.74 -23.46 -37.85
N ASP C 303 67.08 -23.93 -36.65
CA ASP C 303 66.40 -25.06 -36.02
C ASP C 303 66.38 -24.80 -34.51
N ASN C 304 66.04 -25.84 -33.75
CA ASN C 304 65.89 -25.67 -32.30
C ASN C 304 67.24 -25.47 -31.63
N GLU C 305 68.29 -26.13 -32.11
CA GLU C 305 69.61 -26.05 -31.50
C GLU C 305 70.44 -24.89 -32.04
N ASN C 306 69.94 -24.11 -32.99
CA ASN C 306 70.67 -22.97 -33.53
C ASN C 306 69.89 -21.67 -33.52
N ALA C 307 68.68 -21.65 -32.94
CA ALA C 307 67.90 -20.42 -32.91
C ALA C 307 68.41 -19.42 -31.88
N HIS C 308 69.27 -19.86 -30.94
CA HIS C 308 69.83 -18.97 -29.94
C HIS C 308 70.85 -18.00 -30.53
N ARG C 309 71.32 -18.23 -31.76
CA ARG C 309 72.25 -17.32 -32.41
C ARG C 309 71.56 -16.10 -33.02
N LEU C 310 70.23 -16.06 -33.01
CA LEU C 310 69.48 -14.93 -33.54
C LEU C 310 69.23 -13.85 -32.49
N PHE C 311 69.79 -13.99 -31.30
CA PHE C 311 69.61 -12.98 -30.26
C PHE C 311 70.53 -11.78 -30.43
N LYS C 312 71.46 -11.83 -31.39
CA LYS C 312 72.31 -10.68 -31.70
C LYS C 312 71.92 -10.12 -33.06
N GLU C 313 72.35 -8.88 -33.30
CA GLU C 313 71.95 -8.14 -34.49
C GLU C 313 72.97 -8.25 -35.63
N ASN C 314 74.05 -9.00 -35.45
CA ASN C 314 75.08 -9.10 -36.47
C ASN C 314 74.88 -10.24 -37.45
N VAL C 315 73.80 -11.00 -37.33
CA VAL C 315 73.52 -12.10 -38.25
C VAL C 315 72.98 -11.54 -39.55
N THR C 316 73.36 -12.17 -40.66
CA THR C 316 72.83 -11.80 -41.96
C THR C 316 72.11 -12.99 -42.60
N PRO C 317 70.95 -12.77 -43.22
CA PRO C 317 70.22 -13.89 -43.83
C PRO C 317 70.80 -14.25 -45.19
N ASP C 318 70.94 -15.54 -45.44
CA ASP C 318 71.42 -16.06 -46.72
C ASP C 318 70.34 -17.01 -47.26
N GLY C 319 69.64 -16.58 -48.29
CA GLY C 319 68.57 -17.40 -48.83
C GLY C 319 68.23 -16.99 -50.25
N SER C 320 67.23 -17.66 -50.80
CA SER C 320 66.77 -17.43 -52.17
C SER C 320 65.44 -16.70 -52.25
N SER C 321 64.48 -17.05 -51.42
CA SER C 321 63.17 -16.42 -51.41
C SER C 321 62.81 -15.96 -50.00
N ALA C 322 61.68 -15.28 -49.90
CA ALA C 322 61.22 -14.72 -48.64
C ALA C 322 60.85 -15.83 -47.66
N GLY C 323 61.17 -15.61 -46.39
CA GLY C 323 60.93 -16.59 -45.36
C GLY C 323 59.49 -16.61 -44.89
N ALA C 324 59.27 -17.39 -43.83
CA ALA C 324 57.92 -17.57 -43.30
C ALA C 324 57.40 -16.29 -42.63
N LEU C 325 58.27 -15.51 -42.01
CA LEU C 325 57.90 -14.28 -41.33
C LEU C 325 58.64 -13.08 -41.92
N ASN C 326 58.87 -13.10 -43.23
CA ASN C 326 59.58 -12.02 -43.90
C ASN C 326 58.58 -10.94 -44.29
N GLY C 327 58.66 -9.78 -43.63
CA GLY C 327 57.87 -8.64 -44.02
C GLY C 327 56.55 -8.46 -43.29
N LYS C 328 56.33 -9.14 -42.18
CA LYS C 328 55.09 -8.99 -41.43
C LYS C 328 55.27 -8.75 -39.94
N LEU C 329 56.52 -8.63 -39.46
CA LEU C 329 56.78 -8.28 -38.07
C LEU C 329 57.39 -6.88 -37.94
N LEU C 330 57.05 -5.97 -38.86
CA LEU C 330 57.56 -4.61 -38.78
C LEU C 330 56.90 -3.83 -37.64
N ASN C 331 55.57 -3.65 -37.71
CA ASN C 331 54.86 -2.97 -36.64
C ASN C 331 54.82 -3.76 -35.35
N PHE C 332 55.00 -5.08 -35.40
CA PHE C 332 55.10 -5.85 -34.16
C PHE C 332 56.34 -5.47 -33.37
N VAL C 333 57.46 -5.24 -34.06
CA VAL C 333 58.64 -4.72 -33.40
C VAL C 333 58.46 -3.26 -32.98
N ASP C 334 57.85 -2.45 -33.86
CA ASP C 334 57.69 -1.01 -33.60
C ASP C 334 56.81 -0.76 -32.38
N ARG C 335 55.74 -1.52 -32.24
CA ARG C 335 54.93 -1.47 -31.02
C ARG C 335 55.69 -1.99 -29.81
N LEU C 336 56.65 -2.90 -30.02
CA LEU C 336 57.44 -3.42 -28.90
C LEU C 336 58.49 -2.42 -28.44
N GLN C 337 58.98 -1.55 -29.33
CA GLN C 337 59.89 -0.50 -28.90
C GLN C 337 59.19 0.56 -28.06
N SER C 338 57.92 0.84 -28.37
CA SER C 338 57.23 1.97 -27.76
C SER C 338 57.00 1.78 -26.28
N LYS C 339 56.79 0.54 -25.83
CA LYS C 339 56.59 0.26 -24.42
C LYS C 339 57.88 -0.07 -23.68
N ILE C 340 58.91 -0.53 -24.41
CA ILE C 340 60.21 -0.78 -23.79
C ILE C 340 60.85 0.53 -23.35
N PHE C 341 60.83 1.53 -24.23
CA PHE C 341 61.35 2.85 -23.92
C PHE C 341 60.30 3.79 -23.35
N ASP C 342 59.12 3.27 -23.01
CA ASP C 342 58.10 4.06 -22.33
C ASP C 342 58.59 4.36 -20.92
N LYS C 343 58.81 5.63 -20.62
CA LYS C 343 59.31 6.01 -19.31
C LYS C 343 58.27 5.88 -18.21
N ARG C 344 57.00 5.72 -18.56
CA ARG C 344 56.00 5.34 -17.56
C ARG C 344 56.30 3.96 -16.99
N LEU C 345 56.68 3.01 -17.86
CA LEU C 345 56.99 1.64 -17.46
C LEU C 345 58.46 1.46 -17.13
N ASP C 346 59.12 2.52 -16.64
CA ASP C 346 60.54 2.43 -16.29
C ASP C 346 60.75 1.56 -15.06
N PHE C 347 59.78 1.50 -14.14
CA PHE C 347 59.92 0.67 -12.96
C PHE C 347 59.87 -0.82 -13.29
N ILE C 348 59.31 -1.19 -14.43
CA ILE C 348 59.17 -2.58 -14.82
C ILE C 348 60.06 -2.92 -16.02
N LEU C 349 60.16 -2.01 -16.99
CA LEU C 349 60.96 -2.25 -18.19
C LEU C 349 62.24 -1.41 -18.22
N GLY C 350 62.75 -1.01 -17.06
CA GLY C 350 63.98 -0.26 -17.01
C GLY C 350 65.21 -1.15 -17.04
N GLU C 351 66.37 -0.49 -17.06
CA GLU C 351 67.64 -1.21 -17.02
C GLU C 351 67.97 -1.75 -15.63
N GLY C 352 67.30 -1.25 -14.60
CA GLY C 352 67.53 -1.75 -13.25
C GLY C 352 66.95 -3.12 -13.01
N SER C 353 66.04 -3.58 -13.86
CA SER C 353 65.48 -4.92 -13.75
C SER C 353 66.43 -6.00 -14.23
N LYS C 354 67.53 -5.62 -14.88
CA LYS C 354 68.50 -6.61 -15.35
C LYS C 354 69.36 -7.16 -14.22
N SER C 355 69.61 -6.37 -13.18
CA SER C 355 70.47 -6.78 -12.09
C SER C 355 69.70 -7.37 -10.90
N VAL C 356 68.47 -6.94 -10.70
CA VAL C 356 67.66 -7.39 -9.58
C VAL C 356 67.14 -8.80 -9.86
N THR C 357 67.18 -9.66 -8.85
CA THR C 357 66.77 -11.05 -8.97
C THR C 357 65.43 -11.27 -8.26
N PHE C 358 65.00 -12.54 -8.24
CA PHE C 358 63.71 -12.90 -7.67
C PHE C 358 63.67 -12.68 -6.16
N LYS C 359 64.77 -12.97 -5.46
CA LYS C 359 64.75 -12.95 -4.01
C LYS C 359 64.56 -11.54 -3.46
N GLU C 360 65.37 -10.58 -3.91
CA GLU C 360 65.30 -9.24 -3.36
C GLU C 360 64.07 -8.47 -3.82
N THR C 361 63.42 -8.89 -4.91
CA THR C 361 62.13 -8.31 -5.26
C THR C 361 61.09 -8.63 -4.19
N LEU C 362 61.06 -9.89 -3.75
CA LEU C 362 60.03 -10.33 -2.82
C LEU C 362 60.28 -9.80 -1.41
N GLU C 363 61.54 -9.66 -1.01
CA GLU C 363 61.84 -9.09 0.30
C GLU C 363 61.62 -7.58 0.36
N THR C 364 61.42 -6.92 -0.77
CA THR C 364 60.99 -5.52 -0.74
C THR C 364 59.48 -5.38 -0.68
N LEU C 365 58.74 -6.36 -1.19
CA LEU C 365 57.28 -6.25 -1.20
C LEU C 365 56.69 -6.42 0.19
N ILE C 366 57.19 -7.39 0.96
CA ILE C 366 56.71 -7.63 2.30
C ILE C 366 57.74 -7.24 3.36
N SER C 367 58.77 -6.47 2.96
CA SER C 367 59.77 -5.91 3.87
C SER C 367 60.53 -6.98 4.63
N TYR C 368 61.10 -7.94 3.89
CA TYR C 368 61.87 -9.03 4.47
C TYR C 368 63.37 -8.89 4.22
N GLY C 369 63.83 -7.74 3.74
CA GLY C 369 65.24 -7.54 3.46
C GLY C 369 66.04 -7.16 4.70
N LYS C 370 67.02 -6.28 4.52
CA LYS C 370 67.81 -5.82 5.66
C LYS C 370 67.09 -4.76 6.49
N ASP C 371 66.02 -4.18 5.94
CA ASP C 371 65.18 -3.22 6.67
C ASP C 371 63.82 -3.88 6.85
N LYS C 372 63.66 -4.59 7.97
CA LYS C 372 62.46 -5.38 8.23
C LYS C 372 61.42 -4.51 8.93
N SER C 373 60.24 -4.41 8.32
CA SER C 373 59.14 -3.65 8.89
C SER C 373 57.85 -4.43 8.72
N ASN C 374 56.92 -4.25 9.66
CA ASN C 374 55.65 -4.94 9.58
C ASN C 374 54.73 -4.38 8.51
N ILE C 375 55.01 -3.16 8.04
CA ILE C 375 54.14 -2.47 7.09
C ILE C 375 54.99 -1.97 5.93
N THR C 376 54.57 -2.29 4.70
CA THR C 376 55.20 -1.79 3.49
C THR C 376 54.21 -0.87 2.77
N ILE C 377 54.64 0.36 2.49
CA ILE C 377 53.80 1.37 1.89
C ILE C 377 54.27 1.62 0.46
N LEU C 378 53.34 1.53 -0.48
CA LEU C 378 53.61 1.74 -1.91
C LEU C 378 53.26 3.19 -2.25
N ASP C 379 54.29 4.04 -2.36
CA ASP C 379 54.07 5.45 -2.64
C ASP C 379 53.88 5.64 -4.14
N VAL C 380 52.65 5.39 -4.59
CA VAL C 380 52.26 5.44 -5.98
C VAL C 380 51.23 6.56 -6.17
N SER C 381 51.38 7.62 -5.36
CA SER C 381 50.33 8.62 -5.16
C SER C 381 49.94 9.34 -6.45
N GLY C 382 50.91 9.73 -7.25
CA GLY C 382 50.59 10.52 -8.43
C GLY C 382 51.01 9.90 -9.74
N VAL C 383 51.18 8.59 -9.77
CA VAL C 383 51.55 7.88 -10.99
C VAL C 383 50.32 7.81 -11.89
N PRO C 384 50.50 7.67 -13.21
CA PRO C 384 49.32 7.51 -14.08
C PRO C 384 48.64 6.16 -13.84
N PHE C 385 47.40 6.07 -14.34
CA PHE C 385 46.64 4.84 -14.20
C PHE C 385 47.25 3.70 -15.01
N GLU C 386 47.92 4.02 -16.12
CA GLU C 386 48.53 2.99 -16.96
C GLU C 386 49.68 2.27 -16.27
N VAL C 387 50.21 2.82 -15.19
CA VAL C 387 51.19 2.13 -14.36
C VAL C 387 50.67 1.84 -12.96
N LEU C 388 49.63 2.53 -12.50
CA LEU C 388 49.00 2.17 -11.22
C LEU C 388 48.29 0.84 -11.33
N SER C 389 47.58 0.61 -12.45
CA SER C 389 46.91 -0.67 -12.65
C SER C 389 47.94 -1.80 -12.81
N ILE C 390 49.08 -1.51 -13.42
CA ILE C 390 50.16 -2.50 -13.50
C ILE C 390 50.75 -2.75 -12.12
N CYS C 391 50.91 -1.68 -11.32
CA CYS C 391 51.41 -1.83 -9.96
C CYS C 391 50.43 -2.61 -9.09
N VAL C 392 49.13 -2.37 -9.28
CA VAL C 392 48.13 -3.15 -8.54
C VAL C 392 48.14 -4.61 -8.98
N SER C 393 48.23 -4.85 -10.30
CA SER C 393 48.16 -6.21 -10.82
C SER C 393 49.38 -7.04 -10.44
N LEU C 394 50.57 -6.43 -10.47
CA LEU C 394 51.79 -7.17 -10.14
C LEU C 394 51.82 -7.63 -8.70
N ILE C 395 51.61 -6.69 -7.76
CA ILE C 395 51.81 -7.02 -6.35
C ILE C 395 50.66 -7.86 -5.81
N SER C 396 49.45 -7.71 -6.38
CA SER C 396 48.36 -8.60 -5.99
C SER C 396 48.61 -10.03 -6.47
N ARG C 397 49.16 -10.18 -7.68
CA ARG C 397 49.44 -11.52 -8.18
C ARG C 397 50.66 -12.13 -7.51
N LEU C 398 51.70 -11.32 -7.26
CA LEU C 398 52.93 -11.84 -6.69
C LEU C 398 52.74 -12.28 -5.24
N ILE C 399 51.99 -11.51 -4.46
CA ILE C 399 51.77 -11.86 -3.06
C ILE C 399 50.86 -13.08 -2.95
N PHE C 400 49.84 -13.17 -3.81
CA PHE C 400 48.96 -14.33 -3.81
C PHE C 400 49.70 -15.60 -4.18
N GLU C 401 50.53 -15.55 -5.23
CA GLU C 401 51.28 -16.74 -5.63
C GLU C 401 52.40 -17.05 -4.64
N PHE C 402 52.92 -16.04 -3.94
CA PHE C 402 53.82 -16.32 -2.83
C PHE C 402 53.09 -16.99 -1.68
N GLY C 403 51.89 -16.49 -1.35
CA GLY C 403 51.08 -17.13 -0.33
C GLY C 403 50.61 -18.51 -0.71
N TYR C 404 50.35 -18.73 -2.00
CA TYR C 404 50.00 -20.07 -2.48
C TYR C 404 51.19 -21.01 -2.39
N HIS C 405 52.37 -20.55 -2.80
CA HIS C 405 53.54 -21.42 -2.82
C HIS C 405 54.10 -21.65 -1.42
N SER C 406 53.92 -20.70 -0.51
CA SER C 406 54.29 -20.93 0.88
C SER C 406 53.30 -21.85 1.58
N LYS C 407 52.08 -21.99 1.06
CA LYS C 407 51.09 -22.86 1.68
C LYS C 407 51.44 -24.34 1.48
N LYS C 408 51.84 -24.71 0.27
CA LYS C 408 52.20 -26.10 0.01
C LYS C 408 53.65 -26.42 0.32
N ILE C 409 54.48 -25.41 0.61
CA ILE C 409 55.79 -25.68 1.21
C ILE C 409 55.59 -26.22 2.61
N LYS C 410 54.67 -25.64 3.37
CA LYS C 410 54.35 -26.13 4.71
C LYS C 410 53.49 -27.38 4.68
N ARG C 411 52.70 -27.58 3.60
CA ARG C 411 51.90 -28.79 3.48
C ARG C 411 52.77 -30.03 3.30
N LYS C 412 53.93 -29.89 2.66
CA LYS C 412 54.88 -30.99 2.60
C LYS C 412 55.45 -31.31 3.97
N SER C 413 55.58 -30.30 4.83
CA SER C 413 56.02 -30.48 6.21
C SER C 413 54.84 -30.67 7.16
N ASN C 414 53.61 -30.77 6.63
CA ASN C 414 52.39 -30.95 7.41
C ASN C 414 52.17 -29.83 8.42
N GLU C 415 52.45 -28.60 8.00
CA GLU C 415 52.24 -27.41 8.81
C GLU C 415 51.30 -26.44 8.09
N ASN C 416 50.83 -25.44 8.83
CA ASN C 416 50.00 -24.40 8.26
C ASN C 416 50.86 -23.28 7.67
N GLN C 417 50.20 -22.34 7.00
CA GLN C 417 50.89 -21.21 6.39
C GLN C 417 51.51 -20.32 7.46
N ASP C 418 52.78 -19.98 7.29
CA ASP C 418 53.53 -19.34 8.37
C ASP C 418 53.22 -17.84 8.47
N ILE C 419 53.50 -17.08 7.43
CA ILE C 419 53.34 -15.63 7.46
C ILE C 419 52.01 -15.27 6.81
N PRO C 420 51.17 -14.46 7.45
CA PRO C 420 49.98 -13.92 6.78
C PRO C 420 50.22 -12.52 6.24
N ILE C 421 49.69 -12.21 5.06
CA ILE C 421 49.88 -10.91 4.42
C ILE C 421 48.52 -10.26 4.20
N LEU C 422 48.38 -9.00 4.64
CA LEU C 422 47.21 -8.18 4.39
C LEU C 422 47.56 -7.10 3.39
N ILE C 423 46.74 -6.96 2.35
CA ILE C 423 46.95 -5.95 1.33
C ILE C 423 45.86 -4.89 1.46
N VAL C 424 46.25 -3.67 1.81
CA VAL C 424 45.31 -2.58 2.00
C VAL C 424 45.13 -1.85 0.68
N TYR C 425 43.90 -1.82 0.18
CA TYR C 425 43.57 -1.16 -1.08
C TYR C 425 42.80 0.11 -0.75
N GLU C 426 43.52 1.23 -0.69
CA GLU C 426 42.90 2.52 -0.39
C GLU C 426 42.35 3.12 -1.67
N GLU C 427 41.06 3.49 -1.64
CA GLU C 427 40.32 4.06 -2.76
C GLU C 427 40.40 3.14 -3.99
N ALA C 428 39.80 1.97 -3.82
CA ALA C 428 39.85 0.91 -4.83
C ALA C 428 39.02 1.25 -6.06
N HIS C 429 38.22 2.32 -6.05
CA HIS C 429 37.48 2.73 -7.23
C HIS C 429 38.40 3.17 -8.36
N LYS C 430 39.65 3.54 -8.07
CA LYS C 430 40.57 3.96 -9.12
C LYS C 430 41.05 2.78 -9.96
N TYR C 431 41.07 1.57 -9.40
CA TYR C 431 41.58 0.41 -10.12
C TYR C 431 40.69 -0.82 -10.09
N ALA C 432 39.76 -0.94 -9.15
CA ALA C 432 38.81 -2.06 -9.11
C ALA C 432 37.39 -1.52 -8.95
N PRO C 433 36.84 -0.89 -9.99
CA PRO C 433 35.51 -0.28 -9.85
C PRO C 433 34.36 -1.21 -10.23
N LYS C 434 33.14 -0.68 -10.16
CA LYS C 434 31.96 -1.41 -10.62
C LYS C 434 31.98 -1.62 -12.13
N SER C 435 32.55 -0.68 -12.87
CA SER C 435 32.47 -0.67 -14.32
C SER C 435 33.22 -1.83 -14.94
N ASP C 436 32.80 -2.23 -16.13
CA ASP C 436 33.31 -3.42 -16.80
C ASP C 436 34.00 -3.07 -18.11
N LEU C 437 34.74 -1.96 -18.14
CA LEU C 437 35.58 -1.69 -19.30
C LEU C 437 36.83 -2.56 -19.28
N SER C 438 37.46 -2.66 -20.45
CA SER C 438 38.65 -3.50 -20.59
C SER C 438 39.87 -2.92 -19.89
N LYS C 439 39.93 -1.59 -19.73
CA LYS C 439 41.10 -0.97 -19.08
C LYS C 439 41.13 -1.20 -17.57
N TYR C 440 40.00 -1.56 -16.96
CA TYR C 440 39.94 -1.90 -15.55
C TYR C 440 40.01 -3.39 -15.30
N ARG C 441 40.13 -4.20 -16.35
CA ARG C 441 39.97 -5.64 -16.21
C ARG C 441 41.14 -6.29 -15.47
N THR C 442 42.38 -5.96 -15.86
CA THR C 442 43.53 -6.69 -15.34
C THR C 442 43.83 -6.33 -13.89
N SER C 443 43.36 -5.17 -13.40
CA SER C 443 43.46 -4.86 -11.98
C SER C 443 42.26 -5.35 -11.21
N LYS C 444 41.16 -5.65 -11.90
CA LYS C 444 39.99 -6.23 -11.24
C LYS C 444 40.27 -7.65 -10.78
N GLU C 445 40.64 -8.53 -11.73
CA GLU C 445 40.83 -9.94 -11.43
C GLU C 445 42.02 -10.21 -10.52
N ALA C 446 42.97 -9.26 -10.42
CA ALA C 446 44.04 -9.39 -9.46
C ALA C 446 43.52 -9.34 -8.03
N ILE C 447 42.52 -8.48 -7.78
CA ILE C 447 41.92 -8.40 -6.46
C ILE C 447 40.76 -9.38 -6.28
N GLU C 448 40.16 -9.86 -7.39
CA GLU C 448 39.19 -10.94 -7.29
C GLU C 448 39.82 -12.21 -6.74
N ARG C 449 41.05 -12.52 -7.18
CA ARG C 449 41.70 -13.75 -6.76
C ARG C 449 42.05 -13.72 -5.27
N ILE C 450 42.40 -12.55 -4.74
CA ILE C 450 42.61 -12.44 -3.30
C ILE C 450 41.29 -12.54 -2.56
N ALA C 451 40.23 -11.94 -3.10
CA ALA C 451 38.92 -11.98 -2.46
C ALA C 451 38.32 -13.38 -2.49
N LYS C 452 38.46 -14.08 -3.62
CA LYS C 452 37.82 -15.39 -3.77
C LYS C 452 38.60 -16.48 -3.06
N GLU C 453 39.83 -16.73 -3.50
CA GLU C 453 40.61 -17.88 -3.05
C GLU C 453 41.79 -17.50 -2.16
N GLY C 454 41.90 -16.24 -1.76
CA GLY C 454 43.01 -15.82 -0.93
C GLY C 454 42.86 -16.10 0.55
N ARG C 455 41.68 -16.55 0.98
CA ARG C 455 41.44 -16.80 2.40
C ARG C 455 42.29 -17.96 2.91
N LYS C 456 42.46 -19.00 2.11
CA LYS C 456 43.19 -20.20 2.53
C LYS C 456 44.69 -20.11 2.25
N TYR C 457 45.16 -19.07 1.57
CA TYR C 457 46.57 -18.91 1.27
C TYR C 457 47.22 -17.80 2.08
N GLY C 458 46.50 -17.22 3.05
CA GLY C 458 47.06 -16.21 3.92
C GLY C 458 47.13 -14.82 3.32
N VAL C 459 46.56 -14.59 2.15
CA VAL C 459 46.58 -13.30 1.49
C VAL C 459 45.16 -12.76 1.51
N THR C 460 44.90 -11.80 2.40
CA THR C 460 43.60 -11.17 2.52
C THR C 460 43.73 -9.68 2.19
N LEU C 461 42.59 -9.03 1.97
CA LEU C 461 42.58 -7.65 1.52
C LEU C 461 41.81 -6.77 2.50
N LEU C 462 42.15 -5.48 2.50
CA LEU C 462 41.43 -4.45 3.22
C LEU C 462 40.97 -3.44 2.18
N LEU C 463 39.66 -3.35 1.98
CA LEU C 463 39.08 -2.49 0.94
C LEU C 463 38.64 -1.17 1.58
N ALA C 464 39.39 -0.10 1.30
CA ALA C 464 38.99 1.24 1.65
C ALA C 464 38.42 1.91 0.41
N SER C 465 37.19 2.41 0.52
CA SER C 465 36.54 3.04 -0.63
C SER C 465 35.58 4.10 -0.15
N GLN C 466 35.30 5.06 -1.04
CA GLN C 466 34.50 6.22 -0.72
C GLN C 466 33.00 5.96 -0.87
N ARG C 467 32.61 4.83 -1.45
CA ARG C 467 31.21 4.50 -1.66
C ARG C 467 31.08 3.01 -1.86
N PRO C 468 30.11 2.35 -1.23
CA PRO C 468 29.94 0.90 -1.47
C PRO C 468 29.43 0.56 -2.86
N SER C 469 28.88 1.53 -3.60
CA SER C 469 28.19 1.26 -4.84
C SER C 469 29.03 1.55 -6.09
N GLU C 470 30.33 1.83 -5.93
CA GLU C 470 31.22 1.93 -7.08
C GLU C 470 32.24 0.81 -7.15
N ILE C 471 32.38 0.01 -6.11
CA ILE C 471 33.27 -1.14 -6.12
C ILE C 471 32.52 -2.34 -6.66
N SER C 472 33.21 -3.19 -7.40
CA SER C 472 32.61 -4.39 -7.97
C SER C 472 32.10 -5.31 -6.87
N GLU C 473 30.90 -5.87 -7.09
CA GLU C 473 30.21 -6.63 -6.06
C GLU C 473 30.92 -7.94 -5.73
N THR C 474 31.71 -8.49 -6.66
CA THR C 474 32.27 -9.81 -6.43
C THR C 474 33.41 -9.75 -5.40
N ILE C 475 34.26 -8.72 -5.50
CA ILE C 475 35.22 -8.46 -4.42
C ILE C 475 34.47 -8.09 -3.15
N PHE C 476 33.43 -7.28 -3.29
CA PHE C 476 32.74 -6.69 -2.14
C PHE C 476 31.87 -7.68 -1.40
N SER C 477 31.47 -8.78 -2.05
CA SER C 477 30.68 -9.81 -1.37
C SER C 477 31.55 -10.66 -0.46
N GLN C 478 32.79 -10.95 -0.87
CA GLN C 478 33.66 -11.79 -0.07
C GLN C 478 34.19 -11.07 1.17
N CYS C 479 34.10 -9.75 1.22
CA CYS C 479 34.48 -9.00 2.41
C CYS C 479 33.40 -9.20 3.47
N ASN C 480 33.62 -10.20 4.34
CA ASN C 480 32.63 -10.50 5.36
C ASN C 480 32.60 -9.43 6.44
N THR C 481 33.76 -8.90 6.83
CA THR C 481 33.83 -7.84 7.82
C THR C 481 33.58 -6.51 7.14
N PHE C 482 32.55 -5.80 7.58
CA PHE C 482 32.14 -4.54 6.98
C PHE C 482 32.23 -3.42 8.00
N ILE C 483 32.92 -2.34 7.61
CA ILE C 483 33.01 -1.13 8.42
C ILE C 483 32.37 -0.01 7.61
N SER C 484 31.47 0.74 8.24
CA SER C 484 30.74 1.80 7.54
C SER C 484 30.80 3.09 8.34
N MET C 485 31.41 4.11 7.75
CA MET C 485 31.41 5.45 8.30
C MET C 485 30.19 6.19 7.78
N ARG C 486 30.15 7.52 7.92
CA ARG C 486 29.00 8.31 7.50
C ARG C 486 28.79 8.20 5.99
N LEU C 487 27.54 7.93 5.59
CA LEU C 487 27.18 7.71 4.19
C LEU C 487 25.91 8.51 3.92
N THR C 488 26.05 9.63 3.20
CA THR C 488 24.92 10.51 2.93
C THR C 488 24.03 10.03 1.80
N ASN C 489 24.55 9.18 0.91
CA ASN C 489 23.75 8.71 -0.21
C ASN C 489 22.85 7.58 0.23
N PRO C 490 21.53 7.66 -0.03
CA PRO C 490 20.63 6.55 0.37
C PRO C 490 20.90 5.24 -0.35
N ASP C 491 21.46 5.29 -1.56
CA ASP C 491 21.86 4.06 -2.23
C ASP C 491 22.99 3.35 -1.49
N ASP C 492 23.84 4.11 -0.80
CA ASP C 492 24.83 3.50 0.08
C ASP C 492 24.17 2.89 1.30
N GLN C 493 23.25 3.63 1.94
CA GLN C 493 22.57 3.14 3.13
C GLN C 493 21.66 1.97 2.82
N ASN C 494 21.07 1.94 1.62
CA ASN C 494 20.27 0.79 1.22
C ASN C 494 21.12 -0.46 1.04
N TYR C 495 22.39 -0.29 0.64
CA TYR C 495 23.27 -1.43 0.47
C TYR C 495 23.71 -2.00 1.82
N VAL C 496 24.00 -1.13 2.79
CA VAL C 496 24.34 -1.58 4.13
C VAL C 496 23.14 -2.23 4.81
N LYS C 497 21.94 -1.72 4.52
CA LYS C 497 20.72 -2.32 5.08
C LYS C 497 20.51 -3.74 4.56
N ARG C 498 20.85 -4.00 3.29
CA ARG C 498 20.70 -5.33 2.74
C ARG C 498 21.77 -6.29 3.24
N LEU C 499 22.91 -5.76 3.72
CA LEU C 499 23.93 -6.63 4.30
C LEU C 499 23.54 -7.13 5.69
N LEU C 500 22.60 -6.47 6.35
CA LEU C 500 22.18 -6.75 7.70
C LEU C 500 20.88 -7.57 7.70
N PRO C 501 20.69 -8.41 8.71
CA PRO C 501 19.40 -9.07 8.88
C PRO C 501 18.33 -8.07 9.30
N ASP C 502 17.07 -8.50 9.15
CA ASP C 502 15.94 -7.62 9.45
C ASP C 502 15.82 -7.29 10.93
N THR C 503 16.40 -8.11 11.81
CA THR C 503 16.33 -7.81 13.24
C THR C 503 17.20 -6.62 13.62
N VAL C 504 18.35 -6.44 12.94
CA VAL C 504 19.26 -5.36 13.25
C VAL C 504 19.38 -4.43 12.05
N GLY C 505 18.30 -4.31 11.28
CA GLY C 505 18.30 -3.40 10.15
C GLY C 505 17.95 -1.96 10.46
N ASP C 506 17.59 -1.67 11.71
CA ASP C 506 17.19 -0.32 12.11
C ASP C 506 18.37 0.56 12.48
N ILE C 507 19.58 -0.02 12.60
CA ILE C 507 20.76 0.77 12.96
C ILE C 507 21.36 1.46 11.76
N THR C 508 20.93 1.09 10.55
CA THR C 508 21.37 1.74 9.32
C THR C 508 20.96 3.20 9.28
N ASN C 509 19.84 3.56 9.92
CA ASN C 509 19.33 4.93 9.91
C ASN C 509 20.25 5.91 10.60
N LEU C 510 21.18 5.45 11.44
CA LEU C 510 22.14 6.31 12.10
C LEU C 510 23.41 6.52 11.30
N LEU C 511 23.54 5.90 10.12
CA LEU C 511 24.75 6.04 9.31
C LEU C 511 25.01 7.47 8.82
N PRO C 512 24.07 8.19 8.20
CA PRO C 512 24.42 9.53 7.70
C PRO C 512 24.60 10.57 8.80
N SER C 513 24.18 10.30 10.03
CA SER C 513 24.36 11.21 11.15
C SER C 513 25.65 10.94 11.91
N LEU C 514 26.49 10.03 11.44
CA LEU C 514 27.74 9.71 12.12
C LEU C 514 28.74 10.84 12.01
N LYS C 515 29.43 11.11 13.12
CA LYS C 515 30.51 12.09 13.13
C LYS C 515 31.79 11.46 12.60
N GLU C 516 32.88 12.22 12.63
CA GLU C 516 34.17 11.70 12.21
C GLU C 516 34.69 10.71 13.25
N GLY C 517 35.15 9.55 12.76
CA GLY C 517 35.64 8.51 13.63
C GLY C 517 34.58 7.56 14.15
N GLU C 518 33.32 7.74 13.77
CA GLU C 518 32.25 6.83 14.15
C GLU C 518 32.01 5.84 13.03
N ALA C 519 31.96 4.55 13.38
CA ALA C 519 31.89 3.48 12.41
C ALA C 519 30.81 2.48 12.79
N LEU C 520 30.27 1.81 11.77
CA LEU C 520 29.33 0.70 11.94
C LEU C 520 30.04 -0.57 11.50
N ILE C 521 30.26 -1.49 12.43
CA ILE C 521 31.03 -2.70 12.18
C ILE C 521 30.11 -3.91 12.30
N MET C 522 30.08 -4.75 11.27
CA MET C 522 29.30 -5.97 11.27
C MET C 522 30.15 -7.11 10.71
N GLY C 523 29.69 -8.34 10.95
CA GLY C 523 30.34 -9.54 10.48
C GLY C 523 30.45 -10.56 11.59
N ASP C 524 31.16 -11.65 11.30
CA ASP C 524 31.41 -12.68 12.31
C ASP C 524 32.47 -12.29 13.32
N SER C 525 33.24 -11.22 13.05
CA SER C 525 34.23 -10.76 14.02
C SER C 525 33.55 -10.13 15.23
N ILE C 526 32.52 -9.34 15.00
CA ILE C 526 31.82 -8.66 16.09
C ILE C 526 30.64 -9.52 16.53
N SER C 527 30.18 -9.28 17.76
CA SER C 527 29.05 -10.03 18.30
C SER C 527 27.75 -9.53 17.69
N ILE C 528 27.45 -8.25 17.87
CA ILE C 528 26.27 -7.62 17.29
C ILE C 528 26.75 -6.41 16.49
N PRO C 529 26.17 -6.15 15.31
CA PRO C 529 26.53 -4.92 14.57
C PRO C 529 26.14 -3.68 15.35
N SER C 530 27.14 -2.87 15.68
CA SER C 530 26.96 -1.72 16.55
C SER C 530 27.68 -0.51 15.98
N ILE C 531 27.19 0.67 16.37
CA ILE C 531 27.87 1.92 16.05
C ILE C 531 28.99 2.12 17.07
N VAL C 532 30.23 2.16 16.59
CA VAL C 532 31.39 2.27 17.46
C VAL C 532 32.14 3.54 17.12
N LYS C 533 32.92 4.03 18.09
CA LYS C 533 33.79 5.18 17.92
C LYS C 533 35.22 4.67 17.89
N ILE C 534 35.89 4.84 16.75
CA ILE C 534 37.25 4.35 16.58
C ILE C 534 38.20 5.17 17.43
N GLU C 535 39.22 4.51 17.98
CA GLU C 535 40.24 5.17 18.78
C GLU C 535 41.00 6.21 17.97
N LYS C 536 41.30 7.34 18.59
CA LYS C 536 41.99 8.42 17.90
C LYS C 536 43.44 8.03 17.62
N CYS C 537 43.92 8.37 16.44
CA CYS C 537 45.29 8.07 16.04
C CYS C 537 46.22 9.10 16.66
N THR C 538 47.00 8.67 17.66
CA THR C 538 48.01 9.55 18.24
C THR C 538 49.18 9.77 17.29
N ILE C 539 49.36 8.89 16.32
CA ILE C 539 50.35 9.05 15.26
C ILE C 539 49.55 9.01 13.96
N PRO C 540 49.00 10.14 13.52
CA PRO C 540 47.97 10.12 12.48
C PRO C 540 48.58 10.18 11.09
N PRO C 541 47.84 9.78 10.06
CA PRO C 541 48.30 9.96 8.69
C PRO C 541 48.36 11.43 8.31
N SER C 542 49.18 11.73 7.30
CA SER C 542 49.35 13.11 6.82
C SER C 542 48.25 13.46 5.82
N SER C 543 47.03 13.52 6.33
CA SER C 543 45.87 13.97 5.58
C SER C 543 45.21 15.06 6.43
N ILE C 544 45.68 16.29 6.28
CA ILE C 544 45.26 17.41 7.10
C ILE C 544 44.29 18.26 6.29
N ASP C 545 43.21 18.69 6.94
CA ASP C 545 42.23 19.55 6.28
C ASP C 545 42.83 20.92 5.97
N ILE C 546 42.56 21.42 4.78
CA ILE C 546 42.97 22.76 4.39
C ILE C 546 41.91 23.73 4.89
N LYS C 547 42.28 24.59 5.84
CA LYS C 547 41.36 25.59 6.37
C LYS C 547 41.13 26.65 5.30
N TYR C 548 40.05 26.48 4.53
CA TYR C 548 39.92 27.17 3.25
C TYR C 548 39.74 28.67 3.44
N LEU C 549 38.99 29.06 4.47
CA LEU C 549 38.82 30.49 4.75
C LEU C 549 40.06 31.10 5.38
N ASP C 550 40.82 30.30 6.15
CA ASP C 550 42.01 30.83 6.80
C ASP C 550 43.10 31.17 5.80
N GLU C 551 43.32 30.30 4.81
CA GLU C 551 44.30 30.62 3.77
C GLU C 551 43.80 31.72 2.85
N TRP C 552 42.49 31.79 2.61
CA TRP C 552 41.93 32.87 1.81
C TRP C 552 42.00 34.22 2.51
N ARG C 553 42.07 34.23 3.85
CA ARG C 553 42.10 35.48 4.59
C ARG C 553 43.47 36.17 4.50
N LYS C 554 44.53 35.44 4.15
CA LYS C 554 45.85 36.03 4.07
C LYS C 554 46.00 36.84 2.77
N GLU C 555 47.19 37.40 2.58
CA GLU C 555 47.47 38.23 1.43
C GLU C 555 47.68 37.37 0.18
N TRP C 556 47.75 38.05 -0.97
CA TRP C 556 48.11 37.40 -2.21
C TRP C 556 49.57 36.99 -2.18
N VAL C 557 49.84 35.71 -2.44
CA VAL C 557 51.18 35.17 -2.33
C VAL C 557 51.78 35.03 -3.73
N ASP C 558 53.11 34.82 -3.77
CA ASP C 558 53.80 34.70 -5.05
C ASP C 558 53.53 33.36 -5.72
N SER C 559 53.24 32.32 -4.93
CA SER C 559 52.78 31.00 -5.34
C SER C 559 53.80 30.20 -6.16
N GLU C 560 55.05 30.66 -6.23
CA GLU C 560 56.25 29.93 -6.71
C GLU C 560 55.98 29.05 -7.95
N PHE C 561 55.61 29.74 -9.04
CA PHE C 561 55.18 29.08 -10.26
C PHE C 561 56.29 28.32 -10.98
N ASP C 562 57.56 28.63 -10.70
CA ASP C 562 58.66 28.06 -11.48
C ASP C 562 58.84 26.57 -11.21
N LYS C 563 58.88 26.18 -9.93
CA LYS C 563 59.12 24.77 -9.61
C LYS C 563 57.86 23.92 -9.65
N ILE C 564 56.67 24.52 -9.71
CA ILE C 564 55.45 23.75 -9.86
C ILE C 564 55.38 23.13 -11.25
N ILE C 565 55.65 23.93 -12.28
CA ILE C 565 55.66 23.41 -13.65
C ILE C 565 56.93 22.64 -13.98
N GLU C 566 57.98 22.77 -13.16
CA GLU C 566 59.18 21.99 -13.38
C GLU C 566 58.98 20.53 -12.98
N GLN C 567 58.35 20.29 -11.82
CA GLN C 567 58.04 18.93 -11.41
C GLN C 567 56.89 18.36 -12.25
N TRP C 568 55.94 19.21 -12.66
CA TRP C 568 54.87 18.79 -13.57
C TRP C 568 55.43 18.26 -14.88
N SER C 569 56.43 18.94 -15.43
CA SER C 569 57.08 18.45 -16.65
C SER C 569 57.91 17.20 -16.38
N LYS C 570 58.42 17.04 -15.15
CA LYS C 570 59.19 15.85 -14.81
C LYS C 570 58.30 14.62 -14.73
N SER C 571 57.09 14.77 -14.17
CA SER C 571 56.17 13.66 -14.02
C SER C 571 55.56 13.25 -15.35
N ASN D 5 -1.08 35.81 31.47
CA ASN D 5 -0.28 34.97 30.57
C ASN D 5 -0.76 35.11 29.13
N ASP D 6 0.10 35.67 28.27
CA ASP D 6 -0.26 35.86 26.87
C ASP D 6 -0.33 34.53 26.13
N ILE D 7 0.57 33.60 26.46
CA ILE D 7 0.59 32.28 25.85
C ILE D 7 0.48 31.22 26.95
N ASN D 8 -0.17 30.12 26.60
CA ASN D 8 -0.20 28.92 27.45
C ASN D 8 -0.09 27.73 26.51
N ALA D 9 1.14 27.32 26.22
CA ALA D 9 1.44 26.17 25.37
C ALA D 9 2.27 25.19 26.18
N GLU D 10 2.05 23.90 25.94
CA GLU D 10 2.69 22.91 26.78
C GLU D 10 2.79 21.58 26.03
N VAL D 11 3.93 20.90 26.19
CA VAL D 11 4.17 19.62 25.53
C VAL D 11 3.26 18.55 26.14
N VAL D 12 2.55 17.83 25.29
CA VAL D 12 1.70 16.73 25.74
C VAL D 12 2.18 15.36 25.29
N SER D 13 3.11 15.28 24.33
CA SER D 13 3.65 14.01 23.89
C SER D 13 5.07 14.21 23.39
N VAL D 14 5.94 13.24 23.67
CA VAL D 14 7.36 13.33 23.34
C VAL D 14 7.76 12.07 22.56
N SER D 15 8.36 12.27 21.40
CA SER D 15 9.02 11.25 20.61
C SER D 15 10.53 11.49 20.66
N PRO D 16 11.35 10.57 20.10
CA PRO D 16 12.79 10.85 20.00
C PRO D 16 13.14 12.12 19.24
N ASN D 17 12.39 12.45 18.19
CA ASN D 17 12.69 13.64 17.40
C ASN D 17 11.43 14.41 17.07
N LYS D 18 10.44 14.41 17.97
CA LYS D 18 9.15 15.02 17.69
C LYS D 18 8.51 15.40 19.01
N LEU D 19 7.77 16.50 19.01
CA LEU D 19 7.01 16.95 20.18
C LEU D 19 5.60 17.33 19.77
N LYS D 20 4.66 17.10 20.68
CA LYS D 20 3.27 17.50 20.51
C LYS D 20 2.97 18.60 21.53
N ILE D 21 2.68 19.80 21.03
CA ILE D 21 2.47 20.96 21.89
C ILE D 21 1.02 21.41 21.76
N SER D 22 0.35 21.54 22.89
CA SER D 22 -1.04 21.99 22.94
C SER D 22 -1.10 23.39 23.51
N VAL D 23 -1.65 24.32 22.73
CA VAL D 23 -1.87 25.69 23.19
C VAL D 23 -3.22 25.74 23.88
N ASP D 24 -3.24 26.17 25.14
CA ASP D 24 -4.44 26.11 25.97
C ASP D 24 -5.23 27.40 25.99
N ASP D 25 -4.57 28.56 26.00
CA ASP D 25 -5.26 29.83 26.17
C ASP D 25 -5.26 30.69 24.91
N LEU D 26 -4.07 31.03 24.39
CA LEU D 26 -3.90 31.96 23.27
C LEU D 26 -4.64 33.27 23.51
N GLU D 27 -4.23 33.97 24.57
CA GLU D 27 -4.89 35.23 24.93
C GLU D 27 -4.50 36.34 23.95
N GLU D 28 -3.23 36.43 23.59
CA GLU D 28 -2.76 37.42 22.63
C GLU D 28 -2.75 36.79 21.23
N PHE D 29 -3.57 37.34 20.33
CA PHE D 29 -3.64 36.82 18.96
C PHE D 29 -2.37 37.12 18.17
N LYS D 30 -1.59 38.12 18.58
CA LYS D 30 -0.41 38.50 17.80
C LYS D 30 0.71 37.48 17.91
N ILE D 31 0.74 36.70 18.99
CA ILE D 31 1.78 35.70 19.16
C ILE D 31 1.62 34.58 18.14
N ALA D 32 0.38 34.19 17.84
CA ALA D 32 0.14 33.10 16.89
C ALA D 32 0.52 33.49 15.47
N GLU D 33 0.44 34.78 15.13
CA GLU D 33 0.66 35.21 13.75
C GLU D 33 2.14 35.11 13.36
N GLU D 34 3.04 35.61 14.22
CA GLU D 34 4.45 35.69 13.85
C GLU D 34 5.39 34.88 14.73
N LYS D 35 4.90 34.28 15.83
CA LYS D 35 5.77 33.49 16.69
C LYS D 35 5.37 32.02 16.80
N LEU D 36 4.20 31.64 16.30
CA LEU D 36 3.75 30.25 16.33
C LEU D 36 3.63 29.64 14.94
N GLY D 37 4.22 30.29 13.92
CA GLY D 37 4.19 29.75 12.58
C GLY D 37 5.19 28.63 12.38
N VAL D 38 5.14 28.03 11.19
CA VAL D 38 6.04 26.93 10.87
C VAL D 38 7.44 27.48 10.63
N GLY D 39 8.41 26.85 11.28
CA GLY D 39 9.79 27.32 11.25
C GLY D 39 10.16 28.24 12.39
N SER D 40 9.21 28.64 13.22
CA SER D 40 9.48 29.48 14.38
C SER D 40 10.18 28.65 15.46
N TYR D 41 10.77 29.36 16.41
CA TYR D 41 11.55 28.74 17.47
C TYR D 41 10.77 28.76 18.77
N LEU D 42 10.63 27.59 19.40
CA LEU D 42 9.90 27.45 20.64
C LEU D 42 10.86 27.09 21.76
N ARG D 43 10.56 27.60 22.96
CA ARG D 43 11.36 27.33 24.16
C ARG D 43 10.60 26.32 25.01
N VAL D 44 11.18 25.13 25.18
CA VAL D 44 10.55 24.04 25.92
C VAL D 44 11.32 23.86 27.22
N SER D 45 10.71 24.29 28.33
CA SER D 45 11.38 24.22 29.63
C SER D 45 10.34 24.33 30.73
N ASP D 46 10.77 23.99 31.94
CA ASP D 46 10.00 24.23 33.15
C ASP D 46 10.65 25.28 34.04
N ASN D 47 11.72 25.91 33.57
CA ASN D 47 12.41 26.98 34.28
C ASN D 47 13.02 27.93 33.24
N GLN D 48 13.67 28.98 33.73
CA GLN D 48 14.31 29.96 32.86
C GLN D 48 15.82 29.83 32.87
N ASP D 49 16.34 28.63 33.12
CA ASP D 49 17.77 28.36 33.08
C ASP D 49 18.14 27.37 31.99
N VAL D 50 17.52 26.19 31.97
CA VAL D 50 17.85 25.12 31.05
C VAL D 50 16.61 24.81 30.21
N ALA D 51 16.77 24.76 28.89
CA ALA D 51 15.64 24.65 27.98
C ALA D 51 15.99 23.77 26.79
N LEU D 52 14.95 23.34 26.08
CA LEU D 52 15.05 22.72 24.78
C LEU D 52 14.45 23.65 23.74
N LEU D 53 15.17 23.90 22.66
CA LEU D 53 14.69 24.72 21.57
C LEU D 53 14.15 23.82 20.45
N ALA D 54 13.12 24.29 19.76
CA ALA D 54 12.42 23.45 18.79
C ALA D 54 12.02 24.26 17.56
N ILE D 55 12.01 23.59 16.41
CA ILE D 55 11.44 24.10 15.16
C ILE D 55 10.00 23.63 15.06
N ILE D 56 9.08 24.56 14.84
CA ILE D 56 7.70 24.21 14.58
C ILE D 56 7.62 23.60 13.18
N ASP D 57 7.15 22.36 13.10
CA ASP D 57 7.01 21.67 11.83
C ASP D 57 5.60 21.72 11.27
N ASN D 58 4.59 21.64 12.13
CA ASN D 58 3.21 21.59 11.70
C ASN D 58 2.33 22.16 12.81
N PHE D 59 1.14 22.60 12.43
CA PHE D 59 0.16 23.05 13.41
C PHE D 59 -1.24 22.82 12.86
N SER D 60 -2.20 22.76 13.79
CA SER D 60 -3.60 22.56 13.42
C SER D 60 -4.46 23.15 14.54
N ILE D 61 -5.35 24.07 14.17
CA ILE D 61 -6.22 24.75 15.13
C ILE D 61 -7.66 24.40 14.76
N GLU D 62 -8.24 23.40 15.44
CA GLU D 62 -9.61 22.99 15.19
C GLU D 62 -10.55 23.65 16.18
N VAL D 63 -11.73 24.05 15.70
CA VAL D 63 -12.79 24.56 16.55
C VAL D 63 -14.07 23.78 16.23
N LYS D 64 -14.78 23.37 17.28
CA LYS D 64 -16.08 22.74 17.14
C LYS D 64 -17.12 23.41 18.02
N GLU D 65 -18.29 22.78 18.17
CA GLU D 65 -19.47 23.45 18.71
C GLU D 65 -19.31 23.84 20.18
N SER D 66 -19.20 22.85 21.06
CA SER D 66 -19.30 23.09 22.50
C SER D 66 -17.95 23.14 23.19
N GLN D 67 -17.08 22.16 22.94
CA GLN D 67 -15.83 22.07 23.67
C GLN D 67 -14.83 23.11 23.16
N LYS D 68 -13.70 23.20 23.88
CA LYS D 68 -12.77 24.31 23.69
C LYS D 68 -11.96 24.14 22.40
N GLN D 69 -11.22 25.20 22.08
CA GLN D 69 -10.40 25.23 20.88
C GLN D 69 -9.21 24.29 21.02
N LYS D 70 -8.98 23.47 19.99
CA LYS D 70 -7.89 22.50 19.98
C LYS D 70 -6.78 23.04 19.09
N TYR D 71 -5.76 23.64 19.71
CA TYR D 71 -4.58 24.12 19.02
C TYR D 71 -3.46 23.12 19.29
N MET D 72 -3.03 22.41 18.25
CA MET D 72 -1.98 21.42 18.36
C MET D 72 -0.79 21.89 17.54
N ILE D 73 0.38 21.95 18.17
CA ILE D 73 1.61 22.37 17.50
C ILE D 73 2.56 21.18 17.44
N GLU D 74 2.99 20.82 16.25
CA GLU D 74 3.94 19.73 16.03
C GLU D 74 5.32 20.33 15.86
N ALA D 75 6.24 19.99 16.77
CA ALA D 75 7.59 20.52 16.75
C ALA D 75 8.59 19.40 16.97
N SER D 76 9.85 19.68 16.63
CA SER D 76 10.93 18.73 16.77
C SER D 76 12.05 19.37 17.59
N PRO D 77 12.62 18.67 18.57
CA PRO D 77 13.69 19.26 19.38
C PRO D 77 14.96 19.42 18.55
N ILE D 78 15.55 20.62 18.61
CA ILE D 78 16.70 20.97 17.79
C ILE D 78 17.94 21.28 18.61
N GLY D 79 17.86 21.28 19.94
CA GLY D 79 19.05 21.50 20.73
C GLY D 79 18.72 21.76 22.19
N LEU D 80 19.71 22.32 22.89
CA LEU D 80 19.64 22.56 24.32
C LEU D 80 20.28 23.90 24.63
N VAL D 81 19.61 24.69 25.47
CA VAL D 81 20.13 25.97 25.94
C VAL D 81 20.40 25.86 27.43
N LYS D 82 21.64 26.09 27.82
CA LYS D 82 22.06 26.06 29.22
C LYS D 82 22.52 27.46 29.60
N ASN D 83 21.62 28.20 30.26
CA ASN D 83 21.73 29.58 30.76
C ASN D 83 22.57 30.49 29.88
N GLY D 84 22.20 30.60 28.60
CA GLY D 84 22.89 31.50 27.70
C GLY D 84 23.54 30.83 26.50
N LYS D 85 24.11 29.65 26.70
CA LYS D 85 24.84 28.94 25.65
C LYS D 85 23.98 27.83 25.06
N PHE D 86 23.91 27.78 23.73
CA PHE D 86 23.17 26.76 23.02
C PHE D 86 24.05 25.56 22.72
N TYR D 87 23.44 24.38 22.73
CA TYR D 87 24.14 23.13 22.46
C TYR D 87 23.42 22.38 21.35
N ARG D 88 24.11 22.13 20.25
CA ARG D 88 23.53 21.42 19.12
C ARG D 88 23.36 19.94 19.45
N GLY D 89 22.74 19.22 18.52
CA GLY D 89 22.52 17.80 18.71
C GLY D 89 21.39 17.53 19.67
N GLY D 90 20.16 17.88 19.28
CA GLY D 90 19.05 17.80 20.20
C GLY D 90 18.47 16.40 20.32
N ASP D 91 18.86 15.71 21.38
CA ASP D 91 18.32 14.40 21.70
C ASP D 91 18.09 14.20 23.18
N SER D 92 18.31 15.23 24.00
CA SER D 92 18.04 15.14 25.43
C SER D 92 16.54 15.07 25.67
N LEU D 93 16.16 14.25 26.65
CA LEU D 93 14.75 13.98 26.90
C LEU D 93 14.13 15.05 27.79
N ALA D 94 13.05 15.66 27.31
CA ALA D 94 12.23 16.56 28.11
C ALA D 94 10.99 15.78 28.55
N LEU D 95 10.87 15.55 29.85
CA LEU D 95 9.76 14.78 30.37
C LEU D 95 8.49 15.62 30.32
N PRO D 96 7.45 15.19 29.60
CA PRO D 96 6.24 16.00 29.53
C PRO D 96 5.45 15.91 30.81
N PRO D 97 4.66 16.94 31.16
CA PRO D 97 4.43 18.20 30.44
C PRO D 97 5.51 19.26 30.67
N LYS D 98 5.76 20.11 29.69
CA LYS D 98 6.76 21.17 29.79
C LYS D 98 6.17 22.45 29.21
N LYS D 99 6.34 23.56 29.93
CA LYS D 99 5.77 24.83 29.50
C LYS D 99 6.49 25.33 28.26
N VAL D 100 5.72 25.79 27.27
CA VAL D 100 6.25 26.19 25.97
C VAL D 100 5.93 27.66 25.75
N GLU D 101 6.98 28.46 25.50
CA GLU D 101 6.86 29.85 25.10
C GLU D 101 7.68 30.05 23.83
N PRO D 102 7.33 31.04 23.00
CA PRO D 102 8.18 31.37 21.85
C PRO D 102 9.55 31.83 22.30
N ALA D 103 10.58 31.44 21.54
CA ALA D 103 11.95 31.72 21.91
C ALA D 103 12.27 33.20 21.71
N LYS D 104 13.12 33.72 22.60
CA LYS D 104 13.52 35.12 22.54
C LYS D 104 14.54 35.33 21.42
N LEU D 105 14.81 36.62 21.14
CA LEU D 105 15.75 36.96 20.08
C LEU D 105 17.17 36.54 20.42
N ASP D 106 17.53 36.56 21.72
CA ASP D 106 18.86 36.13 22.12
C ASP D 106 19.04 34.62 21.97
N GLU D 107 17.97 33.85 22.18
CA GLU D 107 18.07 32.40 22.05
C GLU D 107 18.27 31.98 20.59
N ILE D 108 17.58 32.67 19.66
CA ILE D 108 17.72 32.35 18.25
C ILE D 108 19.10 32.74 17.74
N ILE D 109 19.65 33.85 18.24
CA ILE D 109 21.01 34.26 17.88
C ILE D 109 22.03 33.24 18.38
N SER D 110 21.83 32.75 19.61
CA SER D 110 22.78 31.82 20.22
C SER D 110 22.83 30.46 19.54
N ILE D 111 21.83 30.14 18.70
CA ILE D 111 21.85 28.87 17.98
C ILE D 111 23.00 28.82 16.99
N TYR D 112 23.19 29.90 16.24
CA TYR D 112 24.20 29.95 15.19
C TYR D 112 25.50 30.59 15.65
N SER D 113 25.46 31.48 16.65
CA SER D 113 26.67 32.16 17.09
C SER D 113 27.55 31.27 17.96
N ASP D 114 26.94 30.45 18.82
CA ASP D 114 27.71 29.65 19.77
C ASP D 114 28.38 28.44 19.11
N SER D 115 27.74 27.85 18.10
CA SER D 115 28.27 26.61 17.52
C SER D 115 29.53 26.85 16.71
N ILE D 116 29.64 27.99 16.04
CA ILE D 116 30.78 28.31 15.18
C ILE D 116 31.63 29.37 15.88
N ASP D 117 32.94 29.18 15.84
CA ASP D 117 33.86 30.13 16.44
C ASP D 117 33.86 31.44 15.65
N ILE D 118 34.32 32.52 16.32
CA ILE D 118 34.26 33.84 15.72
C ILE D 118 35.27 33.97 14.58
N ASN D 119 36.41 33.27 14.66
CA ASN D 119 37.39 33.32 13.58
C ASN D 119 36.95 32.46 12.41
N ASP D 120 36.21 31.38 12.66
CA ASP D 120 35.84 30.43 11.62
C ASP D 120 34.55 30.78 10.88
N ARG D 121 33.74 31.69 11.41
CA ARG D 121 32.41 31.92 10.86
C ARG D 121 32.46 32.70 9.56
N PHE D 122 31.57 32.35 8.64
CA PHE D 122 31.44 33.02 7.34
C PHE D 122 29.96 33.36 7.15
N THR D 123 29.66 34.66 7.06
CA THR D 123 28.29 35.14 7.00
C THR D 123 27.99 35.67 5.60
N PHE D 124 26.95 35.13 4.98
CA PHE D 124 26.48 35.66 3.70
C PHE D 124 24.95 35.73 3.66
N SER D 125 24.26 35.41 4.75
CA SER D 125 22.81 35.35 4.76
C SER D 125 22.31 35.59 6.17
N SER D 126 21.03 35.95 6.26
CA SER D 126 20.33 36.11 7.52
C SER D 126 19.15 35.17 7.57
N LEU D 127 18.61 34.97 8.77
CA LEU D 127 17.46 34.07 8.93
C LEU D 127 16.23 34.65 8.26
N SER D 128 15.46 33.76 7.61
CA SER D 128 14.31 34.21 6.82
C SER D 128 13.18 34.70 7.72
N LEU D 129 12.88 33.98 8.79
CA LEU D 129 11.77 34.37 9.66
C LEU D 129 12.12 35.58 10.53
N ASN D 130 13.40 35.78 10.83
CA ASN D 130 13.85 36.92 11.63
C ASN D 130 15.11 37.46 10.94
N THR D 131 14.96 38.57 10.21
CA THR D 131 16.06 39.13 9.44
C THR D 131 17.14 39.76 10.31
N LYS D 132 16.86 40.02 11.59
CA LYS D 132 17.87 40.55 12.49
C LYS D 132 18.86 39.48 12.93
N VAL D 133 18.51 38.21 12.82
CA VAL D 133 19.39 37.12 13.20
C VAL D 133 20.31 36.82 12.03
N SER D 134 21.61 36.83 12.29
CA SER D 134 22.61 36.50 11.29
C SER D 134 22.92 35.01 11.34
N VAL D 135 22.95 34.38 10.17
CA VAL D 135 23.22 32.95 10.10
C VAL D 135 24.58 32.75 9.42
N PRO D 136 25.62 32.42 10.17
CA PRO D 136 26.92 32.11 9.56
C PRO D 136 27.08 30.62 9.31
N VAL D 137 28.13 30.30 8.57
CA VAL D 137 28.55 28.92 8.34
C VAL D 137 30.03 28.81 8.69
N ASN D 138 30.46 27.58 8.94
CA ASN D 138 31.88 27.31 9.19
C ASN D 138 32.62 27.49 7.88
N GLY D 139 33.28 28.66 7.72
CA GLY D 139 33.84 29.04 6.44
C GLY D 139 34.95 28.12 5.95
N ASN D 140 35.73 27.57 6.87
CA ASN D 140 36.69 26.54 6.50
C ASN D 140 35.97 25.29 6.01
N ARG D 141 34.93 24.86 6.73
CA ARG D 141 34.16 23.70 6.34
C ARG D 141 33.20 23.97 5.19
N PHE D 142 32.79 25.23 4.99
CA PHE D 142 31.88 25.56 3.90
C PHE D 142 32.54 25.37 2.55
N PHE D 143 33.77 25.84 2.40
CA PHE D 143 34.43 25.87 1.09
C PHE D 143 35.30 24.64 0.82
N ASN D 144 35.94 24.08 1.85
CA ASN D 144 36.78 22.91 1.65
C ASN D 144 35.94 21.69 1.28
N LYS D 145 34.79 21.53 1.91
CA LYS D 145 33.79 20.58 1.43
C LYS D 145 33.03 21.20 0.27
N HIS D 146 32.70 20.38 -0.72
CA HIS D 146 32.14 20.90 -1.97
C HIS D 146 30.72 21.41 -1.77
N ILE D 147 30.42 22.54 -2.43
CA ILE D 147 29.13 23.21 -2.30
C ILE D 147 28.27 22.87 -3.51
N ALA D 148 26.97 22.75 -3.28
CA ALA D 148 25.99 22.46 -4.34
C ALA D 148 24.82 23.41 -4.17
N ILE D 149 24.77 24.44 -5.02
CA ILE D 149 23.73 25.46 -4.96
C ILE D 149 22.78 25.22 -6.13
N VAL D 150 21.51 24.98 -5.82
CA VAL D 150 20.51 24.66 -6.83
C VAL D 150 19.31 25.59 -6.67
N GLY D 151 18.53 25.69 -7.74
CA GLY D 151 17.35 26.54 -7.78
C GLY D 151 16.79 26.66 -9.19
N SER D 152 15.47 26.67 -9.30
CA SER D 152 14.82 26.72 -10.60
C SER D 152 14.90 28.13 -11.20
N THR D 153 14.28 28.30 -12.36
CA THR D 153 14.29 29.60 -13.03
C THR D 153 13.46 30.60 -12.25
N GLY D 154 14.03 31.78 -12.00
CA GLY D 154 13.37 32.80 -11.22
C GLY D 154 13.61 32.71 -9.72
N SER D 155 14.31 31.67 -9.26
CA SER D 155 14.57 31.54 -7.83
C SER D 155 15.64 32.52 -7.37
N GLY D 156 16.68 32.71 -8.18
CA GLY D 156 17.75 33.62 -7.81
C GLY D 156 19.01 32.90 -7.37
N LYS D 157 19.31 31.77 -8.02
CA LYS D 157 20.50 31.00 -7.67
C LYS D 157 21.77 31.73 -8.10
N SER D 158 21.72 32.47 -9.20
CA SER D 158 22.89 33.23 -9.64
C SER D 158 23.20 34.38 -8.71
N HIS D 159 22.20 34.88 -7.98
CA HIS D 159 22.44 35.97 -7.04
C HIS D 159 23.17 35.48 -5.80
N THR D 160 22.79 34.31 -5.27
CA THR D 160 23.44 33.81 -4.07
C THR D 160 24.82 33.22 -4.34
N VAL D 161 25.10 32.80 -5.57
CA VAL D 161 26.43 32.33 -5.90
C VAL D 161 27.39 33.52 -5.95
N ALA D 162 26.96 34.61 -6.59
CA ALA D 162 27.77 35.83 -6.64
C ALA D 162 27.90 36.47 -5.26
N LYS D 163 26.86 36.36 -4.42
CA LYS D 163 26.93 36.94 -3.08
C LYS D 163 27.92 36.18 -2.19
N ILE D 164 28.00 34.86 -2.34
CA ILE D 164 28.97 34.08 -1.58
C ILE D 164 30.38 34.41 -2.01
N LEU D 165 30.62 34.50 -3.32
CA LEU D 165 31.94 34.83 -3.82
C LEU D 165 32.30 36.30 -3.58
N GLN D 166 31.31 37.18 -3.41
CA GLN D 166 31.61 38.56 -3.09
C GLN D 166 32.14 38.71 -1.67
N LYS D 167 31.55 38.00 -0.71
CA LYS D 167 32.08 37.99 0.65
C LYS D 167 33.33 37.13 0.77
N ALA D 168 33.56 36.21 -0.16
CA ALA D 168 34.81 35.44 -0.15
C ALA D 168 35.99 36.32 -0.50
N VAL D 169 35.83 37.22 -1.48
CA VAL D 169 36.88 38.18 -1.82
C VAL D 169 37.03 39.20 -0.69
N ASP D 170 35.92 39.66 -0.13
CA ASP D 170 35.95 40.67 0.92
C ASP D 170 36.47 40.14 2.26
N GLU D 171 36.56 38.81 2.42
CA GLU D 171 37.03 38.22 3.66
C GLU D 171 38.55 38.36 3.74
N LYS D 172 39.01 39.48 4.28
CA LYS D 172 40.42 39.76 4.46
C LYS D 172 40.74 39.96 5.94
N GLN D 173 42.01 39.80 6.28
CA GLN D 173 42.48 40.07 7.62
C GLN D 173 42.85 41.54 7.76
N GLU D 174 42.64 42.08 8.96
CA GLU D 174 42.97 43.47 9.22
C GLU D 174 44.47 43.66 9.28
N GLY D 175 44.94 44.77 8.71
CA GLY D 175 46.36 45.08 8.64
C GLY D 175 46.87 45.28 7.23
N TYR D 176 46.21 44.72 6.22
CA TYR D 176 46.60 44.89 4.83
C TYR D 176 45.37 45.22 3.99
N LYS D 177 45.57 46.07 3.00
CA LYS D 177 44.54 46.43 2.03
C LYS D 177 44.96 45.97 0.64
N GLY D 178 44.00 45.48 -0.13
CA GLY D 178 44.29 44.98 -1.46
C GLY D 178 43.54 43.70 -1.79
N LEU D 179 44.21 42.76 -2.43
CA LEU D 179 43.61 41.50 -2.82
C LEU D 179 44.01 40.40 -1.83
N ASN D 180 43.02 39.63 -1.39
CA ASN D 180 43.28 38.49 -0.52
C ASN D 180 43.60 37.26 -1.38
N ASN D 181 43.79 36.12 -0.72
CA ASN D 181 44.25 34.90 -1.39
C ASN D 181 43.11 34.03 -1.89
N SER D 182 41.92 34.59 -2.07
CA SER D 182 40.80 33.83 -2.62
C SER D 182 41.00 33.63 -4.12
N HIS D 183 40.79 32.41 -4.58
CA HIS D 183 40.98 32.06 -6.00
C HIS D 183 39.75 31.30 -6.47
N ILE D 184 38.95 31.94 -7.32
CA ILE D 184 37.67 31.40 -7.77
C ILE D 184 37.66 31.38 -9.29
N ILE D 185 37.27 30.24 -9.87
CA ILE D 185 37.10 30.08 -11.31
C ILE D 185 35.64 29.76 -11.57
N ILE D 186 34.99 30.54 -12.44
CA ILE D 186 33.56 30.42 -12.70
C ILE D 186 33.35 29.97 -14.13
N PHE D 187 32.60 28.87 -14.29
CA PHE D 187 32.22 28.35 -15.60
C PHE D 187 30.79 28.78 -15.93
N ASP D 188 30.61 30.07 -16.15
CA ASP D 188 29.27 30.56 -16.46
C ASP D 188 28.92 30.35 -17.93
N ILE D 189 27.70 29.91 -18.18
CA ILE D 189 27.22 29.62 -19.52
C ILE D 189 26.18 30.67 -19.95
N HIS D 190 26.20 31.83 -19.30
CA HIS D 190 25.23 32.88 -19.61
C HIS D 190 25.84 34.26 -19.72
N SER D 191 27.14 34.41 -19.50
CA SER D 191 27.84 35.71 -19.46
C SER D 191 27.17 36.67 -18.48
N GLU D 192 26.86 36.15 -17.29
CA GLU D 192 26.11 36.90 -16.30
C GLU D 192 26.95 37.44 -15.15
N TYR D 193 28.13 36.88 -14.92
CA TYR D 193 28.96 37.30 -13.79
C TYR D 193 29.95 38.40 -14.17
N GLU D 194 29.82 38.97 -15.37
CA GLU D 194 30.73 40.02 -15.82
C GLU D 194 30.63 41.26 -14.94
N ASN D 195 29.41 41.76 -14.72
CA ASN D 195 29.26 42.95 -13.90
C ASN D 195 29.39 42.66 -12.41
N ALA D 196 29.03 41.44 -11.98
CA ALA D 196 28.98 41.11 -10.55
C ALA D 196 30.36 41.18 -9.91
N PHE D 197 31.41 40.94 -10.68
CA PHE D 197 32.79 41.10 -10.22
C PHE D 197 33.51 41.98 -11.23
N PRO D 198 33.42 43.31 -11.07
CA PRO D 198 34.06 44.21 -12.04
C PRO D 198 35.57 44.11 -12.07
N ASN D 199 36.20 43.73 -10.97
CA ASN D 199 37.66 43.62 -10.88
C ASN D 199 38.18 42.27 -11.36
N SER D 200 37.29 41.39 -11.83
CA SER D 200 37.65 40.04 -12.23
C SER D 200 38.27 40.03 -13.63
N ASN D 201 38.83 38.88 -13.99
CA ASN D 201 39.38 38.64 -15.32
C ASN D 201 38.47 37.64 -16.03
N VAL D 202 37.95 38.05 -17.18
CA VAL D 202 37.00 37.24 -17.95
C VAL D 202 37.69 36.77 -19.22
N LEU D 203 37.56 35.46 -19.51
CA LEU D 203 38.22 34.84 -20.65
C LEU D 203 37.18 34.11 -21.49
N ASN D 204 36.68 34.78 -22.53
CA ASN D 204 35.88 34.08 -23.52
C ASN D 204 36.79 33.29 -24.47
N VAL D 205 36.15 32.42 -25.27
CA VAL D 205 36.87 31.45 -26.08
C VAL D 205 37.74 32.12 -27.14
N ASP D 206 37.33 33.31 -27.62
CA ASP D 206 38.01 33.96 -28.73
C ASP D 206 39.44 34.36 -28.40
N THR D 207 39.68 34.88 -27.19
CA THR D 207 41.02 35.29 -26.81
C THR D 207 41.69 34.37 -25.79
N LEU D 208 40.95 33.43 -25.19
CA LEU D 208 41.57 32.46 -24.32
C LEU D 208 42.36 31.45 -25.14
N THR D 209 43.61 31.20 -24.76
CA THR D 209 44.47 30.27 -25.44
C THR D 209 44.76 29.09 -24.52
N LEU D 210 44.49 27.88 -25.02
CA LEU D 210 44.73 26.64 -24.28
C LEU D 210 45.55 25.72 -25.17
N PRO D 211 46.88 25.73 -25.04
CA PRO D 211 47.73 24.98 -25.98
C PRO D 211 47.46 23.48 -25.94
N TYR D 212 47.50 22.86 -27.13
CA TYR D 212 47.19 21.45 -27.26
C TYR D 212 48.26 20.55 -26.67
N TRP D 213 49.48 21.06 -26.49
CA TRP D 213 50.54 20.26 -25.90
C TRP D 213 50.44 20.18 -24.38
N LEU D 214 49.51 20.92 -23.77
CA LEU D 214 49.23 20.77 -22.35
C LEU D 214 48.33 19.58 -22.06
N LEU D 215 47.69 19.01 -23.07
CA LEU D 215 46.88 17.81 -22.88
C LEU D 215 47.79 16.63 -22.56
N ASN D 216 47.38 15.81 -21.59
CA ASN D 216 48.15 14.63 -21.24
C ASN D 216 47.72 13.48 -22.17
N GLY D 217 48.14 12.25 -21.87
CA GLY D 217 47.95 11.15 -22.81
C GLY D 217 46.51 10.76 -23.05
N ASP D 218 45.64 10.96 -22.05
CA ASP D 218 44.26 10.50 -22.18
C ASP D 218 43.45 11.37 -23.14
N GLU D 219 43.49 12.69 -22.95
CA GLU D 219 42.67 13.56 -23.79
C GLU D 219 43.32 13.85 -25.13
N LEU D 220 44.61 13.58 -25.29
CA LEU D 220 45.22 13.65 -26.62
C LEU D 220 44.61 12.61 -27.55
N GLU D 221 44.33 11.42 -27.03
CA GLU D 221 43.59 10.42 -27.79
C GLU D 221 42.10 10.71 -27.84
N GLU D 222 41.56 11.49 -26.90
CA GLU D 222 40.16 11.86 -26.97
C GLU D 222 39.92 12.96 -28.02
N LEU D 223 40.88 13.86 -28.19
CA LEU D 223 40.78 14.90 -29.22
C LEU D 223 41.08 14.33 -30.60
N PHE D 224 42.29 13.80 -30.79
CA PHE D 224 42.77 13.41 -32.10
C PHE D 224 42.41 11.98 -32.47
N LEU D 225 42.75 11.01 -31.63
CA LEU D 225 42.48 9.62 -31.94
C LEU D 225 40.98 9.32 -31.80
N ASP D 226 40.61 8.12 -32.21
CA ASP D 226 39.22 7.67 -32.17
C ASP D 226 39.19 6.43 -31.27
N THR D 227 38.44 6.51 -30.18
CA THR D 227 38.35 5.41 -29.23
C THR D 227 37.44 4.29 -29.70
N GLU D 228 36.48 4.58 -30.59
CA GLU D 228 35.55 3.56 -31.04
C GLU D 228 36.24 2.49 -31.89
N ALA D 229 37.13 2.90 -32.79
CA ALA D 229 37.88 1.92 -33.58
C ALA D 229 38.83 1.12 -32.70
N ASN D 230 39.64 1.83 -31.89
CA ASN D 230 40.58 1.27 -30.93
C ASN D 230 41.54 0.30 -31.63
N ASP D 231 42.26 0.84 -32.62
CA ASP D 231 43.26 0.09 -33.34
C ASP D 231 44.65 0.56 -32.91
N HIS D 232 45.55 -0.40 -32.69
CA HIS D 232 46.83 -0.12 -32.05
C HIS D 232 47.85 0.45 -33.03
N ASN D 233 47.71 0.16 -34.32
CA ASN D 233 48.64 0.68 -35.31
C ASN D 233 48.53 2.19 -35.45
N GLN D 234 47.31 2.71 -35.49
CA GLN D 234 47.13 4.17 -35.52
C GLN D 234 47.54 4.80 -34.20
N ARG D 235 47.26 4.11 -33.08
CA ARG D 235 47.63 4.63 -31.77
C ARG D 235 49.15 4.71 -31.59
N ASN D 236 49.88 3.68 -32.06
CA ASN D 236 51.33 3.65 -31.85
C ASN D 236 52.04 4.72 -32.67
N VAL D 237 51.59 4.94 -33.91
CA VAL D 237 52.20 5.99 -34.74
C VAL D 237 51.82 7.37 -34.24
N PHE D 238 50.77 7.48 -33.43
CA PHE D 238 50.44 8.77 -32.83
C PHE D 238 51.47 9.17 -31.78
N ARG D 239 51.61 8.37 -30.72
CA ARG D 239 52.53 8.72 -29.63
C ARG D 239 53.97 8.75 -30.08
N GLN D 240 54.32 7.99 -31.13
CA GLN D 240 55.66 8.08 -31.69
C GLN D 240 55.92 9.45 -32.30
N ALA D 241 54.90 10.04 -32.92
CA ALA D 241 55.05 11.38 -33.49
C ALA D 241 55.05 12.45 -32.41
N ILE D 242 54.19 12.30 -31.39
CA ILE D 242 54.08 13.32 -30.35
C ILE D 242 55.33 13.34 -29.47
N THR D 243 55.82 12.17 -29.06
CA THR D 243 56.99 12.10 -28.19
C THR D 243 58.24 12.59 -28.89
N LEU D 244 58.40 12.26 -30.17
CA LEU D 244 59.58 12.68 -30.90
C LEU D 244 59.58 14.19 -31.14
N ASN D 245 58.45 14.73 -31.58
CA ASN D 245 58.38 16.17 -31.89
C ASN D 245 58.51 17.03 -30.64
N LYS D 246 58.17 16.48 -29.47
CA LYS D 246 58.42 17.19 -28.23
C LYS D 246 59.91 17.27 -27.93
N LYS D 247 60.68 16.26 -28.35
CA LYS D 247 62.11 16.24 -28.08
C LYS D 247 62.89 17.19 -28.99
N ILE D 248 62.50 17.29 -30.27
CA ILE D 248 63.18 18.22 -31.17
C ILE D 248 62.88 19.67 -30.80
N HIS D 249 61.65 19.94 -30.36
CA HIS D 249 61.24 21.28 -29.96
C HIS D 249 61.59 21.61 -28.52
N PHE D 250 62.45 20.81 -27.89
CA PHE D 250 62.89 21.04 -26.51
C PHE D 250 64.30 21.59 -26.54
N GLN D 251 64.50 22.74 -25.88
CA GLN D 251 65.79 23.41 -25.91
C GLN D 251 66.36 23.60 -24.51
N GLY D 252 66.33 22.54 -23.70
CA GLY D 252 66.91 22.58 -22.37
C GLY D 252 68.10 21.67 -22.21
N ASP D 253 68.39 21.26 -20.97
CA ASP D 253 69.46 20.29 -20.74
C ASP D 253 69.05 18.93 -21.29
N PRO D 254 70.02 18.14 -21.78
CA PRO D 254 69.66 16.88 -22.46
C PRO D 254 69.29 15.74 -21.52
N ALA D 255 69.45 15.91 -20.20
CA ALA D 255 68.97 14.88 -19.28
C ALA D 255 67.44 14.87 -19.22
N THR D 256 66.82 16.04 -19.28
CA THR D 256 65.35 16.12 -19.30
C THR D 256 64.81 15.69 -20.66
N LYS D 257 65.62 15.84 -21.72
CA LYS D 257 65.17 15.49 -23.07
C LYS D 257 64.86 14.00 -23.21
N GLU D 258 65.53 13.16 -22.42
CA GLU D 258 65.24 11.73 -22.47
C GLU D 258 63.94 11.37 -21.75
N ILE D 259 63.60 12.09 -20.67
CA ILE D 259 62.42 11.75 -19.88
C ILE D 259 61.14 12.34 -20.45
N ILE D 260 61.21 13.09 -21.55
CA ILE D 260 60.00 13.60 -22.20
C ILE D 260 59.25 12.43 -22.82
N SER D 261 57.94 12.37 -22.59
CA SER D 261 57.12 11.26 -23.06
C SER D 261 55.85 11.78 -23.71
N PHE D 262 54.89 10.87 -23.95
CA PHE D 262 53.64 11.24 -24.60
C PHE D 262 52.79 12.17 -23.76
N HIS D 263 52.84 12.02 -22.43
CA HIS D 263 52.02 12.81 -21.52
C HIS D 263 52.72 14.07 -21.01
N SER D 264 53.97 14.30 -21.41
CA SER D 264 54.72 15.42 -20.87
C SER D 264 54.17 16.74 -21.40
N PRO D 265 54.06 17.77 -20.56
CA PRO D 265 53.58 19.08 -21.02
C PRO D 265 54.67 19.91 -21.67
N TYR D 266 55.16 19.43 -22.80
CA TYR D 266 56.17 20.13 -23.58
C TYR D 266 55.64 20.42 -24.98
N TYR D 267 56.10 21.54 -25.55
CA TYR D 267 55.61 22.01 -26.83
C TYR D 267 55.99 21.07 -27.96
N PHE D 268 55.03 20.77 -28.83
CA PHE D 268 55.28 20.11 -30.10
C PHE D 268 54.43 20.79 -31.17
N ASP D 269 54.86 20.63 -32.41
CA ASP D 269 54.12 21.14 -33.56
C ASP D 269 53.18 20.05 -34.08
N ILE D 270 51.88 20.36 -34.11
CA ILE D 270 50.90 19.40 -34.58
C ILE D 270 50.95 19.28 -36.10
N ASN D 271 51.40 20.35 -36.78
CA ASN D 271 51.43 20.36 -38.24
C ASN D 271 52.50 19.42 -38.78
N GLU D 272 53.64 19.31 -38.09
CA GLU D 272 54.61 18.28 -38.43
C GLU D 272 54.21 16.91 -37.93
N VAL D 273 53.39 16.84 -36.88
CA VAL D 273 52.80 15.56 -36.49
C VAL D 273 51.81 15.10 -37.57
N ILE D 274 51.09 16.05 -38.17
CA ILE D 274 50.27 15.78 -39.35
C ILE D 274 51.12 15.19 -40.46
N ASN D 275 52.30 15.76 -40.68
CA ASN D 275 53.16 15.31 -41.77
C ASN D 275 53.78 13.95 -41.48
N TYR D 276 54.05 13.64 -40.21
CA TYR D 276 54.69 12.37 -39.86
C TYR D 276 53.75 11.20 -40.10
N ILE D 277 52.50 11.31 -39.66
CA ILE D 277 51.52 10.25 -39.90
C ILE D 277 51.17 10.16 -41.38
N ASN D 278 51.14 11.30 -42.09
CA ASN D 278 50.90 11.28 -43.52
C ASN D 278 52.02 10.58 -44.28
N ASN D 279 53.27 10.80 -43.83
CA ASN D 279 54.40 10.12 -44.46
C ASN D 279 54.36 8.62 -44.19
N ARG D 280 54.10 8.23 -42.94
CA ARG D 280 54.05 6.81 -42.58
C ARG D 280 52.91 6.09 -43.29
N ASN D 281 51.86 6.82 -43.69
CA ASN D 281 50.83 6.23 -44.53
C ASN D 281 51.35 5.99 -45.95
N ASN D 282 52.29 6.82 -46.41
CA ASN D 282 52.85 6.71 -47.76
C ASN D 282 54.15 5.93 -47.78
N GLU D 283 54.55 5.30 -46.67
CA GLU D 283 55.87 4.69 -46.59
C GLU D 283 55.93 3.40 -47.41
N ARG D 284 57.15 3.05 -47.80
CA ARG D 284 57.41 1.90 -48.65
C ARG D 284 58.77 1.31 -48.29
N LYS D 285 58.85 -0.01 -48.21
CA LYS D 285 60.06 -0.69 -47.77
C LYS D 285 60.78 -1.34 -48.95
N ASN D 286 62.08 -1.59 -48.74
CA ASN D 286 62.94 -2.19 -49.76
C ASN D 286 62.96 -3.72 -49.61
N LYS D 287 63.97 -4.35 -50.22
CA LYS D 287 64.13 -5.80 -50.13
C LYS D 287 64.36 -6.25 -48.68
N ASP D 288 65.17 -5.50 -47.93
CA ASP D 288 65.60 -5.92 -46.60
C ASP D 288 64.65 -5.47 -45.50
N ASN D 289 63.37 -5.25 -45.83
CA ASN D 289 62.31 -4.90 -44.87
C ASN D 289 62.62 -3.62 -44.10
N GLU D 290 63.34 -2.68 -44.72
CA GLU D 290 63.66 -1.40 -44.10
C GLU D 290 63.21 -0.28 -45.02
N HIS D 291 62.67 0.78 -44.42
CA HIS D 291 62.08 1.87 -45.18
C HIS D 291 63.14 2.87 -45.63
N ILE D 292 63.09 3.25 -46.90
CA ILE D 292 64.07 4.15 -47.50
C ILE D 292 63.32 5.37 -48.01
N TRP D 293 63.82 6.56 -47.65
CA TRP D 293 63.21 7.83 -48.03
C TRP D 293 64.22 8.72 -48.74
N SER D 294 63.69 9.56 -49.64
CA SER D 294 64.48 10.56 -50.34
C SER D 294 63.89 11.93 -50.09
N ASP D 295 64.77 12.93 -49.96
CA ASP D 295 64.35 14.31 -49.70
C ASP D 295 65.35 15.26 -50.35
N GLU D 296 65.28 16.54 -49.96
CA GLU D 296 66.21 17.52 -50.49
C GLU D 296 67.65 17.26 -50.02
N GLU D 297 67.81 16.75 -48.80
CA GLU D 297 69.14 16.40 -48.31
C GLU D 297 69.67 15.18 -49.08
N GLY D 298 68.84 14.16 -49.25
CA GLY D 298 69.22 13.00 -50.03
C GLY D 298 68.48 11.77 -49.57
N ASN D 299 68.87 10.64 -50.16
CA ASN D 299 68.30 9.35 -49.79
C ASN D 299 68.76 8.98 -48.38
N PHE D 300 67.83 8.49 -47.56
CA PHE D 300 68.16 8.23 -46.16
C PHE D 300 67.37 7.04 -45.62
N LYS D 301 67.82 6.59 -44.44
CA LYS D 301 67.30 5.42 -43.74
C LYS D 301 66.34 5.87 -42.65
N PHE D 302 65.17 5.23 -42.59
CA PHE D 302 64.19 5.53 -41.55
C PHE D 302 64.54 4.73 -40.29
N ASP D 303 65.01 5.44 -39.27
CA ASP D 303 65.32 4.84 -37.97
C ASP D 303 65.13 5.91 -36.90
N ASN D 304 65.54 5.60 -35.67
CA ASN D 304 65.23 6.46 -34.53
C ASN D 304 65.95 7.80 -34.60
N GLU D 305 67.25 7.78 -34.93
CA GLU D 305 67.99 9.03 -35.05
C GLU D 305 67.64 9.80 -36.31
N ASN D 306 67.00 9.15 -37.28
CA ASN D 306 66.66 9.77 -38.56
C ASN D 306 65.15 9.78 -38.80
N ALA D 307 64.34 9.79 -37.74
CA ALA D 307 62.90 9.92 -37.88
C ALA D 307 62.40 11.35 -37.82
N HIS D 308 63.25 12.29 -37.41
CA HIS D 308 62.85 13.69 -37.28
C HIS D 308 62.74 14.40 -38.62
N ARG D 309 63.21 13.79 -39.70
CA ARG D 309 63.11 14.36 -41.03
C ARG D 309 61.84 13.95 -41.77
N LEU D 310 60.98 13.13 -41.15
CA LEU D 310 59.64 12.91 -41.67
C LEU D 310 58.67 14.00 -41.25
N PHE D 311 59.11 14.93 -40.38
CA PHE D 311 58.25 16.01 -39.94
C PHE D 311 57.99 17.04 -41.04
N LYS D 312 58.81 17.08 -42.07
CA LYS D 312 58.60 17.99 -43.19
C LYS D 312 57.84 17.27 -44.31
N GLU D 313 57.08 18.07 -45.07
CA GLU D 313 56.28 17.53 -46.17
C GLU D 313 57.15 17.03 -47.32
N ASN D 314 58.30 17.67 -47.53
CA ASN D 314 59.10 17.49 -48.73
C ASN D 314 59.99 16.24 -48.78
N VAL D 315 59.43 15.10 -48.40
CA VAL D 315 60.12 13.82 -48.51
C VAL D 315 59.38 12.94 -49.50
N THR D 316 60.10 12.01 -50.12
CA THR D 316 59.53 11.13 -51.13
C THR D 316 59.91 9.69 -50.79
N PRO D 317 58.94 8.77 -50.71
CA PRO D 317 59.27 7.37 -50.40
C PRO D 317 59.89 6.67 -51.60
N ASP D 318 60.99 5.95 -51.35
CA ASP D 318 61.66 5.15 -52.37
C ASP D 318 61.64 3.74 -51.78
N GLY D 319 60.68 2.92 -52.23
CA GLY D 319 60.57 1.57 -51.74
C GLY D 319 59.99 0.61 -52.76
N SER D 320 60.58 -0.58 -52.86
CA SER D 320 60.12 -1.55 -53.84
C SER D 320 58.83 -2.24 -53.42
N SER D 321 58.59 -2.39 -52.13
CA SER D 321 57.39 -3.01 -51.60
C SER D 321 56.60 -2.00 -50.77
N ALA D 322 55.36 -2.36 -50.46
CA ALA D 322 54.54 -1.53 -49.61
C ALA D 322 55.07 -1.50 -48.19
N GLY D 323 54.91 -0.36 -47.53
CA GLY D 323 55.39 -0.19 -46.18
C GLY D 323 54.54 -0.88 -45.16
N ALA D 324 54.99 -0.79 -43.91
CA ALA D 324 54.30 -1.48 -42.81
C ALA D 324 52.96 -0.83 -42.51
N LEU D 325 52.94 0.49 -42.35
CA LEU D 325 51.73 1.23 -42.07
C LEU D 325 51.13 1.87 -43.31
N ASN D 326 51.53 1.37 -44.49
CA ASN D 326 51.02 1.92 -45.74
C ASN D 326 49.56 1.51 -45.94
N GLY D 327 48.71 2.50 -46.20
CA GLY D 327 47.29 2.26 -46.39
C GLY D 327 46.48 2.11 -45.13
N LYS D 328 47.10 2.20 -43.95
CA LYS D 328 46.39 2.07 -42.69
C LYS D 328 46.14 3.41 -42.00
N LEU D 329 46.84 4.46 -42.40
CA LEU D 329 46.70 5.77 -41.77
C LEU D 329 46.03 6.78 -42.70
N LEU D 330 45.43 6.34 -43.80
CA LEU D 330 44.78 7.25 -44.73
C LEU D 330 43.55 7.90 -44.09
N ASN D 331 42.77 7.11 -43.36
CA ASN D 331 41.64 7.67 -42.63
C ASN D 331 42.07 8.40 -41.38
N PHE D 332 43.28 8.15 -40.88
CA PHE D 332 43.75 8.81 -39.66
C PHE D 332 44.09 10.27 -39.95
N VAL D 333 44.79 10.53 -41.07
CA VAL D 333 45.33 11.86 -41.33
C VAL D 333 44.21 12.84 -41.68
N ASP D 334 43.25 12.41 -42.49
CA ASP D 334 42.19 13.33 -42.95
C ASP D 334 41.26 13.73 -41.81
N ARG D 335 40.94 12.80 -40.91
CA ARG D 335 40.18 13.18 -39.72
C ARG D 335 41.02 13.96 -38.73
N LEU D 336 42.35 13.83 -38.82
CA LEU D 336 43.24 14.65 -37.99
C LEU D 336 43.32 16.08 -38.52
N GLN D 337 43.39 16.23 -39.85
CA GLN D 337 43.38 17.56 -40.45
C GLN D 337 42.04 18.25 -40.30
N SER D 338 40.95 17.50 -40.13
CA SER D 338 39.65 18.10 -39.89
C SER D 338 39.58 18.76 -38.52
N LYS D 339 40.33 18.23 -37.54
CA LYS D 339 40.34 18.84 -36.21
C LYS D 339 41.13 20.14 -36.20
N ILE D 340 42.29 20.16 -36.89
CA ILE D 340 43.16 21.34 -36.87
C ILE D 340 42.54 22.48 -37.66
N PHE D 341 42.00 22.18 -38.85
CA PHE D 341 41.46 23.22 -39.71
C PHE D 341 40.10 23.72 -39.24
N ASP D 342 39.46 23.05 -38.29
CA ASP D 342 38.21 23.53 -37.74
C ASP D 342 38.50 24.74 -36.86
N LYS D 343 37.69 25.78 -36.99
CA LYS D 343 37.87 27.01 -36.24
C LYS D 343 37.07 27.05 -34.95
N ARG D 344 36.23 26.04 -34.68
CA ARG D 344 35.66 25.90 -33.35
C ARG D 344 36.74 25.55 -32.33
N LEU D 345 37.74 24.77 -32.76
CA LEU D 345 38.90 24.43 -31.95
C LEU D 345 40.06 25.38 -32.16
N ASP D 346 39.77 26.65 -32.51
CA ASP D 346 40.84 27.64 -32.70
C ASP D 346 41.53 27.98 -31.39
N PHE D 347 40.83 27.90 -30.27
CA PHE D 347 41.43 28.21 -28.98
C PHE D 347 42.39 27.13 -28.52
N ILE D 348 42.34 25.94 -29.11
CA ILE D 348 43.18 24.83 -28.67
C ILE D 348 44.14 24.40 -29.79
N LEU D 349 43.74 24.62 -31.05
CA LEU D 349 44.54 24.19 -32.19
C LEU D 349 44.85 25.33 -33.15
N GLY D 350 44.82 26.58 -32.69
CA GLY D 350 45.13 27.71 -33.53
C GLY D 350 46.61 28.04 -33.56
N GLU D 351 46.93 29.12 -34.27
CA GLU D 351 48.30 29.60 -34.34
C GLU D 351 48.72 30.33 -33.07
N GLY D 352 47.78 30.70 -32.20
CA GLY D 352 48.11 31.36 -30.95
C GLY D 352 48.62 30.46 -29.86
N SER D 353 48.50 29.15 -30.02
CA SER D 353 49.05 28.19 -29.06
C SER D 353 50.57 28.07 -29.19
N LYS D 354 51.17 28.61 -30.25
CA LYS D 354 52.60 28.52 -30.46
C LYS D 354 53.36 29.44 -29.51
N SER D 355 52.89 30.68 -29.35
CA SER D 355 53.61 31.67 -28.58
C SER D 355 53.45 31.48 -27.07
N VAL D 356 52.29 30.98 -26.63
CA VAL D 356 52.04 30.85 -25.19
C VAL D 356 52.86 29.70 -24.62
N THR D 357 53.22 29.81 -23.35
CA THR D 357 54.00 28.81 -22.64
C THR D 357 53.15 28.19 -21.54
N PHE D 358 53.78 27.32 -20.76
CA PHE D 358 53.10 26.67 -19.64
C PHE D 358 52.75 27.70 -18.55
N LYS D 359 53.68 28.61 -18.25
CA LYS D 359 53.44 29.58 -17.19
C LYS D 359 52.34 30.58 -17.58
N GLU D 360 52.33 31.00 -18.85
CA GLU D 360 51.32 31.96 -19.29
C GLU D 360 49.93 31.36 -19.29
N THR D 361 49.80 30.08 -19.66
CA THR D 361 48.50 29.44 -19.65
C THR D 361 47.98 29.23 -18.23
N LEU D 362 48.87 28.82 -17.31
CA LEU D 362 48.45 28.57 -15.94
C LEU D 362 48.13 29.87 -15.20
N GLU D 363 48.92 30.92 -15.45
CA GLU D 363 48.64 32.22 -14.83
C GLU D 363 47.35 32.84 -15.36
N THR D 364 46.99 32.51 -16.61
CA THR D 364 45.75 33.03 -17.18
C THR D 364 44.53 32.41 -16.50
N LEU D 365 44.61 31.12 -16.15
CA LEU D 365 43.45 30.40 -15.63
C LEU D 365 43.10 30.82 -14.20
N ILE D 366 44.09 31.15 -13.39
CA ILE D 366 43.85 31.54 -12.00
C ILE D 366 44.16 33.01 -11.76
N SER D 367 44.34 33.79 -12.83
CA SER D 367 44.56 35.24 -12.78
C SER D 367 45.81 35.59 -11.95
N TYR D 368 46.94 35.07 -12.40
CA TYR D 368 48.23 35.34 -11.77
C TYR D 368 49.18 36.10 -12.70
N GLY D 369 48.68 36.64 -13.80
CA GLY D 369 49.52 37.37 -14.74
C GLY D 369 49.78 38.81 -14.32
N LYS D 370 49.78 39.72 -15.30
CA LYS D 370 49.97 41.14 -15.00
C LYS D 370 48.80 41.70 -14.21
N ASP D 371 47.58 41.41 -14.64
CA ASP D 371 46.37 41.85 -13.95
C ASP D 371 45.92 40.72 -13.03
N LYS D 372 46.16 40.87 -11.74
CA LYS D 372 45.81 39.86 -10.76
C LYS D 372 44.36 40.04 -10.31
N SER D 373 43.63 38.93 -10.24
CA SER D 373 42.23 38.94 -9.85
C SER D 373 41.94 37.78 -8.92
N ASN D 374 41.08 38.03 -7.93
CA ASN D 374 40.63 36.95 -7.06
C ASN D 374 39.66 36.01 -7.74
N ILE D 375 38.99 36.48 -8.79
CA ILE D 375 37.97 35.70 -9.49
C ILE D 375 38.32 35.68 -10.97
N THR D 376 38.34 34.48 -11.56
CA THR D 376 38.53 34.31 -12.98
C THR D 376 37.24 33.76 -13.58
N ILE D 377 36.75 34.42 -14.64
CA ILE D 377 35.50 34.03 -15.27
C ILE D 377 35.79 33.52 -16.67
N LEU D 378 34.98 32.56 -17.11
CA LEU D 378 35.16 31.90 -18.40
C LEU D 378 33.88 32.06 -19.21
N ASP D 379 33.85 33.06 -20.08
CA ASP D 379 32.66 33.35 -20.86
C ASP D 379 32.48 32.31 -21.98
N VAL D 380 31.81 31.22 -21.65
CA VAL D 380 31.58 30.11 -22.60
C VAL D 380 30.08 30.01 -22.86
N SER D 381 29.39 31.15 -22.86
CA SER D 381 27.95 31.15 -23.02
C SER D 381 27.54 30.76 -24.44
N GLY D 382 27.93 31.56 -25.42
CA GLY D 382 27.55 31.30 -26.80
C GLY D 382 28.53 30.38 -27.51
N VAL D 383 28.65 29.16 -27.01
CA VAL D 383 29.61 28.20 -27.56
C VAL D 383 28.92 26.84 -27.70
N PRO D 384 29.34 26.06 -28.70
CA PRO D 384 28.83 24.68 -28.79
C PRO D 384 29.37 23.81 -27.68
N PHE D 385 28.65 22.70 -27.44
CA PHE D 385 29.00 21.79 -26.35
C PHE D 385 30.32 21.08 -26.61
N GLU D 386 30.69 20.90 -27.87
CA GLU D 386 31.97 20.24 -28.20
C GLU D 386 33.14 21.06 -27.69
N VAL D 387 33.08 22.39 -27.85
CA VAL D 387 34.07 23.27 -27.24
C VAL D 387 33.88 23.31 -25.72
N LEU D 388 32.62 23.33 -25.26
CA LEU D 388 32.33 23.48 -23.85
C LEU D 388 32.80 22.28 -23.03
N SER D 389 32.64 21.07 -23.58
CA SER D 389 33.06 19.86 -22.86
C SER D 389 34.57 19.81 -22.71
N ILE D 390 35.30 20.26 -23.74
CA ILE D 390 36.76 20.28 -23.67
C ILE D 390 37.22 21.34 -22.69
N CYS D 391 36.62 22.53 -22.74
CA CYS D 391 37.01 23.63 -21.86
C CYS D 391 36.75 23.30 -20.39
N VAL D 392 35.68 22.56 -20.12
CA VAL D 392 35.43 22.11 -18.75
C VAL D 392 36.44 21.05 -18.34
N SER D 393 36.68 20.07 -19.22
CA SER D 393 37.49 18.91 -18.83
C SER D 393 38.97 19.23 -18.77
N LEU D 394 39.46 20.08 -19.68
CA LEU D 394 40.89 20.40 -19.71
C LEU D 394 41.29 21.23 -18.50
N ILE D 395 40.53 22.27 -18.20
CA ILE D 395 40.90 23.22 -17.17
C ILE D 395 40.71 22.61 -15.78
N SER D 396 39.66 21.81 -15.60
CA SER D 396 39.44 21.13 -14.33
C SER D 396 40.56 20.16 -14.00
N ARG D 397 41.17 19.55 -15.02
CA ARG D 397 42.37 18.75 -14.78
C ARG D 397 43.58 19.64 -14.54
N LEU D 398 43.70 20.75 -15.30
CA LEU D 398 44.84 21.65 -15.14
C LEU D 398 44.86 22.29 -13.76
N ILE D 399 43.68 22.66 -13.25
CA ILE D 399 43.61 23.24 -11.91
C ILE D 399 43.90 22.17 -10.86
N PHE D 400 43.40 20.95 -11.07
CA PHE D 400 43.62 19.87 -10.12
C PHE D 400 45.10 19.49 -10.03
N GLU D 401 45.75 19.29 -11.17
CA GLU D 401 47.17 18.92 -11.14
C GLU D 401 48.05 20.07 -10.71
N PHE D 402 47.62 21.32 -10.93
CA PHE D 402 48.32 22.44 -10.32
C PHE D 402 48.19 22.40 -8.80
N GLY D 403 46.99 22.11 -8.30
CA GLY D 403 46.83 21.93 -6.87
C GLY D 403 47.52 20.70 -6.33
N TYR D 404 47.56 19.63 -7.13
CA TYR D 404 48.25 18.42 -6.71
C TYR D 404 49.76 18.63 -6.66
N HIS D 405 50.32 19.26 -7.69
CA HIS D 405 51.77 19.44 -7.74
C HIS D 405 52.24 20.51 -6.76
N SER D 406 51.37 21.47 -6.42
CA SER D 406 51.73 22.46 -5.41
C SER D 406 51.79 21.83 -4.02
N LYS D 407 51.02 20.76 -3.80
CA LYS D 407 51.08 20.07 -2.51
C LYS D 407 52.42 19.38 -2.31
N LYS D 408 52.96 18.73 -3.34
CA LYS D 408 54.25 18.08 -3.23
C LYS D 408 55.42 19.05 -3.28
N ILE D 409 55.21 20.25 -3.85
CA ILE D 409 56.24 21.28 -3.74
C ILE D 409 56.34 21.75 -2.28
N LYS D 410 55.20 21.89 -1.60
CA LYS D 410 55.21 22.31 -0.21
C LYS D 410 55.63 21.21 0.74
N ARG D 411 55.33 19.94 0.41
CA ARG D 411 55.64 18.84 1.30
C ARG D 411 57.13 18.51 1.33
N LYS D 412 57.89 18.96 0.33
CA LYS D 412 59.34 18.85 0.43
C LYS D 412 59.91 19.84 1.45
N SER D 413 59.24 20.97 1.64
CA SER D 413 59.63 21.98 2.61
C SER D 413 58.79 21.93 3.88
N ASN D 414 57.94 20.91 4.03
CA ASN D 414 57.07 20.71 5.18
C ASN D 414 56.14 21.90 5.39
N GLU D 415 55.28 22.13 4.39
CA GLU D 415 54.27 23.17 4.42
C GLU D 415 52.98 22.62 3.84
N ASN D 416 51.88 23.32 4.12
CA ASN D 416 50.59 22.98 3.54
C ASN D 416 50.34 23.83 2.29
N GLN D 417 49.33 23.42 1.51
CA GLN D 417 49.01 24.13 0.29
C GLN D 417 48.41 25.50 0.62
N ASP D 418 48.96 26.55 0.01
CA ASP D 418 48.53 27.91 0.26
C ASP D 418 47.75 28.50 -0.91
N ILE D 419 47.42 27.69 -1.93
CA ILE D 419 46.59 28.15 -3.04
C ILE D 419 45.31 27.33 -3.03
N PRO D 420 44.26 27.80 -2.34
CA PRO D 420 42.97 27.12 -2.42
C PRO D 420 42.14 27.64 -3.58
N ILE D 421 41.72 26.76 -4.49
CA ILE D 421 41.01 27.15 -5.69
C ILE D 421 39.61 26.53 -5.66
N LEU D 422 38.60 27.36 -5.84
CA LEU D 422 37.20 26.93 -5.92
C LEU D 422 36.71 27.12 -7.35
N ILE D 423 36.24 26.05 -7.95
CA ILE D 423 35.74 26.08 -9.33
C ILE D 423 34.23 26.08 -9.29
N VAL D 424 33.62 27.17 -9.73
CA VAL D 424 32.17 27.30 -9.74
C VAL D 424 31.66 26.80 -11.09
N TYR D 425 30.87 25.71 -11.05
CA TYR D 425 30.29 25.13 -12.26
C TYR D 425 28.87 25.66 -12.40
N GLU D 426 28.76 26.84 -13.01
CA GLU D 426 27.45 27.43 -13.28
C GLU D 426 26.72 26.63 -14.34
N GLU D 427 25.46 26.27 -14.04
CA GLU D 427 24.59 25.48 -14.90
C GLU D 427 25.27 24.14 -15.25
N ALA D 428 25.50 23.34 -14.20
CA ALA D 428 26.39 22.19 -14.27
C ALA D 428 25.73 20.93 -14.83
N HIS D 429 24.43 20.95 -15.14
CA HIS D 429 23.82 19.77 -15.72
C HIS D 429 24.14 19.59 -17.20
N LYS D 430 24.73 20.61 -17.83
CA LYS D 430 25.08 20.51 -19.25
C LYS D 430 26.23 19.53 -19.46
N TYR D 431 27.25 19.60 -18.61
CA TYR D 431 28.48 18.82 -18.80
C TYR D 431 28.67 17.70 -17.79
N ALA D 432 27.87 17.66 -16.72
CA ALA D 432 27.94 16.57 -15.73
C ALA D 432 26.54 16.04 -15.44
N PRO D 433 25.94 15.29 -16.39
CA PRO D 433 24.60 14.77 -16.15
C PRO D 433 24.57 13.34 -15.62
N LYS D 434 23.39 12.87 -15.20
CA LYS D 434 23.21 11.46 -14.85
C LYS D 434 23.30 10.53 -16.05
N SER D 435 23.01 11.03 -17.25
CA SER D 435 23.07 10.19 -18.44
C SER D 435 24.50 9.80 -18.74
N ASP D 436 24.67 8.57 -19.25
CA ASP D 436 25.97 7.96 -19.45
C ASP D 436 26.36 7.97 -20.93
N LEU D 437 26.05 9.06 -21.62
CA LEU D 437 26.38 9.19 -23.03
C LEU D 437 27.87 9.41 -23.20
N SER D 438 28.34 9.19 -24.43
CA SER D 438 29.78 9.31 -24.72
C SER D 438 30.22 10.77 -24.71
N LYS D 439 29.37 11.68 -25.20
CA LYS D 439 29.74 13.09 -25.24
C LYS D 439 29.78 13.73 -23.86
N TYR D 440 29.13 13.13 -22.87
CA TYR D 440 29.10 13.62 -21.50
C TYR D 440 30.17 13.00 -20.62
N ARG D 441 30.99 12.10 -21.16
CA ARG D 441 31.84 11.26 -20.32
C ARG D 441 33.13 11.98 -19.93
N THR D 442 33.80 12.62 -20.88
CA THR D 442 35.12 13.19 -20.60
C THR D 442 35.04 14.43 -19.72
N SER D 443 33.90 15.14 -19.74
CA SER D 443 33.72 16.29 -18.86
C SER D 443 33.15 15.89 -17.50
N LYS D 444 32.62 14.68 -17.38
CA LYS D 444 32.13 14.22 -16.08
C LYS D 444 33.29 13.89 -15.15
N GLU D 445 34.20 13.02 -15.57
CA GLU D 445 35.27 12.53 -14.73
C GLU D 445 36.29 13.59 -14.35
N ALA D 446 36.32 14.72 -15.06
CA ALA D 446 37.12 15.85 -14.60
C ALA D 446 36.54 16.43 -13.32
N ILE D 447 35.21 16.51 -13.22
CA ILE D 447 34.57 17.01 -12.02
C ILE D 447 34.53 15.95 -10.93
N GLU D 448 34.42 14.66 -11.30
CA GLU D 448 34.47 13.59 -10.31
C GLU D 448 35.82 13.54 -9.60
N ARG D 449 36.90 13.73 -10.35
CA ARG D 449 38.24 13.69 -9.76
C ARG D 449 38.46 14.87 -8.82
N ILE D 450 37.87 16.02 -9.12
CA ILE D 450 37.85 17.14 -8.19
C ILE D 450 36.93 16.83 -7.01
N ALA D 451 35.78 16.19 -7.27
CA ALA D 451 34.83 15.90 -6.20
C ALA D 451 35.36 14.85 -5.25
N LYS D 452 36.13 13.87 -5.74
CA LYS D 452 36.58 12.77 -4.90
C LYS D 452 37.82 13.15 -4.11
N GLU D 453 38.91 13.51 -4.79
CA GLU D 453 40.20 13.73 -4.14
C GLU D 453 40.71 15.16 -4.34
N GLY D 454 39.83 16.10 -4.67
CA GLY D 454 40.28 17.45 -4.96
C GLY D 454 40.62 18.29 -3.74
N ARG D 455 39.86 18.12 -2.66
CA ARG D 455 40.07 18.97 -1.48
C ARG D 455 41.31 18.59 -0.68
N LYS D 456 41.93 17.45 -0.98
CA LYS D 456 43.24 17.16 -0.39
C LYS D 456 44.32 18.05 -1.00
N TYR D 457 44.12 18.49 -2.23
CA TYR D 457 45.09 19.33 -2.94
C TYR D 457 44.64 20.78 -3.07
N GLY D 458 43.51 21.14 -2.47
CA GLY D 458 43.05 22.51 -2.48
C GLY D 458 42.20 22.91 -3.67
N VAL D 459 41.62 21.96 -4.39
CA VAL D 459 40.77 22.24 -5.55
C VAL D 459 39.37 21.74 -5.21
N THR D 460 38.48 22.65 -4.87
CA THR D 460 37.10 22.33 -4.54
C THR D 460 36.16 22.87 -5.62
N LEU D 461 34.92 22.43 -5.59
CA LEU D 461 33.95 22.79 -6.60
C LEU D 461 32.69 23.37 -5.97
N LEU D 462 32.06 24.27 -6.71
CA LEU D 462 30.75 24.83 -6.37
C LEU D 462 29.80 24.43 -7.48
N LEU D 463 28.97 23.42 -7.22
CA LEU D 463 28.08 22.86 -8.24
C LEU D 463 26.81 23.72 -8.30
N ALA D 464 26.87 24.78 -9.10
CA ALA D 464 25.78 25.73 -9.24
C ALA D 464 24.98 25.38 -10.49
N SER D 465 24.11 24.39 -10.35
CA SER D 465 23.23 23.99 -11.45
C SER D 465 21.78 24.33 -11.13
N GLN D 466 20.97 24.37 -12.19
CA GLN D 466 19.57 24.79 -12.04
C GLN D 466 18.75 23.71 -11.34
N ARG D 467 18.66 22.53 -11.93
CA ARG D 467 17.77 21.48 -11.46
C ARG D 467 18.58 20.21 -11.18
N PRO D 468 18.53 19.68 -9.96
CA PRO D 468 19.42 18.55 -9.62
C PRO D 468 18.99 17.21 -10.19
N SER D 469 17.84 17.14 -10.86
CA SER D 469 17.25 15.85 -11.23
C SER D 469 18.09 15.09 -12.25
N GLU D 470 18.75 15.79 -13.16
CA GLU D 470 19.58 15.12 -14.16
C GLU D 470 21.05 15.09 -13.78
N ILE D 471 21.42 15.68 -12.64
CA ILE D 471 22.83 15.77 -12.26
C ILE D 471 23.35 14.36 -11.92
N SER D 472 24.60 14.10 -12.33
CA SER D 472 25.28 12.84 -12.01
C SER D 472 25.27 12.57 -10.51
N GLU D 473 24.88 11.35 -10.15
CA GLU D 473 24.74 10.99 -8.75
C GLU D 473 26.09 10.92 -8.04
N THR D 474 27.16 10.59 -8.79
CA THR D 474 28.46 10.42 -8.16
C THR D 474 29.07 11.74 -7.73
N ILE D 475 28.79 12.82 -8.46
CA ILE D 475 29.36 14.12 -8.13
C ILE D 475 28.52 14.86 -7.09
N PHE D 476 27.20 14.74 -7.18
CA PHE D 476 26.32 15.47 -6.26
C PHE D 476 26.35 14.86 -4.86
N SER D 477 26.68 13.57 -4.75
CA SER D 477 26.84 12.96 -3.44
C SER D 477 28.12 13.42 -2.76
N GLN D 478 29.16 13.73 -3.54
CA GLN D 478 30.42 14.17 -2.94
C GLN D 478 30.34 15.59 -2.38
N CYS D 479 29.36 16.37 -2.79
CA CYS D 479 29.11 17.65 -2.14
C CYS D 479 28.61 17.43 -0.72
N ASN D 480 28.87 18.40 0.14
CA ASN D 480 28.48 18.29 1.54
C ASN D 480 27.59 19.43 2.00
N THR D 481 27.86 20.65 1.54
CA THR D 481 27.00 21.80 1.84
C THR D 481 26.07 22.04 0.67
N PHE D 482 24.77 22.04 0.93
CA PHE D 482 23.77 22.21 -0.12
C PHE D 482 22.93 23.44 0.19
N ILE D 483 22.88 24.38 -0.75
CA ILE D 483 22.13 25.61 -0.61
C ILE D 483 21.00 25.57 -1.63
N SER D 484 19.78 25.33 -1.16
CA SER D 484 18.64 25.09 -2.02
C SER D 484 17.76 26.34 -2.09
N MET D 485 17.63 26.89 -3.29
CA MET D 485 16.65 27.94 -3.56
C MET D 485 15.27 27.35 -3.79
N ARG D 486 14.35 28.20 -4.27
CA ARG D 486 13.03 27.74 -4.69
C ARG D 486 13.17 26.75 -5.83
N LEU D 487 12.61 25.56 -5.65
CA LEU D 487 12.62 24.53 -6.69
C LEU D 487 11.18 24.17 -6.96
N THR D 488 10.69 24.54 -8.15
CA THR D 488 9.27 24.48 -8.46
C THR D 488 8.88 23.24 -9.24
N ASN D 489 9.81 22.68 -10.00
CA ASN D 489 9.58 21.40 -10.67
C ASN D 489 9.66 20.34 -9.57
N PRO D 490 8.64 19.49 -9.41
CA PRO D 490 8.64 18.55 -8.29
C PRO D 490 9.59 17.36 -8.44
N ASP D 491 10.21 17.16 -9.61
CA ASP D 491 11.30 16.18 -9.68
C ASP D 491 12.57 16.74 -9.04
N ASP D 492 12.74 18.06 -9.05
CA ASP D 492 13.86 18.69 -8.38
C ASP D 492 13.77 18.52 -6.86
N GLN D 493 12.56 18.65 -6.31
CA GLN D 493 12.37 18.46 -4.88
C GLN D 493 12.64 17.03 -4.45
N ASN D 494 12.34 16.06 -5.32
CA ASN D 494 12.60 14.66 -5.00
C ASN D 494 14.09 14.36 -4.94
N TYR D 495 14.89 15.03 -5.78
CA TYR D 495 16.34 14.90 -5.67
C TYR D 495 16.85 15.46 -4.35
N VAL D 496 16.37 16.65 -3.97
CA VAL D 496 16.77 17.24 -2.71
C VAL D 496 16.20 16.44 -1.54
N LYS D 497 15.04 15.81 -1.72
CA LYS D 497 14.53 14.88 -0.71
C LYS D 497 15.45 13.68 -0.55
N ARG D 498 15.94 13.12 -1.66
CA ARG D 498 16.91 12.03 -1.60
C ARG D 498 18.28 12.50 -1.11
N LEU D 499 18.52 13.81 -1.08
CA LEU D 499 19.73 14.34 -0.47
C LEU D 499 19.67 14.33 1.04
N LEU D 500 18.46 14.31 1.62
CA LEU D 500 18.29 14.37 3.05
C LEU D 500 18.70 13.04 3.69
N PRO D 501 19.20 13.08 4.94
CA PRO D 501 19.45 11.84 5.68
C PRO D 501 18.17 11.22 6.24
N ASP D 506 12.27 17.52 8.54
CA ASP D 506 11.17 17.75 7.62
C ASP D 506 11.00 19.23 7.31
N ILE D 507 12.12 19.95 7.26
CA ILE D 507 12.09 21.36 6.90
C ILE D 507 12.05 21.51 5.37
N THR D 508 12.39 20.45 4.64
CA THR D 508 12.40 20.45 3.18
C THR D 508 10.99 20.68 2.59
N ASN D 509 9.94 20.41 3.37
CA ASN D 509 8.57 20.64 2.91
C ASN D 509 8.27 22.12 2.61
N LEU D 510 9.10 23.04 3.08
CA LEU D 510 8.97 24.46 2.77
C LEU D 510 9.72 24.86 1.51
N LEU D 511 10.31 23.90 0.78
CA LEU D 511 11.00 24.22 -0.47
C LEU D 511 10.10 24.85 -1.53
N PRO D 512 8.89 24.35 -1.83
CA PRO D 512 8.06 25.06 -2.83
C PRO D 512 7.57 26.42 -2.35
N SER D 513 7.35 26.60 -1.06
CA SER D 513 6.80 27.84 -0.52
C SER D 513 7.88 28.86 -0.19
N LEU D 514 9.07 28.72 -0.76
CA LEU D 514 10.14 29.68 -0.50
C LEU D 514 9.87 30.99 -1.23
N LYS D 515 10.15 32.10 -0.57
CA LYS D 515 10.05 33.40 -1.20
C LYS D 515 11.28 33.67 -2.07
N GLU D 516 11.29 34.81 -2.74
CA GLU D 516 12.41 35.15 -3.61
C GLU D 516 13.62 35.53 -2.76
N GLY D 517 14.76 34.92 -3.05
CA GLY D 517 15.97 35.12 -2.28
C GLY D 517 16.10 34.22 -1.07
N GLU D 518 15.10 33.42 -0.76
CA GLU D 518 15.16 32.52 0.38
C GLU D 518 15.90 31.24 0.01
N ALA D 519 16.70 30.72 0.94
CA ALA D 519 17.51 29.54 0.68
C ALA D 519 17.49 28.61 1.89
N LEU D 520 17.94 27.38 1.66
CA LEU D 520 18.07 26.36 2.69
C LEU D 520 19.50 25.85 2.69
N ILE D 521 20.28 26.21 3.70
CA ILE D 521 21.66 25.76 3.83
C ILE D 521 21.68 24.46 4.62
N MET D 522 22.57 23.55 4.22
CA MET D 522 22.65 22.23 4.82
C MET D 522 24.12 21.83 4.94
N GLY D 523 24.35 20.71 5.62
CA GLY D 523 25.69 20.16 5.76
C GLY D 523 26.33 20.50 7.10
N ASP D 524 27.57 20.06 7.24
CA ASP D 524 28.32 20.28 8.47
C ASP D 524 28.84 21.70 8.60
N SER D 525 28.79 22.50 7.53
CA SER D 525 29.18 23.90 7.62
C SER D 525 28.24 24.68 8.52
N ILE D 526 26.95 24.40 8.43
CA ILE D 526 25.94 25.01 9.29
C ILE D 526 25.66 24.08 10.46
N SER D 527 25.27 24.67 11.59
CA SER D 527 24.94 23.87 12.76
C SER D 527 23.60 23.16 12.59
N ILE D 528 22.61 23.87 12.07
CA ILE D 528 21.27 23.31 11.86
C ILE D 528 20.81 23.68 10.45
N PRO D 529 20.20 22.76 9.71
CA PRO D 529 19.58 23.14 8.43
C PRO D 529 18.44 24.12 8.67
N SER D 530 18.56 25.30 8.08
CA SER D 530 17.63 26.40 8.35
C SER D 530 17.25 27.08 7.05
N ILE D 531 16.06 27.69 7.06
CA ILE D 531 15.58 28.50 5.94
C ILE D 531 16.11 29.91 6.17
N VAL D 532 16.99 30.38 5.28
CA VAL D 532 17.66 31.65 5.46
C VAL D 532 17.28 32.59 4.32
N LYS D 533 17.56 33.88 4.53
CA LYS D 533 17.43 34.90 3.50
C LYS D 533 18.82 35.37 3.12
N ILE D 534 19.18 35.19 1.85
CA ILE D 534 20.49 35.60 1.37
C ILE D 534 20.58 37.12 1.35
N GLU D 535 21.75 37.64 1.74
CA GLU D 535 21.98 39.07 1.76
C GLU D 535 21.83 39.67 0.37
N LYS D 536 21.23 40.86 0.30
CA LYS D 536 20.90 41.49 -0.97
C LYS D 536 22.17 41.81 -1.75
N CYS D 537 22.23 41.32 -2.99
CA CYS D 537 23.40 41.52 -3.84
C CYS D 537 23.45 42.96 -4.31
N THR D 538 24.39 43.73 -3.76
CA THR D 538 24.52 45.13 -4.14
C THR D 538 24.92 45.28 -5.60
N ILE D 539 25.80 44.40 -6.08
CA ILE D 539 26.19 44.40 -7.49
C ILE D 539 25.67 43.09 -8.09
N PRO D 540 24.50 43.10 -8.72
CA PRO D 540 23.87 41.84 -9.12
C PRO D 540 24.47 41.32 -10.42
N PRO D 541 24.36 40.00 -10.66
CA PRO D 541 24.75 39.46 -11.97
C PRO D 541 23.82 39.95 -13.07
N SER D 542 24.37 40.10 -14.27
CA SER D 542 23.64 40.65 -15.40
C SER D 542 22.77 39.59 -16.05
N SER D 543 21.46 39.74 -15.93
CA SER D 543 20.49 38.87 -16.61
C SER D 543 19.65 39.78 -17.51
N ILE D 544 20.14 40.03 -18.72
CA ILE D 544 19.47 40.95 -19.63
C ILE D 544 18.26 40.26 -20.22
N ASP D 545 17.09 40.87 -20.03
CA ASP D 545 15.83 40.35 -20.56
C ASP D 545 15.19 41.45 -21.42
N ILE D 546 15.08 41.19 -22.71
CA ILE D 546 14.48 42.16 -23.62
C ILE D 546 12.97 42.13 -23.43
N LYS D 547 12.41 43.24 -22.97
CA LYS D 547 11.01 43.32 -22.57
C LYS D 547 10.14 43.32 -23.82
N TYR D 548 9.58 42.15 -24.16
CA TYR D 548 8.89 41.97 -25.44
C TYR D 548 7.69 42.91 -25.60
N LEU D 549 6.87 43.05 -24.55
CA LEU D 549 5.67 43.87 -24.68
C LEU D 549 6.02 45.34 -24.91
N ASP D 550 6.92 45.90 -24.09
CA ASP D 550 7.33 47.28 -24.28
C ASP D 550 8.12 47.51 -25.57
N GLU D 551 8.63 46.44 -26.18
CA GLU D 551 9.50 46.60 -27.34
C GLU D 551 8.81 46.20 -28.64
N TRP D 552 7.73 45.43 -28.55
CA TRP D 552 6.84 45.20 -29.68
C TRP D 552 5.83 46.33 -29.86
N ARG D 553 5.66 47.17 -28.84
CA ARG D 553 4.68 48.25 -28.87
C ARG D 553 5.09 49.41 -29.76
N LYS D 554 6.37 49.52 -30.12
CA LYS D 554 6.87 50.70 -30.83
C LYS D 554 6.74 50.50 -32.34
N GLU D 555 7.38 51.39 -33.09
CA GLU D 555 7.39 51.35 -34.56
C GLU D 555 8.10 50.11 -35.09
N TRP D 556 7.67 49.68 -36.27
CA TRP D 556 8.44 48.80 -37.13
C TRP D 556 9.50 49.68 -37.79
N VAL D 557 10.68 49.82 -37.22
CA VAL D 557 11.70 50.65 -37.85
C VAL D 557 12.59 49.74 -38.70
N ASP D 558 13.30 50.34 -39.63
CA ASP D 558 14.00 49.62 -40.69
C ASP D 558 15.38 49.23 -40.19
N SER D 559 15.55 47.95 -39.85
CA SER D 559 16.84 47.40 -39.46
C SER D 559 17.51 46.78 -40.67
N GLU D 560 18.70 47.26 -41.01
CA GLU D 560 19.43 46.79 -42.18
C GLU D 560 20.22 45.54 -41.81
N PHE D 561 20.10 44.50 -42.65
CA PHE D 561 20.74 43.22 -42.40
C PHE D 561 22.17 43.16 -42.90
N ASP D 562 22.63 44.16 -43.67
CA ASP D 562 23.92 44.06 -44.34
C ASP D 562 25.08 44.01 -43.36
N LYS D 563 25.02 44.81 -42.30
CA LYS D 563 26.04 44.74 -41.25
C LYS D 563 25.84 43.53 -40.35
N ILE D 564 24.63 42.98 -40.29
CA ILE D 564 24.39 41.79 -39.49
C ILE D 564 24.99 40.56 -40.15
N ILE D 565 24.75 40.38 -41.44
CA ILE D 565 25.27 39.19 -42.13
C ILE D 565 26.75 39.32 -42.48
N GLU D 566 27.32 40.51 -42.35
CA GLU D 566 28.75 40.69 -42.61
C GLU D 566 29.60 39.94 -41.59
N GLN D 567 29.30 40.12 -40.30
CA GLN D 567 30.00 39.38 -39.26
C GLN D 567 29.41 37.99 -39.04
N TRP D 568 28.21 37.72 -39.55
CA TRP D 568 27.73 36.34 -39.59
C TRP D 568 28.58 35.49 -40.52
N SER D 569 28.95 36.05 -41.67
CA SER D 569 29.83 35.35 -42.59
C SER D 569 31.24 35.21 -42.04
N LYS D 570 31.67 36.16 -41.21
CA LYS D 570 33.00 36.06 -40.59
C LYS D 570 33.04 34.94 -39.56
N SER D 571 32.01 34.81 -38.74
CA SER D 571 31.97 33.79 -37.70
C SER D 571 30.53 33.42 -37.36
N ASN E 5 -28.19 34.86 6.32
CA ASN E 5 -28.06 35.47 5.00
C ASN E 5 -28.08 34.42 3.90
N ASP E 6 -27.56 34.79 2.73
CA ASP E 6 -27.54 33.87 1.60
C ASP E 6 -26.57 32.71 1.84
N ILE E 7 -25.38 33.00 2.36
CA ILE E 7 -24.40 31.98 2.69
C ILE E 7 -23.88 32.22 4.10
N ASN E 8 -23.70 31.13 4.85
CA ASN E 8 -23.17 31.15 6.21
C ASN E 8 -22.08 30.08 6.28
N ALA E 9 -20.83 30.49 6.04
CA ALA E 9 -19.71 29.58 6.05
C ALA E 9 -18.62 30.15 6.95
N GLU E 10 -17.88 29.26 7.61
CA GLU E 10 -16.79 29.67 8.49
C GLU E 10 -15.72 28.59 8.54
N VAL E 11 -14.53 29.00 8.92
CA VAL E 11 -13.37 28.12 8.96
C VAL E 11 -13.41 27.31 10.25
N VAL E 12 -13.34 25.99 10.13
CA VAL E 12 -13.36 25.11 11.30
C VAL E 12 -11.99 24.59 11.70
N SER E 13 -11.03 24.53 10.77
CA SER E 13 -9.67 24.12 11.10
C SER E 13 -8.72 24.67 10.05
N VAL E 14 -7.53 25.06 10.50
CA VAL E 14 -6.51 25.61 9.62
C VAL E 14 -5.30 24.67 9.60
N SER E 15 -4.46 24.88 8.61
CA SER E 15 -3.24 24.13 8.36
C SER E 15 -2.21 25.18 7.96
N PRO E 16 -0.91 24.84 7.82
CA PRO E 16 0.04 25.83 7.28
C PRO E 16 -0.33 26.39 5.92
N ASN E 17 -0.87 25.56 5.03
CA ASN E 17 -1.23 26.01 3.69
C ASN E 17 -2.64 25.57 3.30
N LYS E 18 -3.53 25.38 4.27
CA LYS E 18 -4.85 24.85 3.93
C LYS E 18 -5.86 25.23 5.01
N LEU E 19 -7.10 25.46 4.60
CA LEU E 19 -8.20 25.76 5.51
C LEU E 19 -9.35 24.79 5.25
N LYS E 20 -9.94 24.25 6.32
CA LYS E 20 -11.22 23.55 6.24
C LYS E 20 -12.32 24.54 6.55
N ILE E 21 -13.31 24.62 5.66
CA ILE E 21 -14.43 25.55 5.79
C ILE E 21 -15.73 24.75 5.79
N SER E 22 -16.60 25.04 6.76
CA SER E 22 -17.90 24.39 6.85
C SER E 22 -18.99 25.39 6.49
N VAL E 23 -19.80 25.05 5.49
CA VAL E 23 -20.94 25.86 5.10
C VAL E 23 -22.14 25.41 5.94
N ASP E 24 -22.74 26.36 6.66
CA ASP E 24 -23.75 26.02 7.66
C ASP E 24 -25.18 26.18 7.17
N ASP E 25 -25.49 27.22 6.40
CA ASP E 25 -26.87 27.47 5.99
C ASP E 25 -27.07 27.29 4.50
N LEU E 26 -26.34 28.05 3.67
CA LEU E 26 -26.41 28.03 2.21
C LEU E 26 -27.86 28.22 1.74
N GLU E 27 -28.38 29.42 2.02
CA GLU E 27 -29.77 29.72 1.72
C GLU E 27 -30.00 29.84 0.22
N GLU E 28 -29.12 30.58 -0.47
CA GLU E 28 -29.25 30.78 -1.91
C GLU E 28 -28.45 29.70 -2.63
N PHE E 29 -29.13 28.93 -3.49
CA PHE E 29 -28.48 27.82 -4.17
C PHE E 29 -27.56 28.28 -5.30
N LYS E 30 -27.75 29.50 -5.81
CA LYS E 30 -26.93 29.99 -6.91
C LYS E 30 -25.52 30.38 -6.46
N ILE E 31 -25.31 30.62 -5.17
CA ILE E 31 -23.97 30.90 -4.68
C ILE E 31 -23.09 29.66 -4.81
N ALA E 32 -23.63 28.49 -4.47
CA ALA E 32 -22.84 27.27 -4.51
C ALA E 32 -22.49 26.84 -5.94
N GLU E 33 -23.32 27.22 -6.92
CA GLU E 33 -23.14 26.74 -8.28
C GLU E 33 -21.89 27.32 -8.93
N GLU E 34 -21.69 28.64 -8.84
CA GLU E 34 -20.52 29.27 -9.44
C GLU E 34 -19.49 29.75 -8.44
N LYS E 35 -19.90 30.24 -7.27
CA LYS E 35 -18.97 30.88 -6.35
C LYS E 35 -18.38 29.93 -5.32
N LEU E 36 -18.81 28.66 -5.29
CA LEU E 36 -18.26 27.69 -4.35
C LEU E 36 -17.65 26.49 -5.07
N GLY E 37 -17.35 26.62 -6.36
CA GLY E 37 -16.72 25.56 -7.11
C GLY E 37 -15.23 25.46 -6.83
N VAL E 38 -14.61 24.43 -7.41
CA VAL E 38 -13.18 24.21 -7.22
C VAL E 38 -12.40 25.25 -8.02
N GLY E 39 -11.48 25.94 -7.34
CA GLY E 39 -10.74 27.00 -7.96
C GLY E 39 -11.32 28.38 -7.78
N SER E 40 -12.43 28.51 -7.05
CA SER E 40 -13.05 29.80 -6.80
C SER E 40 -12.37 30.49 -5.62
N TYR E 41 -12.84 31.70 -5.32
CA TYR E 41 -12.21 32.58 -4.36
C TYR E 41 -13.14 32.80 -3.17
N LEU E 42 -12.59 32.71 -1.96
CA LEU E 42 -13.36 32.94 -0.75
C LEU E 42 -12.69 34.02 0.09
N ARG E 43 -13.51 34.85 0.73
CA ARG E 43 -13.03 35.93 1.58
C ARG E 43 -13.13 35.48 3.02
N VAL E 44 -11.98 35.37 3.70
CA VAL E 44 -11.88 34.77 5.02
C VAL E 44 -11.44 35.86 5.98
N SER E 45 -12.39 36.40 6.74
CA SER E 45 -12.12 37.46 7.72
C SER E 45 -13.31 37.60 8.65
N ASP E 46 -13.23 38.59 9.53
CA ASP E 46 -14.37 39.03 10.33
C ASP E 46 -14.76 40.48 10.07
N ASN E 47 -14.02 41.17 9.20
CA ASN E 47 -14.28 42.56 8.85
C ASN E 47 -14.32 42.68 7.33
N GLN E 48 -14.50 43.90 6.84
CA GLN E 48 -14.64 44.15 5.40
C GLN E 48 -13.54 45.06 4.87
N ASP E 49 -12.35 45.04 5.48
CA ASP E 49 -11.23 45.81 4.95
C ASP E 49 -9.96 44.99 4.84
N VAL E 50 -9.77 44.01 5.73
CA VAL E 50 -8.59 43.17 5.75
C VAL E 50 -9.04 41.71 5.79
N ALA E 51 -8.50 40.90 4.89
CA ALA E 51 -9.00 39.54 4.71
C ALA E 51 -7.93 38.64 4.10
N LEU E 52 -8.17 37.33 4.21
CA LEU E 52 -7.49 36.32 3.43
C LEU E 52 -8.30 35.96 2.20
N LEU E 53 -7.61 35.53 1.15
CA LEU E 53 -8.23 34.98 -0.04
C LEU E 53 -7.77 33.53 -0.21
N ALA E 54 -8.64 32.70 -0.76
CA ALA E 54 -8.36 31.27 -0.78
C ALA E 54 -8.93 30.61 -2.03
N ILE E 55 -8.11 29.77 -2.67
CA ILE E 55 -8.57 28.88 -3.72
C ILE E 55 -9.26 27.66 -3.10
N ILE E 56 -10.48 27.39 -3.55
CA ILE E 56 -11.14 26.13 -3.17
C ILE E 56 -10.45 24.99 -3.91
N ASP E 57 -9.89 24.05 -3.15
CA ASP E 57 -9.24 22.90 -3.76
C ASP E 57 -10.16 21.69 -3.82
N ASN E 58 -10.93 21.46 -2.78
CA ASN E 58 -11.78 20.28 -2.68
C ASN E 58 -13.01 20.62 -1.86
N PHE E 59 -14.08 19.87 -2.10
CA PHE E 59 -15.28 20.01 -1.28
C PHE E 59 -15.97 18.66 -1.20
N SER E 60 -16.79 18.49 -0.15
CA SER E 60 -17.54 17.27 0.06
C SER E 60 -18.86 17.62 0.70
N ILE E 61 -19.95 17.36 0.01
CA ILE E 61 -21.29 17.73 0.45
C ILE E 61 -22.03 16.46 0.82
N GLU E 62 -22.07 16.14 2.11
CA GLU E 62 -22.73 14.94 2.60
C GLU E 62 -24.10 15.29 3.16
N VAL E 63 -25.08 14.43 2.90
CA VAL E 63 -26.43 14.58 3.45
C VAL E 63 -26.82 13.22 4.04
N LYS E 64 -27.71 13.24 5.02
CA LYS E 64 -28.02 12.03 5.76
C LYS E 64 -29.45 12.14 6.30
N GLU E 65 -29.80 11.24 7.23
CA GLU E 65 -31.20 11.03 7.63
C GLU E 65 -31.77 12.25 8.36
N SER E 66 -31.22 12.57 9.52
CA SER E 66 -31.78 13.60 10.37
C SER E 66 -30.83 14.75 10.67
N GLN E 67 -29.51 14.49 10.70
CA GLN E 67 -28.56 15.55 10.96
C GLN E 67 -28.45 16.48 9.75
N LYS E 68 -27.78 17.61 9.97
CA LYS E 68 -27.81 18.71 9.02
C LYS E 68 -26.96 18.41 7.78
N GLN E 69 -27.12 19.29 6.80
CA GLN E 69 -26.41 19.17 5.52
C GLN E 69 -24.94 19.45 5.72
N LYS E 70 -24.10 18.42 5.54
CA LYS E 70 -22.68 18.51 5.83
C LYS E 70 -21.94 19.00 4.59
N TYR E 71 -21.72 20.31 4.52
CA TYR E 71 -21.02 20.95 3.42
C TYR E 71 -19.65 21.37 3.95
N MET E 72 -18.60 20.66 3.50
CA MET E 72 -17.23 20.94 3.89
C MET E 72 -16.46 21.44 2.68
N ILE E 73 -15.69 22.51 2.85
CA ILE E 73 -14.89 23.09 1.78
C ILE E 73 -13.44 23.13 2.24
N GLU E 74 -12.55 22.56 1.44
CA GLU E 74 -11.12 22.62 1.66
C GLU E 74 -10.54 23.75 0.80
N ALA E 75 -9.87 24.70 1.44
CA ALA E 75 -9.34 25.87 0.75
C ALA E 75 -7.90 26.11 1.18
N SER E 76 -7.12 26.69 0.28
CA SER E 76 -5.73 27.04 0.54
C SER E 76 -5.55 28.54 0.40
N PRO E 77 -4.96 29.22 1.40
CA PRO E 77 -4.80 30.67 1.32
C PRO E 77 -3.80 31.07 0.25
N ILE E 78 -4.18 32.05 -0.57
CA ILE E 78 -3.31 32.53 -1.64
C ILE E 78 -2.66 33.87 -1.32
N GLY E 79 -3.21 34.63 -0.39
CA GLY E 79 -2.60 35.91 -0.06
C GLY E 79 -3.48 36.72 0.88
N LEU E 80 -3.23 38.03 0.86
CA LEU E 80 -3.86 38.99 1.76
C LEU E 80 -4.43 40.15 0.97
N VAL E 81 -5.54 40.69 1.46
CA VAL E 81 -6.16 41.89 0.91
C VAL E 81 -6.24 42.92 2.02
N LYS E 82 -5.68 44.12 1.78
CA LYS E 82 -5.72 45.21 2.74
C LYS E 82 -6.23 46.45 2.04
N ASN E 83 -7.48 46.82 2.32
CA ASN E 83 -8.14 48.02 1.79
C ASN E 83 -8.13 48.04 0.27
N GLY E 84 -8.40 46.89 -0.34
CA GLY E 84 -8.49 46.78 -1.79
C GLY E 84 -7.17 46.50 -2.49
N LYS E 85 -6.07 46.38 -1.77
CA LYS E 85 -4.77 46.09 -2.34
C LYS E 85 -4.36 44.67 -1.96
N PHE E 86 -4.02 43.86 -2.96
CA PHE E 86 -3.76 42.43 -2.75
C PHE E 86 -2.28 42.20 -2.51
N TYR E 87 -1.97 41.42 -1.48
CA TYR E 87 -0.60 41.03 -1.17
C TYR E 87 -0.49 39.51 -1.28
N ARG E 88 0.47 39.03 -2.05
CA ARG E 88 0.70 37.60 -2.17
C ARG E 88 1.35 37.06 -0.90
N GLY E 89 1.20 35.76 -0.67
CA GLY E 89 1.87 35.12 0.45
C GLY E 89 0.90 34.43 1.39
N GLY E 90 1.17 33.15 1.65
CA GLY E 90 0.35 32.36 2.55
C GLY E 90 0.89 32.33 3.96
N ASP E 91 1.79 33.26 4.28
CA ASP E 91 2.38 33.30 5.61
C ASP E 91 1.38 33.77 6.66
N SER E 92 0.37 34.54 6.25
CA SER E 92 -0.62 35.05 7.19
C SER E 92 -1.52 33.92 7.69
N LEU E 93 -1.76 33.91 9.00
CA LEU E 93 -2.56 32.88 9.64
C LEU E 93 -3.89 33.47 10.10
N ALA E 94 -4.98 32.79 9.77
CA ALA E 94 -6.31 33.16 10.24
C ALA E 94 -6.70 32.25 11.38
N LEU E 95 -6.93 32.85 12.55
CA LEU E 95 -7.31 32.07 13.73
C LEU E 95 -8.79 31.73 13.66
N PRO E 96 -9.17 30.45 13.75
CA PRO E 96 -10.56 30.07 13.57
C PRO E 96 -11.40 30.42 14.79
N PRO E 97 -12.72 30.63 14.62
CA PRO E 97 -13.47 30.66 13.37
C PRO E 97 -13.40 32.01 12.66
N LYS E 98 -13.46 32.01 11.32
CA LYS E 98 -13.46 33.23 10.53
C LYS E 98 -14.58 33.14 9.51
N LYS E 99 -15.36 34.21 9.41
CA LYS E 99 -16.54 34.20 8.54
C LYS E 99 -16.11 34.18 7.08
N VAL E 100 -16.69 33.27 6.29
CA VAL E 100 -16.25 33.01 4.93
C VAL E 100 -17.37 33.40 3.98
N GLU E 101 -17.07 34.28 3.04
CA GLU E 101 -17.95 34.68 1.94
C GLU E 101 -17.21 34.46 0.64
N PRO E 102 -17.93 34.27 -0.46
CA PRO E 102 -17.29 34.37 -1.78
C PRO E 102 -16.77 35.79 -1.99
N ALA E 103 -15.60 35.88 -2.62
CA ALA E 103 -14.97 37.18 -2.82
C ALA E 103 -15.75 38.00 -3.85
N LYS E 104 -15.93 39.28 -3.55
CA LYS E 104 -16.57 40.14 -4.53
C LYS E 104 -15.62 40.42 -5.69
N LEU E 105 -16.18 41.05 -6.73
CA LEU E 105 -15.46 41.21 -8.00
C LEU E 105 -14.24 42.10 -7.85
N ASP E 106 -14.24 43.02 -6.90
CA ASP E 106 -13.13 43.97 -6.76
C ASP E 106 -11.87 43.28 -6.23
N GLU E 107 -12.02 42.28 -5.35
CA GLU E 107 -10.84 41.57 -4.86
C GLU E 107 -10.21 40.73 -5.96
N ILE E 108 -11.05 40.03 -6.74
CA ILE E 108 -10.56 39.21 -7.83
C ILE E 108 -9.91 40.05 -8.91
N ILE E 109 -10.46 41.26 -9.15
CA ILE E 109 -9.81 42.20 -10.05
C ILE E 109 -8.46 42.63 -9.48
N SER E 110 -8.42 42.90 -8.18
CA SER E 110 -7.19 43.35 -7.52
C SER E 110 -6.15 42.25 -7.38
N ILE E 111 -6.50 40.98 -7.62
CA ILE E 111 -5.49 39.92 -7.61
C ILE E 111 -4.54 40.09 -8.79
N TYR E 112 -5.09 40.29 -9.98
CA TYR E 112 -4.28 40.34 -11.19
C TYR E 112 -3.88 41.75 -11.60
N SER E 113 -4.53 42.77 -11.06
CA SER E 113 -4.25 44.16 -11.43
C SER E 113 -3.30 44.83 -10.46
N ASP E 114 -2.61 44.06 -9.62
CA ASP E 114 -1.71 44.61 -8.60
C ASP E 114 -0.27 44.18 -8.81
N SER E 115 -0.03 42.90 -9.08
CA SER E 115 1.31 42.40 -9.30
C SER E 115 1.87 42.75 -10.68
N ILE E 116 1.02 43.24 -11.59
CA ILE E 116 1.42 43.58 -12.95
C ILE E 116 1.15 45.07 -13.16
N ASP E 117 2.15 45.77 -13.68
CA ASP E 117 2.02 47.19 -13.95
C ASP E 117 1.00 47.42 -15.07
N ILE E 118 0.39 48.61 -15.07
CA ILE E 118 -0.70 48.91 -16.01
C ILE E 118 -0.18 48.92 -17.45
N ASN E 119 1.05 49.38 -17.66
CA ASN E 119 1.64 49.34 -18.99
C ASN E 119 2.12 47.95 -19.38
N ASP E 120 2.33 47.06 -18.41
CA ASP E 120 2.78 45.71 -18.68
C ASP E 120 1.65 44.71 -18.81
N ARG E 121 0.40 45.17 -18.74
CA ARG E 121 -0.75 44.27 -18.77
C ARG E 121 -1.01 43.78 -20.19
N PHE E 122 -1.21 42.47 -20.34
CA PHE E 122 -1.48 41.85 -21.63
C PHE E 122 -2.67 40.92 -21.44
N THR E 123 -3.85 41.41 -21.79
CA THR E 123 -5.10 40.69 -21.56
C THR E 123 -5.51 39.95 -22.83
N PHE E 124 -5.69 38.63 -22.72
CA PHE E 124 -6.22 37.85 -23.82
C PHE E 124 -7.26 36.84 -23.36
N SER E 125 -7.70 36.90 -22.11
CA SER E 125 -8.61 35.91 -21.56
C SER E 125 -9.31 36.49 -20.34
N SER E 126 -10.33 35.77 -19.88
CA SER E 126 -11.05 36.11 -18.66
C SER E 126 -11.19 34.85 -17.81
N LEU E 127 -11.50 35.06 -16.54
CA LEU E 127 -11.61 33.94 -15.60
C LEU E 127 -12.80 33.06 -15.94
N SER E 128 -12.64 31.75 -15.74
CA SER E 128 -13.68 30.80 -16.13
C SER E 128 -14.89 30.86 -15.22
N LEU E 129 -14.66 30.92 -13.90
CA LEU E 129 -15.78 30.93 -12.96
C LEU E 129 -16.48 32.29 -12.90
N ASN E 130 -15.74 33.38 -13.12
CA ASN E 130 -16.31 34.71 -13.14
C ASN E 130 -15.93 35.35 -14.46
N THR E 131 -16.92 35.51 -15.35
CA THR E 131 -16.66 36.09 -16.67
C THR E 131 -16.34 37.58 -16.58
N LYS E 132 -17.00 38.29 -15.66
CA LYS E 132 -16.90 39.75 -15.58
C LYS E 132 -15.51 40.25 -15.19
N VAL E 133 -14.63 39.40 -14.68
CA VAL E 133 -13.25 39.77 -14.40
C VAL E 133 -12.36 39.23 -15.50
N SER E 134 -11.58 40.11 -16.10
CA SER E 134 -10.58 39.72 -17.09
C SER E 134 -9.26 39.45 -16.40
N VAL E 135 -8.51 38.50 -16.94
CA VAL E 135 -7.22 38.12 -16.36
C VAL E 135 -6.14 38.70 -17.27
N PRO E 136 -5.36 39.67 -16.80
CA PRO E 136 -4.15 40.07 -17.53
C PRO E 136 -2.92 39.33 -17.02
N VAL E 137 -2.01 39.07 -17.95
CA VAL E 137 -0.72 38.49 -17.62
C VAL E 137 0.34 39.55 -17.83
N ASN E 138 1.48 39.36 -17.17
CA ASN E 138 2.61 40.25 -17.37
C ASN E 138 3.22 39.90 -18.72
N GLY E 139 2.92 40.73 -19.73
CA GLY E 139 3.35 40.46 -21.09
C GLY E 139 4.85 40.47 -21.29
N ASN E 140 5.58 41.12 -20.38
CA ASN E 140 7.03 41.00 -20.38
C ASN E 140 7.45 39.57 -20.05
N ARG E 141 7.06 39.10 -18.86
CA ARG E 141 7.39 37.75 -18.43
C ARG E 141 6.62 36.67 -19.19
N PHE E 142 5.61 37.06 -19.98
CA PHE E 142 4.90 36.08 -20.80
C PHE E 142 5.75 35.59 -21.95
N PHE E 143 6.58 36.46 -22.52
CA PHE E 143 7.28 36.15 -23.76
C PHE E 143 8.76 35.85 -23.56
N ASN E 144 9.43 36.45 -22.58
CA ASN E 144 10.81 36.12 -22.27
C ASN E 144 10.93 34.67 -21.82
N LYS E 145 10.28 34.36 -20.71
CA LYS E 145 10.08 32.97 -20.33
C LYS E 145 9.12 32.33 -21.33
N HIS E 146 9.58 31.29 -21.99
CA HIS E 146 8.91 30.76 -23.17
C HIS E 146 7.56 30.13 -22.82
N ILE E 147 6.68 30.07 -23.82
CA ILE E 147 5.32 29.62 -23.64
C ILE E 147 5.21 28.18 -24.12
N ALA E 148 4.60 27.33 -23.31
CA ALA E 148 4.31 25.94 -23.67
C ALA E 148 2.81 25.76 -23.61
N ILE E 149 2.15 25.74 -24.76
CA ILE E 149 0.71 25.63 -24.85
C ILE E 149 0.36 24.16 -25.10
N VAL E 150 -0.41 23.58 -24.19
CA VAL E 150 -0.64 22.15 -24.11
C VAL E 150 -2.13 21.88 -24.12
N GLY E 151 -2.55 20.88 -24.90
CA GLY E 151 -3.94 20.47 -24.89
C GLY E 151 -4.11 19.22 -25.73
N SER E 152 -5.25 18.58 -25.54
CA SER E 152 -5.60 17.43 -26.35
C SER E 152 -6.11 17.89 -27.71
N THR E 153 -6.41 16.93 -28.59
CA THR E 153 -6.91 17.26 -29.91
C THR E 153 -8.36 17.68 -29.81
N GLY E 154 -8.69 18.82 -30.40
CA GLY E 154 -10.02 19.38 -30.28
C GLY E 154 -10.27 20.20 -29.04
N SER E 155 -9.21 20.56 -28.29
CA SER E 155 -9.35 21.29 -27.04
C SER E 155 -9.29 22.81 -27.21
N GLY E 156 -8.88 23.30 -28.38
CA GLY E 156 -8.75 24.73 -28.60
C GLY E 156 -7.35 25.28 -28.42
N LYS E 157 -6.31 24.45 -28.51
CA LYS E 157 -4.94 24.91 -28.27
C LYS E 157 -4.49 25.85 -29.37
N SER E 158 -4.81 25.54 -30.63
CA SER E 158 -4.42 26.41 -31.73
C SER E 158 -5.23 27.70 -31.77
N HIS E 159 -6.51 27.65 -31.37
CA HIS E 159 -7.30 28.86 -31.29
C HIS E 159 -6.77 29.77 -30.19
N THR E 160 -6.27 29.19 -29.10
CA THR E 160 -5.59 29.95 -28.07
C THR E 160 -4.28 30.54 -28.60
N VAL E 161 -3.55 29.77 -29.41
CA VAL E 161 -2.26 30.21 -29.94
C VAL E 161 -2.45 31.45 -30.81
N ALA E 162 -3.44 31.41 -31.71
CA ALA E 162 -3.67 32.53 -32.62
C ALA E 162 -4.24 33.75 -31.90
N LYS E 163 -5.03 33.54 -30.84
CA LYS E 163 -5.61 34.67 -30.13
C LYS E 163 -4.56 35.48 -29.40
N ILE E 164 -3.54 34.81 -28.86
CA ILE E 164 -2.41 35.51 -28.25
C ILE E 164 -1.63 36.28 -29.31
N LEU E 165 -1.41 35.66 -30.47
CA LEU E 165 -0.67 36.32 -31.53
C LEU E 165 -1.46 37.47 -32.15
N GLN E 166 -2.78 37.34 -32.24
CA GLN E 166 -3.61 38.46 -32.68
C GLN E 166 -3.56 39.61 -31.70
N LYS E 167 -3.58 39.31 -30.39
CA LYS E 167 -3.43 40.36 -29.39
C LYS E 167 -2.02 40.92 -29.37
N ALA E 168 -1.02 40.10 -29.72
CA ALA E 168 0.35 40.59 -29.75
C ALA E 168 0.58 41.56 -30.91
N VAL E 169 -0.13 41.36 -32.03
CA VAL E 169 0.01 42.26 -33.16
C VAL E 169 -0.84 43.52 -32.97
N ASP E 170 -2.05 43.36 -32.43
CA ASP E 170 -2.96 44.50 -32.32
C ASP E 170 -2.54 45.48 -31.24
N GLU E 171 -1.78 45.03 -30.24
CA GLU E 171 -1.43 45.89 -29.12
C GLU E 171 -0.30 46.83 -29.54
N LYS E 172 -0.53 48.14 -29.42
CA LYS E 172 0.41 49.14 -29.91
C LYS E 172 0.48 50.29 -28.92
N GLN E 173 1.62 50.98 -28.93
CA GLN E 173 1.71 52.27 -28.26
C GLN E 173 0.92 53.33 -29.03
N GLU E 174 0.57 54.40 -28.33
CA GLU E 174 -0.14 55.51 -28.94
C GLU E 174 0.84 56.47 -29.59
N GLY E 175 0.45 57.00 -30.74
CA GLY E 175 1.27 57.97 -31.44
C GLY E 175 1.73 57.56 -32.81
N TYR E 176 1.24 56.43 -33.32
CA TYR E 176 1.63 55.99 -34.66
C TYR E 176 0.55 55.08 -35.23
N LYS E 177 0.62 54.87 -36.53
CA LYS E 177 -0.29 53.99 -37.26
C LYS E 177 0.58 53.19 -38.22
N GLY E 178 0.45 51.87 -38.18
CA GLY E 178 1.17 51.00 -39.06
C GLY E 178 1.49 49.69 -38.37
N LEU E 179 2.42 48.95 -38.96
CA LEU E 179 2.90 47.71 -38.35
C LEU E 179 3.67 48.01 -37.07
N ASN E 180 3.41 47.22 -36.04
CA ASN E 180 4.16 47.31 -34.81
C ASN E 180 5.45 46.49 -34.94
N ASN E 181 6.16 46.30 -33.85
CA ASN E 181 7.46 45.65 -33.88
C ASN E 181 7.38 44.15 -33.61
N SER E 182 6.18 43.58 -33.59
CA SER E 182 6.03 42.14 -33.35
C SER E 182 6.54 41.34 -34.55
N HIS E 183 7.24 40.26 -34.25
CA HIS E 183 7.84 39.38 -35.27
C HIS E 183 7.61 37.94 -34.82
N ILE E 184 6.56 37.33 -35.34
CA ILE E 184 6.18 35.97 -34.96
C ILE E 184 6.29 35.06 -36.18
N ILE E 185 6.99 33.94 -36.01
CA ILE E 185 7.12 32.92 -37.03
C ILE E 185 6.36 31.68 -36.56
N ILE E 186 5.51 31.14 -37.42
CA ILE E 186 4.69 29.98 -37.10
C ILE E 186 5.15 28.81 -37.96
N PHE E 187 5.60 27.75 -37.31
CA PHE E 187 5.87 26.47 -37.99
C PHE E 187 4.57 25.69 -38.00
N ASP E 188 3.75 25.96 -39.01
CA ASP E 188 2.39 25.45 -39.09
C ASP E 188 2.35 24.27 -40.06
N ILE E 189 1.82 23.14 -39.58
CA ILE E 189 1.86 21.89 -40.34
C ILE E 189 0.48 21.39 -40.76
N HIS E 190 -0.60 21.95 -40.22
CA HIS E 190 -1.95 21.55 -40.61
C HIS E 190 -2.60 22.53 -41.59
N SER E 191 -1.85 23.51 -42.08
CA SER E 191 -2.36 24.60 -42.92
C SER E 191 -3.50 25.32 -42.23
N GLU E 192 -3.24 25.79 -41.02
CA GLU E 192 -4.28 26.27 -40.10
C GLU E 192 -4.33 27.77 -39.93
N TYR E 193 -3.18 28.43 -39.80
CA TYR E 193 -3.15 29.86 -39.50
C TYR E 193 -3.17 30.73 -40.75
N GLU E 194 -3.38 30.15 -41.93
CA GLU E 194 -3.63 30.96 -43.12
C GLU E 194 -4.92 31.76 -42.96
N ASN E 195 -5.96 31.14 -42.41
CA ASN E 195 -7.22 31.84 -42.19
C ASN E 195 -7.11 32.83 -41.04
N ALA E 196 -6.31 32.50 -40.01
CA ALA E 196 -6.23 33.33 -38.81
C ALA E 196 -5.63 34.70 -39.10
N PHE E 197 -4.57 34.75 -39.91
CA PHE E 197 -3.84 35.98 -40.20
C PHE E 197 -3.89 36.17 -41.72
N PRO E 198 -4.95 36.77 -42.25
CA PRO E 198 -5.03 36.94 -43.72
C PRO E 198 -4.05 37.96 -44.24
N ASN E 199 -3.85 39.07 -43.51
CA ASN E 199 -2.89 40.09 -43.91
C ASN E 199 -1.51 39.73 -43.36
N SER E 200 -0.95 38.66 -43.92
CA SER E 200 0.36 38.17 -43.51
C SER E 200 0.99 37.40 -44.65
N ASN E 201 2.30 37.23 -44.57
CA ASN E 201 3.06 36.52 -45.60
C ASN E 201 3.10 35.04 -45.26
N VAL E 202 2.67 34.21 -46.20
CA VAL E 202 2.61 32.76 -46.04
C VAL E 202 3.54 32.13 -47.05
N LEU E 203 4.39 31.21 -46.57
CA LEU E 203 5.38 30.56 -47.41
C LEU E 203 5.19 29.05 -47.36
N ASN E 204 4.74 28.48 -48.48
CA ASN E 204 4.64 27.04 -48.67
C ASN E 204 5.81 26.55 -49.52
N VAL E 205 5.75 25.29 -49.93
CA VAL E 205 6.84 24.70 -50.72
C VAL E 205 6.94 25.36 -52.09
N ASP E 206 5.80 25.73 -52.68
CA ASP E 206 5.80 26.31 -54.02
C ASP E 206 6.34 27.74 -54.05
N THR E 207 6.34 28.43 -52.91
CA THR E 207 6.77 29.82 -52.85
C THR E 207 8.11 30.01 -52.15
N LEU E 208 8.30 29.37 -51.00
CA LEU E 208 9.52 29.55 -50.23
C LEU E 208 10.69 28.81 -50.89
N THR E 209 11.79 29.50 -51.06
CA THR E 209 13.03 28.92 -51.58
C THR E 209 14.06 28.94 -50.46
N LEU E 210 14.40 27.76 -49.93
CA LEU E 210 15.35 27.66 -48.85
C LEU E 210 16.69 27.23 -49.40
N PRO E 211 17.75 28.03 -49.27
CA PRO E 211 19.04 27.66 -49.86
C PRO E 211 19.73 26.58 -49.03
N TYR E 212 20.25 25.56 -49.72
CA TYR E 212 20.91 24.44 -49.06
C TYR E 212 22.28 24.81 -48.54
N TRP E 213 22.87 25.92 -48.99
CA TRP E 213 24.21 26.29 -48.57
C TRP E 213 24.24 27.07 -47.27
N LEU E 214 23.08 27.38 -46.69
CA LEU E 214 23.06 27.88 -45.31
C LEU E 214 22.92 26.76 -44.28
N LEU E 215 22.73 25.52 -44.72
CA LEU E 215 22.81 24.40 -43.81
C LEU E 215 24.24 24.25 -43.30
N ASN E 216 24.40 24.09 -41.99
CA ASN E 216 25.73 23.99 -41.41
C ASN E 216 26.27 22.58 -41.60
N GLY E 217 27.38 22.26 -40.91
CA GLY E 217 27.97 20.95 -41.06
C GLY E 217 27.10 19.83 -40.54
N ASP E 218 26.32 20.09 -39.48
CA ASP E 218 25.49 19.03 -38.90
C ASP E 218 24.31 18.70 -39.79
N GLU E 219 23.61 19.71 -40.30
CA GLU E 219 22.41 19.47 -41.11
C GLU E 219 22.72 19.02 -42.53
N LEU E 220 23.93 19.27 -43.02
CA LEU E 220 24.27 18.87 -44.38
C LEU E 220 24.45 17.37 -44.50
N GLU E 221 24.94 16.71 -43.44
CA GLU E 221 25.09 15.26 -43.48
C GLU E 221 23.75 14.54 -43.43
N GLU E 222 22.83 15.02 -42.59
CA GLU E 222 21.56 14.33 -42.41
C GLU E 222 20.70 14.39 -43.67
N LEU E 223 20.84 15.46 -44.45
CA LEU E 223 20.11 15.57 -45.71
C LEU E 223 20.63 14.55 -46.73
N PHE E 224 21.95 14.44 -46.87
CA PHE E 224 22.55 13.64 -47.93
C PHE E 224 23.02 12.27 -47.44
N LEU E 225 23.92 12.24 -46.46
CA LEU E 225 24.34 10.96 -45.88
C LEU E 225 23.21 10.38 -45.03
N ASP E 226 23.38 9.10 -44.69
CA ASP E 226 22.50 8.41 -43.76
C ASP E 226 23.31 7.91 -42.58
N THR E 227 22.69 7.94 -41.40
CA THR E 227 23.40 7.63 -40.16
C THR E 227 23.65 6.13 -40.01
N GLU E 228 22.79 5.30 -40.61
CA GLU E 228 22.85 3.86 -40.35
C GLU E 228 24.08 3.21 -40.97
N ALA E 229 24.48 3.65 -42.16
CA ALA E 229 25.66 3.07 -42.79
C ALA E 229 26.94 3.48 -42.07
N ASN E 230 27.06 4.77 -41.75
CA ASN E 230 28.24 5.35 -41.08
C ASN E 230 29.53 5.06 -41.84
N ASP E 231 29.48 5.18 -43.16
CA ASP E 231 30.66 4.94 -43.98
C ASP E 231 31.61 6.12 -43.85
N HIS E 232 32.83 5.85 -43.38
CA HIS E 232 33.80 6.91 -43.18
C HIS E 232 34.31 7.46 -44.52
N ASN E 233 34.63 6.56 -45.46
CA ASN E 233 35.21 6.97 -46.73
C ASN E 233 34.27 7.84 -47.54
N GLN E 234 32.96 7.61 -47.42
CA GLN E 234 31.98 8.54 -47.97
C GLN E 234 32.04 9.87 -47.24
N ARG E 235 32.13 9.82 -45.91
CA ARG E 235 32.01 11.00 -45.05
C ARG E 235 33.24 11.90 -45.13
N ASN E 236 34.42 11.34 -45.42
CA ASN E 236 35.58 12.18 -45.67
C ASN E 236 35.57 12.79 -47.06
N VAL E 237 35.23 12.00 -48.07
CA VAL E 237 35.17 12.53 -49.43
C VAL E 237 33.97 13.46 -49.58
N PHE E 238 32.97 13.34 -48.70
CA PHE E 238 31.89 14.32 -48.70
C PHE E 238 32.40 15.70 -48.32
N ARG E 239 33.11 15.81 -47.18
CA ARG E 239 33.44 17.12 -46.64
C ARG E 239 34.29 17.93 -47.60
N GLN E 240 35.38 17.34 -48.09
CA GLN E 240 36.32 18.04 -48.96
C GLN E 240 35.71 18.44 -50.31
N ALA E 241 34.51 17.95 -50.64
CA ALA E 241 33.77 18.52 -51.76
C ALA E 241 33.19 19.88 -51.40
N ILE E 242 32.35 19.95 -50.35
CA ILE E 242 31.70 21.22 -50.00
C ILE E 242 32.67 22.24 -49.41
N THR E 243 33.60 21.83 -48.52
CA THR E 243 34.40 22.88 -47.87
C THR E 243 35.36 23.53 -48.86
N LEU E 244 35.82 22.77 -49.86
CA LEU E 244 36.66 23.35 -50.91
C LEU E 244 35.81 24.15 -51.88
N ASN E 245 34.59 23.70 -52.17
CA ASN E 245 33.71 24.41 -53.09
C ASN E 245 33.27 25.75 -52.52
N LYS E 246 33.23 25.86 -51.19
CA LYS E 246 32.90 27.13 -50.56
C LYS E 246 34.07 28.11 -50.62
N LYS E 247 35.31 27.62 -50.83
CA LYS E 247 36.45 28.52 -50.94
C LYS E 247 36.44 29.31 -52.24
N ILE E 248 36.33 28.60 -53.37
CA ILE E 248 36.50 29.25 -54.67
C ILE E 248 35.28 30.03 -55.12
N HIS E 249 34.13 29.83 -54.48
CA HIS E 249 32.96 30.66 -54.77
C HIS E 249 32.95 31.95 -53.96
N PHE E 250 33.86 32.11 -53.01
CA PHE E 250 34.00 33.36 -52.28
C PHE E 250 34.76 34.35 -53.16
N GLN E 251 34.16 35.50 -53.42
CA GLN E 251 34.83 36.63 -54.05
C GLN E 251 34.96 37.73 -53.00
N GLY E 252 36.19 37.98 -52.56
CA GLY E 252 36.42 38.98 -51.54
C GLY E 252 37.79 38.90 -50.89
N ASP E 253 37.83 39.07 -49.56
CA ASP E 253 39.10 39.11 -48.85
C ASP E 253 39.69 37.71 -48.76
N PRO E 254 40.96 37.53 -49.11
CA PRO E 254 41.56 36.17 -49.08
C PRO E 254 41.76 35.62 -47.68
N ALA E 255 41.84 36.46 -46.65
CA ALA E 255 42.06 35.96 -45.29
C ALA E 255 40.85 35.21 -44.75
N THR E 256 39.65 35.64 -45.11
CA THR E 256 38.43 34.92 -44.73
C THR E 256 38.19 33.68 -45.59
N LYS E 257 38.93 33.52 -46.70
CA LYS E 257 38.82 32.31 -47.49
C LYS E 257 39.41 31.11 -46.75
N GLU E 258 40.52 31.31 -46.05
CA GLU E 258 41.20 30.19 -45.40
C GLU E 258 40.43 29.67 -44.19
N ILE E 259 39.60 30.50 -43.58
CA ILE E 259 38.88 30.10 -42.37
C ILE E 259 37.55 29.45 -42.72
N ILE E 260 37.34 29.19 -44.02
CA ILE E 260 36.13 28.52 -44.46
C ILE E 260 36.19 27.04 -44.11
N SER E 261 35.16 26.55 -43.43
CA SER E 261 35.09 25.14 -43.08
C SER E 261 33.76 24.55 -43.53
N PHE E 262 33.48 23.31 -43.08
CA PHE E 262 32.21 22.67 -43.37
C PHE E 262 31.04 23.44 -42.75
N HIS E 263 31.21 23.92 -41.53
CA HIS E 263 30.14 24.56 -40.78
C HIS E 263 29.88 26.00 -41.21
N SER E 264 30.77 26.60 -41.99
CA SER E 264 30.65 28.01 -42.31
C SER E 264 29.67 28.22 -43.47
N PRO E 265 28.69 29.12 -43.33
CA PRO E 265 27.62 29.24 -44.34
C PRO E 265 27.99 30.08 -45.56
N TYR E 266 28.61 29.48 -46.57
CA TYR E 266 28.85 30.14 -47.84
C TYR E 266 28.25 29.31 -48.98
N TYR E 267 28.14 29.95 -50.14
CA TYR E 267 27.47 29.34 -51.28
C TYR E 267 28.38 28.28 -51.91
N PHE E 268 27.83 27.09 -52.11
CA PHE E 268 28.48 26.06 -52.91
C PHE E 268 27.47 25.48 -53.88
N ASP E 269 27.97 24.99 -55.01
CA ASP E 269 27.12 24.41 -56.05
C ASP E 269 27.09 22.90 -55.84
N ILE E 270 25.89 22.35 -55.64
CA ILE E 270 25.75 20.94 -55.28
C ILE E 270 26.00 20.05 -56.50
N ASN E 271 25.78 20.57 -57.72
CA ASN E 271 25.91 19.74 -58.91
C ASN E 271 27.36 19.37 -59.18
N GLU E 272 28.28 20.32 -59.02
CA GLU E 272 29.69 20.00 -59.17
C GLU E 272 30.29 19.35 -57.93
N VAL E 273 29.60 19.43 -56.79
CA VAL E 273 30.00 18.62 -55.63
C VAL E 273 29.79 17.14 -55.93
N ILE E 274 28.65 16.79 -56.53
CA ILE E 274 28.41 15.41 -56.97
C ILE E 274 29.37 15.03 -58.08
N ASN E 275 29.68 15.99 -58.96
CA ASN E 275 30.65 15.74 -60.02
C ASN E 275 32.03 15.48 -59.46
N TYR E 276 32.37 16.10 -58.33
CA TYR E 276 33.64 15.81 -57.67
C TYR E 276 33.67 14.37 -57.17
N ILE E 277 32.58 13.93 -56.54
CA ILE E 277 32.52 12.57 -56.01
C ILE E 277 32.42 11.56 -57.15
N ASN E 278 31.68 11.89 -58.20
CA ASN E 278 31.48 10.95 -59.31
C ASN E 278 32.78 10.72 -60.09
N ASN E 279 33.57 11.76 -60.31
CA ASN E 279 34.90 11.57 -60.88
C ASN E 279 35.82 10.84 -59.90
N ARG E 280 35.74 11.17 -58.60
CA ARG E 280 36.52 10.45 -57.60
C ARG E 280 36.04 9.02 -57.39
N ASN E 281 34.88 8.66 -57.95
CA ASN E 281 34.51 7.26 -58.07
C ASN E 281 35.29 6.53 -59.16
N ASN E 282 36.00 7.26 -60.01
CA ASN E 282 36.74 6.69 -61.13
C ASN E 282 38.23 7.09 -61.06
N GLU E 283 38.81 7.00 -59.87
CA GLU E 283 40.22 7.36 -59.71
C GLU E 283 41.12 6.31 -60.33
N ARG E 284 42.17 6.78 -61.01
CA ARG E 284 43.14 5.91 -61.68
C ARG E 284 44.53 6.43 -61.34
N LYS E 285 45.28 5.67 -60.54
CA LYS E 285 46.60 6.08 -60.08
C LYS E 285 47.69 5.35 -60.84
N ASN E 286 48.87 5.98 -60.89
CA ASN E 286 50.02 5.42 -61.60
C ASN E 286 50.83 4.53 -60.67
N LYS E 287 52.07 4.21 -61.07
CA LYS E 287 52.91 3.28 -60.32
C LYS E 287 53.27 3.83 -58.93
N ASP E 288 53.61 5.12 -58.85
CA ASP E 288 53.98 5.74 -57.59
C ASP E 288 52.79 6.34 -56.84
N ASN E 289 51.57 5.95 -57.22
CA ASN E 289 50.32 6.24 -56.50
C ASN E 289 50.05 7.73 -56.35
N GLU E 290 49.84 8.40 -57.49
CA GLU E 290 49.18 9.69 -57.53
C GLU E 290 48.11 9.64 -58.60
N HIS E 291 46.95 10.23 -58.31
CA HIS E 291 45.83 10.19 -59.23
C HIS E 291 46.06 11.16 -60.38
N ILE E 292 45.92 10.68 -61.60
CA ILE E 292 46.20 11.44 -62.81
C ILE E 292 44.92 11.54 -63.62
N TRP E 293 44.59 12.75 -64.06
CA TRP E 293 43.38 13.02 -64.81
C TRP E 293 43.72 13.84 -66.04
N SER E 294 42.82 13.84 -67.02
CA SER E 294 42.98 14.61 -68.24
C SER E 294 41.75 15.48 -68.48
N ASP E 295 41.99 16.73 -68.86
CA ASP E 295 40.91 17.65 -69.20
C ASP E 295 41.35 18.48 -70.40
N GLU E 296 40.62 19.56 -70.66
CA GLU E 296 40.83 20.33 -71.90
C GLU E 296 42.14 21.11 -71.87
N GLU E 297 42.50 21.69 -70.73
CA GLU E 297 43.68 22.55 -70.68
C GLU E 297 44.98 21.75 -70.63
N GLY E 298 44.93 20.50 -70.22
CA GLY E 298 46.12 19.66 -70.21
C GLY E 298 46.10 18.67 -69.07
N ASN E 299 47.12 17.83 -69.05
CA ASN E 299 47.25 16.80 -68.03
C ASN E 299 47.71 17.43 -66.72
N PHE E 300 47.34 16.79 -65.61
CA PHE E 300 47.67 17.29 -64.28
C PHE E 300 47.64 16.14 -63.28
N LYS E 301 48.08 16.45 -62.06
CA LYS E 301 48.13 15.50 -60.96
C LYS E 301 47.23 15.99 -59.83
N PHE E 302 46.53 15.06 -59.18
CA PHE E 302 45.54 15.40 -58.17
C PHE E 302 46.30 15.75 -56.89
N ASP E 303 46.14 16.98 -56.42
CA ASP E 303 46.62 17.42 -55.12
C ASP E 303 45.74 18.60 -54.67
N ASN E 304 46.20 19.33 -53.67
CA ASN E 304 45.36 20.31 -52.98
C ASN E 304 44.97 21.47 -53.90
N GLU E 305 45.95 22.06 -54.59
CA GLU E 305 45.66 23.19 -55.45
C GLU E 305 45.15 22.78 -56.84
N ASN E 306 45.13 21.49 -57.16
CA ASN E 306 44.53 21.00 -58.39
C ASN E 306 43.33 20.10 -58.14
N ALA E 307 42.65 20.27 -57.00
CA ALA E 307 41.44 19.52 -56.72
C ALA E 307 40.17 20.27 -57.11
N HIS E 308 40.26 21.58 -57.30
CA HIS E 308 39.10 22.37 -57.72
C HIS E 308 38.68 22.06 -59.15
N ARG E 309 39.60 21.57 -59.98
CA ARG E 309 39.34 21.25 -61.37
C ARG E 309 38.71 19.88 -61.55
N LEU E 310 38.51 19.11 -60.47
CA LEU E 310 37.70 17.91 -60.52
C LEU E 310 36.20 18.22 -60.50
N PHE E 311 35.82 19.47 -60.26
CA PHE E 311 34.41 19.85 -60.23
C PHE E 311 33.79 19.78 -61.61
N LYS E 312 34.56 20.03 -62.66
CA LYS E 312 34.03 20.01 -64.01
C LYS E 312 33.72 18.58 -64.47
N GLU E 313 32.67 18.45 -65.28
CA GLU E 313 32.22 17.14 -65.72
C GLU E 313 33.20 16.50 -66.71
N ASN E 314 33.72 17.28 -67.65
CA ASN E 314 34.55 16.75 -68.73
C ASN E 314 36.00 16.60 -68.24
N VAL E 315 36.19 15.63 -67.34
CA VAL E 315 37.51 15.25 -66.85
C VAL E 315 37.62 13.74 -66.97
N THR E 316 38.69 13.28 -67.61
CA THR E 316 38.88 11.86 -67.89
C THR E 316 40.09 11.33 -67.15
N PRO E 317 39.97 10.24 -66.40
CA PRO E 317 41.13 9.69 -65.69
C PRO E 317 42.03 8.86 -66.60
N ASP E 318 43.33 9.08 -66.48
CA ASP E 318 44.35 8.36 -67.22
C ASP E 318 45.36 7.80 -66.22
N GLY E 319 45.25 6.51 -65.90
CA GLY E 319 46.15 5.91 -64.93
C GLY E 319 46.28 4.42 -65.15
N SER E 320 47.19 3.82 -64.38
CA SER E 320 47.48 2.39 -64.53
C SER E 320 46.60 1.54 -63.62
N SER E 321 46.69 1.75 -62.31
CA SER E 321 45.95 0.97 -61.34
C SER E 321 44.69 1.70 -60.89
N ALA E 322 43.81 0.97 -60.21
CA ALA E 322 42.62 1.57 -59.64
C ALA E 322 42.98 2.48 -58.48
N GLY E 323 42.21 3.57 -58.34
CA GLY E 323 42.49 4.56 -57.34
C GLY E 323 42.07 4.15 -55.94
N ALA E 324 42.23 5.10 -55.01
CA ALA E 324 41.89 4.84 -53.61
C ALA E 324 40.40 4.68 -53.41
N LEU E 325 39.59 5.50 -54.10
CA LEU E 325 38.14 5.45 -53.99
C LEU E 325 37.49 5.08 -55.32
N ASN E 326 38.14 4.21 -56.10
CA ASN E 326 37.59 3.79 -57.38
C ASN E 326 36.47 2.78 -57.13
N GLY E 327 35.23 3.21 -57.38
CA GLY E 327 34.07 2.38 -57.19
C GLY E 327 33.46 2.43 -55.80
N LYS E 328 34.12 3.07 -54.84
CA LYS E 328 33.63 3.08 -53.46
C LYS E 328 32.60 4.17 -53.20
N LEU E 329 32.23 4.96 -54.21
CA LEU E 329 31.34 6.10 -54.01
C LEU E 329 30.15 6.06 -54.98
N LEU E 330 29.88 4.93 -55.61
CA LEU E 330 28.81 4.88 -56.60
C LEU E 330 27.44 4.94 -55.93
N ASN E 331 27.27 4.19 -54.85
CA ASN E 331 26.03 4.28 -54.07
C ASN E 331 25.87 5.64 -53.41
N PHE E 332 26.98 6.33 -53.14
CA PHE E 332 26.90 7.73 -52.73
C PHE E 332 26.27 8.59 -53.80
N VAL E 333 26.77 8.47 -55.04
CA VAL E 333 26.40 9.40 -56.12
C VAL E 333 24.92 9.28 -56.45
N ASP E 334 24.44 8.04 -56.61
CA ASP E 334 23.04 7.82 -56.98
C ASP E 334 22.09 8.31 -55.89
N ARG E 335 22.45 8.14 -54.63
CA ARG E 335 21.70 8.76 -53.55
C ARG E 335 21.83 10.28 -53.60
N LEU E 336 23.01 10.78 -53.96
CA LEU E 336 23.27 12.21 -53.86
C LEU E 336 22.57 12.99 -54.98
N GLN E 337 22.44 12.40 -56.17
CA GLN E 337 21.71 13.08 -57.23
C GLN E 337 20.21 12.80 -57.18
N SER E 338 19.77 11.80 -56.42
CA SER E 338 18.34 11.52 -56.29
C SER E 338 17.61 12.58 -55.47
N LYS E 339 18.34 13.46 -54.79
CA LYS E 339 17.71 14.50 -53.96
C LYS E 339 17.72 15.88 -54.59
N ILE E 340 18.45 16.08 -55.70
CA ILE E 340 18.31 17.34 -56.44
C ILE E 340 17.37 17.09 -57.62
N PHE E 341 17.38 15.86 -58.13
CA PHE E 341 16.55 15.50 -59.27
C PHE E 341 15.13 15.13 -58.86
N ASP E 342 14.82 15.20 -57.57
CA ASP E 342 13.47 15.03 -57.07
C ASP E 342 12.80 16.40 -57.02
N LYS E 343 11.66 16.54 -57.69
CA LYS E 343 10.98 17.82 -57.75
C LYS E 343 10.34 18.22 -56.42
N ARG E 344 10.21 17.28 -55.48
CA ARG E 344 9.67 17.62 -54.17
C ARG E 344 10.67 18.41 -53.34
N LEU E 345 11.97 18.24 -53.61
CA LEU E 345 13.02 19.00 -52.95
C LEU E 345 13.51 20.17 -53.79
N ASP E 346 12.69 20.65 -54.72
CA ASP E 346 13.07 21.80 -55.54
C ASP E 346 13.10 23.09 -54.73
N PHE E 347 12.35 23.16 -53.63
CA PHE E 347 12.38 24.34 -52.78
C PHE E 347 13.67 24.43 -51.96
N ILE E 348 14.37 23.32 -51.78
CA ILE E 348 15.60 23.28 -51.00
C ILE E 348 16.81 22.99 -51.87
N LEU E 349 16.70 22.05 -52.82
CA LEU E 349 17.82 21.62 -53.63
C LEU E 349 17.59 21.86 -55.12
N GLY E 350 16.70 22.78 -55.48
CA GLY E 350 16.39 23.06 -56.87
C GLY E 350 17.24 24.16 -57.45
N GLU E 351 16.85 24.58 -58.65
CA GLU E 351 17.56 25.66 -59.33
C GLU E 351 17.28 27.03 -58.72
N GLY E 352 16.22 27.15 -57.92
CA GLY E 352 15.90 28.41 -57.29
C GLY E 352 16.86 28.81 -56.19
N SER E 353 17.58 27.85 -55.62
CA SER E 353 18.56 28.14 -54.58
C SER E 353 19.85 28.73 -55.15
N LYS E 354 20.05 28.69 -56.47
CA LYS E 354 21.24 29.29 -57.05
C LYS E 354 21.17 30.81 -57.02
N SER E 355 20.02 31.38 -57.38
CA SER E 355 19.86 32.82 -57.53
C SER E 355 19.40 33.51 -56.25
N VAL E 356 19.22 32.79 -55.17
CA VAL E 356 18.77 33.39 -53.91
C VAL E 356 19.99 33.86 -53.14
N THR E 357 19.77 34.85 -52.27
CA THR E 357 20.83 35.54 -51.55
C THR E 357 20.63 35.31 -50.05
N PHE E 358 21.75 35.35 -49.31
CA PHE E 358 21.70 35.29 -47.84
C PHE E 358 20.81 36.41 -47.31
N LYS E 359 20.96 37.62 -47.84
CA LYS E 359 20.11 38.72 -47.43
C LYS E 359 18.64 38.50 -47.81
N GLU E 360 18.41 37.98 -49.02
CA GLU E 360 17.04 37.84 -49.52
C GLU E 360 16.25 36.79 -48.72
N THR E 361 16.89 35.67 -48.40
CA THR E 361 16.18 34.62 -47.65
C THR E 361 15.94 35.01 -46.20
N LEU E 362 16.70 35.99 -45.68
CA LEU E 362 16.37 36.55 -44.36
C LEU E 362 15.19 37.49 -44.43
N GLU E 363 15.02 38.20 -45.55
CA GLU E 363 13.89 39.13 -45.66
C GLU E 363 12.55 38.41 -45.76
N THR E 364 12.54 37.18 -46.28
CA THR E 364 11.30 36.41 -46.34
C THR E 364 11.05 35.59 -45.08
N LEU E 365 12.09 35.28 -44.32
CA LEU E 365 11.90 34.46 -43.12
C LEU E 365 11.20 35.22 -42.00
N ILE E 366 11.51 36.50 -41.85
CA ILE E 366 10.88 37.33 -40.83
C ILE E 366 10.06 38.46 -41.45
N SER E 367 9.70 38.32 -42.73
CA SER E 367 8.84 39.24 -43.46
C SER E 367 9.42 40.65 -43.49
N TYR E 368 10.62 40.76 -44.06
CA TYR E 368 11.32 42.04 -44.20
C TYR E 368 11.63 42.36 -45.65
N GLY E 369 10.93 41.73 -46.59
CA GLY E 369 11.15 41.99 -48.01
C GLY E 369 10.35 43.15 -48.55
N LYS E 370 9.84 43.00 -49.77
CA LYS E 370 8.99 44.03 -50.35
C LYS E 370 7.67 44.14 -49.60
N ASP E 371 7.09 43.01 -49.20
CA ASP E 371 5.90 42.98 -48.37
C ASP E 371 6.30 42.63 -46.94
N LYS E 372 5.91 43.47 -45.99
CA LYS E 372 6.29 43.33 -44.60
C LYS E 372 5.07 43.00 -43.76
N SER E 373 5.24 42.10 -42.80
CA SER E 373 4.15 41.71 -41.92
C SER E 373 4.71 41.23 -40.59
N ASN E 374 3.86 41.30 -39.56
CA ASN E 374 4.24 40.82 -38.24
C ASN E 374 4.21 39.30 -38.15
N ILE E 375 3.32 38.66 -38.89
CA ILE E 375 3.16 37.21 -38.86
C ILE E 375 3.77 36.62 -40.13
N THR E 376 4.67 35.65 -39.96
CA THR E 376 5.25 34.91 -41.06
C THR E 376 4.91 33.44 -40.86
N ILE E 377 4.01 32.91 -41.68
CA ILE E 377 3.53 31.55 -41.57
C ILE E 377 4.32 30.69 -42.53
N LEU E 378 5.12 29.76 -41.99
CA LEU E 378 5.86 28.80 -42.81
C LEU E 378 5.00 27.56 -42.96
N ASP E 379 4.28 27.48 -44.07
CA ASP E 379 3.43 26.31 -44.32
C ASP E 379 4.31 25.13 -44.73
N VAL E 380 4.76 24.36 -43.74
CA VAL E 380 5.66 23.23 -43.98
C VAL E 380 4.85 21.96 -44.11
N SER E 381 3.55 22.10 -44.36
CA SER E 381 2.68 20.94 -44.56
C SER E 381 3.06 20.17 -45.81
N GLY E 382 3.47 20.87 -46.88
CA GLY E 382 3.94 20.21 -48.08
C GLY E 382 5.39 19.77 -48.05
N VAL E 383 6.12 20.11 -47.00
CA VAL E 383 7.52 19.69 -46.87
C VAL E 383 7.55 18.19 -46.58
N PRO E 384 8.35 17.41 -47.30
CA PRO E 384 8.49 15.98 -46.99
C PRO E 384 9.07 15.76 -45.60
N PHE E 385 8.61 14.69 -44.95
CA PHE E 385 8.91 14.48 -43.53
C PHE E 385 10.36 14.16 -43.25
N GLU E 386 11.08 13.60 -44.22
CA GLU E 386 12.49 13.30 -44.00
C GLU E 386 13.34 14.57 -43.90
N VAL E 387 12.99 15.60 -44.66
CA VAL E 387 13.69 16.88 -44.59
C VAL E 387 12.95 17.89 -43.72
N LEU E 388 11.84 17.48 -43.10
CA LEU E 388 11.06 18.39 -42.27
C LEU E 388 11.83 18.79 -41.02
N SER E 389 12.62 17.86 -40.46
CA SER E 389 13.47 18.22 -39.32
C SER E 389 14.60 19.14 -39.74
N ILE E 390 15.18 18.90 -40.91
CA ILE E 390 16.29 19.72 -41.38
C ILE E 390 15.83 21.12 -41.74
N CYS E 391 14.65 21.24 -42.36
CA CYS E 391 14.13 22.55 -42.73
C CYS E 391 13.72 23.35 -41.51
N VAL E 392 13.17 22.68 -40.48
CA VAL E 392 12.82 23.37 -39.24
C VAL E 392 14.08 23.85 -38.52
N SER E 393 15.09 22.99 -38.44
CA SER E 393 16.33 23.35 -37.74
C SER E 393 17.12 24.41 -38.50
N LEU E 394 17.02 24.44 -39.83
CA LEU E 394 17.73 25.45 -40.60
C LEU E 394 17.16 26.84 -40.35
N ILE E 395 15.83 26.96 -40.34
CA ILE E 395 15.19 28.25 -40.09
C ILE E 395 15.38 28.65 -38.63
N SER E 396 15.31 27.68 -37.71
CA SER E 396 15.52 27.96 -36.29
C SER E 396 16.93 28.47 -36.03
N ARG E 397 17.93 27.84 -36.66
CA ARG E 397 19.30 28.30 -36.52
C ARG E 397 19.53 29.62 -37.24
N LEU E 398 18.80 29.86 -38.35
CA LEU E 398 18.90 31.11 -39.08
C LEU E 398 18.25 32.28 -38.35
N ILE E 399 17.49 32.02 -37.28
CA ILE E 399 16.92 33.07 -36.47
C ILE E 399 17.69 33.27 -35.17
N PHE E 400 18.12 32.16 -34.53
CA PHE E 400 18.86 32.26 -33.28
C PHE E 400 20.23 32.90 -33.50
N GLU E 401 20.95 32.45 -34.52
CA GLU E 401 22.23 33.10 -34.86
C GLU E 401 22.01 34.52 -35.35
N PHE E 402 20.90 34.76 -36.05
CA PHE E 402 20.54 36.13 -36.39
C PHE E 402 20.25 36.95 -35.15
N GLY E 403 19.59 36.34 -34.15
CA GLY E 403 19.43 37.01 -32.87
C GLY E 403 20.73 37.15 -32.11
N TYR E 404 21.69 36.27 -32.36
CA TYR E 404 23.01 36.38 -31.74
C TYR E 404 23.75 37.58 -32.32
N HIS E 405 23.92 37.61 -33.65
CA HIS E 405 24.74 38.64 -34.27
C HIS E 405 24.08 40.03 -34.22
N SER E 406 22.75 40.09 -34.14
CA SER E 406 22.07 41.38 -34.08
C SER E 406 22.39 42.10 -32.77
N LYS E 407 22.56 41.35 -31.68
CA LYS E 407 23.00 41.94 -30.42
C LYS E 407 24.40 42.51 -30.52
N LYS E 408 25.32 41.78 -31.15
CA LYS E 408 26.71 42.24 -31.23
C LYS E 408 26.87 43.37 -32.23
N ILE E 409 26.02 43.43 -33.26
CA ILE E 409 25.93 44.63 -34.09
C ILE E 409 25.40 45.81 -33.30
N LYS E 410 24.35 45.59 -32.50
CA LYS E 410 23.72 46.69 -31.79
C LYS E 410 24.54 47.22 -30.63
N ARG E 411 25.59 46.51 -30.22
CA ARG E 411 26.57 47.09 -29.30
C ARG E 411 27.31 48.25 -29.94
N LYS E 412 27.60 48.15 -31.24
CA LYS E 412 28.27 49.23 -31.96
C LYS E 412 27.37 50.46 -32.05
N SER E 413 26.07 50.25 -32.29
CA SER E 413 25.14 51.37 -32.27
C SER E 413 24.88 51.87 -30.86
N ASN E 414 25.12 51.01 -29.86
CA ASN E 414 24.92 51.32 -28.43
C ASN E 414 23.48 51.76 -28.15
N GLU E 415 22.53 51.12 -28.82
CA GLU E 415 21.11 51.32 -28.57
C GLU E 415 20.47 49.94 -28.40
N ASN E 416 19.24 49.95 -27.88
CA ASN E 416 18.47 48.72 -27.74
C ASN E 416 18.21 48.11 -29.12
N GLN E 417 18.34 46.79 -29.23
CA GLN E 417 17.99 46.14 -30.48
C GLN E 417 16.48 46.27 -30.71
N ASP E 418 16.10 46.62 -31.94
CA ASP E 418 14.70 46.89 -32.21
C ASP E 418 13.86 45.63 -32.14
N ILE E 419 14.31 44.57 -32.79
CA ILE E 419 13.44 43.47 -33.19
C ILE E 419 13.73 42.24 -32.31
N PRO E 420 12.76 41.78 -31.52
CA PRO E 420 12.84 40.41 -30.98
C PRO E 420 12.00 39.43 -31.81
N ILE E 421 12.36 38.16 -31.82
CA ILE E 421 11.61 37.15 -32.56
C ILE E 421 10.97 36.17 -31.59
N LEU E 422 9.70 35.85 -31.84
CA LEU E 422 9.01 34.74 -31.21
C LEU E 422 8.70 33.69 -32.28
N ILE E 423 8.98 32.42 -31.98
CA ILE E 423 8.75 31.34 -32.92
C ILE E 423 7.72 30.39 -32.34
N VAL E 424 6.72 30.05 -33.14
CA VAL E 424 5.64 29.16 -32.74
C VAL E 424 5.89 27.79 -33.37
N TYR E 425 5.90 26.75 -32.55
CA TYR E 425 6.11 25.37 -32.99
C TYR E 425 4.85 24.56 -32.74
N GLU E 426 3.95 24.55 -33.72
CA GLU E 426 2.85 23.60 -33.68
C GLU E 426 3.36 22.20 -33.99
N GLU E 427 2.78 21.21 -33.30
CA GLU E 427 3.28 19.84 -33.23
C GLU E 427 4.74 19.84 -32.81
N ALA E 428 4.98 20.38 -31.61
CA ALA E 428 6.35 20.59 -31.13
C ALA E 428 7.04 19.29 -30.75
N HIS E 429 6.30 18.22 -30.49
CA HIS E 429 6.93 16.97 -30.06
C HIS E 429 7.60 16.24 -31.22
N LYS E 430 7.16 16.46 -32.46
CA LYS E 430 7.82 15.80 -33.59
C LYS E 430 9.16 16.45 -33.92
N TYR E 431 9.31 17.75 -33.66
CA TYR E 431 10.60 18.40 -33.88
C TYR E 431 11.60 18.01 -32.79
N ALA E 432 11.16 17.94 -31.53
CA ALA E 432 12.04 17.68 -30.40
C ALA E 432 11.46 16.54 -29.58
N PRO E 433 11.71 15.29 -30.00
CA PRO E 433 11.18 14.15 -29.26
C PRO E 433 12.04 13.80 -28.04
N LYS E 434 11.45 13.00 -27.15
CA LYS E 434 12.24 12.43 -26.06
C LYS E 434 13.24 11.41 -26.61
N SER E 435 12.87 10.71 -27.67
CA SER E 435 13.71 9.64 -28.21
C SER E 435 15.00 10.19 -28.79
N ASP E 436 16.11 9.51 -28.49
CA ASP E 436 17.42 9.91 -28.98
C ASP E 436 17.62 9.18 -30.31
N LEU E 437 16.92 9.70 -31.31
CA LEU E 437 17.02 9.20 -32.68
C LEU E 437 17.70 10.26 -33.55
N SER E 438 18.61 9.81 -34.41
CA SER E 438 19.37 10.73 -35.24
C SER E 438 18.55 11.34 -36.37
N LYS E 439 17.39 10.76 -36.69
CA LYS E 439 16.54 11.32 -37.74
C LYS E 439 15.87 12.62 -37.32
N TYR E 440 15.77 12.87 -36.01
CA TYR E 440 15.17 14.11 -35.50
C TYR E 440 16.14 14.85 -34.59
N ARG E 441 17.44 14.59 -34.71
CA ARG E 441 18.42 15.18 -33.80
C ARG E 441 18.70 16.64 -34.13
N THR E 442 18.70 16.99 -35.41
CA THR E 442 19.06 18.35 -35.82
C THR E 442 18.04 19.37 -35.35
N SER E 443 16.74 19.03 -35.43
CA SER E 443 15.72 19.92 -34.93
C SER E 443 15.67 19.98 -33.41
N LYS E 444 16.21 18.96 -32.73
CA LYS E 444 16.23 18.96 -31.28
C LYS E 444 17.23 19.98 -30.74
N GLU E 445 18.45 20.00 -31.30
CA GLU E 445 19.45 20.95 -30.83
C GLU E 445 19.14 22.37 -31.25
N ALA E 446 18.43 22.55 -32.38
CA ALA E 446 18.09 23.89 -32.82
C ALA E 446 17.09 24.56 -31.88
N ILE E 447 16.13 23.79 -31.38
CA ILE E 447 15.19 24.34 -30.40
C ILE E 447 15.82 24.36 -29.01
N GLU E 448 16.82 23.51 -28.77
CA GLU E 448 17.54 23.49 -27.50
C GLU E 448 18.29 24.79 -27.26
N ARG E 449 18.95 25.30 -28.30
CA ARG E 449 19.75 26.53 -28.18
C ARG E 449 18.89 27.79 -28.19
N ILE E 450 17.61 27.68 -28.51
CA ILE E 450 16.69 28.81 -28.38
C ILE E 450 16.09 28.88 -26.98
N ALA E 451 15.73 27.73 -26.41
CA ALA E 451 15.17 27.74 -25.06
C ALA E 451 16.23 28.03 -24.01
N LYS E 452 17.41 27.41 -24.13
CA LYS E 452 18.43 27.56 -23.11
C LYS E 452 19.27 28.81 -23.29
N GLU E 453 19.55 29.20 -24.54
CA GLU E 453 20.43 30.33 -24.81
C GLU E 453 19.78 31.48 -25.55
N GLY E 454 18.66 31.27 -26.24
CA GLY E 454 18.05 32.34 -26.99
C GLY E 454 17.25 33.33 -26.17
N ARG E 455 17.13 33.10 -24.86
CA ARG E 455 16.37 34.00 -23.99
C ARG E 455 17.02 35.38 -23.89
N LYS E 456 18.34 35.46 -24.08
CA LYS E 456 19.06 36.72 -24.01
C LYS E 456 19.25 37.38 -25.37
N TYR E 457 19.16 36.63 -26.47
CA TYR E 457 19.37 37.18 -27.80
C TYR E 457 18.08 37.59 -28.50
N GLY E 458 16.94 37.51 -27.83
CA GLY E 458 15.69 37.97 -28.40
C GLY E 458 14.97 36.95 -29.26
N VAL E 459 15.37 35.69 -29.24
CA VAL E 459 14.70 34.64 -29.99
C VAL E 459 14.08 33.69 -28.98
N THR E 460 12.75 33.68 -28.91
CA THR E 460 12.03 32.91 -27.90
C THR E 460 11.18 31.83 -28.56
N LEU E 461 10.34 31.19 -27.75
CA LEU E 461 9.75 29.91 -28.09
C LEU E 461 8.25 29.93 -27.81
N LEU E 462 7.51 29.13 -28.58
CA LEU E 462 6.09 28.90 -28.30
C LEU E 462 5.79 27.45 -28.68
N LEU E 463 5.71 26.59 -27.67
CA LEU E 463 5.50 25.15 -27.87
C LEU E 463 4.01 24.86 -27.84
N ALA E 464 3.47 24.43 -28.98
CA ALA E 464 2.06 24.05 -29.10
C ALA E 464 2.01 22.60 -29.59
N SER E 465 1.90 21.66 -28.66
CA SER E 465 1.91 20.24 -28.99
C SER E 465 0.69 19.55 -28.42
N GLN E 466 0.11 18.64 -29.20
CA GLN E 466 -1.07 17.91 -28.75
C GLN E 466 -0.73 16.72 -27.87
N ARG E 467 0.54 16.33 -27.80
CA ARG E 467 0.98 15.29 -26.88
C ARG E 467 2.29 15.74 -26.25
N PRO E 468 2.22 16.39 -25.08
CA PRO E 468 3.44 16.87 -24.42
C PRO E 468 4.37 15.78 -23.95
N SER E 469 3.88 14.54 -23.81
CA SER E 469 4.71 13.45 -23.29
C SER E 469 5.83 13.05 -24.24
N GLU E 470 5.78 13.45 -25.51
CA GLU E 470 6.88 13.21 -26.43
C GLU E 470 7.68 14.47 -26.73
N ILE E 471 7.58 15.48 -25.89
CA ILE E 471 8.56 16.55 -25.86
C ILE E 471 9.63 16.18 -24.84
N SER E 472 10.89 16.38 -25.20
CA SER E 472 11.96 16.06 -24.27
C SER E 472 12.08 17.12 -23.18
N GLU E 473 12.56 16.69 -22.02
CA GLU E 473 12.55 17.52 -20.82
C GLU E 473 13.52 18.69 -20.89
N THR E 474 14.52 18.62 -21.77
CA THR E 474 15.55 19.64 -21.81
C THR E 474 15.15 20.89 -22.61
N ILE E 475 13.99 20.88 -23.27
CA ILE E 475 13.44 22.10 -23.86
C ILE E 475 12.11 22.44 -23.20
N PHE E 476 11.40 21.42 -22.70
CA PHE E 476 10.08 21.64 -22.16
C PHE E 476 10.13 22.38 -20.82
N SER E 477 11.24 22.23 -20.08
CA SER E 477 11.36 22.82 -18.75
C SER E 477 11.66 24.32 -18.82
N GLN E 478 12.49 24.76 -19.77
CA GLN E 478 12.89 26.17 -19.83
C GLN E 478 11.74 27.08 -20.24
N CYS E 479 10.73 26.56 -20.92
CA CYS E 479 9.52 27.33 -21.16
C CYS E 479 8.78 27.45 -19.84
N ASN E 480 8.96 28.58 -19.14
CA ASN E 480 8.45 28.70 -17.78
C ASN E 480 6.95 28.97 -17.74
N THR E 481 6.42 29.73 -18.70
CA THR E 481 5.00 30.01 -18.77
C THR E 481 4.29 28.88 -19.51
N PHE E 482 3.20 28.37 -18.95
CA PHE E 482 2.48 27.28 -19.59
C PHE E 482 1.03 27.68 -19.83
N ILE E 483 0.43 27.07 -20.84
CA ILE E 483 -1.02 27.11 -21.05
C ILE E 483 -1.49 25.68 -21.25
N SER E 484 -2.38 25.21 -20.38
CA SER E 484 -2.91 23.85 -20.49
C SER E 484 -4.39 23.95 -20.82
N MET E 485 -4.76 23.51 -22.03
CA MET E 485 -6.11 23.71 -22.53
C MET E 485 -7.05 22.63 -22.01
N ARG E 486 -6.79 21.37 -22.36
CA ARG E 486 -7.52 20.23 -21.82
C ARG E 486 -6.67 19.00 -22.09
N LEU E 487 -6.35 18.24 -21.05
CA LEU E 487 -5.48 17.08 -21.15
C LEU E 487 -6.23 15.84 -20.70
N THR E 488 -6.37 14.87 -21.59
CA THR E 488 -7.12 13.66 -21.31
C THR E 488 -6.30 12.39 -21.31
N ASN E 489 -5.17 12.35 -22.02
CA ASN E 489 -4.28 11.20 -21.98
C ASN E 489 -3.55 11.18 -20.64
N PRO E 490 -3.68 10.13 -19.83
CA PRO E 490 -3.08 10.17 -18.48
C PRO E 490 -1.56 10.19 -18.47
N ASP E 491 -0.91 9.74 -19.54
CA ASP E 491 0.53 9.95 -19.64
C ASP E 491 0.84 11.43 -19.84
N ASP E 492 -0.02 12.13 -20.59
CA ASP E 492 0.20 13.55 -20.86
C ASP E 492 0.05 14.39 -19.59
N GLN E 493 -0.96 14.09 -18.77
CA GLN E 493 -1.16 14.85 -17.54
C GLN E 493 -0.06 14.57 -16.52
N ASN E 494 0.32 13.29 -16.36
CA ASN E 494 1.35 12.94 -15.38
C ASN E 494 2.70 13.53 -15.75
N TYR E 495 3.03 13.55 -17.04
CA TYR E 495 4.25 14.21 -17.49
C TYR E 495 4.15 15.72 -17.28
N VAL E 496 2.96 16.29 -17.53
CA VAL E 496 2.75 17.71 -17.28
C VAL E 496 2.78 18.00 -15.78
N LYS E 497 2.18 17.12 -14.97
CA LYS E 497 2.20 17.28 -13.52
C LYS E 497 3.62 17.23 -12.97
N ARG E 498 4.47 16.40 -13.57
CA ARG E 498 5.85 16.23 -13.13
C ARG E 498 6.75 17.39 -13.52
N LEU E 499 6.26 18.33 -14.33
CA LEU E 499 7.07 19.46 -14.79
C LEU E 499 6.48 20.81 -14.41
N LEU E 500 5.33 20.85 -13.74
CA LEU E 500 4.67 22.13 -13.58
C LEU E 500 5.03 22.76 -12.22
N PRO E 501 5.27 24.08 -12.21
CA PRO E 501 5.63 24.74 -10.94
C PRO E 501 4.49 24.83 -9.93
N ASP E 502 4.60 24.01 -8.90
CA ASP E 502 3.74 24.01 -7.68
C ASP E 502 2.30 23.75 -8.10
N THR E 503 1.34 24.61 -7.73
CA THR E 503 -0.05 24.58 -8.18
C THR E 503 -0.74 23.25 -7.82
N VAL E 504 -0.90 23.06 -6.53
CA VAL E 504 -1.66 21.94 -6.00
C VAL E 504 -3.14 22.31 -5.94
N GLY E 505 -4.00 21.37 -6.34
CA GLY E 505 -5.43 21.53 -6.24
C GLY E 505 -6.10 22.10 -7.47
N ASP E 506 -5.35 22.79 -8.34
CA ASP E 506 -5.89 23.34 -9.58
C ASP E 506 -5.62 22.44 -10.78
N ILE E 507 -5.04 21.27 -10.56
CA ILE E 507 -4.46 20.51 -11.67
C ILE E 507 -4.97 19.07 -11.65
N THR E 508 -5.27 18.56 -10.45
CA THR E 508 -5.44 17.13 -10.23
C THR E 508 -6.66 16.58 -10.95
N ASN E 509 -7.80 17.28 -10.88
CA ASN E 509 -9.00 16.86 -11.60
C ASN E 509 -9.50 17.92 -12.57
N LEU E 510 -8.84 19.06 -12.65
CA LEU E 510 -9.29 20.12 -13.55
C LEU E 510 -9.01 19.78 -15.00
N LEU E 511 -7.81 19.26 -15.28
CA LEU E 511 -7.31 19.17 -16.66
C LEU E 511 -8.15 18.32 -17.61
N PRO E 512 -8.66 17.14 -17.25
CA PRO E 512 -9.61 16.47 -18.16
C PRO E 512 -10.99 17.11 -18.19
N SER E 513 -11.32 17.98 -17.23
CA SER E 513 -12.67 18.49 -17.07
C SER E 513 -12.87 19.90 -17.60
N LEU E 514 -11.84 20.52 -18.18
CA LEU E 514 -12.00 21.86 -18.74
C LEU E 514 -12.82 21.83 -20.02
N LYS E 515 -13.61 22.88 -20.22
CA LYS E 515 -14.45 23.03 -21.39
C LYS E 515 -13.60 23.34 -22.62
N GLU E 516 -14.26 23.51 -23.76
CA GLU E 516 -13.57 23.96 -24.96
C GLU E 516 -13.24 25.44 -24.83
N GLY E 517 -11.96 25.77 -24.93
CA GLY E 517 -11.54 27.16 -24.93
C GLY E 517 -11.16 27.73 -23.58
N GLU E 518 -11.32 27.00 -22.49
CA GLU E 518 -10.86 27.47 -21.19
C GLU E 518 -9.60 26.71 -20.81
N ALA E 519 -8.68 27.42 -20.17
CA ALA E 519 -7.31 26.93 -20.00
C ALA E 519 -6.82 27.27 -18.59
N LEU E 520 -5.52 27.13 -18.40
CA LEU E 520 -4.86 27.34 -17.11
C LEU E 520 -3.49 27.96 -17.39
N ILE E 521 -3.29 29.21 -16.98
CA ILE E 521 -2.04 29.93 -17.19
C ILE E 521 -1.26 29.93 -15.88
N MET E 522 0.06 29.84 -15.97
CA MET E 522 0.89 29.88 -14.77
C MET E 522 2.24 30.49 -15.13
N GLY E 523 3.22 30.28 -14.28
CA GLY E 523 4.55 30.83 -14.47
C GLY E 523 4.69 32.19 -13.84
N ASP E 524 5.79 32.86 -14.19
CA ASP E 524 6.05 34.19 -13.69
C ASP E 524 5.24 35.27 -14.43
N SER E 525 4.53 34.89 -15.50
CA SER E 525 3.74 35.85 -16.25
C SER E 525 2.47 36.25 -15.52
N ILE E 526 2.04 35.47 -14.53
CA ILE E 526 0.76 35.66 -13.88
C ILE E 526 0.96 35.73 -12.37
N SER E 527 -0.03 36.30 -11.69
CA SER E 527 0.05 36.45 -10.23
C SER E 527 -0.09 35.11 -9.54
N ILE E 528 -1.24 34.47 -9.68
CA ILE E 528 -1.46 33.12 -9.16
C ILE E 528 -1.98 32.28 -10.33
N PRO E 529 -1.69 30.98 -10.40
CA PRO E 529 -2.17 30.19 -11.54
C PRO E 529 -3.68 29.96 -11.46
N SER E 530 -4.39 30.44 -12.47
CA SER E 530 -5.84 30.49 -12.48
C SER E 530 -6.40 29.77 -13.70
N ILE E 531 -7.67 29.37 -13.59
CA ILE E 531 -8.39 28.72 -14.68
C ILE E 531 -9.07 29.83 -15.49
N VAL E 532 -8.49 30.18 -16.62
CA VAL E 532 -9.00 31.26 -17.44
C VAL E 532 -9.76 30.67 -18.62
N LYS E 533 -10.54 31.53 -19.30
CA LYS E 533 -11.27 31.15 -20.50
C LYS E 533 -10.78 32.01 -21.65
N ILE E 534 -10.23 31.37 -22.70
CA ILE E 534 -9.71 32.12 -23.83
C ILE E 534 -10.84 32.62 -24.70
N GLU E 535 -10.92 33.94 -24.86
CA GLU E 535 -12.01 34.61 -25.55
C GLU E 535 -12.00 34.30 -27.04
N LYS E 536 -13.15 34.52 -27.68
CA LYS E 536 -13.41 33.99 -29.02
C LYS E 536 -12.54 34.66 -30.08
N CYS E 537 -12.22 33.88 -31.12
CA CYS E 537 -11.46 34.36 -32.27
C CYS E 537 -12.45 34.85 -33.33
N THR E 538 -12.43 36.15 -33.60
CA THR E 538 -13.26 36.69 -34.68
C THR E 538 -12.78 36.21 -36.04
N ILE E 539 -11.47 36.03 -36.19
CA ILE E 539 -10.89 35.47 -37.41
C ILE E 539 -10.19 34.17 -37.01
N PRO E 540 -10.90 33.04 -37.01
CA PRO E 540 -10.35 31.81 -36.42
C PRO E 540 -9.51 31.03 -37.41
N PRO E 541 -8.50 30.31 -36.93
CA PRO E 541 -7.84 29.31 -37.78
C PRO E 541 -8.81 28.21 -38.18
N SER E 542 -8.60 27.66 -39.37
CA SER E 542 -9.42 26.54 -39.83
C SER E 542 -8.55 25.70 -40.76
N SER E 543 -8.29 24.46 -40.36
CA SER E 543 -7.53 23.55 -41.19
C SER E 543 -8.35 23.15 -42.42
N ILE E 544 -7.81 23.41 -43.60
CA ILE E 544 -8.46 22.98 -44.83
C ILE E 544 -8.14 21.50 -45.01
N ASP E 545 -9.07 20.66 -44.56
CA ASP E 545 -8.94 19.22 -44.68
C ASP E 545 -9.99 18.70 -45.66
N ILE E 546 -9.67 17.59 -46.31
CA ILE E 546 -10.62 16.94 -47.20
C ILE E 546 -11.79 16.43 -46.38
N LYS E 547 -12.99 16.53 -46.93
CA LYS E 547 -14.17 15.93 -46.31
C LYS E 547 -14.39 14.58 -46.96
N TYR E 548 -13.79 13.54 -46.35
CA TYR E 548 -13.82 12.20 -46.92
C TYR E 548 -15.23 11.66 -47.08
N LEU E 549 -16.07 11.84 -46.07
CA LEU E 549 -17.44 11.34 -46.15
C LEU E 549 -18.27 12.13 -47.15
N ASP E 550 -18.02 13.43 -47.27
CA ASP E 550 -18.73 14.22 -48.27
C ASP E 550 -18.26 13.87 -49.68
N GLU E 551 -16.97 13.60 -49.86
CA GLU E 551 -16.46 13.21 -51.17
C GLU E 551 -16.88 11.78 -51.52
N TRP E 552 -16.92 10.89 -50.53
CA TRP E 552 -17.29 9.49 -50.81
C TRP E 552 -18.77 9.35 -51.12
N ARG E 553 -19.60 10.27 -50.65
CA ARG E 553 -21.04 10.19 -50.90
C ARG E 553 -21.41 10.45 -52.34
N LYS E 554 -20.56 11.14 -53.10
CA LYS E 554 -20.90 11.63 -54.42
C LYS E 554 -20.69 10.54 -55.48
N GLU E 555 -20.80 10.94 -56.74
CA GLU E 555 -20.53 10.06 -57.87
C GLU E 555 -19.10 9.56 -57.88
N TRP E 556 -18.93 8.30 -58.30
CA TRP E 556 -17.63 7.79 -58.73
C TRP E 556 -17.13 8.65 -59.88
N VAL E 557 -16.09 9.44 -59.65
CA VAL E 557 -15.56 10.30 -60.70
C VAL E 557 -14.62 9.52 -61.59
N ASP E 558 -14.65 9.85 -62.88
CA ASP E 558 -13.83 9.17 -63.88
C ASP E 558 -12.94 10.10 -64.67
N SER E 559 -13.28 11.39 -64.76
CA SER E 559 -12.53 12.32 -65.60
C SER E 559 -11.21 12.71 -64.97
N GLU E 560 -11.09 12.59 -63.65
CA GLU E 560 -9.88 13.02 -62.95
C GLU E 560 -8.74 12.02 -63.09
N PHE E 561 -9.04 10.73 -63.24
CA PHE E 561 -8.02 9.69 -63.18
C PHE E 561 -7.02 9.83 -64.31
N ASP E 562 -7.47 10.34 -65.45
CA ASP E 562 -6.58 10.60 -66.58
C ASP E 562 -5.86 11.93 -66.46
N LYS E 563 -5.94 12.60 -65.31
CA LYS E 563 -5.13 13.79 -65.09
C LYS E 563 -3.94 13.59 -64.15
N ILE E 564 -4.01 12.64 -63.20
CA ILE E 564 -2.84 12.40 -62.34
C ILE E 564 -1.73 11.73 -63.13
N ILE E 565 -2.08 10.86 -64.07
CA ILE E 565 -1.10 9.91 -64.59
C ILE E 565 -0.02 10.61 -65.41
N GLU E 566 -0.41 11.47 -66.36
CA GLU E 566 0.60 12.18 -67.13
C GLU E 566 1.24 13.32 -66.33
N GLN E 567 0.53 13.86 -65.32
CA GLN E 567 1.15 14.79 -64.37
C GLN E 567 2.23 14.09 -63.56
N TRP E 568 2.00 12.83 -63.21
CA TRP E 568 3.05 12.01 -62.60
C TRP E 568 4.21 11.82 -63.56
N SER E 569 3.93 11.60 -64.84
CA SER E 569 4.99 11.35 -65.81
C SER E 569 5.75 12.62 -66.18
N LYS E 570 5.09 13.78 -66.12
CA LYS E 570 5.77 15.03 -66.43
C LYS E 570 6.82 15.39 -65.38
N SER E 571 6.49 15.20 -64.11
CA SER E 571 7.42 15.50 -63.02
C SER E 571 8.35 14.32 -62.74
N ASN F 5 -43.96 4.11 -8.18
CA ASN F 5 -42.65 4.48 -8.67
C ASN F 5 -41.78 3.24 -8.83
N ASP F 6 -40.96 3.21 -9.89
CA ASP F 6 -40.17 2.02 -10.19
C ASP F 6 -39.01 1.85 -9.20
N ILE F 7 -38.07 2.80 -9.20
CA ILE F 7 -36.97 2.79 -8.23
C ILE F 7 -36.94 4.14 -7.52
N ASN F 8 -36.35 4.13 -6.33
CA ASN F 8 -36.18 5.34 -5.53
C ASN F 8 -34.70 5.44 -5.15
N ALA F 9 -33.92 6.06 -6.02
CA ALA F 9 -32.51 6.31 -5.79
C ALA F 9 -32.27 7.81 -5.61
N GLU F 10 -31.23 8.14 -4.86
CA GLU F 10 -30.99 9.54 -4.50
C GLU F 10 -29.51 9.75 -4.20
N VAL F 11 -29.00 10.91 -4.59
CA VAL F 11 -27.62 11.26 -4.32
C VAL F 11 -27.47 11.62 -2.84
N VAL F 12 -26.48 11.03 -2.18
CA VAL F 12 -26.25 11.29 -0.76
C VAL F 12 -24.95 12.05 -0.49
N SER F 13 -23.96 11.99 -1.38
CA SER F 13 -22.74 12.75 -1.21
C SER F 13 -22.24 13.23 -2.56
N VAL F 14 -21.65 14.43 -2.57
CA VAL F 14 -21.23 15.09 -3.80
C VAL F 14 -19.77 15.51 -3.65
N SER F 15 -18.94 15.10 -4.60
CA SER F 15 -17.53 15.47 -4.69
C SER F 15 -17.35 16.31 -5.94
N PRO F 16 -16.16 16.89 -6.20
CA PRO F 16 -15.97 17.59 -7.49
C PRO F 16 -16.22 16.73 -8.72
N ASN F 17 -15.88 15.43 -8.67
CA ASN F 17 -16.10 14.56 -9.81
C ASN F 17 -16.68 13.21 -9.41
N LYS F 18 -17.35 13.13 -8.28
CA LYS F 18 -17.86 11.87 -7.75
C LYS F 18 -19.21 12.10 -7.10
N LEU F 19 -20.16 11.22 -7.41
CA LEU F 19 -21.49 11.25 -6.82
C LEU F 19 -21.76 9.94 -6.11
N LYS F 20 -22.22 10.03 -4.87
CA LYS F 20 -22.59 8.88 -4.06
C LYS F 20 -24.10 8.78 -4.05
N ILE F 21 -24.63 7.69 -4.61
CA ILE F 21 -26.06 7.51 -4.83
C ILE F 21 -26.55 6.31 -4.06
N SER F 22 -27.62 6.49 -3.28
CA SER F 22 -28.21 5.42 -2.49
C SER F 22 -29.56 5.05 -3.08
N VAL F 23 -29.75 3.77 -3.38
CA VAL F 23 -31.02 3.27 -3.91
C VAL F 23 -31.83 2.75 -2.73
N ASP F 24 -32.91 3.48 -2.40
CA ASP F 24 -33.76 3.07 -1.28
C ASP F 24 -34.67 1.92 -1.67
N ASP F 25 -35.51 2.14 -2.68
CA ASP F 25 -36.45 1.14 -3.16
C ASP F 25 -36.00 0.60 -4.51
N LEU F 26 -36.02 -0.73 -4.65
CA LEU F 26 -35.76 -1.40 -5.92
C LEU F 26 -36.92 -2.37 -6.14
N GLU F 27 -38.02 -1.86 -6.71
CA GLU F 27 -39.23 -2.65 -6.83
C GLU F 27 -39.11 -3.72 -7.91
N GLU F 28 -38.59 -3.34 -9.08
CA GLU F 28 -38.59 -4.21 -10.25
C GLU F 28 -37.15 -4.42 -10.67
N PHE F 29 -36.71 -5.68 -10.72
CA PHE F 29 -35.29 -6.01 -10.71
C PHE F 29 -34.57 -5.83 -12.05
N LYS F 30 -35.30 -5.66 -13.16
CA LYS F 30 -34.63 -5.56 -14.46
C LYS F 30 -33.80 -4.29 -14.58
N ILE F 31 -34.24 -3.21 -13.94
CA ILE F 31 -33.54 -1.93 -14.03
C ILE F 31 -32.14 -2.01 -13.42
N ALA F 32 -31.99 -2.83 -12.38
CA ALA F 32 -30.66 -3.04 -11.79
C ALA F 32 -29.74 -3.79 -12.75
N GLU F 33 -30.29 -4.71 -13.55
CA GLU F 33 -29.44 -5.56 -14.38
C GLU F 33 -28.85 -4.80 -15.57
N GLU F 34 -29.67 -4.02 -16.28
CA GLU F 34 -29.19 -3.30 -17.46
C GLU F 34 -28.85 -1.85 -17.18
N LYS F 35 -29.75 -1.11 -16.52
CA LYS F 35 -29.61 0.33 -16.36
C LYS F 35 -28.72 0.72 -15.19
N LEU F 36 -28.26 -0.22 -14.38
CA LEU F 36 -27.38 0.06 -13.26
C LEU F 36 -26.05 -0.68 -13.41
N GLY F 37 -25.52 -0.71 -14.63
CA GLY F 37 -24.28 -1.40 -14.91
C GLY F 37 -23.06 -0.59 -14.50
N VAL F 38 -21.89 -1.12 -14.86
CA VAL F 38 -20.62 -0.51 -14.48
C VAL F 38 -20.29 0.68 -15.38
N GLY F 39 -21.01 0.86 -16.48
CA GLY F 39 -20.79 2.00 -17.35
C GLY F 39 -22.07 2.70 -17.75
N SER F 40 -23.16 2.39 -17.04
CA SER F 40 -24.48 2.88 -17.42
C SER F 40 -24.62 4.37 -17.11
N TYR F 41 -25.62 4.99 -17.74
CA TYR F 41 -25.90 6.41 -17.62
C TYR F 41 -27.03 6.64 -16.64
N LEU F 42 -26.90 7.70 -15.84
CA LEU F 42 -27.92 8.10 -14.87
C LEU F 42 -28.18 9.59 -15.02
N ARG F 43 -29.44 9.98 -14.89
CA ARG F 43 -29.82 11.38 -14.80
C ARG F 43 -29.98 11.76 -13.33
N VAL F 44 -29.49 12.94 -12.98
CA VAL F 44 -29.46 13.42 -11.59
C VAL F 44 -30.17 14.75 -11.58
N SER F 45 -31.45 14.75 -11.19
CA SER F 45 -32.24 15.97 -11.22
C SER F 45 -33.46 15.81 -10.33
N ASP F 46 -33.96 16.95 -9.85
CA ASP F 46 -35.23 17.01 -9.14
C ASP F 46 -36.38 17.44 -10.07
N ASN F 47 -36.11 17.57 -11.37
CA ASN F 47 -37.14 17.95 -12.33
C ASN F 47 -36.88 17.23 -13.66
N GLN F 48 -37.87 17.26 -14.53
CA GLN F 48 -37.81 16.59 -15.82
C GLN F 48 -37.29 17.47 -16.94
N ASP F 49 -36.93 18.73 -16.65
CA ASP F 49 -36.51 19.68 -17.67
C ASP F 49 -35.00 19.66 -17.85
N VAL F 50 -34.26 19.89 -16.77
CA VAL F 50 -32.80 19.99 -16.77
C VAL F 50 -32.24 18.89 -15.88
N ALA F 51 -31.26 18.16 -16.41
CA ALA F 51 -30.70 17.01 -15.71
C ALA F 51 -29.18 17.01 -15.81
N LEU F 52 -28.55 16.49 -14.75
CA LEU F 52 -27.11 16.26 -14.73
C LEU F 52 -26.85 14.80 -15.07
N LEU F 53 -26.20 14.57 -16.21
CA LEU F 53 -25.97 13.22 -16.71
C LEU F 53 -24.65 12.68 -16.17
N ALA F 54 -24.70 11.53 -15.52
CA ALA F 54 -23.54 10.94 -14.90
C ALA F 54 -23.42 9.48 -15.29
N ILE F 55 -22.19 9.01 -15.47
CA ILE F 55 -21.93 7.60 -15.72
C ILE F 55 -21.63 6.92 -14.40
N ILE F 56 -22.01 5.65 -14.30
CA ILE F 56 -21.70 4.86 -13.12
C ILE F 56 -20.24 4.44 -13.19
N ASP F 57 -19.54 4.49 -12.06
CA ASP F 57 -18.17 4.02 -11.98
C ASP F 57 -17.98 2.84 -11.06
N ASN F 58 -18.75 2.75 -9.97
CA ASN F 58 -18.66 1.64 -9.04
C ASN F 58 -20.00 1.48 -8.34
N PHE F 59 -20.24 0.28 -7.81
CA PHE F 59 -21.43 0.02 -7.03
C PHE F 59 -21.14 -1.05 -6.00
N SER F 60 -21.99 -1.12 -4.98
CA SER F 60 -21.83 -2.10 -3.91
C SER F 60 -23.18 -2.35 -3.28
N ILE F 61 -23.67 -3.58 -3.34
CA ILE F 61 -24.94 -3.96 -2.75
C ILE F 61 -24.65 -4.88 -1.57
N GLU F 62 -24.95 -4.41 -0.36
CA GLU F 62 -24.70 -5.17 0.86
C GLU F 62 -26.01 -5.39 1.58
N VAL F 63 -26.27 -6.63 1.99
CA VAL F 63 -27.48 -7.00 2.71
C VAL F 63 -27.09 -7.59 4.06
N LYS F 64 -27.89 -7.29 5.08
CA LYS F 64 -27.68 -7.84 6.42
C LYS F 64 -29.03 -8.30 6.97
N GLU F 65 -28.97 -8.94 8.14
CA GLU F 65 -30.18 -9.53 8.72
C GLU F 65 -31.10 -8.45 9.27
N SER F 66 -30.62 -7.69 10.26
CA SER F 66 -31.46 -6.72 10.94
C SER F 66 -31.67 -5.45 10.12
N GLN F 67 -30.65 -5.01 9.40
CA GLN F 67 -30.68 -3.72 8.73
C GLN F 67 -31.20 -3.84 7.30
N LYS F 68 -31.53 -2.69 6.72
CA LYS F 68 -32.03 -2.61 5.36
C LYS F 68 -30.89 -2.80 4.36
N GLN F 69 -31.25 -3.21 3.14
CA GLN F 69 -30.26 -3.41 2.09
C GLN F 69 -29.60 -2.09 1.71
N LYS F 70 -28.27 -2.11 1.57
CA LYS F 70 -27.49 -0.92 1.26
C LYS F 70 -27.04 -1.06 -0.19
N TYR F 71 -27.77 -0.41 -1.09
CA TYR F 71 -27.37 -0.26 -2.49
C TYR F 71 -26.76 1.12 -2.65
N MET F 72 -25.47 1.17 -2.98
CA MET F 72 -24.75 2.42 -3.14
C MET F 72 -24.08 2.44 -4.51
N ILE F 73 -24.24 3.55 -5.23
CA ILE F 73 -23.74 3.70 -6.59
C ILE F 73 -22.80 4.90 -6.63
N GLU F 74 -21.61 4.68 -7.22
CA GLU F 74 -20.64 5.75 -7.44
C GLU F 74 -20.78 6.26 -8.87
N ALA F 75 -20.94 7.57 -9.03
CA ALA F 75 -21.18 8.19 -10.32
C ALA F 75 -20.30 9.42 -10.50
N SER F 76 -20.04 9.76 -11.76
CA SER F 76 -19.20 10.90 -12.10
C SER F 76 -19.93 11.80 -13.10
N PRO F 77 -20.07 13.10 -12.82
CA PRO F 77 -20.86 13.99 -13.68
C PRO F 77 -20.14 14.37 -14.97
N ILE F 78 -20.28 13.56 -16.02
CA ILE F 78 -19.63 13.87 -17.29
C ILE F 78 -20.24 15.10 -17.97
N GLY F 79 -21.48 15.44 -17.68
CA GLY F 79 -22.11 16.57 -18.33
C GLY F 79 -23.54 16.75 -17.84
N LEU F 80 -24.27 17.62 -18.54
CA LEU F 80 -25.65 17.89 -18.17
C LEU F 80 -26.41 18.31 -19.42
N VAL F 81 -27.74 18.18 -19.35
CA VAL F 81 -28.63 18.58 -20.44
C VAL F 81 -29.64 19.58 -19.90
N LYS F 82 -30.14 20.44 -20.78
CA LYS F 82 -31.43 21.11 -20.56
C LYS F 82 -32.26 20.99 -21.83
N ASN F 83 -33.51 20.56 -21.67
CA ASN F 83 -34.52 20.52 -22.73
C ASN F 83 -34.07 19.68 -23.93
N GLY F 84 -33.41 18.55 -23.65
CA GLY F 84 -33.12 17.56 -24.65
C GLY F 84 -31.82 17.75 -25.42
N LYS F 85 -31.04 18.79 -25.12
CA LYS F 85 -29.76 19.02 -25.78
C LYS F 85 -28.65 18.89 -24.74
N PHE F 86 -27.60 18.16 -25.09
CA PHE F 86 -26.57 17.77 -24.14
C PHE F 86 -25.39 18.73 -24.23
N TYR F 87 -24.93 19.20 -23.07
CA TYR F 87 -23.76 20.07 -22.94
C TYR F 87 -22.76 19.39 -22.02
N ARG F 88 -21.64 18.95 -22.58
CA ARG F 88 -20.59 18.30 -21.78
C ARG F 88 -19.86 19.35 -20.96
N GLY F 89 -19.99 19.25 -19.64
CA GLY F 89 -19.36 20.20 -18.74
C GLY F 89 -18.57 19.48 -17.66
N GLY F 90 -17.69 20.25 -17.03
CA GLY F 90 -16.84 19.73 -15.97
C GLY F 90 -17.11 20.43 -14.65
N ASP F 91 -17.21 19.62 -13.59
CA ASP F 91 -17.41 20.09 -12.21
C ASP F 91 -18.67 20.94 -12.06
N SER F 92 -19.73 20.55 -12.75
CA SER F 92 -21.04 21.15 -12.50
C SER F 92 -21.61 20.60 -11.21
N LEU F 93 -22.16 21.49 -10.38
CA LEU F 93 -22.56 21.14 -9.04
C LEU F 93 -24.06 20.88 -8.95
N ALA F 94 -24.43 19.73 -8.39
CA ALA F 94 -25.79 19.45 -7.98
C ALA F 94 -25.78 19.22 -6.47
N LEU F 95 -26.53 20.04 -5.74
CA LEU F 95 -26.54 19.93 -4.29
C LEU F 95 -27.37 18.72 -3.84
N PRO F 96 -26.84 17.86 -2.99
CA PRO F 96 -27.62 16.70 -2.55
C PRO F 96 -28.68 17.11 -1.55
N PRO F 97 -29.78 16.34 -1.45
CA PRO F 97 -30.12 15.15 -2.24
C PRO F 97 -30.78 15.49 -3.57
N LYS F 98 -30.54 14.68 -4.58
CA LYS F 98 -31.15 14.83 -5.89
C LYS F 98 -31.70 13.48 -6.33
N LYS F 99 -32.90 13.50 -6.92
CA LYS F 99 -33.53 12.27 -7.37
C LYS F 99 -32.75 11.68 -8.53
N VAL F 100 -32.44 10.39 -8.45
CA VAL F 100 -31.65 9.70 -9.46
C VAL F 100 -32.50 8.59 -10.05
N GLU F 101 -32.70 8.65 -11.36
CA GLU F 101 -33.34 7.61 -12.15
C GLU F 101 -32.45 7.32 -13.35
N PRO F 102 -32.56 6.12 -13.94
CA PRO F 102 -31.80 5.84 -15.16
C PRO F 102 -32.19 6.78 -16.29
N ALA F 103 -31.20 7.16 -17.09
CA ALA F 103 -31.45 8.04 -18.22
C ALA F 103 -32.26 7.31 -19.28
N LYS F 104 -33.25 8.02 -19.84
CA LYS F 104 -34.12 7.44 -20.85
C LYS F 104 -33.39 7.40 -22.19
N LEU F 105 -34.13 7.06 -23.26
CA LEU F 105 -33.50 6.83 -24.55
C LEU F 105 -32.99 8.14 -25.18
N ASP F 106 -33.74 9.23 -25.00
CA ASP F 106 -33.46 10.45 -25.75
C ASP F 106 -32.25 11.21 -25.22
N GLU F 107 -32.02 11.21 -23.91
CA GLU F 107 -30.88 11.95 -23.37
C GLU F 107 -29.56 11.25 -23.69
N ILE F 108 -29.53 9.91 -23.67
CA ILE F 108 -28.33 9.18 -24.04
C ILE F 108 -28.05 9.34 -25.53
N ILE F 109 -29.11 9.41 -26.34
CA ILE F 109 -28.96 9.69 -27.77
C ILE F 109 -28.37 11.08 -27.97
N SER F 110 -28.82 12.05 -27.16
CA SER F 110 -28.36 13.43 -27.28
C SER F 110 -26.89 13.61 -26.93
N ILE F 111 -26.27 12.65 -26.24
CA ILE F 111 -24.84 12.73 -25.94
C ILE F 111 -24.02 12.57 -27.20
N TYR F 112 -24.37 11.60 -28.04
CA TYR F 112 -23.58 11.26 -29.22
C TYR F 112 -24.10 11.90 -30.50
N SER F 113 -25.42 11.99 -30.66
CA SER F 113 -25.99 12.47 -31.91
C SER F 113 -25.90 14.00 -32.06
N ASP F 114 -26.00 14.74 -30.95
CA ASP F 114 -26.11 16.19 -31.03
C ASP F 114 -24.79 16.87 -31.36
N SER F 115 -23.66 16.28 -30.95
CA SER F 115 -22.36 16.91 -31.17
C SER F 115 -21.90 16.83 -32.62
N ILE F 116 -22.49 15.95 -33.42
CA ILE F 116 -22.12 15.76 -34.82
C ILE F 116 -23.30 16.16 -35.68
N ASP F 117 -23.06 16.95 -36.72
CA ASP F 117 -24.10 17.39 -37.63
C ASP F 117 -24.69 16.17 -38.33
N ILE F 118 -25.98 16.26 -38.66
CA ILE F 118 -26.76 15.10 -39.13
C ILE F 118 -26.21 14.57 -40.45
N ASN F 119 -25.79 15.47 -41.34
CA ASN F 119 -25.16 15.04 -42.58
C ASN F 119 -23.77 14.43 -42.35
N ASP F 120 -23.16 14.70 -41.20
CA ASP F 120 -21.81 14.24 -40.91
C ASP F 120 -21.77 12.93 -40.13
N ARG F 121 -22.93 12.37 -39.78
CA ARG F 121 -22.98 11.16 -38.96
C ARG F 121 -22.66 9.93 -39.80
N PHE F 122 -21.76 9.09 -39.29
CA PHE F 122 -21.41 7.81 -39.91
C PHE F 122 -21.49 6.75 -38.83
N THR F 123 -22.46 5.84 -38.95
CA THR F 123 -22.78 4.89 -37.90
C THR F 123 -22.33 3.49 -38.32
N PHE F 124 -21.51 2.85 -37.49
CA PHE F 124 -21.15 1.45 -37.66
C PHE F 124 -21.27 0.65 -36.38
N SER F 125 -21.80 1.26 -35.32
CA SER F 125 -21.86 0.60 -34.01
C SER F 125 -22.97 1.23 -33.20
N SER F 126 -23.34 0.55 -32.11
CA SER F 126 -24.31 1.04 -31.15
C SER F 126 -23.72 0.85 -29.75
N LEU F 127 -24.34 1.52 -28.78
CA LEU F 127 -23.87 1.44 -27.39
C LEU F 127 -24.04 0.03 -26.84
N SER F 128 -23.08 -0.39 -26.00
CA SER F 128 -23.03 -1.76 -25.53
C SER F 128 -24.17 -2.06 -24.56
N LEU F 129 -24.38 -1.17 -23.59
CA LEU F 129 -25.42 -1.39 -22.57
C LEU F 129 -26.77 -0.85 -22.99
N ASN F 130 -26.86 -0.19 -24.15
CA ASN F 130 -28.15 0.27 -24.69
C ASN F 130 -28.07 0.12 -26.21
N THR F 131 -28.60 -0.99 -26.72
CA THR F 131 -28.54 -1.27 -28.15
C THR F 131 -29.37 -0.29 -28.97
N LYS F 132 -30.39 0.32 -28.37
CA LYS F 132 -31.20 1.30 -29.09
C LYS F 132 -30.45 2.61 -29.31
N VAL F 133 -29.46 2.91 -28.47
CA VAL F 133 -28.65 4.11 -28.65
C VAL F 133 -27.58 3.82 -29.69
N SER F 134 -27.63 4.53 -30.80
CA SER F 134 -26.61 4.42 -31.84
C SER F 134 -25.48 5.39 -31.55
N VAL F 135 -24.26 4.98 -31.88
CA VAL F 135 -23.08 5.81 -31.64
C VAL F 135 -22.51 6.25 -32.98
N PRO F 136 -22.82 7.46 -33.45
CA PRO F 136 -22.23 7.93 -34.70
C PRO F 136 -20.94 8.69 -34.47
N VAL F 137 -20.01 8.51 -35.40
CA VAL F 137 -18.76 9.25 -35.39
C VAL F 137 -18.84 10.33 -36.46
N ASN F 138 -18.00 11.34 -36.33
CA ASN F 138 -17.89 12.37 -37.36
C ASN F 138 -17.27 11.74 -38.60
N GLY F 139 -18.11 11.53 -39.62
CA GLY F 139 -17.69 10.73 -40.77
C GLY F 139 -16.56 11.33 -41.57
N ASN F 140 -16.53 12.66 -41.70
CA ASN F 140 -15.36 13.30 -42.30
C ASN F 140 -14.13 13.12 -41.44
N ARG F 141 -14.23 13.44 -40.15
CA ARG F 141 -13.08 13.35 -39.26
C ARG F 141 -12.69 11.90 -38.94
N PHE F 142 -13.58 10.94 -39.21
CA PHE F 142 -13.25 9.54 -38.98
C PHE F 142 -12.19 9.06 -39.96
N PHE F 143 -12.23 9.53 -41.20
CA PHE F 143 -11.43 8.95 -42.26
C PHE F 143 -10.20 9.77 -42.65
N ASN F 144 -10.22 11.10 -42.49
CA ASN F 144 -9.01 11.87 -42.74
C ASN F 144 -7.95 11.56 -41.70
N LYS F 145 -8.34 11.61 -40.43
CA LYS F 145 -7.45 11.22 -39.35
C LYS F 145 -7.48 9.70 -39.22
N HIS F 146 -6.30 9.10 -39.24
CA HIS F 146 -6.16 7.67 -39.48
C HIS F 146 -6.77 6.84 -38.36
N ILE F 147 -7.32 5.69 -38.72
CA ILE F 147 -7.99 4.78 -37.80
C ILE F 147 -7.03 3.68 -37.40
N ALA F 148 -6.94 3.41 -36.10
CA ALA F 148 -6.13 2.32 -35.57
C ALA F 148 -7.06 1.36 -34.85
N ILE F 149 -7.43 0.27 -35.52
CA ILE F 149 -8.28 -0.76 -34.93
C ILE F 149 -7.38 -1.82 -34.32
N VAL F 150 -7.44 -1.97 -33.00
CA VAL F 150 -6.52 -2.82 -32.27
C VAL F 150 -7.31 -3.73 -31.33
N GLY F 151 -6.89 -4.99 -31.26
CA GLY F 151 -7.53 -5.96 -30.39
C GLY F 151 -6.86 -7.31 -30.57
N SER F 152 -7.16 -8.21 -29.64
CA SER F 152 -6.54 -9.52 -29.68
C SER F 152 -7.12 -10.37 -30.81
N THR F 153 -6.48 -11.51 -31.05
CA THR F 153 -6.95 -12.44 -32.07
C THR F 153 -8.26 -13.07 -31.64
N GLY F 154 -9.20 -13.16 -32.58
CA GLY F 154 -10.52 -13.68 -32.28
C GLY F 154 -11.48 -12.70 -31.65
N SER F 155 -11.09 -11.44 -31.50
CA SER F 155 -11.97 -10.43 -30.93
C SER F 155 -12.92 -9.81 -31.94
N GLY F 156 -12.73 -10.10 -33.23
CA GLY F 156 -13.57 -9.54 -34.26
C GLY F 156 -13.01 -8.31 -34.96
N LYS F 157 -11.69 -8.12 -34.94
CA LYS F 157 -11.10 -6.92 -35.52
C LYS F 157 -11.31 -6.86 -37.03
N SER F 158 -11.18 -8.00 -37.71
CA SER F 158 -11.45 -8.04 -39.15
C SER F 158 -12.93 -7.83 -39.45
N HIS F 159 -13.82 -8.25 -38.55
CA HIS F 159 -15.24 -8.00 -38.73
C HIS F 159 -15.56 -6.51 -38.59
N THR F 160 -14.94 -5.84 -37.62
CA THR F 160 -15.13 -4.41 -37.43
C THR F 160 -14.58 -3.62 -38.63
N VAL F 161 -13.44 -4.06 -39.17
CA VAL F 161 -12.90 -3.44 -40.38
C VAL F 161 -13.87 -3.64 -41.55
N ALA F 162 -14.40 -4.86 -41.69
CA ALA F 162 -15.31 -5.15 -42.79
C ALA F 162 -16.63 -4.40 -42.66
N LYS F 163 -17.14 -4.25 -41.42
CA LYS F 163 -18.39 -3.54 -41.21
C LYS F 163 -18.24 -2.05 -41.52
N ILE F 164 -17.11 -1.46 -41.14
CA ILE F 164 -16.87 -0.05 -41.44
C ILE F 164 -16.77 0.17 -42.95
N LEU F 165 -16.05 -0.71 -43.64
CA LEU F 165 -15.88 -0.57 -45.09
C LEU F 165 -17.17 -0.89 -45.84
N GLN F 166 -17.98 -1.80 -45.31
CA GLN F 166 -19.29 -2.06 -45.92
C GLN F 166 -20.21 -0.86 -45.76
N LYS F 167 -20.19 -0.22 -44.59
CA LYS F 167 -21.02 0.96 -44.38
C LYS F 167 -20.51 2.15 -45.20
N ALA F 168 -19.20 2.28 -45.34
CA ALA F 168 -18.62 3.37 -46.11
C ALA F 168 -18.89 3.26 -47.61
N VAL F 169 -19.37 2.12 -48.08
CA VAL F 169 -19.66 1.90 -49.49
C VAL F 169 -21.14 2.09 -49.78
N ASP F 170 -22.02 1.52 -48.98
CA ASP F 170 -23.44 1.48 -49.33
C ASP F 170 -24.17 2.80 -49.13
N GLU F 171 -23.56 3.79 -48.49
CA GLU F 171 -24.18 5.11 -48.37
C GLU F 171 -23.87 5.94 -49.61
N LYS F 172 -24.90 6.58 -50.15
CA LYS F 172 -24.79 7.44 -51.33
C LYS F 172 -25.40 8.80 -51.02
N GLN F 173 -25.38 9.67 -52.02
CA GLN F 173 -25.96 11.00 -51.93
C GLN F 173 -27.40 11.05 -52.44
N GLU F 174 -28.00 9.87 -52.67
CA GLU F 174 -29.42 9.61 -52.99
C GLU F 174 -29.88 10.24 -54.32
N GLY F 175 -28.99 10.94 -55.01
CA GLY F 175 -29.31 11.54 -56.29
C GLY F 175 -28.95 10.70 -57.50
N TYR F 176 -28.61 9.43 -57.30
CA TYR F 176 -28.07 8.60 -58.37
C TYR F 176 -28.32 7.13 -58.06
N LYS F 177 -27.87 6.26 -58.97
CA LYS F 177 -27.83 4.82 -58.73
C LYS F 177 -26.54 4.26 -59.31
N GLY F 178 -25.75 3.60 -58.47
CA GLY F 178 -24.51 3.01 -58.89
C GLY F 178 -23.44 3.16 -57.83
N LEU F 179 -22.19 3.01 -58.24
CA LEU F 179 -21.06 3.05 -57.32
C LEU F 179 -20.80 4.48 -56.85
N ASN F 180 -20.34 4.60 -55.60
CA ASN F 180 -20.00 5.88 -55.00
C ASN F 180 -18.51 6.13 -55.19
N ASN F 181 -17.96 7.14 -54.51
CA ASN F 181 -16.59 7.57 -54.71
C ASN F 181 -15.63 7.01 -53.66
N SER F 182 -16.03 5.97 -52.92
CA SER F 182 -15.13 5.36 -51.96
C SER F 182 -14.07 4.54 -52.67
N HIS F 183 -12.85 4.59 -52.15
CA HIS F 183 -11.71 3.87 -52.73
C HIS F 183 -10.94 3.24 -51.58
N ILE F 184 -10.99 1.91 -51.49
CA ILE F 184 -10.44 1.18 -50.36
C ILE F 184 -9.42 0.16 -50.87
N ILE F 185 -8.30 0.05 -50.17
CA ILE F 185 -7.28 -0.95 -50.44
C ILE F 185 -7.03 -1.73 -49.15
N ILE F 186 -7.11 -3.06 -49.23
CA ILE F 186 -6.94 -3.94 -48.08
C ILE F 186 -5.74 -4.83 -48.32
N PHE F 187 -4.83 -4.88 -47.33
CA PHE F 187 -3.69 -5.80 -47.34
C PHE F 187 -3.99 -6.95 -46.39
N ASP F 188 -4.75 -7.93 -46.88
CA ASP F 188 -5.12 -9.08 -46.07
C ASP F 188 -4.18 -10.25 -46.33
N ILE F 189 -3.77 -10.91 -45.25
CA ILE F 189 -2.86 -12.05 -45.31
C ILE F 189 -3.67 -13.32 -45.12
N HIS F 190 -4.76 -13.24 -44.34
CA HIS F 190 -5.56 -14.40 -44.02
C HIS F 190 -6.55 -14.80 -45.11
N SER F 191 -6.62 -14.02 -46.20
CA SER F 191 -7.47 -14.32 -47.36
C SER F 191 -8.94 -14.43 -46.97
N GLU F 192 -9.45 -13.37 -46.34
CA GLU F 192 -10.76 -13.42 -45.71
C GLU F 192 -11.75 -12.37 -46.21
N TYR F 193 -11.29 -11.32 -46.89
CA TYR F 193 -12.17 -10.21 -47.24
C TYR F 193 -12.91 -10.39 -48.56
N GLU F 194 -12.67 -11.50 -49.27
CA GLU F 194 -13.54 -11.84 -50.40
C GLU F 194 -14.96 -12.13 -49.96
N ASN F 195 -15.13 -12.87 -48.87
CA ASN F 195 -16.48 -13.16 -48.40
C ASN F 195 -17.15 -11.95 -47.80
N ALA F 196 -16.40 -10.94 -47.35
CA ALA F 196 -17.01 -9.72 -46.86
C ALA F 196 -17.54 -8.86 -48.00
N PHE F 197 -16.77 -8.73 -49.08
CA PHE F 197 -17.13 -7.91 -50.23
C PHE F 197 -17.14 -8.80 -51.48
N PRO F 198 -18.29 -9.37 -51.84
CA PRO F 198 -18.32 -10.26 -53.02
C PRO F 198 -18.17 -9.53 -54.34
N ASN F 199 -18.58 -8.26 -54.43
CA ASN F 199 -18.53 -7.50 -55.68
C ASN F 199 -17.27 -6.66 -55.80
N SER F 200 -16.17 -7.09 -55.18
CA SER F 200 -14.92 -6.34 -55.18
C SER F 200 -13.92 -6.99 -56.14
N ASN F 201 -12.74 -6.39 -56.24
CA ASN F 201 -11.66 -6.87 -57.09
C ASN F 201 -10.55 -7.41 -56.22
N VAL F 202 -10.18 -8.67 -56.44
CA VAL F 202 -9.12 -9.34 -55.68
C VAL F 202 -7.90 -9.51 -56.55
N LEU F 203 -6.73 -9.25 -55.97
CA LEU F 203 -5.45 -9.29 -56.68
C LEU F 203 -4.50 -10.20 -55.91
N ASN F 204 -4.60 -11.50 -56.17
CA ASN F 204 -3.69 -12.46 -55.58
C ASN F 204 -2.45 -12.58 -56.47
N VAL F 205 -1.58 -13.55 -56.19
CA VAL F 205 -0.31 -13.66 -56.90
C VAL F 205 -0.51 -14.00 -58.37
N ASP F 206 -1.58 -14.71 -58.70
CA ASP F 206 -1.79 -15.12 -60.09
C ASP F 206 -2.26 -13.96 -60.97
N THR F 207 -3.12 -13.09 -60.44
CA THR F 207 -3.70 -12.01 -61.24
C THR F 207 -2.99 -10.67 -61.08
N LEU F 208 -2.36 -10.41 -59.95
CA LEU F 208 -1.64 -9.14 -59.79
C LEU F 208 -0.36 -9.15 -60.63
N THR F 209 -0.09 -8.01 -61.26
CA THR F 209 1.09 -7.84 -62.11
C THR F 209 1.76 -6.54 -61.68
N LEU F 210 2.65 -6.65 -60.69
CA LEU F 210 3.40 -5.50 -60.19
C LEU F 210 4.68 -5.33 -60.99
N PRO F 211 4.95 -4.14 -61.53
CA PRO F 211 6.18 -3.94 -62.30
C PRO F 211 7.38 -3.83 -61.38
N TYR F 212 8.46 -4.54 -61.72
CA TYR F 212 9.69 -4.44 -60.95
C TYR F 212 10.38 -3.10 -61.17
N TRP F 213 10.18 -2.48 -62.34
CA TRP F 213 10.85 -1.23 -62.64
C TRP F 213 10.22 -0.03 -61.93
N LEU F 214 9.06 -0.19 -61.33
CA LEU F 214 8.47 0.88 -60.52
C LEU F 214 9.06 0.92 -59.12
N LEU F 215 9.87 -0.06 -58.74
CA LEU F 215 10.56 -0.03 -57.46
C LEU F 215 11.66 1.03 -57.49
N ASN F 216 11.94 1.61 -56.33
CA ASN F 216 13.02 2.58 -56.22
C ASN F 216 14.34 1.83 -56.00
N GLY F 217 15.38 2.57 -55.61
CA GLY F 217 16.68 1.94 -55.39
C GLY F 217 16.69 1.03 -54.18
N ASP F 218 15.98 1.41 -53.11
CA ASP F 218 15.99 0.60 -51.90
C ASP F 218 15.19 -0.69 -52.08
N GLU F 219 14.05 -0.63 -52.78
CA GLU F 219 13.27 -1.83 -53.01
C GLU F 219 13.92 -2.76 -54.01
N LEU F 220 14.66 -2.22 -54.98
CA LEU F 220 15.37 -3.06 -55.93
C LEU F 220 16.55 -3.77 -55.28
N GLU F 221 17.16 -3.15 -54.28
CA GLU F 221 18.27 -3.77 -53.57
C GLU F 221 17.80 -4.95 -52.73
N GLU F 222 16.70 -4.78 -51.99
CA GLU F 222 16.18 -5.87 -51.17
C GLU F 222 15.62 -6.99 -52.02
N LEU F 223 15.06 -6.67 -53.19
CA LEU F 223 14.51 -7.71 -54.06
C LEU F 223 15.61 -8.61 -54.60
N PHE F 224 16.76 -8.06 -54.93
CA PHE F 224 17.84 -8.81 -55.58
C PHE F 224 19.06 -9.01 -54.70
N LEU F 225 19.66 -7.94 -54.17
CA LEU F 225 20.91 -8.07 -53.43
C LEU F 225 20.67 -8.68 -52.06
N ASP F 226 21.74 -9.23 -51.50
CA ASP F 226 21.73 -9.79 -50.14
C ASP F 226 22.47 -8.87 -49.18
N THR F 227 21.91 -8.71 -47.98
CA THR F 227 22.53 -7.85 -46.98
C THR F 227 23.60 -8.58 -46.19
N GLU F 228 23.51 -9.91 -46.08
CA GLU F 228 24.46 -10.66 -45.26
C GLU F 228 25.84 -10.70 -45.89
N ALA F 229 25.91 -10.92 -47.21
CA ALA F 229 27.21 -10.88 -47.88
C ALA F 229 27.78 -9.47 -47.90
N ASN F 230 26.97 -8.50 -48.33
CA ASN F 230 27.30 -7.06 -48.31
C ASN F 230 28.59 -6.78 -49.07
N ASP F 231 28.82 -7.49 -50.17
CA ASP F 231 30.05 -7.31 -50.92
C ASP F 231 29.86 -6.06 -51.78
N HIS F 232 30.81 -5.13 -51.66
CA HIS F 232 30.74 -3.85 -52.34
C HIS F 232 30.76 -3.99 -53.86
N ASN F 233 31.42 -5.03 -54.37
CA ASN F 233 31.63 -5.16 -55.81
C ASN F 233 30.34 -5.57 -56.52
N GLN F 234 29.48 -6.35 -55.84
CA GLN F 234 28.23 -6.81 -56.45
C GLN F 234 27.30 -5.64 -56.74
N ARG F 235 27.26 -4.66 -55.83
CA ARG F 235 26.28 -3.59 -55.88
C ARG F 235 26.54 -2.62 -57.03
N ASN F 236 27.83 -2.34 -57.31
CA ASN F 236 28.18 -1.26 -58.22
C ASN F 236 27.74 -1.52 -59.65
N VAL F 237 27.94 -2.75 -60.14
CA VAL F 237 27.54 -3.07 -61.52
C VAL F 237 26.03 -3.07 -61.65
N PHE F 238 25.31 -3.33 -60.56
CA PHE F 238 23.85 -3.33 -60.59
C PHE F 238 23.32 -1.91 -60.81
N ARG F 239 23.96 -0.91 -60.20
CA ARG F 239 23.63 0.47 -60.49
C ARG F 239 23.99 0.84 -61.92
N GLN F 240 25.17 0.41 -62.40
CA GLN F 240 25.57 0.75 -63.76
C GLN F 240 24.71 0.04 -64.80
N ALA F 241 24.23 -1.17 -64.51
CA ALA F 241 23.38 -1.88 -65.46
C ALA F 241 21.98 -1.27 -65.51
N ILE F 242 21.43 -0.91 -64.35
CA ILE F 242 20.03 -0.51 -64.29
C ILE F 242 19.86 0.95 -64.71
N THR F 243 20.72 1.85 -64.21
CA THR F 243 20.61 3.26 -64.54
C THR F 243 20.86 3.52 -66.02
N LEU F 244 21.80 2.78 -66.62
CA LEU F 244 22.00 2.89 -68.06
C LEU F 244 20.81 2.35 -68.83
N ASN F 245 20.22 1.25 -68.36
CA ASN F 245 19.07 0.66 -69.05
C ASN F 245 17.86 1.57 -69.01
N LYS F 246 17.70 2.32 -67.91
CA LYS F 246 16.60 3.28 -67.82
C LYS F 246 16.80 4.44 -68.78
N LYS F 247 18.05 4.79 -69.07
CA LYS F 247 18.32 5.88 -70.00
C LYS F 247 18.10 5.46 -71.45
N ILE F 248 18.40 4.21 -71.79
CA ILE F 248 18.19 3.73 -73.16
C ILE F 248 16.69 3.61 -73.45
N HIS F 249 15.93 3.03 -72.52
CA HIS F 249 14.51 2.80 -72.70
C HIS F 249 13.67 4.04 -72.40
N PHE F 250 14.29 5.20 -72.23
CA PHE F 250 13.56 6.44 -72.00
C PHE F 250 13.15 7.03 -73.35
N GLN F 251 11.85 7.21 -73.55
CA GLN F 251 11.32 7.75 -74.79
C GLN F 251 11.05 9.25 -74.72
N GLY F 252 11.42 9.91 -73.63
CA GLY F 252 11.18 11.33 -73.46
C GLY F 252 12.31 12.18 -73.99
N ASP F 253 12.31 13.44 -73.58
CA ASP F 253 13.33 14.37 -74.02
C ASP F 253 14.69 14.08 -73.36
N PRO F 254 15.80 14.47 -74.00
CA PRO F 254 17.12 14.24 -73.39
C PRO F 254 17.41 15.12 -72.18
N ALA F 255 16.61 16.16 -71.93
CA ALA F 255 16.87 17.05 -70.79
C ALA F 255 16.67 16.33 -69.46
N THR F 256 15.56 15.62 -69.32
CA THR F 256 15.31 14.82 -68.12
C THR F 256 15.85 13.41 -68.22
N LYS F 257 16.54 13.07 -69.32
CA LYS F 257 17.31 11.84 -69.34
C LYS F 257 18.50 11.91 -68.38
N GLU F 258 19.05 13.10 -68.18
CA GLU F 258 20.17 13.28 -67.26
C GLU F 258 19.76 13.16 -65.80
N ILE F 259 18.46 13.24 -65.50
CA ILE F 259 18.00 13.18 -64.12
C ILE F 259 17.60 11.76 -63.71
N ILE F 260 17.69 10.80 -64.63
CA ILE F 260 17.42 9.40 -64.29
C ILE F 260 18.52 8.87 -63.39
N SER F 261 18.13 8.27 -62.27
CA SER F 261 19.09 7.67 -61.34
C SER F 261 18.69 6.23 -61.05
N PHE F 262 19.38 5.60 -60.10
CA PHE F 262 19.03 4.23 -59.72
C PHE F 262 17.69 4.19 -58.99
N HIS F 263 17.33 5.27 -58.29
CA HIS F 263 16.08 5.36 -57.54
C HIS F 263 14.98 6.03 -58.34
N SER F 264 14.97 5.87 -59.66
CA SER F 264 14.03 6.57 -60.53
C SER F 264 13.07 5.60 -61.19
N PRO F 265 11.78 5.61 -60.83
CA PRO F 265 10.83 4.64 -61.41
C PRO F 265 10.56 4.80 -62.90
N TYR F 266 11.49 4.36 -63.76
CA TYR F 266 11.24 4.24 -65.18
C TYR F 266 11.55 2.82 -65.64
N TYR F 267 11.09 2.51 -66.85
CA TYR F 267 11.16 1.15 -67.36
C TYR F 267 12.59 0.75 -67.71
N PHE F 268 12.99 -0.42 -67.25
CA PHE F 268 14.24 -1.06 -67.67
C PHE F 268 13.99 -2.55 -67.81
N ASP F 269 14.64 -3.17 -68.79
CA ASP F 269 14.50 -4.60 -69.02
C ASP F 269 15.52 -5.35 -68.18
N ILE F 270 15.02 -6.21 -67.29
CA ILE F 270 15.91 -6.94 -66.38
C ILE F 270 16.69 -8.02 -67.12
N ASN F 271 16.19 -8.51 -68.27
CA ASN F 271 16.89 -9.57 -68.98
C ASN F 271 18.19 -9.05 -69.59
N GLU F 272 18.20 -7.81 -70.07
CA GLU F 272 19.45 -7.20 -70.52
C GLU F 272 20.34 -6.80 -69.35
N VAL F 273 19.76 -6.59 -68.16
CA VAL F 273 20.58 -6.40 -66.96
C VAL F 273 21.31 -7.69 -66.62
N ILE F 274 20.65 -8.83 -66.82
CA ILE F 274 21.33 -10.13 -66.68
C ILE F 274 22.45 -10.25 -67.72
N ASN F 275 22.17 -9.83 -68.96
CA ASN F 275 23.15 -9.95 -70.03
C ASN F 275 24.33 -9.01 -69.81
N TYR F 276 24.10 -7.85 -69.22
CA TYR F 276 25.20 -6.90 -68.99
C TYR F 276 26.20 -7.43 -67.98
N ILE F 277 25.71 -7.87 -66.82
CA ILE F 277 26.60 -8.34 -65.76
C ILE F 277 27.26 -9.66 -66.14
N ASN F 278 26.56 -10.50 -66.91
CA ASN F 278 27.18 -11.70 -67.45
C ASN F 278 28.27 -11.35 -68.45
N ASN F 279 28.08 -10.28 -69.23
CA ASN F 279 29.13 -9.84 -70.15
C ASN F 279 30.32 -9.26 -69.41
N ARG F 280 30.07 -8.49 -68.34
CA ARG F 280 31.17 -7.91 -67.57
C ARG F 280 31.96 -8.97 -66.82
N ASN F 281 31.37 -10.15 -66.59
CA ASN F 281 32.12 -11.29 -66.09
C ASN F 281 33.16 -11.78 -67.10
N ASN F 282 32.94 -11.52 -68.38
CA ASN F 282 33.85 -11.93 -69.44
C ASN F 282 34.66 -10.75 -69.98
N GLU F 283 35.01 -9.80 -69.11
CA GLU F 283 35.82 -8.67 -69.54
C GLU F 283 37.23 -9.14 -69.90
N ARG F 284 37.71 -8.72 -71.07
CA ARG F 284 39.03 -9.10 -71.53
C ARG F 284 39.95 -7.88 -71.52
N LYS F 285 41.18 -8.10 -71.05
CA LYS F 285 42.10 -7.04 -70.67
C LYS F 285 43.27 -7.06 -71.65
N ASN F 286 43.41 -5.99 -72.44
CA ASN F 286 44.46 -5.92 -73.44
C ASN F 286 45.71 -5.26 -72.85
N LYS F 287 46.67 -4.89 -73.71
CA LYS F 287 47.94 -4.36 -73.24
C LYS F 287 47.79 -2.95 -72.67
N ASP F 288 46.95 -2.13 -73.28
CA ASP F 288 46.87 -0.70 -72.95
C ASP F 288 45.71 -0.37 -72.04
N ASN F 289 45.39 -1.26 -71.09
CA ASN F 289 44.50 -0.98 -69.95
C ASN F 289 43.04 -0.76 -70.37
N GLU F 290 42.56 -1.52 -71.35
CA GLU F 290 41.21 -1.30 -71.86
C GLU F 290 40.48 -2.63 -71.99
N HIS F 291 39.18 -2.53 -72.26
CA HIS F 291 38.32 -3.68 -72.56
C HIS F 291 37.76 -3.50 -73.97
N ILE F 292 37.81 -4.57 -74.76
CA ILE F 292 37.39 -4.54 -76.16
C ILE F 292 36.41 -5.69 -76.40
N TRP F 293 35.29 -5.40 -77.05
CA TRP F 293 34.27 -6.38 -77.37
C TRP F 293 34.10 -6.48 -78.88
N SER F 294 33.24 -7.41 -79.30
CA SER F 294 32.89 -7.58 -80.71
C SER F 294 31.38 -7.67 -80.84
N ASP F 295 30.88 -7.20 -81.98
CA ASP F 295 29.44 -7.13 -82.21
C ASP F 295 29.21 -7.15 -83.72
N GLU F 296 27.99 -7.53 -84.13
CA GLU F 296 27.66 -7.70 -85.54
C GLU F 296 27.85 -6.41 -86.34
N GLU F 297 27.52 -5.26 -85.74
CA GLU F 297 27.77 -3.99 -86.42
C GLU F 297 29.25 -3.70 -86.52
N GLY F 298 30.04 -4.10 -85.53
CA GLY F 298 31.48 -3.92 -85.60
C GLY F 298 32.12 -4.16 -84.25
N ASN F 299 33.41 -3.85 -84.18
CA ASN F 299 34.18 -3.97 -82.96
C ASN F 299 34.16 -2.59 -82.30
N PHE F 300 33.85 -2.56 -81.00
CA PHE F 300 33.67 -1.30 -80.31
C PHE F 300 34.49 -1.27 -79.02
N LYS F 301 34.35 -0.18 -78.28
CA LYS F 301 35.12 0.13 -77.09
C LYS F 301 34.22 0.06 -75.87
N PHE F 302 34.78 -0.31 -74.72
CA PHE F 302 34.02 -0.22 -73.46
C PHE F 302 34.05 1.23 -72.95
N ASP F 303 33.28 2.06 -73.64
CA ASP F 303 33.05 3.45 -73.27
C ASP F 303 31.58 3.62 -72.88
N ASN F 304 31.26 4.81 -72.35
CA ASN F 304 29.88 5.07 -71.94
C ASN F 304 28.94 5.14 -73.13
N GLU F 305 29.43 5.61 -74.28
CA GLU F 305 28.60 5.63 -75.49
C GLU F 305 28.30 4.22 -75.97
N ASN F 306 29.29 3.33 -75.94
CA ASN F 306 29.14 1.99 -76.49
C ASN F 306 28.85 0.93 -75.42
N ALA F 307 28.60 1.35 -74.17
CA ALA F 307 28.15 0.41 -73.15
C ALA F 307 26.69 0.02 -73.34
N HIS F 308 25.96 0.74 -74.20
CA HIS F 308 24.56 0.41 -74.45
C HIS F 308 24.41 -0.89 -75.24
N ARG F 309 25.41 -1.23 -76.06
CA ARG F 309 25.38 -2.47 -76.84
C ARG F 309 25.92 -3.66 -76.07
N LEU F 310 26.33 -3.48 -74.82
CA LEU F 310 26.70 -4.61 -73.97
C LEU F 310 25.49 -5.36 -73.44
N PHE F 311 24.29 -4.84 -73.64
CA PHE F 311 23.06 -5.49 -73.21
C PHE F 311 22.69 -6.71 -74.05
N LYS F 312 23.36 -6.92 -75.19
CA LYS F 312 23.06 -8.03 -76.06
C LYS F 312 23.91 -9.24 -75.69
N GLU F 313 23.31 -10.43 -75.76
CA GLU F 313 23.96 -11.66 -75.35
C GLU F 313 24.82 -12.29 -76.45
N ASN F 314 24.81 -11.74 -77.65
CA ASN F 314 25.55 -12.30 -78.77
C ASN F 314 26.96 -11.71 -78.91
N VAL F 315 27.37 -10.85 -78.00
CA VAL F 315 28.69 -10.22 -78.10
C VAL F 315 29.76 -11.20 -77.63
N THR F 316 30.98 -10.99 -78.13
CA THR F 316 32.14 -11.80 -77.77
C THR F 316 33.30 -10.88 -77.44
N PRO F 317 34.00 -11.11 -76.33
CA PRO F 317 35.09 -10.21 -75.95
C PRO F 317 36.41 -10.56 -76.63
N ASP F 318 37.21 -9.52 -76.86
CA ASP F 318 38.55 -9.66 -77.44
C ASP F 318 39.55 -8.99 -76.53
N GLY F 319 40.64 -9.69 -76.21
CA GLY F 319 41.64 -9.13 -75.33
C GLY F 319 42.76 -10.12 -75.08
N SER F 320 43.64 -9.75 -74.15
CA SER F 320 44.82 -10.53 -73.82
C SER F 320 44.71 -11.25 -72.48
N SER F 321 44.26 -10.56 -71.44
CA SER F 321 44.21 -11.13 -70.09
C SER F 321 42.83 -10.94 -69.50
N ALA F 322 42.66 -11.36 -68.25
CA ALA F 322 41.38 -11.23 -67.57
C ALA F 322 41.15 -9.79 -67.15
N GLY F 323 39.93 -9.31 -67.34
CA GLY F 323 39.60 -7.93 -67.12
C GLY F 323 39.53 -7.55 -65.66
N ALA F 324 39.16 -6.29 -65.42
CA ALA F 324 39.09 -5.76 -64.06
C ALA F 324 37.96 -6.41 -63.27
N LEU F 325 36.88 -6.84 -63.91
CA LEU F 325 35.78 -7.49 -63.14
C LEU F 325 35.55 -8.90 -63.67
N ASN F 326 36.38 -9.34 -64.61
CA ASN F 326 36.18 -10.66 -65.25
C ASN F 326 36.26 -11.70 -64.15
N GLY F 327 35.24 -12.57 -64.07
CA GLY F 327 35.16 -13.67 -63.11
C GLY F 327 34.71 -13.25 -61.72
N LYS F 328 34.42 -11.97 -61.49
CA LYS F 328 34.02 -11.59 -60.12
C LYS F 328 32.51 -11.55 -59.97
N LEU F 329 31.74 -11.78 -61.04
CA LEU F 329 30.26 -11.69 -60.91
C LEU F 329 29.61 -12.94 -61.50
N LEU F 330 29.82 -14.11 -60.92
CA LEU F 330 29.06 -15.28 -61.41
C LEU F 330 27.98 -15.60 -60.39
N ASN F 331 28.29 -15.47 -59.10
CA ASN F 331 27.24 -15.73 -58.09
C ASN F 331 26.19 -14.64 -58.21
N PHE F 332 26.59 -13.40 -58.48
CA PHE F 332 25.59 -12.31 -58.65
C PHE F 332 24.73 -12.60 -59.87
N VAL F 333 25.34 -12.97 -61.00
CA VAL F 333 24.56 -13.30 -62.22
C VAL F 333 23.70 -14.53 -61.95
N ASP F 334 24.23 -15.49 -61.21
CA ASP F 334 23.45 -16.68 -60.79
C ASP F 334 22.37 -16.31 -59.77
N ARG F 335 22.66 -15.41 -58.84
CA ARG F 335 21.62 -15.09 -57.84
C ARG F 335 20.43 -14.43 -58.53
N LEU F 336 20.65 -13.52 -59.46
CA LEU F 336 19.54 -12.82 -60.14
C LEU F 336 18.76 -13.81 -60.99
N GLN F 337 19.40 -14.64 -61.79
CA GLN F 337 18.66 -15.56 -62.66
C GLN F 337 17.71 -16.45 -61.87
N SER F 338 18.06 -16.76 -60.62
CA SER F 338 17.16 -17.53 -59.78
C SER F 338 15.90 -16.74 -59.43
N LYS F 339 15.97 -15.41 -59.45
CA LYS F 339 14.81 -14.60 -59.12
C LYS F 339 13.93 -14.33 -60.34
N ILE F 340 14.55 -14.17 -61.51
CA ILE F 340 13.77 -13.87 -62.72
C ILE F 340 12.94 -15.07 -63.14
N PHE F 341 13.54 -16.26 -63.09
CA PHE F 341 12.83 -17.48 -63.48
C PHE F 341 12.13 -18.15 -62.31
N ASP F 342 12.07 -17.50 -61.15
CA ASP F 342 11.30 -18.02 -60.02
C ASP F 342 9.81 -17.89 -60.33
N LYS F 343 9.08 -19.00 -60.18
CA LYS F 343 7.65 -18.99 -60.40
C LYS F 343 6.89 -18.32 -59.25
N ARG F 344 7.51 -18.23 -58.07
CA ARG F 344 6.89 -17.51 -56.97
C ARG F 344 6.92 -16.01 -57.20
N LEU F 345 7.98 -15.50 -57.84
CA LEU F 345 8.12 -14.08 -58.15
C LEU F 345 7.66 -13.75 -59.57
N ASP F 346 6.71 -14.53 -60.10
CA ASP F 346 6.19 -14.27 -61.44
C ASP F 346 5.40 -12.97 -61.47
N PHE F 347 4.66 -12.70 -60.38
CA PHE F 347 3.83 -11.49 -60.32
C PHE F 347 4.64 -10.21 -60.29
N ILE F 348 5.94 -10.27 -59.97
CA ILE F 348 6.77 -9.09 -59.95
C ILE F 348 7.91 -9.16 -60.98
N LEU F 349 8.32 -10.34 -61.43
CA LEU F 349 9.45 -10.47 -62.36
C LEU F 349 9.11 -11.31 -63.59
N GLY F 350 7.82 -11.54 -63.86
CA GLY F 350 7.44 -12.29 -65.04
C GLY F 350 7.48 -11.43 -66.28
N GLU F 351 7.14 -12.06 -67.42
CA GLU F 351 7.09 -11.34 -68.68
C GLU F 351 5.91 -10.38 -68.74
N GLY F 352 4.86 -10.63 -67.96
CA GLY F 352 3.74 -9.70 -67.92
C GLY F 352 4.08 -8.40 -67.21
N SER F 353 5.03 -8.44 -66.28
CA SER F 353 5.47 -7.22 -65.62
C SER F 353 6.29 -6.34 -66.56
N LYS F 354 6.95 -6.96 -67.54
CA LYS F 354 7.69 -6.17 -68.52
C LYS F 354 6.75 -5.48 -69.49
N SER F 355 5.71 -6.18 -69.95
CA SER F 355 4.80 -5.64 -70.95
C SER F 355 3.72 -4.75 -70.36
N VAL F 356 3.54 -4.74 -69.04
CA VAL F 356 2.55 -3.88 -68.43
C VAL F 356 3.03 -2.43 -68.47
N THR F 357 2.08 -1.50 -68.44
CA THR F 357 2.38 -0.08 -68.47
C THR F 357 2.21 0.53 -67.09
N PHE F 358 2.73 1.74 -66.94
CA PHE F 358 2.63 2.46 -65.67
C PHE F 358 1.19 2.86 -65.37
N LYS F 359 0.43 3.23 -66.40
CA LYS F 359 -0.96 3.60 -66.20
C LYS F 359 -1.81 2.40 -65.81
N GLU F 360 -1.62 1.26 -66.47
CA GLU F 360 -2.46 0.09 -66.23
C GLU F 360 -2.24 -0.49 -64.83
N THR F 361 -1.06 -0.27 -64.25
CA THR F 361 -0.83 -0.69 -62.87
C THR F 361 -1.72 0.08 -61.91
N LEU F 362 -1.88 1.38 -62.13
CA LEU F 362 -2.66 2.20 -61.21
C LEU F 362 -4.16 2.00 -61.40
N GLU F 363 -4.62 1.67 -62.61
CA GLU F 363 -6.02 1.22 -62.76
C GLU F 363 -6.26 -0.07 -62.01
N THR F 364 -5.24 -0.94 -61.95
CA THR F 364 -5.36 -2.20 -61.23
C THR F 364 -5.39 -1.98 -59.73
N LEU F 365 -4.64 -0.99 -59.24
CA LEU F 365 -4.45 -0.82 -57.80
C LEU F 365 -5.66 -0.21 -57.11
N ILE F 366 -6.38 0.70 -57.77
CA ILE F 366 -7.56 1.31 -57.16
C ILE F 366 -8.83 0.97 -57.92
N SER F 367 -8.78 -0.08 -58.74
CA SER F 367 -9.95 -0.61 -59.45
C SER F 367 -10.58 0.43 -60.38
N TYR F 368 -9.76 1.00 -61.25
CA TYR F 368 -10.22 1.95 -62.27
C TYR F 368 -10.15 1.38 -63.67
N GLY F 369 -10.03 0.06 -63.81
CA GLY F 369 -9.91 -0.57 -65.10
C GLY F 369 -11.23 -0.84 -65.78
N LYS F 370 -11.41 -2.06 -66.29
CA LYS F 370 -12.64 -2.40 -67.00
C LYS F 370 -13.81 -2.57 -66.04
N ASP F 371 -13.55 -2.94 -64.79
CA ASP F 371 -14.58 -3.14 -63.78
C ASP F 371 -14.27 -2.25 -62.58
N LYS F 372 -15.09 -1.23 -62.37
CA LYS F 372 -14.88 -0.30 -61.26
C LYS F 372 -15.33 -0.94 -59.96
N SER F 373 -14.57 -0.71 -58.90
CA SER F 373 -14.88 -1.26 -57.60
C SER F 373 -14.40 -0.31 -56.51
N ASN F 374 -15.20 -0.17 -55.45
CA ASN F 374 -14.79 0.65 -54.33
C ASN F 374 -13.73 -0.03 -53.46
N ILE F 375 -13.77 -1.35 -53.38
CA ILE F 375 -12.83 -2.13 -52.58
C ILE F 375 -11.86 -2.83 -53.53
N THR F 376 -10.57 -2.67 -53.28
CA THR F 376 -9.53 -3.43 -53.96
C THR F 376 -8.83 -4.29 -52.91
N ILE F 377 -9.03 -5.59 -53.00
CA ILE F 377 -8.44 -6.54 -52.05
C ILE F 377 -7.12 -7.02 -52.64
N LEU F 378 -6.04 -6.83 -51.89
CA LEU F 378 -4.70 -7.28 -52.29
C LEU F 378 -4.38 -8.54 -51.51
N ASP F 379 -4.71 -9.68 -52.10
CA ASP F 379 -4.47 -10.98 -51.47
C ASP F 379 -2.97 -11.28 -51.50
N VAL F 380 -2.28 -10.92 -50.42
CA VAL F 380 -0.84 -11.11 -50.34
C VAL F 380 -0.48 -12.37 -49.55
N SER F 381 -1.43 -13.32 -49.45
CA SER F 381 -1.15 -14.58 -48.77
C SER F 381 -0.11 -15.40 -49.53
N GLY F 382 -0.21 -15.43 -50.86
CA GLY F 382 0.75 -16.16 -51.66
C GLY F 382 2.06 -15.45 -51.90
N VAL F 383 2.15 -14.18 -51.52
CA VAL F 383 3.39 -13.42 -51.69
C VAL F 383 4.43 -13.94 -50.70
N PRO F 384 5.66 -14.23 -51.14
CA PRO F 384 6.71 -14.63 -50.20
C PRO F 384 7.03 -13.51 -49.22
N PHE F 385 7.40 -13.90 -48.00
CA PHE F 385 7.59 -12.93 -46.93
C PHE F 385 8.83 -12.08 -47.11
N GLU F 386 9.79 -12.52 -47.93
CA GLU F 386 10.96 -11.69 -48.19
C GLU F 386 10.59 -10.47 -49.04
N VAL F 387 9.68 -10.65 -49.99
CA VAL F 387 9.24 -9.59 -50.88
C VAL F 387 7.91 -9.00 -50.47
N LEU F 388 7.32 -9.47 -49.35
CA LEU F 388 6.05 -8.94 -48.87
C LEU F 388 6.19 -7.47 -48.46
N SER F 389 7.28 -7.13 -47.77
CA SER F 389 7.52 -5.74 -47.42
C SER F 389 7.82 -4.89 -48.65
N ILE F 390 8.35 -5.51 -49.70
CA ILE F 390 8.68 -4.76 -50.92
C ILE F 390 7.40 -4.37 -51.66
N CYS F 391 6.48 -5.34 -51.81
CA CYS F 391 5.27 -5.08 -52.59
C CYS F 391 4.28 -4.20 -51.84
N VAL F 392 4.23 -4.31 -50.51
CA VAL F 392 3.42 -3.39 -49.71
C VAL F 392 3.95 -1.97 -49.84
N SER F 393 5.27 -1.82 -49.79
CA SER F 393 5.88 -0.49 -49.95
C SER F 393 5.68 0.05 -51.35
N LEU F 394 5.75 -0.81 -52.37
CA LEU F 394 5.54 -0.36 -53.74
C LEU F 394 4.12 0.14 -53.96
N ILE F 395 3.13 -0.59 -53.44
CA ILE F 395 1.74 -0.19 -53.62
C ILE F 395 1.43 1.05 -52.79
N SER F 396 1.93 1.10 -51.55
CA SER F 396 1.68 2.26 -50.68
C SER F 396 2.32 3.53 -51.25
N ARG F 397 3.50 3.40 -51.84
CA ARG F 397 4.10 4.55 -52.51
C ARG F 397 3.32 4.96 -53.75
N LEU F 398 2.82 3.98 -54.51
CA LEU F 398 2.06 4.29 -55.71
C LEU F 398 0.72 4.95 -55.39
N ILE F 399 0.10 4.57 -54.28
CA ILE F 399 -1.15 5.23 -53.88
C ILE F 399 -0.89 6.64 -53.37
N PHE F 400 0.22 6.83 -52.64
CA PHE F 400 0.49 8.13 -52.03
C PHE F 400 0.74 9.21 -53.07
N GLU F 401 1.67 8.96 -54.01
CA GLU F 401 1.94 9.95 -55.04
C GLU F 401 0.90 9.96 -56.15
N PHE F 402 -0.04 9.03 -56.14
CA PHE F 402 -1.31 9.26 -56.84
C PHE F 402 -2.09 10.37 -56.17
N GLY F 403 -2.10 10.41 -54.84
CA GLY F 403 -2.77 11.48 -54.13
C GLY F 403 -1.95 12.75 -54.06
N TYR F 404 -0.62 12.63 -54.12
CA TYR F 404 0.23 13.83 -54.13
C TYR F 404 0.07 14.61 -55.42
N HIS F 405 0.10 13.94 -56.57
CA HIS F 405 -0.11 14.61 -57.84
C HIS F 405 -1.59 14.89 -58.12
N SER F 406 -2.50 14.32 -57.33
CA SER F 406 -3.91 14.69 -57.43
C SER F 406 -4.15 16.13 -57.01
N LYS F 407 -3.38 16.61 -56.03
CA LYS F 407 -3.51 17.99 -55.57
C LYS F 407 -2.93 18.99 -56.56
N LYS F 408 -2.06 18.55 -57.46
CA LYS F 408 -1.48 19.46 -58.44
C LYS F 408 -2.53 19.93 -59.44
N ILE F 409 -3.47 19.07 -59.81
CA ILE F 409 -4.57 19.47 -60.67
C ILE F 409 -5.53 20.39 -59.91
N LYS F 410 -5.79 20.07 -58.64
CA LYS F 410 -6.79 20.81 -57.85
C LYS F 410 -6.34 22.23 -57.52
N ARG F 411 -5.03 22.50 -57.50
CA ARG F 411 -4.56 23.87 -57.36
C ARG F 411 -4.46 24.59 -58.69
N LYS F 412 -4.55 23.87 -59.81
CA LYS F 412 -4.48 24.45 -61.15
C LYS F 412 -5.86 24.62 -61.79
N SER F 413 -6.70 23.59 -61.71
CA SER F 413 -8.04 23.67 -62.29
C SER F 413 -9.09 24.15 -61.30
N ASN F 414 -8.81 24.05 -59.99
CA ASN F 414 -9.72 24.46 -58.91
C ASN F 414 -11.08 23.76 -59.02
N GLU F 415 -11.04 22.45 -59.26
CA GLU F 415 -12.25 21.66 -59.38
C GLU F 415 -12.70 21.15 -58.02
N ASN F 416 -14.02 21.02 -57.87
CA ASN F 416 -14.59 20.57 -56.61
C ASN F 416 -14.40 19.08 -56.37
N GLN F 417 -14.23 18.30 -57.44
CA GLN F 417 -14.11 16.85 -57.31
C GLN F 417 -12.77 16.46 -56.68
N ASP F 418 -12.74 15.26 -56.11
CA ASP F 418 -11.53 14.74 -55.47
C ASP F 418 -11.62 13.22 -55.46
N ILE F 419 -10.45 12.58 -55.39
CA ILE F 419 -10.35 11.14 -55.29
C ILE F 419 -9.68 10.82 -53.94
N PRO F 420 -10.47 10.52 -52.91
CA PRO F 420 -9.88 10.12 -51.62
C PRO F 420 -9.76 8.61 -51.50
N ILE F 421 -8.61 8.17 -51.01
CA ILE F 421 -8.27 6.75 -50.91
C ILE F 421 -7.94 6.42 -49.46
N LEU F 422 -8.49 5.31 -48.98
CA LEU F 422 -8.18 4.77 -47.65
C LEU F 422 -7.53 3.41 -47.83
N ILE F 423 -6.41 3.19 -47.15
CA ILE F 423 -5.67 1.93 -47.22
C ILE F 423 -5.85 1.19 -45.90
N VAL F 424 -6.14 -0.10 -45.98
CA VAL F 424 -6.33 -0.94 -44.80
C VAL F 424 -5.12 -1.87 -44.71
N TYR F 425 -4.34 -1.70 -43.64
CA TYR F 425 -3.17 -2.54 -43.38
C TYR F 425 -3.54 -3.55 -42.30
N GLU F 426 -4.07 -4.69 -42.72
CA GLU F 426 -4.29 -5.79 -41.79
C GLU F 426 -2.93 -6.36 -41.39
N GLU F 427 -2.78 -6.64 -40.09
CA GLU F 427 -1.50 -6.99 -39.46
C GLU F 427 -0.45 -5.93 -39.77
N ALA F 428 -0.71 -4.72 -39.29
CA ALA F 428 0.18 -3.59 -39.52
C ALA F 428 1.46 -3.64 -38.71
N HIS F 429 1.55 -4.55 -37.73
CA HIS F 429 2.74 -4.62 -36.89
C HIS F 429 3.95 -5.18 -37.63
N LYS F 430 3.72 -6.03 -38.63
CA LYS F 430 4.84 -6.57 -39.39
C LYS F 430 5.28 -5.65 -40.53
N TYR F 431 4.33 -4.95 -41.16
CA TYR F 431 4.71 -3.96 -42.18
C TYR F 431 5.44 -2.79 -41.56
N ALA F 432 5.03 -2.36 -40.38
CA ALA F 432 5.62 -1.20 -39.69
C ALA F 432 6.05 -1.62 -38.30
N PRO F 433 7.19 -2.26 -38.16
CA PRO F 433 7.68 -2.69 -36.84
C PRO F 433 8.37 -1.54 -36.13
N LYS F 434 8.79 -1.79 -34.88
CA LYS F 434 9.64 -0.85 -34.16
C LYS F 434 11.11 -1.15 -34.34
N SER F 435 11.54 -1.27 -35.61
CA SER F 435 12.93 -1.56 -35.91
C SER F 435 13.33 -0.81 -37.17
N ASP F 436 14.51 -0.21 -37.12
CA ASP F 436 15.12 0.35 -38.34
C ASP F 436 16.01 -0.68 -39.01
N LEU F 437 15.45 -1.88 -39.21
CA LEU F 437 16.14 -2.96 -39.89
C LEU F 437 15.97 -2.81 -41.39
N SER F 438 16.96 -3.31 -42.13
CA SER F 438 16.92 -3.21 -43.59
C SER F 438 15.77 -4.02 -44.18
N LYS F 439 15.45 -5.17 -43.58
CA LYS F 439 14.47 -6.08 -44.15
C LYS F 439 13.04 -5.56 -44.07
N TYR F 440 12.78 -4.54 -43.23
CA TYR F 440 11.45 -3.95 -43.15
C TYR F 440 11.51 -2.42 -43.25
N ARG F 441 12.62 -1.85 -43.71
CA ARG F 441 12.72 -0.40 -43.81
C ARG F 441 11.86 0.15 -44.95
N THR F 442 11.76 -0.59 -46.05
CA THR F 442 11.04 -0.10 -47.23
C THR F 442 9.56 0.04 -46.95
N SER F 443 8.95 -0.97 -46.31
CA SER F 443 7.54 -0.88 -45.95
C SER F 443 7.32 0.04 -44.75
N LYS F 444 8.36 0.31 -43.97
CA LYS F 444 8.24 1.29 -42.88
C LYS F 444 8.01 2.68 -43.41
N GLU F 445 8.86 3.14 -44.33
CA GLU F 445 8.79 4.53 -44.77
C GLU F 445 7.58 4.80 -45.66
N ALA F 446 7.11 3.79 -46.39
CA ALA F 446 5.93 3.99 -47.25
C ALA F 446 4.69 4.22 -46.41
N ILE F 447 4.51 3.47 -45.33
CA ILE F 447 3.37 3.67 -44.44
C ILE F 447 3.54 4.97 -43.66
N GLU F 448 4.76 5.24 -43.18
CA GLU F 448 5.01 6.41 -42.35
C GLU F 448 4.91 7.70 -43.15
N ARG F 449 5.19 7.65 -44.46
CA ARG F 449 4.95 8.80 -45.32
C ARG F 449 3.46 9.09 -45.47
N ILE F 450 2.65 8.03 -45.57
CA ILE F 450 1.20 8.20 -45.66
C ILE F 450 0.64 8.70 -44.33
N ALA F 451 1.16 8.20 -43.21
CA ALA F 451 0.68 8.61 -41.89
C ALA F 451 1.07 10.03 -41.55
N LYS F 452 2.09 10.60 -42.19
CA LYS F 452 2.57 11.93 -41.87
C LYS F 452 2.15 12.98 -42.89
N GLU F 453 2.10 12.64 -44.18
CA GLU F 453 1.77 13.60 -45.21
C GLU F 453 0.46 13.33 -45.92
N GLY F 454 -0.06 12.09 -45.86
CA GLY F 454 -1.18 11.71 -46.69
C GLY F 454 -2.53 12.29 -46.29
N ARG F 455 -2.59 13.00 -45.15
CA ARG F 455 -3.83 13.64 -44.74
C ARG F 455 -4.26 14.71 -45.74
N LYS F 456 -3.30 15.50 -46.23
CA LYS F 456 -3.62 16.58 -47.16
C LYS F 456 -3.70 16.12 -48.61
N TYR F 457 -3.23 14.92 -48.93
CA TYR F 457 -3.24 14.42 -50.29
C TYR F 457 -4.35 13.42 -50.55
N GLY F 458 -5.17 13.11 -49.55
CA GLY F 458 -6.26 12.18 -49.75
C GLY F 458 -5.89 10.73 -49.67
N VAL F 459 -4.74 10.40 -49.08
CA VAL F 459 -4.31 9.01 -48.91
C VAL F 459 -4.19 8.78 -47.41
N THR F 460 -5.17 8.08 -46.84
CA THR F 460 -5.20 7.79 -45.42
C THR F 460 -5.07 6.30 -45.20
N LEU F 461 -4.70 5.91 -43.98
CA LEU F 461 -4.44 4.51 -43.66
C LEU F 461 -5.29 4.04 -42.50
N LEU F 462 -5.66 2.77 -42.54
CA LEU F 462 -6.34 2.08 -41.45
C LEU F 462 -5.41 0.97 -40.96
N LEU F 463 -5.10 0.98 -39.67
CA LEU F 463 -4.19 0.01 -39.08
C LEU F 463 -5.00 -1.02 -38.30
N ALA F 464 -4.85 -2.29 -38.66
CA ALA F 464 -5.57 -3.39 -38.01
C ALA F 464 -4.56 -4.49 -37.68
N SER F 465 -4.05 -4.47 -36.46
CA SER F 465 -3.06 -5.44 -36.02
C SER F 465 -3.50 -6.08 -34.71
N GLN F 466 -3.20 -7.38 -34.56
CA GLN F 466 -3.48 -8.07 -33.32
C GLN F 466 -2.42 -7.81 -32.26
N ARG F 467 -1.30 -7.22 -32.65
CA ARG F 467 -0.19 -6.89 -31.75
C ARG F 467 0.14 -5.42 -31.94
N PRO F 468 -0.54 -4.53 -31.21
CA PRO F 468 -0.20 -3.10 -31.30
C PRO F 468 1.21 -2.76 -30.85
N SER F 469 1.77 -3.49 -29.90
CA SER F 469 3.03 -3.09 -29.28
C SER F 469 4.25 -3.28 -30.19
N GLU F 470 4.11 -3.94 -31.34
CA GLU F 470 5.17 -3.93 -32.34
C GLU F 470 4.99 -2.87 -33.41
N ILE F 471 3.84 -2.19 -33.47
CA ILE F 471 3.75 -1.02 -34.35
C ILE F 471 4.54 0.12 -33.73
N SER F 472 5.28 0.83 -34.59
CA SER F 472 6.13 1.90 -34.09
C SER F 472 5.30 3.09 -33.62
N GLU F 473 5.85 3.82 -32.65
CA GLU F 473 5.13 4.95 -32.06
C GLU F 473 5.00 6.11 -33.04
N THR F 474 5.97 6.28 -33.94
CA THR F 474 5.94 7.39 -34.87
C THR F 474 4.91 7.23 -35.98
N ILE F 475 4.28 6.07 -36.10
CA ILE F 475 3.19 5.86 -37.04
C ILE F 475 1.87 5.64 -36.31
N PHE F 476 1.89 4.97 -35.16
CA PHE F 476 0.68 4.72 -34.40
C PHE F 476 0.12 6.00 -33.78
N SER F 477 0.98 6.94 -33.38
CA SER F 477 0.51 8.18 -32.80
C SER F 477 -0.05 9.15 -33.82
N GLN F 478 0.29 8.97 -35.10
CA GLN F 478 -0.30 9.83 -36.13
C GLN F 478 -1.76 9.51 -36.39
N CYS F 479 -2.20 8.32 -36.00
CA CYS F 479 -3.63 8.05 -35.96
C CYS F 479 -4.28 8.88 -34.86
N ASN F 480 -5.52 9.29 -35.10
CA ASN F 480 -6.28 10.04 -34.12
C ASN F 480 -7.52 9.32 -33.63
N THR F 481 -8.18 8.56 -34.51
CA THR F 481 -9.28 7.70 -34.10
C THR F 481 -8.74 6.31 -33.80
N PHE F 482 -9.04 5.80 -32.61
CA PHE F 482 -8.54 4.52 -32.15
C PHE F 482 -9.71 3.64 -31.78
N ILE F 483 -9.82 2.47 -32.42
CA ILE F 483 -10.86 1.51 -32.08
C ILE F 483 -10.22 0.35 -31.33
N SER F 484 -10.21 0.43 -30.01
CA SER F 484 -9.55 -0.56 -29.16
C SER F 484 -10.54 -1.67 -28.83
N MET F 485 -10.28 -2.87 -29.34
CA MET F 485 -11.10 -4.04 -29.04
C MET F 485 -10.52 -4.75 -27.82
N ARG F 486 -10.95 -5.98 -27.58
CA ARG F 486 -10.44 -6.77 -26.45
C ARG F 486 -8.95 -7.05 -26.65
N LEU F 487 -8.15 -6.56 -25.71
CA LEU F 487 -6.70 -6.71 -25.76
C LEU F 487 -6.25 -7.39 -24.47
N THR F 488 -5.51 -8.48 -24.60
CA THR F 488 -5.27 -9.36 -23.47
C THR F 488 -3.82 -9.41 -23.00
N ASN F 489 -2.86 -9.19 -23.89
CA ASN F 489 -1.46 -9.21 -23.49
C ASN F 489 -1.13 -7.93 -22.73
N PRO F 490 -0.60 -8.01 -21.51
CA PRO F 490 -0.27 -6.79 -20.74
C PRO F 490 0.74 -5.87 -21.42
N ASP F 491 1.64 -6.39 -22.25
CA ASP F 491 2.50 -5.51 -23.03
C ASP F 491 1.72 -4.75 -24.09
N ASP F 492 0.63 -5.34 -24.58
CA ASP F 492 -0.20 -4.68 -25.58
C ASP F 492 -1.08 -3.60 -24.94
N GLN F 493 -1.55 -3.82 -23.71
CA GLN F 493 -2.38 -2.83 -23.04
C GLN F 493 -1.61 -1.56 -22.70
N ASN F 494 -0.36 -1.71 -22.25
CA ASN F 494 0.41 -0.55 -21.84
C ASN F 494 0.85 0.31 -23.02
N TYR F 495 1.13 -0.32 -24.17
CA TYR F 495 1.43 0.45 -25.37
C TYR F 495 0.23 1.26 -25.84
N VAL F 496 -0.96 0.65 -25.79
CA VAL F 496 -2.16 1.32 -26.26
C VAL F 496 -2.54 2.46 -25.31
N LYS F 497 -2.50 2.20 -24.00
CA LYS F 497 -2.94 3.17 -23.00
C LYS F 497 -2.09 4.44 -23.01
N ARG F 498 -0.81 4.32 -23.37
CA ARG F 498 0.05 5.49 -23.44
C ARG F 498 -0.32 6.38 -24.62
N LEU F 499 -0.61 5.77 -25.78
CA LEU F 499 -0.89 6.52 -27.00
C LEU F 499 -2.37 6.78 -27.23
N LEU F 500 -3.23 6.35 -26.32
CA LEU F 500 -4.64 6.68 -26.45
C LEU F 500 -4.85 8.16 -26.13
N PRO F 501 -5.65 8.88 -26.92
CA PRO F 501 -5.81 10.33 -26.70
C PRO F 501 -6.63 10.68 -25.46
N ASP F 502 -7.35 9.73 -24.87
CA ASP F 502 -8.20 10.01 -23.73
C ASP F 502 -8.33 8.68 -23.00
N THR F 503 -8.85 8.71 -21.77
CA THR F 503 -8.92 7.52 -20.95
C THR F 503 -10.33 7.28 -20.44
N VAL F 504 -10.60 6.02 -20.09
CA VAL F 504 -11.86 5.58 -19.52
C VAL F 504 -11.57 5.04 -18.12
N GLY F 505 -12.51 5.22 -17.21
CA GLY F 505 -12.39 4.68 -15.87
C GLY F 505 -12.21 3.18 -15.83
N ASP F 506 -11.17 2.74 -15.12
CA ASP F 506 -10.76 1.32 -15.05
C ASP F 506 -10.52 0.75 -16.45
N ILE F 507 -9.70 1.45 -17.24
CA ILE F 507 -9.36 0.99 -18.58
C ILE F 507 -8.47 -0.25 -18.53
N THR F 508 -7.72 -0.44 -17.43
CA THR F 508 -6.83 -1.60 -17.32
C THR F 508 -7.62 -2.90 -17.19
N ASN F 509 -8.80 -2.86 -16.57
CA ASN F 509 -9.65 -4.03 -16.46
C ASN F 509 -10.68 -4.11 -17.58
N LEU F 510 -11.00 -2.98 -18.20
CA LEU F 510 -12.02 -2.95 -19.25
C LEU F 510 -11.54 -3.56 -20.55
N LEU F 511 -10.29 -3.32 -20.92
CA LEU F 511 -9.77 -3.82 -22.20
C LEU F 511 -9.72 -5.34 -22.30
N PRO F 512 -9.21 -6.12 -21.32
CA PRO F 512 -9.25 -7.57 -21.48
C PRO F 512 -10.63 -8.19 -21.24
N SER F 513 -11.60 -7.42 -20.75
CA SER F 513 -12.92 -7.94 -20.44
C SER F 513 -13.95 -7.64 -21.53
N LEU F 514 -13.52 -7.12 -22.67
CA LEU F 514 -14.46 -6.82 -23.75
C LEU F 514 -14.93 -8.11 -24.41
N LYS F 515 -16.24 -8.17 -24.68
CA LYS F 515 -16.85 -9.34 -25.28
C LYS F 515 -16.67 -9.32 -26.80
N GLU F 516 -17.37 -10.20 -27.51
CA GLU F 516 -17.25 -10.30 -28.95
C GLU F 516 -17.93 -9.11 -29.62
N GLY F 517 -17.16 -8.33 -30.37
CA GLY F 517 -17.68 -7.15 -31.03
C GLY F 517 -17.68 -5.89 -30.18
N GLU F 518 -17.32 -6.00 -28.91
CA GLU F 518 -17.25 -4.84 -28.03
C GLU F 518 -15.97 -4.06 -28.34
N ALA F 519 -16.12 -2.76 -28.57
CA ALA F 519 -15.01 -1.91 -28.96
C ALA F 519 -14.98 -0.68 -28.06
N LEU F 520 -13.95 0.14 -28.26
CA LEU F 520 -13.81 1.41 -27.56
C LEU F 520 -13.20 2.42 -28.53
N ILE F 521 -13.95 3.46 -28.85
CA ILE F 521 -13.55 4.44 -29.86
C ILE F 521 -13.34 5.79 -29.18
N MET F 522 -12.17 6.38 -29.43
CA MET F 522 -11.86 7.73 -29.00
C MET F 522 -11.30 8.51 -30.20
N GLY F 523 -11.27 9.82 -30.07
CA GLY F 523 -10.61 10.64 -31.06
C GLY F 523 -11.48 11.81 -31.47
N ASP F 524 -11.11 12.41 -32.59
CA ASP F 524 -11.81 13.59 -33.08
C ASP F 524 -13.20 13.25 -33.62
N SER F 525 -13.37 12.04 -34.17
CA SER F 525 -14.64 11.67 -34.78
C SER F 525 -15.72 11.48 -33.73
N ILE F 526 -15.38 10.90 -32.59
CA ILE F 526 -16.34 10.63 -31.54
C ILE F 526 -16.34 11.77 -30.53
N SER F 527 -17.43 11.88 -29.78
CA SER F 527 -17.57 12.92 -28.76
C SER F 527 -16.81 12.56 -27.50
N ILE F 528 -17.19 11.44 -26.87
CA ILE F 528 -16.46 10.92 -25.72
C ILE F 528 -16.11 9.46 -26.00
N PRO F 529 -15.06 8.95 -25.36
CA PRO F 529 -14.79 7.51 -25.43
C PRO F 529 -15.94 6.70 -24.86
N SER F 530 -16.61 5.97 -25.74
CA SER F 530 -17.77 5.17 -25.39
C SER F 530 -17.52 3.72 -25.76
N ILE F 531 -17.99 2.82 -24.92
CA ILE F 531 -17.92 1.38 -25.21
C ILE F 531 -19.07 1.05 -26.15
N VAL F 532 -18.74 0.65 -27.37
CA VAL F 532 -19.73 0.44 -28.41
C VAL F 532 -19.83 -1.04 -28.72
N LYS F 533 -20.87 -1.39 -29.48
CA LYS F 533 -21.09 -2.74 -29.98
C LYS F 533 -21.20 -2.63 -31.50
N ILE F 534 -20.18 -3.12 -32.21
CA ILE F 534 -20.16 -3.06 -33.66
C ILE F 534 -21.27 -3.93 -34.22
N GLU F 535 -21.94 -3.45 -35.27
CA GLU F 535 -23.04 -4.19 -35.87
C GLU F 535 -22.54 -5.49 -36.49
N LYS F 536 -23.36 -6.53 -36.38
CA LYS F 536 -23.01 -7.83 -36.93
C LYS F 536 -22.97 -7.78 -38.46
N CYS F 537 -21.93 -8.37 -39.03
CA CYS F 537 -21.78 -8.41 -40.48
C CYS F 537 -22.76 -9.43 -41.05
N THR F 538 -23.69 -8.97 -41.87
CA THR F 538 -24.61 -9.88 -42.55
C THR F 538 -23.86 -10.76 -43.54
N ILE F 539 -22.84 -10.19 -44.20
CA ILE F 539 -21.98 -10.95 -45.09
C ILE F 539 -20.58 -10.90 -44.49
N PRO F 540 -20.22 -11.86 -43.65
CA PRO F 540 -19.04 -11.70 -42.80
C PRO F 540 -17.76 -12.04 -43.54
N PRO F 541 -16.61 -11.51 -43.09
CA PRO F 541 -15.32 -11.92 -43.63
C PRO F 541 -14.89 -13.27 -43.06
N SER F 542 -14.89 -14.28 -43.92
CA SER F 542 -14.51 -15.63 -43.52
C SER F 542 -13.32 -16.09 -44.35
N SER F 543 -12.37 -16.76 -43.69
CA SER F 543 -11.18 -17.26 -44.33
C SER F 543 -11.31 -18.76 -44.58
N ILE F 544 -10.73 -19.22 -45.69
CA ILE F 544 -10.71 -20.64 -46.00
C ILE F 544 -9.55 -21.28 -45.25
N ASP F 545 -9.80 -21.69 -44.01
CA ASP F 545 -8.78 -22.29 -43.17
C ASP F 545 -8.86 -23.80 -43.27
N ILE F 546 -7.69 -24.45 -43.31
CA ILE F 546 -7.63 -25.90 -43.39
C ILE F 546 -8.03 -26.47 -42.04
N LYS F 547 -9.16 -27.16 -42.00
CA LYS F 547 -9.62 -27.78 -40.76
C LYS F 547 -8.76 -29.01 -40.47
N TYR F 548 -7.68 -28.80 -39.70
CA TYR F 548 -6.67 -29.84 -39.51
C TYR F 548 -7.24 -31.08 -38.83
N LEU F 549 -8.05 -30.89 -37.79
CA LEU F 549 -8.60 -32.05 -37.09
C LEU F 549 -9.64 -32.77 -37.93
N ASP F 550 -10.35 -32.05 -38.80
CA ASP F 550 -11.39 -32.68 -39.61
C ASP F 550 -10.81 -33.60 -40.67
N GLU F 551 -9.74 -33.18 -41.36
CA GLU F 551 -9.10 -34.05 -42.32
C GLU F 551 -8.26 -35.14 -41.66
N TRP F 552 -7.87 -34.95 -40.40
CA TRP F 552 -7.10 -35.96 -39.70
C TRP F 552 -7.97 -37.12 -39.23
N ARG F 553 -9.29 -36.95 -39.19
CA ARG F 553 -10.21 -38.05 -38.93
C ARG F 553 -10.33 -39.00 -40.11
N LYS F 554 -10.09 -38.52 -41.32
CA LYS F 554 -10.43 -39.26 -42.53
C LYS F 554 -9.44 -40.39 -42.78
N GLU F 555 -9.65 -41.10 -43.89
CA GLU F 555 -8.75 -42.16 -44.31
C GLU F 555 -7.39 -41.59 -44.70
N TRP F 556 -6.36 -42.42 -44.57
CA TRP F 556 -5.05 -42.09 -45.12
C TRP F 556 -5.17 -41.96 -46.63
N VAL F 557 -5.03 -40.75 -47.14
CA VAL F 557 -5.23 -40.50 -48.57
C VAL F 557 -4.06 -41.10 -49.34
N ASP F 558 -4.39 -41.79 -50.43
CA ASP F 558 -3.40 -42.49 -51.24
C ASP F 558 -3.26 -41.94 -52.64
N SER F 559 -4.38 -41.64 -53.32
CA SER F 559 -4.32 -41.10 -54.67
C SER F 559 -3.89 -39.64 -54.70
N GLU F 560 -4.04 -38.92 -53.59
CA GLU F 560 -3.69 -37.50 -53.57
C GLU F 560 -2.19 -37.27 -53.62
N PHE F 561 -1.40 -38.17 -53.01
CA PHE F 561 0.04 -37.97 -52.92
C PHE F 561 0.71 -38.04 -54.29
N ASP F 562 0.25 -38.94 -55.16
CA ASP F 562 0.86 -39.07 -56.48
C ASP F 562 0.51 -37.92 -57.41
N LYS F 563 -0.60 -37.21 -57.17
CA LYS F 563 -0.91 -36.04 -57.97
C LYS F 563 -0.06 -34.84 -57.59
N ILE F 564 0.46 -34.80 -56.36
CA ILE F 564 1.21 -33.64 -55.90
C ILE F 564 2.58 -33.59 -56.56
N ILE F 565 3.28 -34.72 -56.58
CA ILE F 565 4.67 -34.77 -57.03
C ILE F 565 4.75 -34.53 -58.54
N GLU F 566 3.78 -35.09 -59.29
CA GLU F 566 3.81 -34.97 -60.75
C GLU F 566 3.61 -33.54 -61.22
N GLN F 567 2.80 -32.75 -60.51
CA GLN F 567 2.72 -31.32 -60.86
C GLN F 567 3.97 -30.58 -60.39
N TRP F 568 4.52 -30.98 -59.24
CA TRP F 568 5.79 -30.45 -58.78
C TRP F 568 6.91 -30.78 -59.77
N SER F 569 6.89 -31.99 -60.33
CA SER F 569 7.86 -32.36 -61.36
C SER F 569 7.63 -31.56 -62.64
N LYS F 570 6.36 -31.35 -63.03
CA LYS F 570 6.06 -30.62 -64.25
C LYS F 570 6.10 -29.11 -64.06
N SER F 571 6.10 -28.62 -62.84
CA SER F 571 6.13 -27.18 -62.57
C SER F 571 6.78 -26.88 -61.23
N LYS G 151 7.06 77.82 -5.92
CA LYS G 151 6.79 76.80 -4.93
C LYS G 151 5.32 76.40 -4.96
N SER G 152 5.06 75.18 -5.43
CA SER G 152 3.70 74.70 -5.65
C SER G 152 3.14 74.09 -4.37
N PHE G 153 2.01 73.39 -4.49
CA PHE G 153 1.38 72.77 -3.33
C PHE G 153 2.00 71.43 -2.98
N ASP G 154 2.45 70.67 -4.00
CA ASP G 154 2.95 69.32 -3.74
C ASP G 154 4.32 69.35 -3.06
N ASP G 155 5.17 70.32 -3.40
CA ASP G 155 6.45 70.44 -2.72
C ASP G 155 6.30 70.99 -1.30
N GLN G 156 5.29 71.83 -1.07
CA GLN G 156 4.98 72.31 0.26
C GLN G 156 4.30 71.25 1.12
N LYS G 157 3.86 70.13 0.53
CA LYS G 157 3.19 69.10 1.29
C LYS G 157 4.15 68.38 2.23
N LYS G 158 5.31 67.97 1.73
CA LYS G 158 6.19 67.12 2.52
C LYS G 158 7.03 67.91 3.53
N GLU G 159 7.27 69.20 3.30
CA GLU G 159 8.03 69.97 4.27
C GLU G 159 7.19 70.35 5.49
N THR G 160 5.90 70.59 5.31
CA THR G 160 5.02 70.86 6.43
C THR G 160 4.77 69.59 7.25
N ILE G 161 4.76 68.43 6.61
CA ILE G 161 4.64 67.16 7.33
C ILE G 161 5.92 66.89 8.12
N GLN G 162 7.08 67.15 7.50
CA GLN G 162 8.36 66.83 8.13
C GLN G 162 8.66 67.73 9.32
N ILE G 163 8.27 69.00 9.26
CA ILE G 163 8.60 69.94 10.33
C ILE G 163 7.80 69.62 11.60
N ILE G 164 6.59 69.07 11.46
CA ILE G 164 5.77 68.72 12.61
C ILE G 164 6.10 67.33 13.16
N LYS G 165 6.90 66.54 12.44
CA LYS G 165 7.22 65.20 12.90
C LYS G 165 8.17 65.23 14.09
N ASN G 166 9.22 66.03 14.01
CA ASN G 166 10.17 66.16 15.11
C ASN G 166 9.76 67.24 16.12
N HIS G 167 8.68 67.97 15.84
CA HIS G 167 8.21 68.97 16.80
C HIS G 167 7.62 68.29 18.03
N PHE G 168 6.78 67.28 17.81
CA PHE G 168 6.18 66.51 18.91
C PHE G 168 6.92 65.21 19.18
N GLN G 169 7.90 64.85 18.35
CA GLN G 169 8.64 63.59 18.44
C GLN G 169 7.71 62.39 18.43
N CYS G 170 6.69 62.45 17.58
CA CYS G 170 5.68 61.40 17.50
C CYS G 170 6.09 60.35 16.49
N GLU G 171 5.20 59.38 16.26
CA GLU G 171 5.46 58.28 15.36
C GLU G 171 5.05 58.66 13.93
N ASP G 172 4.96 57.67 13.04
CA ASP G 172 4.92 57.93 11.61
C ASP G 172 3.57 58.49 11.17
N TYR G 173 2.49 57.71 11.32
CA TYR G 173 1.23 58.08 10.72
C TYR G 173 0.43 59.08 11.54
N GLU G 174 0.91 59.47 12.72
CA GLU G 174 0.24 60.54 13.46
C GLU G 174 0.44 61.89 12.78
N ALA G 175 1.63 62.14 12.23
CA ALA G 175 1.94 63.44 11.64
C ALA G 175 1.18 63.69 10.35
N GLU G 176 0.67 62.65 9.69
CA GLU G 176 -0.05 62.85 8.44
C GLU G 176 -1.44 63.44 8.66
N HIS G 177 -2.17 62.96 9.67
CA HIS G 177 -3.57 63.35 9.83
C HIS G 177 -3.90 63.87 11.22
N TYR G 178 -3.15 63.44 12.25
CA TYR G 178 -3.51 63.82 13.61
C TYR G 178 -2.90 65.16 14.03
N LEU G 179 -1.74 65.53 13.49
CA LEU G 179 -1.14 66.83 13.80
C LEU G 179 -1.27 67.84 12.66
N TYR G 180 -1.10 67.42 11.41
CA TYR G 180 -1.14 68.37 10.30
C TYR G 180 -2.56 68.87 10.06
N SER G 181 -3.53 67.96 10.03
CA SER G 181 -4.92 68.36 9.80
C SER G 181 -5.49 69.12 10.99
N ASN G 182 -4.99 68.83 12.19
CA ASN G 182 -5.39 69.61 13.36
C ASN G 182 -4.81 71.02 13.31
N ALA G 183 -3.56 71.15 12.86
CA ALA G 183 -2.92 72.46 12.79
C ALA G 183 -3.42 73.30 11.62
N PHE G 184 -3.99 72.67 10.60
CA PHE G 184 -4.47 73.43 9.44
C PHE G 184 -5.76 74.15 9.80
N ARG G 185 -6.62 73.54 10.62
CA ARG G 185 -7.88 74.16 11.00
C ARG G 185 -7.67 75.36 11.92
N LYS G 186 -6.84 75.20 12.95
CA LYS G 186 -6.65 76.27 13.92
C LYS G 186 -5.88 77.45 13.34
N THR G 187 -5.03 77.19 12.34
CA THR G 187 -4.44 78.30 11.60
C THR G 187 -5.49 79.01 10.76
N TYR G 188 -6.40 78.25 10.15
CA TYR G 188 -7.48 78.88 9.38
C TYR G 188 -8.51 79.52 10.29
N ASP G 189 -8.74 78.96 11.49
CA ASP G 189 -9.69 79.54 12.43
C ASP G 189 -9.22 80.88 12.97
N ILE G 190 -7.92 81.16 12.92
CA ILE G 190 -7.41 82.45 13.36
C ILE G 190 -7.02 83.36 12.18
N SER G 191 -6.85 82.80 10.97
CA SER G 191 -6.64 83.63 9.80
C SER G 191 -7.92 84.28 9.33
N CYS G 192 -9.04 83.55 9.40
CA CYS G 192 -10.34 84.12 9.06
C CYS G 192 -10.91 85.01 10.15
N ASN G 193 -10.33 84.98 11.35
CA ASN G 193 -10.77 85.85 12.42
C ASN G 193 -10.32 87.28 12.14
N LYS G 194 -11.28 88.18 11.95
CA LYS G 194 -10.98 89.57 11.62
C LYS G 194 -10.58 90.39 12.83
N LYS G 195 -10.67 89.84 14.04
CA LYS G 195 -10.33 90.57 15.26
C LYS G 195 -8.93 90.27 15.78
N ASP G 196 -8.38 89.10 15.47
CA ASP G 196 -7.06 88.74 15.96
C ASP G 196 -6.35 87.91 14.91
N ARG G 197 -5.12 88.30 14.57
CA ARG G 197 -4.29 87.57 13.61
C ARG G 197 -2.91 87.25 14.15
N ARG G 198 -2.31 88.15 14.94
CA ARG G 198 -0.95 87.96 15.44
C ARG G 198 -1.01 87.09 16.69
N ILE G 199 -0.68 85.81 16.54
CA ILE G 199 -0.69 84.84 17.63
C ILE G 199 0.70 84.25 17.77
N LYS G 200 1.23 84.23 18.99
CA LYS G 200 2.49 83.57 19.26
C LYS G 200 2.32 82.05 19.17
N LYS G 201 3.39 81.38 18.76
CA LYS G 201 3.35 79.93 18.58
C LYS G 201 3.55 79.14 19.86
N SER G 202 3.80 79.82 20.98
CA SER G 202 3.98 79.11 22.25
C SER G 202 2.68 78.45 22.71
N ASP G 203 1.56 79.16 22.58
CA ASP G 203 0.25 78.60 22.93
C ASP G 203 -0.37 77.80 21.79
N PHE G 204 0.22 77.85 20.59
CA PHE G 204 -0.31 77.07 19.48
C PHE G 204 0.03 75.59 19.63
N VAL G 205 1.11 75.27 20.35
CA VAL G 205 1.52 73.87 20.51
C VAL G 205 0.55 73.14 21.43
N GLU G 206 0.18 73.76 22.55
CA GLU G 206 -0.68 73.09 23.52
C GLU G 206 -2.13 73.01 23.05
N SER G 207 -2.58 73.98 22.26
CA SER G 207 -3.94 73.94 21.74
C SER G 207 -4.11 72.90 20.65
N ILE G 208 -3.01 72.48 20.01
CA ILE G 208 -3.08 71.47 18.95
C ILE G 208 -3.00 70.07 19.51
N ASN G 209 -2.17 69.86 20.55
CA ASN G 209 -1.90 68.52 21.06
C ASN G 209 -3.02 68.08 22.02
N LYS G 210 -4.17 67.80 21.42
CA LYS G 210 -5.29 67.16 22.09
C LYS G 210 -5.67 65.91 21.30
N SER G 211 -6.24 64.92 21.98
CA SER G 211 -6.62 63.67 21.35
C SER G 211 -7.93 63.84 20.56
N LYS G 212 -7.86 64.70 19.54
CA LYS G 212 -8.99 65.11 18.73
C LYS G 212 -8.53 65.19 17.28
N VAL G 213 -9.34 64.67 16.37
CA VAL G 213 -9.10 64.78 14.94
C VAL G 213 -10.26 65.58 14.35
N LEU G 214 -10.00 66.85 14.02
CA LEU G 214 -11.04 67.72 13.52
C LEU G 214 -11.14 67.66 12.00
N PHE G 215 -12.35 67.90 11.51
CA PHE G 215 -12.63 67.89 10.09
C PHE G 215 -12.34 69.26 9.49
N ASN G 216 -11.79 69.27 8.28
CA ASN G 216 -11.58 70.52 7.56
C ASN G 216 -12.19 70.39 6.18
N ILE G 217 -12.79 71.48 5.69
CA ILE G 217 -13.53 71.42 4.44
C ILE G 217 -12.60 71.21 3.24
N TRP G 218 -11.36 71.69 3.34
CA TRP G 218 -10.56 71.87 2.12
C TRP G 218 -9.98 70.57 1.58
N PHE G 219 -9.57 69.61 2.43
CA PHE G 219 -9.26 68.30 1.85
C PHE G 219 -10.51 67.52 1.44
N TYR G 220 -11.66 67.70 2.11
CA TYR G 220 -12.86 66.98 1.69
C TYR G 220 -13.26 67.36 0.27
N GLN G 221 -13.03 68.61 -0.12
CA GLN G 221 -13.23 68.99 -1.50
C GLN G 221 -12.08 68.52 -2.39
N TYR G 222 -10.90 68.25 -1.83
CA TYR G 222 -9.74 67.99 -2.68
C TYR G 222 -9.76 66.54 -3.18
N GLU G 223 -9.55 65.55 -2.30
CA GLU G 223 -9.60 64.18 -2.79
C GLU G 223 -11.00 63.60 -2.79
N GLY G 224 -11.98 64.28 -2.22
CA GLY G 224 -13.35 63.83 -2.30
C GLY G 224 -13.73 62.88 -1.18
N ARG G 225 -15.02 62.57 -1.14
CA ARG G 225 -15.57 61.74 -0.08
C ARG G 225 -15.18 60.27 -0.20
N LYS G 226 -14.79 59.82 -1.39
CA LYS G 226 -14.36 58.43 -1.53
C LYS G 226 -12.95 58.23 -1.01
N GLU G 227 -12.12 59.28 -1.04
CA GLU G 227 -10.71 59.16 -0.70
C GLU G 227 -10.38 59.79 0.66
N TYR G 228 -11.07 60.86 1.07
CA TYR G 228 -10.83 61.44 2.38
C TYR G 228 -11.21 60.48 3.50
N LEU G 229 -12.35 59.78 3.35
CA LEU G 229 -12.71 58.75 4.31
C LEU G 229 -11.86 57.50 4.15
N ARG G 230 -11.20 57.33 3.01
CA ARG G 230 -10.39 56.13 2.79
C ARG G 230 -9.14 56.13 3.67
N LYS G 231 -8.40 57.25 3.68
CA LYS G 231 -7.22 57.32 4.54
C LYS G 231 -7.60 57.41 6.02
N LEU G 232 -8.81 57.89 6.32
CA LEU G 232 -9.29 57.90 7.70
C LEU G 232 -9.52 56.48 8.23
N LYS G 233 -9.73 55.52 7.33
CA LYS G 233 -9.83 54.12 7.75
C LYS G 233 -8.46 53.54 8.08
N GLU G 234 -7.43 53.91 7.31
CA GLU G 234 -6.10 53.36 7.50
C GLU G 234 -5.25 54.11 8.51
N SER G 235 -5.75 55.22 9.06
CA SER G 235 -4.96 55.99 10.01
C SER G 235 -5.19 55.53 11.45
N PHE G 236 -6.45 55.36 11.86
CA PHE G 236 -6.78 55.00 13.22
C PHE G 236 -7.70 53.80 13.34
N ILE G 237 -8.22 53.27 12.23
CA ILE G 237 -9.21 52.18 12.26
C ILE G 237 -8.56 50.96 11.61
N ARG G 238 -7.25 50.82 11.80
CA ARG G 238 -6.52 49.70 11.20
C ARG G 238 -6.95 48.39 11.82
N ARG G 239 -7.04 47.35 10.99
CA ARG G 239 -7.46 46.02 11.43
C ARG G 239 -6.43 44.99 11.02
N SER G 240 -6.51 43.84 11.67
CA SER G 240 -5.78 42.63 11.29
C SER G 240 -6.81 41.57 10.90
N VAL G 241 -6.32 40.42 10.46
CA VAL G 241 -7.21 39.32 10.11
C VAL G 241 -7.90 38.79 11.36
N ASN G 242 -7.13 38.54 12.41
CA ASN G 242 -7.66 38.04 13.68
C ASN G 242 -7.90 39.24 14.60
N THR G 243 -9.17 39.57 14.80
CA THR G 243 -9.55 40.67 15.68
C THR G 243 -9.69 40.13 17.10
N SER G 244 -8.89 40.67 18.01
CA SER G 244 -8.89 40.17 19.38
C SER G 244 -10.17 40.57 20.11
N PRO G 245 -10.66 39.74 21.04
CA PRO G 245 -11.88 40.09 21.77
C PRO G 245 -11.66 41.18 22.79
N TYR G 246 -11.58 42.42 22.32
CA TYR G 246 -11.43 43.58 23.19
C TYR G 246 -12.79 44.24 23.43
N ALA G 247 -12.85 45.02 24.50
CA ALA G 247 -14.05 45.76 24.85
C ALA G 247 -14.04 47.07 24.08
N ARG G 248 -14.65 47.06 22.89
CA ARG G 248 -14.65 48.21 22.00
C ARG G 248 -15.90 49.04 22.24
N PHE G 249 -15.71 50.33 22.50
CA PHE G 249 -16.78 51.27 22.78
C PHE G 249 -16.91 52.23 21.62
N PHE G 250 -18.10 52.30 21.04
CA PHE G 250 -18.38 53.16 19.90
C PHE G 250 -19.33 54.27 20.34
N ILE G 251 -18.83 55.50 20.38
CA ILE G 251 -19.58 56.66 20.80
C ILE G 251 -19.89 57.48 19.56
N LEU G 252 -21.17 57.59 19.23
CA LEU G 252 -21.63 58.28 18.03
C LEU G 252 -22.58 59.40 18.41
N GLU G 253 -22.47 60.53 17.72
CA GLU G 253 -23.27 61.70 18.03
C GLU G 253 -24.59 61.60 17.26
N PHE G 254 -25.70 61.64 17.98
CA PHE G 254 -27.03 61.53 17.40
C PHE G 254 -27.69 62.90 17.57
N GLN G 255 -28.09 63.49 16.45
CA GLN G 255 -28.81 64.76 16.44
C GLN G 255 -30.17 64.56 15.77
N ASP G 256 -31.04 65.55 15.95
CA ASP G 256 -32.37 65.49 15.34
C ASP G 256 -32.32 65.70 13.84
N LYS G 257 -31.24 66.26 13.30
CA LYS G 257 -31.12 66.45 11.87
C LYS G 257 -30.95 65.12 11.13
N THR G 258 -30.26 64.17 11.75
CA THR G 258 -30.08 62.85 11.17
C THR G 258 -31.23 61.94 11.64
N ASP G 259 -31.93 61.34 10.69
CA ASP G 259 -33.04 60.46 11.02
C ASP G 259 -32.52 59.10 11.51
N ILE G 260 -33.47 58.21 11.81
CA ILE G 260 -33.10 56.88 12.32
C ILE G 260 -32.44 56.06 11.23
N LYS G 261 -32.93 56.18 9.98
CA LYS G 261 -32.50 55.29 8.90
C LYS G 261 -31.03 55.48 8.57
N THR G 262 -30.52 56.71 8.61
CA THR G 262 -29.10 56.91 8.38
C THR G 262 -28.25 56.53 9.59
N VAL G 263 -28.86 56.20 10.72
CA VAL G 263 -28.14 55.82 11.94
C VAL G 263 -28.11 54.29 12.04
N LYS G 264 -29.17 53.64 11.56
CA LYS G 264 -29.38 52.22 11.81
C LYS G 264 -28.33 51.35 11.11
N ASP G 265 -28.07 51.60 9.82
CA ASP G 265 -27.07 50.80 9.11
C ASP G 265 -25.65 51.08 9.60
N CYS G 266 -25.42 52.21 10.27
CA CYS G 266 -24.14 52.40 10.95
C CYS G 266 -23.98 51.42 12.10
N ILE G 267 -25.06 51.16 12.84
CA ILE G 267 -25.03 50.15 13.88
C ILE G 267 -24.86 48.76 13.27
N TYR G 268 -25.51 48.52 12.13
CA TYR G 268 -25.30 47.27 11.39
C TYR G 268 -23.86 47.17 10.88
N LYS G 269 -23.26 48.29 10.48
CA LYS G 269 -21.86 48.27 10.04
C LYS G 269 -20.93 47.97 11.20
N ILE G 270 -21.21 48.53 12.38
CA ILE G 270 -20.37 48.28 13.55
C ILE G 270 -20.54 46.85 14.04
N GLN G 271 -21.77 46.36 14.08
CA GLN G 271 -22.05 45.02 14.61
C GLN G 271 -21.48 43.94 13.70
N SER G 272 -21.52 44.14 12.39
CA SER G 272 -21.02 43.12 11.47
C SER G 272 -19.50 43.08 11.42
N ASN G 273 -18.83 44.21 11.69
CA ASN G 273 -17.39 44.29 11.53
C ASN G 273 -16.63 44.06 12.83
N TRP G 274 -17.24 44.37 13.97
CA TRP G 274 -16.54 44.35 15.26
C TRP G 274 -17.15 43.34 16.23
N SER G 275 -17.71 42.25 15.71
CA SER G 275 -18.27 41.22 16.56
C SER G 275 -18.05 39.84 15.93
N ASN G 276 -17.89 38.84 16.79
CA ASN G 276 -17.78 37.44 16.37
C ASN G 276 -18.69 36.64 17.30
N LEU G 277 -19.96 36.51 16.90
CA LEU G 277 -20.94 35.75 17.65
C LEU G 277 -21.08 34.32 17.14
N SER G 278 -19.99 33.76 16.62
CA SER G 278 -20.03 32.40 16.10
C SER G 278 -20.25 31.41 17.23
N LYS G 279 -21.08 30.40 16.96
CA LYS G 279 -21.33 29.33 17.92
C LYS G 279 -20.14 28.41 18.09
N ARG G 280 -19.11 28.54 17.25
CA ARG G 280 -17.92 27.71 17.31
C ARG G 280 -16.78 28.31 18.13
N THR G 281 -16.81 29.62 18.37
CA THR G 281 -15.74 30.28 19.09
C THR G 281 -15.89 30.07 20.60
N ASP G 282 -14.81 30.37 21.32
CA ASP G 282 -14.80 30.28 22.77
C ASP G 282 -14.65 31.63 23.47
N ARG G 283 -14.26 32.68 22.75
CA ARG G 283 -14.20 34.03 23.30
C ARG G 283 -14.98 34.96 22.38
N PRO G 284 -16.31 34.95 22.46
CA PRO G 284 -17.11 35.87 21.63
C PRO G 284 -17.00 37.29 22.15
N TYR G 285 -17.15 38.25 21.23
CA TYR G 285 -17.11 39.66 21.57
C TYR G 285 -18.17 40.40 20.78
N SER G 286 -18.67 41.48 21.37
CA SER G 286 -19.69 42.33 20.76
C SER G 286 -19.34 43.78 21.03
N PRO G 287 -19.68 44.70 20.13
CA PRO G 287 -19.35 46.11 20.34
C PRO G 287 -20.25 46.74 21.38
N PHE G 288 -19.75 47.85 21.94
CA PHE G 288 -20.51 48.70 22.85
C PHE G 288 -20.90 49.97 22.10
N LEU G 289 -22.18 50.34 22.17
CA LEU G 289 -22.70 51.48 21.44
C LEU G 289 -23.15 52.56 22.41
N LEU G 290 -22.67 53.79 22.18
CA LEU G 290 -23.07 54.96 22.94
C LEU G 290 -23.62 56.02 22.00
N PHE G 291 -24.72 56.64 22.39
CA PHE G 291 -25.33 57.73 21.63
C PHE G 291 -25.59 58.89 22.57
N HIS G 292 -25.39 60.11 22.06
CA HIS G 292 -25.46 61.31 22.88
C HIS G 292 -26.00 62.46 22.05
N GLY G 293 -26.44 63.51 22.74
CA GLY G 293 -26.91 64.71 22.10
C GLY G 293 -28.31 64.63 21.52
N THR G 294 -29.00 63.51 21.70
CA THR G 294 -30.34 63.32 21.17
C THR G 294 -31.36 63.31 22.31
N SER G 295 -32.62 63.55 21.94
CA SER G 295 -33.69 63.43 22.91
C SER G 295 -33.91 61.96 23.27
N ASP G 296 -34.45 61.73 24.46
CA ASP G 296 -34.73 60.37 24.91
C ASP G 296 -35.84 59.72 24.11
N ALA G 297 -36.79 60.53 23.61
CA ALA G 297 -37.83 60.00 22.74
C ALA G 297 -37.25 59.49 21.42
N ASN G 298 -36.31 60.23 20.84
CA ASN G 298 -35.66 59.78 19.62
C ASN G 298 -34.69 58.63 19.89
N LEU G 299 -34.07 58.60 21.08
CA LEU G 299 -33.15 57.52 21.42
C LEU G 299 -33.90 56.21 21.63
N TYR G 300 -35.04 56.26 22.32
CA TYR G 300 -35.85 55.06 22.51
C TYR G 300 -36.53 54.63 21.20
N GLU G 301 -36.74 55.58 20.30
CA GLU G 301 -37.36 55.26 19.01
C GLU G 301 -36.42 54.39 18.19
N LEU G 302 -35.12 54.70 18.21
CA LEU G 302 -34.14 53.88 17.50
C LEU G 302 -34.02 52.49 18.12
N LYS G 303 -34.00 52.42 19.46
CA LYS G 303 -33.83 51.14 20.14
C LYS G 303 -35.02 50.21 19.92
N ASN G 304 -36.22 50.77 19.77
CA ASN G 304 -37.41 49.94 19.55
C ASN G 304 -37.35 49.25 18.18
N GLN G 305 -36.96 49.97 17.14
CA GLN G 305 -36.93 49.38 15.80
C GLN G 305 -35.75 48.42 15.62
N LEU G 306 -34.71 48.56 16.45
CA LEU G 306 -33.61 47.59 16.38
C LEU G 306 -34.03 46.22 16.87
N PHE G 307 -34.92 46.17 17.86
CA PHE G 307 -35.37 44.90 18.42
C PHE G 307 -36.36 44.18 17.51
N ASN G 308 -37.03 44.90 16.61
CA ASN G 308 -38.03 44.29 15.74
C ASN G 308 -37.45 43.60 14.52
N GLU G 309 -36.19 43.82 14.19
CA GLU G 309 -35.56 43.17 13.03
C GLU G 309 -34.46 42.22 13.47
N ASP G 310 -34.61 41.62 14.66
CA ASP G 310 -33.71 40.61 15.22
C ASP G 310 -32.28 41.13 15.36
N LEU G 311 -32.14 42.18 16.16
CA LEU G 311 -30.83 42.70 16.59
C LEU G 311 -30.92 42.84 18.11
N ILE G 312 -30.64 41.76 18.81
CA ILE G 312 -30.84 41.69 20.26
C ILE G 312 -29.69 42.40 20.95
N PHE G 313 -30.01 43.33 21.83
CA PHE G 313 -29.02 44.10 22.57
C PHE G 313 -29.41 44.18 24.04
N THR G 314 -28.47 44.62 24.86
CA THR G 314 -28.69 44.83 26.29
C THR G 314 -28.21 46.23 26.67
N ASP G 315 -28.81 46.77 27.74
CA ASP G 315 -28.43 48.10 28.22
C ASP G 315 -28.21 48.15 29.72
N GLY G 316 -28.21 47.00 30.41
CA GLY G 316 -28.15 47.02 31.85
C GLY G 316 -29.49 47.28 32.52
N TYR G 317 -30.58 47.29 31.76
CA TYR G 317 -31.94 47.46 32.28
C TYR G 317 -32.76 46.26 31.81
N PRO G 318 -32.64 45.11 32.49
CA PRO G 318 -33.33 43.90 32.02
C PRO G 318 -34.83 43.92 32.21
N PHE G 319 -35.37 44.85 32.99
CA PHE G 319 -36.81 44.93 33.20
C PHE G 319 -37.18 46.38 33.48
N LYS G 320 -38.48 46.66 33.43
CA LYS G 320 -38.98 48.01 33.62
C LYS G 320 -38.82 48.43 35.08
N GLY G 321 -38.27 49.63 35.29
CA GLY G 321 -38.01 50.12 36.63
C GLY G 321 -36.72 49.64 37.25
N SER G 322 -35.88 48.92 36.49
CA SER G 322 -34.64 48.39 37.03
C SER G 322 -33.62 49.50 37.24
N VAL G 323 -32.80 49.34 38.30
CA VAL G 323 -31.60 50.16 38.42
C VAL G 323 -30.57 49.69 37.39
N PHE G 324 -29.59 50.55 37.14
CA PHE G 324 -28.59 50.25 36.12
C PHE G 324 -27.61 49.23 36.68
N THR G 325 -27.73 47.98 36.22
CA THR G 325 -26.80 46.93 36.60
C THR G 325 -25.83 46.68 35.45
N PRO G 326 -24.54 47.02 35.58
CA PRO G 326 -23.62 46.84 34.44
C PRO G 326 -23.22 45.39 34.20
N LYS G 327 -23.63 44.45 35.06
CA LYS G 327 -23.22 43.05 34.89
C LYS G 327 -23.88 42.46 33.65
N MET G 328 -25.14 42.82 33.38
CA MET G 328 -25.82 42.34 32.18
C MET G 328 -25.17 42.90 30.91
N LEU G 329 -24.50 44.05 31.01
CA LEU G 329 -23.69 44.53 29.90
C LEU G 329 -22.43 43.68 29.73
N ILE G 330 -21.87 43.19 30.83
CA ILE G 330 -20.63 42.42 30.77
C ILE G 330 -20.89 41.04 30.14
N GLU G 331 -21.96 40.37 30.58
CA GLU G 331 -22.23 39.04 30.05
C GLU G 331 -22.76 39.10 28.62
N GLY G 332 -23.41 40.20 28.24
CA GLY G 332 -23.83 40.35 26.86
C GLY G 332 -22.67 40.53 25.90
N PHE G 333 -21.54 41.00 26.40
CA PHE G 333 -20.32 41.04 25.60
C PHE G 333 -19.87 39.62 25.23
N SER G 334 -19.97 38.69 26.18
CA SER G 334 -19.61 37.30 25.96
C SER G 334 -20.78 36.45 25.49
N ASN G 335 -21.98 37.02 25.41
CA ASN G 335 -23.15 36.27 24.97
C ASN G 335 -23.20 36.21 23.46
N LYS G 336 -23.39 35.00 22.92
CA LYS G 336 -23.51 34.85 21.47
C LYS G 336 -24.87 35.33 20.96
N GLU G 337 -25.89 35.30 21.82
CA GLU G 337 -27.22 35.74 21.42
C GLU G 337 -27.41 37.25 21.55
N ILE G 338 -26.45 37.96 22.13
CA ILE G 338 -26.50 39.42 22.24
C ILE G 338 -25.60 40.00 21.15
N HIS G 339 -26.21 40.73 20.21
CA HIS G 339 -25.47 41.21 19.05
C HIS G 339 -24.53 42.34 19.40
N PHE G 340 -24.99 43.29 20.23
CA PHE G 340 -24.17 44.42 20.62
C PHE G 340 -24.69 44.94 21.95
N GLN G 341 -23.97 45.92 22.50
CA GLN G 341 -24.31 46.52 23.78
C GLN G 341 -24.66 47.99 23.57
N PHE G 342 -25.79 48.41 24.14
CA PHE G 342 -26.31 49.76 24.00
C PHE G 342 -26.14 50.48 25.33
N ILE G 343 -25.20 51.40 25.40
CA ILE G 343 -25.02 52.24 26.58
C ILE G 343 -25.91 53.46 26.45
N ASN G 344 -26.69 53.74 27.49
CA ASN G 344 -27.69 54.80 27.42
C ASN G 344 -27.09 56.18 27.68
N ASP G 345 -26.54 56.39 28.87
CA ASP G 345 -26.11 57.70 29.33
C ASP G 345 -24.62 57.71 29.64
N ILE G 346 -24.11 58.89 30.03
CA ILE G 346 -22.72 59.02 30.44
C ILE G 346 -22.49 58.36 31.79
N ASP G 347 -23.42 58.57 32.74
CA ASP G 347 -23.35 57.85 34.01
C ASP G 347 -23.50 56.35 33.79
N ASP G 348 -24.27 55.95 32.79
CA ASP G 348 -24.27 54.56 32.33
C ASP G 348 -22.91 54.18 31.76
N PHE G 349 -22.26 55.11 31.04
CA PHE G 349 -20.99 54.81 30.39
C PHE G 349 -19.86 54.68 31.40
N ASN G 350 -19.75 55.64 32.33
CA ASN G 350 -18.62 55.66 33.25
C ASN G 350 -18.62 54.49 34.23
N GLU G 351 -19.75 53.82 34.41
CA GLU G 351 -19.82 52.68 35.32
C GLU G 351 -19.23 51.42 34.71
N THR G 352 -19.36 51.22 33.39
CA THR G 352 -18.99 49.93 32.80
C THR G 352 -17.51 49.84 32.41
N LEU G 353 -16.75 50.94 32.44
CA LEU G 353 -15.30 50.80 32.35
C LEU G 353 -14.73 50.20 33.63
N ASN G 354 -15.32 50.56 34.77
CA ASN G 354 -14.83 50.06 36.06
C ASN G 354 -15.16 48.59 36.26
N SER G 355 -16.11 48.04 35.51
CA SER G 355 -16.49 46.65 35.61
C SER G 355 -15.80 45.76 34.57
N ILE G 356 -14.87 46.32 33.82
CA ILE G 356 -14.20 45.61 32.72
C ILE G 356 -12.72 45.54 33.04
N ASN G 357 -12.18 44.32 33.05
CA ASN G 357 -10.76 44.10 33.30
C ASN G 357 -9.97 43.82 32.03
N ILE G 358 -10.64 43.47 30.94
CA ILE G 358 -9.98 43.20 29.66
C ILE G 358 -9.61 44.51 29.00
N ARG G 359 -8.84 44.43 27.91
CA ARG G 359 -8.40 45.61 27.17
C ARG G 359 -9.59 46.36 26.58
N LYS G 360 -9.60 47.68 26.76
CA LYS G 360 -10.70 48.53 26.35
C LYS G 360 -10.26 49.45 25.22
N GLU G 361 -11.22 49.83 24.38
CA GLU G 361 -10.97 50.71 23.25
C GLU G 361 -12.19 51.58 23.01
N VAL G 362 -11.95 52.86 22.69
CA VAL G 362 -13.00 53.82 22.40
C VAL G 362 -12.82 54.34 20.98
N TYR G 363 -13.88 54.26 20.18
CA TYR G 363 -13.89 54.82 18.82
C TYR G 363 -15.02 55.83 18.76
N GLN G 364 -14.66 57.11 18.90
CA GLN G 364 -15.64 58.19 18.91
C GLN G 364 -15.77 58.78 17.51
N PHE G 365 -17.00 58.89 17.03
CA PHE G 365 -17.31 59.49 15.74
C PHE G 365 -18.43 60.50 15.95
N TYR G 366 -18.09 61.77 15.85
CA TYR G 366 -18.98 62.86 16.24
C TYR G 366 -18.91 63.98 15.22
N THR G 367 -19.80 64.95 15.38
CA THR G 367 -19.90 66.08 14.47
C THR G 367 -19.59 67.40 15.15
N GLU G 368 -20.24 67.70 16.28
CA GLU G 368 -20.09 69.00 16.92
C GLU G 368 -19.50 68.91 18.32
N ASN G 369 -20.04 68.06 19.18
CA ASN G 369 -19.67 68.05 20.60
C ASN G 369 -18.95 66.76 20.95
N CYS G 370 -17.81 66.88 21.63
CA CYS G 370 -17.04 65.75 22.13
C CYS G 370 -17.32 65.55 23.61
N LEU G 371 -17.19 64.30 24.06
CA LEU G 371 -17.40 63.95 25.46
C LEU G 371 -16.06 63.58 26.07
N ASP G 372 -15.83 64.05 27.30
CA ASP G 372 -14.52 63.89 27.95
C ASP G 372 -14.36 62.45 28.40
N ILE G 373 -13.78 61.64 27.53
CA ILE G 373 -13.46 60.24 27.83
C ILE G 373 -12.12 60.25 28.56
N PRO G 374 -11.94 59.46 29.62
CA PRO G 374 -10.66 59.46 30.35
C PRO G 374 -9.49 59.06 29.47
N SER G 375 -8.35 59.70 29.72
CA SER G 375 -7.24 59.70 28.76
C SER G 375 -6.43 58.42 28.75
N GLN G 376 -6.51 57.60 29.79
CA GLN G 376 -5.69 56.39 29.84
C GLN G 376 -6.31 55.22 29.08
N LEU G 377 -7.50 55.39 28.49
CA LEU G 377 -7.95 54.44 27.49
C LEU G 377 -7.45 54.84 26.10
N PRO G 378 -7.29 53.88 25.19
CA PRO G 378 -6.99 54.22 23.80
C PRO G 378 -8.19 54.86 23.12
N GLN G 379 -7.98 56.06 22.59
CA GLN G 379 -9.05 56.87 22.04
C GLN G 379 -8.88 57.07 20.55
N VAL G 380 -10.00 57.09 19.83
CA VAL G 380 -10.06 57.54 18.45
C VAL G 380 -11.25 58.50 18.36
N ASN G 381 -10.97 59.79 18.27
CA ASN G 381 -12.00 60.83 18.22
C ASN G 381 -11.94 61.50 16.86
N ILE G 382 -13.00 61.33 16.07
CA ILE G 382 -12.99 61.73 14.66
C ILE G 382 -14.20 62.62 14.38
N GLN G 383 -13.94 63.84 13.91
CA GLN G 383 -15.00 64.67 13.35
C GLN G 383 -15.49 64.14 12.02
N VAL G 384 -16.81 64.19 11.82
CA VAL G 384 -17.43 63.95 10.53
C VAL G 384 -18.45 65.04 10.28
N LYS G 385 -18.84 65.21 9.02
CA LYS G 385 -19.87 66.18 8.68
C LYS G 385 -21.25 65.73 9.17
N ASP G 386 -21.70 64.58 8.70
CA ASP G 386 -22.96 64.00 9.12
C ASP G 386 -22.74 62.52 9.44
N PHE G 387 -23.83 61.85 9.81
CA PHE G 387 -23.77 60.46 10.24
C PHE G 387 -23.49 59.49 9.10
N ALA G 388 -23.59 59.92 7.85
CA ALA G 388 -23.40 59.02 6.73
C ALA G 388 -21.94 58.61 6.57
N ASP G 389 -21.00 59.46 6.98
CA ASP G 389 -19.58 59.15 6.84
C ASP G 389 -19.10 58.13 7.86
N ILE G 390 -19.81 57.99 8.99
CA ILE G 390 -19.34 57.12 10.07
C ILE G 390 -19.34 55.66 9.63
N LYS G 391 -20.31 55.26 8.81
CA LYS G 391 -20.37 53.89 8.31
C LYS G 391 -19.16 53.54 7.46
N GLU G 392 -18.70 54.49 6.63
CA GLU G 392 -17.60 54.21 5.72
C GLU G 392 -16.24 54.16 6.40
N ILE G 393 -16.13 54.63 7.64
CA ILE G 393 -14.86 54.54 8.37
C ILE G 393 -14.78 53.25 9.19
N VAL G 394 -15.87 52.87 9.84
CA VAL G 394 -15.88 51.66 10.64
C VAL G 394 -16.06 50.43 9.75
N LYS H 151 51.53 40.95 43.37
CA LYS H 151 51.47 40.64 41.95
C LYS H 151 50.18 41.14 41.33
N SER H 152 49.90 40.72 40.10
CA SER H 152 48.70 41.14 39.40
C SER H 152 47.48 40.41 39.94
N PHE H 153 46.30 40.90 39.54
CA PHE H 153 45.05 40.27 39.97
C PHE H 153 44.89 38.88 39.38
N ASP H 154 45.20 38.71 38.10
CA ASP H 154 45.06 37.42 37.45
C ASP H 154 46.18 36.45 37.81
N ASP H 155 47.32 36.95 38.28
CA ASP H 155 48.47 36.11 38.57
C ASP H 155 48.38 35.42 39.93
N GLN H 156 47.35 35.71 40.72
CA GLN H 156 47.13 35.04 41.99
C GLN H 156 45.81 34.29 42.06
N LYS H 157 45.00 34.33 41.00
CA LYS H 157 43.73 33.63 41.02
C LYS H 157 43.92 32.11 40.92
N LYS H 158 44.80 31.66 40.03
CA LYS H 158 44.99 30.24 39.80
C LYS H 158 45.93 29.58 40.79
N GLU H 159 46.47 30.34 41.76
CA GLU H 159 47.31 29.76 42.80
C GLU H 159 46.58 29.53 44.12
N THR H 160 45.62 30.39 44.44
CA THR H 160 44.89 30.25 45.71
C THR H 160 43.88 29.11 45.65
N ILE H 161 43.37 28.80 44.46
CA ILE H 161 42.39 27.71 44.34
C ILE H 161 43.06 26.36 44.55
N GLN H 162 44.26 26.16 44.00
CA GLN H 162 44.90 24.85 44.06
C GLN H 162 45.40 24.48 45.46
N ILE H 163 45.64 25.45 46.34
CA ILE H 163 46.20 25.11 47.64
C ILE H 163 45.15 24.57 48.60
N ILE H 164 43.87 24.84 48.37
CA ILE H 164 42.80 24.26 49.17
C ILE H 164 41.87 23.35 48.37
N LYS H 165 42.10 23.21 47.06
CA LYS H 165 41.40 22.19 46.28
C LYS H 165 41.83 20.80 46.71
N ASN H 166 43.14 20.58 46.82
CA ASN H 166 43.67 19.30 47.27
C ASN H 166 43.58 19.11 48.77
N HIS H 167 43.41 20.21 49.52
CA HIS H 167 43.32 20.09 50.98
C HIS H 167 42.00 19.49 51.41
N PHE H 168 40.91 19.83 50.72
CA PHE H 168 39.59 19.32 51.05
C PHE H 168 39.13 18.22 50.11
N GLN H 169 39.81 18.02 48.97
CA GLN H 169 39.51 16.99 47.98
C GLN H 169 38.07 17.11 47.47
N CYS H 170 37.77 18.28 46.90
CA CYS H 170 36.43 18.62 46.45
C CYS H 170 36.46 18.99 44.97
N GLU H 171 35.32 19.45 44.46
CA GLU H 171 35.15 19.77 43.06
C GLU H 171 35.51 21.24 42.80
N ASP H 172 35.26 21.71 41.58
CA ASP H 172 35.70 23.04 41.18
C ASP H 172 34.83 24.13 41.80
N TYR H 173 33.51 23.93 41.85
CA TYR H 173 32.64 24.92 42.47
C TYR H 173 32.80 24.94 43.99
N GLU H 174 33.21 23.82 44.57
CA GLU H 174 33.30 23.68 46.01
C GLU H 174 34.49 24.42 46.61
N ALA H 175 35.44 24.87 45.79
CA ALA H 175 36.58 25.63 46.24
C ALA H 175 36.62 27.06 45.70
N GLU H 176 36.13 27.27 44.48
CA GLU H 176 36.13 28.61 43.89
C GLU H 176 34.98 29.46 44.43
N HIS H 177 33.75 29.00 44.22
CA HIS H 177 32.58 29.77 44.63
C HIS H 177 32.20 29.55 46.09
N TYR H 178 32.88 28.66 46.80
CA TYR H 178 32.51 28.32 48.17
C TYR H 178 33.62 28.55 49.18
N LEU H 179 34.87 28.22 48.84
CA LEU H 179 35.98 28.34 49.78
C LEU H 179 36.86 29.55 49.51
N TYR H 180 37.06 29.91 48.24
CA TYR H 180 37.83 31.11 47.92
C TYR H 180 37.09 32.37 48.35
N SER H 181 35.76 32.37 48.22
CA SER H 181 34.96 33.53 48.62
C SER H 181 34.96 33.71 50.13
N ASN H 182 34.81 32.63 50.88
CA ASN H 182 34.73 32.74 52.34
C ASN H 182 36.08 33.08 52.96
N ALA H 183 37.17 32.57 52.38
CA ALA H 183 38.49 32.81 52.95
C ALA H 183 38.99 34.22 52.73
N PHE H 184 38.43 34.95 51.77
CA PHE H 184 38.92 36.29 51.45
C PHE H 184 38.46 37.29 52.52
N ARG H 185 37.20 37.21 52.96
CA ARG H 185 36.71 38.21 53.90
C ARG H 185 37.31 38.01 55.29
N LYS H 186 37.48 36.75 55.71
CA LYS H 186 38.13 36.48 57.00
C LYS H 186 39.59 36.89 56.99
N THR H 187 40.25 36.78 55.83
CA THR H 187 41.56 37.41 55.67
C THR H 187 41.44 38.93 55.73
N TYR H 188 40.39 39.49 55.12
CA TYR H 188 40.21 40.94 55.12
C TYR H 188 39.73 41.44 56.48
N ASP H 189 39.00 40.60 57.23
CA ASP H 189 38.47 41.03 58.53
C ASP H 189 39.58 41.28 59.54
N ILE H 190 40.60 40.42 59.56
CA ILE H 190 41.73 40.64 60.46
C ILE H 190 42.67 41.69 59.90
N SER H 191 42.69 41.88 58.58
CA SER H 191 43.55 42.90 57.99
C SER H 191 42.99 44.31 58.21
N CYS H 192 41.67 44.45 58.19
CA CYS H 192 41.02 45.74 58.40
C CYS H 192 40.80 46.09 59.87
N ASN H 193 41.17 45.18 60.79
CA ASN H 193 41.02 45.45 62.20
C ASN H 193 42.02 46.51 62.65
N LYS H 194 41.60 47.31 63.64
CA LYS H 194 42.43 48.43 64.08
C LYS H 194 43.63 47.96 64.90
N LYS H 195 43.45 46.93 65.73
CA LYS H 195 44.49 46.50 66.65
C LYS H 195 45.07 45.14 66.28
N ASP H 196 44.25 44.11 66.14
CA ASP H 196 44.73 42.75 65.89
C ASP H 196 44.80 42.53 64.38
N ARG H 197 46.01 42.62 63.84
CA ARG H 197 46.24 42.44 62.40
C ARG H 197 46.74 41.05 62.06
N ARG H 198 47.69 40.52 62.82
CA ARG H 198 48.28 39.20 62.56
C ARG H 198 47.74 38.21 63.56
N ILE H 199 46.98 37.23 63.08
CA ILE H 199 46.44 36.15 63.91
C ILE H 199 46.97 34.83 63.37
N LYS H 200 46.85 33.79 64.19
CA LYS H 200 47.27 32.46 63.79
C LYS H 200 46.18 31.77 62.99
N LYS H 201 46.58 31.06 61.94
CA LYS H 201 45.66 30.42 61.02
C LYS H 201 45.32 28.98 61.42
N SER H 202 45.48 28.63 62.70
CA SER H 202 45.12 27.30 63.16
C SER H 202 43.61 27.08 63.09
N ASP H 203 42.82 28.09 63.48
CA ASP H 203 41.37 28.02 63.42
C ASP H 203 40.80 28.67 62.16
N PHE H 204 41.67 29.09 61.23
CA PHE H 204 41.18 29.70 60.00
C PHE H 204 40.60 28.67 59.04
N VAL H 205 41.13 27.44 59.06
CA VAL H 205 40.69 26.42 58.12
C VAL H 205 39.31 25.89 58.48
N GLU H 206 38.88 26.00 59.74
CA GLU H 206 37.55 25.53 60.13
C GLU H 206 36.49 26.63 60.07
N SER H 207 36.90 27.90 60.13
CA SER H 207 35.93 28.99 59.99
C SER H 207 35.45 29.12 58.56
N ILE H 208 36.31 28.80 57.58
CA ILE H 208 35.92 28.88 56.17
C ILE H 208 35.16 27.65 55.70
N ASN H 209 35.06 26.61 56.54
CA ASN H 209 34.39 25.37 56.17
C ASN H 209 32.92 25.36 56.53
N LYS H 210 32.38 26.48 57.00
CA LYS H 210 30.95 26.57 57.27
C LYS H 210 30.16 26.49 55.97
N SER H 211 28.94 25.95 56.07
CA SER H 211 28.09 25.76 54.89
C SER H 211 27.62 27.06 54.28
N LYS H 212 27.76 28.18 54.99
CA LYS H 212 27.35 29.47 54.46
C LYS H 212 28.29 29.93 53.36
N VAL H 213 27.73 30.48 52.29
CA VAL H 213 28.52 31.12 51.24
C VAL H 213 28.49 32.61 51.55
N LEU H 214 29.65 33.17 51.84
CA LEU H 214 29.74 34.54 52.31
C LEU H 214 29.74 35.52 51.14
N PHE H 215 29.15 36.68 51.36
CA PHE H 215 29.24 37.76 50.40
C PHE H 215 30.67 38.28 50.35
N ASN H 216 31.12 38.67 49.16
CA ASN H 216 32.40 39.32 48.97
C ASN H 216 32.17 40.64 48.26
N ILE H 217 32.50 41.75 48.94
CA ILE H 217 32.27 43.08 48.40
C ILE H 217 33.22 43.36 47.23
N TRP H 218 34.48 42.96 47.37
CA TRP H 218 35.49 43.26 46.35
C TRP H 218 35.24 42.48 45.06
N PHE H 219 34.56 41.34 45.13
CA PHE H 219 34.05 40.68 43.93
C PHE H 219 32.60 41.06 43.61
N TYR H 220 32.15 42.21 44.09
CA TYR H 220 30.87 42.79 43.68
C TYR H 220 31.03 44.10 42.92
N GLN H 221 32.02 44.92 43.30
CA GLN H 221 32.32 46.14 42.56
C GLN H 221 33.31 45.92 41.43
N TYR H 222 33.93 44.74 41.35
CA TYR H 222 34.90 44.47 40.29
C TYR H 222 34.21 44.10 38.98
N GLU H 223 33.28 43.13 39.04
CA GLU H 223 32.57 42.67 37.85
C GLU H 223 31.12 43.12 37.83
N GLY H 224 30.71 43.95 38.79
CA GLY H 224 29.34 44.42 38.84
C GLY H 224 28.38 43.37 39.38
N ARG H 225 27.10 43.75 39.41
CA ARG H 225 26.04 42.85 39.85
C ARG H 225 25.52 41.96 38.74
N LYS H 226 25.88 42.23 37.48
CA LYS H 226 25.41 41.43 36.37
C LYS H 226 26.24 40.17 36.14
N GLU H 227 27.39 40.05 36.78
CA GLU H 227 28.26 38.89 36.62
C GLU H 227 28.38 38.07 37.91
N TYR H 228 28.43 38.73 39.07
CA TYR H 228 28.51 38.00 40.33
C TYR H 228 27.21 37.24 40.61
N LEU H 229 26.06 37.90 40.41
CA LEU H 229 24.79 37.20 40.54
C LEU H 229 24.63 36.13 39.47
N ARG H 230 25.30 36.31 38.32
CA ARG H 230 25.42 35.22 37.35
C ARG H 230 26.41 34.16 37.83
N LYS H 231 27.38 34.54 38.65
CA LYS H 231 28.42 33.58 39.05
C LYS H 231 27.88 32.50 39.99
N LEU H 232 27.01 32.87 40.94
CA LEU H 232 26.40 31.86 41.78
C LEU H 232 25.18 31.20 41.15
N LYS H 233 24.81 31.60 39.92
CA LYS H 233 23.64 31.01 39.28
C LYS H 233 23.89 29.58 38.84
N GLU H 234 25.04 29.31 38.21
CA GLU H 234 25.38 27.95 37.82
C GLU H 234 26.40 27.32 38.77
N SER H 235 26.59 27.89 39.96
CA SER H 235 27.42 27.27 40.97
C SER H 235 26.60 26.43 41.94
N PHE H 236 25.47 26.95 42.41
CA PHE H 236 24.62 26.24 43.35
C PHE H 236 23.17 26.14 42.92
N ILE H 237 22.75 26.85 41.88
CA ILE H 237 21.34 26.93 41.49
C ILE H 237 21.33 26.23 40.12
N ARG H 238 22.16 25.20 40.00
CA ARG H 238 22.26 24.45 38.74
C ARG H 238 20.95 23.74 38.44
N ARG H 239 20.47 23.89 37.21
CA ARG H 239 19.20 23.33 36.77
C ARG H 239 19.42 22.29 35.70
N SER H 240 18.38 21.51 35.45
CA SER H 240 18.35 20.51 34.38
C SER H 240 17.13 20.77 33.51
N VAL H 241 16.97 19.96 32.47
CA VAL H 241 15.78 20.06 31.64
C VAL H 241 14.55 19.62 32.42
N ASN H 242 14.65 18.49 33.12
CA ASN H 242 13.55 17.95 33.92
C ASN H 242 13.85 18.22 35.39
N THR H 243 13.02 19.03 36.02
CA THR H 243 13.14 19.31 37.45
C THR H 243 12.35 18.26 38.23
N SER H 244 13.01 17.57 39.14
CA SER H 244 12.37 16.48 39.86
C SER H 244 11.41 17.02 40.90
N PRO H 245 10.32 16.30 41.18
CA PRO H 245 9.37 16.76 42.20
C PRO H 245 9.90 16.61 43.62
N TYR H 246 10.79 17.51 44.02
CA TYR H 246 11.37 17.50 45.36
C TYR H 246 10.75 18.61 46.20
N ALA H 247 10.82 18.43 47.52
CA ALA H 247 10.31 19.41 48.47
C ALA H 247 11.38 20.47 48.69
N ARG H 248 11.30 21.54 47.90
CA ARG H 248 12.29 22.61 47.95
C ARG H 248 11.86 23.69 48.93
N PHE H 249 12.77 24.07 49.82
CA PHE H 249 12.52 25.07 50.85
C PHE H 249 13.32 26.32 50.53
N PHE H 250 12.63 27.46 50.46
CA PHE H 250 13.26 28.74 50.17
C PHE H 250 13.11 29.64 51.38
N ILE H 251 14.20 29.80 52.12
CA ILE H 251 14.22 30.62 53.33
C ILE H 251 14.87 31.95 52.97
N LEU H 252 14.08 33.02 53.01
CA LEU H 252 14.53 34.34 52.62
C LEU H 252 14.39 35.31 53.79
N GLU H 253 15.32 36.25 53.89
CA GLU H 253 15.37 37.18 55.01
C GLU H 253 14.53 38.42 54.70
N PHE H 254 13.43 38.57 55.43
CA PHE H 254 12.63 39.79 55.42
C PHE H 254 13.12 40.72 56.52
N GLN H 255 13.46 41.95 56.15
CA GLN H 255 13.75 43.00 57.11
C GLN H 255 12.79 44.16 56.89
N ASP H 256 12.67 45.01 57.91
CA ASP H 256 11.73 46.12 57.86
C ASP H 256 12.12 47.18 56.82
N LYS H 257 13.40 47.26 56.47
CA LYS H 257 13.84 48.17 55.43
C LYS H 257 13.49 47.69 54.02
N THR H 258 13.09 46.43 53.87
CA THR H 258 12.72 45.88 52.57
C THR H 258 11.25 46.14 52.31
N ASP H 259 10.95 46.77 51.17
CA ASP H 259 9.58 47.05 50.79
C ASP H 259 8.87 45.77 50.35
N ILE H 260 7.54 45.86 50.25
CA ILE H 260 6.72 44.68 49.99
C ILE H 260 6.74 44.28 48.51
N LYS H 261 7.03 45.21 47.61
CA LYS H 261 6.98 44.90 46.19
C LYS H 261 8.14 43.99 45.77
N THR H 262 9.36 44.27 46.24
CA THR H 262 10.51 43.51 45.78
C THR H 262 10.56 42.10 46.35
N VAL H 263 10.07 41.90 47.58
CA VAL H 263 9.97 40.55 48.10
C VAL H 263 8.87 39.78 47.38
N LYS H 264 7.79 40.48 47.01
CA LYS H 264 6.74 39.87 46.19
C LYS H 264 7.27 39.44 44.84
N ASP H 265 8.10 40.27 44.21
CA ASP H 265 8.65 39.95 42.89
C ASP H 265 9.58 38.74 42.94
N CYS H 266 10.19 38.48 44.10
CA CYS H 266 10.96 37.25 44.28
C CYS H 266 10.05 36.04 44.43
N ILE H 267 8.88 36.21 45.03
CA ILE H 267 7.97 35.08 45.25
C ILE H 267 7.42 34.57 43.92
N TYR H 268 7.03 35.47 43.02
CA TYR H 268 6.63 35.03 41.68
C TYR H 268 7.79 34.44 40.90
N LYS H 269 9.01 34.89 41.16
CA LYS H 269 10.17 34.32 40.49
C LYS H 269 10.45 32.91 41.00
N ILE H 270 10.30 32.69 42.31
CA ILE H 270 10.50 31.35 42.87
C ILE H 270 9.36 30.42 42.46
N GLN H 271 8.12 30.91 42.51
CA GLN H 271 6.97 30.07 42.20
C GLN H 271 6.93 29.67 40.73
N SER H 272 7.40 30.53 39.83
CA SER H 272 7.40 30.18 38.41
C SER H 272 8.46 29.15 38.09
N ASN H 273 9.67 29.31 38.65
CA ASN H 273 10.78 28.44 38.30
C ASN H 273 10.67 27.08 38.98
N TRP H 274 10.28 27.04 40.24
CA TRP H 274 10.39 25.83 41.06
C TRP H 274 9.04 25.19 41.34
N SER H 275 8.10 25.29 40.40
CA SER H 275 6.81 24.62 40.55
C SER H 275 6.31 24.21 39.17
N ASN H 276 5.72 23.02 39.10
CA ASN H 276 5.05 22.53 37.90
C ASN H 276 3.62 22.23 38.30
N LEU H 277 2.78 23.26 38.23
CA LEU H 277 1.34 23.13 38.48
C LEU H 277 0.57 22.83 37.23
N SER H 278 1.20 22.19 36.25
CA SER H 278 0.54 21.85 35.00
C SER H 278 -0.57 20.84 35.25
N LYS H 279 -1.69 21.05 34.57
CA LYS H 279 -2.91 20.34 34.89
C LYS H 279 -2.89 18.88 34.40
N ARG H 280 -1.98 18.54 33.49
CA ARG H 280 -1.80 17.16 33.04
C ARG H 280 -0.68 16.43 33.76
N THR H 281 -0.04 17.03 34.76
CA THR H 281 1.01 16.34 35.51
C THR H 281 0.39 15.32 36.46
N ASP H 282 1.04 14.16 36.57
CA ASP H 282 0.66 13.18 37.57
C ASP H 282 1.28 13.44 38.95
N ARG H 283 2.42 14.12 39.00
CA ARG H 283 3.13 14.39 40.25
C ARG H 283 3.53 15.85 40.32
N PRO H 284 2.59 16.73 40.66
CA PRO H 284 2.91 18.16 40.73
C PRO H 284 3.72 18.49 41.98
N TYR H 285 4.46 19.60 41.91
CA TYR H 285 5.28 20.05 43.03
C TYR H 285 5.20 21.56 43.14
N SER H 286 5.37 22.05 44.37
CA SER H 286 5.34 23.47 44.70
C SER H 286 6.43 23.76 45.72
N PRO H 287 7.00 24.95 45.70
CA PRO H 287 8.05 25.28 46.66
C PRO H 287 7.49 25.72 48.00
N PHE H 288 8.29 25.49 49.04
CA PHE H 288 8.00 25.95 50.39
C PHE H 288 8.76 27.25 50.65
N LEU H 289 8.07 28.26 51.18
CA LEU H 289 8.66 29.56 51.42
C LEU H 289 8.70 29.84 52.92
N LEU H 290 9.87 30.24 53.41
CA LEU H 290 10.07 30.64 54.80
C LEU H 290 10.55 32.08 54.83
N PHE H 291 9.97 32.88 55.72
CA PHE H 291 10.39 34.26 55.91
C PHE H 291 10.62 34.51 57.39
N HIS H 292 11.71 35.21 57.70
CA HIS H 292 12.15 35.41 59.07
C HIS H 292 12.75 36.80 59.22
N GLY H 293 12.96 37.21 60.47
CA GLY H 293 13.54 38.50 60.76
C GLY H 293 12.60 39.67 60.66
N THR H 294 11.31 39.42 60.46
CA THR H 294 10.32 40.47 60.30
C THR H 294 9.26 40.37 61.38
N SER H 295 8.59 41.49 61.63
CA SER H 295 7.45 41.49 62.53
C SER H 295 6.27 40.74 61.90
N ASP H 296 5.39 40.22 62.75
CA ASP H 296 4.23 39.49 62.25
C ASP H 296 3.25 40.39 61.54
N ALA H 297 3.14 41.66 61.97
CA ALA H 297 2.25 42.60 61.30
C ALA H 297 2.73 42.90 59.89
N ASN H 298 4.05 43.04 59.70
CA ASN H 298 4.60 43.24 58.36
C ASN H 298 4.54 41.96 57.54
N LEU H 299 4.65 40.80 58.19
CA LEU H 299 4.62 39.54 57.47
C LEU H 299 3.21 39.20 57.00
N TYR H 300 2.20 39.53 57.81
CA TYR H 300 0.82 39.24 57.43
C TYR H 300 0.34 40.13 56.29
N GLU H 301 0.92 41.32 56.15
CA GLU H 301 0.56 42.21 55.05
C GLU H 301 1.06 41.65 53.72
N LEU H 302 2.24 41.03 53.71
CA LEU H 302 2.73 40.33 52.52
C LEU H 302 1.83 39.14 52.19
N LYS H 303 1.42 38.39 53.22
CA LYS H 303 0.54 37.25 53.01
C LYS H 303 -0.83 37.68 52.51
N ASN H 304 -1.32 38.83 52.97
CA ASN H 304 -2.65 39.29 52.57
C ASN H 304 -2.65 39.78 51.13
N GLN H 305 -1.57 40.41 50.68
CA GLN H 305 -1.52 40.93 49.32
C GLN H 305 -1.43 39.82 48.29
N LEU H 306 -0.74 38.72 48.62
CA LEU H 306 -0.57 37.63 47.67
C LEU H 306 -1.88 36.91 47.38
N PHE H 307 -2.79 36.86 48.35
CA PHE H 307 -4.05 36.17 48.14
C PHE H 307 -5.01 36.97 47.27
N ASN H 308 -4.89 38.30 47.29
CA ASN H 308 -5.80 39.14 46.52
C ASN H 308 -5.54 39.05 45.02
N GLU H 309 -4.31 38.77 44.61
CA GLU H 309 -3.96 38.63 43.21
C GLU H 309 -3.86 37.18 42.76
N ASP H 310 -4.69 36.31 43.35
CA ASP H 310 -4.89 34.93 42.91
C ASP H 310 -3.63 34.08 42.98
N LEU H 311 -2.74 34.38 43.93
CA LEU H 311 -1.60 33.50 44.23
C LEU H 311 -1.95 32.72 45.50
N ILE H 312 -2.73 31.65 45.30
CA ILE H 312 -3.27 30.89 46.43
C ILE H 312 -2.16 30.06 47.07
N PHE H 313 -2.08 30.12 48.39
CA PHE H 313 -1.05 29.41 49.14
C PHE H 313 -1.69 28.78 50.38
N THR H 314 -0.88 28.05 51.14
CA THR H 314 -1.32 27.44 52.39
C THR H 314 -0.21 27.58 53.43
N ASP H 315 -0.62 27.62 54.71
CA ASP H 315 0.34 27.68 55.81
C ASP H 315 0.08 26.67 56.90
N GLY H 316 -0.93 25.82 56.77
CA GLY H 316 -1.31 24.94 57.85
C GLY H 316 -2.23 25.57 58.87
N TYR H 317 -2.77 26.76 58.60
CA TYR H 317 -3.73 27.44 59.48
C TYR H 317 -4.96 27.79 58.66
N PRO H 318 -5.87 26.84 58.45
CA PRO H 318 -7.06 27.12 57.64
C PRO H 318 -8.14 27.93 58.36
N PHE H 319 -7.99 28.19 59.66
CA PHE H 319 -8.96 28.96 60.43
C PHE H 319 -8.28 29.47 61.69
N LYS H 320 -8.95 30.39 62.39
CA LYS H 320 -8.47 30.81 63.69
C LYS H 320 -8.56 29.69 64.71
N GLY H 321 -7.56 29.60 65.58
CA GLY H 321 -7.49 28.58 66.58
C GLY H 321 -6.97 27.25 66.10
N SER H 322 -6.68 27.12 64.81
CA SER H 322 -6.13 25.88 64.30
C SER H 322 -4.68 25.74 64.74
N VAL H 323 -4.35 24.56 65.28
CA VAL H 323 -2.94 24.24 65.47
C VAL H 323 -2.28 24.06 64.10
N PHE H 324 -0.96 24.18 64.08
CA PHE H 324 -0.23 24.07 62.83
C PHE H 324 -0.29 22.61 62.37
N THR H 325 -1.03 22.35 61.30
CA THR H 325 -1.13 21.01 60.74
C THR H 325 -0.09 20.88 59.64
N PRO H 326 0.95 20.06 59.81
CA PRO H 326 1.94 19.88 58.74
C PRO H 326 1.39 19.20 57.52
N LYS H 327 0.31 18.44 57.65
CA LYS H 327 -0.25 17.69 56.53
C LYS H 327 -0.83 18.59 55.46
N MET H 328 -1.40 19.74 55.86
CA MET H 328 -1.96 20.67 54.88
C MET H 328 -0.90 21.25 53.96
N LEU H 329 0.34 21.36 54.44
CA LEU H 329 1.43 21.73 53.56
C LEU H 329 1.79 20.59 52.60
N ILE H 330 1.61 19.34 53.03
CA ILE H 330 1.92 18.20 52.19
C ILE H 330 0.91 18.08 51.04
N GLU H 331 -0.38 18.32 51.33
CA GLU H 331 -1.39 18.30 50.28
C GLU H 331 -1.17 19.43 49.28
N GLY H 332 -0.76 20.61 49.77
CA GLY H 332 -0.45 21.72 48.89
C GLY H 332 0.76 21.48 48.00
N PHE H 333 1.65 20.57 48.40
CA PHE H 333 2.74 20.16 47.52
C PHE H 333 2.22 19.42 46.30
N SER H 334 1.18 18.59 46.49
CA SER H 334 0.57 17.84 45.41
C SER H 334 -0.70 18.50 44.89
N ASN H 335 -1.03 19.71 45.34
CA ASN H 335 -2.22 20.41 44.88
C ASN H 335 -1.84 21.34 43.74
N LYS H 336 -2.52 21.20 42.60
CA LYS H 336 -2.29 22.08 41.47
C LYS H 336 -2.89 23.46 41.67
N GLU H 337 -3.90 23.58 42.55
CA GLU H 337 -4.55 24.85 42.82
C GLU H 337 -3.84 25.66 43.89
N ILE H 338 -2.87 25.07 44.59
CA ILE H 338 -2.08 25.78 45.58
C ILE H 338 -0.71 26.05 44.97
N HIS H 339 -0.37 27.33 44.83
CA HIS H 339 0.82 27.72 44.07
C HIS H 339 2.10 27.46 44.86
N PHE H 340 2.10 27.75 46.15
CA PHE H 340 3.29 27.59 46.98
C PHE H 340 2.86 27.46 48.44
N GLN H 341 3.82 27.16 49.31
CA GLN H 341 3.57 27.03 50.73
C GLN H 341 4.23 28.20 51.46
N PHE H 342 3.56 28.68 52.50
CA PHE H 342 4.08 29.73 53.37
C PHE H 342 4.35 29.12 54.74
N ILE H 343 5.63 28.91 55.06
CA ILE H 343 6.01 28.47 56.40
C ILE H 343 6.15 29.71 57.28
N ASN H 344 5.44 29.72 58.42
CA ASN H 344 5.35 30.92 59.22
C ASN H 344 6.64 31.20 59.99
N ASP H 345 7.20 30.18 60.64
CA ASP H 345 8.35 30.38 61.51
C ASP H 345 9.15 29.08 61.61
N ILE H 346 10.16 29.08 62.49
CA ILE H 346 11.01 27.91 62.65
C ILE H 346 10.30 26.79 63.41
N ASP H 347 9.29 27.12 64.23
CA ASP H 347 8.57 26.08 64.94
C ASP H 347 7.68 25.29 63.99
N ASP H 348 7.10 25.95 62.99
CA ASP H 348 6.37 25.26 61.94
C ASP H 348 7.29 24.69 60.88
N PHE H 349 8.54 25.16 60.81
CA PHE H 349 9.46 24.66 59.80
C PHE H 349 9.96 23.27 60.13
N ASN H 350 10.46 23.07 61.35
CA ASN H 350 11.10 21.80 61.71
C ASN H 350 10.11 20.65 61.77
N GLU H 351 8.85 20.93 62.12
CA GLU H 351 7.84 19.88 62.15
C GLU H 351 7.40 19.49 60.74
N THR H 352 7.50 20.40 59.78
CA THR H 352 7.23 20.07 58.38
C THR H 352 8.28 19.11 57.82
N LEU H 353 9.53 19.21 58.30
CA LEU H 353 10.60 18.33 57.84
C LEU H 353 10.32 16.87 58.19
N ASN H 354 9.74 16.62 59.36
CA ASN H 354 9.47 15.25 59.78
C ASN H 354 8.31 14.62 59.03
N SER H 355 7.48 15.41 58.35
CA SER H 355 6.33 14.91 57.62
C SER H 355 6.60 14.66 56.15
N ILE H 356 7.84 14.83 55.69
CA ILE H 356 8.20 14.68 54.28
C ILE H 356 9.18 13.52 54.16
N ASN H 357 8.84 12.55 53.30
CA ASN H 357 9.69 11.39 53.07
C ASN H 357 10.48 11.46 51.76
N ILE H 358 10.07 12.33 50.83
CA ILE H 358 10.75 12.49 49.55
C ILE H 358 11.97 13.37 49.74
N ARG H 359 12.81 13.49 48.71
CA ARG H 359 14.02 14.29 48.79
C ARG H 359 13.71 15.76 49.03
N LYS H 360 14.48 16.38 49.93
CA LYS H 360 14.26 17.74 50.39
C LYS H 360 15.49 18.59 50.10
N GLU H 361 15.27 19.80 49.60
CA GLU H 361 16.33 20.75 49.33
C GLU H 361 16.03 22.07 50.01
N VAL H 362 17.06 22.71 50.56
CA VAL H 362 16.93 23.99 51.25
C VAL H 362 17.74 25.03 50.50
N TYR H 363 17.12 26.16 50.20
CA TYR H 363 17.77 27.27 49.51
C TYR H 363 17.60 28.51 50.39
N GLN H 364 18.67 28.90 51.09
CA GLN H 364 18.63 30.00 52.04
C GLN H 364 19.32 31.22 51.43
N PHE H 365 18.64 32.36 51.48
CA PHE H 365 19.18 33.62 50.99
C PHE H 365 18.90 34.68 52.05
N TYR H 366 19.94 35.43 52.42
CA TYR H 366 19.87 36.28 53.61
C TYR H 366 20.74 37.51 53.40
N THR H 367 20.74 38.38 54.41
CA THR H 367 21.65 39.52 54.45
C THR H 367 22.59 39.47 55.64
N GLU H 368 22.08 39.33 56.86
CA GLU H 368 22.95 39.33 58.04
C GLU H 368 22.70 38.18 59.01
N ASN H 369 21.47 37.72 59.18
CA ASN H 369 21.16 36.60 60.06
C ASN H 369 20.86 35.35 59.26
N CYS H 370 21.12 34.19 59.88
CA CYS H 370 20.88 32.90 59.25
C CYS H 370 20.54 31.89 60.35
N LEU H 371 19.93 30.78 59.93
CA LEU H 371 19.41 29.77 60.84
C LEU H 371 20.26 28.51 60.82
N ASP H 372 20.06 27.70 61.86
CA ASP H 372 20.77 26.42 62.02
C ASP H 372 19.94 25.33 61.33
N ILE H 373 20.05 25.28 60.01
CA ILE H 373 19.40 24.23 59.23
C ILE H 373 20.07 22.89 59.52
N PRO H 374 19.32 21.81 59.72
CA PRO H 374 19.93 20.49 59.97
C PRO H 374 20.83 20.05 58.82
N SER H 375 21.93 19.38 59.17
CA SER H 375 23.05 19.19 58.27
C SER H 375 22.85 18.08 57.24
N GLN H 376 21.95 17.12 57.49
CA GLN H 376 21.75 16.04 56.53
C GLN H 376 21.02 16.52 55.27
N LEU H 377 20.30 17.63 55.35
CA LEU H 377 19.66 18.20 54.18
C LEU H 377 20.68 18.89 53.29
N PRO H 378 20.48 18.86 51.97
CA PRO H 378 21.28 19.70 51.08
C PRO H 378 20.86 21.16 51.22
N GLN H 379 21.79 22.01 51.67
CA GLN H 379 21.52 23.41 51.91
C GLN H 379 22.36 24.28 50.99
N VAL H 380 21.80 25.44 50.62
CA VAL H 380 22.53 26.48 49.91
C VAL H 380 22.24 27.79 50.64
N ASN H 381 23.26 28.34 51.30
CA ASN H 381 23.12 29.57 52.08
C ASN H 381 23.96 30.65 51.42
N ILE H 382 23.29 31.66 50.85
CA ILE H 382 23.95 32.67 50.03
C ILE H 382 23.66 34.04 50.64
N GLN H 383 24.72 34.84 50.83
CA GLN H 383 24.61 36.19 51.35
C GLN H 383 24.55 37.19 50.19
N VAL H 384 23.57 38.10 50.24
CA VAL H 384 23.34 39.12 49.22
C VAL H 384 23.21 40.47 49.91
N LYS H 385 23.29 41.54 49.10
CA LYS H 385 23.10 42.90 49.62
C LYS H 385 21.61 43.24 49.78
N ASP H 386 20.89 43.32 48.68
CA ASP H 386 19.48 43.65 48.68
C ASP H 386 18.65 42.42 48.33
N PHE H 387 17.36 42.48 48.68
CA PHE H 387 16.46 41.37 48.37
C PHE H 387 16.26 41.19 46.88
N ALA H 388 16.48 42.25 46.07
CA ALA H 388 16.38 42.12 44.62
C ALA H 388 17.50 41.26 44.03
N ASP H 389 18.59 41.05 44.77
CA ASP H 389 19.64 40.17 44.29
C ASP H 389 19.22 38.70 44.33
N ILE H 390 18.27 38.36 45.20
CA ILE H 390 17.78 36.99 45.30
C ILE H 390 17.00 36.61 44.04
N LYS H 391 16.35 37.58 43.39
CA LYS H 391 15.56 37.32 42.21
C LYS H 391 16.43 36.84 41.05
N GLU H 392 17.64 37.39 40.91
CA GLU H 392 18.52 37.05 39.80
C GLU H 392 19.35 35.80 40.05
N ILE H 393 19.26 35.18 41.22
CA ILE H 393 19.97 33.95 41.51
C ILE H 393 19.09 32.73 41.30
N VAL H 394 17.87 32.75 41.84
CA VAL H 394 16.94 31.64 41.65
C VAL H 394 16.21 31.78 40.32
N LYS I 151 -37.72 41.95 -48.07
CA LYS I 151 -38.59 41.80 -46.91
C LYS I 151 -39.50 40.59 -47.05
N SER I 152 -38.93 39.40 -46.86
CA SER I 152 -39.66 38.15 -46.96
C SER I 152 -40.30 37.81 -45.63
N PHE I 153 -40.78 36.57 -45.49
CA PHE I 153 -41.39 36.13 -44.23
C PHE I 153 -40.39 36.09 -43.09
N ASP I 154 -39.18 35.58 -43.35
CA ASP I 154 -38.25 35.35 -42.25
C ASP I 154 -37.53 36.63 -41.82
N ASP I 155 -37.08 37.46 -42.77
CA ASP I 155 -36.31 38.64 -42.41
C ASP I 155 -37.17 39.75 -41.81
N GLN I 156 -38.47 39.78 -42.13
CA GLN I 156 -39.38 40.68 -41.43
C GLN I 156 -39.64 40.24 -40.01
N LYS I 157 -39.41 38.95 -39.69
CA LYS I 157 -39.63 38.48 -38.33
C LYS I 157 -38.57 39.00 -37.37
N LYS I 158 -37.32 39.14 -37.82
CA LYS I 158 -36.35 39.78 -36.94
C LYS I 158 -36.42 41.31 -37.00
N GLU I 159 -36.92 41.89 -38.10
CA GLU I 159 -36.97 43.35 -38.21
C GLU I 159 -37.92 43.98 -37.20
N THR I 160 -38.89 43.22 -36.68
CA THR I 160 -39.73 43.68 -35.59
C THR I 160 -39.20 43.27 -34.22
N ILE I 161 -38.05 42.61 -34.15
CA ILE I 161 -37.52 42.15 -32.87
C ILE I 161 -36.70 43.25 -32.19
N GLN I 162 -35.67 43.76 -32.88
CA GLN I 162 -34.83 44.76 -32.22
C GLN I 162 -35.52 46.11 -32.11
N ILE I 163 -36.47 46.42 -33.00
CA ILE I 163 -37.23 47.65 -32.84
C ILE I 163 -38.15 47.56 -31.62
N ILE I 164 -38.57 46.34 -31.24
CA ILE I 164 -39.17 46.14 -29.94
C ILE I 164 -38.11 46.26 -28.84
N LYS I 165 -36.94 45.67 -29.07
CA LYS I 165 -35.85 45.73 -28.10
C LYS I 165 -35.30 47.14 -27.96
N ASN I 166 -35.35 47.95 -29.01
CA ASN I 166 -34.88 49.33 -28.90
C ASN I 166 -35.87 50.18 -28.10
N HIS I 167 -37.16 49.83 -28.14
CA HIS I 167 -38.17 50.61 -27.43
C HIS I 167 -38.06 50.36 -25.93
N PHE I 168 -37.90 49.10 -25.53
CA PHE I 168 -37.99 48.74 -24.12
C PHE I 168 -36.64 48.53 -23.45
N GLN I 169 -35.57 48.32 -24.23
CA GLN I 169 -34.22 48.06 -23.72
C GLN I 169 -34.20 46.86 -22.76
N CYS I 170 -34.94 45.82 -23.11
CA CYS I 170 -35.13 44.65 -22.27
C CYS I 170 -34.38 43.45 -22.85
N GLU I 171 -34.56 42.29 -22.23
CA GLU I 171 -33.89 41.07 -22.65
C GLU I 171 -34.53 40.52 -23.92
N ASP I 172 -33.88 39.50 -24.49
CA ASP I 172 -34.32 38.92 -25.76
C ASP I 172 -35.21 37.70 -25.60
N TYR I 173 -35.24 37.07 -24.42
CA TYR I 173 -36.05 35.87 -24.24
C TYR I 173 -37.54 36.20 -24.23
N GLU I 174 -37.90 37.34 -23.65
CA GLU I 174 -39.28 37.80 -23.66
C GLU I 174 -39.57 38.82 -24.76
N ALA I 175 -38.55 39.23 -25.51
CA ALA I 175 -38.78 40.09 -26.67
C ALA I 175 -39.34 39.30 -27.85
N GLU I 176 -39.00 38.02 -27.96
CA GLU I 176 -39.47 37.17 -29.04
C GLU I 176 -40.59 36.23 -28.62
N HIS I 177 -40.80 36.04 -27.31
CA HIS I 177 -41.82 35.13 -26.82
C HIS I 177 -42.93 35.80 -26.02
N TYR I 178 -42.69 36.98 -25.44
CA TYR I 178 -43.70 37.67 -24.66
C TYR I 178 -44.12 38.99 -25.31
N LEU I 179 -43.17 39.86 -25.64
CA LEU I 179 -43.51 41.12 -26.29
C LEU I 179 -43.88 40.91 -27.76
N TYR I 180 -43.37 39.85 -28.38
CA TYR I 180 -43.64 39.60 -29.79
C TYR I 180 -45.07 39.12 -30.01
N SER I 181 -45.54 38.20 -29.14
CA SER I 181 -46.84 37.57 -29.37
C SER I 181 -48.01 38.49 -29.01
N ASN I 182 -47.81 39.43 -28.08
CA ASN I 182 -48.90 40.31 -27.68
C ASN I 182 -49.28 41.30 -28.77
N ALA I 183 -48.32 41.68 -29.62
CA ALA I 183 -48.61 42.64 -30.69
C ALA I 183 -49.51 42.02 -31.76
N PHE I 184 -49.33 40.73 -32.05
CA PHE I 184 -50.11 40.08 -33.10
C PHE I 184 -51.53 39.81 -32.60
N ARG I 185 -51.69 39.52 -31.30
CA ARG I 185 -53.01 39.30 -30.73
C ARG I 185 -53.85 40.57 -30.78
N LYS I 186 -53.24 41.73 -30.53
CA LYS I 186 -53.98 42.99 -30.65
C LYS I 186 -54.21 43.33 -32.12
N THR I 187 -53.32 42.87 -33.01
CA THR I 187 -53.45 43.16 -34.44
C THR I 187 -54.72 42.53 -35.02
N TYR I 188 -54.99 41.27 -34.66
CA TYR I 188 -56.24 40.67 -35.09
C TYR I 188 -57.43 41.21 -34.30
N ASP I 189 -57.20 41.70 -33.07
CA ASP I 189 -58.28 42.27 -32.29
C ASP I 189 -58.83 43.55 -32.90
N ILE I 190 -58.01 44.27 -33.68
CA ILE I 190 -58.49 45.43 -34.42
C ILE I 190 -58.76 45.12 -35.88
N SER I 191 -58.64 43.85 -36.29
CA SER I 191 -58.96 43.48 -37.66
C SER I 191 -60.47 43.40 -37.89
N CYS I 192 -61.25 43.13 -36.83
CA CYS I 192 -62.69 43.08 -36.97
C CYS I 192 -63.27 44.47 -37.20
N ASN I 193 -62.83 45.45 -36.42
CA ASN I 193 -63.21 46.85 -36.59
C ASN I 193 -61.92 47.61 -36.84
N LYS I 194 -61.69 48.00 -38.10
CA LYS I 194 -60.41 48.53 -38.55
C LYS I 194 -60.52 49.99 -38.97
N LYS I 195 -61.22 50.80 -38.17
CA LYS I 195 -61.34 52.22 -38.44
C LYS I 195 -60.12 53.02 -37.99
N ASP I 196 -59.17 52.39 -37.32
CA ASP I 196 -58.00 53.07 -36.76
C ASP I 196 -56.74 52.46 -37.37
N ARG I 197 -56.03 53.27 -38.15
CA ARG I 197 -54.72 52.89 -38.68
C ARG I 197 -53.58 53.69 -38.09
N ARG I 198 -53.85 54.87 -37.53
CA ARG I 198 -52.84 55.71 -36.89
C ARG I 198 -53.19 55.81 -35.41
N ILE I 199 -52.49 55.02 -34.59
CA ILE I 199 -52.72 54.97 -33.16
C ILE I 199 -51.44 55.42 -32.46
N LYS I 200 -51.58 56.31 -31.47
CA LYS I 200 -50.43 56.80 -30.73
C LYS I 200 -49.80 55.67 -29.91
N LYS I 201 -48.50 55.80 -29.68
CA LYS I 201 -47.74 54.76 -28.98
C LYS I 201 -48.05 54.69 -27.50
N SER I 202 -48.76 55.67 -26.93
CA SER I 202 -49.13 55.63 -25.52
C SER I 202 -50.34 54.74 -25.25
N ASP I 203 -51.00 54.23 -26.28
CA ASP I 203 -52.17 53.38 -26.12
C ASP I 203 -51.95 51.97 -26.67
N PHE I 204 -51.47 51.86 -27.91
CA PHE I 204 -51.27 50.54 -28.52
C PHE I 204 -50.13 49.79 -27.85
N VAL I 205 -48.99 50.44 -27.66
CA VAL I 205 -47.83 49.77 -27.06
C VAL I 205 -48.07 49.54 -25.57
N GLU I 206 -48.83 50.43 -24.91
CA GLU I 206 -49.17 50.22 -23.51
C GLU I 206 -50.07 49.01 -23.33
N SER I 207 -51.01 48.80 -24.25
CA SER I 207 -51.95 47.69 -24.13
C SER I 207 -51.26 46.34 -24.28
N ILE I 208 -50.30 46.24 -25.20
CA ILE I 208 -49.62 44.96 -25.41
C ILE I 208 -48.57 44.69 -24.34
N ASN I 209 -48.10 45.72 -23.64
CA ASN I 209 -47.09 45.55 -22.59
C ASN I 209 -47.75 45.27 -21.24
N LYS I 210 -48.53 44.19 -21.21
CA LYS I 210 -49.14 43.72 -19.99
C LYS I 210 -48.19 42.76 -19.27
N SER I 211 -48.67 42.17 -18.19
CA SER I 211 -47.95 41.09 -17.52
C SER I 211 -48.40 39.72 -18.01
N LYS I 212 -49.12 39.67 -19.12
CA LYS I 212 -49.76 38.46 -19.60
C LYS I 212 -49.20 38.08 -20.96
N VAL I 213 -49.19 36.78 -21.23
CA VAL I 213 -48.81 36.25 -22.54
C VAL I 213 -50.02 35.52 -23.11
N LEU I 214 -50.46 35.95 -24.29
CA LEU I 214 -51.68 35.43 -24.89
C LEU I 214 -51.36 34.33 -25.90
N PHE I 215 -52.40 33.63 -26.31
CA PHE I 215 -52.29 32.44 -27.15
C PHE I 215 -52.53 32.81 -28.61
N ASN I 216 -51.49 32.70 -29.42
CA ASN I 216 -51.58 33.01 -30.84
C ASN I 216 -51.91 31.75 -31.62
N ILE I 217 -53.07 31.75 -32.30
CA ILE I 217 -53.51 30.59 -33.05
C ILE I 217 -52.64 30.36 -34.28
N TRP I 218 -52.22 31.44 -34.94
CA TRP I 218 -51.39 31.32 -36.13
C TRP I 218 -50.00 30.79 -35.81
N PHE I 219 -49.42 31.23 -34.69
CA PHE I 219 -48.16 30.65 -34.23
C PHE I 219 -48.35 29.24 -33.69
N TYR I 220 -49.57 28.90 -33.24
CA TYR I 220 -49.86 27.54 -32.81
C TYR I 220 -49.79 26.56 -33.97
N GLN I 221 -50.25 26.98 -35.15
CA GLN I 221 -50.30 26.10 -36.30
C GLN I 221 -49.00 26.04 -37.09
N TYR I 222 -48.22 27.13 -37.09
CA TYR I 222 -46.99 27.14 -37.87
C TYR I 222 -45.88 26.40 -37.11
N GLU I 223 -45.77 26.60 -35.79
CA GLU I 223 -44.88 25.77 -35.00
C GLU I 223 -45.41 24.35 -34.86
N GLY I 224 -46.68 24.20 -34.52
CA GLY I 224 -47.26 22.93 -34.15
C GLY I 224 -47.58 22.88 -32.66
N ARG I 225 -48.16 21.74 -32.25
CA ARG I 225 -48.48 21.56 -30.84
C ARG I 225 -47.22 21.37 -30.00
N LYS I 226 -46.27 20.58 -30.50
CA LYS I 226 -45.08 20.25 -29.72
C LYS I 226 -44.11 21.43 -29.68
N GLU I 227 -44.00 22.17 -30.79
CA GLU I 227 -42.99 23.22 -30.88
C GLU I 227 -43.37 24.47 -30.11
N TYR I 228 -44.66 24.79 -30.01
CA TYR I 228 -45.08 25.97 -29.27
C TYR I 228 -44.83 25.76 -27.78
N LEU I 229 -45.24 24.60 -27.25
CA LEU I 229 -45.04 24.29 -25.84
C LEU I 229 -43.56 24.13 -25.48
N ARG I 230 -42.71 23.85 -26.46
CA ARG I 230 -41.26 23.86 -26.22
C ARG I 230 -40.72 25.28 -26.11
N LYS I 231 -41.26 26.20 -26.91
CA LYS I 231 -40.77 27.58 -26.88
C LYS I 231 -41.18 28.32 -25.61
N LEU I 232 -42.26 27.91 -24.95
CA LEU I 232 -42.61 28.43 -23.64
C LEU I 232 -41.79 27.77 -22.54
N LYS I 233 -41.40 26.52 -22.76
CA LYS I 233 -40.62 25.77 -21.78
C LYS I 233 -39.23 26.35 -21.62
N GLU I 234 -38.62 26.75 -22.73
CA GLU I 234 -37.22 27.17 -22.76
C GLU I 234 -37.02 28.63 -22.34
N SER I 235 -38.07 29.45 -22.34
CA SER I 235 -37.90 30.89 -22.22
C SER I 235 -38.43 31.47 -20.92
N PHE I 236 -39.72 31.28 -20.59
CA PHE I 236 -40.25 31.91 -19.39
C PHE I 236 -39.85 31.16 -18.14
N ILE I 237 -40.27 29.90 -18.01
CA ILE I 237 -39.84 29.09 -16.88
C ILE I 237 -38.43 28.57 -17.15
N ARG I 238 -37.60 28.58 -16.11
CA ARG I 238 -36.19 28.23 -16.24
C ARG I 238 -35.79 27.41 -15.03
N ARG I 239 -35.62 26.11 -15.22
CA ARG I 239 -35.20 25.23 -14.16
C ARG I 239 -33.69 25.10 -14.12
N SER I 240 -33.15 24.90 -12.93
CA SER I 240 -31.75 24.55 -12.73
C SER I 240 -31.69 23.15 -12.12
N VAL I 241 -30.49 22.60 -12.01
CA VAL I 241 -30.31 21.34 -11.30
C VAL I 241 -30.14 21.58 -9.80
N ASN I 242 -30.29 22.83 -9.36
CA ASN I 242 -30.27 23.21 -7.95
C ASN I 242 -31.44 24.16 -7.66
N THR I 243 -32.66 23.76 -8.03
CA THR I 243 -33.82 24.58 -7.74
C THR I 243 -34.00 24.75 -6.23
N SER I 244 -34.15 26.00 -5.81
CA SER I 244 -34.14 26.43 -4.42
C SER I 244 -35.51 26.28 -3.79
N PRO I 245 -35.59 26.14 -2.46
CA PRO I 245 -36.89 26.04 -1.79
C PRO I 245 -37.63 27.37 -1.75
N TYR I 246 -38.30 27.71 -2.84
CA TYR I 246 -39.10 28.93 -2.95
C TYR I 246 -40.58 28.59 -2.86
N ALA I 247 -41.36 29.56 -2.37
CA ALA I 247 -42.81 29.41 -2.28
C ALA I 247 -43.39 29.60 -3.67
N ARG I 248 -43.55 28.50 -4.40
CA ARG I 248 -44.03 28.52 -5.77
C ARG I 248 -45.54 28.40 -5.80
N PHE I 249 -46.19 29.30 -6.53
CA PHE I 249 -47.65 29.35 -6.62
C PHE I 249 -48.09 29.06 -8.03
N PHE I 250 -49.11 28.22 -8.16
CA PHE I 250 -49.63 27.80 -9.46
C PHE I 250 -51.12 28.09 -9.50
N ILE I 251 -51.51 29.08 -10.32
CA ILE I 251 -52.91 29.45 -10.50
C ILE I 251 -53.37 28.88 -11.84
N LEU I 252 -54.32 27.95 -11.79
CA LEU I 252 -54.79 27.24 -12.97
C LEU I 252 -56.29 27.46 -13.14
N GLU I 253 -56.70 27.73 -14.37
CA GLU I 253 -58.09 28.07 -14.67
C GLU I 253 -58.89 26.80 -14.90
N PHE I 254 -60.00 26.67 -14.19
CA PHE I 254 -60.83 25.47 -14.22
C PHE I 254 -62.21 25.82 -14.77
N GLN I 255 -62.61 25.14 -15.85
CA GLN I 255 -63.98 25.19 -16.35
C GLN I 255 -64.73 23.93 -15.95
N ASP I 256 -66.03 23.95 -16.21
CA ASP I 256 -66.85 22.75 -16.03
C ASP I 256 -66.67 21.75 -17.16
N LYS I 257 -66.19 22.20 -18.32
CA LYS I 257 -66.03 21.29 -19.46
C LYS I 257 -64.80 20.40 -19.31
N THR I 258 -63.77 20.87 -18.63
CA THR I 258 -62.57 20.06 -18.42
C THR I 258 -62.84 19.00 -17.36
N ASP I 259 -62.52 17.75 -17.69
CA ASP I 259 -62.80 16.65 -16.79
C ASP I 259 -61.71 16.55 -15.71
N ILE I 260 -61.99 15.71 -14.71
CA ILE I 260 -61.12 15.59 -13.54
C ILE I 260 -59.85 14.82 -13.88
N LYS I 261 -59.86 13.99 -14.92
CA LYS I 261 -58.70 13.14 -15.19
C LYS I 261 -57.52 13.94 -15.75
N THR I 262 -57.80 14.92 -16.62
CA THR I 262 -56.70 15.65 -17.26
C THR I 262 -56.04 16.65 -16.30
N VAL I 263 -56.76 17.13 -15.30
CA VAL I 263 -56.16 18.04 -14.33
C VAL I 263 -55.38 17.27 -13.27
N LYS I 264 -55.72 15.99 -13.06
CA LYS I 264 -54.90 15.13 -12.19
C LYS I 264 -53.48 14.99 -12.73
N ASP I 265 -53.34 14.74 -14.04
CA ASP I 265 -52.02 14.59 -14.65
C ASP I 265 -51.23 15.89 -14.58
N CYS I 266 -51.91 17.03 -14.55
CA CYS I 266 -51.25 18.30 -14.27
C CYS I 266 -50.74 18.36 -12.84
N ILE I 267 -51.54 17.87 -11.89
CA ILE I 267 -51.15 17.91 -10.48
C ILE I 267 -49.96 17.00 -10.22
N TYR I 268 -49.98 15.79 -10.80
CA TYR I 268 -48.81 14.91 -10.69
C TYR I 268 -47.60 15.50 -11.36
N LYS I 269 -47.80 16.18 -12.50
CA LYS I 269 -46.68 16.82 -13.18
C LYS I 269 -46.11 17.97 -12.37
N ILE I 270 -46.98 18.77 -11.75
CA ILE I 270 -46.50 19.87 -10.90
C ILE I 270 -45.83 19.34 -9.65
N GLN I 271 -46.42 18.33 -9.01
CA GLN I 271 -45.89 17.81 -7.75
C GLN I 271 -44.53 17.13 -7.96
N SER I 272 -44.37 16.38 -9.05
CA SER I 272 -43.13 15.67 -9.28
C SER I 272 -42.01 16.57 -9.82
N ASN I 273 -42.35 17.70 -10.41
CA ASN I 273 -41.37 18.58 -11.02
C ASN I 273 -40.92 19.71 -10.09
N TRP I 274 -41.80 20.15 -9.19
CA TRP I 274 -41.60 21.38 -8.44
C TRP I 274 -41.45 21.15 -6.93
N SER I 275 -41.30 19.90 -6.50
CA SER I 275 -41.20 19.59 -5.08
C SER I 275 -40.05 18.64 -4.81
N ASN I 276 -39.47 18.76 -3.62
CA ASN I 276 -38.42 17.86 -3.14
C ASN I 276 -38.84 17.48 -1.72
N LEU I 277 -39.55 16.37 -1.59
CA LEU I 277 -39.96 15.83 -0.30
C LEU I 277 -39.05 14.71 0.15
N SER I 278 -37.76 14.86 -0.09
CA SER I 278 -36.78 13.85 0.29
C SER I 278 -36.76 13.65 1.80
N LYS I 279 -36.69 12.38 2.21
CA LYS I 279 -36.58 12.04 3.61
C LYS I 279 -35.27 12.53 4.22
N ARG I 280 -34.24 12.72 3.41
CA ARG I 280 -32.92 13.08 3.88
C ARG I 280 -32.60 14.57 3.77
N THR I 281 -33.44 15.36 3.11
CA THR I 281 -33.17 16.79 2.99
C THR I 281 -33.61 17.51 4.27
N ASP I 282 -33.10 18.74 4.42
CA ASP I 282 -33.44 19.58 5.56
C ASP I 282 -34.35 20.74 5.21
N ARG I 283 -34.48 21.09 3.92
CA ARG I 283 -35.33 22.18 3.48
C ARG I 283 -36.26 21.69 2.36
N PRO I 284 -37.29 20.91 2.72
CA PRO I 284 -38.24 20.46 1.70
C PRO I 284 -39.13 21.60 1.23
N TYR I 285 -39.56 21.51 -0.03
CA TYR I 285 -40.46 22.48 -0.60
C TYR I 285 -41.57 21.77 -1.35
N SER I 286 -42.77 22.36 -1.32
CA SER I 286 -43.95 21.81 -1.97
C SER I 286 -44.69 22.94 -2.68
N PRO I 287 -45.26 22.68 -3.85
CA PRO I 287 -45.92 23.75 -4.60
C PRO I 287 -47.28 24.11 -4.02
N PHE I 288 -47.69 25.34 -4.28
CA PHE I 288 -49.02 25.83 -3.93
C PHE I 288 -49.90 25.78 -5.18
N LEU I 289 -51.14 25.38 -5.01
CA LEU I 289 -52.08 25.23 -6.12
C LEU I 289 -53.38 25.94 -5.82
N LEU I 290 -53.91 26.65 -6.83
CA LEU I 290 -55.23 27.27 -6.75
C LEU I 290 -55.97 26.99 -8.04
N PHE I 291 -57.27 26.72 -7.92
CA PHE I 291 -58.15 26.57 -9.06
C PHE I 291 -59.34 27.50 -8.90
N HIS I 292 -59.79 28.09 -10.01
CA HIS I 292 -60.77 29.17 -9.98
C HIS I 292 -61.64 29.10 -11.22
N GLY I 293 -62.73 29.86 -11.19
CA GLY I 293 -63.67 29.86 -12.29
C GLY I 293 -64.53 28.62 -12.39
N THR I 294 -64.59 27.83 -11.33
CA THR I 294 -65.34 26.58 -11.32
C THR I 294 -66.29 26.56 -10.13
N SER I 295 -67.27 25.67 -10.20
CA SER I 295 -68.21 25.50 -9.10
C SER I 295 -67.53 24.83 -7.92
N ASP I 296 -68.08 25.06 -6.72
CA ASP I 296 -67.55 24.43 -5.52
C ASP I 296 -67.77 22.93 -5.52
N ALA I 297 -68.83 22.45 -6.16
CA ALA I 297 -69.07 21.02 -6.27
C ALA I 297 -67.99 20.35 -7.12
N ASN I 298 -67.59 21.01 -8.22
CA ASN I 298 -66.54 20.44 -9.07
C ASN I 298 -65.17 20.56 -8.41
N LEU I 299 -64.94 21.61 -7.61
CA LEU I 299 -63.66 21.77 -6.94
C LEU I 299 -63.48 20.74 -5.83
N TYR I 300 -64.53 20.51 -5.04
CA TYR I 300 -64.46 19.48 -3.99
C TYR I 300 -64.42 18.08 -4.59
N GLU I 301 -64.96 17.90 -5.80
CA GLU I 301 -64.85 16.63 -6.49
C GLU I 301 -63.40 16.31 -6.85
N LEU I 302 -62.65 17.33 -7.28
CA LEU I 302 -61.24 17.12 -7.60
C LEU I 302 -60.42 16.83 -6.35
N LYS I 303 -60.73 17.49 -5.23
CA LYS I 303 -59.99 17.27 -4.00
C LYS I 303 -60.25 15.89 -3.41
N ASN I 304 -61.43 15.31 -3.65
CA ASN I 304 -61.81 14.07 -2.99
C ASN I 304 -60.99 12.89 -3.50
N GLN I 305 -60.84 12.77 -4.82
CA GLN I 305 -60.08 11.66 -5.37
C GLN I 305 -58.58 11.90 -5.33
N LEU I 306 -58.12 13.14 -5.13
CA LEU I 306 -56.70 13.39 -4.94
C LEU I 306 -56.21 12.77 -3.63
N PHE I 307 -57.01 12.86 -2.57
CA PHE I 307 -56.64 12.26 -1.30
C PHE I 307 -56.76 10.73 -1.32
N ASN I 308 -57.57 10.19 -2.22
CA ASN I 308 -57.81 8.74 -2.23
C ASN I 308 -56.63 7.96 -2.76
N GLU I 309 -55.89 8.50 -3.73
CA GLU I 309 -54.76 7.82 -4.34
C GLU I 309 -53.43 8.28 -3.77
N ASP I 310 -53.40 8.63 -2.48
CA ASP I 310 -52.18 8.90 -1.72
C ASP I 310 -51.41 10.10 -2.28
N LEU I 311 -52.08 11.25 -2.32
CA LEU I 311 -51.44 12.54 -2.58
C LEU I 311 -51.96 13.48 -1.49
N ILE I 312 -51.29 13.50 -0.35
CA ILE I 312 -51.75 14.24 0.82
C ILE I 312 -51.50 15.74 0.59
N PHE I 313 -52.51 16.55 0.86
CA PHE I 313 -52.41 17.99 0.69
C PHE I 313 -53.11 18.71 1.83
N THR I 314 -52.74 19.98 2.02
CA THR I 314 -53.35 20.82 3.03
C THR I 314 -53.90 22.09 2.37
N ASP I 315 -54.86 22.71 3.04
CA ASP I 315 -55.59 23.81 2.44
C ASP I 315 -55.93 24.93 3.42
N GLY I 316 -55.50 24.85 4.68
CA GLY I 316 -55.90 25.80 5.69
C GLY I 316 -57.16 25.47 6.45
N TYR I 317 -57.82 24.34 6.14
CA TYR I 317 -59.03 23.91 6.84
C TYR I 317 -58.80 22.49 7.31
N PRO I 318 -58.15 22.31 8.47
CA PRO I 318 -57.85 20.93 8.94
C PRO I 318 -59.08 20.17 9.43
N PHE I 319 -60.24 20.82 9.59
CA PHE I 319 -61.45 20.16 10.03
C PHE I 319 -62.64 20.98 9.54
N LYS I 320 -63.82 20.37 9.60
CA LYS I 320 -65.03 21.09 9.22
C LYS I 320 -65.33 22.20 10.22
N GLY I 321 -65.81 23.33 9.70
CA GLY I 321 -66.07 24.49 10.52
C GLY I 321 -64.84 25.30 10.89
N SER I 322 -63.66 24.91 10.42
CA SER I 322 -62.44 25.65 10.73
C SER I 322 -62.38 26.94 9.95
N VAL I 323 -61.88 28.00 10.59
CA VAL I 323 -61.48 29.18 9.85
C VAL I 323 -60.19 28.88 9.08
N PHE I 324 -59.93 29.69 8.06
CA PHE I 324 -58.76 29.47 7.23
C PHE I 324 -57.52 29.94 7.98
N THR I 325 -56.66 28.98 8.33
CA THR I 325 -55.41 29.30 9.00
C THR I 325 -54.26 29.16 8.00
N PRO I 326 -53.61 30.26 7.59
CA PRO I 326 -52.49 30.15 6.65
C PRO I 326 -51.27 29.43 7.20
N LYS I 327 -51.21 29.22 8.52
CA LYS I 327 -50.04 28.56 9.12
C LYS I 327 -49.90 27.12 8.66
N MET I 328 -51.03 26.40 8.55
CA MET I 328 -50.98 25.00 8.12
C MET I 328 -50.49 24.86 6.68
N LEU I 329 -50.74 25.85 5.83
CA LEU I 329 -50.11 25.89 4.52
C LEU I 329 -48.60 26.11 4.63
N ILE I 330 -48.19 26.96 5.57
CA ILE I 330 -46.76 27.24 5.75
C ILE I 330 -46.05 26.03 6.36
N GLU I 331 -46.65 25.39 7.36
CA GLU I 331 -46.07 24.17 7.91
C GLU I 331 -46.13 23.02 6.92
N GLY I 332 -47.14 23.00 6.04
CA GLY I 332 -47.18 22.00 4.97
C GLY I 332 -46.14 22.21 3.90
N PHE I 333 -45.62 23.44 3.77
CA PHE I 333 -44.51 23.69 2.85
C PHE I 333 -43.24 22.98 3.32
N SER I 334 -43.00 22.98 4.63
CA SER I 334 -41.84 22.31 5.19
C SER I 334 -42.14 20.88 5.65
N ASN I 335 -43.35 20.39 5.41
CA ASN I 335 -43.74 19.05 5.81
C ASN I 335 -43.41 18.07 4.70
N LYS I 336 -42.69 16.99 5.06
CA LYS I 336 -42.30 16.00 4.07
C LYS I 336 -43.48 15.12 3.65
N GLU I 337 -44.46 14.93 4.53
CA GLU I 337 -45.61 14.09 4.23
C GLU I 337 -46.75 14.85 3.56
N ILE I 338 -46.61 16.16 3.37
CA ILE I 338 -47.57 16.96 2.63
C ILE I 338 -46.99 17.22 1.25
N HIS I 339 -47.59 16.62 0.22
CA HIS I 339 -47.02 16.67 -1.12
C HIS I 339 -47.15 18.05 -1.75
N PHE I 340 -48.28 18.71 -1.53
CA PHE I 340 -48.56 20.00 -2.14
C PHE I 340 -49.65 20.69 -1.34
N GLN I 341 -49.91 21.95 -1.68
CA GLN I 341 -50.93 22.74 -1.02
C GLN I 341 -52.04 23.11 -2.00
N PHE I 342 -53.23 23.33 -1.45
CA PHE I 342 -54.43 23.65 -2.22
C PHE I 342 -55.05 24.95 -1.69
N ILE I 343 -54.74 26.06 -2.34
CA ILE I 343 -55.48 27.29 -2.04
C ILE I 343 -56.85 27.20 -2.68
N ASN I 344 -57.90 27.44 -1.89
CA ASN I 344 -59.25 27.17 -2.35
C ASN I 344 -59.73 28.21 -3.37
N ASP I 345 -59.65 29.48 -3.00
CA ASP I 345 -60.11 30.54 -3.90
C ASP I 345 -59.25 31.79 -3.66
N ILE I 346 -59.72 32.92 -4.18
CA ILE I 346 -58.90 34.13 -4.27
C ILE I 346 -58.67 34.75 -2.89
N ASP I 347 -59.65 34.66 -1.98
CA ASP I 347 -59.53 35.31 -0.68
C ASP I 347 -58.44 34.65 0.16
N ASP I 348 -58.28 33.33 0.06
CA ASP I 348 -57.22 32.64 0.78
C ASP I 348 -55.85 32.81 0.12
N PHE I 349 -55.80 33.27 -1.13
CA PHE I 349 -54.54 33.65 -1.74
C PHE I 349 -53.94 34.87 -1.05
N ASN I 350 -54.73 35.94 -0.90
CA ASN I 350 -54.20 37.16 -0.32
C ASN I 350 -53.87 37.03 1.16
N GLU I 351 -54.44 36.03 1.83
CA GLU I 351 -54.15 35.82 3.24
C GLU I 351 -52.79 35.15 3.45
N THR I 352 -52.45 34.15 2.64
CA THR I 352 -51.25 33.36 2.89
C THR I 352 -49.97 34.05 2.45
N LEU I 353 -50.04 34.94 1.44
CA LEU I 353 -48.84 35.61 0.95
C LEU I 353 -48.25 36.60 1.93
N ASN I 354 -49.03 37.08 2.90
CA ASN I 354 -48.49 37.92 3.95
C ASN I 354 -47.76 37.13 5.03
N SER I 355 -47.86 35.80 5.02
CA SER I 355 -47.25 34.95 6.02
C SER I 355 -46.00 34.23 5.52
N ILE I 356 -45.48 34.60 4.35
CA ILE I 356 -44.29 33.98 3.77
C ILE I 356 -43.18 35.02 3.73
N ASN I 357 -41.99 34.63 4.22
CA ASN I 357 -40.83 35.51 4.22
C ASN I 357 -39.76 35.11 3.21
N ILE I 358 -39.76 33.87 2.73
CA ILE I 358 -38.83 33.41 1.71
C ILE I 358 -39.33 33.88 0.35
N ARG I 359 -38.51 33.71 -0.68
CA ARG I 359 -38.85 34.19 -2.02
C ARG I 359 -40.07 33.48 -2.58
N LYS I 360 -40.93 34.25 -3.26
CA LYS I 360 -42.25 33.80 -3.70
C LYS I 360 -42.35 33.96 -5.21
N GLU I 361 -42.77 32.89 -5.89
CA GLU I 361 -42.96 32.92 -7.34
C GLU I 361 -44.36 32.43 -7.68
N VAL I 362 -44.95 33.01 -8.72
CA VAL I 362 -46.29 32.67 -9.18
C VAL I 362 -46.20 32.22 -10.63
N TYR I 363 -46.73 31.03 -10.92
CA TYR I 363 -46.79 30.48 -12.26
C TYR I 363 -48.27 30.30 -12.63
N GLN I 364 -48.84 31.31 -13.27
CA GLN I 364 -50.25 31.30 -13.64
C GLN I 364 -50.40 30.82 -15.08
N PHE I 365 -51.31 29.86 -15.29
CA PHE I 365 -51.66 29.40 -16.62
C PHE I 365 -53.18 29.31 -16.69
N TYR I 366 -53.76 29.89 -17.74
CA TYR I 366 -55.20 30.06 -17.79
C TYR I 366 -55.68 29.95 -19.24
N THR I 367 -56.99 30.00 -19.42
CA THR I 367 -57.59 29.98 -20.75
C THR I 367 -58.46 31.20 -21.04
N GLU I 368 -59.30 31.62 -20.09
CA GLU I 368 -60.22 32.72 -20.31
C GLU I 368 -59.99 33.91 -19.41
N ASN I 369 -59.93 33.70 -18.09
CA ASN I 369 -59.92 34.79 -17.13
C ASN I 369 -58.57 34.92 -16.44
N CYS I 370 -58.31 36.11 -15.92
CA CYS I 370 -57.07 36.43 -15.23
C CYS I 370 -57.40 37.21 -13.96
N LEU I 371 -56.47 37.16 -13.00
CA LEU I 371 -56.64 37.83 -11.72
C LEU I 371 -55.60 38.93 -11.55
N ASP I 372 -55.98 39.98 -10.85
CA ASP I 372 -55.08 41.10 -10.56
C ASP I 372 -54.28 40.80 -9.29
N ILE I 373 -53.38 39.83 -9.43
CA ILE I 373 -52.45 39.45 -8.37
C ILE I 373 -51.45 40.59 -8.20
N PRO I 374 -50.92 40.83 -7.00
CA PRO I 374 -50.03 41.99 -6.81
C PRO I 374 -48.72 41.84 -7.56
N SER I 375 -48.12 42.99 -7.88
CA SER I 375 -47.06 43.08 -8.88
C SER I 375 -45.65 42.97 -8.30
N GLN I 376 -45.47 42.91 -6.98
CA GLN I 376 -44.11 42.88 -6.46
C GLN I 376 -43.47 41.49 -6.61
N LEU I 377 -44.26 40.42 -6.53
CA LEU I 377 -43.68 39.11 -6.72
C LEU I 377 -43.51 38.79 -8.21
N PRO I 378 -42.54 37.96 -8.57
CA PRO I 378 -42.38 37.56 -9.98
C PRO I 378 -43.57 36.75 -10.46
N GLN I 379 -44.08 37.12 -11.63
CA GLN I 379 -45.23 36.46 -12.24
C GLN I 379 -44.84 35.87 -13.59
N VAL I 380 -45.39 34.70 -13.89
CA VAL I 380 -45.17 34.02 -15.17
C VAL I 380 -46.56 33.60 -15.65
N ASN I 381 -47.15 34.35 -16.59
CA ASN I 381 -48.51 34.14 -17.04
C ASN I 381 -48.52 33.74 -18.50
N ILE I 382 -49.15 32.61 -18.82
CA ILE I 382 -49.35 32.15 -20.19
C ILE I 382 -50.82 31.80 -20.35
N GLN I 383 -51.44 32.28 -21.43
CA GLN I 383 -52.76 31.81 -21.82
C GLN I 383 -52.62 30.64 -22.77
N VAL I 384 -53.29 29.53 -22.47
CA VAL I 384 -53.20 28.32 -23.25
C VAL I 384 -54.57 28.03 -23.87
N LYS I 385 -54.56 27.14 -24.87
CA LYS I 385 -55.81 26.79 -25.54
C LYS I 385 -56.67 25.88 -24.67
N ASP I 386 -56.05 24.91 -24.00
CA ASP I 386 -56.78 23.96 -23.18
C ASP I 386 -55.87 23.46 -22.06
N PHE I 387 -56.48 22.77 -21.09
CA PHE I 387 -55.73 22.23 -19.96
C PHE I 387 -54.80 21.08 -20.34
N ALA I 388 -54.97 20.50 -21.53
CA ALA I 388 -54.06 19.44 -21.96
C ALA I 388 -52.66 19.96 -22.22
N ASP I 389 -52.53 21.23 -22.64
CA ASP I 389 -51.23 21.83 -22.90
C ASP I 389 -50.50 22.24 -21.63
N ILE I 390 -51.19 22.26 -20.49
CA ILE I 390 -50.58 22.72 -19.25
C ILE I 390 -49.56 21.71 -18.72
N LYS I 391 -49.85 20.40 -18.90
CA LYS I 391 -48.96 19.35 -18.39
C LYS I 391 -47.60 19.37 -19.07
N GLU I 392 -47.58 19.53 -20.40
CA GLU I 392 -46.32 19.57 -21.13
C GLU I 392 -45.56 20.87 -20.91
N ILE I 393 -46.17 21.87 -20.29
CA ILE I 393 -45.48 23.13 -20.04
C ILE I 393 -44.69 23.05 -18.74
N VAL I 394 -45.32 22.64 -17.63
CA VAL I 394 -44.65 22.57 -16.35
C VAL I 394 -43.78 21.33 -16.24
N LYS J 151 49.89 -34.57 39.17
CA LYS J 151 49.71 -35.47 40.30
C LYS J 151 50.03 -34.77 41.62
N SER J 152 49.47 -33.57 41.80
CA SER J 152 49.69 -32.77 42.99
C SER J 152 48.35 -32.55 43.69
N PHE J 153 48.37 -31.71 44.74
CA PHE J 153 47.16 -31.42 45.48
C PHE J 153 46.19 -30.56 44.66
N ASP J 154 46.70 -29.78 43.71
CA ASP J 154 45.88 -28.95 42.84
C ASP J 154 45.89 -29.41 41.40
N ASP J 155 46.35 -30.63 41.12
CA ASP J 155 46.50 -31.10 39.76
C ASP J 155 45.64 -32.33 39.45
N GLN J 156 45.68 -33.35 40.31
CA GLN J 156 45.01 -34.62 40.04
C GLN J 156 43.63 -34.73 40.68
N LYS J 157 43.03 -33.59 41.04
CA LYS J 157 41.71 -33.57 41.63
C LYS J 157 40.60 -33.48 40.59
N LYS J 158 40.88 -33.87 39.34
CA LYS J 158 39.88 -33.81 38.27
C LYS J 158 39.54 -35.16 37.67
N GLU J 159 40.39 -36.17 37.80
CA GLU J 159 40.08 -37.49 37.26
C GLU J 159 39.25 -38.33 38.23
N THR J 160 39.13 -37.92 39.49
CA THR J 160 38.29 -38.63 40.44
C THR J 160 36.81 -38.35 40.24
N ILE J 161 36.47 -37.33 39.45
CA ILE J 161 35.07 -37.01 39.17
C ILE J 161 34.45 -38.10 38.30
N GLN J 162 35.20 -38.59 37.32
CA GLN J 162 34.68 -39.61 36.41
C GLN J 162 34.44 -40.95 37.12
N ILE J 163 35.28 -41.27 38.11
CA ILE J 163 35.10 -42.51 38.87
C ILE J 163 33.81 -42.46 39.68
N ILE J 164 33.53 -41.32 40.31
CA ILE J 164 32.30 -41.16 41.07
C ILE J 164 31.09 -41.12 40.15
N LYS J 165 31.25 -40.51 38.97
CA LYS J 165 30.12 -40.29 38.07
C LYS J 165 29.56 -41.60 37.53
N ASN J 166 30.42 -42.55 37.16
CA ASN J 166 29.94 -43.84 36.66
C ASN J 166 29.53 -44.79 37.77
N HIS J 167 29.81 -44.45 39.03
CA HIS J 167 29.42 -45.32 40.14
C HIS J 167 27.91 -45.29 40.33
N PHE J 168 27.32 -44.10 40.33
CA PHE J 168 25.89 -43.93 40.56
C PHE J 168 25.11 -43.61 39.29
N GLN J 169 25.79 -43.54 38.14
CA GLN J 169 25.18 -43.22 36.84
C GLN J 169 24.43 -41.89 36.89
N CYS J 170 25.02 -40.91 37.56
CA CYS J 170 24.39 -39.61 37.78
C CYS J 170 24.83 -38.62 36.71
N GLU J 171 24.27 -37.41 36.78
CA GLU J 171 24.59 -36.36 35.84
C GLU J 171 25.90 -35.67 36.23
N ASP J 172 26.34 -34.75 35.37
CA ASP J 172 27.62 -34.09 35.58
C ASP J 172 27.57 -33.03 36.68
N TYR J 173 26.41 -32.40 36.90
CA TYR J 173 26.34 -31.32 37.88
C TYR J 173 26.40 -31.85 39.31
N GLU J 174 25.78 -33.00 39.56
CA GLU J 174 25.72 -33.56 40.90
C GLU J 174 26.87 -34.49 41.22
N ALA J 175 27.70 -34.83 40.24
CA ALA J 175 28.86 -35.68 40.51
C ALA J 175 29.97 -34.90 41.22
N GLU J 176 30.18 -33.65 40.84
CA GLU J 176 31.24 -32.83 41.41
C GLU J 176 30.72 -31.93 42.53
N HIS J 177 29.64 -31.19 42.28
CA HIS J 177 29.16 -30.22 43.26
C HIS J 177 28.37 -30.85 44.40
N TYR J 178 27.95 -32.10 44.27
CA TYR J 178 27.13 -32.74 45.28
C TYR J 178 27.70 -34.05 45.80
N LEU J 179 28.32 -34.86 44.93
CA LEU J 179 28.81 -36.17 45.33
C LEU J 179 30.28 -36.17 45.72
N TYR J 180 31.11 -35.42 45.00
CA TYR J 180 32.52 -35.35 45.37
C TYR J 180 32.70 -34.53 46.64
N SER J 181 31.95 -33.43 46.77
CA SER J 181 32.07 -32.57 47.94
C SER J 181 31.58 -33.28 49.20
N ASN J 182 30.57 -34.14 49.08
CA ASN J 182 30.15 -34.96 50.21
C ASN J 182 31.16 -36.07 50.49
N ALA J 183 31.87 -36.54 49.46
CA ALA J 183 32.86 -37.59 49.65
C ALA J 183 34.09 -37.08 50.39
N PHE J 184 34.44 -35.81 50.18
CA PHE J 184 35.60 -35.24 50.87
C PHE J 184 35.30 -35.04 52.35
N ARG J 185 34.05 -34.67 52.67
CA ARG J 185 33.69 -34.38 54.06
C ARG J 185 33.75 -35.63 54.93
N LYS J 186 33.25 -36.75 54.43
CA LYS J 186 33.32 -38.00 55.18
C LYS J 186 34.74 -38.58 55.19
N THR J 187 35.56 -38.25 54.19
CA THR J 187 36.95 -38.70 54.18
C THR J 187 37.75 -38.00 55.28
N TYR J 188 37.56 -36.69 55.44
CA TYR J 188 38.28 -35.96 56.47
C TYR J 188 37.69 -36.29 57.84
N ASP J 189 36.41 -36.65 57.89
CA ASP J 189 35.75 -37.01 59.15
C ASP J 189 36.42 -38.20 59.83
N ILE J 190 36.94 -39.15 59.04
CA ILE J 190 37.75 -40.23 59.58
C ILE J 190 39.24 -39.91 59.58
N SER J 191 39.63 -38.75 59.04
CA SER J 191 41.03 -38.35 59.00
C SER J 191 41.38 -37.30 60.04
N CYS J 192 40.40 -36.51 60.50
CA CYS J 192 40.66 -35.51 61.53
C CYS J 192 40.96 -36.17 62.87
N ASN J 193 40.15 -37.15 63.26
CA ASN J 193 40.34 -37.82 64.53
C ASN J 193 41.54 -38.75 64.47
N LYS J 194 42.27 -38.83 65.58
CA LYS J 194 43.43 -39.70 65.70
C LYS J 194 43.07 -41.06 66.28
N LYS J 195 41.79 -41.34 66.49
CA LYS J 195 41.35 -42.58 67.11
C LYS J 195 41.07 -43.66 66.07
N ASP J 196 40.19 -43.37 65.11
CA ASP J 196 39.76 -44.33 64.09
C ASP J 196 40.20 -43.81 62.73
N ARG J 197 41.36 -44.24 62.28
CA ARG J 197 41.89 -43.87 60.96
C ARG J 197 41.61 -44.92 59.90
N ARG J 198 40.89 -45.99 60.23
CA ARG J 198 40.59 -47.04 59.27
C ARG J 198 39.42 -46.62 58.38
N ILE J 199 39.57 -46.88 57.08
CA ILE J 199 38.57 -46.48 56.08
C ILE J 199 37.62 -47.65 55.84
N LYS J 200 36.32 -47.35 55.87
CA LYS J 200 35.29 -48.33 55.55
C LYS J 200 34.76 -48.10 54.14
N LYS J 201 34.15 -49.14 53.57
CA LYS J 201 33.68 -49.10 52.20
C LYS J 201 32.19 -49.39 52.07
N SER J 202 31.66 -50.34 52.85
CA SER J 202 30.27 -50.74 52.73
C SER J 202 29.32 -49.62 53.13
N ASP J 203 29.62 -48.91 54.23
CA ASP J 203 28.78 -47.82 54.68
C ASP J 203 29.17 -46.48 54.08
N PHE J 204 30.29 -46.41 53.36
CA PHE J 204 30.74 -45.15 52.79
C PHE J 204 29.94 -44.77 51.54
N VAL J 205 29.41 -45.76 50.81
CA VAL J 205 28.69 -45.48 49.57
C VAL J 205 27.36 -44.80 49.87
N GLU J 206 26.61 -45.32 50.85
CA GLU J 206 25.29 -44.79 51.15
C GLU J 206 25.33 -43.56 52.06
N SER J 207 26.48 -43.26 52.66
CA SER J 207 26.56 -42.12 53.57
C SER J 207 26.55 -40.80 52.80
N ILE J 208 27.26 -40.75 51.66
CA ILE J 208 27.38 -39.50 50.91
C ILE J 208 26.12 -39.18 50.12
N ASN J 209 25.31 -40.19 49.78
CA ASN J 209 24.08 -39.97 49.02
C ASN J 209 22.90 -39.80 49.98
N LYS J 210 22.97 -38.74 50.78
CA LYS J 210 21.94 -38.42 51.77
C LYS J 210 21.03 -37.30 51.32
N SER J 211 21.07 -36.94 50.03
CA SER J 211 20.26 -35.87 49.42
C SER J 211 20.52 -34.51 50.07
N LYS J 212 21.73 -34.33 50.61
CA LYS J 212 22.16 -33.06 51.19
C LYS J 212 23.55 -32.73 50.69
N VAL J 213 23.85 -31.43 50.61
CA VAL J 213 25.15 -30.95 50.20
C VAL J 213 25.89 -30.49 51.44
N LEU J 214 27.07 -31.08 51.69
CA LEU J 214 27.86 -30.80 52.88
C LEU J 214 28.94 -29.78 52.54
N PHE J 215 29.04 -28.74 53.36
CA PHE J 215 30.05 -27.70 53.16
C PHE J 215 31.44 -28.24 53.47
N ASN J 216 32.42 -27.84 52.66
CA ASN J 216 33.82 -28.21 52.86
C ASN J 216 34.63 -26.95 53.10
N ILE J 217 35.49 -26.99 54.13
CA ILE J 217 36.29 -25.83 54.50
C ILE J 217 37.33 -25.51 53.42
N TRP J 218 37.92 -26.55 52.82
CA TRP J 218 39.01 -26.32 51.88
C TRP J 218 38.51 -25.78 50.54
N PHE J 219 37.32 -26.20 50.11
CA PHE J 219 36.74 -25.61 48.90
C PHE J 219 36.31 -24.16 49.11
N TYR J 220 36.14 -23.74 50.36
CA TYR J 220 35.98 -22.33 50.72
C TYR J 220 37.30 -21.58 50.72
N GLN J 221 38.44 -22.29 50.67
CA GLN J 221 39.74 -21.70 50.93
C GLN J 221 40.52 -21.40 49.66
N TYR J 222 40.77 -22.40 48.82
CA TYR J 222 41.70 -22.21 47.70
C TYR J 222 41.05 -21.58 46.47
N GLU J 223 39.80 -21.14 46.57
CA GLU J 223 39.20 -20.30 45.55
C GLU J 223 38.46 -19.09 46.11
N GLY J 224 38.35 -18.97 47.43
CA GLY J 224 37.78 -17.79 48.04
C GLY J 224 36.29 -17.88 48.28
N ARG J 225 35.76 -16.80 48.88
CA ARG J 225 34.34 -16.71 49.16
C ARG J 225 33.51 -16.60 47.90
N LYS J 226 33.97 -15.81 46.92
CA LYS J 226 33.13 -15.45 45.79
C LYS J 226 32.89 -16.63 44.85
N GLU J 227 33.93 -17.40 44.56
CA GLU J 227 33.81 -18.45 43.55
C GLU J 227 33.00 -19.64 44.06
N TYR J 228 33.20 -20.03 45.32
CA TYR J 228 32.46 -21.18 45.85
C TYR J 228 30.99 -20.86 46.02
N LEU J 229 30.65 -19.65 46.48
CA LEU J 229 29.25 -19.25 46.56
C LEU J 229 28.64 -19.10 45.17
N ARG J 230 29.43 -18.71 44.19
CA ARG J 230 28.98 -18.69 42.80
C ARG J 230 28.98 -20.09 42.20
N LYS J 231 29.77 -21.02 42.74
CA LYS J 231 29.78 -22.39 42.23
C LYS J 231 28.47 -23.13 42.53
N LEU J 232 27.75 -22.74 43.57
CA LEU J 232 26.47 -23.34 43.88
C LEU J 232 25.29 -22.68 43.17
N LYS J 233 25.55 -21.61 42.40
CA LYS J 233 24.46 -20.89 41.74
C LYS J 233 23.92 -21.69 40.55
N GLU J 234 24.80 -22.23 39.70
CA GLU J 234 24.36 -23.03 38.57
C GLU J 234 24.28 -24.51 38.89
N SER J 235 24.67 -24.93 40.09
CA SER J 235 24.60 -26.34 40.44
C SER J 235 23.20 -26.74 40.88
N PHE J 236 22.53 -25.89 41.65
CA PHE J 236 21.26 -26.22 42.25
C PHE J 236 20.22 -25.09 42.14
N ILE J 237 20.63 -23.89 41.77
CA ILE J 237 19.76 -22.72 41.78
C ILE J 237 19.62 -22.25 40.33
N ARG J 238 19.55 -23.22 39.40
CA ARG J 238 19.43 -22.91 37.98
C ARG J 238 18.17 -22.09 37.70
N ARG J 239 18.36 -20.92 37.12
CA ARG J 239 17.28 -20.02 36.79
C ARG J 239 17.06 -19.99 35.28
N SER J 240 15.98 -19.33 34.88
CA SER J 240 15.67 -19.10 33.48
C SER J 240 15.02 -17.73 33.36
N VAL J 241 14.74 -17.32 32.12
CA VAL J 241 14.01 -16.07 31.92
C VAL J 241 12.56 -16.22 32.38
N ASN J 242 11.99 -17.42 32.27
CA ASN J 242 10.55 -17.62 32.41
C ASN J 242 10.22 -18.54 33.56
N THR J 243 10.78 -18.24 34.75
CA THR J 243 10.53 -19.03 35.95
C THR J 243 9.03 -19.14 36.24
N SER J 244 8.56 -20.38 36.35
CA SER J 244 7.14 -20.69 36.42
C SER J 244 6.58 -20.37 37.82
N PRO J 245 5.27 -20.11 37.92
CA PRO J 245 4.67 -19.91 39.25
C PRO J 245 4.56 -21.20 40.04
N TYR J 246 5.67 -21.61 40.66
CA TYR J 246 5.72 -22.82 41.46
C TYR J 246 5.70 -22.47 42.94
N ALA J 247 5.07 -23.34 43.73
CA ALA J 247 5.00 -23.16 45.18
C ALA J 247 6.36 -23.53 45.76
N ARG J 248 7.23 -22.53 45.87
CA ARG J 248 8.61 -22.73 46.29
C ARG J 248 8.75 -22.43 47.79
N PHE J 249 9.39 -23.33 48.50
CA PHE J 249 9.57 -23.23 49.95
C PHE J 249 11.03 -22.97 50.26
N PHE J 250 11.30 -21.94 51.07
CA PHE J 250 12.65 -21.56 51.46
C PHE J 250 12.79 -21.76 52.95
N ILE J 251 13.27 -22.94 53.33
CA ILE J 251 13.50 -23.29 54.73
C ILE J 251 14.88 -22.77 55.12
N LEU J 252 14.91 -21.67 55.88
CA LEU J 252 16.16 -21.09 56.34
C LEU J 252 16.36 -21.40 57.81
N GLU J 253 17.63 -21.42 58.22
CA GLU J 253 18.02 -21.91 59.53
C GLU J 253 18.49 -20.71 60.35
N PHE J 254 17.86 -20.51 61.51
CA PHE J 254 17.99 -19.27 62.27
C PHE J 254 18.59 -19.60 63.63
N GLN J 255 19.71 -18.95 63.97
CA GLN J 255 20.32 -19.03 65.29
C GLN J 255 20.22 -17.71 66.04
N ASP J 256 20.39 -17.80 67.36
CA ASP J 256 20.32 -16.62 68.21
C ASP J 256 21.48 -15.66 67.98
N LYS J 257 22.63 -16.16 67.49
CA LYS J 257 23.75 -15.30 67.19
C LYS J 257 23.58 -14.55 65.87
N THR J 258 22.59 -14.90 65.06
CA THR J 258 22.36 -14.25 63.79
C THR J 258 21.55 -12.97 63.98
N ASP J 259 22.04 -11.87 63.41
CA ASP J 259 21.34 -10.60 63.52
C ASP J 259 20.12 -10.58 62.60
N ILE J 260 19.13 -9.76 62.99
CA ILE J 260 17.91 -9.64 62.19
C ILE J 260 18.19 -8.96 60.86
N LYS J 261 19.13 -8.00 60.84
CA LYS J 261 19.44 -7.29 59.59
C LYS J 261 20.02 -8.20 58.54
N THR J 262 20.84 -9.17 58.95
CA THR J 262 21.33 -10.17 57.99
C THR J 262 20.23 -11.11 57.54
N VAL J 263 19.30 -11.45 58.44
CA VAL J 263 18.16 -12.29 58.06
C VAL J 263 17.21 -11.53 57.15
N LYS J 264 16.98 -10.25 57.44
CA LYS J 264 16.09 -9.43 56.62
C LYS J 264 16.62 -9.27 55.21
N ASP J 265 17.93 -9.06 55.06
CA ASP J 265 18.52 -8.88 53.74
C ASP J 265 18.39 -10.12 52.87
N CYS J 266 18.31 -11.30 53.49
CA CYS J 266 18.01 -12.51 52.74
C CYS J 266 16.56 -12.54 52.27
N ILE J 267 15.64 -12.02 53.09
CA ILE J 267 14.21 -12.10 52.77
C ILE J 267 13.89 -11.20 51.58
N TYR J 268 14.43 -9.98 51.56
CA TYR J 268 14.27 -9.12 50.38
C TYR J 268 14.97 -9.69 49.17
N LYS J 269 16.08 -10.41 49.36
CA LYS J 269 16.73 -11.07 48.24
C LYS J 269 15.89 -12.23 47.71
N ILE J 270 15.25 -12.98 48.61
CA ILE J 270 14.38 -14.07 48.19
C ILE J 270 13.11 -13.53 47.55
N GLN J 271 12.51 -12.50 48.14
CA GLN J 271 11.26 -11.95 47.63
C GLN J 271 11.44 -11.27 46.28
N SER J 272 12.60 -10.64 46.03
CA SER J 272 12.82 -10.00 44.75
C SER J 272 13.07 -11.02 43.65
N ASN J 273 13.83 -12.07 43.96
CA ASN J 273 14.19 -13.06 42.94
C ASN J 273 13.01 -13.97 42.60
N TRP J 274 12.27 -14.43 43.61
CA TRP J 274 11.36 -15.55 43.45
C TRP J 274 9.90 -15.15 43.52
N SER J 275 9.57 -13.94 43.09
CA SER J 275 8.17 -13.50 43.09
C SER J 275 7.91 -12.60 41.88
N ASN J 276 6.69 -12.67 41.38
CA ASN J 276 6.22 -11.78 40.31
C ASN J 276 4.83 -11.32 40.73
N LEU J 277 4.78 -10.20 41.46
CA LEU J 277 3.54 -9.61 41.93
C LEU J 277 3.05 -8.50 41.02
N SER J 278 3.28 -8.63 39.72
CA SER J 278 2.85 -7.64 38.75
C SER J 278 1.32 -7.62 38.67
N LYS J 279 0.79 -6.42 38.42
CA LYS J 279 -0.65 -6.29 38.21
C LYS J 279 -1.09 -6.88 36.88
N ARG J 280 -0.16 -7.08 35.95
CA ARG J 280 -0.45 -7.66 34.64
C ARG J 280 -0.28 -9.17 34.61
N THR J 281 0.14 -9.78 35.71
CA THR J 281 0.29 -11.23 35.76
C THR J 281 -1.06 -11.90 35.94
N ASP J 282 -1.33 -12.92 35.12
CA ASP J 282 -2.51 -13.74 35.35
C ASP J 282 -2.26 -14.79 36.42
N ARG J 283 -1.00 -15.19 36.61
CA ARG J 283 -0.61 -16.14 37.65
C ARG J 283 0.54 -15.55 38.46
N PRO J 284 0.24 -14.71 39.45
CA PRO J 284 1.30 -14.26 40.36
C PRO J 284 1.74 -15.36 41.30
N TYR J 285 2.96 -15.23 41.80
CA TYR J 285 3.51 -16.21 42.73
C TYR J 285 4.38 -15.52 43.76
N SER J 286 4.46 -16.14 44.94
CA SER J 286 5.24 -15.62 46.06
C SER J 286 6.02 -16.77 46.69
N PRO J 287 7.22 -16.50 47.21
CA PRO J 287 7.99 -17.56 47.85
C PRO J 287 7.57 -17.79 49.30
N PHE J 288 7.60 -19.05 49.70
CA PHE J 288 7.29 -19.42 51.08
C PHE J 288 8.55 -19.37 51.93
N LEU J 289 8.41 -18.83 53.14
CA LEU J 289 9.54 -18.66 54.05
C LEU J 289 9.28 -19.44 55.32
N LEU J 290 10.24 -20.28 55.72
CA LEU J 290 10.18 -21.03 56.96
C LEU J 290 11.51 -20.86 57.71
N PHE J 291 11.41 -20.53 58.99
CA PHE J 291 12.56 -20.36 59.85
C PHE J 291 12.44 -21.31 61.04
N HIS J 292 13.57 -21.91 61.43
CA HIS J 292 13.59 -22.89 62.50
C HIS J 292 14.86 -22.71 63.32
N GLY J 293 14.84 -23.28 64.52
CA GLY J 293 15.98 -23.25 65.41
C GLY J 293 16.13 -22.00 66.24
N THR J 294 15.24 -21.02 66.08
CA THR J 294 15.30 -19.78 66.82
C THR J 294 14.18 -19.71 67.85
N SER J 295 14.34 -18.82 68.81
CA SER J 295 13.31 -18.61 69.82
C SER J 295 12.11 -17.90 69.20
N ASP J 296 10.95 -18.09 69.85
CA ASP J 296 9.72 -17.48 69.35
C ASP J 296 9.75 -15.96 69.49
N ALA J 297 10.37 -15.45 70.57
CA ALA J 297 10.48 -14.01 70.75
C ALA J 297 11.36 -13.38 69.68
N ASN J 298 12.46 -14.05 69.31
CA ASN J 298 13.32 -13.54 68.26
C ASN J 298 12.67 -13.72 66.88
N LEU J 299 11.86 -14.77 66.72
CA LEU J 299 11.16 -14.98 65.46
C LEU J 299 10.05 -13.95 65.26
N TYR J 300 9.35 -13.59 66.34
CA TYR J 300 8.29 -12.59 66.24
C TYR J 300 8.85 -11.19 66.03
N GLU J 301 10.07 -10.94 66.50
CA GLU J 301 10.70 -9.65 66.27
C GLU J 301 11.03 -9.45 64.78
N LEU J 302 11.48 -10.52 64.11
CA LEU J 302 11.72 -10.44 62.67
C LEU J 302 10.41 -10.23 61.92
N LYS J 303 9.33 -10.86 62.39
CA LYS J 303 8.03 -10.71 61.74
C LYS J 303 7.50 -9.29 61.86
N ASN J 304 7.66 -8.66 63.03
CA ASN J 304 7.10 -7.34 63.25
C ASN J 304 7.88 -6.26 62.50
N GLN J 305 9.20 -6.41 62.41
CA GLN J 305 9.98 -5.43 61.65
C GLN J 305 9.76 -5.57 60.15
N LEU J 306 9.49 -6.80 59.67
CA LEU J 306 9.19 -6.98 58.26
C LEU J 306 7.86 -6.33 57.89
N PHE J 307 6.88 -6.40 58.79
CA PHE J 307 5.58 -5.79 58.51
C PHE J 307 5.63 -4.27 58.57
N ASN J 308 6.59 -3.71 59.31
CA ASN J 308 6.67 -2.26 59.45
C ASN J 308 7.23 -1.59 58.20
N GLU J 309 8.07 -2.30 57.44
CA GLU J 309 8.69 -1.75 56.24
C GLU J 309 7.94 -2.16 54.97
N ASP J 310 6.61 -2.29 55.07
CA ASP J 310 5.72 -2.50 53.92
C ASP J 310 6.03 -3.79 53.16
N LEU J 311 6.38 -4.84 53.90
CA LEU J 311 6.53 -6.19 53.34
C LEU J 311 5.42 -7.04 53.94
N ILE J 312 4.25 -7.02 53.31
CA ILE J 312 3.07 -7.69 53.84
C ILE J 312 3.21 -9.19 53.62
N PHE J 313 2.89 -9.98 54.65
CA PHE J 313 3.02 -11.43 54.59
C PHE J 313 1.83 -12.07 55.32
N THR J 314 1.72 -13.39 55.15
CA THR J 314 0.69 -14.18 55.81
C THR J 314 1.32 -15.42 56.42
N ASP J 315 0.77 -15.88 57.54
CA ASP J 315 1.25 -17.08 58.22
C ASP J 315 0.14 -18.11 58.41
N GLY J 316 -1.03 -17.89 57.85
CA GLY J 316 -2.18 -18.72 58.16
C GLY J 316 -2.84 -18.39 59.47
N TYR J 317 -2.52 -17.25 60.07
CA TYR J 317 -3.07 -16.82 61.35
C TYR J 317 -3.62 -15.42 61.13
N PRO J 318 -4.79 -15.30 60.49
CA PRO J 318 -5.28 -13.96 60.10
C PRO J 318 -5.70 -13.09 61.27
N PHE J 319 -5.91 -13.67 62.45
CA PHE J 319 -6.33 -12.89 63.61
C PHE J 319 -5.77 -13.57 64.87
N LYS J 320 -5.82 -12.83 65.97
CA LYS J 320 -5.28 -13.33 67.23
C LYS J 320 -6.17 -14.45 67.77
N GLY J 321 -5.54 -15.54 68.19
CA GLY J 321 -6.26 -16.69 68.68
C GLY J 321 -6.76 -17.63 67.61
N SER J 322 -6.39 -17.41 66.35
CA SER J 322 -6.85 -18.26 65.26
C SER J 322 -6.09 -19.58 65.24
N VAL J 323 -6.73 -20.59 64.66
CA VAL J 323 -6.07 -21.85 64.35
C VAL J 323 -5.32 -21.66 63.04
N PHE J 324 -4.46 -22.60 62.69
CA PHE J 324 -3.69 -22.49 61.46
C PHE J 324 -4.60 -22.69 60.27
N THR J 325 -4.63 -21.70 59.37
CA THR J 325 -5.49 -21.73 58.20
C THR J 325 -4.62 -21.85 56.95
N PRO J 326 -4.46 -23.05 56.39
CA PRO J 326 -3.55 -23.20 55.24
C PRO J 326 -4.05 -22.53 53.97
N LYS J 327 -5.34 -22.21 53.86
CA LYS J 327 -5.83 -21.58 52.64
C LYS J 327 -5.49 -20.10 52.57
N MET J 328 -5.13 -19.46 53.68
CA MET J 328 -4.66 -18.08 53.61
C MET J 328 -3.26 -18.02 52.98
N LEU J 329 -2.45 -19.06 53.21
CA LEU J 329 -1.20 -19.18 52.46
C LEU J 329 -1.48 -19.50 51.00
N ILE J 330 -2.54 -20.26 50.72
CA ILE J 330 -2.85 -20.64 49.34
C ILE J 330 -3.36 -19.43 48.55
N GLU J 331 -4.21 -18.60 49.17
CA GLU J 331 -4.66 -17.40 48.48
C GLU J 331 -3.58 -16.34 48.43
N GLY J 332 -2.65 -16.34 49.39
CA GLY J 332 -1.52 -15.43 49.34
C GLY J 332 -0.53 -15.75 48.23
N PHE J 333 -0.55 -16.99 47.73
CA PHE J 333 0.27 -17.35 46.58
C PHE J 333 -0.21 -16.63 45.32
N SER J 334 -1.52 -16.48 45.17
CA SER J 334 -2.11 -15.78 44.04
C SER J 334 -2.46 -14.33 44.37
N ASN J 335 -2.10 -13.84 45.56
CA ASN J 335 -2.38 -12.47 45.94
C ASN J 335 -1.19 -11.59 45.59
N LYS J 336 -1.44 -10.54 44.82
CA LYS J 336 -0.38 -9.63 44.43
C LYS J 336 0.04 -8.68 45.55
N GLU J 337 -0.82 -8.48 46.55
CA GLU J 337 -0.50 -7.61 47.68
C GLU J 337 0.22 -8.32 48.81
N ILE J 338 0.34 -9.65 48.75
CA ILE J 338 1.08 -10.42 49.73
C ILE J 338 2.43 -10.76 49.12
N HIS J 339 3.50 -10.23 49.72
CA HIS J 339 4.82 -10.36 49.13
C HIS J 339 5.38 -11.78 49.29
N PHE J 340 5.18 -12.38 50.46
CA PHE J 340 5.67 -13.73 50.72
C PHE J 340 4.83 -14.34 51.83
N GLN J 341 5.06 -15.62 52.10
CA GLN J 341 4.40 -16.33 53.17
C GLN J 341 5.41 -16.70 54.25
N PHE J 342 5.00 -16.59 55.50
CA PHE J 342 5.85 -16.84 56.66
C PHE J 342 5.34 -18.09 57.38
N ILE J 343 5.86 -19.25 56.99
CA ILE J 343 5.51 -20.48 57.68
C ILE J 343 6.16 -20.48 59.06
N ASN J 344 5.36 -20.74 60.09
CA ASN J 344 5.83 -20.57 61.47
C ASN J 344 6.78 -21.70 61.88
N ASP J 345 6.29 -22.93 61.90
CA ASP J 345 7.05 -24.04 62.45
C ASP J 345 6.87 -25.28 61.57
N ILE J 346 7.30 -26.42 62.11
CA ILE J 346 7.29 -27.68 61.37
C ILE J 346 5.86 -28.17 61.16
N ASP J 347 5.00 -28.04 62.18
CA ASP J 347 3.63 -28.51 62.07
C ASP J 347 2.83 -27.72 61.05
N ASP J 348 3.03 -26.40 61.01
CA ASP J 348 2.39 -25.59 59.98
C ASP J 348 3.04 -25.80 58.61
N PHE J 349 4.26 -26.30 58.57
CA PHE J 349 4.92 -26.57 57.30
C PHE J 349 4.24 -27.73 56.58
N ASN J 350 4.10 -28.87 57.26
CA ASN J 350 3.61 -30.08 56.60
C ASN J 350 2.13 -29.99 56.26
N GLU J 351 1.35 -29.23 57.04
CA GLU J 351 -0.05 -29.04 56.72
C GLU J 351 -0.23 -28.23 55.44
N THR J 352 0.76 -27.38 55.10
CA THR J 352 0.68 -26.61 53.87
C THR J 352 0.94 -27.46 52.64
N LEU J 353 1.72 -28.55 52.78
CA LEU J 353 2.04 -29.38 51.63
C LEU J 353 0.80 -30.07 51.05
N ASN J 354 -0.10 -30.53 51.92
CA ASN J 354 -1.28 -31.24 51.44
C ASN J 354 -2.28 -30.32 50.75
N SER J 355 -2.20 -29.02 51.00
CA SER J 355 -3.17 -28.08 50.40
C SER J 355 -2.82 -27.77 48.95
N ILE J 356 -1.54 -27.68 48.61
CA ILE J 356 -1.11 -27.24 47.29
C ILE J 356 -1.07 -28.43 46.34
N ASN J 357 -1.62 -28.24 45.13
CA ASN J 357 -1.63 -29.28 44.11
C ASN J 357 -0.75 -28.95 42.92
N ILE J 358 -0.28 -27.72 42.77
CA ILE J 358 0.59 -27.35 41.67
C ILE J 358 2.01 -27.79 41.99
N ARG J 359 2.90 -27.67 40.99
CA ARG J 359 4.28 -28.13 41.13
C ARG J 359 5.00 -27.40 42.27
N LYS J 360 5.72 -28.16 43.08
CA LYS J 360 6.26 -27.68 44.34
C LYS J 360 7.76 -27.90 44.40
N GLU J 361 8.49 -26.91 44.91
CA GLU J 361 9.93 -26.98 45.07
C GLU J 361 10.30 -26.57 46.49
N VAL J 362 11.45 -27.09 46.95
CA VAL J 362 11.93 -26.85 48.31
C VAL J 362 13.41 -26.48 48.24
N TYR J 363 13.77 -25.37 48.92
CA TYR J 363 15.16 -24.90 48.97
C TYR J 363 15.53 -24.71 50.44
N GLN J 364 16.05 -25.75 51.08
CA GLN J 364 16.55 -25.63 52.44
C GLN J 364 18.03 -25.22 52.43
N PHE J 365 18.31 -24.04 52.96
CA PHE J 365 19.69 -23.61 53.22
C PHE J 365 19.87 -23.55 54.74
N TYR J 366 20.87 -24.26 55.24
CA TYR J 366 21.04 -24.42 56.68
C TYR J 366 22.51 -24.29 57.05
N THR J 367 22.77 -24.26 58.36
CA THR J 367 24.13 -24.18 58.89
C THR J 367 24.51 -25.38 59.72
N GLU J 368 23.71 -25.73 60.73
CA GLU J 368 23.99 -26.89 61.58
C GLU J 368 22.90 -27.95 61.52
N ASN J 369 21.65 -27.57 61.72
CA ASN J 369 20.56 -28.52 61.81
C ASN J 369 19.73 -28.52 60.54
N CYS J 370 19.35 -29.70 60.08
CA CYS J 370 18.56 -29.89 58.87
C CYS J 370 17.17 -30.42 59.22
N LEU J 371 16.28 -30.40 58.23
CA LEU J 371 14.89 -30.78 58.41
C LEU J 371 14.53 -31.97 57.54
N ASP J 372 13.51 -32.72 57.98
CA ASP J 372 13.01 -33.89 57.26
C ASP J 372 11.87 -33.45 56.36
N ILE J 373 12.17 -33.27 55.07
CA ILE J 373 11.16 -33.00 54.06
C ILE J 373 10.89 -34.32 53.32
N PRO J 374 9.64 -34.66 53.02
CA PRO J 374 9.37 -35.89 52.24
C PRO J 374 10.01 -35.83 50.85
N SER J 375 10.40 -37.01 50.37
CA SER J 375 11.24 -37.13 49.19
C SER J 375 10.47 -37.20 47.88
N GLN J 376 9.13 -37.11 47.91
CA GLN J 376 8.36 -37.19 46.68
C GLN J 376 8.40 -35.89 45.86
N LEU J 377 9.02 -34.84 46.37
CA LEU J 377 9.18 -33.58 45.67
C LEU J 377 10.65 -33.16 45.65
N PRO J 378 11.07 -32.38 44.64
CA PRO J 378 12.47 -31.96 44.58
C PRO J 378 12.85 -31.04 45.72
N GLN J 379 14.04 -31.28 46.28
CA GLN J 379 14.58 -30.49 47.37
C GLN J 379 15.99 -30.05 47.04
N VAL J 380 16.41 -28.95 47.64
CA VAL J 380 17.79 -28.48 47.57
C VAL J 380 18.25 -28.24 49.00
N ASN J 381 19.26 -28.97 49.44
CA ASN J 381 19.76 -28.90 50.81
C ASN J 381 21.23 -28.49 50.77
N ILE J 382 21.52 -27.23 51.07
CA ILE J 382 22.86 -26.67 51.01
C ILE J 382 23.25 -26.21 52.41
N GLN J 383 24.41 -26.68 52.88
CA GLN J 383 24.95 -26.26 54.17
C GLN J 383 25.90 -25.09 53.96
N VAL J 384 25.67 -24.01 54.71
CA VAL J 384 26.50 -22.81 54.66
C VAL J 384 27.07 -22.53 56.04
N LYS J 385 28.00 -21.58 56.11
CA LYS J 385 28.55 -21.17 57.39
C LYS J 385 27.66 -20.13 58.06
N ASP J 386 27.53 -18.96 57.45
CA ASP J 386 26.78 -17.84 58.01
C ASP J 386 25.55 -17.57 57.14
N PHE J 387 24.65 -16.74 57.69
CA PHE J 387 23.44 -16.38 56.97
C PHE J 387 23.72 -15.39 55.83
N ALA J 388 24.88 -14.72 55.86
CA ALA J 388 25.21 -13.79 54.79
C ALA J 388 25.54 -14.51 53.49
N ASP J 389 26.05 -15.75 53.58
CA ASP J 389 26.30 -16.54 52.38
C ASP J 389 25.03 -17.01 51.70
N ILE J 390 23.91 -17.02 52.44
CA ILE J 390 22.65 -17.50 51.90
C ILE J 390 22.12 -16.56 50.83
N LYS J 391 22.31 -15.25 51.05
CA LYS J 391 21.77 -14.24 50.13
C LYS J 391 22.42 -14.32 48.75
N GLU J 392 23.71 -14.64 48.69
CA GLU J 392 24.42 -14.73 47.41
C GLU J 392 24.16 -16.04 46.69
N ILE J 393 23.33 -16.93 47.23
CA ILE J 393 22.97 -18.17 46.56
C ILE J 393 21.56 -18.09 45.98
N VAL J 394 20.64 -17.45 46.69
CA VAL J 394 19.26 -17.30 46.22
C VAL J 394 19.17 -16.38 45.01
N LYS K 151 2.36 -70.95 -2.94
CA LYS K 151 3.82 -70.93 -2.86
C LYS K 151 4.30 -69.63 -2.23
N SER K 152 4.51 -68.61 -3.07
CA SER K 152 4.89 -67.29 -2.56
C SER K 152 3.72 -66.67 -1.80
N PHE K 153 4.03 -66.03 -0.68
CA PHE K 153 2.99 -65.57 0.25
C PHE K 153 2.20 -64.39 -0.29
N ASP K 154 2.77 -63.61 -1.20
CA ASP K 154 2.05 -62.47 -1.76
C ASP K 154 1.06 -62.86 -2.84
N ASP K 155 1.17 -64.05 -3.41
CA ASP K 155 0.39 -64.42 -4.58
C ASP K 155 -0.96 -65.03 -4.22
N GLN K 156 -0.97 -66.07 -3.38
CA GLN K 156 -2.22 -66.77 -3.10
C GLN K 156 -3.16 -65.96 -2.20
N LYS K 157 -2.63 -64.97 -1.49
CA LYS K 157 -3.48 -64.07 -0.73
C LYS K 157 -4.32 -63.19 -1.65
N LYS K 158 -3.76 -62.76 -2.78
CA LYS K 158 -4.46 -61.89 -3.71
C LYS K 158 -5.61 -62.63 -4.40
N GLU K 159 -5.37 -63.88 -4.84
CA GLU K 159 -6.41 -64.61 -5.55
C GLU K 159 -7.51 -65.09 -4.61
N THR K 160 -7.18 -65.38 -3.34
CA THR K 160 -8.22 -65.72 -2.38
C THR K 160 -9.05 -64.50 -2.00
N ILE K 161 -8.44 -63.31 -1.98
CA ILE K 161 -9.18 -62.07 -1.79
C ILE K 161 -10.06 -61.81 -3.02
N GLN K 162 -9.55 -62.12 -4.21
CA GLN K 162 -10.31 -61.88 -5.44
C GLN K 162 -11.52 -62.81 -5.55
N ILE K 163 -11.46 -63.97 -4.92
CA ILE K 163 -12.59 -64.90 -4.92
C ILE K 163 -13.76 -64.32 -4.12
N ILE K 164 -13.48 -63.81 -2.92
CA ILE K 164 -14.54 -63.29 -2.06
C ILE K 164 -14.92 -61.86 -2.49
N LYS K 165 -14.05 -61.16 -3.21
CA LYS K 165 -14.33 -59.80 -3.65
C LYS K 165 -15.52 -59.74 -4.61
N ASN K 166 -15.58 -60.68 -5.55
CA ASN K 166 -16.71 -60.74 -6.47
C ASN K 166 -17.95 -61.38 -5.87
N HIS K 167 -17.82 -62.02 -4.71
CA HIS K 167 -18.96 -62.71 -4.11
C HIS K 167 -19.95 -61.73 -3.52
N PHE K 168 -19.46 -60.69 -2.84
CA PHE K 168 -20.34 -59.71 -2.20
C PHE K 168 -20.10 -58.29 -2.69
N GLN K 169 -19.38 -58.13 -3.82
CA GLN K 169 -19.00 -56.85 -4.45
C GLN K 169 -18.59 -55.78 -3.44
N CYS K 170 -17.70 -56.16 -2.52
CA CYS K 170 -17.27 -55.28 -1.45
C CYS K 170 -16.16 -54.35 -1.95
N GLU K 171 -15.67 -53.51 -1.04
CA GLU K 171 -14.62 -52.55 -1.36
C GLU K 171 -13.25 -53.14 -0.99
N ASP K 172 -12.21 -52.31 -1.05
CA ASP K 172 -10.85 -52.80 -0.81
C ASP K 172 -10.60 -53.12 0.65
N TYR K 173 -11.04 -52.26 1.58
CA TYR K 173 -10.80 -52.49 2.99
C TYR K 173 -11.77 -53.50 3.60
N GLU K 174 -12.87 -53.80 2.91
CA GLU K 174 -13.88 -54.72 3.42
C GLU K 174 -13.60 -56.17 3.05
N ALA K 175 -12.55 -56.44 2.28
CA ALA K 175 -12.24 -57.80 1.84
C ALA K 175 -11.23 -58.49 2.75
N GLU K 176 -10.03 -57.93 2.88
CA GLU K 176 -8.96 -58.58 3.61
C GLU K 176 -9.13 -58.48 5.13
N HIS K 177 -9.73 -57.39 5.62
CA HIS K 177 -9.85 -57.19 7.05
C HIS K 177 -11.20 -57.60 7.62
N TYR K 178 -12.21 -57.78 6.78
CA TYR K 178 -13.57 -58.06 7.26
C TYR K 178 -14.07 -59.43 6.84
N LEU K 179 -13.90 -59.81 5.56
CA LEU K 179 -14.38 -61.10 5.08
C LEU K 179 -13.30 -62.17 5.08
N TYR K 180 -12.10 -61.85 4.60
CA TYR K 180 -11.03 -62.84 4.55
C TYR K 180 -10.53 -63.21 5.94
N SER K 181 -10.51 -62.23 6.86
CA SER K 181 -10.12 -62.51 8.23
C SER K 181 -11.14 -63.42 8.92
N ASN K 182 -12.43 -63.18 8.68
CA ASN K 182 -13.46 -64.04 9.24
C ASN K 182 -13.46 -65.41 8.58
N ALA K 183 -13.05 -65.48 7.30
CA ALA K 183 -13.05 -66.76 6.59
C ALA K 183 -11.96 -67.69 7.11
N PHE K 184 -10.83 -67.13 7.57
CA PHE K 184 -9.74 -67.98 8.04
C PHE K 184 -10.10 -68.63 9.38
N ARG K 185 -10.76 -67.90 10.26
CA ARG K 185 -11.09 -68.43 11.58
C ARG K 185 -12.14 -69.54 11.48
N LYS K 186 -13.12 -69.38 10.60
CA LYS K 186 -14.13 -70.42 10.41
C LYS K 186 -13.56 -71.67 9.77
N THR K 187 -12.55 -71.54 8.91
CA THR K 187 -11.93 -72.71 8.33
C THR K 187 -11.06 -73.45 9.35
N TYR K 188 -10.42 -72.70 10.25
CA TYR K 188 -9.66 -73.34 11.32
C TYR K 188 -10.60 -73.96 12.35
N ASP K 189 -11.75 -73.31 12.61
CA ASP K 189 -12.69 -73.85 13.58
C ASP K 189 -13.34 -75.13 13.08
N ILE K 190 -13.46 -75.30 11.75
CA ILE K 190 -13.95 -76.55 11.20
C ILE K 190 -12.82 -77.56 10.97
N SER K 191 -11.56 -77.12 11.04
CA SER K 191 -10.43 -78.03 10.88
C SER K 191 -9.97 -78.60 12.22
N CYS K 192 -10.02 -77.81 13.29
CA CYS K 192 -9.65 -78.29 14.61
C CYS K 192 -10.70 -79.18 15.24
N ASN K 193 -11.92 -79.20 14.69
CA ASN K 193 -12.98 -80.05 15.21
C ASN K 193 -12.74 -81.49 14.75
N LYS K 194 -12.50 -82.39 15.71
CA LYS K 194 -12.24 -83.79 15.39
C LYS K 194 -13.50 -84.55 15.01
N LYS K 195 -14.68 -83.97 15.23
CA LYS K 195 -15.93 -84.66 14.91
C LYS K 195 -16.46 -84.32 13.53
N ASP K 196 -16.14 -83.13 13.01
CA ASP K 196 -16.63 -82.71 11.71
C ASP K 196 -15.51 -82.03 10.94
N ARG K 197 -15.36 -82.40 9.66
CA ARG K 197 -14.37 -81.79 8.78
C ARG K 197 -14.93 -81.36 7.43
N ARG K 198 -16.03 -81.95 6.97
CA ARG K 198 -16.61 -81.62 5.67
C ARG K 198 -17.73 -80.61 5.86
N ILE K 199 -17.62 -79.47 5.18
CA ILE K 199 -18.62 -78.42 5.21
C ILE K 199 -18.91 -77.99 3.78
N LYS K 200 -20.08 -77.38 3.59
CA LYS K 200 -20.51 -76.94 2.27
C LYS K 200 -20.33 -75.43 2.13
N LYS K 201 -20.44 -74.97 0.88
CA LYS K 201 -20.31 -73.55 0.58
C LYS K 201 -21.60 -72.76 0.84
N SER K 202 -22.72 -73.46 1.04
CA SER K 202 -23.99 -72.76 1.25
C SER K 202 -24.03 -72.09 2.62
N ASP K 203 -23.64 -72.81 3.68
CA ASP K 203 -23.68 -72.23 5.01
C ASP K 203 -22.43 -71.43 5.33
N PHE K 204 -21.31 -71.74 4.68
CA PHE K 204 -20.08 -70.98 4.90
C PHE K 204 -20.20 -69.55 4.38
N VAL K 205 -20.95 -69.35 3.30
CA VAL K 205 -21.21 -68.00 2.80
C VAL K 205 -22.04 -67.21 3.80
N GLU K 206 -23.09 -67.83 4.36
CA GLU K 206 -23.96 -67.13 5.30
C GLU K 206 -23.31 -66.94 6.66
N SER K 207 -22.31 -67.73 7.00
CA SER K 207 -21.62 -67.61 8.28
C SER K 207 -20.50 -66.57 8.27
N ILE K 208 -20.24 -65.96 7.12
CA ILE K 208 -19.18 -64.97 6.99
C ILE K 208 -19.76 -63.56 6.86
N ASN K 209 -20.77 -63.38 6.01
CA ASN K 209 -21.36 -62.07 5.76
C ASN K 209 -22.27 -61.67 6.93
N LYS K 210 -21.63 -61.33 8.04
CA LYS K 210 -22.30 -60.81 9.22
C LYS K 210 -21.56 -59.56 9.67
N SER K 211 -22.30 -58.63 10.28
CA SER K 211 -21.71 -57.36 10.72
C SER K 211 -20.86 -57.56 11.97
N LYS K 212 -19.71 -58.21 11.80
CA LYS K 212 -18.86 -58.57 12.94
C LYS K 212 -17.47 -58.92 12.42
N VAL K 213 -16.45 -58.48 13.13
CA VAL K 213 -15.06 -58.80 12.80
C VAL K 213 -14.52 -59.68 13.92
N LEU K 214 -14.18 -60.92 13.58
CA LEU K 214 -13.68 -61.87 14.57
C LEU K 214 -12.18 -61.71 14.75
N PHE K 215 -11.70 -61.98 15.96
CA PHE K 215 -10.27 -61.95 16.24
C PHE K 215 -9.57 -63.13 15.58
N ASN K 216 -8.32 -62.91 15.19
CA ASN K 216 -7.47 -63.94 14.60
C ASN K 216 -6.21 -64.06 15.42
N ILE K 217 -5.92 -65.28 15.90
CA ILE K 217 -4.76 -65.49 16.76
C ILE K 217 -3.47 -65.53 15.95
N TRP K 218 -3.50 -66.15 14.77
CA TRP K 218 -2.27 -66.35 14.01
C TRP K 218 -1.79 -65.06 13.35
N PHE K 219 -2.72 -64.25 12.82
CA PHE K 219 -2.34 -62.92 12.35
C PHE K 219 -1.99 -61.98 13.50
N TYR K 220 -2.39 -62.30 14.73
CA TYR K 220 -1.89 -61.53 15.87
C TYR K 220 -0.42 -61.83 16.12
N GLN K 221 0.03 -63.04 15.80
CA GLN K 221 1.43 -63.40 15.93
C GLN K 221 2.22 -63.17 14.65
N TYR K 222 1.57 -63.22 13.49
CA TYR K 222 2.25 -62.98 12.21
C TYR K 222 2.66 -61.52 12.08
N GLU K 223 1.79 -60.60 12.46
CA GLU K 223 2.06 -59.17 12.33
C GLU K 223 2.47 -58.51 13.64
N GLY K 224 1.97 -58.98 14.77
CA GLY K 224 2.29 -58.40 16.06
C GLY K 224 1.23 -57.41 16.52
N ARG K 225 1.38 -56.99 17.78
CA ARG K 225 0.43 -56.06 18.38
C ARG K 225 0.62 -54.62 17.93
N LYS K 226 1.74 -54.30 17.28
CA LYS K 226 1.93 -52.98 16.71
C LYS K 226 1.52 -52.92 15.25
N GLU K 227 1.06 -54.03 14.68
CA GLU K 227 0.64 -54.08 13.29
C GLU K 227 -0.79 -54.60 13.11
N TYR K 228 -1.20 -55.60 13.92
CA TYR K 228 -2.59 -56.03 13.87
C TYR K 228 -3.53 -54.96 14.42
N LEU K 229 -3.15 -54.34 15.54
CA LEU K 229 -3.91 -53.20 16.03
C LEU K 229 -3.74 -51.99 15.13
N ARG K 230 -2.64 -51.93 14.38
CA ARG K 230 -2.50 -50.87 13.38
C ARG K 230 -3.35 -51.17 12.15
N LYS K 231 -3.52 -52.44 11.78
CA LYS K 231 -4.32 -52.74 10.61
C LYS K 231 -5.81 -52.55 10.86
N LEU K 232 -6.24 -52.59 12.12
CA LEU K 232 -7.64 -52.41 12.46
C LEU K 232 -8.08 -50.95 12.50
N LYS K 233 -7.14 -50.01 12.48
CA LYS K 233 -7.49 -48.63 12.78
C LYS K 233 -7.97 -47.87 11.55
N GLU K 234 -7.23 -47.94 10.43
CA GLU K 234 -7.72 -47.34 9.18
C GLU K 234 -8.57 -48.29 8.35
N SER K 235 -9.06 -49.38 8.93
CA SER K 235 -10.02 -50.23 8.24
C SER K 235 -11.45 -49.75 8.46
N PHE K 236 -11.86 -49.64 9.72
CA PHE K 236 -13.23 -49.27 10.05
C PHE K 236 -13.32 -47.98 10.86
N ILE K 237 -12.20 -47.44 11.32
CA ILE K 237 -12.18 -46.23 12.15
C ILE K 237 -11.44 -45.16 11.37
N ARG K 238 -11.63 -45.16 10.05
CA ARG K 238 -11.04 -44.14 9.19
C ARG K 238 -11.45 -42.74 9.63
N ARG K 239 -10.45 -41.87 9.79
CA ARG K 239 -10.64 -40.55 10.37
C ARG K 239 -10.23 -39.47 9.38
N SER K 240 -10.92 -38.34 9.44
CA SER K 240 -10.57 -37.14 8.72
C SER K 240 -10.06 -36.11 9.73
N VAL K 241 -9.78 -34.90 9.23
CA VAL K 241 -9.37 -33.83 10.13
C VAL K 241 -10.56 -33.34 10.94
N ASN K 242 -11.63 -32.94 10.26
CA ASN K 242 -12.78 -32.33 10.92
C ASN K 242 -13.76 -33.41 11.29
N THR K 243 -13.76 -33.80 12.57
CA THR K 243 -14.68 -34.82 13.06
C THR K 243 -16.04 -34.18 13.27
N SER K 244 -17.04 -34.66 12.53
CA SER K 244 -18.36 -34.05 12.51
C SER K 244 -19.13 -34.37 13.78
N PRO K 245 -20.04 -33.47 14.21
CA PRO K 245 -20.82 -33.74 15.42
C PRO K 245 -21.84 -34.85 15.25
N TYR K 246 -21.37 -36.09 15.31
CA TYR K 246 -22.19 -37.28 15.17
C TYR K 246 -22.35 -37.98 16.50
N ALA K 247 -23.55 -38.48 16.77
CA ALA K 247 -23.84 -39.19 18.01
C ALA K 247 -23.20 -40.58 17.94
N ARG K 248 -21.99 -40.69 18.47
CA ARG K 248 -21.19 -41.91 18.34
C ARG K 248 -21.29 -42.73 19.62
N PHE K 249 -21.64 -44.00 19.48
CA PHE K 249 -21.89 -44.89 20.60
C PHE K 249 -20.74 -45.88 20.71
N PHE K 250 -20.16 -45.99 21.91
CA PHE K 250 -19.01 -46.85 22.16
C PHE K 250 -19.41 -47.94 23.15
N ILE K 251 -19.50 -49.17 22.67
CA ILE K 251 -19.83 -50.33 23.49
C ILE K 251 -18.54 -51.09 23.78
N LEU K 252 -18.24 -51.27 25.06
CA LEU K 252 -17.03 -51.96 25.49
C LEU K 252 -17.38 -53.10 26.44
N GLU K 253 -16.66 -54.21 26.31
CA GLU K 253 -16.89 -55.39 27.14
C GLU K 253 -16.13 -55.24 28.45
N PHE K 254 -16.87 -55.04 29.53
CA PHE K 254 -16.30 -54.95 30.87
C PHE K 254 -16.53 -56.28 31.57
N GLN K 255 -15.45 -56.91 32.02
CA GLN K 255 -15.51 -58.17 32.75
C GLN K 255 -14.81 -58.01 34.09
N ASP K 256 -14.92 -59.05 34.93
CA ASP K 256 -14.26 -59.04 36.22
C ASP K 256 -12.77 -59.31 36.13
N LYS K 257 -12.30 -59.91 35.04
CA LYS K 257 -10.87 -60.21 34.92
C LYS K 257 -10.06 -58.96 34.65
N THR K 258 -10.65 -57.93 34.05
CA THR K 258 -9.96 -56.68 33.80
C THR K 258 -10.26 -55.69 34.91
N ASP K 259 -9.22 -55.02 35.40
CA ASP K 259 -9.39 -54.06 36.48
C ASP K 259 -9.82 -52.71 35.93
N ILE K 260 -10.21 -51.82 36.84
CA ILE K 260 -10.83 -50.55 36.46
C ILE K 260 -9.80 -49.60 35.84
N LYS K 261 -8.51 -49.76 36.20
CA LYS K 261 -7.49 -48.82 35.74
C LYS K 261 -7.29 -48.90 34.23
N THR K 262 -7.17 -50.12 33.69
CA THR K 262 -7.06 -50.27 32.25
C THR K 262 -8.38 -50.03 31.53
N VAL K 263 -9.50 -50.00 32.26
CA VAL K 263 -10.77 -49.59 31.68
C VAL K 263 -10.88 -48.06 31.68
N LYS K 264 -10.33 -47.42 32.71
CA LYS K 264 -10.49 -45.97 32.87
C LYS K 264 -9.75 -45.20 31.79
N ASP K 265 -8.50 -45.56 31.51
CA ASP K 265 -7.71 -44.79 30.55
C ASP K 265 -8.16 -45.02 29.12
N CYS K 266 -8.88 -46.12 28.86
CA CYS K 266 -9.53 -46.29 27.56
C CYS K 266 -10.63 -45.25 27.34
N ILE K 267 -11.33 -44.88 28.42
CA ILE K 267 -12.37 -43.87 28.34
C ILE K 267 -11.75 -42.50 28.03
N TYR K 268 -10.56 -42.23 28.59
CA TYR K 268 -9.86 -41.00 28.26
C TYR K 268 -9.45 -40.95 26.79
N LYS K 269 -9.06 -42.10 26.23
CA LYS K 269 -8.74 -42.15 24.81
C LYS K 269 -9.99 -41.92 23.96
N ILE K 270 -11.13 -42.44 24.41
CA ILE K 270 -12.39 -42.19 23.72
C ILE K 270 -12.81 -40.73 23.89
N GLN K 271 -12.67 -40.20 25.10
CA GLN K 271 -13.12 -38.83 25.37
C GLN K 271 -12.24 -37.80 24.68
N SER K 272 -10.93 -38.06 24.58
CA SER K 272 -10.05 -37.10 23.92
C SER K 272 -10.21 -37.14 22.41
N ASN K 273 -10.36 -38.33 21.83
CA ASN K 273 -10.46 -38.44 20.38
C ASN K 273 -11.82 -38.00 19.86
N TRP K 274 -12.90 -38.38 20.55
CA TRP K 274 -14.24 -38.30 19.99
C TRP K 274 -15.10 -37.22 20.63
N SER K 275 -14.48 -36.20 21.24
CA SER K 275 -15.23 -35.08 21.79
C SER K 275 -14.53 -33.78 21.45
N ASN K 276 -15.33 -32.75 21.19
CA ASN K 276 -14.84 -31.39 20.98
C ASN K 276 -15.65 -30.50 21.90
N LEU K 277 -15.18 -30.36 23.15
CA LEU K 277 -15.83 -29.53 24.14
C LEU K 277 -15.28 -28.11 24.16
N SER K 278 -14.84 -27.62 23.01
CA SER K 278 -14.24 -26.29 22.94
C SER K 278 -15.27 -25.20 23.24
N LYS K 279 -14.84 -24.19 23.97
CA LYS K 279 -15.65 -23.03 24.29
C LYS K 279 -15.93 -22.13 23.09
N ARG K 280 -15.26 -22.35 21.96
CA ARG K 280 -15.53 -21.62 20.73
C ARG K 280 -16.35 -22.41 19.72
N THR K 281 -16.73 -23.64 20.05
CA THR K 281 -17.55 -24.45 19.15
C THR K 281 -19.00 -23.98 19.17
N ASP K 282 -19.67 -24.12 18.03
CA ASP K 282 -21.11 -23.93 17.96
C ASP K 282 -21.87 -25.25 17.90
N ARG K 283 -21.22 -26.34 17.50
CA ARG K 283 -21.80 -27.68 17.46
C ARG K 283 -20.88 -28.64 18.18
N PRO K 284 -20.93 -28.66 19.52
CA PRO K 284 -20.09 -29.59 20.27
C PRO K 284 -20.66 -31.00 20.24
N TYR K 285 -19.80 -31.97 20.55
CA TYR K 285 -20.20 -33.37 20.59
C TYR K 285 -19.42 -34.09 21.68
N SER K 286 -20.03 -35.15 22.22
CA SER K 286 -19.45 -35.98 23.25
C SER K 286 -19.76 -37.43 22.95
N PRO K 287 -18.86 -38.36 23.29
CA PRO K 287 -19.11 -39.78 22.99
C PRO K 287 -20.13 -40.38 23.95
N PHE K 288 -20.78 -41.44 23.48
CA PHE K 288 -21.66 -42.27 24.30
C PHE K 288 -20.92 -43.53 24.69
N LEU K 289 -20.97 -43.89 25.98
CA LEU K 289 -20.26 -45.05 26.50
C LEU K 289 -21.26 -46.05 27.06
N LEU K 290 -21.09 -47.31 26.67
CA LEU K 290 -21.87 -48.42 27.23
C LEU K 290 -20.93 -49.55 27.63
N PHE K 291 -21.14 -50.08 28.83
CA PHE K 291 -20.42 -51.25 29.31
C PHE K 291 -21.42 -52.32 29.72
N HIS K 292 -21.06 -53.57 29.49
CA HIS K 292 -21.97 -54.69 29.69
C HIS K 292 -21.18 -55.91 30.11
N GLY K 293 -21.89 -56.91 30.63
CA GLY K 293 -21.25 -58.13 31.08
C GLY K 293 -20.52 -58.01 32.39
N THR K 294 -20.73 -56.93 33.14
CA THR K 294 -20.08 -56.71 34.42
C THR K 294 -21.13 -56.56 35.52
N SER K 295 -20.70 -56.78 36.75
CA SER K 295 -21.57 -56.55 37.89
C SER K 295 -21.85 -55.06 38.07
N ASP K 296 -23.01 -54.75 38.65
CA ASP K 296 -23.37 -53.37 38.87
C ASP K 296 -22.48 -52.70 39.92
N ALA K 297 -21.94 -53.48 40.85
CA ALA K 297 -21.00 -52.93 41.83
C ALA K 297 -19.70 -52.49 41.16
N ASN K 298 -19.23 -53.26 40.18
CA ASN K 298 -18.03 -52.87 39.45
C ASN K 298 -18.30 -51.70 38.50
N LEU K 299 -19.50 -51.64 37.94
CA LEU K 299 -19.85 -50.52 37.05
C LEU K 299 -20.01 -49.23 37.83
N TYR K 300 -20.58 -49.30 39.04
CA TYR K 300 -20.72 -48.11 39.85
C TYR K 300 -19.39 -47.64 40.41
N GLU K 301 -18.46 -48.57 40.66
CA GLU K 301 -17.13 -48.20 41.13
C GLU K 301 -16.34 -47.49 40.04
N LEU K 302 -16.49 -47.93 38.78
CA LEU K 302 -15.87 -47.23 37.67
C LEU K 302 -16.47 -45.85 37.48
N LYS K 303 -17.79 -45.72 37.65
CA LYS K 303 -18.45 -44.42 37.54
C LYS K 303 -17.96 -43.46 38.63
N ASN K 304 -17.75 -43.96 39.85
CA ASN K 304 -17.33 -43.09 40.94
C ASN K 304 -15.89 -42.63 40.78
N GLN K 305 -15.02 -43.51 40.26
CA GLN K 305 -13.62 -43.12 40.08
C GLN K 305 -13.45 -42.12 38.94
N LEU K 306 -14.26 -42.23 37.89
CA LEU K 306 -14.25 -41.22 36.83
C LEU K 306 -14.73 -39.88 37.35
N PHE K 307 -15.73 -39.88 38.23
CA PHE K 307 -16.33 -38.64 38.70
C PHE K 307 -15.42 -37.90 39.67
N ASN K 308 -14.61 -38.63 40.43
CA ASN K 308 -13.77 -38.01 41.45
C ASN K 308 -12.59 -37.24 40.88
N GLU K 309 -12.26 -37.43 39.61
CA GLU K 309 -11.16 -36.73 38.96
C GLU K 309 -11.65 -35.87 37.80
N ASP K 310 -12.80 -35.23 38.00
CA ASP K 310 -13.31 -34.15 37.13
C ASP K 310 -13.60 -34.62 35.71
N LEU K 311 -14.03 -35.87 35.55
CA LEU K 311 -14.56 -36.34 34.27
C LEU K 311 -16.08 -36.42 34.42
N ILE K 312 -16.72 -35.27 34.20
CA ILE K 312 -18.16 -35.13 34.46
C ILE K 312 -18.93 -35.82 33.36
N PHE K 313 -19.85 -36.71 33.74
CA PHE K 313 -20.66 -37.45 32.79
C PHE K 313 -22.13 -37.41 33.20
N THR K 314 -22.98 -37.93 32.31
CA THR K 314 -24.40 -38.05 32.56
C THR K 314 -24.85 -39.45 32.14
N ASP K 315 -25.95 -39.90 32.73
CA ASP K 315 -26.43 -41.26 32.53
C ASP K 315 -27.92 -41.36 32.28
N GLY K 316 -28.65 -40.24 32.27
CA GLY K 316 -30.09 -40.29 32.23
C GLY K 316 -30.75 -40.42 33.58
N TYR K 317 -29.97 -40.46 34.66
CA TYR K 317 -30.48 -40.54 36.03
C TYR K 317 -29.89 -39.37 36.80
N PRO K 318 -30.49 -38.18 36.68
CA PRO K 318 -29.89 -36.97 37.29
C PRO K 318 -29.98 -36.93 38.81
N PHE K 319 -30.76 -37.80 39.43
CA PHE K 319 -30.88 -37.81 40.89
C PHE K 319 -31.22 -39.22 41.35
N LYS K 320 -31.14 -39.43 42.67
CA LYS K 320 -31.40 -40.74 43.24
C LYS K 320 -32.89 -41.06 43.17
N GLY K 321 -33.21 -42.27 42.70
CA GLY K 321 -34.59 -42.68 42.54
C GLY K 321 -35.24 -42.21 41.25
N SER K 322 -34.48 -41.59 40.36
CA SER K 322 -35.03 -41.09 39.11
C SER K 322 -35.30 -42.22 38.13
N VAL K 323 -36.33 -42.03 37.31
CA VAL K 323 -36.48 -42.85 36.12
C VAL K 323 -35.46 -42.41 35.08
N PHE K 324 -35.27 -43.24 34.07
CA PHE K 324 -34.29 -42.92 33.03
C PHE K 324 -34.82 -41.77 32.17
N THR K 325 -34.04 -40.70 32.08
CA THR K 325 -34.39 -39.55 31.27
C THR K 325 -33.47 -39.50 30.06
N PRO K 326 -33.90 -39.97 28.89
CA PRO K 326 -33.04 -39.92 27.70
C PRO K 326 -32.70 -38.51 27.26
N LYS K 327 -33.56 -37.52 27.57
CA LYS K 327 -33.29 -36.14 27.19
C LYS K 327 -32.06 -35.59 27.90
N MET K 328 -31.77 -36.06 29.11
CA MET K 328 -30.56 -35.65 29.81
C MET K 328 -29.31 -36.10 29.08
N LEU K 329 -29.36 -37.24 28.38
CA LEU K 329 -28.24 -37.67 27.56
C LEU K 329 -28.11 -36.82 26.31
N ILE K 330 -29.23 -36.38 25.74
CA ILE K 330 -29.20 -35.60 24.49
C ILE K 330 -28.65 -34.20 24.75
N GLU K 331 -29.09 -33.56 25.83
CA GLU K 331 -28.56 -32.24 26.16
C GLU K 331 -27.11 -32.32 26.62
N GLY K 332 -26.71 -33.43 27.25
CA GLY K 332 -25.31 -33.63 27.59
C GLY K 332 -24.42 -33.87 26.39
N PHE K 333 -25.01 -34.29 25.26
CA PHE K 333 -24.25 -34.42 24.03
C PHE K 333 -23.79 -33.06 23.52
N SER K 334 -24.66 -32.06 23.61
CA SER K 334 -24.33 -30.70 23.18
C SER K 334 -23.81 -29.85 24.32
N ASN K 335 -23.71 -30.39 25.54
CA ASN K 335 -23.20 -29.62 26.66
C ASN K 335 -21.68 -29.69 26.69
N LYS K 336 -21.05 -28.51 26.76
CA LYS K 336 -19.59 -28.43 26.78
C LYS K 336 -18.99 -28.83 28.11
N GLU K 337 -19.78 -28.82 29.19
CA GLU K 337 -19.32 -29.21 30.51
C GLU K 337 -19.51 -30.70 30.78
N ILE K 338 -20.15 -31.43 29.87
CA ILE K 338 -20.35 -32.87 30.00
C ILE K 338 -19.34 -33.56 29.07
N HIS K 339 -18.45 -34.34 29.66
CA HIS K 339 -17.36 -34.94 28.88
C HIS K 339 -17.85 -36.10 28.02
N PHE K 340 -18.68 -36.98 28.58
CA PHE K 340 -19.22 -38.11 27.83
C PHE K 340 -20.49 -38.58 28.52
N GLN K 341 -21.18 -39.51 27.88
CA GLN K 341 -22.41 -40.10 28.39
C GLN K 341 -22.12 -41.51 28.88
N PHE K 342 -22.81 -41.91 29.95
CA PHE K 342 -22.67 -43.25 30.52
C PHE K 342 -24.01 -43.97 30.40
N ILE K 343 -24.20 -44.68 29.29
CA ILE K 343 -25.38 -45.53 29.16
C ILE K 343 -25.23 -46.73 30.09
N ASN K 344 -26.27 -47.03 30.85
CA ASN K 344 -26.18 -48.04 31.90
C ASN K 344 -26.20 -49.45 31.32
N ASP K 345 -27.27 -49.83 30.64
CA ASP K 345 -27.41 -51.17 30.09
C ASP K 345 -28.14 -51.09 28.75
N ILE K 346 -28.54 -52.24 28.23
CA ILE K 346 -29.17 -52.30 26.91
C ILE K 346 -30.59 -51.74 26.92
N ASP K 347 -31.22 -51.64 28.10
CA ASP K 347 -32.54 -51.03 28.16
C ASP K 347 -32.46 -49.52 27.95
N ASP K 348 -31.36 -48.90 28.37
CA ASP K 348 -31.15 -47.47 28.18
C ASP K 348 -30.55 -47.13 26.82
N PHE K 349 -30.12 -48.13 26.04
CA PHE K 349 -29.60 -47.87 24.71
C PHE K 349 -30.76 -47.56 23.76
N ASN K 350 -31.75 -48.47 23.70
CA ASN K 350 -32.82 -48.34 22.71
C ASN K 350 -33.73 -47.16 22.98
N GLU K 351 -33.82 -46.69 24.22
CA GLU K 351 -34.56 -45.47 24.49
C GLU K 351 -33.80 -44.23 24.04
N THR K 352 -32.48 -44.28 24.04
CA THR K 352 -31.69 -43.15 23.58
C THR K 352 -31.71 -43.03 22.06
N LEU K 353 -31.77 -44.16 21.35
CA LEU K 353 -31.71 -44.15 19.90
C LEU K 353 -32.95 -43.50 19.29
N ASN K 354 -34.12 -43.70 19.90
CA ASN K 354 -35.34 -43.09 19.40
C ASN K 354 -35.42 -41.61 19.68
N SER K 355 -34.56 -41.06 20.54
CA SER K 355 -34.57 -39.66 20.88
C SER K 355 -33.52 -38.86 20.12
N ILE K 356 -32.84 -39.46 19.14
CA ILE K 356 -31.81 -38.80 18.35
C ILE K 356 -32.29 -38.74 16.91
N ASN K 357 -32.32 -37.53 16.35
CA ASN K 357 -32.62 -37.34 14.94
C ASN K 357 -31.37 -37.13 14.08
N ILE K 358 -30.22 -36.88 14.70
CA ILE K 358 -28.97 -36.67 13.98
C ILE K 358 -28.35 -38.03 13.62
N ARG K 359 -27.35 -38.00 12.75
CA ARG K 359 -26.69 -39.22 12.30
C ARG K 359 -25.92 -39.88 13.44
N LYS K 360 -26.05 -41.21 13.54
CA LYS K 360 -25.46 -42.00 14.61
C LYS K 360 -24.44 -42.98 14.06
N GLU K 361 -23.43 -43.28 14.87
CA GLU K 361 -22.49 -44.37 14.58
C GLU K 361 -22.34 -45.23 15.83
N VAL K 362 -22.04 -46.51 15.62
CA VAL K 362 -21.84 -47.48 16.69
C VAL K 362 -20.47 -48.08 16.55
N TYR K 363 -19.70 -48.08 17.63
CA TYR K 363 -18.38 -48.70 17.70
C TYR K 363 -18.37 -49.65 18.89
N GLN K 364 -18.52 -50.95 18.63
CA GLN K 364 -18.49 -51.95 19.68
C GLN K 364 -17.15 -52.66 19.68
N PHE K 365 -16.53 -52.77 20.86
CA PHE K 365 -15.28 -53.47 21.03
C PHE K 365 -15.43 -54.46 22.18
N TYR K 366 -15.38 -55.75 21.86
CA TYR K 366 -15.67 -56.79 22.83
C TYR K 366 -14.57 -57.84 22.81
N THR K 367 -14.64 -58.76 23.77
CA THR K 367 -13.69 -59.86 23.89
C THR K 367 -14.33 -61.21 23.62
N GLU K 368 -15.44 -61.53 24.28
CA GLU K 368 -16.10 -62.81 24.13
C GLU K 368 -17.50 -62.71 23.56
N ASN K 369 -18.35 -61.84 24.13
CA ASN K 369 -19.75 -61.75 23.73
C ASN K 369 -20.05 -60.38 23.16
N CYS K 370 -20.88 -60.36 22.12
CA CYS K 370 -21.28 -59.13 21.45
C CYS K 370 -22.80 -58.98 21.48
N LEU K 371 -23.27 -57.75 21.56
CA LEU K 371 -24.69 -57.46 21.64
C LEU K 371 -25.31 -57.34 20.25
N ASP K 372 -26.62 -57.14 20.23
CA ASP K 372 -27.37 -57.00 18.99
C ASP K 372 -27.76 -55.54 18.79
N ILE K 373 -27.47 -55.01 17.61
CA ILE K 373 -27.80 -53.63 17.25
C ILE K 373 -28.63 -53.70 15.97
N PRO K 374 -29.64 -52.84 15.81
CA PRO K 374 -30.38 -52.79 14.54
C PRO K 374 -29.47 -52.47 13.37
N SER K 375 -29.73 -53.13 12.23
CA SER K 375 -28.78 -53.17 11.13
C SER K 375 -28.72 -51.87 10.34
N GLN K 376 -29.71 -50.98 10.49
CA GLN K 376 -29.70 -49.74 9.72
C GLN K 376 -28.65 -48.75 10.22
N LEU K 377 -28.13 -48.96 11.43
CA LEU K 377 -27.08 -48.09 11.95
C LEU K 377 -25.72 -48.48 11.39
N PRO K 378 -24.79 -47.54 11.25
CA PRO K 378 -23.40 -47.90 10.95
C PRO K 378 -22.71 -48.51 12.16
N GLN K 379 -22.44 -49.81 12.12
CA GLN K 379 -21.87 -50.53 13.24
C GLN K 379 -20.45 -50.97 12.92
N VAL K 380 -19.58 -50.94 13.93
CA VAL K 380 -18.24 -51.51 13.86
C VAL K 380 -18.09 -52.41 15.07
N ASN K 381 -17.96 -53.72 14.83
CA ASN K 381 -17.79 -54.70 15.89
C ASN K 381 -16.44 -55.37 15.72
N ILE K 382 -15.55 -55.19 16.70
CA ILE K 382 -14.19 -55.70 16.65
C ILE K 382 -13.92 -56.51 17.90
N GLN K 383 -13.46 -57.75 17.71
CA GLN K 383 -13.13 -58.64 18.82
C GLN K 383 -11.66 -58.49 19.16
N VAL K 384 -11.34 -58.35 20.45
CA VAL K 384 -9.97 -58.16 20.91
C VAL K 384 -9.66 -59.17 22.00
N LYS K 385 -8.36 -59.37 22.23
CA LYS K 385 -7.91 -60.28 23.29
C LYS K 385 -8.23 -59.72 24.68
N ASP K 386 -7.88 -58.46 24.91
CA ASP K 386 -8.06 -57.86 26.22
C ASP K 386 -8.47 -56.40 26.04
N PHE K 387 -8.82 -55.76 27.16
CA PHE K 387 -9.29 -54.39 27.13
C PHE K 387 -8.19 -53.39 26.78
N ALA K 388 -6.93 -53.78 26.97
CA ALA K 388 -5.82 -52.88 26.67
C ALA K 388 -5.69 -52.59 25.17
N ASP K 389 -6.06 -53.55 24.32
CA ASP K 389 -5.96 -53.37 22.88
C ASP K 389 -7.01 -52.41 22.33
N ILE K 390 -8.05 -52.09 23.11
CA ILE K 390 -9.08 -51.18 22.63
C ILE K 390 -8.54 -49.76 22.51
N LYS K 391 -7.68 -49.35 23.45
CA LYS K 391 -7.18 -47.97 23.48
C LYS K 391 -6.30 -47.65 22.27
N GLU K 392 -5.41 -48.57 21.89
CA GLU K 392 -4.55 -48.33 20.74
C GLU K 392 -5.31 -48.40 19.41
N ILE K 393 -6.49 -49.00 19.41
CA ILE K 393 -7.26 -49.15 18.18
C ILE K 393 -8.11 -47.90 17.91
N VAL K 394 -8.82 -47.42 18.92
CA VAL K 394 -9.67 -46.24 18.76
C VAL K 394 -8.81 -44.98 18.65
N LYS L 151 -43.62 -31.67 -50.18
CA LYS L 151 -42.62 -31.05 -49.31
C LYS L 151 -42.02 -32.07 -48.35
N SER L 152 -40.71 -31.96 -48.11
CA SER L 152 -40.03 -32.86 -47.21
C SER L 152 -40.38 -32.55 -45.76
N PHE L 153 -39.98 -33.44 -44.86
CA PHE L 153 -40.28 -33.27 -43.44
C PHE L 153 -39.55 -32.09 -42.82
N ASP L 154 -38.46 -31.64 -43.44
CA ASP L 154 -37.76 -30.43 -43.00
C ASP L 154 -38.27 -29.17 -43.68
N ASP L 155 -39.47 -29.21 -44.24
CA ASP L 155 -40.01 -28.03 -44.92
C ASP L 155 -41.41 -27.64 -44.48
N GLN L 156 -42.28 -28.60 -44.18
CA GLN L 156 -43.69 -28.27 -43.95
C GLN L 156 -44.00 -27.94 -42.49
N LYS L 157 -43.15 -28.34 -41.55
CA LYS L 157 -43.35 -27.92 -40.17
C LYS L 157 -43.00 -26.45 -39.95
N LYS L 158 -42.21 -25.87 -40.86
CA LYS L 158 -41.86 -24.45 -40.83
C LYS L 158 -42.66 -23.65 -41.86
N GLU L 159 -43.74 -24.22 -42.41
CA GLU L 159 -44.73 -23.44 -43.14
C GLU L 159 -46.08 -23.46 -42.43
N THR L 160 -46.20 -24.20 -41.34
CA THR L 160 -47.46 -24.39 -40.64
C THR L 160 -47.69 -23.35 -39.55
N ILE L 161 -46.70 -22.52 -39.23
CA ILE L 161 -46.81 -21.58 -38.13
C ILE L 161 -46.97 -20.13 -38.59
N GLN L 162 -46.40 -19.74 -39.73
CA GLN L 162 -46.56 -18.35 -40.17
C GLN L 162 -47.96 -18.07 -40.70
N ILE L 163 -48.74 -19.11 -41.02
CA ILE L 163 -50.16 -18.90 -41.28
C ILE L 163 -50.88 -18.47 -40.00
N ILE L 164 -50.48 -19.03 -38.86
CA ILE L 164 -51.07 -18.64 -37.58
C ILE L 164 -50.27 -17.53 -36.90
N LYS L 165 -49.05 -17.23 -37.36
CA LYS L 165 -48.25 -16.15 -36.80
C LYS L 165 -48.58 -14.81 -37.44
N ASN L 166 -48.62 -14.75 -38.78
CA ASN L 166 -48.92 -13.50 -39.45
C ASN L 166 -50.38 -13.10 -39.29
N HIS L 167 -51.28 -14.07 -39.11
CA HIS L 167 -52.68 -13.76 -38.91
C HIS L 167 -52.94 -13.20 -37.52
N PHE L 168 -52.27 -13.76 -36.51
CA PHE L 168 -52.49 -13.33 -35.13
C PHE L 168 -51.50 -12.28 -34.65
N GLN L 169 -50.43 -12.02 -35.42
CA GLN L 169 -49.38 -11.06 -35.08
C GLN L 169 -48.76 -11.36 -33.71
N CYS L 170 -48.51 -12.65 -33.45
CA CYS L 170 -48.01 -13.11 -32.17
C CYS L 170 -46.49 -13.33 -32.24
N GLU L 171 -45.90 -13.67 -31.10
CA GLU L 171 -44.47 -13.87 -30.99
C GLU L 171 -44.12 -15.34 -31.24
N ASP L 172 -42.89 -15.73 -30.91
CA ASP L 172 -42.39 -17.06 -31.26
C ASP L 172 -42.95 -18.12 -30.32
N TYR L 173 -42.86 -17.90 -29.00
CA TYR L 173 -43.18 -18.97 -28.05
C TYR L 173 -44.68 -19.21 -27.93
N GLU L 174 -45.52 -18.25 -28.32
CA GLU L 174 -46.97 -18.44 -28.29
C GLU L 174 -47.54 -18.83 -29.64
N ALA L 175 -46.69 -19.20 -30.60
CA ALA L 175 -47.13 -19.65 -31.91
C ALA L 175 -46.81 -21.11 -32.17
N GLU L 176 -45.57 -21.53 -31.93
CA GLU L 176 -45.15 -22.89 -32.23
C GLU L 176 -45.66 -23.88 -31.19
N HIS L 177 -45.76 -23.49 -29.92
CA HIS L 177 -46.22 -24.38 -28.87
C HIS L 177 -47.60 -24.05 -28.31
N TYR L 178 -48.08 -22.82 -28.50
CA TYR L 178 -49.39 -22.44 -27.97
C TYR L 178 -50.50 -22.50 -29.01
N LEU L 179 -50.17 -22.32 -30.28
CA LEU L 179 -51.15 -22.38 -31.36
C LEU L 179 -50.98 -23.58 -32.29
N TYR L 180 -49.73 -23.95 -32.60
CA TYR L 180 -49.50 -25.09 -33.48
C TYR L 180 -49.77 -26.41 -32.76
N SER L 181 -49.42 -26.49 -31.46
CA SER L 181 -49.69 -27.71 -30.70
C SER L 181 -51.17 -27.90 -30.47
N ASN L 182 -51.92 -26.81 -30.27
CA ASN L 182 -53.38 -26.93 -30.17
C ASN L 182 -54.00 -27.26 -31.52
N ALA L 183 -53.37 -26.81 -32.61
CA ALA L 183 -53.89 -27.13 -33.94
C ALA L 183 -53.71 -28.60 -34.28
N PHE L 184 -52.65 -29.23 -33.77
CA PHE L 184 -52.44 -30.66 -34.04
C PHE L 184 -53.46 -31.51 -33.28
N ARG L 185 -53.77 -31.14 -32.04
CA ARG L 185 -54.74 -31.92 -31.27
C ARG L 185 -56.16 -31.69 -31.76
N LYS L 186 -56.49 -30.46 -32.16
CA LYS L 186 -57.82 -30.15 -32.65
C LYS L 186 -58.11 -30.74 -34.03
N THR L 187 -57.06 -31.18 -34.75
CA THR L 187 -57.26 -31.86 -36.02
C THR L 187 -57.32 -33.37 -35.87
N TYR L 188 -56.67 -33.93 -34.84
CA TYR L 188 -56.66 -35.38 -34.67
C TYR L 188 -58.00 -35.89 -34.14
N ASP L 189 -58.58 -35.18 -33.17
CA ASP L 189 -59.84 -35.64 -32.59
C ASP L 189 -61.03 -35.41 -33.52
N ILE L 190 -60.90 -34.49 -34.49
CA ILE L 190 -61.97 -34.26 -35.44
C ILE L 190 -61.82 -35.10 -36.70
N SER L 191 -60.64 -35.70 -36.94
CA SER L 191 -60.46 -36.63 -38.04
C SER L 191 -60.77 -38.06 -37.64
N CYS L 192 -60.52 -38.43 -36.39
CA CYS L 192 -60.88 -39.77 -35.92
C CYS L 192 -62.38 -39.91 -35.77
N ASN L 193 -63.10 -38.81 -35.54
CA ASN L 193 -64.55 -38.85 -35.45
C ASN L 193 -65.15 -39.10 -36.84
N LYS L 194 -66.10 -40.03 -36.91
CA LYS L 194 -66.73 -40.41 -38.17
C LYS L 194 -68.09 -39.76 -38.36
N LYS L 195 -68.25 -38.52 -37.88
CA LYS L 195 -69.53 -37.81 -37.99
C LYS L 195 -69.42 -36.56 -38.85
N ASP L 196 -68.48 -35.67 -38.56
CA ASP L 196 -68.35 -34.41 -39.30
C ASP L 196 -66.87 -34.15 -39.59
N ARG L 197 -66.63 -33.55 -40.75
CA ARG L 197 -65.27 -33.19 -41.14
C ARG L 197 -65.20 -31.73 -41.58
N ARG L 198 -66.28 -31.23 -42.16
CA ARG L 198 -66.31 -29.88 -42.71
C ARG L 198 -66.48 -28.86 -41.59
N ILE L 199 -65.45 -28.03 -41.37
CA ILE L 199 -65.50 -26.94 -40.40
C ILE L 199 -65.03 -25.66 -41.08
N LYS L 200 -65.55 -24.54 -40.61
CA LYS L 200 -65.16 -23.24 -41.12
C LYS L 200 -63.79 -22.86 -40.57
N LYS L 201 -63.06 -22.05 -41.35
CA LYS L 201 -61.76 -21.55 -40.89
C LYS L 201 -61.92 -20.57 -39.75
N SER L 202 -63.02 -19.81 -39.72
CA SER L 202 -63.29 -18.95 -38.58
C SER L 202 -63.62 -19.76 -37.33
N ASP L 203 -64.29 -20.90 -37.50
CA ASP L 203 -64.53 -21.81 -36.38
C ASP L 203 -63.22 -22.42 -35.87
N PHE L 204 -62.28 -22.71 -36.77
CA PHE L 204 -60.99 -23.23 -36.37
C PHE L 204 -60.16 -22.20 -35.62
N VAL L 205 -60.38 -20.91 -35.91
CA VAL L 205 -59.63 -19.85 -35.24
C VAL L 205 -60.00 -19.79 -33.76
N GLU L 206 -61.31 -19.78 -33.46
CA GLU L 206 -61.74 -19.70 -32.07
C GLU L 206 -61.58 -21.01 -31.32
N SER L 207 -61.42 -22.13 -32.04
CA SER L 207 -61.26 -23.42 -31.38
C SER L 207 -59.87 -23.61 -30.80
N ILE L 208 -58.85 -23.03 -31.43
CA ILE L 208 -57.48 -23.22 -30.96
C ILE L 208 -56.93 -22.00 -30.23
N ASN L 209 -57.57 -20.84 -30.35
CA ASN L 209 -57.11 -19.64 -29.64
C ASN L 209 -57.79 -19.49 -28.28
N LYS L 210 -57.74 -20.54 -27.48
CA LYS L 210 -58.16 -20.49 -26.09
C LYS L 210 -56.93 -20.36 -25.19
N SER L 211 -57.15 -19.85 -23.98
CA SER L 211 -56.06 -19.62 -23.03
C SER L 211 -55.66 -20.95 -22.37
N LYS L 212 -55.08 -21.82 -23.21
CA LYS L 212 -54.75 -23.18 -22.83
C LYS L 212 -53.72 -23.73 -23.80
N VAL L 213 -52.79 -24.53 -23.31
CA VAL L 213 -51.90 -25.33 -24.13
C VAL L 213 -52.26 -26.79 -23.87
N LEU L 214 -52.82 -27.45 -24.88
CA LEU L 214 -53.29 -28.81 -24.72
C LEU L 214 -52.15 -29.80 -24.96
N PHE L 215 -52.32 -31.00 -24.41
CA PHE L 215 -51.35 -32.07 -24.60
C PHE L 215 -51.41 -32.60 -26.03
N ASN L 216 -50.30 -33.13 -26.50
CA ASN L 216 -50.23 -33.76 -27.81
C ASN L 216 -49.49 -35.07 -27.56
N ILE L 217 -50.19 -36.20 -27.73
CA ILE L 217 -49.60 -37.50 -27.43
C ILE L 217 -48.46 -37.81 -28.39
N TRP L 218 -48.58 -37.39 -29.65
CA TRP L 218 -47.54 -37.65 -30.64
C TRP L 218 -46.24 -36.93 -30.32
N PHE L 219 -46.31 -35.74 -29.71
CA PHE L 219 -45.08 -35.05 -29.30
C PHE L 219 -44.68 -35.44 -27.89
N TYR L 220 -44.71 -36.73 -27.57
CA TYR L 220 -44.14 -37.24 -26.33
C TYR L 220 -43.16 -38.36 -26.66
N GLN L 221 -43.59 -39.28 -27.52
CA GLN L 221 -42.75 -40.41 -27.92
C GLN L 221 -41.71 -40.00 -28.95
N TYR L 222 -41.95 -38.91 -29.67
CA TYR L 222 -41.01 -38.47 -30.71
C TYR L 222 -39.73 -37.94 -30.09
N GLU L 223 -39.84 -37.14 -29.04
CA GLU L 223 -38.67 -36.56 -28.39
C GLU L 223 -38.27 -37.30 -27.12
N GLY L 224 -39.16 -38.11 -26.55
CA GLY L 224 -38.88 -38.78 -25.28
C GLY L 224 -39.46 -38.01 -24.12
N ARG L 225 -39.30 -38.62 -22.94
CA ARG L 225 -39.82 -38.00 -21.71
C ARG L 225 -39.02 -36.78 -21.32
N LYS L 226 -37.69 -36.86 -21.37
CA LYS L 226 -36.85 -35.79 -20.87
C LYS L 226 -36.84 -34.58 -21.80
N GLU L 227 -36.78 -34.82 -23.11
CA GLU L 227 -36.58 -33.72 -24.06
C GLU L 227 -37.85 -32.89 -24.22
N TYR L 228 -39.02 -33.53 -24.22
CA TYR L 228 -40.28 -32.80 -24.36
C TYR L 228 -40.51 -31.86 -23.18
N LEU L 229 -40.19 -32.30 -21.96
CA LEU L 229 -40.32 -31.43 -20.79
C LEU L 229 -39.29 -30.32 -20.79
N ARG L 230 -38.10 -30.57 -21.33
CA ARG L 230 -37.06 -29.54 -21.36
C ARG L 230 -37.35 -28.48 -22.42
N LYS L 231 -37.90 -28.91 -23.58
CA LYS L 231 -38.45 -27.95 -24.52
C LYS L 231 -39.64 -27.20 -23.95
N LEU L 232 -40.47 -27.89 -23.15
CA LEU L 232 -41.58 -27.22 -22.47
C LEU L 232 -41.07 -26.31 -21.36
N LYS L 233 -39.87 -26.58 -20.84
CA LYS L 233 -39.29 -25.76 -19.78
C LYS L 233 -38.89 -24.39 -20.31
N GLU L 234 -38.13 -24.34 -21.40
CA GLU L 234 -37.52 -23.09 -21.85
C GLU L 234 -38.55 -22.11 -22.42
N SER L 235 -39.61 -22.62 -23.02
CA SER L 235 -40.55 -21.76 -23.75
C SER L 235 -41.45 -20.96 -22.83
N PHE L 236 -41.95 -21.57 -21.75
CA PHE L 236 -43.01 -20.97 -20.96
C PHE L 236 -42.58 -20.42 -19.61
N ILE L 237 -41.69 -21.06 -18.87
CA ILE L 237 -41.16 -20.42 -17.66
C ILE L 237 -39.80 -19.84 -18.02
N ARG L 238 -39.69 -18.53 -17.85
CA ARG L 238 -38.46 -17.80 -18.16
C ARG L 238 -37.89 -17.24 -16.86
N ARG L 239 -36.68 -17.66 -16.53
CA ARG L 239 -36.06 -17.23 -15.28
C ARG L 239 -34.81 -16.43 -15.61
N SER L 240 -34.53 -15.45 -14.77
CA SER L 240 -33.32 -14.66 -14.87
C SER L 240 -32.41 -15.02 -13.70
N VAL L 241 -31.31 -14.28 -13.55
CA VAL L 241 -30.46 -14.45 -12.38
C VAL L 241 -31.21 -14.05 -11.12
N ASN L 242 -31.87 -12.88 -11.17
CA ASN L 242 -32.62 -12.36 -10.04
C ASN L 242 -34.12 -12.54 -10.28
N THR L 243 -34.80 -13.07 -9.27
CA THR L 243 -36.24 -13.30 -9.34
C THR L 243 -36.95 -12.21 -8.53
N SER L 244 -37.84 -11.48 -9.19
CA SER L 244 -38.57 -10.39 -8.55
C SER L 244 -39.66 -10.95 -7.61
N PRO L 245 -39.97 -10.23 -6.53
CA PRO L 245 -41.01 -10.72 -5.61
C PRO L 245 -42.43 -10.57 -6.16
N TYR L 246 -42.81 -11.45 -7.07
CA TYR L 246 -44.15 -11.46 -7.63
C TYR L 246 -45.05 -12.44 -6.86
N ALA L 247 -46.35 -12.16 -6.91
CA ALA L 247 -47.34 -13.03 -6.28
C ALA L 247 -47.64 -14.16 -7.25
N ARG L 248 -46.84 -15.23 -7.17
CA ARG L 248 -46.92 -16.32 -8.12
C ARG L 248 -47.87 -17.41 -7.62
N PHE L 249 -48.76 -17.85 -8.50
CA PHE L 249 -49.75 -18.87 -8.20
C PHE L 249 -49.46 -20.12 -9.01
N PHE L 250 -49.54 -21.28 -8.35
CA PHE L 250 -49.31 -22.57 -9.00
C PHE L 250 -50.54 -23.43 -8.78
N ILE L 251 -51.37 -23.54 -9.82
CA ILE L 251 -52.63 -24.25 -9.76
C ILE L 251 -52.39 -25.63 -10.38
N LEU L 252 -52.31 -26.66 -9.54
CA LEU L 252 -51.93 -28.00 -9.98
C LEU L 252 -53.09 -28.96 -9.82
N GLU L 253 -53.27 -29.83 -10.82
CA GLU L 253 -54.30 -30.85 -10.75
C GLU L 253 -53.95 -31.93 -9.73
N PHE L 254 -54.97 -32.44 -9.06
CA PHE L 254 -54.79 -33.47 -8.06
C PHE L 254 -56.00 -34.40 -8.11
N GLN L 255 -55.74 -35.69 -8.29
CA GLN L 255 -56.79 -36.69 -8.36
C GLN L 255 -56.43 -37.86 -7.45
N ASP L 256 -57.41 -38.74 -7.24
CA ASP L 256 -57.24 -39.84 -6.30
C ASP L 256 -56.26 -40.90 -6.80
N LYS L 257 -56.04 -41.00 -8.12
CA LYS L 257 -55.09 -41.97 -8.63
C LYS L 257 -53.64 -41.55 -8.38
N THR L 258 -53.40 -40.26 -8.15
CA THR L 258 -52.06 -39.76 -7.88
C THR L 258 -51.80 -39.83 -6.39
N ASP L 259 -50.72 -40.51 -6.00
CA ASP L 259 -50.39 -40.65 -4.59
C ASP L 259 -49.74 -39.35 -4.07
N ILE L 260 -49.68 -39.26 -2.74
CA ILE L 260 -49.35 -38.00 -2.07
C ILE L 260 -47.89 -37.61 -2.27
N LYS L 261 -47.00 -38.59 -2.43
CA LYS L 261 -45.56 -38.34 -2.40
C LYS L 261 -45.15 -37.48 -3.60
N THR L 262 -45.64 -37.80 -4.80
CA THR L 262 -45.30 -36.99 -5.96
C THR L 262 -45.92 -35.60 -5.89
N VAL L 263 -47.04 -35.44 -5.20
CA VAL L 263 -47.53 -34.11 -4.88
C VAL L 263 -46.56 -33.40 -3.94
N LYS L 264 -46.10 -34.11 -2.90
CA LYS L 264 -45.17 -33.52 -1.94
C LYS L 264 -43.83 -33.21 -2.59
N ASP L 265 -43.33 -34.10 -3.44
CA ASP L 265 -42.05 -33.86 -4.10
C ASP L 265 -42.14 -32.70 -5.08
N CYS L 266 -43.30 -32.47 -5.68
CA CYS L 266 -43.49 -31.30 -6.53
C CYS L 266 -43.54 -30.03 -5.71
N ILE L 267 -44.16 -30.08 -4.52
CA ILE L 267 -44.31 -28.89 -3.67
C ILE L 267 -42.95 -28.40 -3.18
N TYR L 268 -42.07 -29.33 -2.78
CA TYR L 268 -40.70 -28.97 -2.43
C TYR L 268 -39.95 -28.41 -3.64
N LYS L 269 -40.27 -28.92 -4.83
CA LYS L 269 -39.67 -28.38 -6.05
C LYS L 269 -40.19 -26.96 -6.33
N ILE L 270 -41.47 -26.72 -6.04
CA ILE L 270 -42.05 -25.39 -6.20
C ILE L 270 -41.46 -24.42 -5.17
N GLN L 271 -41.42 -24.86 -3.90
CA GLN L 271 -41.10 -23.96 -2.80
C GLN L 271 -39.65 -23.49 -2.83
N SER L 272 -38.73 -24.39 -3.19
CA SER L 272 -37.32 -24.00 -3.23
C SER L 272 -37.02 -23.09 -4.42
N ASN L 273 -37.74 -23.27 -5.53
CA ASN L 273 -37.44 -22.51 -6.74
C ASN L 273 -37.96 -21.08 -6.67
N TRP L 274 -39.21 -20.91 -6.26
CA TRP L 274 -39.93 -19.65 -6.45
C TRP L 274 -40.06 -18.85 -5.17
N SER L 275 -39.21 -19.11 -4.17
CA SER L 275 -39.27 -18.38 -2.91
C SER L 275 -37.87 -17.99 -2.46
N ASN L 276 -37.79 -16.84 -1.79
CA ASN L 276 -36.56 -16.37 -1.14
C ASN L 276 -36.93 -16.05 0.30
N LEU L 277 -36.77 -17.04 1.18
CA LEU L 277 -37.09 -16.88 2.60
C LEU L 277 -35.87 -16.48 3.41
N SER L 278 -34.88 -15.86 2.77
CA SER L 278 -33.65 -15.49 3.45
C SER L 278 -33.89 -14.36 4.44
N LYS L 279 -33.21 -14.43 5.59
CA LYS L 279 -33.37 -13.39 6.61
C LYS L 279 -32.73 -12.07 6.20
N ARG L 280 -31.81 -12.09 5.23
CA ARG L 280 -31.20 -10.86 4.75
C ARG L 280 -32.03 -10.16 3.68
N THR L 281 -33.08 -10.81 3.16
CA THR L 281 -33.98 -10.13 2.23
C THR L 281 -34.87 -9.15 2.98
N ASP L 282 -35.04 -7.96 2.40
CA ASP L 282 -36.09 -7.04 2.82
C ASP L 282 -37.36 -7.25 2.01
N ARG L 283 -37.32 -8.12 1.00
CA ARG L 283 -38.48 -8.43 0.16
C ARG L 283 -38.67 -9.94 0.11
N PRO L 284 -39.26 -10.54 1.15
CA PRO L 284 -39.53 -11.97 1.11
C PRO L 284 -40.73 -12.28 0.22
N TYR L 285 -40.63 -13.36 -0.54
CA TYR L 285 -41.74 -13.82 -1.37
C TYR L 285 -41.81 -15.34 -1.30
N SER L 286 -43.04 -15.85 -1.38
CA SER L 286 -43.32 -17.28 -1.35
C SER L 286 -44.42 -17.59 -2.36
N PRO L 287 -44.39 -18.76 -2.97
CA PRO L 287 -45.41 -19.08 -3.97
C PRO L 287 -46.75 -19.41 -3.34
N PHE L 288 -47.80 -19.20 -4.13
CA PHE L 288 -49.17 -19.58 -3.77
C PHE L 288 -49.51 -20.88 -4.45
N LEU L 289 -50.19 -21.77 -3.73
CA LEU L 289 -50.46 -23.12 -4.22
C LEU L 289 -51.94 -23.41 -4.20
N LEU L 290 -52.42 -24.04 -5.27
CA LEU L 290 -53.82 -24.44 -5.39
C LEU L 290 -53.89 -25.86 -5.93
N PHE L 291 -54.75 -26.67 -5.33
CA PHE L 291 -54.99 -28.04 -5.78
C PHE L 291 -56.48 -28.23 -5.96
N HIS L 292 -56.87 -28.83 -7.08
CA HIS L 292 -58.25 -28.85 -7.52
C HIS L 292 -58.65 -30.24 -8.02
N GLY L 293 -59.96 -30.47 -8.07
CA GLY L 293 -60.48 -31.73 -8.58
C GLY L 293 -60.28 -32.92 -7.67
N THR L 294 -59.95 -32.69 -6.41
CA THR L 294 -59.69 -33.77 -5.46
C THR L 294 -60.71 -33.73 -4.33
N SER L 295 -60.84 -34.86 -3.65
CA SER L 295 -61.65 -34.90 -2.43
C SER L 295 -60.96 -34.12 -1.32
N ASP L 296 -61.77 -33.54 -0.43
CA ASP L 296 -61.22 -32.77 0.67
C ASP L 296 -60.48 -33.64 1.68
N ALA L 297 -60.88 -34.91 1.79
CA ALA L 297 -60.15 -35.85 2.65
C ALA L 297 -58.75 -36.10 2.13
N ASN L 298 -58.59 -36.24 0.81
CA ASN L 298 -57.26 -36.41 0.24
C ASN L 298 -56.46 -35.11 0.27
N LEU L 299 -57.14 -33.96 0.12
CA LEU L 299 -56.44 -32.68 0.15
C LEU L 299 -55.95 -32.36 1.56
N TYR L 300 -56.79 -32.59 2.57
CA TYR L 300 -56.41 -32.33 3.95
C TYR L 300 -55.30 -33.25 4.42
N GLU L 301 -55.25 -34.48 3.89
CA GLU L 301 -54.20 -35.42 4.26
C GLU L 301 -52.85 -34.96 3.74
N LEU L 302 -52.83 -34.33 2.55
CA LEU L 302 -51.60 -33.76 2.02
C LEU L 302 -51.08 -32.62 2.89
N LYS L 303 -51.99 -31.77 3.38
CA LYS L 303 -51.60 -30.67 4.26
C LYS L 303 -51.07 -31.18 5.60
N ASN L 304 -51.57 -32.31 6.08
CA ASN L 304 -51.12 -32.83 7.37
C ASN L 304 -49.70 -33.36 7.30
N GLN L 305 -49.36 -34.06 6.21
CA GLN L 305 -47.98 -34.55 6.07
C GLN L 305 -47.02 -33.42 5.73
N LEU L 306 -47.51 -32.36 5.08
CA LEU L 306 -46.67 -31.20 4.81
C LEU L 306 -46.28 -30.48 6.10
N PHE L 307 -47.24 -30.33 7.02
CA PHE L 307 -46.98 -29.59 8.24
C PHE L 307 -46.12 -30.38 9.23
N ASN L 308 -46.14 -31.71 9.14
CA ASN L 308 -45.37 -32.53 10.08
C ASN L 308 -43.86 -32.49 9.79
N GLU L 309 -43.46 -32.19 8.56
CA GLU L 309 -42.05 -32.06 8.22
C GLU L 309 -41.60 -30.61 8.15
N ASP L 310 -42.24 -29.73 8.94
CA ASP L 310 -41.82 -28.35 9.16
C ASP L 310 -41.81 -27.51 7.88
N LEU L 311 -42.68 -27.84 6.93
CA LEU L 311 -42.92 -26.97 5.78
C LEU L 311 -44.11 -26.09 6.13
N ILE L 312 -43.82 -25.00 6.83
CA ILE L 312 -44.87 -24.18 7.43
C ILE L 312 -45.59 -23.40 6.34
N PHE L 313 -46.91 -23.52 6.31
CA PHE L 313 -47.72 -22.84 5.31
C PHE L 313 -48.92 -22.20 5.99
N THR L 314 -49.46 -21.19 5.33
CA THR L 314 -50.73 -20.60 5.72
C THR L 314 -51.76 -20.89 4.63
N ASP L 315 -53.02 -21.08 5.05
CA ASP L 315 -54.10 -21.44 4.16
C ASP L 315 -55.05 -20.26 3.97
N GLY L 316 -55.08 -19.33 4.92
CA GLY L 316 -56.08 -18.29 5.00
C GLY L 316 -57.06 -18.48 6.13
N TYR L 317 -56.99 -19.63 6.80
CA TYR L 317 -57.81 -19.91 7.97
C TYR L 317 -56.89 -20.10 9.18
N PRO L 318 -56.67 -19.06 9.99
CA PRO L 318 -55.70 -19.17 11.09
C PRO L 318 -56.13 -20.09 12.22
N PHE L 319 -57.42 -20.38 12.36
CA PHE L 319 -57.90 -21.24 13.43
C PHE L 319 -59.09 -22.05 12.94
N LYS L 320 -59.49 -23.03 13.75
CA LYS L 320 -60.61 -23.90 13.41
C LYS L 320 -61.91 -23.13 13.49
N GLY L 321 -62.73 -23.24 12.44
CA GLY L 321 -63.99 -22.54 12.38
C GLY L 321 -63.92 -21.11 11.92
N SER L 322 -62.77 -20.67 11.42
CA SER L 322 -62.62 -19.29 10.97
C SER L 322 -63.20 -19.09 9.58
N VAL L 323 -63.71 -17.88 9.34
CA VAL L 323 -64.03 -17.46 7.98
C VAL L 323 -62.75 -17.08 7.26
N PHE L 324 -62.82 -17.01 5.93
CA PHE L 324 -61.63 -16.74 5.14
C PHE L 324 -61.27 -15.26 5.21
N THR L 325 -60.05 -14.98 5.66
CA THR L 325 -59.46 -13.66 5.57
C THR L 325 -58.28 -13.74 4.60
N PRO L 326 -58.33 -13.07 3.45
CA PRO L 326 -57.18 -13.09 2.53
C PRO L 326 -55.96 -12.36 3.06
N LYS L 327 -56.07 -11.65 4.18
CA LYS L 327 -54.93 -10.91 4.73
C LYS L 327 -53.84 -11.85 5.23
N MET L 328 -54.21 -12.96 5.87
CA MET L 328 -53.21 -13.90 6.36
C MET L 328 -52.49 -14.62 5.22
N LEU L 329 -53.16 -14.81 4.08
CA LEU L 329 -52.45 -15.26 2.89
C LEU L 329 -51.49 -14.18 2.39
N ILE L 330 -51.89 -12.91 2.50
CA ILE L 330 -51.03 -11.81 2.13
C ILE L 330 -49.89 -11.65 3.12
N GLU L 331 -50.19 -11.77 4.41
CA GLU L 331 -49.16 -11.65 5.44
C GLU L 331 -48.14 -12.80 5.34
N GLY L 332 -48.60 -13.99 4.98
CA GLY L 332 -47.69 -15.10 4.80
C GLY L 332 -46.80 -14.99 3.58
N PHE L 333 -47.22 -14.21 2.58
CA PHE L 333 -46.39 -14.01 1.39
C PHE L 333 -45.11 -13.27 1.72
N SER L 334 -45.20 -12.25 2.60
CA SER L 334 -44.03 -11.52 3.05
C SER L 334 -43.44 -12.07 4.33
N ASN L 335 -43.99 -13.16 4.86
CA ASN L 335 -43.50 -13.76 6.10
C ASN L 335 -42.37 -14.73 5.79
N LYS L 336 -41.26 -14.59 6.51
CA LYS L 336 -40.12 -15.47 6.30
C LYS L 336 -40.36 -16.86 6.89
N GLU L 337 -41.21 -16.94 7.92
CA GLU L 337 -41.47 -18.23 8.55
C GLU L 337 -42.36 -19.10 7.66
N ILE L 338 -43.32 -18.51 6.97
CA ILE L 338 -44.22 -19.28 6.11
C ILE L 338 -43.48 -19.63 4.83
N HIS L 339 -43.51 -20.91 4.47
CA HIS L 339 -42.77 -21.38 3.30
C HIS L 339 -43.53 -21.19 2.00
N PHE L 340 -44.84 -21.42 2.01
CA PHE L 340 -45.68 -21.21 0.85
C PHE L 340 -47.09 -20.94 1.33
N GLN L 341 -47.94 -20.46 0.43
CA GLN L 341 -49.32 -20.15 0.74
C GLN L 341 -50.24 -21.17 0.08
N PHE L 342 -51.16 -21.72 0.86
CA PHE L 342 -52.10 -22.74 0.38
C PHE L 342 -53.44 -22.10 0.11
N ILE L 343 -54.05 -22.48 -1.01
CA ILE L 343 -55.39 -22.03 -1.37
C ILE L 343 -56.30 -23.25 -1.47
N ASN L 344 -57.44 -23.21 -0.79
CA ASN L 344 -58.30 -24.38 -0.70
C ASN L 344 -59.07 -24.64 -2.00
N ASP L 345 -59.63 -23.60 -2.61
CA ASP L 345 -60.51 -23.77 -3.77
C ASP L 345 -60.56 -22.48 -4.57
N ILE L 346 -61.39 -22.46 -5.61
CA ILE L 346 -61.44 -21.31 -6.52
C ILE L 346 -62.25 -20.15 -5.94
N ASP L 347 -63.20 -20.41 -5.04
CA ASP L 347 -63.84 -19.31 -4.34
C ASP L 347 -62.87 -18.70 -3.34
N ASP L 348 -61.96 -19.52 -2.82
CA ASP L 348 -60.85 -19.00 -2.02
C ASP L 348 -59.81 -18.32 -2.90
N PHE L 349 -59.64 -18.80 -4.13
CA PHE L 349 -58.65 -18.24 -5.06
C PHE L 349 -59.04 -16.85 -5.54
N ASN L 350 -60.32 -16.64 -5.85
CA ASN L 350 -60.75 -15.36 -6.39
C ASN L 350 -60.78 -14.27 -5.33
N GLU L 351 -60.88 -14.64 -4.04
CA GLU L 351 -60.91 -13.65 -2.98
C GLU L 351 -59.54 -13.03 -2.74
N THR L 352 -58.48 -13.85 -2.73
CA THR L 352 -57.14 -13.34 -2.52
C THR L 352 -56.56 -12.68 -3.76
N LEU L 353 -57.16 -12.88 -4.93
CA LEU L 353 -56.70 -12.19 -6.14
C LEU L 353 -57.01 -10.70 -6.07
N ASN L 354 -58.16 -10.35 -5.51
CA ASN L 354 -58.55 -8.94 -5.41
C ASN L 354 -57.71 -8.19 -4.37
N SER L 355 -57.23 -8.90 -3.35
CA SER L 355 -56.47 -8.26 -2.29
C SER L 355 -55.06 -7.87 -2.72
N ILE L 356 -54.55 -8.45 -3.80
CA ILE L 356 -53.18 -8.22 -4.23
C ILE L 356 -53.13 -6.96 -5.10
N ASN L 357 -52.23 -6.04 -4.76
CA ASN L 357 -51.98 -4.87 -5.57
C ASN L 357 -50.67 -4.93 -6.34
N ILE L 358 -49.76 -5.83 -5.99
CA ILE L 358 -48.50 -6.01 -6.71
C ILE L 358 -48.76 -6.89 -7.94
N ARG L 359 -47.77 -6.97 -8.82
CA ARG L 359 -47.90 -7.79 -10.01
C ARG L 359 -47.97 -9.27 -9.64
N LYS L 360 -48.96 -9.97 -10.18
CA LYS L 360 -49.19 -11.37 -9.89
C LYS L 360 -49.15 -12.18 -11.18
N GLU L 361 -48.46 -13.31 -11.15
CA GLU L 361 -48.46 -14.27 -12.25
C GLU L 361 -49.05 -15.59 -11.77
N VAL L 362 -49.57 -16.36 -12.71
CA VAL L 362 -50.07 -17.70 -12.41
C VAL L 362 -49.33 -18.69 -13.30
N TYR L 363 -49.20 -19.92 -12.80
CA TYR L 363 -48.58 -21.01 -13.56
C TYR L 363 -49.46 -22.24 -13.30
N GLN L 364 -50.47 -22.42 -14.14
CA GLN L 364 -51.45 -23.49 -13.94
C GLN L 364 -51.00 -24.75 -14.68
N PHE L 365 -51.07 -25.88 -14.00
CA PHE L 365 -50.63 -27.16 -14.52
C PHE L 365 -51.72 -28.19 -14.28
N TYR L 366 -52.01 -29.00 -15.29
CA TYR L 366 -53.21 -29.81 -15.26
C TYR L 366 -53.05 -30.98 -16.22
N THR L 367 -53.84 -32.03 -15.98
CA THR L 367 -53.85 -33.22 -16.82
C THR L 367 -55.15 -33.39 -17.59
N GLU L 368 -56.29 -33.27 -16.91
CA GLU L 368 -57.60 -33.44 -17.53
C GLU L 368 -58.42 -32.16 -17.51
N ASN L 369 -58.58 -31.53 -16.36
CA ASN L 369 -59.45 -30.37 -16.20
C ASN L 369 -58.65 -29.12 -15.88
N CYS L 370 -59.02 -28.02 -16.52
CA CYS L 370 -58.45 -26.70 -16.28
C CYS L 370 -59.56 -25.74 -15.91
N LEU L 371 -59.33 -24.94 -14.87
CA LEU L 371 -60.35 -24.03 -14.39
C LEU L 371 -60.19 -22.64 -15.01
N ASP L 372 -61.30 -21.91 -15.07
CA ASP L 372 -61.35 -20.61 -15.72
C ASP L 372 -60.93 -19.54 -14.71
N ILE L 373 -59.93 -18.76 -15.08
CA ILE L 373 -59.39 -17.70 -14.24
C ILE L 373 -59.53 -16.39 -15.01
N PRO L 374 -59.50 -15.24 -14.31
CA PRO L 374 -59.47 -13.95 -15.01
C PRO L 374 -58.27 -13.81 -15.92
N SER L 375 -58.48 -13.13 -17.06
CA SER L 375 -57.55 -13.17 -18.17
C SER L 375 -56.49 -12.07 -18.15
N GLN L 376 -56.69 -10.99 -17.38
CA GLN L 376 -55.67 -9.95 -17.32
C GLN L 376 -54.41 -10.39 -16.58
N LEU L 377 -54.51 -11.42 -15.74
CA LEU L 377 -53.32 -12.00 -15.15
C LEU L 377 -52.50 -12.72 -16.21
N PRO L 378 -51.17 -12.62 -16.16
CA PRO L 378 -50.33 -13.41 -17.08
C PRO L 378 -50.47 -14.90 -16.78
N GLN L 379 -50.75 -15.68 -17.82
CA GLN L 379 -51.07 -17.08 -17.68
C GLN L 379 -49.98 -17.95 -18.31
N VAL L 380 -49.67 -19.06 -17.63
CA VAL L 380 -48.89 -20.16 -18.19
C VAL L 380 -49.72 -21.41 -17.93
N ASN L 381 -50.52 -21.80 -18.92
CA ASN L 381 -51.38 -22.98 -18.80
C ASN L 381 -50.75 -24.10 -19.60
N ILE L 382 -50.49 -25.23 -18.95
CA ILE L 382 -49.82 -26.36 -19.57
C ILE L 382 -50.60 -27.64 -19.22
N GLN L 383 -50.93 -28.43 -20.23
CA GLN L 383 -51.48 -29.76 -20.02
C GLN L 383 -50.35 -30.78 -20.11
N VAL L 384 -50.31 -31.70 -19.15
CA VAL L 384 -49.23 -32.66 -19.05
C VAL L 384 -49.80 -34.08 -19.13
N LYS L 385 -48.90 -35.04 -19.37
CA LYS L 385 -49.30 -36.44 -19.47
C LYS L 385 -49.78 -36.98 -18.13
N ASP L 386 -48.99 -36.77 -17.08
CA ASP L 386 -49.37 -37.09 -15.71
C ASP L 386 -48.75 -36.06 -14.78
N PHE L 387 -48.95 -36.26 -13.47
CA PHE L 387 -48.57 -35.21 -12.52
C PHE L 387 -47.06 -35.11 -12.36
N ALA L 388 -46.33 -36.21 -12.58
CA ALA L 388 -44.89 -36.22 -12.34
C ALA L 388 -44.12 -35.31 -13.29
N ASP L 389 -44.72 -34.90 -14.41
CA ASP L 389 -44.05 -33.97 -15.31
C ASP L 389 -43.98 -32.56 -14.73
N ILE L 390 -44.98 -32.16 -13.92
CA ILE L 390 -45.06 -30.81 -13.40
C ILE L 390 -43.86 -30.47 -12.51
N LYS L 391 -43.34 -31.47 -11.80
CA LYS L 391 -42.13 -31.27 -11.00
C LYS L 391 -40.94 -30.91 -11.88
N GLU L 392 -40.84 -31.52 -13.05
CA GLU L 392 -39.71 -31.27 -13.96
C GLU L 392 -39.91 -30.06 -14.85
N ILE L 393 -41.09 -29.43 -14.84
CA ILE L 393 -41.32 -28.22 -15.62
C ILE L 393 -40.91 -26.97 -14.85
N VAL L 394 -41.26 -26.89 -13.57
CA VAL L 394 -40.96 -25.72 -12.76
C VAL L 394 -39.50 -25.72 -12.33
N GLY M 224 -48.07 13.92 75.46
CA GLY M 224 -47.03 13.40 76.34
C GLY M 224 -45.84 14.32 76.46
N ARG M 225 -44.68 13.84 76.02
CA ARG M 225 -43.44 14.62 76.06
C ARG M 225 -42.79 14.81 74.71
N LYS M 226 -42.90 13.84 73.80
CA LYS M 226 -42.29 13.95 72.48
C LYS M 226 -43.10 14.80 71.52
N GLU M 227 -44.29 15.25 71.92
CA GLU M 227 -45.11 16.07 71.04
C GLU M 227 -44.56 17.47 70.85
N TYR M 228 -43.70 17.94 71.77
CA TYR M 228 -43.08 19.24 71.59
C TYR M 228 -42.09 19.22 70.43
N LEU M 229 -41.30 18.15 70.33
CA LEU M 229 -40.36 18.01 69.22
C LEU M 229 -41.08 17.85 67.89
N ARG M 230 -42.22 17.16 67.89
CA ARG M 230 -43.01 17.02 66.67
C ARG M 230 -43.68 18.34 66.28
N LYS M 231 -44.14 19.11 67.27
CA LYS M 231 -44.78 20.38 66.98
C LYS M 231 -43.78 21.40 66.46
N LEU M 232 -42.57 21.43 67.02
CA LEU M 232 -41.54 22.34 66.53
C LEU M 232 -41.03 21.93 65.16
N LYS M 233 -41.08 20.63 64.86
CA LYS M 233 -40.66 20.16 63.55
C LYS M 233 -41.66 20.55 62.47
N GLU M 234 -42.96 20.37 62.75
CA GLU M 234 -43.98 20.66 61.75
C GLU M 234 -44.24 22.15 61.56
N SER M 235 -43.85 22.99 62.52
CA SER M 235 -44.26 24.39 62.49
C SER M 235 -43.41 25.22 61.54
N PHE M 236 -42.08 25.17 61.68
CA PHE M 236 -41.22 26.13 61.02
C PHE M 236 -40.30 25.53 59.96
N ILE M 237 -39.52 24.51 60.33
CA ILE M 237 -38.43 24.03 59.48
C ILE M 237 -38.77 22.63 58.95
N ARG M 238 -38.65 22.45 57.64
CA ARG M 238 -39.00 21.19 57.00
C ARG M 238 -38.02 20.90 55.87
N ARG M 239 -37.77 19.61 55.65
CA ARG M 239 -36.71 19.16 54.76
C ARG M 239 -37.23 18.66 53.41
N SER M 240 -38.52 18.30 53.32
CA SER M 240 -39.04 17.67 52.12
C SER M 240 -39.10 18.64 50.94
N VAL M 241 -39.57 19.87 51.19
CA VAL M 241 -39.75 20.83 50.10
C VAL M 241 -38.58 21.79 49.94
N ASN M 242 -37.67 21.87 50.91
CA ASN M 242 -36.52 22.76 50.83
C ASN M 242 -35.30 22.00 50.32
N THR M 243 -35.35 21.65 49.03
CA THR M 243 -34.24 21.01 48.34
C THR M 243 -33.47 21.96 47.45
N SER M 244 -33.85 23.24 47.41
CA SER M 244 -33.25 24.24 46.53
C SER M 244 -31.90 24.71 47.09
N PRO M 245 -30.98 25.14 46.22
CA PRO M 245 -29.66 25.62 46.71
C PRO M 245 -29.71 27.06 47.20
N TYR M 246 -30.26 27.26 48.38
CA TYR M 246 -30.31 28.56 49.04
C TYR M 246 -29.17 28.67 50.04
N ALA M 247 -28.86 29.92 50.42
CA ALA M 247 -27.82 30.21 51.39
C ALA M 247 -28.44 30.13 52.78
N ARG M 248 -28.45 28.92 53.34
CA ARG M 248 -29.08 28.69 54.63
C ARG M 248 -28.12 29.04 55.76
N PHE M 249 -28.58 29.86 56.69
CA PHE M 249 -27.80 30.27 57.85
C PHE M 249 -28.39 29.62 59.10
N PHE M 250 -27.54 28.94 59.87
CA PHE M 250 -27.95 28.28 61.10
C PHE M 250 -27.23 28.95 62.27
N ILE M 251 -27.99 29.69 63.08
CA ILE M 251 -27.45 30.39 64.24
C ILE M 251 -27.80 29.56 65.47
N LEU M 252 -26.78 29.10 66.19
CA LEU M 252 -26.95 28.26 67.37
C LEU M 252 -26.31 28.94 68.57
N GLU M 253 -26.97 28.85 69.72
CA GLU M 253 -26.51 29.51 70.95
C GLU M 253 -25.60 28.55 71.71
N PHE M 254 -24.30 28.68 71.46
CA PHE M 254 -23.31 27.90 72.20
C PHE M 254 -23.09 28.57 73.55
N GLN M 255 -23.29 27.83 74.63
CA GLN M 255 -23.07 28.32 75.98
C GLN M 255 -21.90 27.58 76.63
N ASP M 256 -21.47 28.11 77.77
CA ASP M 256 -20.35 27.50 78.49
C ASP M 256 -20.73 26.16 79.11
N LYS M 257 -21.98 26.01 79.55
CA LYS M 257 -22.42 24.75 80.14
C LYS M 257 -22.66 23.67 79.10
N THR M 258 -22.78 24.04 77.83
CA THR M 258 -23.04 23.06 76.78
C THR M 258 -21.74 22.38 76.39
N ASP M 259 -21.77 21.04 76.38
CA ASP M 259 -20.57 20.28 76.06
C ASP M 259 -20.21 20.40 74.59
N ILE M 260 -18.95 20.12 74.28
CA ILE M 260 -18.46 20.22 72.91
C ILE M 260 -19.09 19.14 72.03
N LYS M 261 -19.17 17.90 72.54
CA LYS M 261 -19.64 16.78 71.74
C LYS M 261 -21.11 16.86 71.39
N THR M 262 -21.92 17.59 72.17
CA THR M 262 -23.33 17.75 71.80
C THR M 262 -23.50 18.74 70.66
N VAL M 263 -22.56 19.69 70.53
CA VAL M 263 -22.59 20.63 69.42
C VAL M 263 -22.29 19.92 68.11
N LYS M 264 -21.35 18.97 68.14
CA LYS M 264 -20.93 18.26 66.92
C LYS M 264 -22.05 17.40 66.36
N ASP M 265 -22.86 16.78 67.23
CA ASP M 265 -24.00 16.01 66.75
C ASP M 265 -25.03 16.91 66.07
N CYS M 266 -25.20 18.13 66.57
CA CYS M 266 -26.08 19.08 65.90
C CYS M 266 -25.46 19.57 64.59
N ILE M 267 -24.14 19.77 64.57
CA ILE M 267 -23.46 20.22 63.35
C ILE M 267 -23.51 19.13 62.27
N TYR M 268 -23.24 17.88 62.66
CA TYR M 268 -23.28 16.78 61.70
C TYR M 268 -24.70 16.54 61.18
N LYS M 269 -25.71 16.73 62.03
CA LYS M 269 -27.09 16.59 61.59
C LYS M 269 -27.49 17.74 60.66
N ILE M 270 -27.01 18.95 60.95
CA ILE M 270 -27.27 20.09 60.06
C ILE M 270 -26.54 19.90 58.73
N GLN M 271 -25.29 19.43 58.79
CA GLN M 271 -24.51 19.21 57.58
C GLN M 271 -25.13 18.12 56.70
N SER M 272 -25.56 17.02 57.31
CA SER M 272 -26.09 15.90 56.53
C SER M 272 -27.44 16.23 55.93
N ASN M 273 -28.29 16.94 56.67
CA ASN M 273 -29.65 17.21 56.19
C ASN M 273 -29.70 18.37 55.20
N TRP M 274 -28.87 19.39 55.37
CA TRP M 274 -29.02 20.65 54.66
C TRP M 274 -27.87 20.92 53.69
N SER M 275 -27.36 19.87 53.04
CA SER M 275 -26.40 20.03 51.96
C SER M 275 -26.59 18.92 50.95
N ASN M 276 -26.18 19.19 49.71
CA ASN M 276 -26.23 18.21 48.63
C ASN M 276 -24.88 18.36 47.94
N LEU M 277 -23.92 17.55 48.36
CA LEU M 277 -22.57 17.58 47.81
C LEU M 277 -22.28 16.34 46.96
N SER M 278 -23.32 15.66 46.48
CA SER M 278 -23.14 14.52 45.61
C SER M 278 -22.66 14.96 44.23
N LYS M 279 -22.08 14.02 43.50
CA LYS M 279 -21.56 14.30 42.16
C LYS M 279 -22.65 14.31 41.10
N ARG M 280 -23.86 13.85 41.42
CA ARG M 280 -24.92 13.80 40.43
C ARG M 280 -25.54 15.16 40.14
N THR M 281 -25.57 16.04 41.14
CA THR M 281 -26.21 17.34 40.96
C THR M 281 -25.28 18.33 40.26
N ASP M 282 -25.88 19.41 39.77
CA ASP M 282 -25.13 20.49 39.13
C ASP M 282 -25.22 21.80 39.90
N ARG M 283 -26.06 21.90 40.93
CA ARG M 283 -26.20 23.09 41.75
C ARG M 283 -26.09 22.70 43.21
N PRO M 284 -24.86 22.48 43.70
CA PRO M 284 -24.70 22.05 45.09
C PRO M 284 -24.86 23.22 46.07
N TYR M 285 -25.07 22.86 47.33
CA TYR M 285 -25.21 23.87 48.37
C TYR M 285 -24.70 23.29 49.69
N SER M 286 -24.30 24.18 50.58
CA SER M 286 -23.80 23.84 51.91
C SER M 286 -24.33 24.86 52.91
N PRO M 287 -24.61 24.44 54.14
CA PRO M 287 -25.15 25.37 55.14
C PRO M 287 -24.08 26.30 55.69
N PHE M 288 -24.55 27.40 56.28
CA PHE M 288 -23.72 28.36 56.98
C PHE M 288 -23.95 28.21 58.48
N LEU M 289 -22.87 28.11 59.24
CA LEU M 289 -22.93 27.86 60.68
C LEU M 289 -22.42 29.08 61.44
N LEU M 290 -23.16 29.49 62.46
CA LEU M 290 -22.78 30.60 63.32
C LEU M 290 -23.01 30.18 64.76
N PHE M 291 -22.11 30.61 65.65
CA PHE M 291 -22.24 30.36 67.07
C PHE M 291 -22.01 31.66 67.84
N HIS M 292 -22.76 31.82 68.93
CA HIS M 292 -22.67 33.04 69.73
C HIS M 292 -22.93 32.68 71.19
N GLY M 293 -22.50 33.57 72.08
CA GLY M 293 -22.66 33.39 73.50
C GLY M 293 -21.57 32.59 74.19
N THR M 294 -20.61 32.07 73.43
CA THR M 294 -19.50 31.30 73.99
C THR M 294 -18.19 32.02 73.78
N SER M 295 -17.19 31.63 74.55
CA SER M 295 -15.86 32.19 74.43
C SER M 295 -15.13 31.58 73.23
N ASP M 296 -14.04 32.24 72.83
CA ASP M 296 -13.24 31.77 71.72
C ASP M 296 -12.37 30.57 72.08
N ALA M 297 -12.24 30.25 73.36
CA ALA M 297 -11.40 29.12 73.77
C ALA M 297 -12.02 27.80 73.34
N ASN M 298 -13.31 27.60 73.61
CA ASN M 298 -14.00 26.39 73.19
C ASN M 298 -14.59 26.50 71.80
N LEU M 299 -14.73 27.71 71.26
CA LEU M 299 -15.15 27.87 69.87
C LEU M 299 -14.05 27.41 68.92
N TYR M 300 -12.80 27.76 69.22
CA TYR M 300 -11.69 27.29 68.41
C TYR M 300 -11.43 25.80 68.65
N GLU M 301 -11.71 25.31 69.87
CA GLU M 301 -11.49 23.90 70.16
C GLU M 301 -12.50 23.04 69.42
N LEU M 302 -13.74 23.54 69.30
CA LEU M 302 -14.75 22.88 68.47
C LEU M 302 -14.34 22.88 67.00
N LYS M 303 -13.80 24.00 66.52
CA LYS M 303 -13.36 24.09 65.13
C LYS M 303 -12.19 23.15 64.87
N ASN M 304 -11.31 22.97 65.86
CA ASN M 304 -10.20 22.04 65.72
C ASN M 304 -10.68 20.59 65.69
N GLN M 305 -11.69 20.26 66.50
CA GLN M 305 -12.17 18.89 66.53
C GLN M 305 -12.92 18.53 65.26
N LEU M 306 -13.64 19.49 64.67
CA LEU M 306 -14.38 19.22 63.43
C LEU M 306 -13.44 18.98 62.26
N PHE M 307 -12.32 19.72 62.22
CA PHE M 307 -11.39 19.58 61.11
C PHE M 307 -10.65 18.25 61.15
N ASN M 308 -10.42 17.70 62.35
CA ASN M 308 -9.73 16.43 62.47
C ASN M 308 -10.60 15.24 62.09
N GLU M 309 -11.93 15.41 62.11
CA GLU M 309 -12.85 14.37 61.69
C GLU M 309 -13.26 14.51 60.23
N ASP M 310 -12.43 15.14 59.41
CA ASP M 310 -12.60 15.27 57.96
C ASP M 310 -13.90 15.99 57.60
N LEU M 311 -14.36 16.89 58.47
CA LEU M 311 -15.48 17.77 58.17
C LEU M 311 -14.89 19.10 57.73
N ILE M 312 -14.58 19.20 56.44
CA ILE M 312 -13.84 20.34 55.91
C ILE M 312 -14.76 21.54 55.84
N PHE M 313 -14.35 22.65 56.45
CA PHE M 313 -15.13 23.88 56.45
C PHE M 313 -14.23 25.06 56.15
N THR M 314 -14.84 26.23 56.00
CA THR M 314 -14.13 27.47 55.74
C THR M 314 -14.82 28.60 56.49
N ASP M 315 -14.04 29.66 56.79
CA ASP M 315 -14.60 30.82 57.46
C ASP M 315 -14.09 32.13 56.87
N GLY M 316 -13.56 32.12 55.65
CA GLY M 316 -13.01 33.32 55.08
C GLY M 316 -11.65 33.71 55.59
N TYR M 317 -10.96 32.82 56.31
CA TYR M 317 -9.62 33.06 56.84
C TYR M 317 -8.72 31.93 56.36
N PRO M 318 -8.28 31.98 55.09
CA PRO M 318 -7.50 30.85 54.55
C PRO M 318 -6.11 30.72 55.13
N PHE M 319 -5.54 31.78 55.72
CA PHE M 319 -4.21 31.74 56.28
C PHE M 319 -4.21 32.52 57.59
N LYS M 320 -3.11 32.39 58.33
CA LYS M 320 -2.98 33.08 59.61
C LYS M 320 -2.80 34.57 59.39
N GLY M 321 -3.44 35.36 60.24
CA GLY M 321 -3.39 36.82 60.10
C GLY M 321 -4.04 37.34 58.85
N SER M 322 -5.24 36.85 58.52
CA SER M 322 -5.92 37.19 57.29
C SER M 322 -7.10 38.11 57.56
N VAL M 323 -7.28 39.10 56.70
CA VAL M 323 -8.51 39.88 56.67
C VAL M 323 -9.65 38.98 56.22
N PHE M 324 -10.87 39.25 56.70
CA PHE M 324 -12.01 38.41 56.38
C PHE M 324 -12.32 38.46 54.89
N THR M 325 -12.29 37.30 54.26
CA THR M 325 -12.48 37.19 52.82
C THR M 325 -13.83 36.54 52.56
N PRO M 326 -14.89 37.31 52.25
CA PRO M 326 -16.21 36.70 52.08
C PRO M 326 -16.34 35.85 50.84
N LYS M 327 -15.44 35.98 49.86
CA LYS M 327 -15.52 35.14 48.68
C LYS M 327 -15.08 33.71 48.95
N MET M 328 -14.35 33.47 50.04
CA MET M 328 -14.02 32.10 50.42
C MET M 328 -15.25 31.33 50.88
N LEU M 329 -16.22 32.02 51.49
CA LEU M 329 -17.50 31.41 51.79
C LEU M 329 -18.36 31.27 50.54
N ILE M 330 -18.08 32.04 49.49
CA ILE M 330 -18.83 31.93 48.25
C ILE M 330 -18.47 30.65 47.51
N GLU M 331 -17.17 30.40 47.35
CA GLU M 331 -16.71 29.19 46.67
C GLU M 331 -17.00 27.94 47.50
N GLY M 332 -16.86 28.05 48.82
CA GLY M 332 -17.15 26.91 49.69
C GLY M 332 -18.62 26.52 49.71
N PHE M 333 -19.51 27.47 49.42
CA PHE M 333 -20.93 27.15 49.27
C PHE M 333 -21.16 26.22 48.08
N SER M 334 -20.46 26.46 46.98
CA SER M 334 -20.58 25.65 45.78
C SER M 334 -19.55 24.53 45.71
N ASN M 335 -18.65 24.44 46.68
CA ASN M 335 -17.64 23.39 46.68
C ASN M 335 -18.20 22.12 47.29
N LYS M 336 -18.05 21.01 46.57
CA LYS M 336 -18.47 19.72 47.10
C LYS M 336 -17.51 19.18 48.16
N GLU M 337 -16.25 19.62 48.14
CA GLU M 337 -15.28 19.17 49.13
C GLU M 337 -15.36 19.95 50.44
N ILE M 338 -16.07 21.07 50.47
CA ILE M 338 -16.27 21.84 51.69
C ILE M 338 -17.68 21.57 52.18
N HIS M 339 -17.79 20.98 53.37
CA HIS M 339 -19.07 20.47 53.84
C HIS M 339 -19.99 21.58 54.33
N PHE M 340 -19.45 22.58 55.01
CA PHE M 340 -20.25 23.68 55.52
C PHE M 340 -19.35 24.90 55.68
N GLN M 341 -19.97 26.02 56.02
CA GLN M 341 -19.25 27.29 56.19
C GLN M 341 -19.40 27.77 57.62
N PHE M 342 -18.27 28.09 58.25
CA PHE M 342 -18.26 28.60 59.61
C PHE M 342 -18.23 30.13 59.58
N ILE M 343 -18.86 30.73 60.58
CA ILE M 343 -18.85 32.18 60.77
C ILE M 343 -18.44 32.46 62.21
N ASN M 344 -17.39 33.27 62.38
CA ASN M 344 -16.79 33.45 63.70
C ASN M 344 -17.71 34.24 64.64
N ASP M 345 -18.22 35.37 64.18
CA ASP M 345 -19.02 36.24 65.04
C ASP M 345 -19.92 37.11 64.16
N ILE M 346 -20.48 38.16 64.77
CA ILE M 346 -21.49 38.99 64.12
C ILE M 346 -20.89 39.77 62.95
N ASP M 347 -19.68 40.31 63.13
CA ASP M 347 -19.08 41.18 62.13
C ASP M 347 -18.79 40.43 60.83
N ASP M 348 -18.36 39.18 60.92
CA ASP M 348 -18.19 38.37 59.72
C ASP M 348 -19.53 37.93 59.15
N PHE M 349 -20.56 37.84 59.99
CA PHE M 349 -21.88 37.43 59.52
C PHE M 349 -22.51 38.48 58.63
N ASN M 350 -22.43 39.76 59.02
CA ASN M 350 -22.97 40.82 58.19
C ASN M 350 -22.10 41.08 56.96
N GLU M 351 -20.81 40.74 57.02
CA GLU M 351 -19.94 40.93 55.86
C GLU M 351 -20.24 39.90 54.77
N THR M 352 -20.44 38.64 55.15
CA THR M 352 -20.81 37.61 54.18
C THR M 352 -22.29 37.70 53.80
N LEU M 353 -23.09 38.46 54.54
CA LEU M 353 -24.48 38.69 54.17
C LEU M 353 -24.58 39.53 52.90
N ASN M 354 -23.77 40.59 52.81
CA ASN M 354 -23.78 41.45 51.64
C ASN M 354 -23.05 40.84 50.44
N SER M 355 -22.21 39.84 50.67
CA SER M 355 -21.49 39.22 49.56
C SER M 355 -22.32 38.16 48.87
N ILE M 356 -23.26 37.53 49.58
CA ILE M 356 -24.13 36.52 48.98
C ILE M 356 -25.27 37.24 48.26
N ASN M 357 -25.39 36.98 46.97
CA ASN M 357 -26.47 37.59 46.19
C ASN M 357 -27.73 36.74 46.16
N ILE M 358 -27.59 35.41 46.19
CA ILE M 358 -28.74 34.50 46.13
C ILE M 358 -29.53 34.56 47.43
N ARG M 359 -30.70 33.92 47.43
CA ARG M 359 -31.64 34.00 48.55
C ARG M 359 -31.04 33.41 49.81
N LYS M 360 -31.17 34.13 50.92
CA LYS M 360 -30.65 33.73 52.22
C LYS M 360 -31.79 33.52 53.19
N GLU M 361 -31.68 32.46 54.00
CA GLU M 361 -32.57 32.24 55.13
C GLU M 361 -31.75 32.09 56.40
N VAL M 362 -32.30 32.57 57.51
CA VAL M 362 -31.67 32.48 58.82
C VAL M 362 -32.52 31.57 59.69
N TYR M 363 -31.90 30.53 60.24
CA TYR M 363 -32.56 29.64 61.19
C TYR M 363 -31.87 29.77 62.54
N GLN M 364 -32.62 30.23 63.53
CA GLN M 364 -32.08 30.51 64.85
C GLN M 364 -32.57 29.46 65.84
N PHE M 365 -31.65 28.89 66.60
CA PHE M 365 -31.95 27.93 67.65
C PHE M 365 -31.25 28.41 68.91
N TYR M 366 -32.02 29.03 69.82
CA TYR M 366 -31.47 29.68 70.99
C TYR M 366 -32.21 29.21 72.23
N THR M 367 -31.52 29.27 73.37
CA THR M 367 -32.09 28.88 74.65
C THR M 367 -32.42 30.09 75.52
N GLU M 368 -31.46 30.97 75.75
CA GLU M 368 -31.66 32.17 76.57
C GLU M 368 -31.47 33.47 75.81
N ASN M 369 -30.42 33.58 75.02
CA ASN M 369 -30.08 34.82 74.32
C ASN M 369 -30.32 34.65 72.83
N CYS M 370 -31.05 35.58 72.23
CA CYS M 370 -31.37 35.55 70.81
C CYS M 370 -30.64 36.70 70.11
N LEU M 371 -29.95 36.36 69.03
CA LEU M 371 -29.24 37.36 68.25
C LEU M 371 -30.22 38.21 67.44
N ASP M 372 -29.73 39.37 66.99
CA ASP M 372 -30.53 40.29 66.21
C ASP M 372 -30.21 40.07 64.72
N ILE M 373 -31.24 39.72 63.96
CA ILE M 373 -31.11 39.44 62.54
C ILE M 373 -31.67 40.64 61.77
N PRO M 374 -31.09 41.02 60.63
CA PRO M 374 -31.71 42.05 59.80
C PRO M 374 -33.09 41.64 59.32
N SER M 375 -33.98 42.63 59.24
CA SER M 375 -35.40 42.40 58.96
C SER M 375 -35.69 42.13 57.48
N GLN M 376 -34.68 42.16 56.62
CA GLN M 376 -34.87 41.86 55.21
C GLN M 376 -34.68 40.39 54.88
N LEU M 377 -34.41 39.54 55.86
CA LEU M 377 -34.17 38.13 55.58
C LEU M 377 -35.25 37.25 56.20
N PRO M 378 -35.67 36.19 55.51
CA PRO M 378 -36.62 35.24 56.10
C PRO M 378 -36.01 34.49 57.27
N GLN M 379 -36.46 34.79 58.49
CA GLN M 379 -35.87 34.26 59.71
C GLN M 379 -36.91 33.53 60.53
N VAL M 380 -36.52 32.39 61.10
CA VAL M 380 -37.32 31.69 62.10
C VAL M 380 -36.52 31.65 63.39
N ASN M 381 -37.24 31.74 64.51
CA ASN M 381 -36.65 31.65 65.84
C ASN M 381 -37.22 30.43 66.55
N ILE M 382 -36.34 29.60 67.09
CA ILE M 382 -36.72 28.38 67.79
C ILE M 382 -36.23 28.47 69.22
N GLN M 383 -37.14 28.29 70.18
CA GLN M 383 -36.80 28.22 71.58
C GLN M 383 -36.68 26.77 72.01
N VAL M 384 -35.59 26.43 72.68
CA VAL M 384 -35.30 25.06 73.09
C VAL M 384 -34.92 25.06 74.57
N LYS M 385 -35.19 23.94 75.23
CA LYS M 385 -34.80 23.80 76.64
C LYS M 385 -33.29 23.73 76.80
N ASP M 386 -32.62 23.00 75.92
CA ASP M 386 -31.17 22.89 75.94
C ASP M 386 -30.66 22.77 74.51
N PHE M 387 -29.40 22.35 74.37
CA PHE M 387 -28.82 22.18 73.04
C PHE M 387 -29.09 20.79 72.48
N ALA M 388 -29.47 19.83 73.34
CA ALA M 388 -29.59 18.44 72.91
C ALA M 388 -30.78 18.22 71.97
N ASP M 389 -31.88 18.95 72.18
CA ASP M 389 -33.06 18.72 71.36
C ASP M 389 -33.02 19.47 70.02
N ILE M 390 -31.98 20.28 69.77
CA ILE M 390 -31.85 20.94 68.48
C ILE M 390 -31.54 19.94 67.37
N LYS M 391 -30.97 18.78 67.71
CA LYS M 391 -30.42 17.87 66.71
C LYS M 391 -31.50 17.30 65.80
N GLU M 392 -32.61 16.81 66.35
CA GLU M 392 -33.64 16.20 65.53
C GLU M 392 -34.75 17.16 65.13
N ILE M 393 -34.65 18.44 65.47
CA ILE M 393 -35.53 19.44 64.87
C ILE M 393 -35.15 19.64 63.40
N VAL M 394 -33.87 19.77 63.13
CA VAL M 394 -33.38 19.95 61.76
C VAL M 394 -33.37 18.61 61.03
N GLY N 224 -46.33 -6.37 75.71
CA GLY N 224 -45.63 -7.61 75.42
C GLY N 224 -44.14 -7.41 75.25
N ARG N 225 -43.44 -8.51 74.94
CA ARG N 225 -41.99 -8.45 74.75
C ARG N 225 -41.61 -7.60 73.55
N LYS N 226 -42.43 -7.64 72.48
CA LYS N 226 -42.17 -6.81 71.31
C LYS N 226 -42.39 -5.33 71.58
N GLU N 227 -43.20 -4.98 72.59
CA GLU N 227 -43.50 -3.58 72.86
C GLU N 227 -42.31 -2.87 73.50
N TYR N 228 -41.61 -3.54 74.41
CA TYR N 228 -40.43 -2.91 75.02
C TYR N 228 -39.29 -2.76 74.02
N LEU N 229 -39.17 -3.69 73.07
CA LEU N 229 -38.14 -3.57 72.05
C LEU N 229 -38.50 -2.58 70.95
N ARG N 230 -39.79 -2.26 70.79
CA ARG N 230 -40.20 -1.33 69.74
C ARG N 230 -39.76 0.09 70.05
N LYS N 231 -39.99 0.54 71.29
CA LYS N 231 -39.54 1.86 71.70
C LYS N 231 -38.03 1.94 71.74
N LEU N 232 -37.37 0.86 72.15
CA LEU N 232 -35.92 0.84 72.21
C LEU N 232 -35.27 0.73 70.83
N LYS N 233 -36.06 0.35 69.80
CA LYS N 233 -35.60 0.35 68.42
C LYS N 233 -35.69 1.75 67.82
N GLU N 234 -36.46 2.65 68.44
CA GLU N 234 -36.68 3.97 67.87
C GLU N 234 -36.13 5.11 68.71
N SER N 235 -36.23 5.03 70.04
CA SER N 235 -35.92 6.18 70.89
C SER N 235 -34.43 6.28 71.21
N PHE N 236 -33.87 5.27 71.86
CA PHE N 236 -32.46 5.32 72.27
C PHE N 236 -31.53 5.17 71.08
N ILE N 237 -31.58 4.03 70.40
CA ILE N 237 -30.84 3.79 69.17
C ILE N 237 -31.84 3.77 68.02
N ARG N 238 -31.52 4.44 66.93
CA ARG N 238 -32.34 4.43 65.74
C ARG N 238 -31.43 4.39 64.52
N ARG N 239 -32.04 4.40 63.33
CA ARG N 239 -31.26 4.41 62.09
C ARG N 239 -30.48 5.72 61.96
N SER N 240 -31.17 6.85 62.14
CA SER N 240 -30.60 8.21 62.17
C SER N 240 -29.72 8.52 60.97
N VAL N 241 -28.45 8.82 61.24
CA VAL N 241 -27.49 9.15 60.16
C VAL N 241 -26.86 7.84 59.71
N ASN N 242 -27.55 7.16 58.81
CA ASN N 242 -26.98 6.00 58.13
C ASN N 242 -26.57 6.39 56.72
N THR N 243 -25.91 5.44 56.05
CA THR N 243 -25.22 5.66 54.76
C THR N 243 -24.25 6.83 54.90
N SER N 244 -23.51 6.84 56.01
CA SER N 244 -22.50 7.83 56.30
C SER N 244 -21.28 7.12 56.86
N PRO N 245 -20.09 7.37 56.33
CA PRO N 245 -18.89 6.62 56.75
C PRO N 245 -18.34 7.07 58.10
N TYR N 246 -19.02 6.67 59.16
CA TYR N 246 -18.61 6.96 60.53
C TYR N 246 -18.06 5.69 61.17
N ALA N 247 -17.03 5.86 62.00
CA ALA N 247 -16.42 4.74 62.71
C ALA N 247 -17.33 4.36 63.88
N ARG N 248 -18.30 3.51 63.60
CA ARG N 248 -19.30 3.11 64.59
C ARG N 248 -18.76 1.94 65.41
N PHE N 249 -18.71 2.12 66.73
CA PHE N 249 -18.22 1.09 67.64
C PHE N 249 -19.41 0.43 68.32
N PHE N 250 -19.51 -0.89 68.19
CA PHE N 250 -20.57 -1.67 68.82
C PHE N 250 -19.95 -2.48 69.96
N ILE N 251 -20.43 -2.24 71.17
CA ILE N 251 -19.93 -2.93 72.37
C ILE N 251 -21.05 -3.80 72.91
N LEU N 252 -20.81 -5.12 72.92
CA LEU N 252 -21.79 -6.09 73.39
C LEU N 252 -21.19 -6.86 74.56
N GLU N 253 -22.04 -7.19 75.54
CA GLU N 253 -21.60 -7.86 76.75
C GLU N 253 -21.76 -9.37 76.56
N PHE N 254 -20.65 -10.05 76.33
CA PHE N 254 -20.63 -11.50 76.14
C PHE N 254 -20.45 -12.15 77.52
N GLN N 255 -21.42 -12.96 77.90
CA GLN N 255 -21.40 -13.68 79.17
C GLN N 255 -21.26 -15.18 78.93
N ASP N 256 -20.94 -15.90 80.01
CA ASP N 256 -20.83 -17.35 79.93
C ASP N 256 -22.19 -18.01 79.73
N LYS N 257 -23.26 -17.43 80.29
CA LYS N 257 -24.59 -17.97 80.09
C LYS N 257 -25.11 -17.75 78.68
N THR N 258 -24.54 -16.79 77.95
CA THR N 258 -24.92 -16.53 76.57
C THR N 258 -24.09 -17.42 75.66
N ASP N 259 -24.74 -18.20 74.81
CA ASP N 259 -24.04 -19.19 74.01
C ASP N 259 -23.45 -18.54 72.75
N ILE N 260 -22.78 -19.37 71.95
CA ILE N 260 -22.07 -18.89 70.77
C ILE N 260 -23.06 -18.44 69.69
N LYS N 261 -24.19 -19.15 69.59
CA LYS N 261 -25.10 -18.99 68.45
C LYS N 261 -25.73 -17.59 68.40
N THR N 262 -26.28 -17.12 69.53
CA THR N 262 -27.01 -15.85 69.51
C THR N 262 -26.08 -14.66 69.37
N VAL N 263 -24.79 -14.81 69.66
CA VAL N 263 -23.82 -13.77 69.37
C VAL N 263 -23.60 -13.66 67.87
N LYS N 264 -23.52 -14.81 67.19
CA LYS N 264 -23.32 -14.81 65.74
C LYS N 264 -24.54 -14.23 65.02
N ASP N 265 -25.74 -14.48 65.54
CA ASP N 265 -26.94 -13.88 64.97
C ASP N 265 -26.93 -12.36 65.13
N CYS N 266 -26.39 -11.86 66.24
CA CYS N 266 -26.33 -10.42 66.44
C CYS N 266 -25.26 -9.78 65.57
N ILE N 267 -24.11 -10.44 65.42
CA ILE N 267 -23.02 -9.90 64.61
C ILE N 267 -23.42 -9.82 63.14
N TYR N 268 -24.11 -10.86 62.64
CA TYR N 268 -24.58 -10.84 61.26
C TYR N 268 -25.64 -9.77 61.03
N LYS N 269 -26.42 -9.44 62.06
CA LYS N 269 -27.41 -8.38 61.94
C LYS N 269 -26.75 -7.00 61.97
N ILE N 270 -25.70 -6.84 62.79
CA ILE N 270 -24.97 -5.58 62.84
C ILE N 270 -24.23 -5.34 61.54
N GLN N 271 -23.58 -6.38 61.01
CA GLN N 271 -22.82 -6.25 59.77
C GLN N 271 -23.73 -5.97 58.58
N SER N 272 -24.91 -6.60 58.54
CA SER N 272 -25.82 -6.39 57.41
C SER N 272 -26.44 -5.00 57.46
N ASN N 273 -26.82 -4.53 58.64
CA ASN N 273 -27.55 -3.27 58.74
C ASN N 273 -26.61 -2.06 58.72
N TRP N 274 -25.49 -2.13 59.43
CA TRP N 274 -24.66 -0.97 59.69
C TRP N 274 -23.36 -0.97 58.90
N SER N 275 -23.34 -1.65 57.76
CA SER N 275 -22.21 -1.60 56.84
C SER N 275 -22.72 -1.49 55.42
N ASN N 276 -21.92 -0.85 54.56
CA ASN N 276 -22.26 -0.68 53.16
C ASN N 276 -20.97 -0.95 52.40
N LEU N 277 -20.84 -2.16 51.86
CA LEU N 277 -19.68 -2.58 51.11
C LEU N 277 -20.00 -2.84 49.64
N SER N 278 -21.05 -2.18 49.12
CA SER N 278 -21.43 -2.35 47.73
C SER N 278 -20.41 -1.69 46.80
N LYS N 279 -20.33 -2.21 45.57
CA LYS N 279 -19.37 -1.70 44.60
C LYS N 279 -19.78 -0.34 44.05
N ARG N 280 -21.04 0.05 44.20
CA ARG N 280 -21.50 1.33 43.66
C ARG N 280 -20.91 2.50 44.44
N THR N 281 -20.95 2.43 45.76
CA THR N 281 -20.50 3.54 46.59
C THR N 281 -18.98 3.56 46.73
N ASP N 282 -18.43 4.77 46.86
CA ASP N 282 -17.00 4.96 47.03
C ASP N 282 -16.64 5.40 48.44
N ARG N 283 -17.59 5.39 49.37
CA ARG N 283 -17.35 5.73 50.77
C ARG N 283 -17.88 4.58 51.63
N PRO N 284 -17.16 3.46 51.69
CA PRO N 284 -17.64 2.32 52.47
C PRO N 284 -17.36 2.49 53.96
N TYR N 285 -18.08 1.69 54.75
CA TYR N 285 -17.86 1.67 56.19
C TYR N 285 -18.22 0.29 56.72
N SER N 286 -17.60 -0.06 57.85
CA SER N 286 -17.84 -1.32 58.53
C SER N 286 -17.92 -1.06 60.02
N PRO N 287 -18.77 -1.80 60.75
CA PRO N 287 -18.87 -1.58 62.19
C PRO N 287 -17.68 -2.16 62.94
N PHE N 288 -17.46 -1.62 64.14
CA PHE N 288 -16.43 -2.09 65.04
C PHE N 288 -17.09 -2.85 66.18
N LEU N 289 -16.67 -4.09 66.40
CA LEU N 289 -17.30 -4.98 67.37
C LEU N 289 -16.38 -5.16 68.57
N LEU N 290 -16.96 -5.03 69.77
CA LEU N 290 -16.23 -5.23 71.01
C LEU N 290 -17.02 -6.19 71.89
N PHE N 291 -16.31 -7.04 72.62
CA PHE N 291 -16.92 -7.96 73.57
C PHE N 291 -16.15 -7.93 74.87
N HIS N 292 -16.88 -8.04 75.98
CA HIS N 292 -16.28 -7.97 77.31
C HIS N 292 -17.05 -8.86 78.25
N GLY N 293 -16.41 -9.22 79.37
CA GLY N 293 -17.01 -10.09 80.35
C GLY N 293 -16.93 -11.57 80.04
N THR N 294 -16.26 -11.95 78.96
CA THR N 294 -16.13 -13.34 78.56
C THR N 294 -14.67 -13.77 78.63
N SER N 295 -14.47 -15.09 78.68
CA SER N 295 -13.13 -15.64 78.63
C SER N 295 -12.58 -15.57 77.20
N ASP N 296 -11.28 -15.81 77.07
CA ASP N 296 -10.66 -15.83 75.75
C ASP N 296 -10.93 -17.13 75.00
N ALA N 297 -11.38 -18.18 75.70
CA ALA N 297 -11.62 -19.46 75.04
C ALA N 297 -12.81 -19.38 74.10
N ASN N 298 -13.94 -18.87 74.58
CA ASN N 298 -15.13 -18.74 73.73
C ASN N 298 -15.13 -17.47 72.91
N LEU N 299 -14.29 -16.49 73.25
CA LEU N 299 -14.12 -15.34 72.36
C LEU N 299 -13.38 -15.74 71.09
N TYR N 300 -12.33 -16.56 71.23
CA TYR N 300 -11.60 -17.04 70.06
C TYR N 300 -12.42 -18.04 69.27
N GLU N 301 -13.28 -18.82 69.95
CA GLU N 301 -14.13 -19.77 69.26
C GLU N 301 -15.18 -19.06 68.42
N LEU N 302 -15.72 -17.94 68.92
CA LEU N 302 -16.60 -17.10 68.11
C LEU N 302 -15.85 -16.49 66.93
N LYS N 303 -14.61 -16.04 67.17
CA LYS N 303 -13.81 -15.45 66.11
C LYS N 303 -13.45 -16.48 65.04
N ASN N 304 -13.17 -17.72 65.45
CA ASN N 304 -12.84 -18.75 64.48
C ASN N 304 -14.04 -19.17 63.65
N GLN N 305 -15.23 -19.18 64.26
CA GLN N 305 -16.43 -19.57 63.52
C GLN N 305 -16.83 -18.51 62.51
N LEU N 306 -16.66 -17.22 62.85
CA LEU N 306 -17.03 -16.15 61.94
C LEU N 306 -16.15 -16.14 60.69
N PHE N 307 -14.86 -16.42 60.85
CA PHE N 307 -13.96 -16.49 59.71
C PHE N 307 -14.21 -17.72 58.85
N ASN N 308 -14.83 -18.77 59.42
CA ASN N 308 -15.10 -19.97 58.64
C ASN N 308 -16.26 -19.77 57.66
N GLU N 309 -17.22 -18.90 58.00
CA GLU N 309 -18.36 -18.62 57.14
C GLU N 309 -18.16 -17.39 56.27
N ASP N 310 -16.90 -17.09 55.93
CA ASP N 310 -16.52 -16.01 55.00
C ASP N 310 -17.00 -14.65 55.47
N LEU N 311 -17.13 -14.46 56.79
CA LEU N 311 -17.36 -13.14 57.37
C LEU N 311 -16.00 -12.58 57.78
N ILE N 312 -15.26 -12.08 56.78
CA ILE N 312 -13.87 -11.70 56.97
C ILE N 312 -13.79 -10.43 57.79
N PHE N 313 -13.02 -10.46 58.87
CA PHE N 313 -12.84 -9.32 59.75
C PHE N 313 -11.35 -9.10 59.99
N THR N 314 -11.05 -8.14 60.86
CA THR N 314 -9.68 -7.89 61.29
C THR N 314 -9.71 -7.39 62.73
N ASP N 315 -8.59 -7.59 63.44
CA ASP N 315 -8.48 -7.11 64.80
C ASP N 315 -7.10 -6.54 65.12
N GLY N 316 -6.33 -6.14 64.11
CA GLY N 316 -5.02 -5.58 64.33
C GLY N 316 -3.92 -6.59 64.59
N TYR N 317 -4.18 -7.88 64.38
CA TYR N 317 -3.17 -8.93 64.54
C TYR N 317 -3.11 -9.72 63.24
N PRO N 318 -2.38 -9.23 62.24
CA PRO N 318 -2.30 -9.95 60.96
C PRO N 318 -1.49 -11.23 61.02
N PHE N 319 -0.70 -11.43 62.08
CA PHE N 319 0.12 -12.62 62.19
C PHE N 319 0.32 -12.94 63.68
N LYS N 320 0.77 -14.16 63.95
CA LYS N 320 1.07 -14.53 65.33
C LYS N 320 2.29 -13.77 65.83
N GLY N 321 2.25 -13.39 67.11
CA GLY N 321 3.31 -12.59 67.69
C GLY N 321 3.27 -11.12 67.30
N SER N 322 2.22 -10.67 66.64
CA SER N 322 2.12 -9.28 66.23
C SER N 322 1.69 -8.41 67.41
N VAL N 323 2.22 -7.19 67.44
CA VAL N 323 1.69 -6.16 68.32
C VAL N 323 0.39 -5.67 67.70
N PHE N 324 -0.39 -4.92 68.46
CA PHE N 324 -1.66 -4.41 67.95
C PHE N 324 -1.39 -3.37 66.88
N THR N 325 -1.94 -3.59 65.68
CA THR N 325 -1.74 -2.69 64.56
C THR N 325 -3.08 -2.04 64.20
N PRO N 326 -3.35 -0.83 64.69
CA PRO N 326 -4.63 -0.18 64.35
C PRO N 326 -4.75 0.24 62.89
N LYS N 327 -3.65 0.26 62.14
CA LYS N 327 -3.72 0.58 60.72
C LYS N 327 -4.50 -0.48 59.95
N MET N 328 -4.51 -1.73 60.43
CA MET N 328 -5.32 -2.77 59.82
C MET N 328 -6.81 -2.48 60.00
N LEU N 329 -7.20 -1.96 61.17
CA LEU N 329 -8.59 -1.56 61.36
C LEU N 329 -8.93 -0.30 60.58
N ILE N 330 -7.94 0.58 60.36
CA ILE N 330 -8.16 1.75 59.52
C ILE N 330 -8.35 1.34 58.07
N GLU N 331 -7.54 0.38 57.58
CA GLU N 331 -7.67 -0.08 56.22
C GLU N 331 -8.91 -0.95 56.04
N GLY N 332 -9.22 -1.80 57.02
CA GLY N 332 -10.38 -2.66 56.94
C GLY N 332 -11.70 -1.93 57.05
N PHE N 333 -11.69 -0.72 57.62
CA PHE N 333 -12.91 0.08 57.68
C PHE N 333 -13.37 0.50 56.29
N SER N 334 -12.42 0.88 55.43
CA SER N 334 -12.73 1.28 54.06
C SER N 334 -12.61 0.14 53.06
N ASN N 335 -12.21 -1.05 53.51
CA ASN N 335 -12.07 -2.19 52.62
C ASN N 335 -13.43 -2.87 52.43
N LYS N 336 -13.82 -3.06 51.17
CA LYS N 336 -15.11 -3.70 50.90
C LYS N 336 -15.06 -5.19 51.17
N GLU N 337 -13.88 -5.81 51.08
CA GLU N 337 -13.76 -7.24 51.31
C GLU N 337 -13.69 -7.61 52.79
N ILE N 338 -13.49 -6.63 53.68
CA ILE N 338 -13.50 -6.85 55.11
C ILE N 338 -14.86 -6.40 55.63
N HIS N 339 -15.59 -7.31 56.28
CA HIS N 339 -17.00 -7.08 56.59
C HIS N 339 -17.18 -6.23 57.84
N PHE N 340 -16.37 -6.47 58.87
CA PHE N 340 -16.42 -5.68 60.09
C PHE N 340 -15.05 -5.74 60.76
N GLN N 341 -14.94 -5.11 61.92
CA GLN N 341 -13.69 -5.07 62.67
C GLN N 341 -13.93 -5.58 64.08
N PHE N 342 -12.95 -6.32 64.60
CA PHE N 342 -13.01 -6.91 65.92
C PHE N 342 -12.07 -6.18 66.86
N ILE N 343 -12.50 -6.00 68.10
CA ILE N 343 -11.67 -5.42 69.16
C ILE N 343 -11.61 -6.41 70.30
N ASN N 344 -10.39 -6.77 70.71
CA ASN N 344 -10.21 -7.85 71.68
C ASN N 344 -10.56 -7.40 73.10
N ASP N 345 -9.99 -6.30 73.55
CA ASP N 345 -10.14 -5.90 74.94
C ASP N 345 -10.10 -4.38 75.04
N ILE N 346 -9.88 -3.87 76.26
CA ILE N 346 -9.95 -2.43 76.52
C ILE N 346 -8.78 -1.70 75.87
N ASP N 347 -7.57 -2.25 76.01
CA ASP N 347 -6.37 -1.58 75.52
C ASP N 347 -6.36 -1.45 74.01
N ASP N 348 -6.84 -2.48 73.30
CA ASP N 348 -6.96 -2.39 71.85
C ASP N 348 -8.07 -1.43 71.44
N PHE N 349 -9.07 -1.23 72.30
CA PHE N 349 -10.15 -0.30 71.99
C PHE N 349 -9.68 1.14 72.09
N ASN N 350 -8.94 1.48 73.15
CA ASN N 350 -8.51 2.85 73.35
C ASN N 350 -7.49 3.28 72.31
N GLU N 351 -6.61 2.37 71.91
CA GLU N 351 -5.61 2.70 70.90
C GLU N 351 -6.24 2.89 69.52
N THR N 352 -7.34 2.17 69.25
CA THR N 352 -8.05 2.35 67.98
C THR N 352 -8.72 3.72 67.90
N LEU N 353 -9.18 4.26 69.04
CA LEU N 353 -9.87 5.54 69.05
C LEU N 353 -8.93 6.69 68.67
N ASN N 354 -7.70 6.68 69.19
CA ASN N 354 -6.72 7.71 68.82
C ASN N 354 -6.27 7.57 67.38
N SER N 355 -6.23 6.34 66.85
CA SER N 355 -5.80 6.14 65.48
C SER N 355 -6.86 6.60 64.48
N ILE N 356 -8.13 6.43 64.81
CA ILE N 356 -9.21 6.87 63.95
C ILE N 356 -9.37 8.38 64.12
N ASN N 357 -9.35 9.11 63.00
CA ASN N 357 -9.53 10.56 63.04
C ASN N 357 -10.97 10.98 62.82
N ILE N 358 -11.74 10.20 62.07
CA ILE N 358 -13.11 10.54 61.70
C ILE N 358 -14.05 10.41 62.90
N ARG N 359 -15.28 10.88 62.74
CA ARG N 359 -16.28 10.85 63.81
C ARG N 359 -16.58 9.43 64.25
N LYS N 360 -16.57 9.22 65.57
CA LYS N 360 -16.81 7.90 66.16
C LYS N 360 -18.09 7.96 67.01
N GLU N 361 -18.85 6.88 66.96
CA GLU N 361 -19.98 6.68 67.86
C GLU N 361 -19.86 5.34 68.54
N VAL N 362 -20.16 5.29 69.84
CA VAL N 362 -20.07 4.07 70.63
C VAL N 362 -21.49 3.63 70.96
N TYR N 363 -21.86 2.46 70.48
CA TYR N 363 -23.17 1.86 70.76
C TYR N 363 -22.95 0.70 71.72
N GLN N 364 -23.35 0.90 72.97
CA GLN N 364 -23.16 -0.10 74.02
C GLN N 364 -24.43 -0.88 74.25
N PHE N 365 -24.32 -2.20 74.26
CA PHE N 365 -25.41 -3.10 74.60
C PHE N 365 -24.93 -4.00 75.74
N TYR N 366 -25.65 -3.97 76.86
CA TYR N 366 -25.21 -4.71 78.04
C TYR N 366 -26.42 -5.18 78.82
N THR N 367 -26.18 -6.13 79.72
CA THR N 367 -27.21 -6.66 80.59
C THR N 367 -26.96 -6.34 82.06
N GLU N 368 -25.77 -6.64 82.57
CA GLU N 368 -25.42 -6.36 83.96
C GLU N 368 -24.31 -5.34 84.10
N ASN N 369 -23.17 -5.57 83.45
CA ASN N 369 -21.99 -4.71 83.62
C ASN N 369 -21.87 -3.77 82.42
N CYS N 370 -21.61 -2.50 82.72
CA CYS N 370 -21.45 -1.47 81.69
C CYS N 370 -19.99 -1.03 81.62
N LEU N 371 -19.54 -0.75 80.41
CA LEU N 371 -18.14 -0.41 80.16
C LEU N 371 -17.90 1.09 80.38
N ASP N 372 -16.69 1.42 80.80
CA ASP N 372 -16.28 2.81 80.96
C ASP N 372 -15.82 3.34 79.61
N ILE N 373 -16.49 4.38 79.12
CA ILE N 373 -16.22 4.91 77.79
C ILE N 373 -15.69 6.32 78.01
N PRO N 374 -14.67 6.77 77.26
CA PRO N 374 -14.23 8.17 77.36
C PRO N 374 -15.35 9.14 77.03
N SER N 375 -15.37 10.26 77.76
CA SER N 375 -16.50 11.18 77.74
C SER N 375 -16.57 12.03 76.48
N GLN N 376 -15.51 12.10 75.68
CA GLN N 376 -15.52 12.91 74.47
C GLN N 376 -16.25 12.24 73.31
N LEU N 377 -16.61 10.97 73.44
CA LEU N 377 -17.29 10.26 72.37
C LEU N 377 -18.79 10.26 72.59
N PRO N 378 -19.59 10.32 71.52
CA PRO N 378 -21.05 10.18 71.66
C PRO N 378 -21.41 8.76 72.08
N GLN N 379 -22.06 8.64 73.24
CA GLN N 379 -22.41 7.34 73.80
C GLN N 379 -23.91 7.18 73.92
N VAL N 380 -24.39 5.97 73.64
CA VAL N 380 -25.75 5.56 73.95
C VAL N 380 -25.69 4.18 74.58
N ASN N 381 -26.32 4.02 75.74
CA ASN N 381 -26.27 2.78 76.51
C ASN N 381 -27.63 2.09 76.44
N ILE N 382 -27.61 0.81 76.05
CA ILE N 382 -28.81 0.01 75.93
C ILE N 382 -28.72 -1.14 76.92
N GLN N 383 -29.64 -1.16 77.88
CA GLN N 383 -29.75 -2.25 78.85
C GLN N 383 -30.85 -3.18 78.40
N VAL N 384 -30.48 -4.41 78.04
CA VAL N 384 -31.42 -5.39 77.52
C VAL N 384 -31.60 -6.51 78.54
N LYS N 385 -32.69 -7.26 78.38
CA LYS N 385 -32.97 -8.37 79.28
C LYS N 385 -31.96 -9.50 79.09
N ASP N 386 -31.69 -9.87 77.83
CA ASP N 386 -30.63 -10.81 77.51
C ASP N 386 -30.11 -10.49 76.11
N PHE N 387 -29.17 -11.32 75.65
CA PHE N 387 -28.49 -11.05 74.39
C PHE N 387 -29.38 -11.24 73.17
N ALA N 388 -30.53 -11.92 73.33
CA ALA N 388 -31.41 -12.16 72.19
C ALA N 388 -32.09 -10.89 71.70
N ASP N 389 -32.31 -9.92 72.58
CA ASP N 389 -33.00 -8.69 72.19
C ASP N 389 -32.13 -7.77 71.34
N ILE N 390 -30.81 -7.95 71.37
CA ILE N 390 -29.91 -7.03 70.68
C ILE N 390 -30.06 -7.14 69.16
N LYS N 391 -30.34 -8.35 68.66
CA LYS N 391 -30.42 -8.55 67.21
C LYS N 391 -31.62 -7.82 66.60
N GLU N 392 -32.78 -7.86 67.27
CA GLU N 392 -33.94 -7.14 66.76
C GLU N 392 -33.84 -5.65 66.99
N ILE N 393 -33.14 -5.24 68.06
CA ILE N 393 -33.02 -3.83 68.39
C ILE N 393 -32.12 -3.12 67.39
N VAL N 394 -31.00 -3.74 67.04
CA VAL N 394 -30.03 -3.13 66.12
C VAL N 394 -30.54 -3.23 64.68
N GLY O 224 -71.42 12.76 53.03
CA GLY O 224 -71.56 14.19 52.81
C GLY O 224 -72.00 14.54 51.41
N ARG O 225 -71.13 15.22 50.67
CA ARG O 225 -71.42 15.64 49.30
C ARG O 225 -70.41 15.12 48.28
N LYS O 226 -69.14 14.98 48.66
CA LYS O 226 -68.12 14.49 47.75
C LYS O 226 -68.13 12.98 47.58
N GLU O 227 -68.95 12.27 48.34
CA GLU O 227 -69.02 10.81 48.21
C GLU O 227 -69.70 10.37 46.91
N TYR O 228 -70.50 11.25 46.30
CA TYR O 228 -71.11 10.91 45.01
C TYR O 228 -70.07 10.85 43.90
N LEU O 229 -69.08 11.76 43.93
CA LEU O 229 -68.01 11.72 42.94
C LEU O 229 -67.09 10.53 43.19
N ARG O 230 -66.88 10.17 44.45
CA ARG O 230 -66.04 9.02 44.77
C ARG O 230 -66.72 7.72 44.39
N LYS O 231 -68.04 7.62 44.63
CA LYS O 231 -68.77 6.41 44.28
C LYS O 231 -68.84 6.24 42.76
N LEU O 232 -69.05 7.32 42.02
CA LEU O 232 -69.09 7.23 40.56
C LEU O 232 -67.70 6.96 39.98
N LYS O 233 -66.64 7.35 40.70
CA LYS O 233 -65.29 7.04 40.26
C LYS O 233 -64.97 5.57 40.45
N GLU O 234 -65.32 5.01 41.61
CA GLU O 234 -64.95 3.63 41.91
C GLU O 234 -65.83 2.60 41.19
N SER O 235 -66.99 3.02 40.67
CA SER O 235 -67.95 2.04 40.17
C SER O 235 -67.63 1.58 38.75
N PHE O 236 -67.40 2.52 37.83
CA PHE O 236 -67.37 2.19 36.41
C PHE O 236 -66.01 2.42 35.76
N ILE O 237 -65.45 3.62 35.88
CA ILE O 237 -64.28 4.03 35.10
C ILE O 237 -63.08 4.14 36.03
N ARG O 238 -61.97 3.50 35.63
CA ARG O 238 -60.76 3.50 36.45
C ARG O 238 -59.55 3.57 35.54
N ARG O 239 -58.49 4.24 36.04
CA ARG O 239 -57.33 4.56 35.23
C ARG O 239 -56.12 3.66 35.52
N SER O 240 -56.09 3.00 36.67
CA SER O 240 -54.90 2.24 37.06
C SER O 240 -54.70 1.00 36.20
N VAL O 241 -55.76 0.24 35.96
CA VAL O 241 -55.64 -1.01 35.20
C VAL O 241 -55.93 -0.84 33.72
N ASN O 242 -56.50 0.29 33.31
CA ASN O 242 -56.82 0.52 31.90
C ASN O 242 -55.72 1.32 31.21
N THR O 243 -54.54 0.70 31.16
CA THR O 243 -53.40 1.26 30.44
C THR O 243 -53.22 0.67 29.05
N SER O 244 -54.10 -0.24 28.65
CA SER O 244 -53.98 -0.94 27.38
C SER O 244 -54.44 -0.04 26.22
N PRO O 245 -53.86 -0.21 25.03
CA PRO O 245 -54.22 0.64 23.87
C PRO O 245 -55.52 0.23 23.19
N TYR O 246 -56.63 0.71 23.73
CA TYR O 246 -57.95 0.45 23.16
C TYR O 246 -58.54 1.73 22.60
N ALA O 247 -59.46 1.57 21.64
CA ALA O 247 -60.13 2.69 21.00
C ALA O 247 -61.26 3.15 21.92
N ARG O 248 -60.93 4.02 22.86
CA ARG O 248 -61.87 4.45 23.88
C ARG O 248 -62.67 5.64 23.36
N PHE O 249 -64.00 5.50 23.37
CA PHE O 249 -64.90 6.52 22.88
C PHE O 249 -65.52 7.25 24.07
N PHE O 250 -65.32 8.56 24.12
CA PHE O 250 -65.88 9.39 25.18
C PHE O 250 -67.00 10.24 24.57
N ILE O 251 -68.21 10.11 25.12
CA ILE O 251 -69.39 10.79 24.61
C ILE O 251 -69.91 11.70 25.71
N LEU O 252 -70.06 12.99 25.39
CA LEU O 252 -70.53 14.00 26.33
C LEU O 252 -71.81 14.62 25.80
N GLU O 253 -72.62 15.15 26.71
CA GLU O 253 -73.90 15.76 26.35
C GLU O 253 -73.73 17.28 26.45
N PHE O 254 -73.28 17.89 25.35
CA PHE O 254 -73.29 19.34 25.22
C PHE O 254 -74.73 19.81 25.09
N GLN O 255 -75.27 20.39 26.17
CA GLN O 255 -76.69 20.67 26.27
C GLN O 255 -77.03 22.13 26.01
N ASP O 256 -76.11 22.90 25.44
CA ASP O 256 -76.26 24.31 25.07
C ASP O 256 -76.52 25.24 26.25
N LYS O 257 -76.38 24.75 27.49
CA LYS O 257 -76.48 25.60 28.66
C LYS O 257 -75.15 25.77 29.39
N THR O 258 -74.18 24.90 29.14
CA THR O 258 -72.82 25.06 29.65
C THR O 258 -71.96 25.73 28.60
N ASP O 259 -70.89 26.37 29.06
CA ASP O 259 -70.06 27.17 28.19
C ASP O 259 -68.88 26.36 27.64
N ILE O 260 -68.08 27.01 26.80
CA ILE O 260 -66.95 26.34 26.14
C ILE O 260 -65.82 26.05 27.13
N LYS O 261 -65.77 26.77 28.25
CA LYS O 261 -64.72 26.55 29.25
C LYS O 261 -64.84 25.16 29.87
N THR O 262 -66.03 24.82 30.38
CA THR O 262 -66.19 23.56 31.11
C THR O 262 -66.03 22.35 30.21
N VAL O 263 -66.33 22.50 28.92
CA VAL O 263 -66.09 21.42 27.98
C VAL O 263 -64.60 21.27 27.73
N LYS O 264 -63.88 22.38 27.56
CA LYS O 264 -62.45 22.33 27.29
C LYS O 264 -61.65 21.78 28.47
N ASP O 265 -62.08 22.08 29.69
CA ASP O 265 -61.44 21.46 30.86
C ASP O 265 -61.74 19.97 30.92
N CYS O 266 -62.91 19.55 30.44
CA CYS O 266 -63.22 18.12 30.40
C CYS O 266 -62.43 17.42 29.31
N ILE O 267 -62.25 18.07 28.16
CA ILE O 267 -61.50 17.47 27.06
C ILE O 267 -60.02 17.35 27.43
N TYR O 268 -59.47 18.38 28.06
CA TYR O 268 -58.06 18.33 28.48
C TYR O 268 -57.83 17.27 29.56
N LYS O 269 -58.80 17.09 30.45
CA LYS O 269 -58.68 16.03 31.46
C LYS O 269 -58.81 14.65 30.83
N ILE O 270 -59.70 14.51 29.84
CA ILE O 270 -59.85 13.24 29.13
C ILE O 270 -58.60 12.93 28.31
N GLN O 271 -58.06 13.94 27.61
CA GLN O 271 -56.90 13.71 26.76
C GLN O 271 -55.65 13.39 27.58
N SER O 272 -55.46 14.08 28.69
CA SER O 272 -54.26 13.87 29.50
C SER O 272 -54.29 12.51 30.20
N ASN O 273 -55.47 12.09 30.67
CA ASN O 273 -55.56 10.86 31.43
C ASN O 273 -55.65 9.63 30.54
N TRP O 274 -56.31 9.75 29.39
CA TRP O 274 -56.66 8.60 28.57
C TRP O 274 -55.92 8.57 27.24
N SER O 275 -54.68 9.04 27.22
CA SER O 275 -53.82 8.92 26.05
C SER O 275 -52.38 8.74 26.51
N ASN O 276 -51.59 8.06 25.68
CA ASN O 276 -50.17 7.82 25.95
C ASN O 276 -49.43 8.14 24.66
N LEU O 277 -49.04 9.41 24.51
CA LEU O 277 -48.34 9.88 23.31
C LEU O 277 -46.85 10.04 23.55
N SER O 278 -46.32 9.45 24.61
CA SER O 278 -44.92 9.59 24.96
C SER O 278 -44.03 8.84 23.96
N LYS O 279 -42.78 9.26 23.88
CA LYS O 279 -41.81 8.64 22.98
C LYS O 279 -41.31 7.29 23.47
N ARG O 280 -41.51 6.97 24.75
CA ARG O 280 -41.01 5.71 25.30
C ARG O 280 -41.83 4.51 24.82
N THR O 281 -43.14 4.68 24.66
CA THR O 281 -44.01 3.58 24.31
C THR O 281 -43.88 3.23 22.82
N ASP O 282 -44.39 2.06 22.47
CA ASP O 282 -44.46 1.65 21.07
C ASP O 282 -45.88 1.32 20.63
N ARG O 283 -46.86 1.45 21.53
CA ARG O 283 -48.28 1.25 21.20
C ARG O 283 -49.04 2.48 21.67
N PRO O 284 -48.98 3.58 20.91
CA PRO O 284 -49.67 4.80 21.34
C PRO O 284 -51.17 4.73 21.08
N TYR O 285 -51.92 5.45 21.92
CA TYR O 285 -53.36 5.51 21.76
C TYR O 285 -53.86 6.89 22.18
N SER O 286 -54.96 7.29 21.57
CA SER O 286 -55.61 8.58 21.83
C SER O 286 -57.11 8.37 21.91
N PRO O 287 -57.80 9.12 22.78
CA PRO O 287 -59.24 8.91 22.94
C PRO O 287 -60.04 9.52 21.78
N PHE O 288 -61.27 9.04 21.66
CA PHE O 288 -62.21 9.52 20.67
C PHE O 288 -63.28 10.35 21.37
N LEU O 289 -63.56 11.53 20.81
CA LEU O 289 -64.46 12.49 21.43
C LEU O 289 -65.68 12.71 20.54
N LEU O 290 -66.87 12.57 21.13
CA LEU O 290 -68.13 12.80 20.43
C LEU O 290 -68.99 13.70 21.30
N PHE O 291 -69.63 14.69 20.68
CA PHE O 291 -70.54 15.57 21.38
C PHE O 291 -71.90 15.57 20.66
N HIS O 292 -72.96 15.70 21.46
CA HIS O 292 -74.31 15.62 20.92
C HIS O 292 -75.23 16.52 21.74
N GLY O 293 -76.37 16.85 21.15
CA GLY O 293 -77.37 17.67 21.80
C GLY O 293 -77.20 19.16 21.61
N THR O 294 -76.10 19.59 20.99
CA THR O 294 -75.82 21.01 20.78
C THR O 294 -75.89 21.34 19.30
N SER O 295 -75.97 22.64 19.03
CA SER O 295 -75.96 23.12 17.65
C SER O 295 -74.54 23.07 17.08
N ASP O 296 -74.45 23.26 15.77
CA ASP O 296 -73.15 23.31 15.11
C ASP O 296 -72.42 24.64 15.32
N ALA O 297 -73.13 25.68 15.78
CA ALA O 297 -72.51 26.99 15.94
C ALA O 297 -71.44 26.98 17.03
N ASN O 298 -71.77 26.45 18.20
CA ASN O 298 -70.78 26.32 19.27
C ASN O 298 -69.94 25.06 19.16
N LEU O 299 -70.32 24.12 18.28
CA LEU O 299 -69.50 22.93 18.08
C LEU O 299 -68.23 23.25 17.32
N TYR O 300 -68.34 24.04 16.23
CA TYR O 300 -67.14 24.44 15.50
C TYR O 300 -66.37 25.51 16.24
N GLU O 301 -67.06 26.33 17.03
CA GLU O 301 -66.38 27.28 17.91
C GLU O 301 -65.56 26.54 18.97
N LEU O 302 -66.09 25.41 19.46
CA LEU O 302 -65.32 24.54 20.34
C LEU O 302 -64.10 23.98 19.63
N LYS O 303 -64.28 23.55 18.38
CA LYS O 303 -63.18 22.91 17.65
C LYS O 303 -62.14 23.93 17.21
N ASN O 304 -62.54 25.17 16.96
CA ASN O 304 -61.58 26.20 16.58
C ASN O 304 -60.71 26.62 17.75
N GLN O 305 -61.24 26.60 18.97
CA GLN O 305 -60.44 26.98 20.13
C GLN O 305 -59.40 25.90 20.46
N LEU O 306 -59.77 24.63 20.34
CA LEU O 306 -58.86 23.55 20.71
C LEU O 306 -57.66 23.48 19.79
N PHE O 307 -57.86 23.76 18.49
CA PHE O 307 -56.75 23.74 17.55
C PHE O 307 -55.80 24.91 17.78
N ASN O 308 -56.32 26.03 18.27
CA ASN O 308 -55.47 27.18 18.57
C ASN O 308 -54.64 26.97 19.84
N GLU O 309 -55.08 26.09 20.75
CA GLU O 309 -54.31 25.78 21.95
C GLU O 309 -53.38 24.59 21.76
N ASP O 310 -52.98 24.30 20.52
CA ASP O 310 -52.02 23.25 20.18
C ASP O 310 -52.48 21.86 20.62
N LEU O 311 -53.80 21.66 20.68
CA LEU O 311 -54.37 20.34 20.93
C LEU O 311 -54.85 19.80 19.59
N ILE O 312 -53.92 19.19 18.85
CA ILE O 312 -54.18 18.78 17.48
C ILE O 312 -55.10 17.56 17.47
N PHE O 313 -56.15 17.63 16.67
CA PHE O 313 -57.12 16.54 16.56
C PHE O 313 -57.48 16.34 15.10
N THR O 314 -58.03 15.16 14.81
CA THR O 314 -58.56 14.85 13.49
C THR O 314 -60.00 14.37 13.63
N ASP O 315 -60.84 14.79 12.68
CA ASP O 315 -62.25 14.41 12.67
C ASP O 315 -62.69 13.77 11.35
N GLY O 316 -61.75 13.24 10.57
CA GLY O 316 -62.08 12.61 9.31
C GLY O 316 -62.33 13.56 8.17
N TYR O 317 -62.06 14.84 8.35
CA TYR O 317 -62.30 15.88 7.35
C TYR O 317 -61.00 16.65 7.14
N PRO O 318 -60.06 16.10 6.37
CA PRO O 318 -58.77 16.79 6.19
C PRO O 318 -58.84 18.03 5.34
N PHE O 319 -59.89 18.21 4.53
CA PHE O 319 -60.01 19.40 3.72
C PHE O 319 -61.47 19.87 3.70
N LYS O 320 -61.66 21.11 3.27
CA LYS O 320 -63.01 21.66 3.18
C LYS O 320 -63.75 21.00 2.03
N GLY O 321 -64.98 20.56 2.29
CA GLY O 321 -65.74 19.80 1.31
C GLY O 321 -65.46 18.32 1.30
N SER O 322 -64.85 17.79 2.35
CA SER O 322 -64.43 16.39 2.37
C SER O 322 -65.60 15.44 2.64
N VAL O 323 -65.50 14.25 2.07
CA VAL O 323 -66.27 13.11 2.53
C VAL O 323 -65.52 12.53 3.72
N PHE O 324 -66.19 11.75 4.55
CA PHE O 324 -65.60 11.29 5.80
C PHE O 324 -64.59 10.20 5.50
N THR O 325 -63.32 10.48 5.83
CA THR O 325 -62.26 9.50 5.70
C THR O 325 -62.01 8.89 7.07
N PRO O 326 -62.42 7.65 7.33
CA PRO O 326 -62.16 7.05 8.64
C PRO O 326 -60.70 6.72 8.88
N LYS O 327 -59.87 6.69 7.83
CA LYS O 327 -58.46 6.37 7.99
C LYS O 327 -57.68 7.47 8.72
N MET O 328 -58.21 8.69 8.75
CA MET O 328 -57.53 9.76 9.49
C MET O 328 -57.62 9.53 10.98
N LEU O 329 -58.78 9.05 11.46
CA LEU O 329 -58.92 8.70 12.88
C LEU O 329 -58.19 7.41 13.21
N ILE O 330 -58.06 6.50 12.22
CA ILE O 330 -57.27 5.29 12.43
C ILE O 330 -55.79 5.65 12.58
N GLU O 331 -55.29 6.50 11.68
CA GLU O 331 -53.89 6.92 11.74
C GLU O 331 -53.64 7.83 12.94
N GLY O 332 -54.60 8.72 13.24
CA GLY O 332 -54.46 9.60 14.39
C GLY O 332 -54.55 8.89 15.73
N PHE O 333 -55.17 7.72 15.76
CA PHE O 333 -55.19 6.92 16.99
C PHE O 333 -53.79 6.46 17.37
N SER O 334 -52.98 6.07 16.39
CA SER O 334 -51.61 5.63 16.63
C SER O 334 -50.59 6.74 16.44
N ASN O 335 -51.02 7.94 16.07
CA ASN O 335 -50.11 9.06 15.86
C ASN O 335 -49.84 9.77 17.19
N LYS O 336 -48.56 10.02 17.47
CA LYS O 336 -48.18 10.73 18.69
C LYS O 336 -48.41 12.23 18.58
N GLU O 337 -48.51 12.77 17.37
CA GLU O 337 -48.72 14.20 17.17
C GLU O 337 -50.18 14.61 17.20
N ILE O 338 -51.10 13.65 17.17
CA ILE O 338 -52.54 13.93 17.24
C ILE O 338 -53.00 13.53 18.63
N HIS O 339 -53.50 14.50 19.40
CA HIS O 339 -53.75 14.28 20.82
C HIS O 339 -55.03 13.49 21.06
N PHE O 340 -56.07 13.73 20.26
CA PHE O 340 -57.33 13.02 20.42
C PHE O 340 -58.07 13.05 19.08
N GLN O 341 -59.22 12.39 19.03
CA GLN O 341 -60.01 12.30 17.81
C GLN O 341 -61.41 12.84 18.07
N PHE O 342 -61.92 13.62 17.11
CA PHE O 342 -63.23 14.23 17.20
C PHE O 342 -64.21 13.48 16.30
N ILE O 343 -65.45 13.34 16.79
CA ILE O 343 -66.55 12.77 16.01
C ILE O 343 -67.67 13.81 16.02
N ASN O 344 -68.10 14.22 14.82
CA ASN O 344 -69.01 15.36 14.71
C ASN O 344 -70.43 15.01 15.17
N ASP O 345 -70.96 13.88 14.72
CA ASP O 345 -72.36 13.57 14.98
C ASP O 345 -72.56 12.06 14.95
N ILE O 346 -73.83 11.64 15.01
CA ILE O 346 -74.17 10.24 15.26
C ILE O 346 -73.87 9.38 14.03
N ASP O 347 -74.25 9.88 12.84
CA ASP O 347 -74.07 9.10 11.62
C ASP O 347 -72.60 8.88 11.29
N ASP O 348 -71.73 9.77 11.75
CA ASP O 348 -70.30 9.59 11.55
C ASP O 348 -69.68 8.75 12.65
N PHE O 349 -70.33 8.67 13.80
CA PHE O 349 -69.90 7.77 14.87
C PHE O 349 -70.02 6.31 14.42
N ASN O 350 -71.12 5.97 13.75
CA ASN O 350 -71.34 4.59 13.31
C ASN O 350 -70.40 4.22 12.18
N GLU O 351 -70.09 5.16 11.30
CA GLU O 351 -69.17 4.89 10.19
C GLU O 351 -67.75 4.67 10.70
N THR O 352 -67.35 5.42 11.73
CA THR O 352 -66.04 5.23 12.34
C THR O 352 -65.94 3.85 12.98
N LEU O 353 -67.03 3.40 13.61
CA LEU O 353 -67.04 2.15 14.38
C LEU O 353 -66.75 0.92 13.53
N ASN O 354 -67.01 0.99 12.22
CA ASN O 354 -66.64 -0.09 11.33
C ASN O 354 -65.20 -0.01 10.84
N SER O 355 -64.45 1.01 11.24
CA SER O 355 -63.06 1.19 10.80
C SER O 355 -62.05 0.64 11.80
N ILE O 356 -62.22 0.91 13.10
CA ILE O 356 -61.30 0.33 14.07
C ILE O 356 -61.59 -1.16 14.21
N ASN O 357 -60.55 -1.97 13.99
CA ASN O 357 -60.72 -3.40 14.18
C ASN O 357 -60.56 -3.79 15.64
N ILE O 358 -59.66 -3.12 16.37
CA ILE O 358 -59.31 -3.49 17.73
C ILE O 358 -60.43 -3.11 18.70
N ARG O 359 -60.31 -3.58 19.95
CA ARG O 359 -61.38 -3.46 20.93
C ARG O 359 -61.72 -2.01 21.24
N LYS O 360 -63.03 -1.71 21.22
CA LYS O 360 -63.53 -0.36 21.46
C LYS O 360 -64.44 -0.35 22.69
N GLU O 361 -64.34 0.72 23.47
CA GLU O 361 -65.26 0.97 24.57
C GLU O 361 -65.88 2.35 24.43
N VAL O 362 -67.12 2.48 24.91
CA VAL O 362 -67.87 3.73 24.86
C VAL O 362 -68.19 4.14 26.29
N TYR O 363 -67.64 5.29 26.70
CA TYR O 363 -67.99 5.90 27.97
C TYR O 363 -68.88 7.12 27.67
N GLN O 364 -70.13 7.06 28.10
CA GLN O 364 -71.10 8.11 27.84
C GLN O 364 -71.40 8.84 29.14
N PHE O 365 -71.18 10.15 29.14
CA PHE O 365 -71.53 11.02 30.25
C PHE O 365 -72.62 11.97 29.80
N TYR O 366 -73.71 12.03 30.54
CA TYR O 366 -74.87 12.81 30.12
C TYR O 366 -75.64 13.27 31.35
N THR O 367 -76.51 14.25 31.13
CA THR O 367 -77.37 14.79 32.18
C THR O 367 -78.84 14.51 31.93
N GLU O 368 -79.33 14.77 30.72
CA GLU O 368 -80.74 14.60 30.39
C GLU O 368 -80.98 13.65 29.23
N ASN O 369 -80.17 13.72 28.18
CA ASN O 369 -80.37 12.93 26.96
C ASN O 369 -79.25 11.91 26.81
N CYS O 370 -79.63 10.64 26.63
CA CYS O 370 -78.69 9.55 26.47
C CYS O 370 -78.76 9.02 25.05
N LEU O 371 -77.60 8.72 24.47
CA LEU O 371 -77.53 8.23 23.10
C LEU O 371 -77.81 6.73 23.06
N ASP O 372 -78.00 6.22 21.85
CA ASP O 372 -78.29 4.80 21.61
C ASP O 372 -77.04 4.15 21.02
N ILE O 373 -76.22 3.57 21.88
CA ILE O 373 -75.03 2.84 21.48
C ILE O 373 -75.45 1.47 20.97
N PRO O 374 -74.80 0.93 19.93
CA PRO O 374 -75.07 -0.45 19.53
C PRO O 374 -74.72 -1.43 20.64
N SER O 375 -75.52 -2.49 20.74
CA SER O 375 -75.48 -3.40 21.89
C SER O 375 -74.26 -4.32 21.90
N GLN O 376 -73.45 -4.34 20.85
CA GLN O 376 -72.32 -5.25 20.77
C GLN O 376 -71.04 -4.69 21.41
N LEU O 377 -71.11 -3.48 21.98
CA LEU O 377 -69.92 -2.79 22.45
C LEU O 377 -69.94 -2.63 23.96
N PRO O 378 -68.78 -2.78 24.62
CA PRO O 378 -68.72 -2.54 26.07
C PRO O 378 -68.96 -1.07 26.39
N GLN O 379 -70.12 -0.77 26.97
CA GLN O 379 -70.55 0.59 27.18
C GLN O 379 -70.93 0.81 28.64
N VAL O 380 -70.57 1.98 29.16
CA VAL O 380 -71.02 2.44 30.46
C VAL O 380 -71.76 3.76 30.27
N ASN O 381 -72.78 3.99 31.08
CA ASN O 381 -73.57 5.21 31.05
C ASN O 381 -73.50 5.87 32.40
N ILE O 382 -73.01 7.10 32.44
CA ILE O 382 -72.84 7.86 33.68
C ILE O 382 -73.75 9.08 33.62
N GLN O 383 -74.60 9.23 34.62
CA GLN O 383 -75.46 10.40 34.75
C GLN O 383 -74.87 11.34 35.79
N VAL O 384 -74.75 12.62 35.42
CA VAL O 384 -74.11 13.61 36.28
C VAL O 384 -75.09 14.77 36.47
N LYS O 385 -74.86 15.52 37.55
CA LYS O 385 -75.69 16.69 37.82
C LYS O 385 -75.51 17.76 36.76
N ASP O 386 -74.28 18.01 36.34
CA ASP O 386 -73.99 18.96 35.28
C ASP O 386 -72.67 18.54 34.62
N PHE O 387 -72.16 19.41 33.73
CA PHE O 387 -70.99 19.06 32.94
C PHE O 387 -69.68 19.13 33.75
N ALA O 388 -69.65 19.88 34.84
CA ALA O 388 -68.41 20.04 35.60
C ALA O 388 -68.00 18.80 36.35
N ASP O 389 -68.94 17.89 36.64
CA ASP O 389 -68.60 16.67 37.34
C ASP O 389 -67.87 15.66 36.46
N ILE O 390 -67.95 15.82 35.14
CA ILE O 390 -67.27 14.90 34.24
C ILE O 390 -65.76 15.09 34.32
N LYS O 391 -65.30 16.29 34.64
CA LYS O 391 -63.86 16.55 34.76
C LYS O 391 -63.26 15.78 35.93
N GLU O 392 -63.95 15.75 37.07
CA GLU O 392 -63.43 15.07 38.25
C GLU O 392 -63.59 13.55 38.17
N ILE O 393 -64.58 13.07 37.42
CA ILE O 393 -64.82 11.63 37.34
C ILE O 393 -63.69 10.94 36.57
N VAL O 394 -63.30 11.49 35.43
CA VAL O 394 -62.23 10.90 34.63
C VAL O 394 -60.87 11.31 35.17
N GLY P 224 -59.70 -14.90 64.32
CA GLY P 224 -60.14 -15.85 63.32
C GLY P 224 -59.08 -16.85 62.91
N ARG P 225 -59.39 -17.65 61.88
CA ARG P 225 -58.42 -18.62 61.38
C ARG P 225 -57.25 -17.92 60.72
N LYS P 226 -57.50 -16.79 60.05
CA LYS P 226 -56.45 -16.06 59.36
C LYS P 226 -55.47 -15.38 60.32
N GLU P 227 -55.81 -15.26 61.60
CA GLU P 227 -54.91 -14.60 62.54
C GLU P 227 -53.68 -15.45 62.87
N TYR P 228 -53.85 -16.77 62.95
CA TYR P 228 -52.70 -17.62 63.26
C TYR P 228 -51.70 -17.71 62.11
N LEU P 229 -52.13 -17.44 60.87
CA LEU P 229 -51.19 -17.48 59.75
C LEU P 229 -50.21 -16.31 59.81
N ARG P 230 -50.70 -15.11 60.13
CA ARG P 230 -49.81 -13.97 60.27
C ARG P 230 -48.99 -14.04 61.56
N LYS P 231 -49.55 -14.64 62.60
CA LYS P 231 -48.79 -14.82 63.84
C LYS P 231 -47.64 -15.80 63.66
N LEU P 232 -47.87 -16.89 62.93
CA LEU P 232 -46.79 -17.83 62.64
C LEU P 232 -45.79 -17.25 61.65
N LYS P 233 -46.25 -16.41 60.72
CA LYS P 233 -45.35 -15.84 59.72
C LYS P 233 -44.44 -14.78 60.37
N GLU P 234 -45.03 -13.80 61.05
CA GLU P 234 -44.25 -12.67 61.57
C GLU P 234 -43.32 -13.06 62.71
N SER P 235 -43.54 -14.21 63.35
CA SER P 235 -42.73 -14.59 64.50
C SER P 235 -41.34 -15.06 64.08
N PHE P 236 -41.24 -15.83 63.00
CA PHE P 236 -39.98 -16.49 62.67
C PHE P 236 -39.43 -16.14 61.31
N ILE P 237 -40.28 -15.97 60.29
CA ILE P 237 -39.82 -15.82 58.91
C ILE P 237 -40.16 -14.42 58.41
N ARG P 238 -39.13 -13.67 58.03
CA ARG P 238 -39.30 -12.34 57.46
C ARG P 238 -38.47 -12.26 56.19
N ARG P 239 -39.15 -12.05 55.05
CA ARG P 239 -38.47 -11.99 53.77
C ARG P 239 -37.67 -10.70 53.62
N SER P 240 -38.09 -9.62 54.28
CA SER P 240 -37.45 -8.33 54.11
C SER P 240 -36.12 -8.25 54.85
N VAL P 241 -35.94 -9.02 55.93
CA VAL P 241 -34.76 -8.84 56.77
C VAL P 241 -33.61 -9.77 56.42
N ASN P 242 -33.86 -10.87 55.69
CA ASN P 242 -32.76 -11.79 55.39
C ASN P 242 -31.95 -11.30 54.19
N THR P 243 -32.56 -11.35 53.00
CA THR P 243 -32.04 -10.86 51.71
C THR P 243 -30.56 -11.16 51.46
N SER P 244 -30.10 -12.34 51.89
CA SER P 244 -28.67 -12.61 51.93
C SER P 244 -28.36 -13.99 51.34
N PRO P 245 -27.15 -14.18 50.80
CA PRO P 245 -26.75 -15.53 50.33
C PRO P 245 -26.41 -16.45 51.49
N TYR P 246 -27.44 -16.92 52.19
CA TYR P 246 -27.29 -17.85 53.29
C TYR P 246 -27.74 -19.23 52.86
N ALA P 247 -27.10 -20.26 53.43
CA ALA P 247 -27.45 -21.65 53.14
C ALA P 247 -28.68 -22.01 53.97
N ARG P 248 -29.84 -21.64 53.45
CA ARG P 248 -31.10 -21.84 54.16
C ARG P 248 -31.60 -23.25 53.96
N PHE P 249 -31.93 -23.92 55.06
CA PHE P 249 -32.43 -25.29 55.05
C PHE P 249 -33.91 -25.29 55.40
N PHE P 250 -34.72 -25.87 54.53
CA PHE P 250 -36.16 -25.96 54.72
C PHE P 250 -36.53 -27.42 54.91
N ILE P 251 -36.95 -27.76 56.13
CA ILE P 251 -37.24 -29.14 56.50
C ILE P 251 -38.75 -29.24 56.71
N LEU P 252 -39.40 -30.03 55.86
CA LEU P 252 -40.85 -30.17 55.87
C LEU P 252 -41.24 -31.60 56.19
N GLU P 253 -42.38 -31.76 56.83
CA GLU P 253 -42.83 -33.05 57.37
C GLU P 253 -43.81 -33.68 56.38
N PHE P 254 -43.28 -34.45 55.44
CA PHE P 254 -44.09 -35.26 54.54
C PHE P 254 -44.50 -36.52 55.29
N GLN P 255 -45.81 -36.71 55.50
CA GLN P 255 -46.29 -37.74 56.41
C GLN P 255 -47.32 -38.66 55.76
N ASP P 256 -47.23 -38.84 54.45
CA ASP P 256 -47.95 -39.84 53.65
C ASP P 256 -49.47 -39.64 53.60
N LYS P 257 -50.02 -38.63 54.27
CA LYS P 257 -51.44 -38.34 54.16
C LYS P 257 -51.75 -37.12 53.31
N THR P 258 -50.74 -36.31 52.99
CA THR P 258 -50.87 -35.22 52.04
C THR P 258 -50.41 -35.70 50.66
N ASP P 259 -51.12 -35.26 49.63
CA ASP P 259 -50.81 -35.70 48.28
C ASP P 259 -49.59 -34.97 47.73
N ILE P 260 -49.15 -35.37 46.54
CA ILE P 260 -47.96 -34.79 45.92
C ILE P 260 -48.23 -33.34 45.52
N LYS P 261 -49.44 -33.05 45.05
CA LYS P 261 -49.75 -31.73 44.53
C LYS P 261 -49.77 -30.64 45.61
N THR P 262 -49.98 -31.00 46.87
CA THR P 262 -49.88 -30.01 47.94
C THR P 262 -48.42 -29.70 48.25
N VAL P 263 -47.55 -30.71 48.16
CA VAL P 263 -46.13 -30.51 48.42
C VAL P 263 -45.50 -29.67 47.33
N LYS P 264 -45.92 -29.88 46.08
CA LYS P 264 -45.29 -29.20 44.94
C LYS P 264 -45.54 -27.69 44.97
N ASP P 265 -46.74 -27.27 45.39
CA ASP P 265 -47.01 -25.85 45.55
C ASP P 265 -46.18 -25.23 46.67
N CYS P 266 -45.91 -25.99 47.73
CA CYS P 266 -45.06 -25.50 48.81
C CYS P 266 -43.62 -25.39 48.36
N ILE P 267 -43.15 -26.35 47.56
CA ILE P 267 -41.78 -26.32 47.05
C ILE P 267 -41.60 -25.16 46.08
N TYR P 268 -42.60 -24.92 45.21
CA TYR P 268 -42.52 -23.79 44.29
C TYR P 268 -42.59 -22.46 45.02
N LYS P 269 -43.35 -22.39 46.12
CA LYS P 269 -43.43 -21.16 46.89
C LYS P 269 -42.14 -20.91 47.66
N ILE P 270 -41.51 -21.97 48.16
CA ILE P 270 -40.23 -21.82 48.87
C ILE P 270 -39.13 -21.38 47.91
N GLN P 271 -39.08 -22.01 46.73
CA GLN P 271 -38.03 -21.69 45.76
C GLN P 271 -38.19 -20.29 45.19
N SER P 272 -39.44 -19.87 44.93
CA SER P 272 -39.65 -18.54 44.35
C SER P 272 -39.34 -17.44 45.36
N ASN P 273 -39.63 -17.65 46.63
CA ASN P 273 -39.43 -16.62 47.64
C ASN P 273 -38.03 -16.63 48.24
N TRP P 274 -37.36 -17.78 48.31
CA TRP P 274 -36.09 -17.89 49.02
C TRP P 274 -34.95 -18.27 48.09
N SER P 275 -35.03 -17.89 46.82
CA SER P 275 -33.91 -17.98 45.90
C SER P 275 -33.86 -16.73 45.05
N ASN P 276 -32.64 -16.31 44.71
CA ASN P 276 -32.42 -15.16 43.84
C ASN P 276 -31.45 -15.65 42.75
N LEU P 277 -31.99 -15.88 41.56
CA LEU P 277 -31.25 -16.47 40.45
C LEU P 277 -31.24 -15.56 39.23
N SER P 278 -31.49 -14.26 39.41
CA SER P 278 -31.52 -13.33 38.29
C SER P 278 -30.10 -13.08 37.79
N LYS P 279 -30.01 -12.67 36.53
CA LYS P 279 -28.71 -12.44 35.90
C LYS P 279 -28.04 -11.16 36.38
N ARG P 280 -28.75 -10.28 37.09
CA ARG P 280 -28.18 -9.02 37.53
C ARG P 280 -27.19 -9.23 38.68
N THR P 281 -27.51 -10.13 39.60
CA THR P 281 -26.74 -10.28 40.82
C THR P 281 -25.40 -10.97 40.56
N ASP P 282 -24.54 -10.94 41.57
CA ASP P 282 -23.27 -11.66 41.55
C ASP P 282 -23.14 -12.67 42.69
N ARG P 283 -24.15 -12.76 43.56
CA ARG P 283 -24.12 -13.68 44.70
C ARG P 283 -25.42 -14.48 44.72
N PRO P 284 -25.54 -15.50 43.89
CA PRO P 284 -26.76 -16.30 43.86
C PRO P 284 -26.87 -17.22 45.07
N TYR P 285 -28.11 -17.57 45.40
CA TYR P 285 -28.37 -18.51 46.47
C TYR P 285 -29.65 -19.27 46.18
N SER P 286 -29.67 -20.55 46.58
CA SER P 286 -30.83 -21.41 46.41
C SER P 286 -31.10 -22.14 47.72
N PRO P 287 -32.37 -22.37 48.05
CA PRO P 287 -32.69 -23.02 49.32
C PRO P 287 -32.42 -24.51 49.31
N PHE P 288 -32.19 -25.05 50.50
CA PHE P 288 -32.01 -26.48 50.70
C PHE P 288 -33.31 -27.07 51.26
N LEU P 289 -33.72 -28.20 50.72
CA LEU P 289 -35.00 -28.81 51.08
C LEU P 289 -34.78 -30.24 51.53
N LEU P 290 -35.37 -30.60 52.67
CA LEU P 290 -35.32 -31.94 53.21
C LEU P 290 -36.72 -32.38 53.63
N PHE P 291 -37.08 -33.62 53.26
CA PHE P 291 -38.36 -34.20 53.62
C PHE P 291 -38.12 -35.46 54.43
N HIS P 292 -38.89 -35.61 55.52
CA HIS P 292 -38.73 -36.74 56.42
C HIS P 292 -40.10 -37.24 56.84
N GLY P 293 -40.14 -38.51 57.25
CA GLY P 293 -41.35 -39.14 57.71
C GLY P 293 -42.16 -39.86 56.64
N THR P 294 -41.80 -39.70 55.36
CA THR P 294 -42.50 -40.34 54.27
C THR P 294 -41.68 -41.49 53.70
N SER P 295 -42.35 -42.33 52.91
CA SER P 295 -41.68 -43.44 52.27
C SER P 295 -40.87 -42.95 51.07
N ASP P 296 -39.97 -43.82 50.61
CA ASP P 296 -39.14 -43.49 49.45
C ASP P 296 -39.91 -43.56 48.14
N ALA P 297 -41.08 -44.20 48.14
CA ALA P 297 -41.88 -44.30 46.91
C ALA P 297 -42.44 -42.95 46.51
N ASN P 298 -43.02 -42.21 47.46
CA ASN P 298 -43.56 -40.89 47.17
C ASN P 298 -42.49 -39.81 47.17
N LEU P 299 -41.33 -40.08 47.76
CA LEU P 299 -40.23 -39.11 47.68
C LEU P 299 -39.61 -39.10 46.28
N TYR P 300 -39.46 -40.28 45.67
CA TYR P 300 -38.94 -40.34 44.31
C TYR P 300 -39.99 -39.89 43.30
N GLU P 301 -41.28 -40.14 43.59
CA GLU P 301 -42.34 -39.69 42.71
C GLU P 301 -42.46 -38.16 42.71
N LEU P 302 -42.33 -37.54 43.88
CA LEU P 302 -42.31 -36.09 43.95
C LEU P 302 -41.07 -35.51 43.27
N LYS P 303 -39.92 -36.17 43.44
CA LYS P 303 -38.70 -35.69 42.81
C LYS P 303 -38.73 -35.86 41.30
N ASN P 304 -39.40 -36.90 40.81
CA ASN P 304 -39.55 -37.07 39.36
C ASN P 304 -40.49 -36.02 38.77
N GLN P 305 -41.50 -35.61 39.52
CA GLN P 305 -42.44 -34.59 39.03
C GLN P 305 -41.82 -33.21 39.00
N LEU P 306 -40.96 -32.90 39.97
CA LEU P 306 -40.29 -31.60 39.99
C LEU P 306 -39.31 -31.44 38.83
N PHE P 307 -38.58 -32.52 38.52
CA PHE P 307 -37.62 -32.45 37.42
C PHE P 307 -38.33 -32.38 36.07
N ASN P 308 -39.48 -33.04 35.94
CA ASN P 308 -40.26 -32.95 34.72
C ASN P 308 -40.90 -31.57 34.54
N GLU P 309 -41.08 -30.83 35.63
CA GLU P 309 -41.67 -29.49 35.58
C GLU P 309 -40.63 -28.38 35.50
N ASP P 310 -39.42 -28.70 35.00
CA ASP P 310 -38.31 -27.76 34.79
C ASP P 310 -37.87 -27.07 36.08
N LEU P 311 -38.14 -27.67 37.23
CA LEU P 311 -37.59 -27.20 38.50
C LEU P 311 -36.33 -28.03 38.77
N ILE P 312 -35.24 -27.61 38.13
CA ILE P 312 -34.00 -28.39 38.16
C ILE P 312 -33.37 -28.29 39.53
N PHE P 313 -33.11 -29.45 40.14
CA PHE P 313 -32.50 -29.53 41.46
C PHE P 313 -31.34 -30.51 41.43
N THR P 314 -30.61 -30.56 42.54
CA THR P 314 -29.56 -31.55 42.73
C THR P 314 -29.68 -32.09 44.15
N ASP P 315 -29.20 -33.33 44.33
CA ASP P 315 -29.26 -33.94 45.65
C ASP P 315 -27.99 -34.70 46.03
N GLY P 316 -26.87 -34.41 45.38
CA GLY P 316 -25.65 -35.12 45.66
C GLY P 316 -25.52 -36.47 45.00
N TYR P 317 -26.43 -36.83 44.11
CA TYR P 317 -26.40 -38.09 43.38
C TYR P 317 -26.47 -37.77 41.90
N PRO P 318 -25.34 -37.39 41.29
CA PRO P 318 -25.37 -37.03 39.86
C PRO P 318 -25.54 -38.21 38.93
N PHE P 319 -25.27 -39.43 39.38
CA PHE P 319 -25.44 -40.61 38.54
C PHE P 319 -25.95 -41.76 39.40
N LYS P 320 -26.43 -42.81 38.72
CA LYS P 320 -26.95 -43.97 39.41
C LYS P 320 -25.82 -44.75 40.08
N GLY P 321 -26.07 -45.18 41.31
CA GLY P 321 -25.05 -45.89 42.07
C GLY P 321 -23.99 -45.00 42.69
N SER P 322 -24.18 -43.69 42.68
CA SER P 322 -23.19 -42.77 43.23
C SER P 322 -23.24 -42.76 44.74
N VAL P 323 -22.09 -42.44 45.35
CA VAL P 323 -22.07 -42.06 46.75
C VAL P 323 -22.57 -40.63 46.88
N PHE P 324 -22.92 -40.24 48.10
CA PHE P 324 -23.41 -38.90 48.35
C PHE P 324 -22.29 -37.89 48.18
N THR P 325 -22.42 -37.00 47.20
CA THR P 325 -21.41 -35.99 46.92
C THR P 325 -21.94 -34.62 47.30
N PRO P 326 -21.54 -34.07 48.45
CA PRO P 326 -22.03 -32.75 48.85
C PRO P 326 -21.41 -31.60 48.06
N LYS P 327 -20.45 -31.88 47.17
CA LYS P 327 -19.88 -30.84 46.32
C LYS P 327 -20.92 -30.31 45.34
N MET P 328 -21.78 -31.18 44.80
CA MET P 328 -22.83 -30.72 43.89
C MET P 328 -23.90 -29.90 44.60
N LEU P 329 -24.04 -30.04 45.91
CA LEU P 329 -24.87 -29.13 46.68
C LEU P 329 -24.18 -27.79 46.94
N ILE P 330 -22.87 -27.72 46.74
CA ILE P 330 -22.13 -26.47 46.89
C ILE P 330 -22.17 -25.65 45.61
N GLU P 331 -21.81 -26.27 44.49
CA GLU P 331 -21.85 -25.56 43.21
C GLU P 331 -23.29 -25.28 42.78
N GLY P 332 -24.22 -26.20 43.06
CA GLY P 332 -25.62 -25.95 42.77
C GLY P 332 -26.24 -24.86 43.61
N PHE P 333 -25.68 -24.59 44.79
CA PHE P 333 -26.11 -23.45 45.59
C PHE P 333 -25.85 -22.14 44.88
N SER P 334 -24.69 -22.02 44.23
CA SER P 334 -24.35 -20.83 43.47
C SER P 334 -24.68 -20.95 41.99
N ASN P 335 -25.25 -22.07 41.56
CA ASN P 335 -25.61 -22.25 40.15
C ASN P 335 -26.96 -21.58 39.88
N LYS P 336 -27.00 -20.79 38.81
CA LYS P 336 -28.23 -20.11 38.43
C LYS P 336 -29.22 -21.03 37.75
N GLU P 337 -28.76 -22.17 37.22
CA GLU P 337 -29.63 -23.13 36.57
C GLU P 337 -30.17 -24.19 37.54
N ILE P 338 -29.71 -24.21 38.77
CA ILE P 338 -30.20 -25.12 39.79
C ILE P 338 -31.08 -24.31 40.74
N HIS P 339 -32.38 -24.62 40.73
CA HIS P 339 -33.35 -23.79 41.44
C HIS P 339 -33.30 -24.00 42.95
N PHE P 340 -33.12 -25.25 43.39
CA PHE P 340 -33.04 -25.56 44.81
C PHE P 340 -32.25 -26.86 44.96
N GLN P 341 -32.05 -27.26 46.22
CA GLN P 341 -31.28 -28.46 46.53
C GLN P 341 -32.15 -29.39 47.37
N PHE P 342 -32.14 -30.67 47.00
CA PHE P 342 -32.91 -31.70 47.69
C PHE P 342 -32.01 -32.48 48.62
N ILE P 343 -32.49 -32.71 49.85
CA ILE P 343 -31.80 -33.55 50.82
C ILE P 343 -32.63 -34.82 50.99
N ASN P 344 -32.01 -35.97 50.76
CA ASN P 344 -32.77 -37.22 50.72
C ASN P 344 -33.18 -37.68 52.12
N ASP P 345 -32.26 -37.62 53.09
CA ASP P 345 -32.54 -38.18 54.41
C ASP P 345 -31.69 -37.44 55.44
N ILE P 346 -31.69 -37.98 56.67
CA ILE P 346 -31.00 -37.35 57.78
C ILE P 346 -29.48 -37.44 57.60
N ASP P 347 -29.00 -38.59 57.14
CA ASP P 347 -27.55 -38.81 57.00
C ASP P 347 -26.95 -37.88 55.95
N ASP P 348 -27.67 -37.64 54.86
CA ASP P 348 -27.19 -36.67 53.87
C ASP P 348 -27.31 -35.24 54.40
N PHE P 349 -28.24 -35.00 55.33
CA PHE P 349 -28.41 -33.66 55.89
C PHE P 349 -27.24 -33.30 56.80
N ASN P 350 -26.80 -34.23 57.64
CA ASN P 350 -25.68 -33.95 58.53
C ASN P 350 -24.35 -33.89 57.77
N GLU P 351 -24.22 -34.68 56.70
CA GLU P 351 -22.98 -34.68 55.92
C GLU P 351 -22.79 -33.37 55.17
N THR P 352 -23.87 -32.85 54.58
CA THR P 352 -23.77 -31.60 53.83
C THR P 352 -23.65 -30.38 54.74
N LEU P 353 -23.97 -30.52 56.03
CA LEU P 353 -23.81 -29.41 56.96
C LEU P 353 -22.34 -29.09 57.18
N ASN P 354 -21.49 -30.12 57.23
CA ASN P 354 -20.05 -29.93 57.38
C ASN P 354 -19.38 -29.49 56.09
N SER P 355 -20.09 -29.53 54.96
CA SER P 355 -19.52 -29.13 53.69
C SER P 355 -19.75 -27.66 53.37
N ILE P 356 -20.88 -27.10 53.79
CA ILE P 356 -21.15 -25.68 53.59
C ILE P 356 -20.43 -24.90 54.67
N ASN P 357 -19.42 -24.13 54.27
CA ASN P 357 -18.69 -23.31 55.24
C ASN P 357 -19.47 -22.09 55.66
N ILE P 358 -20.27 -21.51 54.74
CA ILE P 358 -20.97 -20.24 54.97
C ILE P 358 -22.10 -20.45 55.98
N ARG P 359 -22.69 -19.33 56.42
CA ARG P 359 -23.73 -19.36 57.44
C ARG P 359 -24.94 -20.17 56.99
N LYS P 360 -25.37 -21.08 57.86
CA LYS P 360 -26.45 -22.02 57.56
C LYS P 360 -27.60 -21.79 58.52
N GLU P 361 -28.80 -21.60 57.98
CA GLU P 361 -30.01 -21.42 58.77
C GLU P 361 -30.98 -22.57 58.49
N VAL P 362 -31.61 -23.07 59.54
CA VAL P 362 -32.53 -24.19 59.44
C VAL P 362 -33.92 -23.70 59.78
N TYR P 363 -34.84 -23.85 58.83
CA TYR P 363 -36.26 -23.53 59.02
C TYR P 363 -37.06 -24.82 58.93
N GLN P 364 -37.72 -25.18 60.03
CA GLN P 364 -38.37 -26.47 60.15
C GLN P 364 -39.89 -26.29 60.27
N PHE P 365 -40.63 -26.99 59.43
CA PHE P 365 -42.08 -27.06 59.52
C PHE P 365 -42.49 -28.51 59.76
N TYR P 366 -43.39 -28.71 60.72
CA TYR P 366 -43.80 -30.06 61.08
C TYR P 366 -45.21 -30.04 61.62
N THR P 367 -45.84 -31.21 61.60
CA THR P 367 -47.21 -31.40 62.10
C THR P 367 -47.25 -32.34 63.29
N GLU P 368 -46.63 -33.50 63.20
CA GLU P 368 -46.63 -34.49 64.27
C GLU P 368 -45.24 -34.77 64.82
N ASN P 369 -44.29 -35.10 63.95
CA ASN P 369 -42.93 -35.46 64.37
C ASN P 369 -41.96 -34.35 64.02
N CYS P 370 -41.07 -34.04 64.95
CA CYS P 370 -40.08 -33.00 64.78
C CYS P 370 -38.68 -33.62 64.72
N LEU P 371 -37.92 -33.25 63.70
CA LEU P 371 -36.58 -33.76 63.54
C LEU P 371 -35.62 -33.13 64.55
N ASP P 372 -34.55 -33.86 64.86
CA ASP P 372 -33.50 -33.37 65.76
C ASP P 372 -32.44 -32.64 64.96
N ILE P 373 -32.14 -31.41 65.38
CA ILE P 373 -31.22 -30.54 64.65
C ILE P 373 -30.02 -30.30 65.57
N PRO P 374 -28.79 -30.28 65.05
CA PRO P 374 -27.63 -29.91 65.87
C PRO P 374 -27.77 -28.52 66.45
N SER P 375 -27.32 -28.36 67.69
CA SER P 375 -27.54 -27.15 68.48
C SER P 375 -26.53 -26.04 68.18
N GLN P 376 -25.75 -26.16 67.11
CA GLN P 376 -24.83 -25.11 66.69
C GLN P 376 -25.39 -24.26 65.56
N LEU P 377 -26.62 -24.53 65.11
CA LEU P 377 -27.20 -23.87 63.96
C LEU P 377 -28.39 -23.00 64.37
N PRO P 378 -28.56 -21.82 63.76
CA PRO P 378 -29.76 -21.02 64.02
C PRO P 378 -31.00 -21.72 63.47
N GLN P 379 -31.87 -22.16 64.38
CA GLN P 379 -33.01 -23.01 64.03
C GLN P 379 -34.30 -22.35 64.47
N VAL P 380 -35.34 -22.57 63.66
CA VAL P 380 -36.71 -22.22 64.04
C VAL P 380 -37.58 -23.45 63.87
N ASN P 381 -38.65 -23.53 64.67
CA ASN P 381 -39.57 -24.65 64.66
C ASN P 381 -40.99 -24.10 64.60
N ILE P 382 -41.68 -24.36 63.50
CA ILE P 382 -43.07 -23.94 63.33
C ILE P 382 -43.94 -25.19 63.26
N GLN P 383 -44.93 -25.26 64.15
CA GLN P 383 -45.90 -26.35 64.15
C GLN P 383 -47.15 -25.87 63.42
N VAL P 384 -47.52 -26.59 62.36
CA VAL P 384 -48.63 -26.20 61.52
C VAL P 384 -49.75 -27.22 61.63
N LYS P 385 -50.96 -26.79 61.30
CA LYS P 385 -52.11 -27.70 61.32
C LYS P 385 -52.03 -28.71 60.20
N ASP P 386 -51.61 -28.29 59.00
CA ASP P 386 -51.47 -29.17 57.86
C ASP P 386 -50.37 -28.65 56.96
N PHE P 387 -50.10 -29.40 55.87
CA PHE P 387 -49.02 -29.02 54.97
C PHE P 387 -49.38 -27.80 54.12
N ALA P 388 -50.68 -27.57 53.90
CA ALA P 388 -51.10 -26.44 53.06
C ALA P 388 -50.88 -25.10 53.73
N ASP P 389 -50.72 -25.07 55.05
CA ASP P 389 -50.48 -23.82 55.76
C ASP P 389 -49.01 -23.39 55.71
N ILE P 390 -48.11 -24.27 55.29
CA ILE P 390 -46.69 -23.92 55.22
C ILE P 390 -46.44 -22.93 54.09
N LYS P 391 -47.11 -23.11 52.95
CA LYS P 391 -46.90 -22.26 51.79
C LYS P 391 -47.37 -20.82 52.03
N GLU P 392 -48.27 -20.60 52.98
CA GLU P 392 -48.67 -19.23 53.33
C GLU P 392 -47.63 -18.54 54.19
N ILE P 393 -46.94 -19.29 55.05
CA ILE P 393 -45.92 -18.70 55.92
C ILE P 393 -44.71 -18.26 55.12
N VAL P 394 -44.24 -19.13 54.22
CA VAL P 394 -43.09 -18.82 53.39
C VAL P 394 -43.50 -17.96 52.21
N ARG Q 225 -56.56 26.97 62.58
CA ARG Q 225 -55.53 27.57 61.74
C ARG Q 225 -54.96 26.55 60.76
N LYS Q 226 -54.54 25.39 61.28
CA LYS Q 226 -54.02 24.34 60.43
C LYS Q 226 -55.13 23.71 59.60
N GLU Q 227 -56.28 23.46 60.22
CA GLU Q 227 -57.40 22.87 59.51
C GLU Q 227 -58.01 23.83 58.50
N TYR Q 228 -57.78 25.14 58.66
CA TYR Q 228 -58.22 26.09 57.66
C TYR Q 228 -57.36 26.01 56.40
N LEU Q 229 -56.03 25.93 56.57
CA LEU Q 229 -55.12 25.89 55.43
C LEU Q 229 -55.25 24.60 54.63
N ARG Q 230 -55.70 23.52 55.25
CA ARG Q 230 -55.78 22.23 54.57
C ARG Q 230 -56.88 22.21 53.52
N LYS Q 231 -57.96 22.98 53.74
CA LYS Q 231 -59.12 22.89 52.85
C LYS Q 231 -58.86 23.54 51.49
N LEU Q 232 -58.27 24.74 51.46
CA LEU Q 232 -58.09 25.42 50.18
C LEU Q 232 -56.96 24.82 49.36
N LYS Q 233 -56.01 24.15 50.00
CA LYS Q 233 -54.94 23.48 49.26
C LYS Q 233 -55.49 22.31 48.45
N GLU Q 234 -56.33 21.48 49.07
CA GLU Q 234 -56.85 20.29 48.40
C GLU Q 234 -57.96 20.63 47.41
N SER Q 235 -58.78 21.64 47.70
CA SER Q 235 -59.98 21.87 46.90
C SER Q 235 -59.66 22.52 45.57
N PHE Q 236 -58.74 23.48 45.53
CA PHE Q 236 -58.55 24.32 44.35
C PHE Q 236 -57.22 24.13 43.65
N ILE Q 237 -56.12 23.96 44.38
CA ILE Q 237 -54.80 24.04 43.77
C ILE Q 237 -54.48 22.77 43.00
N ARG Q 238 -54.54 21.61 43.68
CA ARG Q 238 -54.20 20.30 43.11
C ARG Q 238 -52.80 20.31 42.47
N ARG Q 239 -51.80 20.52 43.35
CA ARG Q 239 -50.43 20.72 42.89
C ARG Q 239 -49.85 19.47 42.24
N SER Q 240 -50.15 18.29 42.79
CA SER Q 240 -49.59 17.06 42.25
C SER Q 240 -50.27 16.63 40.95
N VAL Q 241 -51.52 17.02 40.74
CA VAL Q 241 -52.26 16.58 39.57
C VAL Q 241 -51.77 17.29 38.31
N ASN Q 242 -51.59 18.61 38.38
CA ASN Q 242 -51.31 19.43 37.20
C ASN Q 242 -49.81 19.51 36.98
N THR Q 243 -49.31 18.73 36.02
CA THR Q 243 -47.91 18.78 35.60
C THR Q 243 -47.74 19.18 34.15
N SER Q 244 -48.83 19.47 33.43
CA SER Q 244 -48.74 19.76 32.01
C SER Q 244 -48.18 21.17 31.78
N PRO Q 245 -47.44 21.37 30.69
CA PRO Q 245 -46.87 22.69 30.41
C PRO Q 245 -47.90 23.70 29.93
N TYR Q 246 -48.73 24.19 30.84
CA TYR Q 246 -49.73 25.22 30.53
C TYR Q 246 -49.21 26.58 30.96
N ALA Q 247 -49.78 27.63 30.36
CA ALA Q 247 -49.44 29.00 30.70
C ALA Q 247 -50.27 29.41 31.91
N ARG Q 248 -49.77 29.06 33.10
CA ARG Q 248 -50.49 29.32 34.34
C ARG Q 248 -50.21 30.74 34.83
N PHE Q 249 -51.28 31.46 35.13
CA PHE Q 249 -51.19 32.85 35.56
C PHE Q 249 -51.49 32.94 37.05
N PHE Q 250 -50.61 33.62 37.80
CA PHE Q 250 -50.77 33.80 39.23
C PHE Q 250 -50.93 35.29 39.51
N ILE Q 251 -52.14 35.71 39.84
CA ILE Q 251 -52.44 37.10 40.15
C ILE Q 251 -52.52 37.25 41.65
N LEU Q 252 -51.65 38.10 42.20
CA LEU Q 252 -51.46 38.24 43.63
C LEU Q 252 -51.83 39.65 44.07
N GLU Q 253 -52.31 39.77 45.30
CA GLU Q 253 -52.72 41.05 45.87
C GLU Q 253 -51.56 41.59 46.71
N PHE Q 254 -50.84 42.55 46.16
CA PHE Q 254 -49.77 43.23 46.86
C PHE Q 254 -50.33 44.51 47.47
N GLN Q 255 -50.24 44.62 48.79
CA GLN Q 255 -50.70 45.79 49.53
C GLN Q 255 -49.54 46.39 50.32
N ASP Q 256 -49.78 47.58 50.87
CA ASP Q 256 -48.74 48.28 51.61
C ASP Q 256 -48.47 47.66 52.97
N LYS Q 257 -49.44 46.95 53.56
CA LYS Q 257 -49.23 46.33 54.86
C LYS Q 257 -48.42 45.06 54.79
N THR Q 258 -48.21 44.50 53.60
CA THR Q 258 -47.39 43.30 53.41
C THR Q 258 -46.01 43.72 52.93
N ASP Q 259 -44.98 43.33 53.68
CA ASP Q 259 -43.62 43.68 53.33
C ASP Q 259 -43.12 42.83 52.16
N ILE Q 260 -41.96 43.21 51.64
CA ILE Q 260 -41.39 42.56 50.47
C ILE Q 260 -40.94 41.14 50.79
N LYS Q 261 -40.59 40.88 52.07
CA LYS Q 261 -40.03 39.59 52.47
C LYS Q 261 -41.00 38.43 52.23
N THR Q 262 -42.23 38.55 52.72
CA THR Q 262 -43.22 37.49 52.54
C THR Q 262 -43.71 37.38 51.12
N VAL Q 263 -43.57 38.44 50.33
CA VAL Q 263 -43.89 38.36 48.91
C VAL Q 263 -42.85 37.51 48.18
N LYS Q 264 -41.57 37.67 48.55
CA LYS Q 264 -40.50 36.90 47.91
C LYS Q 264 -40.60 35.42 48.26
N ASP Q 265 -41.03 35.10 49.49
CA ASP Q 265 -41.20 33.71 49.87
C ASP Q 265 -42.32 33.04 49.09
N CYS Q 266 -43.36 33.79 48.74
CA CYS Q 266 -44.44 33.25 47.92
C CYS Q 266 -43.99 33.01 46.49
N ILE Q 267 -43.23 33.97 45.92
CA ILE Q 267 -42.81 33.88 44.53
C ILE Q 267 -41.86 32.70 44.35
N TYR Q 268 -40.97 32.47 45.32
CA TYR Q 268 -40.10 31.30 45.27
C TYR Q 268 -40.88 30.01 45.42
N LYS Q 269 -41.97 30.02 46.18
CA LYS Q 269 -42.81 28.83 46.30
C LYS Q 269 -43.62 28.58 45.03
N ILE Q 270 -44.06 29.65 44.38
CA ILE Q 270 -44.78 29.52 43.12
C ILE Q 270 -43.86 28.99 42.03
N GLN Q 271 -42.64 29.54 41.94
CA GLN Q 271 -41.71 29.15 40.89
C GLN Q 271 -41.20 27.73 41.09
N SER Q 272 -40.97 27.31 42.33
CA SER Q 272 -40.45 25.97 42.58
C SER Q 272 -41.50 24.91 42.31
N ASN Q 273 -42.77 25.20 42.61
CA ASN Q 273 -43.83 24.22 42.47
C ASN Q 273 -44.42 24.17 41.06
N TRP Q 274 -44.65 25.34 40.46
CA TRP Q 274 -45.39 25.43 39.19
C TRP Q 274 -44.49 25.75 38.01
N SER Q 275 -43.26 25.27 38.04
CA SER Q 275 -42.37 25.34 36.89
C SER Q 275 -41.53 24.08 36.84
N ASN Q 276 -41.11 23.72 35.63
CA ASN Q 276 -40.22 22.57 35.43
C ASN Q 276 -39.21 22.99 34.38
N LEU Q 277 -37.95 23.19 34.81
CA LEU Q 277 -36.86 23.61 33.94
C LEU Q 277 -35.71 22.63 33.97
N SER Q 278 -35.96 21.38 34.37
CA SER Q 278 -34.93 20.36 34.39
C SER Q 278 -34.48 20.02 32.98
N LYS Q 279 -33.22 19.63 32.84
CA LYS Q 279 -32.64 19.37 31.54
C LYS Q 279 -33.18 18.10 30.88
N ARG Q 280 -33.81 17.21 31.65
CA ARG Q 280 -34.34 15.97 31.09
C ARG Q 280 -35.62 16.19 30.30
N THR Q 281 -36.34 17.27 30.54
CA THR Q 281 -37.64 17.47 29.90
C THR Q 281 -37.48 17.99 28.47
N ASP Q 282 -38.57 17.93 27.73
CA ASP Q 282 -38.66 18.52 26.40
C ASP Q 282 -39.73 19.60 26.30
N ARG Q 283 -40.58 19.75 27.31
CA ARG Q 283 -41.67 20.73 27.32
C ARG Q 283 -41.61 21.54 28.60
N PRO Q 284 -40.68 22.50 28.70
CA PRO Q 284 -40.57 23.29 29.91
C PRO Q 284 -41.67 24.34 30.00
N TYR Q 285 -41.95 24.74 31.24
CA TYR Q 285 -42.94 25.78 31.49
C TYR Q 285 -42.56 26.59 32.71
N SER Q 286 -43.02 27.83 32.75
CA SER Q 286 -42.77 28.76 33.84
C SER Q 286 -44.06 29.50 34.16
N PRO Q 287 -44.28 29.86 35.42
CA PRO Q 287 -45.51 30.56 35.78
C PRO Q 287 -45.46 32.04 35.41
N PHE Q 288 -46.65 32.62 35.34
CA PHE Q 288 -46.81 34.05 35.08
C PHE Q 288 -47.25 34.74 36.37
N LEU Q 289 -46.57 35.82 36.71
CA LEU Q 289 -46.81 36.53 37.96
C LEU Q 289 -47.35 37.93 37.67
N LEU Q 290 -48.46 38.29 38.33
CA LEU Q 290 -49.05 39.61 38.24
C LEU Q 290 -49.37 40.12 39.63
N PHE Q 291 -49.03 41.37 39.89
CA PHE Q 291 -49.29 42.03 41.16
C PHE Q 291 -50.12 43.29 40.92
N HIS Q 292 -51.07 43.53 41.82
CA HIS Q 292 -51.96 44.68 41.70
C HIS Q 292 -52.30 45.21 43.08
N GLY Q 293 -52.74 46.46 43.12
CA GLY Q 293 -53.09 47.11 44.36
C GLY Q 293 -51.96 47.79 45.10
N THR Q 294 -50.73 47.66 44.60
CA THR Q 294 -49.57 48.28 45.20
C THR Q 294 -49.06 49.41 44.33
N SER Q 295 -48.21 50.26 44.93
CA SER Q 295 -47.56 51.32 44.19
C SER Q 295 -46.42 50.76 43.36
N ASP Q 296 -45.91 51.59 42.44
CA ASP Q 296 -44.78 51.19 41.62
C ASP Q 296 -43.44 51.34 42.33
N ALA Q 297 -43.42 51.97 43.52
CA ALA Q 297 -42.18 52.13 44.26
C ALA Q 297 -41.66 50.80 44.79
N ASN Q 298 -42.54 50.03 45.44
CA ASN Q 298 -42.15 48.73 45.96
C ASN Q 298 -42.37 47.59 44.97
N LEU Q 299 -43.09 47.84 43.87
CA LEU Q 299 -43.20 46.83 42.82
C LEU Q 299 -41.89 46.69 42.05
N TYR Q 300 -41.23 47.82 41.76
CA TYR Q 300 -39.92 47.77 41.12
C TYR Q 300 -38.85 47.33 42.10
N GLU Q 301 -39.00 47.67 43.39
CA GLU Q 301 -38.05 47.25 44.40
C GLU Q 301 -38.08 45.74 44.61
N LEU Q 302 -39.28 45.15 44.59
CA LEU Q 302 -39.41 43.69 44.62
C LEU Q 302 -38.81 43.07 43.37
N LYS Q 303 -39.03 43.70 42.21
CA LYS Q 303 -38.43 43.22 40.97
C LYS Q 303 -36.91 43.35 41.01
N ASN Q 304 -36.40 44.44 41.60
CA ASN Q 304 -34.96 44.63 41.68
C ASN Q 304 -34.31 43.62 42.63
N GLN Q 305 -34.99 43.29 43.73
CA GLN Q 305 -34.45 42.28 44.63
C GLN Q 305 -34.47 40.89 44.01
N LEU Q 306 -35.55 40.56 43.29
CA LEU Q 306 -35.69 39.22 42.71
C LEU Q 306 -34.64 38.95 41.64
N PHE Q 307 -34.18 39.98 40.94
CA PHE Q 307 -33.14 39.79 39.94
C PHE Q 307 -31.78 39.58 40.58
N ASN Q 308 -31.55 40.14 41.77
CA ASN Q 308 -30.25 40.02 42.43
C ASN Q 308 -30.03 38.63 43.04
N GLU Q 309 -31.11 37.93 43.40
CA GLU Q 309 -30.99 36.55 43.91
C GLU Q 309 -31.07 35.52 42.80
N ASP Q 310 -30.69 35.87 41.58
CA ASP Q 310 -30.56 34.95 40.44
C ASP Q 310 -31.89 34.28 40.08
N LEU Q 311 -33.00 34.97 40.33
CA LEU Q 311 -34.32 34.53 39.89
C LEU Q 311 -34.65 35.34 38.65
N ILE Q 312 -34.19 34.86 37.49
CA ILE Q 312 -34.25 35.62 36.25
C ILE Q 312 -35.67 35.58 35.71
N PHE Q 313 -36.24 36.76 35.45
CA PHE Q 313 -37.59 36.88 34.92
C PHE Q 313 -37.61 37.87 33.77
N THR Q 314 -38.67 37.79 32.98
CA THR Q 314 -38.93 38.76 31.92
C THR Q 314 -40.32 39.36 32.13
N ASP Q 315 -40.48 40.60 31.69
CA ASP Q 315 -41.78 41.27 31.79
C ASP Q 315 -42.17 42.02 30.53
N GLY Q 316 -41.59 41.64 29.38
CA GLY Q 316 -41.91 42.31 28.13
C GLY Q 316 -41.19 43.61 27.89
N TYR Q 317 -40.25 43.99 28.76
CA TYR Q 317 -39.47 45.22 28.62
C TYR Q 317 -37.99 44.85 28.66
N PRO Q 318 -37.43 44.43 27.52
CA PRO Q 318 -36.02 44.00 27.53
C PRO Q 318 -35.02 45.13 27.65
N PHE Q 319 -35.41 46.37 27.39
CA PHE Q 319 -34.49 47.50 27.50
C PHE Q 319 -35.26 48.72 27.98
N LYS Q 320 -34.51 49.75 28.36
CA LYS Q 320 -35.13 50.98 28.87
C LYS Q 320 -35.82 51.74 27.74
N GLY Q 321 -37.04 52.21 28.02
CA GLY Q 321 -37.81 52.91 27.02
C GLY Q 321 -38.54 52.03 26.04
N SER Q 322 -38.48 50.71 26.23
CA SER Q 322 -39.13 49.80 25.30
C SER Q 322 -40.64 49.79 25.50
N VAL Q 323 -41.35 49.41 24.43
CA VAL Q 323 -42.78 49.11 24.53
C VAL Q 323 -42.91 47.70 25.05
N PHE Q 324 -44.12 47.32 25.48
CA PHE Q 324 -44.36 45.99 26.00
C PHE Q 324 -44.32 44.97 24.87
N THR Q 325 -43.36 44.06 24.92
CA THR Q 325 -43.21 43.03 23.90
C THR Q 325 -43.69 41.69 24.44
N PRO Q 326 -44.86 41.19 24.04
CA PRO Q 326 -45.32 39.89 24.56
C PRO Q 326 -44.50 38.71 24.08
N LYS Q 327 -43.72 38.86 23.01
CA LYS Q 327 -42.93 37.76 22.48
C LYS Q 327 -41.82 37.35 23.45
N MET Q 328 -41.29 38.30 24.23
CA MET Q 328 -40.38 37.93 25.31
C MET Q 328 -41.06 37.10 26.39
N LEU Q 329 -42.37 37.32 26.61
CA LEU Q 329 -43.11 36.44 27.49
C LEU Q 329 -43.40 35.09 26.83
N ILE Q 330 -43.48 35.05 25.50
CA ILE Q 330 -43.67 33.79 24.79
C ILE Q 330 -42.42 32.92 24.92
N GLU Q 331 -41.24 33.52 24.66
CA GLU Q 331 -40.00 32.76 24.67
C GLU Q 331 -39.54 32.43 26.08
N GLY Q 332 -39.78 33.33 27.03
CA GLY Q 332 -39.40 33.06 28.41
C GLY Q 332 -40.21 31.96 29.07
N PHE Q 333 -41.41 31.70 28.56
CA PHE Q 333 -42.22 30.59 29.07
C PHE Q 333 -41.55 29.25 28.76
N SER Q 334 -40.96 29.11 27.58
CA SER Q 334 -40.30 27.89 27.18
C SER Q 334 -38.80 27.90 27.43
N ASN Q 335 -38.26 28.99 27.98
CA ASN Q 335 -36.83 29.10 28.25
C ASN Q 335 -36.51 28.50 29.62
N LYS Q 336 -35.51 27.62 29.65
CA LYS Q 336 -35.15 26.96 30.90
C LYS Q 336 -34.38 27.90 31.83
N GLU Q 337 -33.64 28.86 31.27
CA GLU Q 337 -32.88 29.81 32.08
C GLU Q 337 -33.73 30.93 32.64
N ILE Q 338 -34.99 31.03 32.24
CA ILE Q 338 -35.90 32.07 32.70
C ILE Q 338 -36.90 31.40 33.63
N HIS Q 339 -36.86 31.78 34.91
CA HIS Q 339 -37.58 31.03 35.94
C HIS Q 339 -39.08 31.30 35.92
N PHE Q 340 -39.49 32.55 35.70
CA PHE Q 340 -40.90 32.91 35.65
C PHE Q 340 -41.05 34.18 34.83
N GLN Q 341 -42.29 34.64 34.72
CA GLN Q 341 -42.62 35.83 33.94
C GLN Q 341 -43.35 36.83 34.83
N PHE Q 342 -42.94 38.09 34.76
CA PHE Q 342 -43.58 39.17 35.50
C PHE Q 342 -44.55 39.91 34.59
N ILE Q 343 -45.64 40.41 35.18
CA ILE Q 343 -46.58 41.28 34.49
C ILE Q 343 -46.77 42.51 35.36
N ASN Q 344 -46.54 43.69 34.79
CA ASN Q 344 -46.53 44.92 35.59
C ASN Q 344 -47.92 45.30 36.06
N ASP Q 345 -48.89 45.32 35.15
CA ASP Q 345 -50.22 45.84 35.47
C ASP Q 345 -51.24 45.20 34.52
N ILE Q 346 -52.46 45.77 34.51
CA ILE Q 346 -53.62 45.06 33.98
C ILE Q 346 -53.56 44.96 32.46
N ASP Q 347 -53.27 46.08 31.78
CA ASP Q 347 -53.26 46.07 30.32
C ASP Q 347 -52.07 45.28 29.75
N ASP Q 348 -51.00 45.13 30.52
CA ASP Q 348 -49.95 44.20 30.14
C ASP Q 348 -50.45 42.76 30.20
N PHE Q 349 -51.26 42.45 31.22
CA PHE Q 349 -51.83 41.10 31.35
C PHE Q 349 -52.82 40.81 30.22
N ASN Q 350 -53.62 41.80 29.84
CA ASN Q 350 -54.59 41.58 28.76
C ASN Q 350 -53.91 41.43 27.41
N GLU Q 351 -52.76 42.08 27.21
CA GLU Q 351 -52.10 42.03 25.92
C GLU Q 351 -51.42 40.69 25.67
N THR Q 352 -50.77 40.12 26.69
CA THR Q 352 -50.16 38.81 26.52
C THR Q 352 -51.20 37.70 26.47
N LEU Q 353 -52.43 37.98 26.93
CA LEU Q 353 -53.50 36.98 26.88
C LEU Q 353 -53.84 36.60 25.45
N ASN Q 354 -53.81 37.58 24.53
CA ASN Q 354 -53.99 37.31 23.12
C ASN Q 354 -52.72 36.81 22.44
N SER Q 355 -51.60 36.79 23.15
CA SER Q 355 -50.34 36.29 22.59
C SER Q 355 -50.05 34.84 22.95
N ILE Q 356 -50.47 34.40 24.14
CA ILE Q 356 -50.47 32.97 24.42
C ILE Q 356 -51.49 32.29 23.54
N ASN Q 357 -51.06 31.23 22.84
CA ASN Q 357 -51.99 30.42 22.09
C ASN Q 357 -52.45 29.18 22.86
N ILE Q 358 -51.59 28.62 23.71
CA ILE Q 358 -51.90 27.39 24.44
C ILE Q 358 -52.84 27.69 25.60
N ARG Q 359 -53.35 26.63 26.24
CA ARG Q 359 -54.32 26.75 27.32
C ARG Q 359 -53.73 27.53 28.51
N LYS Q 360 -54.51 28.47 29.02
CA LYS Q 360 -54.11 29.31 30.14
C LYS Q 360 -55.06 29.10 31.31
N GLU Q 361 -54.52 29.10 32.52
CA GLU Q 361 -55.32 29.11 33.74
C GLU Q 361 -54.87 30.25 34.63
N VAL Q 362 -55.83 30.91 35.26
CA VAL Q 362 -55.57 32.03 36.17
C VAL Q 362 -55.93 31.59 37.58
N TYR Q 363 -54.96 31.69 38.49
CA TYR Q 363 -55.19 31.42 39.90
C TYR Q 363 -55.06 32.74 40.65
N GLN Q 364 -56.19 33.40 40.88
CA GLN Q 364 -56.21 34.68 41.55
C GLN Q 364 -56.17 34.47 43.05
N PHE Q 365 -55.25 35.18 43.71
CA PHE Q 365 -55.10 35.14 45.15
C PHE Q 365 -55.22 36.56 45.67
N TYR Q 366 -56.20 36.80 46.54
CA TYR Q 366 -56.50 38.16 46.96
C TYR Q 366 -57.02 38.17 48.39
N THR Q 367 -56.99 39.35 49.00
CA THR Q 367 -57.39 39.55 50.38
C THR Q 367 -58.60 40.47 50.51
N GLU Q 368 -58.60 41.62 49.84
CA GLU Q 368 -59.71 42.56 49.98
C GLU Q 368 -60.23 43.00 48.61
N ASN Q 369 -59.35 43.08 47.62
CA ASN Q 369 -59.72 43.55 46.29
C ASN Q 369 -59.47 42.43 45.28
N CYS Q 370 -60.49 42.14 44.47
CA CYS Q 370 -60.39 41.14 43.42
C CYS Q 370 -60.34 41.83 42.06
N LEU Q 371 -59.64 41.18 41.13
CA LEU Q 371 -59.44 41.71 39.79
C LEU Q 371 -60.42 41.07 38.82
N ASP Q 372 -60.79 41.84 37.79
CA ASP Q 372 -61.60 41.28 36.72
C ASP Q 372 -60.78 40.35 35.83
N ILE Q 373 -61.42 39.27 35.38
CA ILE Q 373 -60.77 38.27 34.52
C ILE Q 373 -61.70 38.09 33.33
N PRO Q 374 -61.19 37.88 32.11
CA PRO Q 374 -62.09 37.54 31.00
C PRO Q 374 -62.83 36.24 31.25
N SER Q 375 -64.09 36.20 30.83
CA SER Q 375 -64.99 35.08 31.14
C SER Q 375 -64.70 33.84 30.31
N GLN Q 376 -63.80 33.92 29.33
CA GLN Q 376 -63.43 32.76 28.51
C GLN Q 376 -62.24 31.98 29.07
N LEU Q 377 -61.67 32.42 30.19
CA LEU Q 377 -60.48 31.79 30.75
C LEU Q 377 -60.82 30.99 32.00
N PRO Q 378 -60.20 29.81 32.18
CA PRO Q 378 -60.35 29.08 33.45
C PRO Q 378 -59.75 29.84 34.63
N GLN Q 379 -60.59 30.23 35.58
CA GLN Q 379 -60.19 31.12 36.67
C GLN Q 379 -60.60 30.50 37.99
N VAL Q 380 -59.73 30.59 39.00
CA VAL Q 380 -60.08 30.27 40.36
C VAL Q 380 -59.83 31.52 41.22
N ASN Q 381 -60.71 31.74 42.19
CA ASN Q 381 -60.59 32.83 43.15
C ASN Q 381 -60.46 32.26 44.55
N ILE Q 382 -59.42 32.68 45.26
CA ILE Q 382 -59.13 32.16 46.60
C ILE Q 382 -58.97 33.36 47.53
N GLN Q 383 -59.72 33.34 48.64
CA GLN Q 383 -59.69 34.41 49.62
C GLN Q 383 -58.89 33.96 50.84
N VAL Q 384 -57.98 34.83 51.29
CA VAL Q 384 -57.09 34.53 52.41
C VAL Q 384 -57.16 35.65 53.43
N LYS Q 385 -56.71 35.34 54.64
CA LYS Q 385 -56.69 36.34 55.71
C LYS Q 385 -55.64 37.41 55.44
N ASP Q 386 -54.41 36.99 55.10
CA ASP Q 386 -53.38 37.91 54.64
C ASP Q 386 -52.43 37.14 53.73
N PHE Q 387 -51.31 37.78 53.38
CA PHE Q 387 -50.38 37.22 52.41
C PHE Q 387 -49.53 36.08 52.96
N ALA Q 388 -49.53 35.87 54.27
CA ALA Q 388 -48.65 34.87 54.87
C ALA Q 388 -49.13 33.45 54.61
N ASP Q 389 -50.44 33.24 54.50
CA ASP Q 389 -50.99 31.91 54.28
C ASP Q 389 -50.91 31.46 52.82
N ILE Q 390 -50.34 32.28 51.95
CA ILE Q 390 -50.53 32.08 50.52
C ILE Q 390 -49.59 31.00 50.00
N LYS Q 391 -48.33 31.02 50.45
CA LYS Q 391 -47.35 30.02 50.03
C LYS Q 391 -47.69 28.62 50.52
N GLU Q 392 -48.48 28.50 51.60
CA GLU Q 392 -48.91 27.19 52.06
C GLU Q 392 -49.90 26.56 51.09
N ILE Q 393 -50.79 27.38 50.51
CA ILE Q 393 -51.77 26.88 49.56
C ILE Q 393 -51.09 26.49 48.25
N VAL Q 394 -50.13 27.29 47.79
CA VAL Q 394 -49.40 27.00 46.57
C VAL Q 394 -48.41 25.87 46.80
N GLY R 224 -72.48 -7.33 51.48
CA GLY R 224 -73.11 -6.90 50.24
C GLY R 224 -72.47 -7.49 49.00
N ARG R 225 -72.75 -6.91 47.84
CA ARG R 225 -72.17 -7.40 46.60
C ARG R 225 -70.68 -7.08 46.51
N LYS R 226 -70.25 -5.95 47.08
CA LYS R 226 -68.85 -5.58 47.08
C LYS R 226 -68.06 -6.30 48.17
N GLU R 227 -68.73 -6.93 49.13
CA GLU R 227 -68.05 -7.65 50.20
C GLU R 227 -67.70 -9.07 49.80
N TYR R 228 -68.66 -9.80 49.23
CA TYR R 228 -68.38 -11.16 48.80
C TYR R 228 -67.51 -11.21 47.54
N LEU R 229 -67.52 -10.14 46.73
CA LEU R 229 -66.65 -10.09 45.57
C LEU R 229 -65.18 -10.02 45.99
N ARG R 230 -64.88 -9.24 47.04
CA ARG R 230 -63.53 -9.18 47.58
C ARG R 230 -63.15 -10.52 48.23
N LYS R 231 -64.09 -11.13 48.94
CA LYS R 231 -63.83 -12.42 49.59
C LYS R 231 -63.60 -13.52 48.57
N LEU R 232 -64.36 -13.51 47.47
CA LEU R 232 -64.12 -14.46 46.39
C LEU R 232 -62.81 -14.16 45.66
N LYS R 233 -62.37 -12.89 45.68
CA LYS R 233 -61.13 -12.50 45.02
C LYS R 233 -59.91 -12.94 45.84
N GLU R 234 -59.82 -12.48 47.09
CA GLU R 234 -58.57 -12.59 47.84
C GLU R 234 -58.31 -14.02 48.30
N SER R 235 -59.34 -14.73 48.74
CA SER R 235 -59.13 -16.05 49.34
C SER R 235 -58.73 -17.10 48.30
N PHE R 236 -59.21 -16.97 47.08
CA PHE R 236 -59.02 -18.00 46.06
C PHE R 236 -57.88 -17.71 45.09
N ILE R 237 -57.83 -16.49 44.54
CA ILE R 237 -56.82 -16.12 43.55
C ILE R 237 -55.91 -15.06 44.16
N ARG R 238 -54.61 -15.36 44.22
CA ARG R 238 -53.61 -14.43 44.70
C ARG R 238 -52.93 -13.79 43.49
N ARG R 239 -53.26 -12.52 43.24
CA ARG R 239 -52.74 -11.83 42.06
C ARG R 239 -51.27 -11.46 42.22
N SER R 240 -50.84 -11.15 43.45
CA SER R 240 -49.51 -10.57 43.65
C SER R 240 -48.41 -11.61 43.45
N VAL R 241 -48.58 -12.80 44.02
CA VAL R 241 -47.49 -13.78 44.01
C VAL R 241 -47.37 -14.52 42.69
N ASN R 242 -48.42 -14.55 41.88
CA ASN R 242 -48.41 -15.32 40.62
C ASN R 242 -47.86 -14.44 39.50
N THR R 243 -46.53 -14.41 39.41
CA THR R 243 -45.84 -13.72 38.33
C THR R 243 -44.88 -14.61 37.55
N SER R 244 -44.62 -15.82 38.01
CA SER R 244 -43.72 -16.73 37.34
C SER R 244 -44.39 -17.36 36.12
N PRO R 245 -43.62 -17.71 35.08
CA PRO R 245 -44.23 -18.27 33.86
C PRO R 245 -44.70 -19.71 34.03
N TYR R 246 -45.91 -19.89 34.57
CA TYR R 246 -46.54 -21.18 34.66
C TYR R 246 -47.67 -21.27 33.63
N ALA R 247 -47.89 -22.48 33.11
CA ALA R 247 -48.95 -22.69 32.14
C ALA R 247 -50.29 -22.66 32.84
N ARG R 248 -50.91 -21.47 32.87
CA ARG R 248 -52.12 -21.26 33.64
C ARG R 248 -53.34 -21.49 32.75
N PHE R 249 -54.19 -22.44 33.15
CA PHE R 249 -55.37 -22.83 32.39
C PHE R 249 -56.59 -22.17 33.00
N PHE R 250 -57.28 -21.34 32.23
CA PHE R 250 -58.50 -20.68 32.67
C PHE R 250 -59.69 -21.35 32.02
N ILE R 251 -60.61 -21.85 32.83
CA ILE R 251 -61.79 -22.55 32.35
C ILE R 251 -63.01 -21.71 32.72
N LEU R 252 -63.76 -21.28 31.70
CA LEU R 252 -64.91 -20.41 31.87
C LEU R 252 -66.15 -21.10 31.33
N GLU R 253 -67.25 -21.00 32.09
CA GLU R 253 -68.50 -21.68 31.73
C GLU R 253 -69.31 -20.76 30.83
N PHE R 254 -69.14 -20.95 29.52
CA PHE R 254 -69.92 -20.21 28.53
C PHE R 254 -71.29 -20.86 28.42
N GLN R 255 -72.35 -20.06 28.60
CA GLN R 255 -73.71 -20.50 28.43
C GLN R 255 -74.36 -19.78 27.26
N ASP R 256 -75.52 -20.29 26.85
CA ASP R 256 -76.26 -19.66 25.76
C ASP R 256 -76.89 -18.34 26.22
N LYS R 257 -77.16 -18.20 27.51
CA LYS R 257 -77.72 -16.97 28.05
C LYS R 257 -76.67 -15.91 28.30
N THR R 258 -75.39 -16.24 28.21
CA THR R 258 -74.31 -15.29 28.44
C THR R 258 -73.91 -14.67 27.12
N ASP R 259 -73.93 -13.34 27.04
CA ASP R 259 -73.72 -12.64 25.80
C ASP R 259 -72.21 -12.55 25.52
N ILE R 260 -71.88 -12.42 24.24
CA ILE R 260 -70.49 -12.53 23.78
C ILE R 260 -69.62 -11.40 24.31
N LYS R 261 -70.18 -10.20 24.45
CA LYS R 261 -69.40 -9.05 24.91
C LYS R 261 -68.91 -9.24 26.34
N THR R 262 -69.71 -9.86 27.20
CA THR R 262 -69.27 -10.13 28.57
C THR R 262 -68.16 -11.16 28.60
N VAL R 263 -68.14 -12.07 27.63
CA VAL R 263 -67.03 -13.01 27.51
C VAL R 263 -65.77 -12.30 27.03
N LYS R 264 -65.92 -11.39 26.06
CA LYS R 264 -64.76 -10.69 25.50
C LYS R 264 -64.09 -9.79 26.53
N ASP R 265 -64.90 -9.13 27.37
CA ASP R 265 -64.32 -8.32 28.45
C ASP R 265 -63.61 -9.18 29.48
N CYS R 266 -64.04 -10.43 29.65
CA CYS R 266 -63.37 -11.35 30.57
C CYS R 266 -62.04 -11.84 30.00
N ILE R 267 -62.01 -12.15 28.70
CA ILE R 267 -60.79 -12.66 28.08
C ILE R 267 -59.70 -11.59 28.07
N TYR R 268 -60.08 -10.34 27.79
CA TYR R 268 -59.11 -9.24 27.80
C TYR R 268 -58.57 -8.99 29.20
N LYS R 269 -59.42 -9.13 30.22
CA LYS R 269 -58.95 -8.97 31.59
C LYS R 269 -58.10 -10.15 32.03
N ILE R 270 -58.39 -11.35 31.51
CA ILE R 270 -57.54 -12.51 31.78
C ILE R 270 -56.20 -12.36 31.07
N GLN R 271 -56.23 -11.94 29.80
CA GLN R 271 -55.01 -11.84 29.01
C GLN R 271 -54.09 -10.74 29.53
N SER R 272 -54.65 -9.61 29.96
CA SER R 272 -53.81 -8.51 30.42
C SER R 272 -53.16 -8.82 31.77
N ASN R 273 -53.91 -9.41 32.69
CA ASN R 273 -53.37 -9.68 34.02
C ASN R 273 -52.44 -10.88 34.06
N TRP R 274 -52.69 -11.90 33.23
CA TRP R 274 -52.01 -13.18 33.37
C TRP R 274 -51.07 -13.49 32.21
N SER R 275 -50.66 -12.48 31.47
CA SER R 275 -49.60 -12.63 30.47
C SER R 275 -48.61 -11.49 30.60
N ASN R 276 -47.34 -11.79 30.35
CA ASN R 276 -46.29 -10.78 30.28
C ASN R 276 -45.57 -11.04 28.97
N LEU R 277 -45.77 -10.14 28.00
CA LEU R 277 -45.20 -10.28 26.66
C LEU R 277 -44.34 -9.09 26.28
N SER R 278 -43.82 -8.36 27.26
CA SER R 278 -42.94 -7.24 26.99
C SER R 278 -41.60 -7.75 26.45
N LYS R 279 -40.94 -6.91 25.65
CA LYS R 279 -39.64 -7.26 25.09
C LYS R 279 -38.52 -7.21 26.13
N ARG R 280 -38.77 -6.61 27.30
CA ARG R 280 -37.76 -6.58 28.35
C ARG R 280 -37.50 -7.97 28.92
N THR R 281 -38.54 -8.79 29.05
CA THR R 281 -38.43 -10.08 29.71
C THR R 281 -37.68 -11.09 28.83
N ASP R 282 -37.29 -12.20 29.46
CA ASP R 282 -36.72 -13.34 28.77
C ASP R 282 -37.53 -14.61 28.98
N ARG R 283 -38.57 -14.58 29.82
CA ARG R 283 -39.40 -15.74 30.13
C ARG R 283 -40.86 -15.36 29.94
N PRO R 284 -41.35 -15.41 28.71
CA PRO R 284 -42.74 -15.01 28.45
C PRO R 284 -43.73 -16.12 28.79
N TYR R 285 -44.97 -15.70 29.00
CA TYR R 285 -46.06 -16.65 29.27
C TYR R 285 -47.38 -16.02 28.86
N SER R 286 -48.34 -16.88 28.52
CA SER R 286 -49.67 -16.49 28.10
C SER R 286 -50.69 -17.43 28.73
N PRO R 287 -51.89 -16.94 29.05
CA PRO R 287 -52.88 -17.81 29.71
C PRO R 287 -53.61 -18.70 28.73
N PHE R 288 -53.92 -19.91 29.18
CA PHE R 288 -54.72 -20.86 28.41
C PHE R 288 -56.18 -20.70 28.77
N LEU R 289 -57.05 -20.66 27.76
CA LEU R 289 -58.47 -20.44 27.96
C LEU R 289 -59.28 -21.59 27.38
N LEU R 290 -60.28 -22.03 28.15
CA LEU R 290 -61.18 -23.10 27.77
C LEU R 290 -62.62 -22.65 28.00
N PHE R 291 -63.50 -22.99 27.07
CA PHE R 291 -64.92 -22.68 27.17
C PHE R 291 -65.73 -23.95 26.98
N HIS R 292 -66.68 -24.19 27.88
CA HIS R 292 -67.50 -25.39 27.85
C HIS R 292 -68.95 -25.03 28.13
N GLY R 293 -69.84 -25.93 27.71
CA GLY R 293 -71.26 -25.76 27.97
C GLY R 293 -72.01 -24.89 26.99
N THR R 294 -71.35 -24.39 25.95
CA THR R 294 -72.00 -23.53 24.96
C THR R 294 -72.07 -24.25 23.62
N SER R 295 -72.83 -23.66 22.71
CA SER R 295 -72.95 -24.21 21.37
C SER R 295 -71.66 -24.00 20.58
N ASP R 296 -71.50 -24.81 19.53
CA ASP R 296 -70.29 -24.72 18.71
C ASP R 296 -70.35 -23.45 17.87
N ALA R 297 -71.53 -23.07 17.38
CA ALA R 297 -71.67 -21.89 16.54
C ALA R 297 -71.35 -20.60 17.30
N ASN R 298 -71.78 -20.52 18.56
CA ASN R 298 -71.40 -19.38 19.39
C ASN R 298 -69.94 -19.44 19.81
N LEU R 299 -69.35 -20.64 19.86
CA LEU R 299 -67.93 -20.74 20.16
C LEU R 299 -67.09 -20.17 19.03
N TYR R 300 -67.43 -20.50 17.78
CA TYR R 300 -66.68 -19.98 16.64
C TYR R 300 -66.90 -18.48 16.46
N GLU R 301 -68.11 -18.00 16.74
CA GLU R 301 -68.43 -16.59 16.52
C GLU R 301 -67.70 -15.72 17.54
N LEU R 302 -67.67 -16.14 18.81
CA LEU R 302 -66.90 -15.43 19.82
C LEU R 302 -65.41 -15.49 19.51
N LYS R 303 -64.94 -16.64 19.02
CA LYS R 303 -63.53 -16.82 18.68
C LYS R 303 -63.16 -16.07 17.41
N ASN R 304 -64.13 -15.78 16.55
CA ASN R 304 -63.84 -15.04 15.33
C ASN R 304 -63.62 -13.55 15.60
N GLN R 305 -64.35 -12.99 16.56
CA GLN R 305 -64.20 -11.57 16.86
C GLN R 305 -62.87 -11.26 17.53
N LEU R 306 -62.39 -12.15 18.40
CA LEU R 306 -61.16 -11.89 19.15
C LEU R 306 -59.96 -11.78 18.21
N PHE R 307 -59.97 -12.56 17.12
CA PHE R 307 -58.93 -12.43 16.12
C PHE R 307 -59.06 -11.12 15.36
N ASN R 308 -60.29 -10.62 15.20
CA ASN R 308 -60.49 -9.37 14.46
C ASN R 308 -60.07 -8.15 15.28
N GLU R 309 -60.13 -8.23 16.60
CA GLU R 309 -59.67 -7.15 17.46
C GLU R 309 -58.19 -7.25 17.80
N ASP R 310 -57.41 -7.94 16.96
CA ASP R 310 -55.96 -8.06 17.08
C ASP R 310 -55.52 -8.70 18.40
N LEU R 311 -56.39 -9.55 18.96
CA LEU R 311 -56.01 -10.39 20.10
C LEU R 311 -55.62 -11.74 19.51
N ILE R 312 -54.38 -11.84 19.08
CA ILE R 312 -53.91 -12.97 18.29
C ILE R 312 -53.70 -14.17 19.22
N PHE R 313 -54.32 -15.29 18.88
CA PHE R 313 -54.24 -16.49 19.69
C PHE R 313 -53.87 -17.69 18.82
N THR R 314 -53.76 -18.85 19.45
CA THR R 314 -53.56 -20.11 18.76
C THR R 314 -54.41 -21.19 19.42
N ASP R 315 -54.75 -22.21 18.65
CA ASP R 315 -55.63 -23.26 19.14
C ASP R 315 -55.23 -24.66 18.69
N GLY R 316 -54.06 -24.81 18.06
CA GLY R 316 -53.63 -26.10 17.57
C GLY R 316 -54.19 -26.49 16.21
N TYR R 317 -54.93 -25.61 15.55
CA TYR R 317 -55.50 -25.87 14.22
C TYR R 317 -55.09 -24.75 13.27
N PRO R 318 -53.90 -24.84 12.68
CA PRO R 318 -53.49 -23.80 11.72
C PRO R 318 -54.21 -23.86 10.38
N PHE R 319 -54.98 -24.90 10.10
CA PHE R 319 -55.70 -25.05 8.84
C PHE R 319 -56.78 -26.11 9.01
N LYS R 320 -57.73 -26.15 8.07
CA LYS R 320 -58.69 -27.24 8.06
C LYS R 320 -58.03 -28.57 7.72
N GLY R 321 -58.54 -29.63 8.33
CA GLY R 321 -57.97 -30.95 8.19
C GLY R 321 -56.79 -31.21 9.10
N SER R 322 -56.38 -30.23 9.88
CA SER R 322 -55.29 -30.41 10.83
C SER R 322 -55.82 -31.11 12.08
N VAL R 323 -55.10 -32.14 12.53
CA VAL R 323 -55.35 -32.68 13.85
C VAL R 323 -54.90 -31.66 14.89
N PHE R 324 -55.38 -31.83 16.11
CA PHE R 324 -54.99 -30.94 17.20
C PHE R 324 -53.51 -31.12 17.49
N THR R 325 -52.70 -30.14 17.08
CA THR R 325 -51.27 -30.19 17.30
C THR R 325 -50.94 -29.35 18.52
N PRO R 326 -50.57 -29.95 19.65
CA PRO R 326 -50.27 -29.14 20.84
C PRO R 326 -48.95 -28.39 20.75
N LYS R 327 -48.11 -28.68 19.75
CA LYS R 327 -46.85 -27.97 19.60
C LYS R 327 -47.05 -26.50 19.20
N MET R 328 -48.19 -26.19 18.56
CA MET R 328 -48.58 -24.79 18.40
C MET R 328 -48.88 -24.15 19.75
N LEU R 329 -49.50 -24.91 20.66
CA LEU R 329 -49.73 -24.40 22.01
C LEU R 329 -48.43 -24.37 22.81
N ILE R 330 -47.45 -25.22 22.46
CA ILE R 330 -46.12 -25.13 23.05
C ILE R 330 -45.45 -23.83 22.63
N GLU R 331 -45.47 -23.52 21.33
CA GLU R 331 -44.74 -22.38 20.81
C GLU R 331 -45.44 -21.07 21.15
N GLY R 332 -46.78 -21.08 21.22
CA GLY R 332 -47.51 -19.86 21.56
C GLY R 332 -47.37 -19.44 23.00
N PHE R 333 -46.95 -20.37 23.87
CA PHE R 333 -46.75 -20.02 25.28
C PHE R 333 -45.56 -19.08 25.46
N SER R 334 -44.48 -19.33 24.73
CA SER R 334 -43.28 -18.49 24.78
C SER R 334 -43.26 -17.41 23.71
N ASN R 335 -44.32 -17.29 22.91
CA ASN R 335 -44.36 -16.31 21.84
C ASN R 335 -44.99 -15.01 22.34
N LYS R 336 -44.29 -13.90 22.12
CA LYS R 336 -44.84 -12.60 22.51
C LYS R 336 -45.96 -12.16 21.59
N GLU R 337 -45.94 -12.60 20.33
CA GLU R 337 -46.98 -12.23 19.38
C GLU R 337 -48.27 -13.00 19.58
N ILE R 338 -48.25 -14.06 20.40
CA ILE R 338 -49.44 -14.84 20.70
C ILE R 338 -49.93 -14.40 22.07
N HIS R 339 -51.10 -13.77 22.12
CA HIS R 339 -51.58 -13.17 23.36
C HIS R 339 -52.10 -14.22 24.33
N PHE R 340 -52.81 -15.23 23.84
CA PHE R 340 -53.32 -16.30 24.68
C PHE R 340 -53.52 -17.54 23.82
N GLN R 341 -54.03 -18.60 24.43
CA GLN R 341 -54.27 -19.86 23.72
C GLN R 341 -55.72 -20.30 23.93
N PHE R 342 -56.36 -20.69 22.84
CA PHE R 342 -57.74 -21.17 22.86
C PHE R 342 -57.75 -22.69 22.88
N ILE R 343 -58.65 -23.26 23.69
CA ILE R 343 -58.88 -24.69 23.74
C ILE R 343 -60.34 -24.95 23.38
N ASN R 344 -60.55 -25.79 22.37
CA ASN R 344 -61.89 -25.97 21.82
C ASN R 344 -62.78 -26.79 22.76
N ASP R 345 -62.38 -28.03 23.04
CA ASP R 345 -63.21 -28.93 23.84
C ASP R 345 -62.30 -29.66 24.84
N ILE R 346 -62.89 -30.67 25.49
CA ILE R 346 -62.20 -31.40 26.56
C ILE R 346 -61.09 -32.26 25.98
N ASP R 347 -61.33 -32.89 24.83
CA ASP R 347 -60.37 -33.84 24.26
C ASP R 347 -59.06 -33.17 23.89
N ASP R 348 -59.11 -31.94 23.37
CA ASP R 348 -57.88 -31.21 23.13
C ASP R 348 -57.27 -30.69 24.42
N PHE R 349 -58.09 -30.45 25.45
CA PHE R 349 -57.56 -29.99 26.73
C PHE R 349 -56.74 -31.06 27.42
N ASN R 350 -57.20 -32.31 27.37
CA ASN R 350 -56.43 -33.40 27.96
C ASN R 350 -55.18 -33.73 27.16
N GLU R 351 -55.17 -33.42 25.86
CA GLU R 351 -54.00 -33.70 25.03
C GLU R 351 -52.90 -32.69 25.26
N THR R 352 -53.25 -31.41 25.45
CA THR R 352 -52.23 -30.40 25.72
C THR R 352 -51.73 -30.42 27.15
N LEU R 353 -52.44 -31.10 28.06
CA LEU R 353 -51.93 -31.30 29.42
C LEU R 353 -50.70 -32.19 29.41
N ASN R 354 -50.70 -33.23 28.56
CA ASN R 354 -49.55 -34.10 28.44
C ASN R 354 -48.42 -33.49 27.64
N SER R 355 -48.67 -32.39 26.92
CA SER R 355 -47.63 -31.69 26.18
C SER R 355 -46.98 -30.58 27.00
N ILE R 356 -47.75 -29.93 27.88
CA ILE R 356 -47.15 -29.02 28.85
C ILE R 356 -46.35 -29.84 29.85
N ASN R 357 -45.06 -29.56 29.95
CA ASN R 357 -44.23 -30.21 30.96
C ASN R 357 -44.03 -29.35 32.20
N ILE R 358 -44.07 -28.03 32.07
CA ILE R 358 -43.90 -27.11 33.21
C ILE R 358 -45.10 -27.17 34.13
N ARG R 359 -44.99 -26.51 35.29
CA ARG R 359 -46.06 -26.46 36.28
C ARG R 359 -47.32 -25.82 35.70
N LYS R 360 -48.46 -26.46 35.94
CA LYS R 360 -49.76 -26.02 35.44
C LYS R 360 -50.70 -25.74 36.60
N GLU R 361 -51.49 -24.69 36.49
CA GLU R 361 -52.58 -24.42 37.42
C GLU R 361 -53.87 -24.21 36.64
N VAL R 362 -54.95 -24.79 37.14
CA VAL R 362 -56.24 -24.72 36.49
C VAL R 362 -57.16 -23.85 37.36
N TYR R 363 -57.50 -22.67 36.85
CA TYR R 363 -58.48 -21.80 37.49
C TYR R 363 -59.80 -21.95 36.74
N GLN R 364 -60.82 -22.45 37.44
CA GLN R 364 -62.11 -22.74 36.83
C GLN R 364 -63.16 -21.78 37.37
N PHE R 365 -63.86 -21.12 36.44
CA PHE R 365 -64.96 -20.22 36.78
C PHE R 365 -66.22 -20.81 36.17
N TYR R 366 -67.15 -21.24 37.04
CA TYR R 366 -68.36 -21.90 36.57
C TYR R 366 -69.56 -21.34 37.33
N THR R 367 -70.74 -21.50 36.71
CA THR R 367 -72.00 -21.08 37.31
C THR R 367 -72.87 -22.27 37.70
N GLU R 368 -73.13 -23.19 36.78
CA GLU R 368 -73.96 -24.35 37.05
C GLU R 368 -73.24 -25.67 36.83
N ASN R 369 -72.48 -25.81 35.75
CA ASN R 369 -71.84 -27.07 35.40
C ASN R 369 -70.34 -26.98 35.69
N CYS R 370 -69.83 -27.99 36.39
CA CYS R 370 -68.42 -28.05 36.75
C CYS R 370 -67.74 -29.21 36.02
N LEU R 371 -66.47 -29.02 35.71
CA LEU R 371 -65.67 -30.00 34.99
C LEU R 371 -64.93 -30.91 35.96
N ASP R 372 -64.50 -32.07 35.45
CA ASP R 372 -63.74 -33.04 36.24
C ASP R 372 -62.26 -32.92 35.87
N ILE R 373 -61.61 -31.97 36.53
CA ILE R 373 -60.17 -31.75 36.32
C ILE R 373 -59.40 -32.91 36.95
N PRO R 374 -58.36 -33.44 36.29
CA PRO R 374 -57.54 -34.48 36.91
C PRO R 374 -56.89 -34.00 38.20
N SER R 375 -56.80 -34.91 39.18
CA SER R 375 -56.37 -34.56 40.53
C SER R 375 -54.89 -34.24 40.64
N GLN R 376 -54.09 -34.56 39.61
CA GLN R 376 -52.66 -34.28 39.66
C GLN R 376 -52.33 -32.81 39.47
N LEU R 377 -53.30 -31.98 39.08
CA LEU R 377 -53.07 -30.57 38.85
C LEU R 377 -53.63 -29.73 39.98
N PRO R 378 -52.96 -28.63 40.35
CA PRO R 378 -53.57 -27.68 41.29
C PRO R 378 -54.78 -26.99 40.69
N GLN R 379 -55.97 -27.27 41.22
CA GLN R 379 -57.21 -26.77 40.69
C GLN R 379 -57.96 -25.97 41.75
N VAL R 380 -58.50 -24.82 41.34
CA VAL R 380 -59.41 -24.04 42.17
C VAL R 380 -60.70 -23.83 41.39
N ASN R 381 -61.83 -23.99 42.07
CA ASN R 381 -63.14 -23.88 41.45
C ASN R 381 -63.86 -22.66 42.02
N ILE R 382 -64.44 -21.86 41.13
CA ILE R 382 -65.08 -20.61 41.50
C ILE R 382 -66.54 -20.68 41.08
N GLN R 383 -67.45 -20.50 42.04
CA GLN R 383 -68.88 -20.46 41.77
C GLN R 383 -69.33 -19.00 41.77
N VAL R 384 -69.94 -18.57 40.66
CA VAL R 384 -70.35 -17.20 40.48
C VAL R 384 -71.83 -17.15 40.12
N LYS R 385 -72.43 -15.99 40.38
CA LYS R 385 -73.84 -15.80 40.05
C LYS R 385 -74.02 -15.63 38.54
N ASP R 386 -73.08 -14.97 37.87
CA ASP R 386 -73.17 -14.72 36.44
C ASP R 386 -71.75 -14.62 35.88
N PHE R 387 -71.66 -14.29 34.60
CA PHE R 387 -70.38 -14.12 33.92
C PHE R 387 -69.81 -12.70 34.06
N ALA R 388 -70.61 -11.76 34.56
CA ALA R 388 -70.17 -10.37 34.58
C ALA R 388 -69.14 -10.12 35.67
N ASP R 389 -69.32 -10.70 36.85
CA ASP R 389 -68.41 -10.47 37.95
C ASP R 389 -67.15 -11.33 37.87
N ILE R 390 -67.09 -12.25 36.91
CA ILE R 390 -65.94 -13.16 36.77
C ILE R 390 -64.68 -12.36 36.47
N LYS R 391 -64.81 -11.30 35.65
CA LYS R 391 -63.70 -10.42 35.32
C LYS R 391 -63.12 -9.72 36.54
N GLU R 392 -63.96 -9.46 37.55
CA GLU R 392 -63.51 -8.73 38.73
C GLU R 392 -62.54 -9.54 39.59
N ILE R 393 -62.67 -10.88 39.61
CA ILE R 393 -61.66 -11.69 40.28
C ILE R 393 -60.34 -11.64 39.54
N VAL R 394 -60.38 -11.83 38.22
CA VAL R 394 -59.15 -11.83 37.43
C VAL R 394 -58.89 -10.45 36.86
PG ANP U . 14.08 -32.12 -21.60
O1G ANP U . 13.97 -33.55 -22.07
O2G ANP U . 13.77 -31.20 -22.76
O3G ANP U . 15.49 -31.88 -21.15
PB ANP U . 11.47 -32.18 -20.45
O1B ANP U . 11.07 -32.22 -21.90
O2B ANP U . 10.66 -31.35 -19.50
N3B ANP U . 13.05 -31.83 -20.39
PA ANP U . 10.17 -34.75 -19.94
O1A ANP U . 10.51 -35.77 -20.98
O2A ANP U . 8.88 -34.01 -20.07
O3A ANP U . 11.34 -33.66 -19.85
O5' ANP U . 10.26 -35.41 -18.49
C5' ANP U . 9.54 -36.63 -18.21
C4' ANP U . 8.97 -36.57 -16.81
O4' ANP U . 7.68 -35.91 -16.89
C3' ANP U . 8.73 -37.91 -16.11
O3' ANP U . 9.15 -37.83 -14.75
C2' ANP U . 7.21 -38.03 -16.14
O2' ANP U . 6.65 -38.86 -15.13
C1' ANP U . 6.80 -36.58 -16.00
N9 ANP U . 5.43 -36.39 -16.48
C8 ANP U . 4.93 -35.41 -17.30
N7 ANP U . 3.64 -35.56 -17.52
C5 ANP U . 3.28 -36.69 -16.80
C6 ANP U . 2.07 -37.37 -16.63
N6 ANP U . 0.92 -37.00 -17.19
N1 ANP U . 2.07 -38.47 -15.84
C2 ANP U . 3.23 -38.85 -15.27
N3 ANP U . 4.43 -38.29 -15.36
C4 ANP U . 4.39 -37.20 -16.15
PG ANP V . 35.98 -21.24 0.31
O1G ANP V . 36.60 -22.25 -0.58
O2G ANP V . 34.59 -20.79 -0.29
O3G ANP V . 36.93 -19.97 0.41
PB ANP V . 34.39 -22.89 1.80
O1B ANP V . 34.62 -23.98 0.83
O2B ANP V . 33.17 -22.03 1.36
N3B ANP V . 35.74 -21.89 1.85
PA ANP V . 35.19 -24.33 3.98
O1A ANP V . 36.50 -24.28 3.27
O2A ANP V . 34.62 -25.74 4.14
O3A ANP V . 34.10 -23.48 3.21
O5' ANP V . 35.35 -23.62 5.38
C5' ANP V . 36.28 -24.11 6.36
C4' ANP V . 35.83 -23.64 7.73
O4' ANP V . 34.42 -23.92 7.89
C3' ANP V . 36.54 -24.33 8.91
O3' ANP V . 36.83 -23.38 9.94
C2' ANP V . 35.53 -25.38 9.36
O2' ANP V . 35.65 -25.68 10.75
C1' ANP V . 34.21 -24.66 9.07
N9 ANP V . 33.08 -25.56 8.87
C8 ANP V . 32.59 -26.01 7.67
N7 ANP V . 31.57 -26.82 7.78
C5 ANP V . 31.37 -26.91 9.15
C6 ANP V . 30.44 -27.61 9.93
N6 ANP V . 29.48 -28.39 9.42
N1 ANP V . 30.51 -27.48 11.28
C2 ANP V . 31.46 -26.70 11.80
N3 ANP V . 32.40 -26.00 11.16
C4 ANP V . 32.30 -26.15 9.83
MG MG W . 36.21 -24.47 -0.95
PG ANP X . 38.99 11.04 2.46
O1G ANP X . 39.01 12.30 1.67
O2G ANP X . 37.64 10.28 2.21
O3G ANP X . 40.20 10.12 2.02
PB ANP X . 38.81 10.05 5.02
O1B ANP X . 37.38 9.66 4.82
O2B ANP X . 39.73 8.88 4.57
N3B ANP X . 39.16 11.41 4.10
PA ANP X . 40.39 11.14 6.94
O1A ANP X . 41.50 10.19 7.21
O2A ANP X . 40.67 12.15 5.84
O3A ANP X . 39.07 10.37 6.52
O5' ANP X . 40.03 11.86 8.31
C5' ANP X . 39.36 13.12 8.33
C4' ANP X . 39.50 13.72 9.71
O4' ANP X . 38.66 13.00 10.63
C3' ANP X . 40.89 13.63 10.32
O3' ANP X . 41.71 14.70 9.88
C2' ANP X . 40.60 13.71 11.82
O2' ANP X . 40.66 15.05 12.31
C1' ANP X . 39.17 13.15 11.94
N9 ANP X . 39.09 11.87 12.63
C8 ANP X . 39.37 10.63 12.10
N7 ANP X . 39.21 9.64 12.93
C5 ANP X . 38.79 10.26 14.10
C6 ANP X . 38.45 9.77 15.38
N6 ANP X . 38.47 8.47 15.70
N1 ANP X . 38.08 10.66 16.31
C2 ANP X . 38.05 11.96 16.00
N3 ANP X . 38.35 12.54 14.84
C4 ANP X . 38.71 11.63 13.93
MG MG Y . 41.92 9.41 3.09
PB ADP Z . -6.86 21.99 -31.63
O1B ADP Z . -6.21 22.58 -32.87
O2B ADP Z . -6.34 22.54 -30.31
O3B ADP Z . -6.93 20.49 -31.63
PA ADP Z . -8.85 23.99 -31.34
O1A ADP Z . -8.14 24.98 -32.24
O2A ADP Z . -8.72 24.14 -29.84
O3A ADP Z . -8.40 22.49 -31.73
O5' ADP Z . -10.43 23.95 -31.69
C5' ADP Z . -11.33 23.23 -30.83
C4' ADP Z . -12.57 24.03 -30.44
O4' ADP Z . -12.35 24.90 -29.33
C3' ADP Z . -13.07 24.91 -31.57
O3' ADP Z . -14.14 24.30 -32.30
C2' ADP Z . -13.55 26.20 -30.90
O2' ADP Z . -14.96 26.38 -31.07
C1' ADP Z . -13.25 26.01 -29.43
N9 ADP Z . -12.62 27.21 -28.82
C8 ADP Z . -11.34 27.62 -28.96
N7 ADP Z . -11.14 28.77 -28.26
C5 ADP Z . -12.28 29.10 -27.64
C6 ADP Z . -12.73 30.18 -26.74
N6 ADP Z . -11.91 31.19 -26.33
N1 ADP Z . -14.02 30.12 -26.34
C2 ADP Z . -14.85 29.13 -26.72
N3 ADP Z . -14.52 28.11 -27.53
C4 ADP Z . -13.26 28.05 -28.00
MG MG AA . -4.04 23.04 -33.77
PB ADP BA . -9.78 -11.31 -35.68
O1B ADP BA . -9.60 -11.01 -37.15
O2B ADP BA . -10.02 -10.11 -34.80
O3B ADP BA . -8.74 -12.26 -35.14
PA ADP BA . -12.59 -11.60 -36.02
O1A ADP BA . -12.62 -11.30 -37.50
O2A ADP BA . -12.97 -10.49 -35.05
O3A ADP BA . -11.15 -12.17 -35.59
O5' ADP BA . -13.54 -12.86 -35.73
C5' ADP BA . -13.81 -13.23 -34.37
C4' ADP BA . -15.29 -13.57 -34.16
O4' ADP BA . -15.95 -12.52 -33.45
C3' ADP BA . -16.05 -13.80 -35.45
O3' ADP BA . -16.27 -15.20 -35.67
C2' ADP BA . -17.38 -13.07 -35.28
O2' ADP BA . -18.47 -13.99 -35.32
C1' ADP BA . -17.32 -12.44 -33.90
N9 ADP BA . -17.70 -11.01 -34.01
C8 ADP BA . -16.94 -10.04 -34.55
N7 ADP BA . -17.58 -8.83 -34.50
C5 ADP BA . -18.77 -9.04 -33.92
C6 ADP BA . -19.93 -8.21 -33.56
N6 ADP BA . -19.95 -6.87 -33.82
N1 ADP BA . -20.98 -8.80 -32.95
C2 ADP BA . -20.98 -10.13 -32.68
N3 ADP BA . -19.95 -10.95 -32.99
C4 ADP BA . -18.84 -10.48 -33.59
MG MG CA . -9.13 -11.61 -39.21
#